data_7PZC
#
_entry.id   7PZC
#
_cell.length_a   1.00
_cell.length_b   1.00
_cell.length_c   1.00
_cell.angle_alpha   90.00
_cell.angle_beta   90.00
_cell.angle_gamma   90.00
#
_symmetry.space_group_name_H-M   'P 1'
#
loop_
_entity.id
_entity.type
_entity.pdbx_description
1 polymer 'NACHT, LRR and PYD domains-containing protein 3'
2 non-polymer "ADENOSINE-5'-DIPHOSPHATE"
3 non-polymer 1-(1,2,3,5,6,7-hexahydro-s-indacen-4-yl)-3-[4-(2-oxidanylpropan-2-yl)furan-2-yl]sulfonyl-urea
#
_entity_poly.entity_id   1
_entity_poly.type   'polypeptide(L)'
_entity_poly.pdbx_seq_one_letter_code
;MKMASTRCKLARYLEDLEDVDLKKFKMHLEDYPPQKGCIPLPRGQTEKADHVDLATLMIDFNGEEKAWAMAVWIFAAINR
RDLYEKAKRDEPKWGSDNARVSNPTVICQEDSIEEEWMGLLEYLSRISICKMKKDYRKKYRKYVRSRFQCIEDRNARLGE
SVSLNKRYTRLRLIKEHRSQQEREQELLAIGKTKTCESPVSPIKMELLFDPDDEHSEPVHTVVFQGAAGIGKTILARKMM
LDWASGTLYQDRFDYLFYIHCREVSLVTQRSLGDLIMSCCPDPNPPIHKIVRKPSRILFLMDGFDELQGAFDEHIGPLCT
DWQKAERGDILLSSLIRKKLLPEASLLITTRPVALEKLQHLLDHPRHVEILGFSEAKRKEYFFKYFSDEAQARAAFSLIQ
ENEVLFTMCFIPLVCWIVCTGLKQQMESGKSLAQTSKTTTAVYVFFLSSLLQPRGGSQEHGLCAHLWGLCSLAADGIWNQ
KILFEESDLRNHGLQKADVSAFLRMNLFQKEVDCEKFYSFIHMTFQEFFAAMYYLLEEEKEGRTNVPGSRLKLPSRDVTV
LLENYGKFEKGYLIFVVRFLFGLVNQERTSYLEKKLSCKISQQIRLELLKWIEVKAKAKKLQIQPSQLELFYCLYEMQEE
DFVQRAMDYFPKIEINLSTRMDHMVSSFCIENCHRVESLSLGFLHNMPKEEEEEEKEGRHLDMVQCVLPSSSHAACSHGL
VNSHLTSSFCRGLFSVLSTSQSLTELDLSDNSLGDPGMRVLCETLQHPGCNIRRLWLGRCGLSHECCFDISLVLSSNQKL
VELDLSDNALGDFGIRLLCVGLKHLLCNLKKLWLVSCCLTSACCQDLASVLSTSHSLTRLYVGENALGDSGVAILCEKAK
NPQCNLQKLGLVNSGLTSVCCSALSSVLSTNQNLTHLYLRGNTLGDKGIKLLCEGLLHPDCKLQVLELDNCNLTSHCCWD
LSTLLTSSQSLRKLSLGNNDLGDLGVMMFCEVLKQQSCLLQNLGLSEMYFNYETKSALETLQEEKPELTVVFEPSW
;
_entity_poly.pdbx_strand_id   A,B,C,D,E,F,G,H,I,J
#
# COMPACT_ATOMS: atom_id res chain seq x y z
N MET A 3 26.68 0.82 11.68
CA MET A 3 25.42 0.98 12.46
C MET A 3 24.54 2.05 11.79
N ALA A 4 24.91 2.48 10.58
CA ALA A 4 24.18 3.58 9.90
C ALA A 4 22.73 3.21 9.62
N SER A 5 22.46 1.97 9.19
CA SER A 5 21.07 1.61 8.77
C SER A 5 20.46 0.51 9.63
N THR A 6 19.25 0.74 10.17
CA THR A 6 18.51 -0.30 10.92
C THR A 6 17.79 -1.16 9.89
N ARG A 7 17.38 -0.54 8.78
CA ARG A 7 16.69 -1.26 7.69
C ARG A 7 17.53 -2.48 7.30
N CYS A 8 18.83 -2.29 7.08
CA CYS A 8 19.69 -3.41 6.61
C CYS A 8 19.67 -4.53 7.66
N LYS A 9 19.75 -4.16 8.95
CA LYS A 9 19.72 -5.16 10.04
C LYS A 9 18.35 -5.87 10.06
N LEU A 10 17.27 -5.11 9.90
CA LEU A 10 15.92 -5.71 9.87
C LEU A 10 15.81 -6.63 8.65
N ALA A 11 16.35 -6.22 7.51
CA ALA A 11 16.31 -7.04 6.28
C ALA A 11 17.08 -8.34 6.51
N ARG A 12 18.22 -8.27 7.20
CA ARG A 12 19.02 -9.49 7.51
C ARG A 12 18.19 -10.42 8.38
N TYR A 13 17.44 -9.86 9.35
CA TYR A 13 16.60 -10.68 10.25
C TYR A 13 15.46 -11.30 9.43
N LEU A 14 14.94 -10.55 8.45
CA LEU A 14 13.88 -11.08 7.55
C LEU A 14 14.45 -12.24 6.73
N GLU A 15 15.69 -12.12 6.27
CA GLU A 15 16.34 -13.24 5.52
C GLU A 15 16.43 -14.45 6.46
N ASP A 16 16.83 -14.22 7.72
CA ASP A 16 16.97 -15.33 8.70
C ASP A 16 15.63 -16.05 8.87
N LEU A 17 14.52 -15.31 8.83
CA LEU A 17 13.18 -15.91 9.06
C LEU A 17 12.95 -17.01 8.03
N GLU A 18 12.39 -18.16 8.47
CA GLU A 18 12.05 -19.25 7.51
C GLU A 18 10.83 -18.79 6.70
N ASP A 19 10.54 -19.44 5.57
CA ASP A 19 9.43 -18.96 4.71
C ASP A 19 8.11 -19.04 5.48
N VAL A 20 7.88 -20.12 6.24
CA VAL A 20 6.65 -20.21 7.07
C VAL A 20 6.67 -19.10 8.12
N ASP A 21 7.84 -18.86 8.75
CA ASP A 21 7.97 -17.79 9.76
C ASP A 21 7.74 -16.42 9.08
N LEU A 22 8.25 -16.24 7.86
CA LEU A 22 8.09 -14.97 7.11
C LEU A 22 6.60 -14.74 6.81
N LYS A 23 5.88 -15.81 6.45
CA LYS A 23 4.41 -15.70 6.19
C LYS A 23 3.73 -15.29 7.50
N LYS A 24 4.11 -15.93 8.61
CA LYS A 24 3.54 -15.57 9.94
C LYS A 24 3.95 -14.14 10.29
N PHE A 25 5.20 -13.76 9.98
CA PHE A 25 5.71 -12.39 10.27
C PHE A 25 4.88 -11.38 9.49
N LYS A 26 4.63 -11.65 8.20
CA LYS A 26 3.82 -10.73 7.36
C LYS A 26 2.41 -10.64 7.98
N MET A 27 1.81 -11.79 8.32
CA MET A 27 0.44 -11.80 8.88
C MET A 27 0.43 -10.99 10.17
N HIS A 28 1.44 -11.20 11.02
CA HIS A 28 1.54 -10.48 12.31
C HIS A 28 1.75 -8.98 12.07
N LEU A 29 2.55 -8.61 11.07
CA LEU A 29 2.77 -7.17 10.75
C LEU A 29 1.43 -6.57 10.31
N GLU A 30 0.67 -7.28 9.48
CA GLU A 30 -0.67 -6.80 9.03
C GLU A 30 -1.63 -6.74 10.23
N ASP A 31 -1.50 -7.68 11.16
CA ASP A 31 -2.46 -7.76 12.31
C ASP A 31 -1.80 -7.24 13.59
N TYR A 32 -0.77 -6.40 13.48
CA TYR A 32 -0.05 -5.98 14.71
C TYR A 32 -1.00 -5.27 15.68
N PRO A 33 -0.96 -5.61 16.99
CA PRO A 33 -1.81 -4.96 18.00
C PRO A 33 -1.36 -3.52 18.30
N PRO A 34 -2.20 -2.64 18.88
CA PRO A 34 -1.83 -1.25 19.10
C PRO A 34 -0.93 -1.07 20.33
N GLN A 35 0.36 -1.37 20.19
CA GLN A 35 1.32 -1.22 21.32
C GLN A 35 2.38 -0.19 20.91
N LYS A 36 2.71 0.75 21.80
CA LYS A 36 3.75 1.78 21.52
C LYS A 36 3.38 2.58 20.26
N GLY A 37 2.09 2.87 20.05
CA GLY A 37 1.66 3.70 18.91
C GLY A 37 2.15 3.12 17.58
N CYS A 38 2.06 1.80 17.41
CA CYS A 38 2.57 1.16 16.17
C CYS A 38 1.40 0.85 15.23
N ILE A 39 1.54 1.28 13.96
CA ILE A 39 0.47 1.10 12.95
C ILE A 39 0.76 -0.16 12.11
N PRO A 40 -0.15 -1.17 12.01
CA PRO A 40 0.10 -2.38 11.22
C PRO A 40 0.26 -2.11 9.72
N LEU A 41 1.17 -2.86 9.09
CA LEU A 41 1.45 -2.68 7.65
C LEU A 41 0.24 -3.17 6.81
N PRO A 42 -0.12 -2.54 5.66
CA PRO A 42 -1.21 -3.04 4.82
C PRO A 42 -0.87 -4.41 4.22
N ARG A 43 -1.88 -5.27 4.01
CA ARG A 43 -1.59 -6.65 3.56
C ARG A 43 -0.84 -6.64 2.22
N GLY A 44 -1.28 -5.81 1.27
CA GLY A 44 -0.64 -5.85 -0.06
C GLY A 44 0.83 -5.48 0.02
N GLN A 45 1.15 -4.42 0.77
CA GLN A 45 2.56 -3.96 0.86
C GLN A 45 3.41 -5.05 1.54
N THR A 46 2.93 -5.61 2.64
CA THR A 46 3.73 -6.61 3.39
C THR A 46 4.01 -7.84 2.50
N GLU A 47 2.98 -8.37 1.83
CA GLU A 47 3.18 -9.61 1.03
C GLU A 47 4.11 -9.35 -0.15
N LYS A 48 3.92 -8.22 -0.86
CA LYS A 48 4.73 -7.92 -2.07
C LYS A 48 6.16 -7.58 -1.69
N ALA A 49 6.37 -6.91 -0.54
CA ALA A 49 7.74 -6.46 -0.18
C ALA A 49 8.72 -7.61 0.06
N ASP A 50 9.95 -7.47 -0.42
CA ASP A 50 11.01 -8.49 -0.14
C ASP A 50 11.61 -8.13 1.22
N HIS A 51 12.67 -8.83 1.65
CA HIS A 51 13.20 -8.55 3.02
C HIS A 51 13.67 -7.10 3.13
N VAL A 52 14.42 -6.62 2.13
CA VAL A 52 14.94 -5.22 2.17
C VAL A 52 13.77 -4.24 2.10
N ASP A 53 12.81 -4.50 1.21
CA ASP A 53 11.67 -3.57 1.04
C ASP A 53 10.80 -3.57 2.31
N LEU A 54 10.60 -4.74 2.91
CA LEU A 54 9.72 -4.83 4.12
C LEU A 54 10.37 -4.06 5.27
N ALA A 55 11.70 -4.16 5.40
CA ALA A 55 12.41 -3.40 6.45
C ALA A 55 12.24 -1.90 6.19
N THR A 56 12.38 -1.48 4.93
CA THR A 56 12.18 -0.06 4.57
C THR A 56 10.74 0.34 4.84
N LEU A 57 9.78 -0.53 4.49
CA LEU A 57 8.34 -0.22 4.68
C LEU A 57 8.02 -0.14 6.18
N MET A 58 8.67 -0.98 6.99
CA MET A 58 8.45 -0.95 8.45
C MET A 58 8.97 0.39 9.00
N ILE A 59 10.16 0.81 8.56
CA ILE A 59 10.73 2.11 9.00
C ILE A 59 9.83 3.25 8.50
N ASP A 60 9.42 3.19 7.23
CA ASP A 60 8.60 4.29 6.66
C ASP A 60 7.26 4.40 7.40
N PHE A 61 6.65 3.26 7.74
CA PHE A 61 5.30 3.27 8.38
C PHE A 61 5.31 3.93 9.76
N ASN A 62 6.33 3.68 10.60
CA ASN A 62 6.28 4.19 11.99
C ASN A 62 7.60 4.84 12.42
N GLY A 63 8.72 4.47 11.80
CA GLY A 63 10.03 4.97 12.25
C GLY A 63 10.95 3.80 12.55
N GLU A 64 12.27 4.02 12.55
CA GLU A 64 13.24 2.90 12.75
C GLU A 64 13.05 2.24 14.12
N GLU A 65 12.87 3.03 15.19
CA GLU A 65 12.79 2.45 16.55
C GLU A 65 11.54 1.58 16.66
N LYS A 66 10.40 2.09 16.20
CA LYS A 66 9.13 1.31 16.27
C LYS A 66 9.22 0.09 15.37
N ALA A 67 9.84 0.21 14.19
CA ALA A 67 9.93 -0.92 13.26
C ALA A 67 10.72 -2.07 13.90
N TRP A 68 11.84 -1.74 14.55
CA TRP A 68 12.63 -2.79 15.24
C TRP A 68 11.81 -3.37 16.39
N ALA A 69 11.12 -2.52 17.16
CA ALA A 69 10.33 -2.99 18.31
C ALA A 69 9.21 -3.91 17.82
N MET A 70 8.57 -3.56 16.71
CA MET A 70 7.49 -4.39 16.14
C MET A 70 8.08 -5.75 15.76
N ALA A 71 9.27 -5.75 15.16
CA ALA A 71 9.91 -7.01 14.73
C ALA A 71 10.18 -7.89 15.95
N VAL A 72 10.66 -7.31 17.05
CA VAL A 72 11.02 -8.13 18.24
C VAL A 72 9.74 -8.82 18.73
N TRP A 73 8.64 -8.07 18.80
CA TRP A 73 7.34 -8.65 19.27
C TRP A 73 6.89 -9.72 18.27
N ILE A 74 6.99 -9.42 16.97
CA ILE A 74 6.51 -10.39 15.93
C ILE A 74 7.34 -11.67 16.03
N PHE A 75 8.65 -11.54 16.26
CA PHE A 75 9.53 -12.75 16.33
C PHE A 75 9.06 -13.62 17.49
N ALA A 76 8.74 -13.02 18.64
CA ALA A 76 8.20 -13.80 19.77
C ALA A 76 6.84 -14.40 19.38
N ALA A 77 6.00 -13.62 18.70
CA ALA A 77 4.65 -14.09 18.29
C ALA A 77 4.76 -15.26 17.30
N ILE A 78 5.72 -15.19 16.37
CA ILE A 78 5.87 -16.26 15.33
C ILE A 78 6.69 -17.39 15.94
N ASN A 79 7.14 -17.24 17.19
CA ASN A 79 7.89 -18.30 17.90
C ASN A 79 9.28 -18.46 17.26
N ARG A 80 9.76 -17.43 16.55
CA ARG A 80 11.16 -17.48 16.04
C ARG A 80 12.05 -17.06 17.20
N ARG A 81 12.32 -17.98 18.13
CA ARG A 81 13.11 -17.64 19.34
C ARG A 81 14.48 -17.10 18.96
N ASP A 82 15.15 -17.71 17.98
CA ASP A 82 16.53 -17.26 17.64
C ASP A 82 16.46 -15.82 17.13
N LEU A 83 15.49 -15.51 16.27
CA LEU A 83 15.30 -14.13 15.76
C LEU A 83 14.92 -13.22 16.93
N TYR A 84 14.01 -13.68 17.80
CA TYR A 84 13.53 -12.86 18.95
C TYR A 84 14.71 -12.57 19.88
N GLU A 85 15.53 -13.59 20.17
CA GLU A 85 16.72 -13.38 21.02
C GLU A 85 17.69 -12.43 20.33
N LYS A 86 17.88 -12.60 19.01
CA LYS A 86 18.81 -11.73 18.24
C LYS A 86 18.28 -10.29 18.25
N ALA A 87 16.98 -10.11 18.10
CA ALA A 87 16.38 -8.76 18.08
C ALA A 87 16.60 -8.10 19.44
N LYS A 88 16.39 -8.84 20.52
CA LYS A 88 16.67 -8.30 21.88
C LYS A 88 18.18 -8.06 22.02
N ARG A 89 19.01 -8.97 21.49
CA ARG A 89 20.48 -8.84 21.65
C ARG A 89 21.02 -7.62 20.89
N ASP A 90 20.51 -7.36 19.68
CA ASP A 90 21.06 -6.26 18.85
C ASP A 90 20.11 -5.05 18.87
N GLU A 91 20.58 -3.91 19.37
CA GLU A 91 19.75 -2.68 19.36
C GLU A 91 20.39 -1.67 18.40
N PRO A 92 19.95 -1.57 17.13
CA PRO A 92 20.59 -0.70 16.14
C PRO A 92 20.45 0.80 16.44
N LYS A 93 21.38 1.61 15.94
CA LYS A 93 21.30 3.08 16.12
C LYS A 93 20.20 3.63 15.21
N TRP A 94 19.41 4.60 15.71
CA TRP A 94 18.28 5.15 14.92
C TRP A 94 18.75 6.35 14.10
N GLY A 95 19.57 6.12 13.07
CA GLY A 95 20.03 7.21 12.18
C GLY A 95 19.15 7.34 10.96
N SER A 96 19.01 6.26 10.18
CA SER A 96 18.14 6.28 8.98
C SER A 96 18.85 5.64 7.77
N ASP A 97 18.10 5.10 6.83
CA ASP A 97 18.71 4.49 5.60
C ASP A 97 18.50 5.44 4.43
N ASN A 98 19.07 5.12 3.26
CA ASN A 98 18.90 5.96 2.06
C ASN A 98 17.43 5.93 1.62
N ALA A 99 16.82 7.11 1.48
CA ALA A 99 15.38 7.18 1.08
C ALA A 99 15.21 8.25 0.01
N ARG A 100 14.37 7.98 -0.99
CA ARG A 100 14.13 8.95 -2.09
C ARG A 100 13.02 9.92 -1.66
N VAL A 101 13.11 10.46 -0.44
CA VAL A 101 12.11 11.47 0.03
C VAL A 101 12.74 12.85 -0.18
N SER A 102 12.92 13.26 -1.44
CA SER A 102 13.52 14.59 -1.74
C SER A 102 12.62 15.67 -1.18
N ASN A 103 11.29 15.52 -1.34
CA ASN A 103 10.35 16.49 -0.74
C ASN A 103 9.88 15.90 0.60
N PRO A 104 10.37 16.35 1.80
CA PRO A 104 9.97 15.68 3.04
C PRO A 104 8.46 15.72 3.27
N THR A 105 7.88 14.61 3.77
CA THR A 105 6.41 14.55 4.02
C THR A 105 6.17 14.12 5.47
N VAL A 106 5.26 14.79 6.18
CA VAL A 106 4.91 14.43 7.58
C VAL A 106 3.40 14.26 7.69
N ILE A 107 2.91 13.61 8.75
CA ILE A 107 1.44 13.32 8.91
C ILE A 107 0.66 14.64 8.93
N CYS A 108 1.22 15.68 9.56
CA CYS A 108 0.52 16.98 9.68
C CYS A 108 0.30 17.57 8.28
N GLN A 109 -0.78 18.34 8.09
CA GLN A 109 -1.12 18.90 6.74
C GLN A 109 0.02 19.80 6.24
N GLU A 110 0.65 20.56 7.14
CA GLU A 110 1.77 21.45 6.75
C GLU A 110 2.90 20.60 6.15
N ASP A 111 3.13 19.39 6.70
CA ASP A 111 4.17 18.47 6.18
C ASP A 111 5.54 19.14 6.24
N SER A 112 6.30 19.06 5.14
CA SER A 112 7.66 19.66 5.11
C SER A 112 8.06 19.96 3.65
N ILE A 113 9.11 20.75 3.44
CA ILE A 113 9.41 21.16 2.03
C ILE A 113 10.92 21.07 1.72
N GLU A 114 11.31 21.41 0.49
CA GLU A 114 12.76 21.46 0.15
C GLU A 114 13.19 22.91 0.39
N GLU A 115 12.63 23.56 1.40
CA GLU A 115 12.91 25.00 1.65
C GLU A 115 14.16 25.18 2.53
N GLU A 116 14.41 26.40 2.98
CA GLU A 116 15.62 26.73 3.79
C GLU A 116 16.01 25.61 4.77
N TRP A 117 15.04 24.92 5.36
CA TRP A 117 15.35 23.86 6.37
C TRP A 117 16.43 22.93 5.81
N MET A 118 16.27 22.48 4.56
CA MET A 118 17.25 21.58 3.91
C MET A 118 18.64 22.22 3.92
N GLY A 119 18.76 23.47 3.45
CA GLY A 119 20.06 24.17 3.40
C GLY A 119 20.65 24.20 4.82
N LEU A 120 19.83 24.51 5.82
CA LEU A 120 20.34 24.60 7.21
C LEU A 120 20.86 23.23 7.64
N LEU A 121 20.08 22.18 7.33
CA LEU A 121 20.49 20.83 7.79
C LEU A 121 21.82 20.47 7.11
N GLU A 122 21.95 20.79 5.83
CA GLU A 122 23.15 20.45 5.06
C GLU A 122 24.34 21.18 5.67
N TYR A 123 24.19 22.47 5.99
CA TYR A 123 25.33 23.22 6.53
C TYR A 123 25.72 22.56 7.86
N LEU A 124 24.72 22.22 8.68
CA LEU A 124 25.01 21.65 10.01
C LEU A 124 25.77 20.31 9.87
N SER A 125 25.40 19.46 8.91
CA SER A 125 26.06 18.13 8.85
C SER A 125 27.28 18.12 7.92
N ARG A 126 27.44 19.11 7.04
CA ARG A 126 28.52 19.05 6.01
C ARG A 126 29.65 20.05 6.33
N ILE A 127 30.80 19.53 6.76
CA ILE A 127 31.90 20.45 7.19
C ILE A 127 33.12 20.38 6.26
N SER A 128 33.64 19.20 5.92
CA SER A 128 34.92 19.12 5.16
C SER A 128 34.75 19.12 3.63
N ILE A 129 33.97 18.21 3.05
CA ILE A 129 33.88 18.08 1.56
C ILE A 129 33.90 19.44 0.85
N CYS A 130 32.87 20.27 1.06
CA CYS A 130 32.74 21.53 0.27
C CYS A 130 33.95 22.45 0.47
N LYS A 131 34.42 22.64 1.70
CA LYS A 131 35.54 23.61 1.91
C LYS A 131 36.78 23.10 1.17
N MET A 132 37.05 21.80 1.27
CA MET A 132 38.25 21.23 0.61
C MET A 132 38.11 21.42 -0.90
N LYS A 133 36.92 21.15 -1.44
CA LYS A 133 36.74 21.25 -2.91
C LYS A 133 37.00 22.71 -3.32
N LYS A 134 36.45 23.66 -2.57
CA LYS A 134 36.59 25.10 -2.93
C LYS A 134 38.06 25.49 -2.90
N ASP A 135 38.79 25.08 -1.86
CA ASP A 135 40.22 25.48 -1.76
C ASP A 135 41.02 24.86 -2.92
N TYR A 136 40.73 23.60 -3.27
CA TYR A 136 41.42 22.97 -4.42
C TYR A 136 41.10 23.69 -5.73
N ARG A 137 39.86 24.15 -5.92
CA ARG A 137 39.46 24.73 -7.23
C ARG A 137 39.96 26.15 -7.53
N LYS A 138 39.26 27.20 -7.09
CA LYS A 138 39.55 28.61 -7.50
C LYS A 138 41.07 28.80 -7.68
N LYS A 139 41.87 28.43 -6.68
CA LYS A 139 43.33 28.68 -6.74
C LYS A 139 43.91 28.11 -8.04
N TYR A 140 43.84 26.78 -8.18
CA TYR A 140 44.43 26.13 -9.38
C TYR A 140 43.97 26.88 -10.63
N ARG A 141 42.67 27.10 -10.76
CA ARG A 141 42.14 27.74 -11.99
C ARG A 141 42.86 29.07 -12.26
N LYS A 142 42.71 30.05 -11.36
CA LYS A 142 43.28 31.38 -11.69
C LYS A 142 44.80 31.28 -11.94
N TYR A 143 45.47 30.37 -11.22
CA TYR A 143 46.94 30.26 -11.37
C TYR A 143 47.27 29.80 -12.80
N VAL A 144 46.69 28.67 -13.21
CA VAL A 144 46.96 28.13 -14.57
C VAL A 144 46.57 29.20 -15.58
N ARG A 145 45.67 30.12 -15.20
CA ARG A 145 45.16 31.13 -16.17
C ARG A 145 46.13 32.29 -16.37
N SER A 146 46.83 32.74 -15.32
CA SER A 146 47.65 33.97 -15.49
C SER A 146 49.13 33.71 -15.77
N ARG A 147 49.46 32.98 -16.84
CA ARG A 147 50.89 32.85 -17.23
C ARG A 147 51.02 32.93 -18.75
N PHE A 148 50.07 33.60 -19.44
CA PHE A 148 50.08 33.56 -20.93
C PHE A 148 49.62 34.86 -21.61
N GLN A 149 49.90 36.08 -21.13
CA GLN A 149 49.33 37.35 -21.58
C GLN A 149 50.15 38.59 -21.16
N CYS A 150 49.59 39.78 -21.37
CA CYS A 150 49.89 41.02 -20.61
C CYS A 150 51.36 41.47 -20.58
N ILE A 151 52.12 41.16 -21.61
CA ILE A 151 53.44 41.74 -21.90
C ILE A 151 53.32 43.27 -22.05
N GLU A 152 54.33 44.04 -21.65
CA GLU A 152 54.41 45.49 -21.91
C GLU A 152 55.85 46.00 -22.10
N GLU A 160 53.50 40.09 -28.71
CA GLU A 160 52.21 39.93 -29.37
C GLU A 160 51.29 39.02 -28.58
N SER A 161 51.88 38.25 -27.64
CA SER A 161 51.13 37.30 -26.83
C SER A 161 50.40 38.01 -25.69
N VAL A 162 49.43 38.84 -26.08
CA VAL A 162 48.53 39.47 -25.12
C VAL A 162 47.07 39.10 -25.33
N SER A 163 46.67 38.65 -26.51
CA SER A 163 45.35 38.09 -26.75
C SER A 163 45.51 36.75 -27.43
N LEU A 164 44.82 35.73 -26.90
CA LEU A 164 44.95 34.37 -27.42
C LEU A 164 43.60 33.83 -27.83
N ASN A 165 42.62 34.05 -27.00
CA ASN A 165 41.38 33.42 -27.46
C ASN A 165 40.99 34.24 -28.68
N LYS A 166 41.28 35.54 -28.71
CA LYS A 166 40.81 36.30 -29.89
C LYS A 166 41.48 35.65 -31.10
N ARG A 167 42.62 35.02 -30.87
CA ARG A 167 43.33 34.34 -31.98
C ARG A 167 43.00 32.86 -32.00
N TYR A 168 41.72 32.44 -31.92
CA TYR A 168 41.33 31.00 -31.85
C TYR A 168 41.32 30.26 -33.20
N THR A 169 40.26 30.37 -34.04
CA THR A 169 40.11 29.75 -35.40
C THR A 169 39.42 28.37 -35.50
N ARG A 170 39.08 27.70 -34.40
CA ARG A 170 38.51 26.33 -34.56
C ARG A 170 39.37 25.53 -35.55
N LEU A 171 40.69 25.49 -35.34
CA LEU A 171 41.68 24.77 -36.20
C LEU A 171 41.19 23.37 -36.53
N ARG A 172 41.49 22.90 -37.75
CA ARG A 172 41.00 21.59 -38.21
C ARG A 172 41.39 20.49 -37.22
N LEU A 173 40.49 19.50 -37.03
CA LEU A 173 40.80 18.39 -36.09
C LEU A 173 40.19 17.10 -36.63
N ILE A 174 40.79 16.54 -37.68
CA ILE A 174 40.30 15.23 -38.21
C ILE A 174 40.98 14.15 -37.38
N LYS A 175 40.24 13.54 -36.45
CA LYS A 175 40.88 12.55 -35.54
C LYS A 175 40.95 11.19 -36.26
N GLU A 176 42.17 10.69 -36.45
CA GLU A 176 42.39 9.41 -37.18
C GLU A 176 41.28 8.41 -36.86
N HIS A 177 40.49 8.03 -37.87
CA HIS A 177 39.49 6.95 -37.65
C HIS A 177 40.32 5.69 -37.39
N ARG A 178 39.80 4.73 -36.63
CA ARG A 178 40.67 3.57 -36.26
C ARG A 178 41.32 3.02 -37.53
N SER A 179 42.65 2.87 -37.50
CA SER A 179 43.38 2.39 -38.70
C SER A 179 43.20 0.88 -38.80
N GLN A 180 41.97 0.43 -39.06
CA GLN A 180 41.68 -1.00 -39.15
C GLN A 180 42.14 -1.74 -37.90
N SER A 198 30.69 7.38 -43.69
CA SER A 198 31.65 7.49 -42.59
C SER A 198 31.20 8.52 -41.57
N PRO A 199 31.37 8.20 -40.29
CA PRO A 199 31.05 9.17 -39.24
C PRO A 199 31.96 10.39 -39.31
N VAL A 200 31.40 11.54 -38.97
CA VAL A 200 32.18 12.78 -38.98
C VAL A 200 32.83 13.00 -37.61
N SER A 201 32.01 13.25 -36.58
CA SER A 201 32.42 13.44 -35.20
C SER A 201 33.70 14.26 -35.07
N PRO A 202 33.66 15.56 -35.39
CA PRO A 202 34.88 16.37 -35.27
C PRO A 202 35.44 16.43 -33.86
N ILE A 203 34.58 16.33 -32.84
CA ILE A 203 34.92 16.36 -31.42
C ILE A 203 36.03 17.36 -31.12
N LYS A 204 35.88 18.59 -31.59
CA LYS A 204 36.94 19.58 -31.43
C LYS A 204 37.24 19.86 -29.97
N MET A 205 36.22 20.23 -29.18
CA MET A 205 36.45 20.55 -27.78
C MET A 205 35.64 19.65 -26.85
N GLU A 206 34.32 19.56 -27.08
CA GLU A 206 33.46 18.77 -26.22
C GLU A 206 33.68 17.28 -26.45
N LEU A 207 33.97 16.56 -25.37
CA LEU A 207 34.09 15.10 -25.39
C LEU A 207 35.11 14.62 -26.42
N LEU A 208 36.17 15.41 -26.63
CA LEU A 208 37.23 14.97 -27.54
C LEU A 208 37.93 13.74 -26.99
N PHE A 209 38.11 13.67 -25.66
CA PHE A 209 38.70 12.50 -25.05
C PHE A 209 37.73 11.33 -25.00
N ASP A 210 36.43 11.61 -24.95
CA ASP A 210 35.41 10.59 -24.77
C ASP A 210 35.34 9.66 -25.98
N PRO A 211 35.21 8.36 -25.74
CA PRO A 211 35.07 7.41 -26.86
C PRO A 211 33.68 7.45 -27.45
N ASP A 212 33.40 6.53 -28.38
CA ASP A 212 32.05 6.33 -28.87
C ASP A 212 31.26 5.54 -27.84
N ASP A 213 30.10 5.01 -28.21
CA ASP A 213 29.27 4.23 -27.30
C ASP A 213 30.11 3.17 -26.60
N GLU A 214 30.34 3.34 -25.30
CA GLU A 214 31.25 2.50 -24.53
C GLU A 214 32.63 2.51 -25.18
N HIS A 215 32.91 1.51 -26.02
CA HIS A 215 34.15 1.41 -26.78
C HIS A 215 35.35 1.26 -25.85
N SER A 216 35.79 2.36 -25.25
CA SER A 216 36.84 2.31 -24.24
C SER A 216 36.65 3.44 -23.24
N GLU A 217 35.95 3.16 -22.14
CA GLU A 217 35.71 4.16 -21.10
C GLU A 217 37.01 4.61 -20.43
N PRO A 218 37.91 3.69 -20.02
CA PRO A 218 39.11 4.14 -19.29
C PRO A 218 40.24 4.59 -20.19
N VAL A 219 39.97 4.89 -21.47
CA VAL A 219 41.02 5.37 -22.35
C VAL A 219 41.56 6.69 -21.81
N HIS A 220 42.87 6.86 -21.92
CA HIS A 220 43.55 8.01 -21.31
C HIS A 220 44.50 8.72 -22.25
N THR A 221 44.96 8.08 -23.32
CA THR A 221 46.00 8.61 -24.18
C THR A 221 45.40 9.17 -25.45
N VAL A 222 45.65 10.45 -25.72
CA VAL A 222 45.34 11.07 -26.99
C VAL A 222 46.59 11.80 -27.47
N VAL A 223 46.81 11.78 -28.78
CA VAL A 223 48.02 12.32 -29.38
C VAL A 223 47.62 13.14 -30.60
N PHE A 224 48.33 14.24 -30.82
CA PHE A 224 48.05 15.15 -31.93
C PHE A 224 49.21 15.11 -32.91
N GLN A 225 48.89 14.88 -34.18
CA GLN A 225 49.88 14.81 -35.25
C GLN A 225 49.73 16.04 -36.13
N GLY A 226 50.80 16.83 -36.23
CA GLY A 226 50.77 18.03 -37.05
C GLY A 226 52.17 18.40 -37.49
N ALA A 227 52.25 19.03 -38.66
CA ALA A 227 53.54 19.40 -39.21
C ALA A 227 54.23 20.43 -38.33
N ALA A 228 55.55 20.52 -38.50
CA ALA A 228 56.33 21.44 -37.68
C ALA A 228 55.99 22.88 -38.02
N GLY A 229 55.43 23.58 -37.04
CA GLY A 229 54.95 24.93 -37.20
C GLY A 229 53.45 25.07 -37.35
N ILE A 230 52.70 23.97 -37.24
CA ILE A 230 51.25 24.04 -37.40
C ILE A 230 50.63 24.90 -36.30
N GLY A 231 51.04 24.69 -35.06
CA GLY A 231 50.44 25.39 -33.95
C GLY A 231 50.04 24.48 -32.82
N LYS A 232 50.51 23.22 -32.87
CA LYS A 232 50.22 22.29 -31.79
C LYS A 232 50.71 22.81 -30.45
N THR A 233 51.83 23.54 -30.44
CA THR A 233 52.24 24.23 -29.23
C THR A 233 51.23 25.32 -28.86
N ILE A 234 50.70 26.02 -29.86
CA ILE A 234 49.72 27.07 -29.60
C ILE A 234 48.42 26.45 -29.09
N LEU A 235 48.02 25.31 -29.65
CA LEU A 235 46.74 24.72 -29.32
C LEU A 235 46.65 24.38 -27.84
N ALA A 236 47.73 23.81 -27.28
CA ALA A 236 47.74 23.46 -25.87
C ALA A 236 47.55 24.69 -24.99
N ARG A 237 48.23 25.78 -25.34
CA ARG A 237 48.06 27.04 -24.60
C ARG A 237 46.62 27.51 -24.68
N LYS A 238 46.04 27.38 -25.88
CA LYS A 238 44.62 27.77 -26.08
C LYS A 238 43.73 26.79 -25.31
N MET A 239 43.95 25.48 -25.49
CA MET A 239 43.14 24.48 -24.82
C MET A 239 43.17 24.64 -23.31
N MET A 240 44.35 24.97 -22.75
CA MET A 240 44.41 25.35 -21.36
C MET A 240 43.58 26.59 -21.10
N LEU A 241 43.81 27.65 -21.89
CA LEU A 241 43.13 28.92 -21.66
C LEU A 241 41.61 28.76 -21.73
N ASP A 242 41.12 27.90 -22.61
CA ASP A 242 39.69 27.62 -22.67
C ASP A 242 39.22 27.07 -21.35
N TRP A 243 39.70 25.88 -21.00
CA TRP A 243 39.21 25.19 -19.81
C TRP A 243 39.71 25.83 -18.52
N ALA A 244 40.71 26.72 -18.58
CA ALA A 244 41.17 27.39 -17.36
C ALA A 244 40.17 28.38 -16.81
N SER A 245 38.98 28.45 -17.41
CA SER A 245 37.87 29.20 -16.86
C SER A 245 36.60 28.37 -16.85
N GLY A 246 36.74 27.04 -16.91
CA GLY A 246 35.59 26.17 -17.07
C GLY A 246 35.08 26.27 -18.49
N THR A 247 34.51 27.42 -18.83
CA THR A 247 34.16 27.81 -20.19
C THR A 247 33.35 26.74 -20.92
N LEU A 248 32.50 26.02 -20.21
CA LEU A 248 31.70 24.94 -20.79
C LEU A 248 32.59 23.88 -21.44
N TYR A 249 33.85 23.80 -21.00
CA TYR A 249 34.74 22.72 -21.38
C TYR A 249 34.46 21.53 -20.48
N GLN A 250 35.37 20.56 -20.45
CA GLN A 250 35.12 19.34 -19.69
C GLN A 250 35.10 19.63 -18.20
N ASP A 251 34.06 20.33 -17.73
CA ASP A 251 33.90 20.59 -16.31
C ASP A 251 33.68 19.30 -15.52
N ARG A 252 33.26 18.23 -16.19
CA ARG A 252 33.21 16.91 -15.56
C ARG A 252 34.60 16.30 -15.41
N PHE A 253 35.64 17.06 -15.75
CA PHE A 253 37.02 16.67 -15.52
C PHE A 253 37.66 17.73 -14.64
N ASP A 254 38.42 17.30 -13.64
CA ASP A 254 38.83 18.18 -12.56
C ASP A 254 40.09 18.99 -12.84
N TYR A 255 41.17 18.30 -13.25
CA TYR A 255 42.47 19.01 -13.36
C TYR A 255 43.19 18.79 -14.69
N LEU A 256 43.94 19.79 -15.15
CA LEU A 256 44.76 19.73 -16.35
C LEU A 256 46.17 20.16 -15.99
N PHE A 257 47.16 19.51 -16.60
CA PHE A 257 48.56 19.74 -16.27
C PHE A 257 49.34 20.04 -17.54
N TYR A 258 49.75 21.31 -17.70
CA TYR A 258 50.56 21.70 -18.85
C TYR A 258 52.03 21.46 -18.57
N ILE A 259 52.70 20.79 -19.49
CA ILE A 259 54.14 20.57 -19.37
C ILE A 259 54.79 20.64 -20.76
N HIS A 260 55.59 21.68 -20.98
CA HIS A 260 56.37 21.77 -22.21
C HIS A 260 57.80 21.35 -21.90
N CYS A 261 58.37 20.50 -22.75
CA CYS A 261 59.63 19.85 -22.45
C CYS A 261 60.85 20.71 -22.74
N ARG A 262 60.68 22.04 -22.84
CA ARG A 262 61.85 22.91 -22.91
C ARG A 262 62.67 22.82 -21.63
N GLU A 263 62.01 22.93 -20.48
CA GLU A 263 62.70 22.83 -19.21
C GLU A 263 63.10 21.38 -18.90
N VAL A 264 62.25 20.42 -19.27
CA VAL A 264 62.53 19.02 -18.98
C VAL A 264 63.73 18.56 -19.79
N SER A 265 64.65 17.88 -19.11
CA SER A 265 65.85 17.38 -19.77
C SER A 265 66.25 16.07 -19.10
N LEU A 266 67.28 15.45 -19.66
CA LEU A 266 67.78 14.19 -19.13
C LEU A 266 68.49 14.41 -17.80
N VAL A 267 68.70 13.31 -17.08
CA VAL A 267 69.49 13.22 -15.85
C VAL A 267 69.01 14.22 -14.79
N THR A 268 67.84 14.82 -15.01
CA THR A 268 67.31 15.77 -14.05
C THR A 268 67.08 15.15 -12.68
N GLN A 269 66.77 13.86 -12.62
CA GLN A 269 66.56 13.14 -11.36
C GLN A 269 65.52 13.85 -10.49
N ARG A 270 64.43 14.31 -11.11
CA ARG A 270 63.39 15.05 -10.44
C ARG A 270 62.10 14.23 -10.43
N SER A 271 61.36 14.34 -9.33
CA SER A 271 60.14 13.56 -9.16
C SER A 271 58.97 14.22 -9.89
N LEU A 272 57.87 13.46 -9.98
CA LEU A 272 56.65 14.00 -10.57
C LEU A 272 56.16 15.20 -9.78
N GLY A 273 56.23 15.13 -8.45
CA GLY A 273 55.90 16.29 -7.63
C GLY A 273 56.77 17.48 -7.97
N ASP A 274 58.07 17.25 -8.18
CA ASP A 274 58.94 18.31 -8.67
C ASP A 274 58.50 18.77 -10.05
N LEU A 275 58.13 17.81 -10.91
CA LEU A 275 57.55 18.15 -12.20
C LEU A 275 56.22 18.89 -12.02
N ILE A 276 55.40 18.42 -11.08
CA ILE A 276 54.11 19.05 -10.83
C ILE A 276 54.30 20.46 -10.28
N MET A 277 55.17 20.60 -9.27
CA MET A 277 55.42 21.91 -8.69
C MET A 277 56.09 22.86 -9.67
N SER A 278 56.64 22.35 -10.77
CA SER A 278 57.15 23.23 -11.81
C SER A 278 56.05 24.07 -12.43
N CYS A 279 54.87 23.47 -12.64
CA CYS A 279 53.74 24.22 -13.20
C CYS A 279 53.29 25.32 -12.25
N CYS A 280 53.06 24.98 -10.98
CA CYS A 280 52.65 25.95 -9.96
C CYS A 280 53.53 25.76 -8.75
N PRO A 281 54.56 26.59 -8.57
CA PRO A 281 55.45 26.44 -7.41
C PRO A 281 54.79 26.81 -6.11
N ASP A 282 54.02 25.89 -5.54
CA ASP A 282 53.35 26.16 -4.29
C ASP A 282 54.34 26.11 -3.13
N PRO A 283 54.43 27.17 -2.32
CA PRO A 283 55.28 27.11 -1.12
C PRO A 283 54.88 26.00 -0.18
N ASN A 284 53.63 25.57 -0.20
CA ASN A 284 53.14 24.43 0.57
C ASN A 284 52.47 23.47 -0.40
N PRO A 285 53.26 22.65 -1.10
CA PRO A 285 52.70 21.76 -2.12
C PRO A 285 51.66 20.82 -1.55
N PRO A 286 50.43 20.89 -2.04
CA PRO A 286 49.36 20.02 -1.54
C PRO A 286 49.32 18.67 -2.22
N ILE A 287 50.46 18.27 -2.81
CA ILE A 287 50.53 17.12 -3.71
C ILE A 287 49.87 15.89 -3.11
N HIS A 288 49.90 15.74 -1.78
CA HIS A 288 49.25 14.61 -1.13
C HIS A 288 47.76 14.61 -1.46
N LYS A 289 47.18 15.80 -1.58
CA LYS A 289 45.83 15.96 -2.09
C LYS A 289 45.77 16.01 -3.60
N ILE A 290 46.91 16.26 -4.25
CA ILE A 290 46.91 16.14 -5.74
C ILE A 290 46.96 14.65 -6.00
N VAL A 291 47.56 13.88 -5.07
CA VAL A 291 47.49 12.45 -5.21
C VAL A 291 46.10 12.05 -4.73
N ARG A 292 45.14 12.17 -5.65
CA ARG A 292 43.73 11.91 -5.41
C ARG A 292 43.07 11.71 -6.76
N LYS A 293 42.13 10.77 -6.81
CA LYS A 293 41.27 10.53 -7.96
C LYS A 293 42.09 10.46 -9.26
N PRO A 294 42.81 9.36 -9.49
CA PRO A 294 43.43 9.18 -10.80
C PRO A 294 42.37 9.08 -11.89
N SER A 295 42.76 9.48 -13.09
CA SER A 295 41.89 9.61 -14.26
C SER A 295 40.98 10.83 -14.14
N ARG A 296 40.99 11.47 -12.97
CA ARG A 296 40.34 12.76 -12.80
C ARG A 296 41.31 13.90 -13.08
N ILE A 297 42.57 13.59 -13.33
CA ILE A 297 43.62 14.57 -13.60
C ILE A 297 44.24 14.26 -14.96
N LEU A 298 44.55 15.31 -15.72
CA LEU A 298 45.06 15.15 -17.07
C LEU A 298 46.38 15.89 -17.22
N PHE A 299 47.37 15.20 -17.77
CA PHE A 299 48.67 15.79 -18.10
C PHE A 299 48.68 16.18 -19.56
N LEU A 300 48.96 17.46 -19.83
CA LEU A 300 49.06 17.95 -21.20
C LEU A 300 50.54 18.02 -21.57
N MET A 301 51.09 16.87 -21.96
CA MET A 301 52.52 16.82 -22.39
C MET A 301 52.65 17.55 -23.73
N ASP A 302 53.76 18.27 -23.96
CA ASP A 302 53.85 19.08 -25.20
C ASP A 302 55.15 18.82 -25.96
N GLY A 303 55.05 18.52 -27.26
CA GLY A 303 56.23 18.33 -28.13
C GLY A 303 57.17 17.20 -27.76
N PHE A 304 57.05 16.04 -28.43
CA PHE A 304 58.05 14.96 -28.23
C PHE A 304 59.34 15.44 -28.89
N ASP A 305 59.20 16.26 -29.94
CA ASP A 305 60.37 16.83 -30.66
C ASP A 305 61.20 17.66 -29.68
N GLU A 306 60.53 18.35 -28.76
CA GLU A 306 61.24 19.21 -27.76
C GLU A 306 62.17 18.33 -26.94
N LEU A 307 61.78 17.10 -26.63
CA LEU A 307 62.71 16.17 -25.93
C LEU A 307 64.04 16.15 -26.68
N GLN A 308 65.12 16.62 -26.05
CA GLN A 308 66.45 16.64 -26.64
C GLN A 308 67.35 15.66 -25.91
N GLY A 309 68.03 14.81 -26.67
CA GLY A 309 68.92 13.80 -26.15
C GLY A 309 68.49 12.41 -26.58
N ALA A 310 69.31 11.44 -26.18
CA ALA A 310 69.01 10.05 -26.48
C ALA A 310 67.84 9.56 -25.61
N PHE A 311 67.06 8.64 -26.18
CA PHE A 311 65.90 8.11 -25.47
C PHE A 311 65.60 6.73 -26.02
N ASP A 312 65.81 5.70 -25.20
CA ASP A 312 65.42 4.34 -25.56
C ASP A 312 63.93 4.17 -25.28
N GLU A 313 63.17 3.87 -26.32
CA GLU A 313 61.74 3.62 -26.14
C GLU A 313 61.46 2.41 -25.28
N HIS A 314 62.45 1.53 -25.09
CA HIS A 314 62.29 0.39 -24.20
C HIS A 314 63.49 0.26 -23.27
N ILE A 315 63.83 1.36 -22.61
CA ILE A 315 64.94 1.40 -21.66
C ILE A 315 64.75 0.31 -20.60
N GLY A 316 65.86 -0.25 -20.13
CA GLY A 316 65.84 -1.37 -19.21
C GLY A 316 65.16 -1.07 -17.89
N PRO A 317 65.76 -0.19 -17.08
CA PRO A 317 65.19 0.10 -15.76
C PRO A 317 63.76 0.61 -15.84
N LEU A 318 62.94 0.19 -14.89
CA LEU A 318 61.52 0.46 -14.88
C LEU A 318 61.16 1.30 -13.66
N CYS A 319 60.17 2.18 -13.81
CA CYS A 319 59.79 3.12 -12.77
C CYS A 319 58.32 2.98 -12.44
N THR A 320 58.01 2.93 -11.14
CA THR A 320 56.62 2.85 -10.69
C THR A 320 56.39 3.78 -9.51
N ASP A 321 57.47 4.29 -8.92
CA ASP A 321 57.35 5.18 -7.77
C ASP A 321 56.99 6.58 -8.23
N TRP A 322 55.95 7.16 -7.63
CA TRP A 322 55.52 8.49 -8.02
C TRP A 322 56.43 9.57 -7.44
N GLN A 323 56.90 9.39 -6.21
CA GLN A 323 57.62 10.45 -5.52
C GLN A 323 59.12 10.31 -5.60
N LYS A 324 59.62 9.18 -6.11
CA LYS A 324 61.06 8.98 -6.18
C LYS A 324 61.70 9.92 -7.18
N ALA A 325 62.86 10.45 -6.82
CA ALA A 325 63.62 11.29 -7.72
C ALA A 325 64.23 10.43 -8.83
N GLU A 326 63.53 10.31 -9.95
CA GLU A 326 63.93 9.43 -11.04
C GLU A 326 64.40 10.25 -12.22
N ARG A 327 65.10 9.58 -13.14
CA ARG A 327 65.64 10.24 -14.32
C ARG A 327 64.53 10.86 -15.15
N GLY A 328 64.85 11.97 -15.82
CA GLY A 328 63.82 12.70 -16.56
C GLY A 328 63.15 11.86 -17.63
N ASP A 329 63.95 11.16 -18.45
CA ASP A 329 63.37 10.28 -19.45
C ASP A 329 62.68 9.09 -18.79
N ILE A 330 63.25 8.57 -17.71
CA ILE A 330 62.64 7.46 -16.99
C ILE A 330 61.29 7.87 -16.42
N LEU A 331 61.22 9.07 -15.83
CA LEU A 331 59.95 9.57 -15.33
C LEU A 331 58.92 9.64 -16.45
N LEU A 332 59.31 10.19 -17.60
CA LEU A 332 58.42 10.19 -18.76
C LEU A 332 58.11 8.77 -19.20
N SER A 333 59.12 7.89 -19.17
CA SER A 333 58.93 6.51 -19.60
C SER A 333 57.78 5.86 -18.83
N SER A 334 57.82 5.96 -17.50
CA SER A 334 56.71 5.44 -16.71
C SER A 334 55.41 6.20 -17.02
N LEU A 335 55.50 7.52 -17.13
CA LEU A 335 54.31 8.32 -17.43
C LEU A 335 53.75 7.98 -18.80
N ILE A 336 54.63 7.83 -19.81
CA ILE A 336 54.15 7.48 -21.14
C ILE A 336 53.52 6.09 -21.12
N ARG A 337 54.18 5.14 -20.46
CA ARG A 337 53.58 3.81 -20.29
C ARG A 337 52.43 3.81 -19.29
N LYS A 338 52.29 4.87 -18.50
CA LYS A 338 51.22 5.00 -17.51
C LYS A 338 51.27 3.91 -16.47
N LYS A 339 52.38 3.16 -16.42
CA LYS A 339 52.53 2.18 -15.35
C LYS A 339 52.53 2.86 -13.99
N LEU A 340 53.21 4.00 -13.87
CA LEU A 340 52.96 4.91 -12.79
C LEU A 340 51.71 5.72 -13.09
N LEU A 341 50.89 5.96 -12.06
CA LEU A 341 49.60 6.63 -12.24
C LEU A 341 48.81 5.90 -13.31
N PRO A 342 48.29 4.70 -13.00
CA PRO A 342 47.71 3.86 -14.05
C PRO A 342 46.50 4.46 -14.74
N GLU A 343 45.85 5.45 -14.13
CA GLU A 343 44.62 6.01 -14.68
C GLU A 343 44.83 7.41 -15.26
N ALA A 344 46.02 7.97 -15.12
CA ALA A 344 46.24 9.36 -15.54
C ALA A 344 46.04 9.52 -17.03
N SER A 345 45.25 10.51 -17.42
CA SER A 345 45.06 10.82 -18.83
C SER A 345 46.25 11.59 -19.38
N LEU A 346 46.45 11.50 -20.69
CA LEU A 346 47.61 12.12 -21.32
C LEU A 346 47.24 12.69 -22.68
N LEU A 347 47.84 13.84 -22.96
CA LEU A 347 47.67 14.48 -24.28
C LEU A 347 49.09 14.78 -24.75
N ILE A 348 49.48 14.32 -25.94
CA ILE A 348 50.90 14.47 -26.40
C ILE A 348 50.93 15.07 -27.79
N THR A 349 51.28 16.34 -27.92
CA THR A 349 51.46 16.88 -29.29
C THR A 349 52.75 16.25 -29.80
N THR A 350 52.74 15.67 -31.00
CA THR A 350 53.94 14.92 -31.46
C THR A 350 54.25 15.30 -32.92
N ARG A 351 55.53 15.26 -33.29
CA ARG A 351 55.87 15.51 -34.71
C ARG A 351 55.64 14.20 -35.49
N PRO A 352 54.92 14.15 -36.64
CA PRO A 352 54.69 12.88 -37.34
C PRO A 352 55.93 12.02 -37.52
N VAL A 353 57.08 12.63 -37.74
CA VAL A 353 58.30 11.86 -37.99
C VAL A 353 58.76 11.12 -36.74
N ALA A 354 58.41 11.63 -35.56
CA ALA A 354 58.81 11.03 -34.31
C ALA A 354 57.77 10.06 -33.75
N LEU A 355 56.71 9.77 -34.52
CA LEU A 355 55.64 8.93 -34.01
C LEU A 355 56.10 7.52 -33.70
N GLU A 356 56.95 6.94 -34.55
CA GLU A 356 57.28 5.51 -34.43
C GLU A 356 57.90 5.18 -33.08
N LYS A 357 58.59 6.15 -32.47
CA LYS A 357 59.17 5.93 -31.14
C LYS A 357 58.07 5.73 -30.11
N LEU A 358 57.10 6.66 -30.06
CA LEU A 358 56.04 6.56 -29.07
C LEU A 358 55.00 5.51 -29.47
N GLN A 359 54.73 5.38 -30.76
CA GLN A 359 53.77 4.38 -31.22
C GLN A 359 54.20 2.98 -30.85
N HIS A 360 55.49 2.66 -31.04
CA HIS A 360 56.01 1.40 -30.53
C HIS A 360 56.01 1.37 -29.01
N LEU A 361 56.14 2.54 -28.38
CA LEU A 361 56.20 2.60 -26.93
C LEU A 361 54.83 2.38 -26.30
N LEU A 362 53.78 2.94 -26.89
CA LEU A 362 52.48 3.01 -26.22
C LEU A 362 51.38 2.50 -27.15
N ASP A 363 50.35 1.92 -26.55
CA ASP A 363 49.23 1.33 -27.28
C ASP A 363 48.02 2.25 -27.24
N HIS A 364 47.02 1.90 -28.05
CA HIS A 364 45.71 2.56 -28.21
C HIS A 364 45.82 4.07 -28.19
N PRO A 365 46.61 4.69 -29.08
CA PRO A 365 46.77 6.14 -29.04
C PRO A 365 45.71 6.82 -29.91
N ARG A 366 45.02 7.80 -29.32
CA ARG A 366 44.03 8.56 -30.08
C ARG A 366 44.74 9.55 -30.99
N HIS A 367 45.16 9.09 -32.17
CA HIS A 367 45.82 9.97 -33.13
C HIS A 367 44.85 11.05 -33.61
N VAL A 368 45.34 12.29 -33.64
CA VAL A 368 44.53 13.41 -34.10
C VAL A 368 45.31 14.24 -35.11
N GLU A 369 44.92 14.16 -36.37
CA GLU A 369 45.53 15.00 -37.40
C GLU A 369 45.00 16.42 -37.30
N ILE A 370 45.92 17.37 -37.22
CA ILE A 370 45.58 18.80 -37.14
C ILE A 370 46.13 19.50 -38.37
N LEU A 371 45.32 20.35 -38.98
CA LEU A 371 45.66 21.02 -40.22
C LEU A 371 45.65 22.53 -40.04
N GLY A 372 46.36 23.22 -40.91
CA GLY A 372 46.42 24.67 -40.86
C GLY A 372 45.20 25.32 -41.50
N PHE A 373 45.30 26.64 -41.66
CA PHE A 373 44.18 27.42 -42.15
C PHE A 373 43.95 27.17 -43.64
N SER A 374 42.69 27.30 -44.06
CA SER A 374 42.36 27.17 -45.47
C SER A 374 42.59 28.50 -46.18
N GLU A 375 42.06 28.58 -47.41
CA GLU A 375 42.14 29.82 -48.17
C GLU A 375 41.45 30.96 -47.44
N ALA A 376 40.15 30.82 -47.20
CA ALA A 376 39.40 31.87 -46.51
C ALA A 376 39.89 32.06 -45.08
N LYS A 377 40.21 30.97 -44.39
CA LYS A 377 40.71 31.08 -43.02
C LYS A 377 42.00 31.89 -42.97
N ARG A 378 42.86 31.76 -44.01
CA ARG A 378 44.09 32.55 -44.05
C ARG A 378 43.78 34.04 -44.06
N LYS A 379 42.79 34.46 -44.84
CA LYS A 379 42.32 35.83 -44.79
C LYS A 379 41.76 36.14 -43.40
N GLU A 380 41.00 35.21 -42.84
CA GLU A 380 40.43 35.41 -41.52
C GLU A 380 41.50 35.53 -40.46
N TYR A 381 42.68 34.93 -40.68
CA TYR A 381 43.80 35.17 -39.78
C TYR A 381 44.25 36.61 -39.86
N PHE A 382 44.33 37.16 -41.08
CA PHE A 382 44.68 38.57 -41.22
C PHE A 382 43.61 39.47 -40.62
N PHE A 383 42.37 38.98 -40.56
CA PHE A 383 41.34 39.69 -39.80
C PHE A 383 41.74 39.80 -38.34
N LYS A 384 42.26 38.72 -37.77
CA LYS A 384 42.78 38.78 -36.41
C LYS A 384 44.03 39.66 -36.34
N TYR A 385 44.90 39.55 -37.34
CA TYR A 385 46.22 40.16 -37.25
C TYR A 385 46.20 41.65 -37.57
N PHE A 386 45.85 41.99 -38.80
CA PHE A 386 46.02 43.35 -39.26
C PHE A 386 44.99 44.30 -38.64
N SER A 387 45.34 45.58 -38.66
CA SER A 387 44.51 46.63 -38.07
C SER A 387 43.85 47.52 -39.11
N ASP A 388 44.17 47.36 -40.39
CA ASP A 388 43.56 48.19 -41.42
C ASP A 388 43.46 47.40 -42.72
N GLU A 389 42.38 47.64 -43.45
CA GLU A 389 42.18 46.95 -44.72
C GLU A 389 43.26 47.28 -45.72
N ALA A 390 43.63 48.56 -45.84
CA ALA A 390 44.74 48.93 -46.73
C ALA A 390 46.00 48.16 -46.36
N GLN A 391 46.15 47.83 -45.07
CA GLN A 391 47.19 46.90 -44.66
C GLN A 391 46.78 45.45 -44.96
N ALA A 392 45.57 45.08 -44.52
CA ALA A 392 45.14 43.69 -44.65
C ALA A 392 44.77 43.36 -46.10
N ARG A 393 43.75 44.04 -46.62
CA ARG A 393 43.16 43.65 -47.90
C ARG A 393 44.18 43.74 -49.05
N ALA A 394 44.99 44.80 -49.06
CA ALA A 394 45.97 44.96 -50.13
C ALA A 394 47.02 43.86 -50.07
N ALA A 395 47.59 43.62 -48.90
CA ALA A 395 48.63 42.59 -48.76
C ALA A 395 48.08 41.20 -49.05
N PHE A 396 46.88 40.92 -48.53
CA PHE A 396 46.28 39.60 -48.78
C PHE A 396 46.01 39.40 -50.26
N SER A 397 45.60 40.47 -50.96
CA SER A 397 45.36 40.36 -52.40
C SER A 397 46.61 39.92 -53.14
N LEU A 398 47.78 40.25 -52.61
CA LEU A 398 49.02 39.80 -53.22
C LEU A 398 49.16 38.29 -53.14
N ILE A 399 48.63 37.69 -52.08
CA ILE A 399 48.77 36.25 -51.89
C ILE A 399 48.00 35.49 -52.96
N GLN A 400 46.81 35.97 -53.32
CA GLN A 400 46.00 35.28 -54.32
C GLN A 400 46.71 35.23 -55.66
N GLU A 401 47.30 36.35 -56.08
CA GLU A 401 48.06 36.36 -57.32
C GLU A 401 49.27 35.45 -57.23
N ASN A 402 49.95 35.46 -56.08
CA ASN A 402 51.10 34.58 -55.85
C ASN A 402 50.59 33.24 -55.30
N GLU A 403 49.95 32.49 -56.18
CA GLU A 403 49.32 31.23 -55.76
C GLU A 403 50.36 30.25 -55.24
N VAL A 404 51.58 30.29 -55.75
CA VAL A 404 52.64 29.44 -55.21
C VAL A 404 52.88 29.77 -53.74
N LEU A 405 52.89 31.06 -53.40
CA LEU A 405 52.90 31.43 -52.00
C LEU A 405 51.60 31.05 -51.32
N PHE A 406 50.47 31.19 -52.03
CA PHE A 406 49.17 30.90 -51.42
C PHE A 406 49.06 29.45 -51.00
N THR A 407 49.37 28.53 -51.91
CA THR A 407 49.39 27.12 -51.51
C THR A 407 50.46 26.88 -50.45
N MET A 408 51.50 27.70 -50.43
CA MET A 408 52.47 27.64 -49.36
C MET A 408 51.94 28.28 -48.09
N CYS A 409 50.87 29.08 -48.20
CA CYS A 409 50.32 29.73 -47.02
C CYS A 409 49.44 28.76 -46.23
N PHE A 410 50.00 27.59 -45.95
CA PHE A 410 49.43 26.64 -45.01
C PHE A 410 50.33 26.67 -43.78
N ILE A 411 50.06 25.84 -42.78
CA ILE A 411 50.93 25.77 -41.59
C ILE A 411 51.09 27.17 -41.00
N PRO A 412 50.08 27.68 -40.28
CA PRO A 412 49.97 29.12 -40.01
C PRO A 412 51.23 29.86 -39.59
N LEU A 413 52.27 29.15 -39.15
CA LEU A 413 53.52 29.81 -38.79
C LEU A 413 54.06 30.61 -39.97
N VAL A 414 53.97 30.05 -41.18
CA VAL A 414 54.46 30.78 -42.36
C VAL A 414 53.62 32.02 -42.59
N CYS A 415 52.32 31.95 -42.31
CA CYS A 415 51.47 33.13 -42.43
C CYS A 415 51.89 34.20 -41.45
N TRP A 416 52.29 33.80 -40.24
CA TRP A 416 52.86 34.74 -39.29
C TRP A 416 54.08 35.44 -39.87
N ILE A 417 54.95 34.67 -40.53
CA ILE A 417 56.10 35.27 -41.20
C ILE A 417 55.65 36.22 -42.30
N VAL A 418 54.62 35.82 -43.05
CA VAL A 418 54.16 36.62 -44.18
C VAL A 418 53.66 37.98 -43.71
N CYS A 419 52.75 37.97 -42.73
CA CYS A 419 52.13 39.22 -42.30
C CYS A 419 53.13 40.13 -41.59
N THR A 420 53.94 39.56 -40.70
CA THR A 420 54.90 40.36 -39.95
C THR A 420 55.95 40.98 -40.88
N GLY A 421 56.50 40.16 -41.78
CA GLY A 421 57.52 40.68 -42.67
C GLY A 421 57.00 41.77 -43.58
N LEU A 422 55.81 41.55 -44.14
CA LEU A 422 55.20 42.58 -45.00
C LEU A 422 54.86 43.82 -44.20
N LYS A 423 54.39 43.64 -42.96
CA LYS A 423 54.10 44.78 -42.09
C LYS A 423 55.32 45.68 -41.95
N GLN A 424 56.47 45.07 -41.67
CA GLN A 424 57.70 45.84 -41.55
C GLN A 424 58.08 46.52 -42.85
N GLN A 425 57.85 45.83 -43.98
CA GLN A 425 58.11 46.44 -45.28
C GLN A 425 57.26 47.67 -45.49
N MET A 426 56.00 47.64 -45.02
CA MET A 426 55.15 48.81 -45.11
C MET A 426 55.67 49.95 -44.25
N GLU A 427 56.38 49.65 -43.16
CA GLU A 427 57.01 50.70 -42.38
C GLU A 427 58.10 51.41 -43.17
N SER A 428 58.57 50.82 -44.25
CA SER A 428 59.62 51.41 -45.07
C SER A 428 59.24 51.58 -46.53
N GLY A 429 58.41 50.71 -47.08
CA GLY A 429 58.09 50.80 -48.48
C GLY A 429 56.83 50.05 -48.85
N LYS A 430 56.75 49.68 -50.13
CA LYS A 430 55.61 48.97 -50.69
C LYS A 430 56.02 47.56 -51.07
N SER A 431 55.09 46.62 -50.93
CA SER A 431 55.39 45.22 -51.18
C SER A 431 55.60 44.96 -52.67
N LEU A 432 56.03 43.74 -52.97
CA LEU A 432 56.32 43.32 -54.34
C LEU A 432 55.85 41.88 -54.49
N ALA A 433 56.33 41.20 -55.53
CA ALA A 433 56.01 39.81 -55.77
C ALA A 433 56.53 38.93 -54.63
N GLN A 434 57.44 39.50 -53.82
CA GLN A 434 57.90 38.92 -52.56
C GLN A 434 58.84 37.75 -52.80
N THR A 435 58.98 37.30 -54.04
CA THR A 435 59.94 36.29 -54.46
C THR A 435 59.88 35.03 -53.59
N SER A 436 58.78 34.86 -52.85
CA SER A 436 58.65 33.75 -51.90
C SER A 436 58.02 32.53 -52.55
N LYS A 437 58.69 32.01 -53.57
CA LYS A 437 58.23 30.82 -54.28
C LYS A 437 58.47 29.54 -53.50
N THR A 438 59.32 29.57 -52.48
CA THR A 438 59.63 28.39 -51.69
C THR A 438 59.60 28.76 -50.21
N THR A 439 59.62 27.73 -49.36
CA THR A 439 59.64 27.96 -47.93
C THR A 439 60.88 28.73 -47.50
N THR A 440 62.04 28.36 -48.05
CA THR A 440 63.27 29.09 -47.74
C THR A 440 63.17 30.54 -48.19
N ALA A 441 62.61 30.76 -49.39
CA ALA A 441 62.45 32.12 -49.89
C ALA A 441 61.64 32.97 -48.92
N VAL A 442 60.69 32.35 -48.22
CA VAL A 442 59.95 33.06 -47.18
C VAL A 442 60.90 33.47 -46.06
N TYR A 443 61.76 32.55 -45.64
CA TYR A 443 62.66 32.83 -44.53
C TYR A 443 63.66 33.94 -44.88
N VAL A 444 64.26 33.85 -46.07
CA VAL A 444 65.33 34.79 -46.41
C VAL A 444 64.78 36.19 -46.64
N PHE A 445 63.63 36.30 -47.29
CA PHE A 445 63.01 37.61 -47.48
C PHE A 445 62.70 38.25 -46.13
N PHE A 446 62.28 37.43 -45.16
CA PHE A 446 62.09 37.91 -43.80
C PHE A 446 63.39 38.44 -43.21
N LEU A 447 64.49 37.72 -43.45
CA LEU A 447 65.78 38.17 -42.95
C LEU A 447 66.21 39.48 -43.58
N SER A 448 65.95 39.64 -44.88
CA SER A 448 66.38 40.85 -45.58
C SER A 448 65.76 42.09 -44.97
N SER A 449 64.45 42.05 -44.71
CA SER A 449 63.81 43.15 -44.01
C SER A 449 64.32 43.25 -42.57
N LEU A 450 64.60 42.11 -41.95
CA LEU A 450 65.09 42.11 -40.58
C LEU A 450 66.43 42.84 -40.47
N LEU A 451 67.34 42.55 -41.40
CA LEU A 451 68.69 43.10 -41.35
C LEU A 451 68.77 44.41 -42.15
N GLN A 452 67.79 45.28 -41.93
CA GLN A 452 67.78 46.52 -42.69
C GLN A 452 68.59 47.63 -41.99
N PRO A 453 68.25 48.03 -40.74
CA PRO A 453 68.82 49.28 -40.22
C PRO A 453 70.33 49.26 -40.03
N ARG A 454 70.82 48.33 -39.20
CA ARG A 454 72.24 48.32 -38.84
C ARG A 454 73.07 47.32 -39.65
N GLY A 455 72.45 46.34 -40.30
CA GLY A 455 73.19 45.31 -41.01
C GLY A 455 73.94 45.84 -42.22
N GLY A 456 73.38 46.85 -42.87
CA GLY A 456 73.99 47.39 -44.08
C GLY A 456 75.35 48.01 -43.83
N SER A 457 75.47 48.78 -42.76
CA SER A 457 76.78 49.31 -42.38
C SER A 457 77.72 48.16 -42.04
N GLN A 458 78.94 48.22 -42.58
CA GLN A 458 79.91 47.16 -42.32
C GLN A 458 80.36 47.18 -40.85
N GLU A 459 80.52 48.37 -40.28
CA GLU A 459 80.95 48.47 -38.88
C GLU A 459 79.97 47.78 -37.96
N HIS A 460 78.67 48.02 -38.15
CA HIS A 460 77.62 47.29 -37.46
C HIS A 460 77.09 46.14 -38.28
N GLY A 461 77.90 45.59 -39.20
CA GLY A 461 77.47 44.42 -39.94
C GLY A 461 77.24 43.24 -39.03
N LEU A 462 76.04 42.68 -39.09
CA LEU A 462 75.65 41.57 -38.23
C LEU A 462 75.90 40.22 -38.88
N CYS A 463 76.50 40.19 -40.08
CA CYS A 463 76.75 38.93 -40.77
C CYS A 463 77.67 38.03 -39.95
N ALA A 464 78.76 38.59 -39.43
CA ALA A 464 79.60 37.83 -38.51
C ALA A 464 78.83 37.45 -37.25
N HIS A 465 78.02 38.38 -36.73
CA HIS A 465 77.13 38.06 -35.63
C HIS A 465 76.05 37.08 -36.06
N LEU A 466 75.59 37.19 -37.31
CA LEU A 466 74.70 36.17 -37.85
C LEU A 466 75.36 34.82 -37.82
N TRP A 467 76.66 34.76 -38.14
CA TRP A 467 77.40 33.51 -37.97
C TRP A 467 77.50 33.13 -36.50
N GLY A 468 77.61 34.13 -35.62
CA GLY A 468 77.69 33.83 -34.20
C GLY A 468 76.45 33.12 -33.69
N LEU A 469 75.27 33.63 -34.06
CA LEU A 469 74.04 32.94 -33.68
C LEU A 469 73.88 31.63 -34.44
N CYS A 470 74.36 31.57 -35.68
CA CYS A 470 74.35 30.30 -36.42
C CYS A 470 75.23 29.27 -35.71
N SER A 471 76.39 29.69 -35.21
CA SER A 471 77.21 28.78 -34.42
C SER A 471 76.48 28.32 -33.17
N LEU A 472 75.77 29.23 -32.49
CA LEU A 472 74.92 28.83 -31.38
C LEU A 472 73.79 27.93 -31.89
N ALA A 473 73.21 28.27 -33.04
CA ALA A 473 72.14 27.47 -33.61
C ALA A 473 72.62 26.05 -33.91
N ALA A 474 73.81 25.93 -34.49
CA ALA A 474 74.35 24.61 -34.80
C ALA A 474 74.54 23.77 -33.55
N ASP A 475 75.07 24.39 -32.49
CA ASP A 475 75.22 23.67 -31.23
C ASP A 475 73.87 23.39 -30.58
N GLY A 476 72.82 24.09 -31.02
CA GLY A 476 71.52 23.90 -30.42
C GLY A 476 70.99 22.48 -30.56
N ILE A 477 71.33 21.81 -31.65
CA ILE A 477 70.98 20.41 -31.84
C ILE A 477 72.20 19.51 -31.78
N TRP A 478 73.39 19.99 -32.14
CA TRP A 478 74.57 19.16 -32.05
C TRP A 478 74.92 18.84 -30.61
N ASN A 479 74.53 19.71 -29.68
CA ASN A 479 74.70 19.47 -28.25
C ASN A 479 73.38 19.59 -27.49
N GLN A 480 72.27 19.74 -28.20
CA GLN A 480 70.91 19.62 -27.68
C GLN A 480 70.57 20.65 -26.61
N LYS A 481 71.14 21.85 -26.69
CA LYS A 481 70.84 22.89 -25.70
C LYS A 481 70.10 24.03 -26.38
N ILE A 482 68.76 23.94 -26.38
CA ILE A 482 67.95 25.05 -26.85
C ILE A 482 68.01 26.22 -25.87
N LEU A 483 67.89 25.92 -24.59
CA LEU A 483 67.90 26.95 -23.56
C LEU A 483 69.33 27.33 -23.20
N PHE A 484 70.00 28.04 -24.12
CA PHE A 484 71.42 28.32 -23.95
C PHE A 484 71.68 29.21 -22.75
N GLU A 485 70.81 30.20 -22.51
CA GLU A 485 70.94 31.13 -21.39
C GLU A 485 72.18 32.00 -21.55
N GLU A 486 72.35 32.98 -20.67
CA GLU A 486 73.53 33.84 -20.66
C GLU A 486 74.80 33.02 -20.48
N SER A 487 74.67 31.81 -19.92
CA SER A 487 75.83 30.96 -19.70
C SER A 487 76.55 30.63 -21.00
N ASP A 488 75.82 30.45 -22.09
CA ASP A 488 76.41 30.06 -23.36
C ASP A 488 76.32 31.12 -24.45
N LEU A 489 75.39 32.07 -24.36
CA LEU A 489 75.37 33.15 -25.32
C LEU A 489 76.64 33.98 -25.25
N ARG A 490 77.13 34.23 -24.04
CA ARG A 490 78.40 34.92 -23.88
C ARG A 490 79.52 34.16 -24.58
N ASN A 491 79.47 32.83 -24.58
CA ASN A 491 80.43 32.04 -25.33
C ASN A 491 80.26 32.25 -26.82
N HIS A 492 79.01 32.37 -27.29
CA HIS A 492 78.76 32.47 -28.72
C HIS A 492 78.77 33.90 -29.24
N GLY A 493 78.56 34.90 -28.39
CA GLY A 493 78.51 36.25 -28.91
C GLY A 493 78.44 37.28 -27.80
N LEU A 494 78.20 38.52 -28.22
CA LEU A 494 78.17 39.68 -27.32
C LEU A 494 76.91 39.57 -26.45
N GLN A 495 77.11 39.08 -25.24
CA GLN A 495 76.03 38.70 -24.33
C GLN A 495 75.07 39.84 -24.01
N LYS A 496 75.53 41.09 -24.13
CA LYS A 496 74.69 42.21 -23.72
C LYS A 496 74.31 43.13 -24.87
N ALA A 497 75.30 43.70 -25.55
CA ALA A 497 75.04 44.78 -26.49
C ALA A 497 74.35 44.30 -27.76
N ASP A 498 75.00 43.41 -28.50
CA ASP A 498 74.50 43.05 -29.83
C ASP A 498 73.24 42.20 -29.77
N VAL A 499 73.21 41.19 -28.89
CA VAL A 499 72.09 40.25 -28.88
C VAL A 499 70.80 40.96 -28.48
N SER A 500 70.90 42.07 -27.75
CA SER A 500 69.71 42.81 -27.38
C SER A 500 68.94 43.30 -28.61
N ALA A 501 69.67 43.75 -29.63
CA ALA A 501 69.02 44.08 -30.90
C ALA A 501 68.41 42.83 -31.53
N PHE A 502 69.17 41.73 -31.57
CA PHE A 502 68.63 40.48 -32.11
C PHE A 502 67.44 39.99 -31.31
N LEU A 503 67.53 40.07 -29.98
CA LEU A 503 66.39 39.72 -29.14
C LEU A 503 65.16 40.54 -29.50
N ARG A 504 65.33 41.86 -29.58
CA ARG A 504 64.21 42.73 -29.94
C ARG A 504 63.78 42.51 -31.38
N MET A 505 64.70 42.06 -32.25
CA MET A 505 64.30 41.64 -33.58
C MET A 505 63.60 40.29 -33.55
N ASN A 506 64.12 39.36 -32.75
CA ASN A 506 63.47 38.05 -32.60
C ASN A 506 62.24 38.10 -31.72
N LEU A 507 62.12 39.12 -30.86
CA LEU A 507 60.91 39.45 -30.11
C LEU A 507 60.61 38.47 -28.98
N PHE A 508 61.30 37.33 -28.93
CA PHE A 508 61.16 36.37 -27.84
C PHE A 508 62.39 35.48 -27.80
N GLN A 509 63.25 35.70 -26.80
CA GLN A 509 64.39 34.80 -26.63
C GLN A 509 64.66 34.44 -25.17
N LYS A 510 64.01 35.11 -24.21
CA LYS A 510 64.26 34.80 -22.80
C LYS A 510 62.98 34.58 -22.01
N GLU A 511 61.94 35.38 -22.31
CA GLU A 511 60.81 35.48 -21.42
C GLU A 511 59.95 34.22 -21.38
N VAL A 512 60.15 33.29 -22.33
CA VAL A 512 59.33 32.08 -22.35
C VAL A 512 59.57 31.23 -21.11
N ASP A 513 60.83 31.09 -20.69
CA ASP A 513 61.17 30.35 -19.49
C ASP A 513 60.85 31.11 -18.21
N CYS A 514 60.93 32.44 -18.24
CA CYS A 514 60.47 33.35 -17.20
C CYS A 514 61.37 33.34 -15.96
N GLU A 515 62.32 32.40 -15.86
CA GLU A 515 63.19 32.44 -14.70
C GLU A 515 64.52 33.11 -14.98
N LYS A 516 65.39 32.47 -15.76
CA LYS A 516 66.63 33.06 -16.22
C LYS A 516 67.04 32.64 -17.63
N PHE A 517 66.46 31.57 -18.19
CA PHE A 517 67.04 30.95 -19.37
C PHE A 517 66.72 31.74 -20.63
N TYR A 518 67.59 31.59 -21.62
CA TYR A 518 67.43 32.24 -22.92
C TYR A 518 67.29 31.18 -24.00
N SER A 519 66.47 31.48 -24.99
CA SER A 519 66.11 30.50 -26.00
C SER A 519 65.91 31.23 -27.34
N PHE A 520 65.26 30.55 -28.28
CA PHE A 520 64.99 31.10 -29.60
C PHE A 520 63.49 31.22 -29.80
N ILE A 521 63.10 31.76 -30.95
CA ILE A 521 61.68 31.89 -31.27
C ILE A 521 61.06 30.52 -31.47
N HIS A 522 61.58 29.76 -32.43
CA HIS A 522 61.03 28.46 -32.77
C HIS A 522 62.16 27.59 -33.32
N MET A 523 61.95 26.28 -33.26
CA MET A 523 62.97 25.33 -33.70
C MET A 523 63.24 25.40 -35.19
N THR A 524 62.31 25.92 -35.99
CA THR A 524 62.59 26.11 -37.41
C THR A 524 63.71 27.11 -37.62
N PHE A 525 63.72 28.20 -36.86
CA PHE A 525 64.79 29.19 -36.98
C PHE A 525 66.14 28.57 -36.65
N GLN A 526 66.19 27.77 -35.58
CA GLN A 526 67.44 27.13 -35.19
C GLN A 526 67.93 26.20 -36.29
N GLU A 527 67.02 25.39 -36.86
CA GLU A 527 67.40 24.53 -37.97
C GLU A 527 67.65 25.31 -39.25
N PHE A 528 67.03 26.48 -39.41
CA PHE A 528 67.31 27.31 -40.57
C PHE A 528 68.73 27.86 -40.51
N PHE A 529 69.10 28.44 -39.36
CA PHE A 529 70.45 28.96 -39.22
C PHE A 529 71.49 27.84 -39.20
N ALA A 530 71.10 26.67 -38.70
CA ALA A 530 72.00 25.52 -38.76
C ALA A 530 72.35 25.17 -40.20
N ALA A 531 71.42 25.37 -41.12
CA ALA A 531 71.72 25.13 -42.53
C ALA A 531 72.55 26.26 -43.11
N MET A 532 72.35 27.49 -42.65
CA MET A 532 73.09 28.62 -43.18
C MET A 532 74.59 28.49 -42.91
N TYR A 533 74.95 28.11 -41.68
CA TYR A 533 76.35 28.05 -41.31
C TYR A 533 77.12 27.07 -42.18
N TYR A 534 76.46 26.01 -42.64
CA TYR A 534 77.13 25.03 -43.50
C TYR A 534 77.60 25.68 -44.79
N LEU A 535 76.78 26.55 -45.37
CA LEU A 535 77.17 27.25 -46.59
C LEU A 535 78.14 28.39 -46.33
N LEU A 536 78.04 29.06 -45.19
CA LEU A 536 78.87 30.22 -44.91
C LEU A 536 80.30 29.85 -44.55
N GLU A 537 80.67 28.58 -44.69
CA GLU A 537 82.04 28.12 -44.47
C GLU A 537 82.53 28.48 -43.06
N GLU A 538 81.54 28.58 -42.17
CA GLU A 538 81.82 29.02 -40.78
C GLU A 538 82.52 30.38 -40.84
N GLU A 539 81.82 31.42 -41.31
CA GLU A 539 82.42 32.78 -41.42
C GLU A 539 83.62 32.71 -42.34
N LYS A 540 83.53 31.87 -43.37
CA LYS A 540 84.65 31.70 -44.33
C LYS A 540 85.80 31.00 -43.61
N GLU A 541 86.96 30.88 -44.26
CA GLU A 541 88.14 30.32 -43.56
C GLU A 541 89.06 31.48 -43.20
N GLY A 542 88.56 32.72 -43.26
CA GLY A 542 89.41 33.89 -43.01
C GLY A 542 88.88 34.85 -41.94
N ARG A 543 88.22 34.31 -40.90
CA ARG A 543 87.62 35.16 -39.84
C ARG A 543 87.82 34.53 -38.45
N THR A 544 87.04 33.50 -38.09
CA THR A 544 87.14 32.89 -36.72
C THR A 544 86.81 33.96 -35.66
N ASN A 545 87.75 34.31 -34.78
CA ASN A 545 87.52 35.32 -33.72
C ASN A 545 86.40 34.86 -32.78
N VAL A 546 86.44 33.61 -32.33
CA VAL A 546 85.38 33.03 -31.45
C VAL A 546 85.36 33.67 -30.05
N PRO A 547 84.19 33.86 -29.39
CA PRO A 547 84.12 34.35 -28.01
C PRO A 547 84.47 33.26 -27.00
N GLY A 548 85.71 32.75 -27.05
CA GLY A 548 86.22 31.72 -26.16
C GLY A 548 86.01 30.31 -26.64
N SER A 549 85.36 30.13 -27.78
CA SER A 549 85.03 28.81 -28.31
C SER A 549 86.16 28.17 -29.11
N ARG A 550 87.27 27.84 -28.45
CA ARG A 550 88.32 27.08 -29.12
C ARG A 550 87.88 25.65 -29.44
N LEU A 551 86.85 25.17 -28.76
CA LEU A 551 86.34 23.82 -28.94
C LEU A 551 84.84 23.89 -29.15
N LYS A 552 84.20 22.71 -29.13
CA LYS A 552 82.76 22.55 -29.26
C LYS A 552 82.25 23.03 -30.62
N LEU A 553 83.12 23.09 -31.63
CA LEU A 553 82.68 23.45 -32.96
C LEU A 553 82.16 22.21 -33.68
N PRO A 554 80.88 22.14 -34.02
CA PRO A 554 80.40 21.02 -34.82
C PRO A 554 81.07 21.00 -36.18
N SER A 555 81.25 19.79 -36.71
CA SER A 555 82.00 19.61 -37.94
C SER A 555 81.35 20.37 -39.09
N ARG A 556 82.18 21.11 -39.83
CA ARG A 556 81.70 21.84 -41.01
C ARG A 556 81.33 20.90 -42.15
N ASP A 557 81.71 19.62 -42.05
CA ASP A 557 81.30 18.64 -43.04
C ASP A 557 79.80 18.38 -42.96
N VAL A 558 79.20 18.11 -44.11
CA VAL A 558 77.77 17.83 -44.19
C VAL A 558 77.46 16.36 -44.37
N THR A 559 78.45 15.52 -44.71
CA THR A 559 78.19 14.10 -44.85
C THR A 559 77.73 13.50 -43.53
N VAL A 560 78.34 13.94 -42.42
CA VAL A 560 77.93 13.48 -41.10
C VAL A 560 76.48 13.85 -40.84
N LEU A 561 76.04 14.99 -41.36
CA LEU A 561 74.66 15.42 -41.18
C LEU A 561 73.69 14.38 -41.74
N LEU A 562 73.97 13.89 -42.95
CA LEU A 562 73.15 12.84 -43.53
C LEU A 562 73.38 11.49 -42.86
N GLU A 563 74.54 11.31 -42.22
CA GLU A 563 74.82 10.08 -41.49
C GLU A 563 74.10 10.03 -40.15
N ASN A 564 73.96 11.17 -39.46
CA ASN A 564 73.13 11.24 -38.27
C ASN A 564 71.68 11.58 -38.59
N TYR A 565 71.34 11.69 -39.87
CA TYR A 565 69.97 12.02 -40.27
C TYR A 565 68.99 10.94 -39.81
N GLY A 566 67.86 11.38 -39.28
CA GLY A 566 66.85 10.47 -38.79
C GLY A 566 67.01 10.01 -37.36
N LYS A 567 68.08 10.40 -36.69
CA LYS A 567 68.27 10.02 -35.29
C LYS A 567 67.52 10.98 -34.38
N PHE A 568 66.81 10.43 -33.41
CA PHE A 568 66.16 11.27 -32.41
C PHE A 568 67.19 12.04 -31.58
N GLU A 569 68.43 11.55 -31.53
CA GLU A 569 69.49 12.29 -30.88
C GLU A 569 69.72 13.64 -31.53
N LYS A 570 69.41 13.76 -32.83
CA LYS A 570 69.62 15.01 -33.56
C LYS A 570 68.32 15.56 -34.10
N GLY A 571 67.18 15.10 -33.60
CA GLY A 571 65.90 15.66 -34.00
C GLY A 571 65.49 15.36 -35.42
N TYR A 572 65.95 14.24 -35.97
CA TYR A 572 65.57 13.75 -37.29
C TYR A 572 66.09 14.64 -38.42
N LEU A 573 66.67 15.79 -38.08
CA LEU A 573 67.39 16.66 -39.00
C LEU A 573 66.61 16.94 -40.29
N ILE A 574 65.30 17.17 -40.20
CA ILE A 574 64.50 17.40 -41.40
C ILE A 574 64.89 18.73 -42.03
N PHE A 575 64.63 19.83 -41.33
CA PHE A 575 64.78 21.16 -41.91
C PHE A 575 66.22 21.47 -42.26
N VAL A 576 67.17 21.01 -41.43
CA VAL A 576 68.58 21.23 -41.74
C VAL A 576 68.89 20.75 -43.14
N VAL A 577 68.59 19.49 -43.43
CA VAL A 577 68.77 18.97 -44.78
C VAL A 577 67.84 19.69 -45.75
N ARG A 578 66.58 19.88 -45.35
CA ARG A 578 65.59 20.45 -46.26
C ARG A 578 65.97 21.87 -46.68
N PHE A 579 66.46 22.67 -45.73
CA PHE A 579 66.80 24.05 -46.04
C PHE A 579 68.05 24.15 -46.90
N LEU A 580 68.90 23.13 -46.88
CA LEU A 580 70.13 23.18 -47.67
C LEU A 580 69.82 23.31 -49.15
N PHE A 581 68.81 22.61 -49.64
CA PHE A 581 68.45 22.65 -51.04
C PHE A 581 68.04 24.05 -51.45
N GLY A 582 67.17 24.69 -50.67
CA GLY A 582 66.72 26.03 -51.01
C GLY A 582 67.83 27.05 -50.97
N LEU A 583 68.76 26.90 -50.02
CA LEU A 583 69.83 27.88 -49.85
C LEU A 583 70.80 27.91 -51.03
N VAL A 584 71.08 26.76 -51.64
CA VAL A 584 72.18 26.69 -52.61
C VAL A 584 71.78 27.22 -53.97
N ASN A 585 70.58 27.77 -54.11
CA ASN A 585 70.18 28.41 -55.35
C ASN A 585 71.20 29.50 -55.72
N GLN A 586 71.94 29.24 -56.79
CA GLN A 586 73.08 30.08 -57.16
C GLN A 586 72.63 31.48 -57.54
N GLU A 587 71.72 31.56 -58.52
CA GLU A 587 71.25 32.84 -59.02
C GLU A 587 70.53 33.64 -57.94
N ARG A 588 69.76 32.96 -57.09
CA ARG A 588 68.95 33.66 -56.09
C ARG A 588 69.82 34.33 -55.05
N THR A 589 70.78 33.59 -54.50
CA THR A 589 71.59 34.15 -53.41
C THR A 589 72.78 34.95 -53.93
N SER A 590 73.01 34.93 -55.25
CA SER A 590 74.15 35.64 -55.81
C SER A 590 74.06 37.14 -55.56
N TYR A 591 72.94 37.75 -55.93
CA TYR A 591 72.71 39.16 -55.66
C TYR A 591 71.86 39.39 -54.42
N LEU A 592 71.59 38.33 -53.64
CA LEU A 592 70.88 38.49 -52.38
C LEU A 592 71.85 38.66 -51.22
N GLU A 593 72.89 37.84 -51.17
CA GLU A 593 73.85 37.85 -50.07
C GLU A 593 75.21 38.41 -50.47
N LYS A 594 75.85 37.83 -51.50
CA LYS A 594 77.23 38.13 -51.86
C LYS A 594 78.17 37.84 -50.68
N LYS A 595 77.61 37.23 -49.63
CA LYS A 595 78.37 36.67 -48.53
C LYS A 595 78.22 35.16 -48.51
N LEU A 596 78.23 34.55 -49.68
CA LEU A 596 77.71 33.21 -49.91
C LEU A 596 78.81 32.17 -49.85
N SER A 597 78.49 30.95 -50.26
CA SER A 597 79.43 29.84 -50.28
C SER A 597 80.35 29.90 -51.50
N CYS A 598 81.05 28.80 -51.76
CA CYS A 598 82.01 28.71 -52.85
C CYS A 598 81.85 27.32 -53.47
N LYS A 599 82.87 26.89 -54.21
CA LYS A 599 82.89 25.54 -54.77
C LYS A 599 82.56 24.48 -53.72
N ILE A 600 82.69 24.82 -52.44
CA ILE A 600 82.29 23.95 -51.34
C ILE A 600 80.82 23.58 -51.51
N SER A 601 79.98 24.59 -51.81
CA SER A 601 78.58 24.29 -52.09
C SER A 601 78.44 23.42 -53.31
N GLN A 602 79.25 23.66 -54.34
CA GLN A 602 79.19 22.86 -55.55
C GLN A 602 79.56 21.41 -55.26
N GLN A 603 80.62 21.19 -54.48
CA GLN A 603 80.95 19.83 -54.06
C GLN A 603 79.96 19.29 -53.04
N ILE A 604 79.29 20.19 -52.30
CA ILE A 604 78.20 19.76 -51.42
C ILE A 604 77.06 19.18 -52.25
N ARG A 605 76.74 19.83 -53.37
CA ARG A 605 75.67 19.33 -54.24
C ARG A 605 75.95 17.91 -54.69
N LEU A 606 77.18 17.63 -55.12
CA LEU A 606 77.56 16.28 -55.47
C LEU A 606 77.44 15.35 -54.28
N GLU A 607 77.90 15.81 -53.11
CA GLU A 607 77.70 15.03 -51.89
C GLU A 607 76.22 14.84 -51.60
N LEU A 608 75.43 15.91 -51.72
CA LEU A 608 73.99 15.79 -51.51
C LEU A 608 73.33 14.98 -52.61
N LEU A 609 73.85 15.07 -53.84
CA LEU A 609 73.37 14.21 -54.91
C LEU A 609 73.57 12.74 -54.56
N LYS A 610 74.73 12.41 -54.00
CA LYS A 610 75.00 11.03 -53.63
C LYS A 610 74.07 10.57 -52.52
N TRP A 611 73.71 11.46 -51.60
CA TRP A 611 72.77 11.10 -50.54
C TRP A 611 71.43 10.68 -51.11
N ILE A 612 70.89 11.46 -52.05
CA ILE A 612 69.63 11.11 -52.68
C ILE A 612 69.79 9.83 -53.49
N GLU A 613 70.94 9.69 -54.16
CA GLU A 613 71.16 8.55 -55.03
C GLU A 613 71.12 7.25 -54.25
N VAL A 614 71.81 7.19 -53.11
CA VAL A 614 71.93 5.93 -52.38
C VAL A 614 70.60 5.53 -51.76
N LYS A 615 69.80 6.50 -51.33
CA LYS A 615 68.57 6.17 -50.60
C LYS A 615 67.61 5.34 -51.44
N ALA A 616 67.35 5.78 -52.67
CA ALA A 616 66.41 5.04 -53.53
C ALA A 616 66.98 3.67 -53.90
N LYS A 617 68.27 3.61 -54.20
CA LYS A 617 68.86 2.38 -54.73
C LYS A 617 69.03 1.31 -53.65
N ALA A 618 69.48 1.73 -52.45
CA ALA A 618 69.95 0.78 -51.45
C ALA A 618 68.84 0.23 -50.56
N LYS A 619 68.15 1.07 -49.79
CA LYS A 619 67.22 0.58 -48.79
C LYS A 619 65.96 1.43 -48.84
N LYS A 620 64.81 0.80 -49.11
CA LYS A 620 63.54 1.49 -49.04
C LYS A 620 62.94 1.42 -47.64
N LEU A 621 63.30 0.41 -46.85
CA LEU A 621 62.78 0.26 -45.49
C LEU A 621 63.68 1.04 -44.54
N GLN A 622 63.27 2.28 -44.26
CA GLN A 622 63.90 3.09 -43.23
C GLN A 622 62.81 3.82 -42.46
N ILE A 623 63.23 4.58 -41.45
CA ILE A 623 62.29 5.18 -40.50
C ILE A 623 61.26 6.02 -41.24
N GLN A 624 61.71 7.12 -41.87
CA GLN A 624 60.86 7.87 -42.80
C GLN A 624 61.64 8.84 -43.68
N PRO A 625 62.55 8.37 -44.53
CA PRO A 625 63.06 9.25 -45.59
C PRO A 625 62.14 9.20 -46.79
N SER A 626 60.94 9.78 -46.66
CA SER A 626 59.87 9.53 -47.61
C SER A 626 60.21 10.02 -49.00
N GLN A 627 59.63 9.35 -50.00
CA GLN A 627 59.84 9.75 -51.39
C GLN A 627 59.34 11.16 -51.64
N LEU A 628 58.19 11.51 -51.07
CA LEU A 628 57.72 12.88 -51.15
C LEU A 628 58.61 13.82 -50.35
N GLU A 629 59.17 13.33 -49.24
CA GLU A 629 60.08 14.15 -48.45
C GLU A 629 61.29 14.56 -49.28
N LEU A 630 61.85 13.63 -50.04
CA LEU A 630 62.87 13.98 -51.01
C LEU A 630 62.32 14.94 -52.05
N PHE A 631 61.10 14.69 -52.52
CA PHE A 631 60.47 15.57 -53.49
C PHE A 631 60.34 16.99 -52.95
N TYR A 632 60.14 17.13 -51.64
CA TYR A 632 60.23 18.46 -51.04
C TYR A 632 61.61 19.06 -51.25
N CYS A 633 62.66 18.25 -51.06
CA CYS A 633 64.02 18.74 -51.19
C CYS A 633 64.29 19.22 -52.61
N LEU A 634 64.02 18.36 -53.60
CA LEU A 634 64.24 18.75 -54.99
C LEU A 634 63.37 19.94 -55.37
N TYR A 635 62.20 20.08 -54.76
CA TYR A 635 61.35 21.23 -55.03
C TYR A 635 62.04 22.53 -54.60
N GLU A 636 62.70 22.52 -53.45
CA GLU A 636 63.44 23.70 -53.02
C GLU A 636 64.55 24.04 -54.00
N MET A 637 65.31 23.03 -54.43
CA MET A 637 66.39 23.22 -55.38
C MET A 637 65.80 23.34 -56.80
N GLN A 638 65.61 24.58 -57.22
CA GLN A 638 65.05 24.85 -58.54
C GLN A 638 66.06 24.54 -59.63
N GLU A 639 65.68 24.79 -60.88
CA GLU A 639 66.50 24.55 -62.06
C GLU A 639 66.57 23.05 -62.34
N GLU A 640 66.48 22.66 -63.61
CA GLU A 640 66.33 21.22 -63.98
C GLU A 640 67.41 20.18 -63.64
N ASP A 641 68.66 20.28 -64.11
CA ASP A 641 69.63 19.15 -64.09
C ASP A 641 69.92 18.40 -62.77
N PHE A 642 70.20 19.08 -61.67
CA PHE A 642 70.57 18.29 -60.46
C PHE A 642 69.34 17.51 -60.03
N VAL A 643 68.22 18.22 -60.04
CA VAL A 643 66.96 17.59 -59.59
C VAL A 643 66.67 16.44 -60.55
N GLN A 644 66.96 16.62 -61.84
CA GLN A 644 66.67 15.58 -62.86
C GLN A 644 67.49 14.33 -62.57
N ARG A 645 68.80 14.47 -62.37
CA ARG A 645 69.66 13.31 -62.02
C ARG A 645 69.08 12.60 -60.79
N ALA A 646 68.62 13.37 -59.79
CA ALA A 646 68.15 12.75 -58.53
C ALA A 646 66.82 12.03 -58.79
N MET A 647 65.90 12.63 -59.52
CA MET A 647 64.55 12.05 -59.78
C MET A 647 64.67 10.78 -60.63
N ASP A 648 65.73 10.73 -61.46
CA ASP A 648 65.95 9.53 -62.32
C ASP A 648 66.70 8.46 -61.53
N TYR A 649 66.63 8.52 -60.21
CA TYR A 649 67.24 7.44 -59.40
C TYR A 649 66.16 6.48 -58.88
N PHE A 650 64.91 6.63 -59.34
CA PHE A 650 63.82 5.79 -58.79
C PHE A 650 62.63 5.63 -59.73
N PRO A 651 62.29 4.45 -60.32
CA PRO A 651 61.01 4.31 -61.03
C PRO A 651 59.89 3.95 -60.07
N LYS A 652 60.28 3.58 -58.85
CA LYS A 652 59.33 3.17 -57.81
C LYS A 652 58.89 4.41 -57.03
N ILE A 653 57.82 5.04 -57.51
CA ILE A 653 57.26 6.21 -56.86
C ILE A 653 55.99 5.77 -56.14
N GLU A 654 56.05 5.69 -54.81
CA GLU A 654 54.91 5.38 -53.96
C GLU A 654 54.82 6.45 -52.89
N ILE A 655 53.86 7.35 -53.03
CA ILE A 655 53.75 8.52 -52.16
C ILE A 655 52.31 8.67 -51.70
N ASN A 656 52.13 9.45 -50.64
CA ASN A 656 50.82 9.79 -50.11
C ASN A 656 50.69 11.31 -50.04
N LEU A 657 49.46 11.80 -50.23
CA LEU A 657 49.20 13.23 -50.29
C LEU A 657 48.15 13.60 -49.26
N SER A 658 48.31 14.78 -48.66
CA SER A 658 47.39 15.27 -47.64
C SER A 658 46.85 16.66 -47.91
N THR A 659 47.63 17.55 -48.52
CA THR A 659 47.19 18.91 -48.75
C THR A 659 47.73 19.40 -50.09
N ARG A 660 47.12 20.46 -50.60
CA ARG A 660 47.51 21.08 -51.87
C ARG A 660 49.02 21.21 -52.00
N MET A 661 49.68 21.65 -50.92
CA MET A 661 51.14 21.75 -50.95
C MET A 661 51.78 20.42 -51.27
N ASP A 662 51.31 19.35 -50.63
CA ASP A 662 51.81 18.02 -50.94
C ASP A 662 51.51 17.64 -52.38
N HIS A 663 50.31 17.97 -52.85
CA HIS A 663 49.96 17.73 -54.25
C HIS A 663 50.81 18.61 -55.17
N MET A 664 51.07 19.85 -54.76
CA MET A 664 51.86 20.76 -55.61
C MET A 664 53.30 20.29 -55.75
N VAL A 665 53.94 19.97 -54.63
CA VAL A 665 55.34 19.54 -54.69
C VAL A 665 55.47 18.24 -55.48
N SER A 666 54.55 17.31 -55.26
CA SER A 666 54.55 16.08 -56.06
C SER A 666 54.33 16.39 -57.53
N SER A 667 53.39 17.31 -57.83
CA SER A 667 53.18 17.68 -59.22
C SER A 667 54.42 18.35 -59.81
N PHE A 668 55.03 19.26 -59.07
CA PHE A 668 56.17 19.99 -59.61
C PHE A 668 57.37 19.07 -59.81
N CYS A 669 57.66 18.21 -58.83
CA CYS A 669 58.86 17.39 -58.91
C CYS A 669 58.80 16.44 -60.10
N ILE A 670 57.63 15.84 -60.36
CA ILE A 670 57.49 14.93 -61.49
C ILE A 670 57.54 15.64 -62.83
N GLU A 671 57.38 16.96 -62.85
CA GLU A 671 57.51 17.72 -64.09
C GLU A 671 58.90 17.48 -64.66
N ASN A 672 59.87 17.26 -63.79
CA ASN A 672 61.22 16.94 -64.23
C ASN A 672 61.31 15.47 -64.62
N CYS A 673 62.38 15.14 -65.34
CA CYS A 673 62.63 13.78 -65.80
C CYS A 673 61.51 13.27 -66.69
N HIS A 674 61.57 11.99 -67.03
CA HIS A 674 60.60 11.36 -67.93
C HIS A 674 60.77 9.85 -67.83
N ARG A 675 60.07 9.10 -68.67
CA ARG A 675 60.24 7.65 -68.83
C ARG A 675 59.91 6.89 -67.54
N VAL A 676 59.49 7.61 -66.50
CA VAL A 676 59.20 7.03 -65.19
C VAL A 676 58.21 5.89 -65.33
N GLU A 677 58.52 4.76 -64.69
CA GLU A 677 57.72 3.55 -64.92
C GLU A 677 56.42 3.57 -64.12
N SER A 678 56.51 3.61 -62.79
CA SER A 678 55.36 3.31 -61.95
C SER A 678 55.09 4.48 -61.01
N LEU A 679 53.84 4.91 -60.94
CA LEU A 679 53.38 5.88 -59.96
C LEU A 679 52.38 5.23 -59.02
N SER A 680 52.51 5.52 -57.73
CA SER A 680 51.61 4.94 -56.75
C SER A 680 51.07 6.05 -55.84
N LEU A 681 49.80 5.92 -55.48
CA LEU A 681 49.11 6.91 -54.67
C LEU A 681 48.08 6.20 -53.80
N GLY A 682 47.33 6.99 -53.02
CA GLY A 682 46.21 6.45 -52.29
C GLY A 682 46.54 5.99 -50.88
N PHE A 683 45.59 5.25 -50.31
CA PHE A 683 45.73 4.75 -48.94
C PHE A 683 46.92 3.80 -48.81
N LEU A 684 46.90 2.70 -49.57
CA LEU A 684 47.97 1.72 -49.59
C LEU A 684 48.39 1.23 -48.21
N HIS A 685 49.70 1.23 -47.95
CA HIS A 685 50.33 0.69 -46.75
C HIS A 685 50.18 -0.83 -46.71
N ASN A 686 49.41 -1.37 -47.65
CA ASN A 686 49.20 -2.80 -47.83
C ASN A 686 48.58 -2.94 -49.22
N MET A 687 49.22 -3.72 -50.09
CA MET A 687 48.73 -3.81 -51.46
C MET A 687 48.51 -5.27 -51.88
N PRO A 688 47.59 -5.99 -51.25
CA PRO A 688 47.37 -7.40 -51.62
C PRO A 688 46.29 -7.54 -52.67
N LYS A 689 45.96 -8.79 -53.02
CA LYS A 689 44.82 -9.11 -53.87
C LYS A 689 45.00 -8.55 -55.28
N GLU A 690 46.24 -8.29 -55.68
CA GLU A 690 46.45 -7.78 -57.05
C GLU A 690 47.67 -8.41 -57.72
N GLU A 691 48.00 -9.67 -57.46
CA GLU A 691 49.22 -10.27 -57.99
C GLU A 691 49.04 -10.64 -59.46
N GLU A 692 49.89 -10.09 -60.31
CA GLU A 692 49.92 -10.44 -61.72
C GLU A 692 50.38 -11.89 -61.90
N GLU A 693 49.86 -12.54 -62.95
CA GLU A 693 50.28 -13.90 -63.26
C GLU A 693 51.05 -14.05 -64.56
N GLU A 694 50.82 -13.20 -65.57
CA GLU A 694 51.48 -13.30 -66.88
C GLU A 694 51.30 -14.72 -67.39
N GLU A 695 52.37 -15.41 -67.80
CA GLU A 695 52.27 -16.77 -68.31
C GLU A 695 53.39 -17.62 -67.72
N LYS A 696 53.12 -18.92 -67.58
CA LYS A 696 54.09 -19.89 -67.06
C LYS A 696 54.53 -19.53 -65.64
N GLU A 697 53.63 -18.91 -64.87
CA GLU A 697 53.96 -18.53 -63.51
C GLU A 697 53.72 -19.68 -62.55
N GLY A 698 54.44 -19.65 -61.43
CA GLY A 698 54.20 -20.58 -60.34
C GLY A 698 53.35 -19.95 -59.25
N ARG A 699 53.02 -18.67 -59.44
CA ARG A 699 52.19 -17.91 -58.52
C ARG A 699 51.05 -17.26 -59.29
N HIS A 700 49.86 -17.29 -58.71
CA HIS A 700 48.65 -16.77 -59.34
C HIS A 700 48.01 -15.72 -58.43
N LEU A 701 46.99 -15.06 -58.96
CA LEU A 701 46.19 -14.15 -58.15
C LEU A 701 45.31 -14.96 -57.21
N ASP A 702 45.30 -14.56 -55.94
CA ASP A 702 44.51 -15.23 -54.92
C ASP A 702 43.73 -14.19 -54.13
N MET A 703 42.65 -14.62 -53.49
CA MET A 703 41.81 -13.71 -52.74
C MET A 703 42.53 -13.23 -51.47
N VAL A 704 42.28 -11.99 -51.11
CA VAL A 704 42.74 -11.46 -49.82
C VAL A 704 41.55 -10.84 -49.08
N GLN A 705 40.91 -9.86 -49.71
CA GLN A 705 39.71 -9.19 -49.18
C GLN A 705 39.98 -8.45 -47.89
N CYS A 706 41.23 -8.49 -47.41
CA CYS A 706 41.63 -8.00 -46.08
C CYS A 706 40.70 -8.63 -45.05
N VAL A 707 40.44 -8.00 -43.92
CA VAL A 707 39.41 -8.47 -42.99
C VAL A 707 38.46 -7.33 -42.63
N LEU A 708 39.04 -6.22 -42.16
CA LEU A 708 38.33 -5.09 -41.58
C LEU A 708 37.48 -4.23 -42.53
N PRO A 709 37.79 -4.15 -43.84
CA PRO A 709 36.92 -3.31 -44.69
C PRO A 709 35.44 -3.67 -44.63
N SER A 710 35.12 -4.96 -44.61
CA SER A 710 33.77 -5.47 -44.42
C SER A 710 32.71 -4.64 -45.15
N SER A 711 31.66 -4.27 -44.42
CA SER A 711 30.63 -3.37 -44.95
C SER A 711 30.96 -1.91 -44.72
N SER A 712 32.03 -1.60 -43.99
CA SER A 712 32.42 -0.21 -43.78
C SER A 712 32.92 0.42 -45.08
N HIS A 713 33.57 -0.37 -45.93
CA HIS A 713 34.06 0.15 -47.20
C HIS A 713 32.90 0.62 -48.08
N ALA A 714 31.83 -0.17 -48.15
CA ALA A 714 30.67 0.24 -48.93
C ALA A 714 29.99 1.45 -48.32
N ALA A 715 29.94 1.53 -46.98
CA ALA A 715 29.31 2.67 -46.32
C ALA A 715 30.04 3.97 -46.62
N CYS A 716 31.38 3.92 -46.63
CA CYS A 716 32.15 5.13 -46.90
C CYS A 716 31.99 5.60 -48.34
N SER A 717 31.74 4.67 -49.27
CA SER A 717 31.67 5.02 -50.68
C SER A 717 30.45 5.86 -51.02
N HIS A 718 29.42 5.86 -50.18
CA HIS A 718 28.19 6.57 -50.47
C HIS A 718 28.12 7.93 -49.78
N GLY A 719 28.51 8.02 -48.52
CA GLY A 719 28.45 9.27 -47.78
C GLY A 719 29.81 9.86 -47.46
N LEU A 720 30.75 9.77 -48.42
CA LEU A 720 32.11 10.25 -48.22
C LEU A 720 32.16 11.76 -48.00
N VAL A 721 31.35 12.51 -48.76
CA VAL A 721 31.29 13.97 -48.70
C VAL A 721 32.65 14.55 -49.08
N ASN A 722 33.44 14.93 -48.08
CA ASN A 722 34.78 15.49 -48.28
C ASN A 722 34.75 16.69 -49.23
N SER A 723 34.12 17.77 -48.76
CA SER A 723 34.08 19.01 -49.53
C SER A 723 35.44 19.64 -49.70
N HIS A 724 36.42 19.28 -48.85
CA HIS A 724 37.78 19.78 -48.99
C HIS A 724 38.51 19.13 -50.16
N LEU A 725 37.94 18.09 -50.77
CA LEU A 725 38.49 17.48 -51.97
C LEU A 725 37.55 17.78 -53.13
N THR A 726 38.09 18.38 -54.19
CA THR A 726 37.29 18.93 -55.27
C THR A 726 37.94 18.54 -56.60
N SER A 727 37.49 19.19 -57.67
CA SER A 727 38.17 19.03 -58.96
C SER A 727 39.63 19.43 -58.85
N SER A 728 39.93 20.43 -58.02
CA SER A 728 41.30 20.76 -57.69
C SER A 728 41.94 19.61 -56.90
N PHE A 729 43.22 19.79 -56.59
CA PHE A 729 44.08 18.78 -55.96
C PHE A 729 44.36 17.65 -56.94
N CYS A 730 43.65 17.63 -58.07
CA CYS A 730 43.79 16.54 -59.02
C CYS A 730 44.12 17.06 -60.41
N ARG A 731 43.49 18.16 -60.81
CA ARG A 731 43.67 18.69 -62.15
C ARG A 731 45.13 18.99 -62.44
N GLY A 732 45.82 19.65 -61.51
CA GLY A 732 47.23 19.92 -61.68
C GLY A 732 48.08 18.67 -61.65
N LEU A 733 47.81 17.77 -60.70
CA LEU A 733 48.63 16.58 -60.56
C LEU A 733 48.52 15.68 -61.79
N PHE A 734 47.30 15.53 -62.31
CA PHE A 734 47.13 14.69 -63.49
C PHE A 734 47.55 15.42 -64.76
N SER A 735 47.64 16.75 -64.70
CA SER A 735 48.20 17.49 -65.83
C SER A 735 49.65 17.09 -66.09
N VAL A 736 50.36 16.70 -65.03
CA VAL A 736 51.67 16.08 -65.21
C VAL A 736 51.52 14.74 -65.92
N LEU A 737 50.52 13.95 -65.52
CA LEU A 737 50.31 12.65 -66.14
C LEU A 737 49.91 12.79 -67.60
N SER A 738 49.12 13.81 -67.94
CA SER A 738 48.83 14.07 -69.34
C SER A 738 50.10 14.34 -70.11
N THR A 739 51.11 14.91 -69.46
CA THR A 739 52.44 15.13 -70.02
C THR A 739 53.41 14.03 -69.60
N SER A 740 52.92 12.77 -69.56
CA SER A 740 53.69 11.68 -69.00
C SER A 740 55.04 11.50 -69.69
N GLN A 741 55.07 11.66 -71.02
CA GLN A 741 56.30 11.53 -71.78
C GLN A 741 56.95 10.17 -71.55
N SER A 742 56.28 9.11 -72.01
CA SER A 742 56.76 7.73 -72.01
C SER A 742 56.66 7.08 -70.63
N LEU A 743 55.72 7.51 -69.82
CA LEU A 743 55.36 6.73 -68.63
C LEU A 743 54.59 5.49 -69.04
N THR A 744 54.73 4.43 -68.27
CA THR A 744 54.14 3.15 -68.62
C THR A 744 53.06 2.65 -67.67
N GLU A 745 53.31 2.68 -66.36
CA GLU A 745 52.43 2.04 -65.40
C GLU A 745 51.93 3.06 -64.39
N LEU A 746 50.64 2.99 -64.08
CA LEU A 746 50.04 3.84 -63.06
C LEU A 746 49.15 3.01 -62.16
N ASP A 747 49.35 3.14 -60.85
CA ASP A 747 48.54 2.45 -59.86
C ASP A 747 47.73 3.46 -59.05
N LEU A 748 46.45 3.14 -58.87
CA LEU A 748 45.57 3.97 -58.06
C LEU A 748 44.80 3.17 -57.03
N SER A 749 45.35 2.07 -56.52
CA SER A 749 44.62 1.15 -55.67
C SER A 749 44.22 1.81 -54.36
N ASP A 750 43.08 1.35 -53.82
CA ASP A 750 42.60 1.75 -52.50
C ASP A 750 42.27 3.24 -52.43
N ASN A 751 42.40 3.94 -53.55
CA ASN A 751 42.21 5.39 -53.52
C ASN A 751 40.74 5.73 -53.33
N SER A 752 40.50 6.85 -52.67
CA SER A 752 39.14 7.33 -52.41
C SER A 752 38.67 8.20 -53.56
N LEU A 753 39.29 8.05 -54.72
CA LEU A 753 38.99 8.88 -55.88
C LEU A 753 37.61 8.51 -56.42
N GLY A 754 36.69 9.48 -56.43
CA GLY A 754 35.31 9.24 -56.92
C GLY A 754 35.15 9.46 -58.42
N ASP A 755 33.91 9.47 -58.91
CA ASP A 755 33.63 9.60 -60.37
C ASP A 755 34.06 10.94 -60.99
N PRO A 756 33.86 12.15 -60.39
CA PRO A 756 34.34 13.39 -61.02
C PRO A 756 35.85 13.32 -61.30
N GLY A 757 36.64 13.00 -60.28
CA GLY A 757 38.10 12.83 -60.43
C GLY A 757 38.37 11.81 -61.53
N MET A 758 37.54 10.77 -61.60
CA MET A 758 37.69 9.74 -62.65
C MET A 758 37.48 10.38 -64.03
N ARG A 759 36.51 11.28 -64.18
CA ARG A 759 36.30 12.00 -65.48
C ARG A 759 37.57 12.80 -65.81
N VAL A 760 38.13 13.46 -64.79
CA VAL A 760 39.34 14.28 -65.05
C VAL A 760 40.44 13.32 -65.53
N LEU A 761 40.58 12.17 -64.87
CA LEU A 761 41.64 11.20 -65.22
C LEU A 761 41.42 10.69 -66.65
N CYS A 762 40.17 10.45 -67.03
CA CYS A 762 39.83 9.97 -68.40
C CYS A 762 40.20 11.02 -69.45
N GLU A 763 39.91 12.31 -69.21
CA GLU A 763 40.35 13.33 -70.21
C GLU A 763 41.88 13.32 -70.27
N THR A 764 42.49 13.15 -69.09
CA THR A 764 43.96 13.16 -69.04
C THR A 764 44.46 12.02 -69.90
N LEU A 765 43.86 10.82 -69.82
CA LEU A 765 44.26 9.60 -70.59
C LEU A 765 43.99 9.80 -72.09
N GLN A 766 42.96 10.58 -72.37
CA GLN A 766 42.55 10.75 -73.77
C GLN A 766 43.72 11.39 -74.51
N HIS A 767 44.56 12.13 -73.80
CA HIS A 767 45.61 12.91 -74.51
C HIS A 767 46.52 11.97 -75.30
N PRO A 768 46.84 12.31 -76.56
CA PRO A 768 47.72 11.48 -77.35
C PRO A 768 49.03 11.25 -76.61
N GLY A 769 49.49 12.25 -75.82
CA GLY A 769 50.79 12.03 -75.23
C GLY A 769 50.80 11.30 -73.90
N CYS A 770 49.75 10.58 -73.56
CA CYS A 770 49.71 9.88 -72.27
C CYS A 770 50.65 8.69 -72.23
N ASN A 771 50.65 7.87 -73.28
CA ASN A 771 51.64 6.80 -73.46
C ASN A 771 51.57 5.73 -72.38
N ILE A 772 50.56 5.80 -71.51
CA ILE A 772 50.48 4.84 -70.40
C ILE A 772 50.15 3.46 -70.95
N ARG A 773 50.82 2.45 -70.41
CA ARG A 773 50.65 1.07 -70.85
C ARG A 773 49.67 0.29 -69.98
N ARG A 774 49.82 0.39 -68.65
CA ARG A 774 48.97 -0.32 -67.72
C ARG A 774 48.42 0.64 -66.68
N LEU A 775 47.20 0.40 -66.24
CA LEU A 775 46.50 1.29 -65.31
C LEU A 775 45.70 0.44 -64.33
N TRP A 776 45.97 0.61 -63.03
CA TRP A 776 45.29 -0.15 -61.99
C TRP A 776 44.44 0.80 -61.16
N LEU A 777 43.15 0.47 -61.03
CA LEU A 777 42.24 1.24 -60.19
C LEU A 777 41.43 0.35 -59.26
N GLY A 778 41.97 -0.80 -58.89
CA GLY A 778 41.24 -1.74 -58.07
C GLY A 778 40.90 -1.23 -56.69
N ARG A 779 39.92 -1.85 -56.06
CA ARG A 779 39.51 -1.63 -54.67
C ARG A 779 39.03 -0.22 -54.40
N CYS A 780 38.84 0.60 -55.43
CA CYS A 780 38.35 1.96 -55.24
C CYS A 780 36.82 1.94 -55.15
N GLY A 781 36.21 3.12 -55.08
CA GLY A 781 34.78 3.27 -54.95
C GLY A 781 34.04 3.66 -56.21
N LEU A 782 34.62 3.41 -57.38
CA LEU A 782 34.00 3.85 -58.62
C LEU A 782 32.67 3.15 -58.85
N SER A 783 31.90 3.78 -59.78
CA SER A 783 30.56 3.27 -60.21
C SER A 783 30.31 3.51 -61.72
N HIS A 784 29.07 3.37 -62.20
CA HIS A 784 28.74 3.40 -63.67
C HIS A 784 29.06 4.68 -64.48
N GLU A 785 28.91 5.83 -63.82
CA GLU A 785 29.16 7.11 -64.52
C GLU A 785 30.61 7.04 -64.95
N CYS A 786 31.45 6.52 -64.07
CA CYS A 786 32.88 6.40 -64.42
C CYS A 786 33.00 5.41 -65.55
N CYS A 787 32.19 4.35 -65.53
CA CYS A 787 32.36 3.30 -66.54
C CYS A 787 32.06 3.90 -67.91
N PHE A 788 31.25 4.96 -67.92
CA PHE A 788 31.05 5.66 -69.20
C PHE A 788 32.37 6.33 -69.50
N ASP A 789 32.97 6.94 -68.47
CA ASP A 789 34.20 7.71 -68.77
C ASP A 789 35.35 6.73 -69.07
N ILE A 790 35.44 5.62 -68.34
CA ILE A 790 36.51 4.57 -68.53
C ILE A 790 36.33 3.93 -69.91
N SER A 791 35.10 3.72 -70.37
CA SER A 791 34.87 3.19 -71.74
C SER A 791 35.43 4.18 -72.76
N LEU A 792 35.17 5.48 -72.55
CA LEU A 792 35.76 6.49 -73.49
C LEU A 792 37.29 6.39 -73.42
N VAL A 793 37.84 6.21 -72.21
CA VAL A 793 39.32 6.12 -72.05
C VAL A 793 39.87 4.91 -72.81
N LEU A 794 39.18 3.77 -72.74
CA LEU A 794 39.61 2.54 -73.42
C LEU A 794 39.59 2.80 -74.92
N SER A 795 38.54 3.49 -75.38
CA SER A 795 38.45 3.84 -76.83
C SER A 795 39.62 4.74 -77.24
N SER A 796 40.02 5.69 -76.40
CA SER A 796 41.07 6.67 -76.83
C SER A 796 42.54 6.24 -76.58
N ASN A 797 42.82 5.36 -75.60
CA ASN A 797 44.21 5.03 -75.23
C ASN A 797 44.76 3.92 -76.13
N GLN A 798 44.00 2.83 -76.37
CA GLN A 798 44.53 1.82 -77.33
C GLN A 798 45.84 1.20 -76.81
N LYS A 799 46.96 1.94 -76.67
CA LYS A 799 48.19 1.54 -76.01
C LYS A 799 47.99 1.00 -74.60
N LEU A 800 46.80 1.13 -74.00
CA LEU A 800 46.53 0.50 -72.72
C LEU A 800 46.40 -1.00 -72.93
N VAL A 801 47.17 -1.77 -72.17
CA VAL A 801 47.21 -3.22 -72.37
C VAL A 801 46.59 -4.00 -71.24
N GLU A 802 46.35 -3.38 -70.09
CA GLU A 802 45.88 -4.12 -68.93
C GLU A 802 45.12 -3.17 -68.01
N LEU A 803 43.96 -3.62 -67.51
CA LEU A 803 43.12 -2.81 -66.64
C LEU A 803 42.64 -3.67 -65.48
N ASP A 804 42.67 -3.10 -64.27
CA ASP A 804 42.21 -3.78 -63.07
C ASP A 804 41.12 -2.93 -62.42
N LEU A 805 39.88 -3.42 -62.49
CA LEU A 805 38.75 -2.77 -61.85
C LEU A 805 38.19 -3.61 -60.71
N SER A 806 38.96 -4.55 -60.18
CA SER A 806 38.48 -5.46 -59.15
C SER A 806 38.06 -4.71 -57.89
N ASP A 807 37.09 -5.27 -57.19
CA ASP A 807 36.65 -4.80 -55.88
C ASP A 807 36.02 -3.42 -55.95
N ASN A 808 35.76 -2.93 -57.17
CA ASN A 808 35.06 -1.67 -57.34
C ASN A 808 33.59 -1.93 -57.56
N ALA A 809 32.75 -1.47 -56.63
CA ALA A 809 31.32 -1.73 -56.71
C ALA A 809 30.68 -0.89 -57.82
N LEU A 810 30.58 -1.52 -59.00
CA LEU A 810 30.04 -0.81 -60.20
C LEU A 810 28.67 -1.34 -60.71
N GLY A 811 28.42 -2.66 -60.77
CA GLY A 811 27.22 -3.24 -61.38
C GLY A 811 27.29 -3.54 -62.86
N ASP A 812 26.15 -3.94 -63.44
CA ASP A 812 26.10 -4.37 -64.88
C ASP A 812 26.07 -3.25 -65.95
N PHE A 813 25.36 -2.14 -65.76
CA PHE A 813 25.23 -1.09 -66.80
C PHE A 813 26.67 -0.72 -67.14
N GLY A 814 27.46 -0.76 -66.08
CA GLY A 814 28.86 -0.40 -66.30
C GLY A 814 29.47 -1.36 -67.27
N ILE A 815 29.22 -2.65 -67.11
CA ILE A 815 29.75 -3.67 -68.03
C ILE A 815 29.28 -3.38 -69.46
N ARG A 816 28.01 -3.02 -69.65
CA ARG A 816 27.47 -2.69 -70.99
C ARG A 816 28.30 -1.57 -71.63
N LEU A 817 28.52 -0.47 -70.92
CA LEU A 817 29.26 0.69 -71.49
C LEU A 817 30.72 0.29 -71.71
N LEU A 818 31.28 -0.49 -70.79
CA LEU A 818 32.71 -0.87 -70.87
C LEU A 818 32.90 -1.74 -72.10
N CYS A 819 31.94 -2.58 -72.44
CA CYS A 819 31.95 -3.46 -73.64
C CYS A 819 31.97 -2.71 -74.97
N VAL A 820 31.16 -1.64 -75.08
CA VAL A 820 31.21 -0.82 -76.33
C VAL A 820 32.60 -0.20 -76.40
N GLY A 821 33.22 0.03 -75.24
CA GLY A 821 34.61 0.50 -75.23
C GLY A 821 35.50 -0.63 -75.69
N LEU A 822 35.39 -1.84 -75.15
CA LEU A 822 36.31 -2.97 -75.41
C LEU A 822 36.31 -3.25 -76.91
N LYS A 823 35.23 -2.91 -77.62
CA LYS A 823 35.17 -3.30 -79.06
C LYS A 823 35.50 -2.16 -80.04
N HIS A 824 36.13 -1.06 -79.59
CA HIS A 824 36.55 -0.01 -80.55
C HIS A 824 38.04 0.32 -80.37
N LEU A 825 38.84 0.25 -81.45
CA LEU A 825 40.31 0.49 -81.36
C LEU A 825 40.78 -0.09 -80.03
N LEU A 826 40.64 -1.41 -79.84
CA LEU A 826 40.87 -2.02 -78.55
C LEU A 826 41.18 -3.52 -78.60
N CYS A 827 41.69 -4.03 -79.71
CA CYS A 827 42.14 -5.42 -79.74
C CYS A 827 43.30 -5.64 -78.77
N ASN A 828 44.10 -4.59 -78.54
CA ASN A 828 45.34 -4.74 -77.79
C ASN A 828 45.11 -5.11 -76.33
N LEU A 829 43.94 -4.84 -75.78
CA LEU A 829 43.65 -5.17 -74.39
C LEU A 829 43.61 -6.68 -74.23
N LYS A 830 44.46 -7.23 -73.36
CA LYS A 830 44.56 -8.67 -73.19
C LYS A 830 44.00 -9.16 -71.86
N LYS A 831 44.10 -8.36 -70.81
CA LYS A 831 43.68 -8.77 -69.47
C LYS A 831 42.71 -7.76 -68.89
N LEU A 832 41.82 -8.23 -68.02
CA LEU A 832 40.85 -7.36 -67.37
C LEU A 832 40.45 -7.99 -66.03
N TRP A 833 40.63 -7.24 -64.96
CA TRP A 833 40.29 -7.71 -63.61
C TRP A 833 38.99 -7.04 -63.18
N LEU A 834 37.97 -7.85 -62.91
CA LEU A 834 36.65 -7.31 -62.59
C LEU A 834 35.97 -8.04 -61.43
N VAL A 835 36.74 -8.60 -60.50
CA VAL A 835 36.13 -9.38 -59.43
C VAL A 835 35.52 -8.44 -58.39
N SER A 836 34.52 -8.95 -57.67
CA SER A 836 33.86 -8.27 -56.56
C SER A 836 33.25 -6.93 -56.95
N CYS A 837 32.86 -6.77 -58.21
CA CYS A 837 32.26 -5.52 -58.66
C CYS A 837 30.75 -5.48 -58.50
N CYS A 838 30.20 -6.30 -57.59
CA CYS A 838 28.76 -6.46 -57.38
C CYS A 838 28.01 -6.50 -58.70
N LEU A 839 28.37 -7.50 -59.52
CA LEU A 839 27.84 -7.66 -60.85
C LEU A 839 26.73 -8.70 -60.86
N THR A 840 25.59 -8.44 -61.47
CA THR A 840 24.57 -9.54 -61.53
C THR A 840 24.77 -10.39 -62.78
N SER A 841 23.92 -11.40 -62.99
CA SER A 841 24.08 -12.33 -64.13
C SER A 841 23.93 -11.59 -65.46
N ALA A 842 22.99 -10.67 -65.51
CA ALA A 842 22.73 -9.87 -66.72
C ALA A 842 24.03 -9.52 -67.43
N CYS A 843 25.06 -9.08 -66.72
CA CYS A 843 26.24 -8.64 -67.46
C CYS A 843 26.80 -9.73 -68.37
N CYS A 844 26.44 -10.98 -68.13
CA CYS A 844 27.02 -12.07 -68.92
C CYS A 844 26.60 -11.97 -70.39
N GLN A 845 25.35 -11.56 -70.64
CA GLN A 845 24.93 -11.28 -72.01
C GLN A 845 25.86 -10.27 -72.66
N ASP A 846 26.34 -9.30 -71.89
CA ASP A 846 27.24 -8.28 -72.39
C ASP A 846 28.66 -8.84 -72.61
N LEU A 847 29.18 -9.59 -71.64
CA LEU A 847 30.54 -10.10 -71.75
C LEU A 847 30.68 -11.08 -72.90
N ALA A 848 29.58 -11.72 -73.28
CA ALA A 848 29.63 -12.68 -74.38
C ALA A 848 29.88 -11.99 -75.71
N SER A 849 29.14 -10.92 -75.99
CA SER A 849 29.22 -10.28 -77.30
C SER A 849 30.60 -9.71 -77.57
N VAL A 850 31.20 -9.06 -76.57
CA VAL A 850 32.55 -8.51 -76.75
C VAL A 850 33.53 -9.63 -76.98
N LEU A 851 33.48 -10.68 -76.16
CA LEU A 851 34.33 -11.83 -76.37
C LEU A 851 33.99 -12.53 -77.68
N SER A 852 32.73 -12.45 -78.10
CA SER A 852 32.37 -12.98 -79.41
C SER A 852 33.05 -12.23 -80.53
N THR A 853 33.58 -11.04 -80.25
CA THR A 853 34.26 -10.23 -81.26
C THR A 853 35.68 -9.82 -80.87
N SER A 854 36.10 -10.05 -79.63
CA SER A 854 37.40 -9.62 -79.16
C SER A 854 38.52 -10.33 -79.89
N HIS A 855 39.53 -9.57 -80.30
CA HIS A 855 40.66 -10.13 -81.02
C HIS A 855 41.69 -10.73 -80.07
N SER A 856 42.28 -9.89 -79.21
CA SER A 856 43.40 -10.30 -78.38
C SER A 856 43.14 -10.12 -76.90
N LEU A 857 41.97 -10.53 -76.41
CA LEU A 857 41.72 -10.58 -74.98
C LEU A 857 42.26 -11.90 -74.43
N THR A 858 43.38 -11.85 -73.70
CA THR A 858 44.09 -13.04 -73.28
C THR A 858 43.58 -13.63 -71.97
N ARG A 859 43.33 -12.81 -70.96
CA ARG A 859 42.95 -13.29 -69.64
C ARG A 859 41.71 -12.54 -69.18
N LEU A 860 40.85 -13.22 -68.44
CA LEU A 860 39.64 -12.61 -67.89
C LEU A 860 39.47 -13.02 -66.44
N TYR A 861 39.21 -12.04 -65.57
CA TYR A 861 38.99 -12.27 -64.16
C TYR A 861 37.64 -11.66 -63.78
N VAL A 862 36.63 -12.51 -63.61
CA VAL A 862 35.29 -12.03 -63.32
C VAL A 862 34.70 -12.79 -62.15
N GLY A 863 35.55 -13.47 -61.38
CA GLY A 863 35.07 -14.28 -60.28
C GLY A 863 34.49 -13.46 -59.15
N GLU A 864 33.88 -14.15 -58.17
CA GLU A 864 33.40 -13.55 -56.93
C GLU A 864 32.21 -12.61 -57.15
N ASN A 865 31.77 -12.45 -58.40
CA ASN A 865 30.59 -11.64 -58.65
C ASN A 865 29.35 -12.53 -58.71
N ALA A 866 28.19 -11.89 -58.67
CA ALA A 866 26.92 -12.61 -58.66
C ALA A 866 26.47 -12.97 -60.07
N LEU A 867 27.17 -13.93 -60.69
CA LEU A 867 26.75 -14.40 -62.00
C LEU A 867 25.86 -15.64 -61.89
N GLY A 868 26.27 -16.61 -61.08
CA GLY A 868 25.50 -17.82 -60.92
C GLY A 868 25.61 -18.75 -62.12
N ASP A 869 25.04 -19.95 -61.99
CA ASP A 869 25.01 -20.87 -63.11
C ASP A 869 24.19 -20.30 -64.26
N SER A 870 23.13 -19.53 -63.95
CA SER A 870 22.35 -18.89 -64.99
C SER A 870 23.20 -17.91 -65.79
N GLY A 871 24.04 -17.15 -65.10
CA GLY A 871 24.92 -16.20 -65.76
C GLY A 871 25.94 -16.87 -66.66
N VAL A 872 26.61 -17.91 -66.15
CA VAL A 872 27.65 -18.57 -66.93
C VAL A 872 27.04 -19.30 -68.13
N ALA A 873 25.74 -19.59 -68.09
CA ALA A 873 25.08 -20.22 -69.22
C ALA A 873 25.28 -19.41 -70.50
N ILE A 874 25.35 -18.09 -70.36
CA ILE A 874 25.76 -17.26 -71.49
C ILE A 874 27.27 -17.30 -71.65
N LEU A 875 28.00 -17.29 -70.53
CA LEU A 875 29.46 -17.23 -70.58
C LEU A 875 30.07 -18.44 -71.28
N CYS A 876 29.33 -19.53 -71.38
CA CYS A 876 29.81 -20.69 -72.12
C CYS A 876 29.48 -20.62 -73.60
N GLU A 877 28.40 -19.92 -73.97
CA GLU A 877 28.00 -19.86 -75.37
C GLU A 877 29.06 -19.17 -76.22
N LYS A 878 29.66 -18.11 -75.68
CA LYS A 878 30.63 -17.33 -76.45
C LYS A 878 31.90 -18.10 -76.73
N ALA A 879 32.23 -19.08 -75.90
CA ALA A 879 33.54 -19.72 -75.95
C ALA A 879 33.66 -20.80 -77.01
N LYS A 880 32.62 -21.03 -77.81
CA LYS A 880 32.65 -22.09 -78.80
C LYS A 880 33.43 -21.73 -80.07
N ASN A 881 33.66 -20.45 -80.31
CA ASN A 881 34.23 -20.05 -81.60
C ASN A 881 35.76 -20.10 -81.56
N PRO A 882 36.40 -20.36 -82.71
CA PRO A 882 37.86 -20.32 -82.76
C PRO A 882 38.45 -18.94 -82.52
N GLN A 883 37.67 -17.87 -82.70
CA GLN A 883 38.19 -16.53 -82.48
C GLN A 883 38.48 -16.24 -81.01
N CYS A 884 38.03 -17.10 -80.09
CA CYS A 884 38.20 -16.87 -78.66
C CYS A 884 39.68 -17.06 -78.29
N ASN A 885 40.39 -15.93 -78.28
CA ASN A 885 41.82 -15.94 -77.97
C ASN A 885 42.07 -15.79 -76.47
N LEU A 886 41.06 -16.09 -75.66
CA LEU A 886 41.25 -16.09 -74.21
C LEU A 886 42.08 -17.30 -73.81
N GLN A 887 42.88 -17.12 -72.75
CA GLN A 887 43.73 -18.19 -72.25
C GLN A 887 43.42 -18.56 -70.81
N LYS A 888 43.31 -17.58 -69.92
CA LYS A 888 42.98 -17.81 -68.53
C LYS A 888 41.52 -17.47 -68.28
N LEU A 889 41.00 -17.93 -67.14
CA LEU A 889 39.62 -17.64 -66.75
C LEU A 889 39.53 -17.65 -65.23
N GLY A 890 39.18 -16.51 -64.65
CA GLY A 890 39.03 -16.41 -63.22
C GLY A 890 37.58 -16.45 -62.79
N LEU A 891 37.16 -17.60 -62.22
CA LEU A 891 35.78 -17.80 -61.79
C LEU A 891 35.69 -18.22 -60.33
N VAL A 892 36.69 -17.90 -59.52
CA VAL A 892 36.74 -18.35 -58.14
C VAL A 892 35.63 -17.69 -57.33
N ASN A 893 35.01 -18.46 -56.44
CA ASN A 893 34.01 -17.96 -55.49
C ASN A 893 32.84 -17.28 -56.18
N SER A 894 32.48 -17.73 -57.37
CA SER A 894 31.40 -17.11 -58.13
C SER A 894 30.02 -17.61 -57.74
N GLY A 895 29.93 -18.64 -56.90
CA GLY A 895 28.65 -19.20 -56.52
C GLY A 895 28.09 -20.22 -57.49
N LEU A 896 28.87 -20.66 -58.48
CA LEU A 896 28.38 -21.61 -59.45
C LEU A 896 28.19 -22.98 -58.81
N THR A 897 27.40 -23.82 -59.46
CA THR A 897 27.12 -25.16 -58.96
C THR A 897 27.37 -26.18 -60.07
N SER A 898 27.05 -27.44 -59.77
CA SER A 898 27.35 -28.54 -60.67
C SER A 898 26.59 -28.43 -61.99
N VAL A 899 25.43 -27.77 -61.99
CA VAL A 899 24.60 -27.73 -63.19
C VAL A 899 25.31 -27.02 -64.33
N CYS A 900 26.22 -26.10 -64.01
CA CYS A 900 26.94 -25.36 -65.03
C CYS A 900 28.11 -26.12 -65.63
N CYS A 901 28.52 -27.23 -65.01
CA CYS A 901 29.66 -27.97 -65.51
C CYS A 901 29.37 -28.62 -66.87
N SER A 902 28.13 -29.07 -67.08
CA SER A 902 27.77 -29.70 -68.34
C SER A 902 28.03 -28.76 -69.52
N ALA A 903 27.94 -27.46 -69.28
CA ALA A 903 28.19 -26.49 -70.33
C ALA A 903 29.68 -26.28 -70.56
N LEU A 904 30.39 -25.86 -69.52
CA LEU A 904 31.81 -25.54 -69.68
C LEU A 904 32.62 -26.76 -70.07
N SER A 905 32.10 -27.96 -69.80
CA SER A 905 32.77 -29.17 -70.27
C SER A 905 32.91 -29.16 -71.78
N SER A 906 31.81 -28.88 -72.49
CA SER A 906 31.86 -28.73 -73.93
C SER A 906 32.71 -27.54 -74.34
N VAL A 907 32.78 -26.51 -73.49
CA VAL A 907 33.56 -25.31 -73.81
C VAL A 907 35.03 -25.67 -73.96
N LEU A 908 35.57 -26.43 -73.01
CA LEU A 908 37.01 -26.72 -73.03
C LEU A 908 37.42 -27.48 -74.28
N SER A 909 36.63 -28.46 -74.70
CA SER A 909 36.96 -29.21 -75.90
C SER A 909 36.86 -28.33 -77.14
N THR A 910 35.85 -27.46 -77.21
CA THR A 910 35.61 -26.65 -78.39
C THR A 910 36.45 -25.38 -78.44
N ASN A 911 37.22 -25.09 -77.39
CA ASN A 911 38.09 -23.91 -77.37
C ASN A 911 39.53 -24.33 -77.57
N GLN A 912 40.21 -23.66 -78.49
CA GLN A 912 41.60 -23.96 -78.84
C GLN A 912 42.59 -23.04 -78.15
N ASN A 913 42.14 -22.16 -77.28
CA ASN A 913 43.05 -21.19 -76.68
C ASN A 913 43.01 -21.18 -75.16
N LEU A 914 41.85 -21.43 -74.55
CA LEU A 914 41.77 -21.45 -73.10
C LEU A 914 42.70 -22.51 -72.54
N THR A 915 43.46 -22.14 -71.51
CA THR A 915 44.47 -23.04 -70.96
C THR A 915 44.42 -23.07 -69.44
N HIS A 916 43.81 -22.05 -68.84
CA HIS A 916 43.71 -21.93 -67.38
C HIS A 916 42.26 -21.73 -66.98
N LEU A 917 41.90 -22.30 -65.82
CA LEU A 917 40.60 -22.06 -65.21
C LEU A 917 40.77 -22.10 -63.70
N TYR A 918 40.25 -21.09 -63.01
CA TYR A 918 40.37 -20.99 -61.57
C TYR A 918 38.97 -21.02 -60.95
N LEU A 919 38.78 -21.94 -60.00
CA LEU A 919 37.45 -22.18 -59.43
C LEU A 919 37.45 -22.38 -57.92
N ARG A 920 38.46 -21.89 -57.21
CA ARG A 920 38.55 -22.17 -55.78
C ARG A 920 37.37 -21.57 -55.03
N GLY A 921 36.91 -22.29 -54.01
CA GLY A 921 35.82 -21.84 -53.17
C GLY A 921 34.43 -22.02 -53.74
N ASN A 922 34.31 -22.46 -54.99
CA ASN A 922 33.01 -22.62 -55.62
C ASN A 922 32.58 -24.08 -55.54
N THR A 923 31.38 -24.31 -55.00
CA THR A 923 30.91 -25.68 -54.79
C THR A 923 30.45 -26.29 -56.11
N LEU A 924 31.04 -27.44 -56.45
CA LEU A 924 30.58 -28.20 -57.61
C LEU A 924 30.11 -29.58 -57.20
N GLY A 925 30.91 -30.27 -56.39
CA GLY A 925 30.60 -31.64 -56.05
C GLY A 925 31.06 -32.60 -57.12
N ASP A 926 31.18 -33.88 -56.76
CA ASP A 926 31.76 -34.85 -57.67
C ASP A 926 30.95 -35.00 -58.95
N LYS A 927 29.64 -34.75 -58.88
CA LYS A 927 28.82 -34.82 -60.09
C LYS A 927 29.32 -33.85 -61.15
N GLY A 928 29.59 -32.60 -60.76
CA GLY A 928 30.15 -31.65 -61.71
C GLY A 928 31.55 -32.02 -62.13
N ILE A 929 32.39 -32.41 -61.16
CA ILE A 929 33.77 -32.75 -61.48
C ILE A 929 33.83 -33.96 -62.39
N LYS A 930 32.84 -34.86 -62.29
CA LYS A 930 32.76 -35.99 -63.19
C LYS A 930 32.75 -35.53 -64.64
N LEU A 931 31.96 -34.49 -64.94
CA LEU A 931 31.93 -33.96 -66.29
C LEU A 931 33.22 -33.25 -66.64
N LEU A 932 33.95 -32.73 -65.64
CA LEU A 932 35.19 -32.04 -65.93
C LEU A 932 36.20 -32.97 -66.58
N CYS A 933 36.31 -34.20 -66.09
CA CYS A 933 37.18 -35.18 -66.72
C CYS A 933 36.78 -35.40 -68.17
N GLU A 934 35.48 -35.56 -68.41
CA GLU A 934 34.98 -35.63 -69.77
C GLU A 934 35.25 -34.33 -70.51
N GLY A 935 35.19 -33.20 -69.80
CA GLY A 935 35.50 -31.90 -70.38
C GLY A 935 36.93 -31.74 -70.83
N LEU A 936 37.85 -32.56 -70.30
CA LEU A 936 39.20 -32.62 -70.82
C LEU A 936 39.49 -33.97 -71.47
N LEU A 937 38.49 -34.83 -71.63
CA LEU A 937 38.71 -36.12 -72.26
C LEU A 937 39.12 -35.98 -73.72
N HIS A 938 38.63 -34.96 -74.40
CA HIS A 938 38.93 -34.81 -75.82
C HIS A 938 40.40 -34.47 -76.01
N PRO A 939 41.08 -35.09 -76.98
CA PRO A 939 42.51 -34.80 -77.18
C PRO A 939 42.78 -33.35 -77.53
N ASP A 940 41.85 -32.67 -78.19
CA ASP A 940 42.08 -31.29 -78.61
C ASP A 940 41.98 -30.29 -77.47
N CYS A 941 41.96 -30.74 -76.22
CA CYS A 941 41.93 -29.81 -75.09
C CYS A 941 43.32 -29.25 -74.83
N LYS A 942 43.39 -27.95 -74.54
CA LYS A 942 44.65 -27.28 -74.26
C LYS A 942 44.73 -26.75 -72.83
N LEU A 943 44.08 -27.41 -71.88
CA LEU A 943 44.10 -26.94 -70.49
C LEU A 943 45.47 -27.21 -69.88
N GLN A 944 46.06 -26.20 -69.24
CA GLN A 944 47.32 -26.38 -68.54
C GLN A 944 47.22 -26.17 -67.04
N VAL A 945 46.29 -25.33 -66.58
CA VAL A 945 46.16 -25.03 -65.16
C VAL A 945 44.68 -25.09 -64.78
N LEU A 946 44.41 -25.72 -63.64
CA LEU A 946 43.06 -25.79 -63.11
C LEU A 946 43.11 -25.66 -61.59
N GLU A 947 42.20 -24.86 -61.05
CA GLU A 947 42.06 -24.69 -59.62
C GLU A 947 40.75 -25.29 -59.14
N LEU A 948 40.85 -26.19 -58.17
CA LEU A 948 39.66 -26.84 -57.63
C LEU A 948 39.69 -26.91 -56.11
N ASP A 949 40.51 -26.09 -55.45
CA ASP A 949 40.55 -26.07 -54.00
C ASP A 949 39.22 -25.57 -53.45
N ASN A 950 38.81 -26.12 -52.30
CA ASN A 950 37.58 -25.72 -51.62
C ASN A 950 36.35 -25.87 -52.51
N CYS A 951 36.36 -26.86 -53.38
CA CYS A 951 35.28 -27.06 -54.35
C CYS A 951 34.17 -27.97 -53.84
N ASN A 952 34.24 -28.39 -52.58
CA ASN A 952 33.33 -29.40 -52.02
C ASN A 952 33.43 -30.69 -52.83
N LEU A 953 34.62 -31.28 -52.83
CA LEU A 953 34.92 -32.48 -53.60
C LEU A 953 35.21 -33.64 -52.66
N THR A 954 34.85 -34.84 -53.09
CA THR A 954 35.01 -36.04 -52.28
C THR A 954 35.97 -37.00 -52.97
N SER A 955 36.34 -38.04 -52.23
CA SER A 955 37.27 -39.05 -52.71
C SER A 955 36.76 -39.78 -53.95
N HIS A 956 35.44 -39.81 -54.12
CA HIS A 956 34.84 -40.60 -55.19
C HIS A 956 35.35 -40.18 -56.55
N CYS A 957 35.38 -38.87 -56.81
CA CYS A 957 35.78 -38.39 -58.13
C CYS A 957 37.29 -38.40 -58.32
N CYS A 958 38.05 -38.63 -57.25
CA CYS A 958 39.50 -38.59 -57.37
C CYS A 958 40.02 -39.64 -58.34
N TRP A 959 39.43 -40.84 -58.30
CA TRP A 959 39.81 -41.88 -59.24
C TRP A 959 39.55 -41.42 -60.67
N ASP A 960 38.42 -40.76 -60.89
CA ASP A 960 38.04 -40.33 -62.23
C ASP A 960 39.03 -39.29 -62.76
N LEU A 961 39.29 -38.25 -61.96
CA LEU A 961 40.23 -37.22 -62.40
C LEU A 961 41.63 -37.77 -62.57
N SER A 962 42.03 -38.70 -61.69
CA SER A 962 43.35 -39.31 -61.81
C SER A 962 43.51 -40.02 -63.14
N THR A 963 42.46 -40.72 -63.57
CA THR A 963 42.51 -41.42 -64.86
C THR A 963 42.79 -40.45 -65.99
N LEU A 964 42.15 -39.29 -65.96
CA LEU A 964 42.44 -38.25 -66.95
C LEU A 964 43.88 -37.76 -66.84
N LEU A 965 44.35 -37.56 -65.61
CA LEU A 965 45.69 -37.00 -65.41
C LEU A 965 46.75 -37.85 -66.10
N THR A 966 46.68 -39.17 -65.94
CA THR A 966 47.58 -40.05 -66.65
C THR A 966 47.35 -39.96 -68.16
N SER A 967 46.09 -39.88 -68.58
CA SER A 967 45.75 -39.88 -70.00
C SER A 967 45.79 -38.50 -70.62
N SER A 968 46.09 -37.45 -69.86
CA SER A 968 46.15 -36.09 -70.38
C SER A 968 47.58 -35.59 -70.30
N GLN A 969 48.06 -35.02 -71.41
CA GLN A 969 49.42 -34.48 -71.46
C GLN A 969 49.43 -32.96 -71.42
N SER A 970 48.29 -32.32 -71.73
CA SER A 970 48.26 -30.87 -71.81
C SER A 970 48.33 -30.22 -70.44
N LEU A 971 47.80 -30.87 -69.41
CA LEU A 971 47.73 -30.27 -68.08
C LEU A 971 49.12 -30.22 -67.45
N ARG A 972 49.36 -29.17 -66.66
CA ARG A 972 50.65 -28.98 -66.00
C ARG A 972 50.52 -28.98 -64.48
N LYS A 973 49.53 -28.27 -63.94
CA LYS A 973 49.39 -28.09 -62.51
C LYS A 973 47.93 -28.17 -62.13
N LEU A 974 47.67 -28.68 -60.92
CA LEU A 974 46.32 -28.80 -60.40
C LEU A 974 46.32 -28.56 -58.90
N SER A 975 45.22 -27.99 -58.40
CA SER A 975 45.04 -27.75 -56.98
C SER A 975 43.70 -28.31 -56.54
N LEU A 976 43.69 -29.00 -55.41
CA LEU A 976 42.50 -29.70 -54.98
C LEU A 976 42.23 -29.64 -53.48
N GLY A 977 42.84 -28.71 -52.74
CA GLY A 977 42.74 -28.71 -51.30
C GLY A 977 41.36 -28.42 -50.74
N ASN A 978 41.20 -28.53 -49.43
CA ASN A 978 39.94 -28.26 -48.73
C ASN A 978 38.80 -29.10 -49.31
N ASN A 979 39.07 -30.37 -49.57
CA ASN A 979 38.07 -31.28 -50.11
C ASN A 979 38.26 -32.66 -49.50
N ASP A 980 37.22 -33.47 -49.62
CA ASP A 980 37.21 -34.82 -49.06
C ASP A 980 38.07 -35.79 -49.84
N LEU A 981 39.37 -35.52 -49.93
CA LEU A 981 40.27 -36.39 -50.68
C LEU A 981 40.36 -37.78 -50.05
N GLY A 982 40.46 -37.83 -48.72
CA GLY A 982 40.52 -39.10 -48.02
C GLY A 982 41.84 -39.83 -48.18
N ASP A 983 42.10 -40.78 -47.29
CA ASP A 983 43.33 -41.54 -47.37
C ASP A 983 43.39 -42.38 -48.64
N LEU A 984 42.27 -43.01 -49.00
CA LEU A 984 42.24 -43.82 -50.22
C LEU A 984 42.45 -42.96 -51.46
N GLY A 985 41.83 -41.78 -51.51
CA GLY A 985 41.98 -40.90 -52.64
C GLY A 985 43.38 -40.39 -52.84
N VAL A 986 44.01 -39.91 -51.77
CA VAL A 986 45.38 -39.42 -51.87
C VAL A 986 46.32 -40.56 -52.19
N MET A 987 45.92 -41.79 -51.87
CA MET A 987 46.76 -42.95 -52.18
C MET A 987 46.95 -43.12 -53.68
N MET A 988 45.90 -42.86 -54.46
CA MET A 988 45.98 -43.09 -55.90
C MET A 988 47.06 -42.24 -56.54
N PHE A 989 47.42 -41.11 -55.92
CA PHE A 989 48.53 -40.33 -56.43
C PHE A 989 49.82 -41.12 -56.45
N CYS A 990 49.96 -42.11 -55.57
CA CYS A 990 51.08 -43.04 -55.68
C CYS A 990 50.94 -43.88 -56.93
N GLU A 991 49.75 -44.41 -57.18
CA GLU A 991 49.52 -45.16 -58.42
C GLU A 991 49.76 -44.27 -59.64
N VAL A 992 49.43 -42.98 -59.50
CA VAL A 992 49.78 -42.02 -60.56
C VAL A 992 51.27 -42.06 -60.82
N LEU A 993 52.07 -42.04 -59.75
CA LEU A 993 53.52 -42.16 -59.90
C LEU A 993 53.89 -43.53 -60.48
N LYS A 994 53.22 -44.59 -60.01
CA LYS A 994 53.51 -45.92 -60.51
C LYS A 994 53.13 -46.05 -61.99
N GLN A 995 52.25 -45.18 -62.48
CA GLN A 995 51.97 -45.08 -63.92
C GLN A 995 52.90 -44.02 -64.50
N GLN A 996 53.92 -44.49 -65.21
CA GLN A 996 55.00 -43.63 -65.70
C GLN A 996 54.51 -42.51 -66.62
N SER A 997 53.23 -42.58 -67.03
CA SER A 997 52.64 -41.51 -67.82
C SER A 997 52.40 -40.24 -67.00
N CYS A 998 52.84 -40.20 -65.74
CA CYS A 998 52.61 -39.06 -64.87
C CYS A 998 53.61 -37.94 -65.13
N LEU A 999 53.68 -37.46 -66.37
CA LEU A 999 54.57 -36.33 -66.67
C LEU A 999 53.86 -35.02 -66.37
N LEU A 1000 53.33 -34.90 -65.15
CA LEU A 1000 52.75 -33.63 -64.71
C LEU A 1000 53.85 -32.73 -64.18
N GLN A 1001 53.55 -31.43 -64.09
CA GLN A 1001 54.53 -30.44 -63.67
C GLN A 1001 54.37 -29.98 -62.24
N ASN A 1002 53.15 -30.00 -61.69
CA ASN A 1002 52.94 -29.59 -60.31
C ASN A 1002 51.61 -30.13 -59.81
N LEU A 1003 51.49 -30.24 -58.49
CA LEU A 1003 50.25 -30.62 -57.85
C LEU A 1003 50.21 -30.01 -56.45
N GLY A 1004 49.10 -29.37 -56.11
CA GLY A 1004 48.99 -28.70 -54.82
C GLY A 1004 47.78 -29.10 -54.00
N LEU A 1005 48.03 -29.72 -52.85
CA LEU A 1005 46.99 -30.10 -51.91
C LEU A 1005 47.33 -29.53 -50.55
N SER A 1006 46.31 -29.16 -49.78
CA SER A 1006 46.56 -28.45 -48.53
C SER A 1006 45.30 -28.43 -47.67
N GLU A 1007 45.47 -27.98 -46.43
CA GLU A 1007 44.44 -27.56 -45.49
C GLU A 1007 43.57 -28.68 -44.94
N MET A 1008 44.02 -29.93 -45.01
CA MET A 1008 43.30 -31.05 -44.45
C MET A 1008 44.23 -31.83 -43.51
N TYR A 1009 43.75 -32.12 -42.31
CA TYR A 1009 44.54 -32.86 -41.34
C TYR A 1009 44.41 -34.35 -41.56
N PHE A 1010 45.55 -35.05 -41.55
CA PHE A 1010 45.59 -36.49 -41.64
C PHE A 1010 46.67 -37.01 -40.70
N ASN A 1011 46.74 -38.33 -40.58
CA ASN A 1011 47.76 -38.95 -39.76
C ASN A 1011 49.01 -39.25 -40.60
N TYR A 1012 49.86 -40.13 -40.05
CA TYR A 1012 51.21 -40.33 -40.59
C TYR A 1012 51.19 -40.90 -42.01
N GLU A 1013 50.28 -41.83 -42.29
CA GLU A 1013 50.35 -42.57 -43.55
C GLU A 1013 50.23 -41.67 -44.77
N THR A 1014 49.39 -40.63 -44.69
CA THR A 1014 49.27 -39.69 -45.82
C THR A 1014 50.63 -39.06 -46.13
N LYS A 1015 51.31 -38.58 -45.10
CA LYS A 1015 52.65 -38.04 -45.30
C LYS A 1015 53.64 -39.15 -45.59
N SER A 1016 53.37 -40.36 -45.09
CA SER A 1016 54.36 -41.44 -45.16
C SER A 1016 54.80 -41.72 -46.60
N ALA A 1017 53.85 -41.92 -47.50
CA ALA A 1017 54.20 -42.18 -48.89
C ALA A 1017 54.65 -40.91 -49.60
N LEU A 1018 54.28 -39.76 -49.06
CA LEU A 1018 54.51 -38.49 -49.74
C LEU A 1018 56.00 -38.24 -49.99
N GLU A 1019 56.79 -38.18 -48.92
CA GLU A 1019 58.19 -37.82 -49.06
C GLU A 1019 58.95 -38.84 -49.90
N THR A 1020 58.66 -40.13 -49.70
CA THR A 1020 59.35 -41.16 -50.46
C THR A 1020 59.14 -41.01 -51.95
N LEU A 1021 57.91 -40.76 -52.37
CA LEU A 1021 57.64 -40.59 -53.80
C LEU A 1021 58.06 -39.21 -54.29
N GLN A 1022 57.99 -38.19 -53.44
CA GLN A 1022 58.61 -36.92 -53.80
C GLN A 1022 60.12 -37.10 -53.97
N GLU A 1023 60.75 -37.88 -53.09
CA GLU A 1023 62.15 -38.22 -53.26
C GLU A 1023 62.37 -38.99 -54.56
N GLU A 1024 61.47 -39.92 -54.86
CA GLU A 1024 61.61 -40.71 -56.09
C GLU A 1024 61.41 -39.83 -57.32
N LYS A 1025 60.50 -38.86 -57.25
CA LYS A 1025 60.07 -38.12 -58.43
C LYS A 1025 60.63 -36.70 -58.41
N PRO A 1026 61.64 -36.41 -59.24
CA PRO A 1026 62.04 -35.00 -59.43
C PRO A 1026 61.28 -34.32 -60.56
N GLU A 1027 60.63 -35.10 -61.44
CA GLU A 1027 59.94 -34.51 -62.59
C GLU A 1027 58.73 -33.69 -62.13
N LEU A 1028 57.98 -34.20 -61.17
CA LEU A 1028 56.71 -33.60 -60.75
C LEU A 1028 56.92 -32.84 -59.46
N THR A 1029 56.54 -31.56 -59.46
CA THR A 1029 56.64 -30.72 -58.28
C THR A 1029 55.40 -30.87 -57.40
N VAL A 1030 55.30 -31.98 -56.69
CA VAL A 1030 54.21 -32.15 -55.74
C VAL A 1030 54.50 -31.37 -54.48
N VAL A 1031 53.52 -30.60 -54.01
CA VAL A 1031 53.69 -29.78 -52.82
C VAL A 1031 52.53 -30.05 -51.87
N PHE A 1032 52.85 -30.21 -50.60
CA PHE A 1032 51.88 -30.40 -49.53
C PHE A 1032 52.09 -29.26 -48.53
N GLU A 1033 51.21 -28.26 -48.56
CA GLU A 1033 51.38 -27.06 -47.75
C GLU A 1033 51.43 -27.33 -46.25
N PRO A 1034 50.51 -28.13 -45.68
CA PRO A 1034 50.57 -28.35 -44.22
C PRO A 1034 51.61 -29.37 -43.81
N SER A 1035 52.36 -29.91 -44.78
CA SER A 1035 53.37 -30.90 -44.48
C SER A 1035 54.56 -30.27 -43.75
N TRP A 1036 55.31 -31.11 -43.05
CA TRP A 1036 56.50 -30.65 -42.33
C TRP A 1036 57.71 -30.62 -43.25
N LYS B 133 -8.33 -33.84 -23.78
CA LYS B 133 -7.08 -34.44 -23.27
C LYS B 133 -7.39 -35.87 -22.80
N LYS B 134 -8.50 -36.06 -22.09
CA LYS B 134 -8.83 -37.40 -21.54
C LYS B 134 -9.04 -38.38 -22.70
N ASP B 135 -9.78 -37.97 -23.74
CA ASP B 135 -10.05 -38.91 -24.84
C ASP B 135 -8.73 -39.26 -25.55
N TYR B 136 -7.84 -38.29 -25.74
CA TYR B 136 -6.53 -38.58 -26.37
C TYR B 136 -5.70 -39.54 -25.51
N ARG B 137 -5.76 -39.40 -24.17
CA ARG B 137 -4.85 -40.20 -23.30
C ARG B 137 -5.25 -41.68 -23.10
N LYS B 138 -6.13 -42.00 -22.14
CA LYS B 138 -6.41 -43.41 -21.73
C LYS B 138 -6.34 -44.34 -22.95
N LYS B 139 -7.06 -44.01 -24.03
CA LYS B 139 -7.11 -44.92 -25.21
C LYS B 139 -5.69 -45.25 -25.67
N TYR B 140 -4.95 -44.24 -26.12
CA TYR B 140 -3.60 -44.49 -26.66
C TYR B 140 -2.83 -45.38 -25.67
N ARG B 141 -2.82 -45.00 -24.40
CA ARG B 141 -2.04 -45.77 -23.40
C ARG B 141 -2.41 -47.26 -23.43
N LYS B 142 -3.66 -47.59 -23.09
CA LYS B 142 -3.99 -49.04 -22.99
C LYS B 142 -3.70 -49.76 -24.32
N TYR B 143 -3.93 -49.07 -25.44
CA TYR B 143 -3.74 -49.73 -26.75
C TYR B 143 -2.27 -50.09 -26.93
N VAL B 144 -1.38 -49.11 -26.79
CA VAL B 144 0.08 -49.37 -26.95
C VAL B 144 0.48 -50.45 -25.94
N ARG B 145 -0.29 -50.59 -24.85
CA ARG B 145 0.11 -51.53 -23.78
C ARG B 145 -0.26 -52.98 -24.12
N SER B 146 -1.40 -53.23 -24.79
CA SER B 146 -1.81 -54.65 -24.97
C SER B 146 -1.44 -55.25 -26.32
N ARG B 147 -0.16 -55.26 -26.68
CA ARG B 147 0.26 -55.99 -27.91
C ARG B 147 1.56 -56.74 -27.66
N PHE B 148 1.86 -57.10 -26.40
CA PHE B 148 3.20 -57.69 -26.10
C PHE B 148 3.20 -58.78 -25.01
N GLN B 149 2.21 -59.67 -24.87
CA GLN B 149 2.02 -60.59 -23.73
C GLN B 149 1.07 -61.75 -24.05
N CYS B 150 0.70 -62.53 -23.02
CA CYS B 150 -0.53 -63.33 -22.93
C CYS B 150 -0.78 -64.35 -24.06
N ILE B 151 0.28 -64.89 -24.65
CA ILE B 151 0.27 -66.07 -25.50
C ILE B 151 -0.30 -67.27 -24.73
N GLU B 152 -1.01 -68.18 -25.41
CA GLU B 152 -1.46 -69.47 -24.82
C GLU B 152 -1.52 -70.61 -25.84
N GLU B 160 7.07 -67.60 -24.77
CA GLU B 160 7.73 -67.14 -23.55
C GLU B 160 7.44 -65.67 -23.28
N SER B 161 6.97 -64.97 -24.31
CA SER B 161 6.69 -63.53 -24.22
C SER B 161 5.35 -63.28 -23.52
N VAL B 162 5.32 -63.63 -22.24
CA VAL B 162 4.17 -63.33 -21.39
C VAL B 162 4.52 -62.45 -20.21
N SER B 163 5.78 -62.39 -19.78
CA SER B 163 6.25 -61.44 -18.79
C SER B 163 7.48 -60.74 -19.34
N LEU B 164 7.48 -59.41 -19.26
CA LEU B 164 8.56 -58.61 -19.83
C LEU B 164 9.17 -57.71 -18.76
N ASN B 165 8.34 -57.08 -17.98
CA ASN B 165 9.04 -56.21 -17.04
C ASN B 165 9.74 -57.17 -16.09
N LYS B 166 9.16 -58.34 -15.82
CA LYS B 166 9.86 -59.21 -14.84
C LYS B 166 11.23 -59.51 -15.43
N ARG B 167 11.32 -59.45 -16.75
CA ARG B 167 12.62 -59.70 -17.41
C ARG B 167 13.33 -58.39 -17.72
N TYR B 168 13.44 -57.44 -16.78
CA TYR B 168 14.04 -56.08 -17.05
C TYR B 168 15.59 -56.06 -17.04
N THR B 169 16.28 -55.99 -15.88
CA THR B 169 17.78 -56.01 -15.70
C THR B 169 18.50 -54.64 -15.65
N ARG B 170 17.84 -53.50 -15.86
CA ARG B 170 18.62 -52.22 -15.88
C ARG B 170 19.86 -52.40 -16.76
N LEU B 171 19.70 -52.90 -17.99
CA LEU B 171 20.79 -53.16 -18.97
C LEU B 171 21.74 -51.96 -19.04
N ARG B 172 23.04 -52.23 -19.24
CA ARG B 172 24.06 -51.16 -19.24
C ARG B 172 23.68 -50.06 -20.25
N LEU B 173 23.97 -48.80 -19.91
CA LEU B 173 23.65 -47.68 -20.84
C LEU B 173 24.74 -46.61 -20.72
N ILE B 174 25.91 -46.88 -21.26
CA ILE B 174 27.00 -45.85 -21.24
C ILE B 174 26.76 -44.97 -22.46
N LYS B 175 26.23 -43.77 -22.26
CA LYS B 175 25.88 -42.92 -23.44
C LYS B 175 27.14 -42.18 -23.89
N GLU B 176 27.55 -42.43 -25.14
CA GLU B 176 28.79 -41.83 -25.69
C GLU B 176 28.97 -40.40 -25.20
N HIS B 177 30.04 -40.15 -24.45
CA HIS B 177 30.35 -38.74 -24.06
C HIS B 177 30.70 -38.04 -25.36
N ARG B 178 30.48 -36.72 -25.45
CA ARG B 178 30.68 -36.07 -26.78
C ARG B 178 32.05 -36.47 -27.31
N SER B 179 32.11 -36.95 -28.55
CA SER B 179 33.40 -37.40 -29.15
C SER B 179 34.18 -36.16 -29.58
N GLN B 180 34.62 -35.35 -28.62
CA GLN B 180 35.36 -34.14 -28.94
C GLN B 180 34.59 -33.24 -29.91
N SER B 198 35.48 -37.46 -14.77
CA SER B 198 34.46 -37.54 -15.81
C SER B 198 33.07 -37.73 -15.22
N PRO B 199 32.09 -37.02 -15.77
CA PRO B 199 30.71 -37.21 -15.31
C PRO B 199 30.21 -38.62 -15.61
N VAL B 200 29.37 -39.12 -14.71
CA VAL B 200 28.80 -40.46 -14.90
C VAL B 200 27.50 -40.38 -15.67
N SER B 201 26.47 -39.77 -15.06
CA SER B 201 25.14 -39.54 -15.64
C SER B 201 24.66 -40.73 -16.47
N PRO B 202 24.33 -41.86 -15.84
CA PRO B 202 23.86 -43.02 -16.62
C PRO B 202 22.58 -42.74 -17.39
N ILE B 203 21.72 -41.85 -16.89
CA ILE B 203 20.45 -41.44 -17.48
C ILE B 203 19.73 -42.62 -18.13
N LYS B 204 19.57 -43.72 -17.37
CA LYS B 204 18.97 -44.92 -17.94
C LYS B 204 17.54 -44.68 -18.41
N MET B 205 16.68 -44.18 -17.53
CA MET B 205 15.29 -43.95 -17.91
C MET B 205 14.88 -42.48 -17.75
N GLU B 206 15.13 -41.91 -16.58
CA GLU B 206 14.72 -40.53 -16.33
C GLU B 206 15.62 -39.56 -17.09
N LEU B 207 15.00 -38.68 -17.87
CA LEU B 207 15.70 -37.60 -18.57
C LEU B 207 16.83 -38.12 -19.45
N LEU B 208 16.66 -39.33 -20.01
CA LEU B 208 17.66 -39.84 -20.94
C LEU B 208 17.75 -38.98 -22.19
N PHE B 209 16.61 -38.46 -22.66
CA PHE B 209 16.61 -37.56 -23.80
C PHE B 209 17.10 -36.17 -23.43
N ASP B 210 16.92 -35.78 -22.17
CA ASP B 210 17.23 -34.42 -21.74
C ASP B 210 18.73 -34.15 -21.79
N PRO B 211 19.13 -32.97 -22.27
CA PRO B 211 20.56 -32.62 -22.28
C PRO B 211 21.07 -32.25 -20.90
N ASP B 212 22.31 -31.79 -20.84
CA ASP B 212 22.84 -31.20 -19.62
C ASP B 212 22.28 -29.79 -19.47
N ASP B 213 22.86 -28.99 -18.57
CA ASP B 213 22.41 -27.62 -18.36
C ASP B 213 22.29 -26.88 -19.70
N GLU B 214 21.06 -26.59 -20.11
CA GLU B 214 20.77 -26.05 -21.43
C GLU B 214 21.34 -26.96 -22.51
N HIS B 215 22.56 -26.64 -22.98
CA HIS B 215 23.27 -27.46 -23.96
C HIS B 215 22.52 -27.52 -25.28
N SER B 216 21.48 -28.34 -25.34
CA SER B 216 20.60 -28.36 -26.51
C SER B 216 19.20 -28.76 -26.09
N GLU B 217 18.35 -27.77 -25.84
CA GLU B 217 16.98 -28.02 -25.43
C GLU B 217 16.17 -28.69 -26.54
N PRO B 218 16.23 -28.22 -27.81
CA PRO B 218 15.38 -28.83 -28.84
C PRO B 218 15.96 -30.09 -29.46
N VAL B 219 16.95 -30.70 -28.82
CA VAL B 219 17.52 -31.94 -29.35
C VAL B 219 16.44 -33.00 -29.42
N HIS B 220 16.44 -33.80 -30.49
CA HIS B 220 15.39 -34.76 -30.75
C HIS B 220 15.88 -36.15 -31.10
N THR B 221 17.13 -36.29 -31.54
CA THR B 221 17.64 -37.55 -32.06
C THR B 221 18.52 -38.23 -31.01
N VAL B 222 18.15 -39.45 -30.65
CA VAL B 222 18.99 -40.32 -29.83
C VAL B 222 19.08 -41.67 -30.55
N VAL B 223 20.26 -42.29 -30.46
CA VAL B 223 20.54 -43.53 -31.19
C VAL B 223 21.23 -44.49 -30.24
N PHE B 224 20.92 -45.78 -30.35
CA PHE B 224 21.48 -46.82 -29.50
C PHE B 224 22.37 -47.73 -30.33
N GLN B 225 23.61 -47.92 -29.87
CA GLN B 225 24.59 -48.76 -30.54
C GLN B 225 24.79 -50.01 -29.70
N GLY B 226 24.52 -51.16 -30.30
CA GLY B 226 24.69 -52.43 -29.62
C GLY B 226 24.91 -53.55 -30.61
N ALA B 227 25.65 -54.56 -30.17
CA ALA B 227 25.97 -55.68 -31.03
C ALA B 227 24.71 -56.46 -31.42
N ALA B 228 24.82 -57.21 -32.51
CA ALA B 228 23.67 -57.96 -33.00
C ALA B 228 23.30 -59.07 -32.03
N GLY B 229 22.10 -58.95 -31.46
CA GLY B 229 21.63 -59.86 -30.44
C GLY B 229 21.69 -59.33 -29.02
N ILE B 230 22.10 -58.07 -28.84
CA ILE B 230 22.21 -57.52 -27.49
C ILE B 230 20.83 -57.46 -26.83
N GLY B 231 19.83 -56.96 -27.55
CA GLY B 231 18.52 -56.78 -26.96
C GLY B 231 17.94 -55.41 -27.23
N LYS B 232 18.56 -54.68 -28.16
CA LYS B 232 18.05 -53.37 -28.51
C LYS B 232 16.62 -53.44 -29.03
N THR B 233 16.27 -54.55 -29.71
CA THR B 233 14.88 -54.77 -30.05
C THR B 233 14.05 -55.00 -28.79
N ILE B 234 14.60 -55.73 -27.83
CA ILE B 234 13.89 -55.98 -26.58
C ILE B 234 13.73 -54.69 -25.78
N LEU B 235 14.76 -53.83 -25.78
CA LEU B 235 14.73 -52.63 -24.96
C LEU B 235 13.57 -51.72 -25.35
N ALA B 236 13.34 -51.56 -26.65
CA ALA B 236 12.26 -50.70 -27.12
C ALA B 236 10.91 -51.22 -26.63
N ARG B 237 10.71 -52.54 -26.71
CA ARG B 237 9.48 -53.13 -26.20
C ARG B 237 9.33 -52.88 -24.72
N LYS B 238 10.45 -52.99 -23.99
CA LYS B 238 10.44 -52.71 -22.53
C LYS B 238 10.22 -51.21 -22.32
N MET B 239 10.97 -50.37 -23.02
CA MET B 239 10.84 -48.92 -22.85
C MET B 239 9.43 -48.45 -23.14
N MET B 240 8.80 -49.03 -24.17
CA MET B 240 7.38 -48.79 -24.38
C MET B 240 6.57 -49.27 -23.18
N LEU B 241 6.79 -50.54 -22.78
CA LEU B 241 6.00 -51.12 -21.70
C LEU B 241 6.12 -50.32 -20.40
N ASP B 242 7.31 -49.78 -20.13
CA ASP B 242 7.49 -48.92 -18.98
C ASP B 242 6.56 -47.72 -19.07
N TRP B 243 6.82 -46.86 -20.06
CA TRP B 243 6.08 -45.61 -20.17
C TRP B 243 4.64 -45.82 -20.62
N ALA B 244 4.28 -47.00 -21.13
CA ALA B 244 2.89 -47.24 -21.54
C ALA B 244 1.94 -47.34 -20.35
N SER B 245 2.44 -47.09 -19.14
CA SER B 245 1.60 -46.93 -17.97
C SER B 245 1.98 -45.67 -17.19
N GLY B 246 2.65 -44.72 -17.84
CA GLY B 246 3.18 -43.58 -17.15
C GLY B 246 4.40 -43.99 -16.36
N THR B 247 4.15 -44.77 -15.30
CA THR B 247 5.19 -45.47 -14.53
C THR B 247 6.33 -44.56 -14.10
N LEU B 248 6.03 -43.30 -13.80
CA LEU B 248 7.05 -42.32 -13.41
C LEU B 248 8.12 -42.17 -14.49
N TYR B 249 7.76 -42.52 -15.73
CA TYR B 249 8.61 -42.25 -16.88
C TYR B 249 8.37 -40.81 -17.32
N GLN B 250 8.78 -40.45 -18.53
CA GLN B 250 8.68 -39.06 -18.96
C GLN B 250 7.22 -38.67 -19.16
N ASP B 251 6.48 -38.56 -18.06
CA ASP B 251 5.11 -38.09 -18.11
C ASP B 251 5.01 -36.66 -18.63
N ARG B 252 6.09 -35.89 -18.54
CA ARG B 252 6.15 -34.58 -19.18
C ARG B 252 6.31 -34.69 -20.69
N PHE B 253 6.25 -35.90 -21.23
CA PHE B 253 6.22 -36.15 -22.65
C PHE B 253 4.95 -36.91 -22.98
N ASP B 254 4.27 -36.51 -24.05
CA ASP B 254 2.91 -36.96 -24.29
C ASP B 254 2.78 -38.30 -25.00
N TYR B 255 3.46 -38.42 -26.15
CA TYR B 255 3.23 -39.64 -26.99
C TYR B 255 4.52 -40.34 -27.43
N LEU B 256 4.45 -41.65 -27.59
CA LEU B 256 5.55 -42.48 -28.07
C LEU B 256 5.05 -43.32 -29.22
N PHE B 257 5.88 -43.53 -30.24
CA PHE B 257 5.48 -44.23 -31.45
C PHE B 257 6.47 -45.35 -31.74
N TYR B 258 6.03 -46.59 -31.56
CA TYR B 258 6.86 -47.75 -31.85
C TYR B 258 6.73 -48.13 -33.32
N ILE B 259 7.86 -48.29 -33.99
CA ILE B 259 7.84 -48.76 -35.38
C ILE B 259 9.04 -49.66 -35.62
N HIS B 260 8.77 -50.94 -35.85
CA HIS B 260 9.80 -51.88 -36.25
C HIS B 260 9.74 -52.09 -37.75
N CYS B 261 10.89 -52.04 -38.42
CA CYS B 261 10.92 -51.99 -39.88
C CYS B 261 10.77 -53.36 -40.53
N ARG B 262 10.25 -54.36 -39.82
CA ARG B 262 9.91 -55.61 -40.48
C ARG B 262 8.82 -55.41 -41.52
N GLU B 263 7.75 -54.70 -41.14
CA GLU B 263 6.67 -54.42 -42.07
C GLU B 263 7.06 -53.35 -43.08
N VAL B 264 7.83 -52.36 -42.64
CA VAL B 264 8.23 -51.27 -43.52
C VAL B 264 9.16 -51.79 -44.61
N SER B 265 8.88 -51.42 -45.85
CA SER B 265 9.69 -51.85 -46.97
C SER B 265 9.72 -50.73 -48.01
N LEU B 266 10.49 -50.96 -49.07
CA LEU B 266 10.61 -49.98 -50.13
C LEU B 266 9.34 -49.94 -50.96
N VAL B 267 9.21 -48.87 -51.75
CA VAL B 267 8.16 -48.67 -52.75
C VAL B 267 6.76 -48.79 -52.15
N THR B 268 6.67 -48.81 -50.82
CA THR B 268 5.37 -48.91 -50.17
C THR B 268 4.45 -47.76 -50.52
N GLN B 269 5.00 -46.57 -50.78
CA GLN B 269 4.21 -45.40 -51.16
C GLN B 269 3.11 -45.13 -50.14
N ARG B 270 3.45 -45.22 -48.86
CA ARG B 270 2.50 -45.05 -47.77
C ARG B 270 2.87 -43.80 -46.97
N SER B 271 1.85 -43.09 -46.50
CA SER B 271 2.06 -41.85 -45.79
C SER B 271 2.40 -42.12 -44.32
N LEU B 272 2.83 -41.04 -43.65
CA LEU B 272 3.10 -41.14 -42.21
C LEU B 272 1.84 -41.54 -41.45
N GLY B 273 0.70 -40.97 -41.83
CA GLY B 273 -0.55 -41.39 -41.24
C GLY B 273 -0.81 -42.87 -41.45
N ASP B 274 -0.52 -43.37 -42.66
CA ASP B 274 -0.58 -44.81 -42.87
C ASP B 274 0.44 -45.53 -42.00
N LEU B 275 1.64 -44.96 -41.87
CA LEU B 275 2.62 -45.49 -40.94
C LEU B 275 2.11 -45.38 -39.51
N ILE B 276 1.50 -44.24 -39.18
CA ILE B 276 0.99 -44.04 -37.82
C ILE B 276 -0.15 -45.01 -37.54
N MET B 277 -1.11 -45.11 -38.46
CA MET B 277 -2.24 -46.02 -38.27
C MET B 277 -1.80 -47.48 -38.26
N SER B 278 -0.58 -47.78 -38.72
CA SER B 278 -0.08 -49.13 -38.59
C SER B 278 0.08 -49.53 -37.13
N CYS B 279 0.54 -48.61 -36.28
CA CYS B 279 0.68 -48.89 -34.87
C CYS B 279 -0.66 -49.16 -34.21
N CYS B 280 -1.63 -48.26 -34.43
CA CYS B 280 -2.97 -48.41 -33.89
C CYS B 280 -3.97 -48.18 -35.01
N PRO B 281 -4.52 -49.24 -35.61
CA PRO B 281 -5.46 -49.06 -36.72
C PRO B 281 -6.80 -48.51 -36.27
N ASP B 282 -6.87 -47.19 -36.08
CA ASP B 282 -8.11 -46.58 -35.65
C ASP B 282 -9.11 -46.53 -36.79
N PRO B 283 -10.31 -47.06 -36.61
CA PRO B 283 -11.34 -46.91 -37.65
C PRO B 283 -11.67 -45.47 -37.95
N ASN B 284 -11.46 -44.57 -37.01
CA ASN B 284 -11.61 -43.13 -37.23
C ASN B 284 -10.31 -42.46 -36.82
N PRO B 285 -9.31 -42.47 -37.70
CA PRO B 285 -7.98 -41.93 -37.35
C PRO B 285 -8.07 -40.48 -36.95
N PRO B 286 -7.65 -40.16 -35.72
CA PRO B 286 -7.71 -38.78 -35.23
C PRO B 286 -6.47 -37.98 -35.62
N ILE B 287 -5.76 -38.44 -36.65
CA ILE B 287 -4.43 -37.94 -36.99
C ILE B 287 -4.39 -36.41 -37.04
N HIS B 288 -5.50 -35.77 -37.42
CA HIS B 288 -5.55 -34.32 -37.45
C HIS B 288 -5.26 -33.76 -36.06
N LYS B 289 -5.72 -34.47 -35.03
CA LYS B 289 -5.33 -34.17 -33.66
C LYS B 289 -4.02 -34.82 -33.27
N ILE B 290 -3.56 -35.80 -34.02
CA ILE B 290 -2.19 -36.33 -33.76
C ILE B 290 -1.26 -35.27 -34.35
N VAL B 291 -1.73 -34.57 -35.39
CA VAL B 291 -0.94 -33.47 -35.90
C VAL B 291 -1.18 -32.32 -34.93
N ARG B 292 -0.43 -32.34 -33.84
CA ARG B 292 -0.53 -31.38 -32.75
C ARG B 292 0.77 -31.48 -31.95
N LYS B 293 1.24 -30.32 -31.49
CA LYS B 293 2.37 -30.20 -30.59
C LYS B 293 3.57 -31.06 -31.05
N PRO B 294 4.28 -30.64 -32.09
CA PRO B 294 5.53 -31.31 -32.45
C PRO B 294 6.53 -31.19 -31.31
N SER B 295 7.41 -32.19 -31.22
CA SER B 295 8.39 -32.36 -30.15
C SER B 295 7.71 -32.84 -28.87
N ARG B 296 6.39 -32.87 -28.87
CA ARG B 296 5.64 -33.51 -27.80
C ARG B 296 5.34 -34.97 -28.12
N ILE B 297 5.73 -35.42 -29.32
CA ILE B 297 5.50 -36.78 -29.79
C ILE B 297 6.85 -37.39 -30.16
N LEU B 298 7.04 -38.66 -29.84
CA LEU B 298 8.32 -39.34 -30.06
C LEU B 298 8.09 -40.58 -30.90
N PHE B 299 8.92 -40.73 -31.95
CA PHE B 299 8.93 -41.93 -32.78
C PHE B 299 10.05 -42.84 -32.30
N LEU B 300 9.70 -44.08 -31.97
CA LEU B 300 10.68 -45.08 -31.56
C LEU B 300 10.98 -45.97 -32.76
N MET B 301 11.86 -45.48 -33.64
CA MET B 301 12.26 -46.29 -34.83
C MET B 301 13.12 -47.47 -34.36
N ASP B 302 12.97 -48.64 -34.99
CA ASP B 302 13.70 -49.83 -34.48
C ASP B 302 14.50 -50.54 -35.56
N GLY B 303 15.79 -50.79 -35.33
CA GLY B 303 16.66 -51.55 -36.25
C GLY B 303 16.85 -50.95 -37.63
N PHE B 304 17.97 -50.26 -37.85
CA PHE B 304 18.31 -49.79 -39.22
C PHE B 304 18.67 -51.05 -40.03
N ASP B 305 19.22 -52.05 -39.34
CA ASP B 305 19.60 -53.33 -39.99
C ASP B 305 18.34 -53.97 -40.60
N GLU B 306 17.20 -53.82 -39.92
CA GLU B 306 15.92 -54.41 -40.40
C GLU B 306 15.60 -53.82 -41.78
N LEU B 307 15.90 -52.54 -42.00
CA LEU B 307 15.71 -51.97 -43.36
C LEU B 307 16.38 -52.88 -44.38
N GLN B 308 15.61 -53.48 -45.29
CA GLN B 308 16.13 -54.36 -46.32
C GLN B 308 15.93 -53.71 -47.69
N GLY B 309 17.00 -53.67 -48.46
CA GLY B 309 17.01 -53.08 -49.78
C GLY B 309 18.03 -51.97 -49.88
N ALA B 310 18.14 -51.42 -51.08
CA ALA B 310 19.04 -50.31 -51.33
C ALA B 310 18.50 -49.04 -50.68
N PHE B 311 19.42 -48.18 -50.25
CA PHE B 311 19.04 -46.94 -49.60
C PHE B 311 20.17 -45.94 -49.77
N ASP B 312 19.93 -44.89 -50.56
CA ASP B 312 20.88 -43.79 -50.70
C ASP B 312 20.70 -42.85 -49.52
N GLU B 313 21.76 -42.68 -48.73
CA GLU B 313 21.72 -41.76 -47.61
C GLU B 313 21.52 -40.31 -48.05
N HIS B 314 21.76 -40.00 -49.32
CA HIS B 314 21.50 -38.67 -49.84
C HIS B 314 20.74 -38.75 -51.16
N ILE B 315 19.65 -39.50 -51.16
CA ILE B 315 18.78 -39.66 -52.33
C ILE B 315 18.34 -38.29 -52.83
N GLY B 316 18.19 -38.17 -54.15
CA GLY B 316 17.89 -36.90 -54.79
C GLY B 316 16.58 -36.28 -54.36
N PRO B 317 15.46 -36.92 -54.70
CA PRO B 317 14.15 -36.34 -54.37
C PRO B 317 13.99 -36.11 -52.88
N LEU B 318 13.35 -35.00 -52.53
CA LEU B 318 13.21 -34.55 -51.15
C LEU B 318 11.74 -34.55 -50.76
N CYS B 319 11.46 -34.83 -49.49
CA CYS B 319 10.10 -34.97 -48.99
C CYS B 319 9.88 -34.03 -47.81
N THR B 320 8.74 -33.33 -47.84
CA THR B 320 8.38 -32.43 -46.75
C THR B 320 6.90 -32.57 -46.41
N ASP B 321 6.14 -33.23 -47.29
CA ASP B 321 4.71 -33.39 -47.06
C ASP B 321 4.47 -34.52 -46.06
N TRP B 322 3.67 -34.24 -45.04
CA TRP B 322 3.40 -35.25 -44.03
C TRP B 322 2.39 -36.29 -44.52
N GLN B 323 1.38 -35.86 -45.27
CA GLN B 323 0.27 -36.73 -45.62
C GLN B 323 0.42 -37.37 -47.00
N LYS B 324 1.38 -36.91 -47.79
CA LYS B 324 1.54 -37.45 -49.13
C LYS B 324 2.00 -38.90 -49.09
N ALA B 325 1.43 -39.71 -49.99
CA ALA B 325 1.85 -41.10 -50.12
C ALA B 325 3.22 -41.16 -50.77
N GLU B 326 4.27 -41.19 -49.96
CA GLU B 326 5.64 -41.13 -50.44
C GLU B 326 6.32 -42.48 -50.25
N ARG B 327 7.44 -42.66 -50.96
CA ARG B 327 8.18 -43.91 -50.90
C ARG B 327 8.62 -44.23 -49.48
N GLY B 328 8.71 -45.52 -49.17
CA GLY B 328 9.03 -45.91 -47.80
C GLY B 328 10.36 -45.38 -47.32
N ASP B 329 11.40 -45.55 -48.13
CA ASP B 329 12.69 -44.99 -47.77
C ASP B 329 12.67 -43.47 -47.78
N ILE B 330 11.94 -42.89 -48.74
CA ILE B 330 11.84 -41.43 -48.81
C ILE B 330 11.13 -40.90 -47.57
N LEU B 331 10.06 -41.56 -47.15
CA LEU B 331 9.38 -41.15 -45.92
C LEU B 331 10.34 -41.19 -44.73
N LEU B 332 11.10 -42.28 -44.60
CA LEU B 332 12.12 -42.33 -43.57
C LEU B 332 13.17 -41.26 -43.78
N SER B 333 13.56 -41.02 -45.04
CA SER B 333 14.57 -40.03 -45.35
C SER B 333 14.20 -38.67 -44.78
N SER B 334 12.97 -38.22 -45.04
CA SER B 334 12.51 -36.97 -44.45
C SER B 334 12.43 -37.10 -42.94
N LEU B 335 11.93 -38.22 -42.44
CA LEU B 335 11.80 -38.41 -41.00
C LEU B 335 13.19 -38.46 -40.34
N ILE B 336 14.13 -39.15 -40.95
CA ILE B 336 15.48 -39.20 -40.40
C ILE B 336 16.11 -37.81 -40.41
N ARG B 337 15.97 -37.09 -41.52
CA ARG B 337 16.43 -35.71 -41.58
C ARG B 337 15.54 -34.77 -40.78
N LYS B 338 14.36 -35.21 -40.38
CA LYS B 338 13.42 -34.42 -39.59
C LYS B 338 13.01 -33.14 -40.33
N LYS B 339 13.31 -33.05 -41.63
CA LYS B 339 12.81 -31.92 -42.39
C LYS B 339 11.29 -31.90 -42.40
N LEU B 340 10.67 -33.05 -42.57
CA LEU B 340 9.27 -33.21 -42.20
C LEU B 340 9.17 -33.39 -40.70
N LEU B 341 8.14 -32.77 -40.09
CA LEU B 341 7.99 -32.77 -38.64
C LEU B 341 9.27 -32.27 -38.00
N PRO B 342 9.55 -30.97 -38.10
CA PRO B 342 10.89 -30.47 -37.70
C PRO B 342 11.21 -30.66 -36.25
N GLU B 343 10.21 -30.87 -35.39
CA GLU B 343 10.44 -30.97 -33.95
C GLU B 343 10.31 -32.40 -33.43
N ALA B 344 9.91 -33.35 -34.28
CA ALA B 344 9.64 -34.71 -33.83
C ALA B 344 10.90 -35.34 -33.25
N SER B 345 10.78 -35.92 -32.06
CA SER B 345 11.88 -36.65 -31.46
C SER B 345 12.01 -38.03 -32.09
N LEU B 346 13.21 -38.59 -32.01
CA LEU B 346 13.49 -39.88 -32.64
C LEU B 346 14.42 -40.71 -31.79
N LEU B 347 14.14 -42.01 -31.79
CA LEU B 347 15.01 -42.97 -31.09
C LEU B 347 15.29 -44.05 -32.12
N ILE B 348 16.57 -44.37 -32.40
CA ILE B 348 16.90 -45.33 -33.50
C ILE B 348 17.86 -46.39 -32.97
N THR B 349 17.38 -47.60 -32.73
CA THR B 349 18.34 -48.68 -32.38
C THR B 349 19.09 -48.99 -33.67
N THR B 350 20.42 -49.01 -33.64
CA THR B 350 21.18 -49.18 -34.90
C THR B 350 22.29 -50.21 -34.71
N ARG B 351 22.65 -50.93 -35.77
CA ARG B 351 23.79 -51.87 -35.67
C ARG B 351 25.09 -51.06 -35.83
N PRO B 352 26.12 -51.15 -34.97
CA PRO B 352 27.33 -50.32 -35.14
C PRO B 352 27.89 -50.30 -36.55
N VAL B 353 27.81 -51.42 -37.28
CA VAL B 353 28.40 -51.48 -38.61
C VAL B 353 27.63 -50.60 -39.59
N ALA B 354 26.35 -50.35 -39.33
CA ALA B 354 25.51 -49.55 -40.21
C ALA B 354 25.47 -48.08 -39.80
N LEU B 355 26.28 -47.68 -38.82
CA LEU B 355 26.22 -46.31 -38.32
C LEU B 355 26.60 -45.29 -39.39
N GLU B 356 27.62 -45.57 -40.19
CA GLU B 356 28.18 -44.57 -41.09
C GLU B 356 27.13 -44.04 -42.07
N LYS B 357 26.14 -44.87 -42.41
CA LYS B 357 25.08 -44.42 -43.30
C LYS B 357 24.24 -43.33 -42.63
N LEU B 358 23.78 -43.59 -41.41
CA LEU B 358 22.94 -42.61 -40.72
C LEU B 358 23.77 -41.47 -40.15
N GLN B 359 25.00 -41.77 -39.68
CA GLN B 359 25.85 -40.73 -39.13
C GLN B 359 26.18 -39.67 -40.19
N HIS B 360 26.50 -40.10 -41.41
CA HIS B 360 26.63 -39.15 -42.51
C HIS B 360 25.29 -38.50 -42.84
N LEU B 361 24.19 -39.22 -42.61
CA LEU B 361 22.88 -38.70 -42.96
C LEU B 361 22.42 -37.63 -41.97
N LEU B 362 22.68 -37.84 -40.68
CA LEU B 362 22.06 -37.01 -39.65
C LEU B 362 23.11 -36.48 -38.68
N ASP B 363 22.86 -35.30 -38.14
CA ASP B 363 23.77 -34.61 -37.24
C ASP B 363 23.31 -34.75 -35.79
N HIS B 364 24.20 -34.34 -34.86
CA HIS B 364 24.02 -34.32 -33.41
C HIS B 364 23.30 -35.56 -32.88
N PRO B 365 23.80 -36.76 -33.15
CA PRO B 365 23.10 -37.96 -32.69
C PRO B 365 23.54 -38.36 -31.30
N ARG B 366 22.58 -38.57 -30.41
CA ARG B 366 22.90 -39.01 -29.06
C ARG B 366 23.24 -40.50 -29.06
N HIS B 367 24.50 -40.81 -29.37
CA HIS B 367 24.94 -42.20 -29.39
C HIS B 367 24.86 -42.80 -27.99
N VAL B 368 24.32 -44.01 -27.90
CA VAL B 368 24.21 -44.70 -26.62
C VAL B 368 24.72 -46.13 -26.76
N GLU B 369 25.88 -46.40 -26.18
CA GLU B 369 26.40 -47.76 -26.14
C GLU B 369 25.64 -48.58 -25.12
N ILE B 370 25.14 -49.74 -25.55
CA ILE B 370 24.40 -50.65 -24.68
C ILE B 370 25.17 -51.97 -24.62
N LEU B 371 25.31 -52.52 -23.41
CA LEU B 371 26.10 -53.70 -23.18
C LEU B 371 25.25 -54.81 -22.58
N GLY B 372 25.69 -56.05 -22.73
CA GLY B 372 24.99 -57.18 -22.20
C GLY B 372 25.24 -57.40 -20.71
N PHE B 373 24.77 -58.53 -20.23
CA PHE B 373 24.85 -58.83 -18.80
C PHE B 373 26.28 -59.15 -18.39
N SER B 374 26.60 -58.82 -17.13
CA SER B 374 27.90 -59.15 -16.58
C SER B 374 27.91 -60.60 -16.07
N GLU B 375 28.96 -60.92 -15.32
CA GLU B 375 29.06 -62.25 -14.71
C GLU B 375 27.88 -62.51 -13.78
N ALA B 376 27.73 -61.70 -12.75
CA ALA B 376 26.63 -61.89 -11.81
C ALA B 376 25.28 -61.68 -12.47
N LYS B 377 25.17 -60.69 -13.35
CA LYS B 377 23.91 -60.45 -14.04
C LYS B 377 23.50 -61.66 -14.86
N ARG B 378 24.47 -62.39 -15.46
CA ARG B 378 24.15 -63.60 -16.21
C ARG B 378 23.46 -64.63 -15.32
N LYS B 379 23.97 -64.81 -14.10
CA LYS B 379 23.27 -65.65 -13.14
C LYS B 379 21.90 -65.07 -12.81
N GLU B 380 21.84 -63.75 -12.64
CA GLU B 380 20.57 -63.11 -12.33
C GLU B 380 19.57 -63.26 -13.47
N TYR B 381 20.06 -63.42 -14.70
CA TYR B 381 19.16 -63.76 -15.80
C TYR B 381 18.54 -65.14 -15.59
N PHE B 382 19.37 -66.10 -15.17
CA PHE B 382 18.85 -67.43 -14.86
C PHE B 382 17.90 -67.39 -13.69
N PHE B 383 18.07 -66.41 -12.79
CA PHE B 383 17.06 -66.18 -11.76
C PHE B 383 15.71 -65.85 -12.38
N LYS B 384 15.71 -65.00 -13.41
CA LYS B 384 14.49 -64.73 -14.15
C LYS B 384 14.02 -65.98 -14.91
N TYR B 385 14.95 -66.71 -15.50
CA TYR B 385 14.60 -67.76 -16.44
C TYR B 385 14.18 -69.05 -15.73
N PHE B 386 15.13 -69.66 -15.02
CA PHE B 386 14.90 -71.01 -14.51
C PHE B 386 13.91 -71.01 -13.35
N SER B 387 13.32 -72.19 -13.13
CA SER B 387 12.31 -72.39 -12.09
C SER B 387 12.82 -73.21 -10.91
N ASP B 388 14.03 -73.75 -10.98
CA ASP B 388 14.56 -74.54 -9.87
C ASP B 388 16.07 -74.41 -9.83
N GLU B 389 16.61 -74.39 -8.62
CA GLU B 389 18.06 -74.28 -8.45
C GLU B 389 18.80 -75.46 -9.06
N ALA B 390 18.31 -76.68 -8.83
CA ALA B 390 18.92 -77.84 -9.47
C ALA B 390 18.94 -77.68 -10.98
N GLN B 391 17.97 -76.96 -11.53
CA GLN B 391 18.05 -76.56 -12.92
C GLN B 391 18.97 -75.35 -13.09
N ALA B 392 18.76 -74.32 -12.27
CA ALA B 392 19.52 -73.07 -12.43
C ALA B 392 20.94 -73.22 -11.92
N ARG B 393 21.09 -73.51 -10.63
CA ARG B 393 22.41 -73.45 -9.99
C ARG B 393 23.38 -74.46 -10.61
N ALA B 394 22.91 -75.68 -10.89
CA ALA B 394 23.79 -76.70 -11.45
C ALA B 394 24.24 -76.30 -12.85
N ALA B 395 23.31 -75.89 -13.72
CA ALA B 395 23.67 -75.51 -15.08
C ALA B 395 24.56 -74.29 -15.11
N PHE B 396 24.24 -73.29 -14.27
CA PHE B 396 25.06 -72.09 -14.22
C PHE B 396 26.48 -72.41 -13.75
N SER B 397 26.60 -73.34 -12.80
CA SER B 397 27.92 -73.73 -12.31
C SER B 397 28.78 -74.27 -13.45
N LEU B 398 28.16 -74.86 -14.46
CA LEU B 398 28.92 -75.35 -15.61
C LEU B 398 29.54 -74.19 -16.37
N ILE B 399 28.88 -73.03 -16.38
CA ILE B 399 29.38 -71.89 -17.13
C ILE B 399 30.69 -71.38 -16.53
N GLN B 400 30.77 -71.34 -15.20
CA GLN B 400 31.98 -70.84 -14.55
C GLN B 400 33.19 -71.68 -14.91
N GLU B 401 33.04 -73.00 -14.88
CA GLU B 401 34.14 -73.88 -15.28
C GLU B 401 34.48 -73.68 -16.75
N ASN B 402 33.46 -73.55 -17.60
CA ASN B 402 33.67 -73.29 -19.03
C ASN B 402 33.79 -71.78 -19.24
N GLU B 403 34.93 -71.24 -18.80
CA GLU B 403 35.14 -69.80 -18.85
C GLU B 403 35.13 -69.28 -20.28
N VAL B 404 35.57 -70.10 -21.25
CA VAL B 404 35.48 -69.70 -22.64
C VAL B 404 34.03 -69.47 -23.04
N LEU B 405 33.14 -70.35 -22.59
CA LEU B 405 31.71 -70.07 -22.75
C LEU B 405 31.29 -68.89 -21.90
N PHE B 406 31.85 -68.75 -20.70
CA PHE B 406 31.44 -67.69 -19.79
C PHE B 406 31.74 -66.32 -20.38
N THR B 407 32.98 -66.11 -20.85
CA THR B 407 33.29 -64.86 -21.52
C THR B 407 32.45 -64.73 -22.80
N MET B 408 32.06 -65.85 -23.38
CA MET B 408 31.14 -65.81 -24.50
C MET B 408 29.71 -65.56 -24.04
N CYS B 409 29.44 -65.73 -22.75
CA CYS B 409 28.09 -65.50 -22.24
C CYS B 409 27.85 -64.01 -22.04
N PHE B 410 28.13 -63.22 -23.07
CA PHE B 410 27.74 -61.83 -23.17
C PHE B 410 26.64 -61.78 -24.21
N ILE B 411 26.13 -60.59 -24.53
CA ILE B 411 25.12 -60.44 -25.58
C ILE B 411 23.95 -61.37 -25.29
N PRO B 412 23.07 -61.01 -24.34
CA PRO B 412 22.16 -61.98 -23.70
C PRO B 412 21.45 -62.97 -24.61
N LEU B 413 21.40 -62.72 -25.92
CA LEU B 413 20.77 -63.66 -26.83
C LEU B 413 21.44 -65.03 -26.73
N VAL B 414 22.78 -65.05 -26.61
CA VAL B 414 23.48 -66.33 -26.48
C VAL B 414 23.11 -67.01 -25.18
N CYS B 415 22.88 -66.23 -24.12
CA CYS B 415 22.46 -66.81 -22.86
C CYS B 415 21.09 -67.45 -23.00
N TRP B 416 20.20 -66.83 -23.78
CA TRP B 416 18.92 -67.43 -24.10
C TRP B 416 19.12 -68.78 -24.77
N ILE B 417 20.06 -68.86 -25.71
CA ILE B 417 20.36 -70.14 -26.34
C ILE B 417 20.91 -71.13 -25.31
N VAL B 418 21.76 -70.64 -24.41
CA VAL B 418 22.39 -71.52 -23.42
C VAL B 418 21.33 -72.16 -22.53
N CYS B 419 20.48 -71.33 -21.94
CA CYS B 419 19.52 -71.84 -20.96
C CYS B 419 18.47 -72.74 -21.63
N THR B 420 17.94 -72.30 -22.78
CA THR B 420 16.90 -73.08 -23.45
C THR B 420 17.44 -74.41 -23.92
N GLY B 421 18.61 -74.41 -24.56
CA GLY B 421 19.18 -75.65 -25.06
C GLY B 421 19.47 -76.63 -23.95
N LEU B 422 20.07 -76.15 -22.87
CA LEU B 422 20.35 -77.01 -21.71
C LEU B 422 19.06 -77.50 -21.08
N LYS B 423 18.05 -76.64 -21.01
CA LYS B 423 16.75 -77.04 -20.46
C LYS B 423 16.21 -78.25 -21.22
N GLN B 424 16.25 -78.20 -22.54
CA GLN B 424 15.77 -79.33 -23.34
C GLN B 424 16.63 -80.56 -23.11
N GLN B 425 17.94 -80.38 -22.94
CA GLN B 425 18.81 -81.51 -22.65
C GLN B 425 18.42 -82.17 -21.33
N MET B 426 18.03 -81.37 -20.34
CA MET B 426 17.55 -81.93 -19.09
C MET B 426 16.26 -82.71 -19.26
N GLU B 427 15.45 -82.36 -20.25
CA GLU B 427 14.27 -83.17 -20.54
C GLU B 427 14.62 -84.54 -21.06
N SER B 428 15.87 -84.75 -21.47
CA SER B 428 16.33 -86.03 -21.99
C SER B 428 17.54 -86.59 -21.27
N GLY B 429 18.42 -85.75 -20.75
CA GLY B 429 19.63 -86.24 -20.13
C GLY B 429 20.30 -85.22 -19.25
N LYS B 430 21.60 -85.42 -19.05
CA LYS B 430 22.43 -84.57 -18.21
C LYS B 430 23.42 -83.80 -19.08
N SER B 431 23.74 -82.57 -18.67
CA SER B 431 24.59 -81.72 -19.46
C SER B 431 26.04 -82.22 -19.43
N LEU B 432 26.88 -81.58 -20.25
CA LEU B 432 28.28 -81.95 -20.39
C LEU B 432 29.08 -80.66 -20.52
N ALA B 433 30.32 -80.79 -21.00
CA ALA B 433 31.18 -79.63 -21.24
C ALA B 433 30.58 -78.73 -22.31
N GLN B 434 29.60 -79.26 -23.05
CA GLN B 434 28.76 -78.50 -23.97
C GLN B 434 29.51 -78.11 -25.25
N THR B 435 30.81 -78.35 -25.27
CA THR B 435 31.65 -78.16 -26.46
C THR B 435 31.47 -76.79 -27.10
N SER B 436 30.89 -75.84 -26.36
CA SER B 436 30.56 -74.53 -26.91
C SER B 436 31.70 -73.54 -26.71
N LYS B 437 32.85 -73.86 -27.29
CA LYS B 437 34.03 -73.00 -27.22
C LYS B 437 33.93 -71.79 -28.13
N THR B 438 33.02 -71.79 -29.10
CA THR B 438 32.86 -70.69 -30.03
C THR B 438 31.38 -70.36 -30.18
N THR B 439 31.11 -69.21 -30.80
CA THR B 439 29.72 -68.80 -31.03
C THR B 439 28.99 -69.82 -31.90
N THR B 440 29.65 -70.30 -32.96
CA THR B 440 29.04 -71.30 -33.81
C THR B 440 28.78 -72.59 -33.04
N ALA B 441 29.73 -72.99 -32.19
CA ALA B 441 29.54 -74.19 -31.38
C ALA B 441 28.29 -74.08 -30.51
N VAL B 442 27.96 -72.86 -30.08
CA VAL B 442 26.70 -72.65 -29.36
C VAL B 442 25.52 -72.94 -30.28
N TYR B 443 25.58 -72.46 -31.51
CA TYR B 443 24.47 -72.65 -32.44
C TYR B 443 24.27 -74.12 -32.78
N VAL B 444 25.35 -74.82 -33.10
CA VAL B 444 25.22 -76.19 -33.59
C VAL B 444 24.78 -77.13 -32.47
N PHE B 445 25.31 -76.94 -31.26
CA PHE B 445 24.86 -77.76 -30.14
C PHE B 445 23.37 -77.56 -29.90
N PHE B 446 22.89 -76.33 -30.07
CA PHE B 446 21.46 -76.06 -29.99
C PHE B 446 20.70 -76.84 -31.06
N LEU B 447 21.24 -76.89 -32.27
CA LEU B 447 20.59 -77.63 -33.35
C LEU B 447 20.54 -79.12 -33.05
N SER B 448 21.62 -79.66 -32.47
CA SER B 448 21.68 -81.10 -32.20
C SER B 448 20.57 -81.54 -31.27
N SER B 449 20.35 -80.79 -30.19
CA SER B 449 19.21 -81.06 -29.31
C SER B 449 17.90 -80.79 -30.04
N LEU B 450 17.87 -79.77 -30.89
CA LEU B 450 16.66 -79.44 -31.63
C LEU B 450 16.24 -80.58 -32.52
N LEU B 451 17.18 -81.16 -33.26
CA LEU B 451 16.89 -82.20 -34.24
C LEU B 451 17.00 -83.58 -33.60
N GLN B 452 16.40 -83.73 -32.42
CA GLN B 452 16.49 -85.01 -31.74
C GLN B 452 15.36 -85.97 -32.14
N PRO B 453 14.07 -85.61 -31.96
CA PRO B 453 13.03 -86.65 -32.06
C PRO B 453 12.86 -87.26 -33.44
N ARG B 454 12.57 -86.41 -34.43
CA ARG B 454 12.25 -86.92 -35.77
C ARG B 454 13.43 -86.85 -36.74
N GLY B 455 14.47 -86.05 -36.46
CA GLY B 455 15.57 -85.89 -37.38
C GLY B 455 16.39 -87.14 -37.57
N GLY B 456 16.51 -87.95 -36.51
CA GLY B 456 17.33 -89.14 -36.57
C GLY B 456 16.82 -90.17 -37.58
N SER B 457 15.51 -90.39 -37.60
CA SER B 457 14.94 -91.26 -38.63
C SER B 457 15.16 -90.65 -40.01
N GLN B 458 15.62 -91.48 -40.94
CA GLN B 458 15.88 -91.00 -42.29
C GLN B 458 14.58 -90.63 -43.00
N GLU B 459 13.52 -91.39 -42.78
CA GLU B 459 12.24 -91.10 -43.42
C GLU B 459 11.73 -89.71 -43.03
N HIS B 460 11.78 -89.39 -41.74
CA HIS B 460 11.52 -88.05 -41.26
C HIS B 460 12.79 -87.22 -41.09
N GLY B 461 13.85 -87.56 -41.83
CA GLY B 461 15.05 -86.74 -41.77
C GLY B 461 14.78 -85.33 -42.26
N LEU B 462 15.10 -84.36 -41.41
CA LEU B 462 14.85 -82.96 -41.70
C LEU B 462 16.06 -82.28 -42.34
N CYS B 463 17.12 -83.03 -42.63
CA CYS B 463 18.32 -82.44 -43.21
C CYS B 463 18.02 -81.82 -44.58
N ALA B 464 17.30 -82.55 -45.43
CA ALA B 464 16.83 -81.97 -46.68
C ALA B 464 15.90 -80.80 -46.42
N HIS B 465 15.01 -80.94 -45.44
CA HIS B 465 14.17 -79.82 -45.02
C HIS B 465 15.00 -78.73 -44.37
N LEU B 466 16.06 -79.11 -43.64
CA LEU B 466 17.01 -78.12 -43.16
C LEU B 466 17.62 -77.35 -44.32
N TRP B 467 17.93 -78.05 -45.41
CA TRP B 467 18.35 -77.35 -46.63
C TRP B 467 17.23 -76.49 -47.18
N GLY B 468 15.99 -76.96 -47.07
CA GLY B 468 14.87 -76.17 -47.57
C GLY B 468 14.75 -74.84 -46.87
N LEU B 469 14.84 -74.84 -45.54
CA LEU B 469 14.82 -73.57 -44.81
C LEU B 469 16.09 -72.77 -45.05
N CYS B 470 17.23 -73.46 -45.23
CA CYS B 470 18.46 -72.76 -45.59
C CYS B 470 18.32 -72.07 -46.93
N SER B 471 17.68 -72.74 -47.89
CA SER B 471 17.40 -72.09 -49.17
C SER B 471 16.51 -70.87 -48.98
N LEU B 472 15.48 -70.99 -48.13
CA LEU B 472 14.69 -69.81 -47.78
C LEU B 472 15.55 -68.79 -47.04
N ALA B 473 16.41 -69.26 -46.14
CA ALA B 473 17.29 -68.36 -45.39
C ALA B 473 18.21 -67.60 -46.34
N ALA B 474 18.78 -68.30 -47.32
CA ALA B 474 19.68 -67.64 -48.27
C ALA B 474 18.95 -66.55 -49.05
N ASP B 475 17.73 -66.85 -49.49
CA ASP B 475 16.95 -65.84 -50.20
C ASP B 475 16.49 -64.73 -49.26
N GLY B 476 16.56 -64.96 -47.95
CA GLY B 476 16.12 -63.96 -47.00
C GLY B 476 16.89 -62.67 -47.09
N ILE B 477 18.18 -62.75 -47.43
CA ILE B 477 18.99 -61.56 -47.65
C ILE B 477 19.37 -61.39 -49.12
N TRP B 478 19.46 -62.47 -49.89
CA TRP B 478 19.77 -62.34 -51.31
C TRP B 478 18.64 -61.65 -52.06
N ASN B 479 17.41 -61.77 -51.55
CA ASN B 479 16.25 -61.07 -52.11
C ASN B 479 15.52 -60.25 -51.05
N GLN B 480 16.09 -60.13 -49.86
CA GLN B 480 15.67 -59.19 -48.83
C GLN B 480 14.25 -59.41 -48.33
N LYS B 481 13.75 -60.65 -48.32
CA LYS B 481 12.40 -60.92 -47.84
C LYS B 481 12.48 -61.75 -46.56
N ILE B 482 12.52 -61.06 -45.43
CA ILE B 482 12.43 -61.75 -44.14
C ILE B 482 11.01 -62.29 -43.94
N LEU B 483 10.01 -61.47 -44.22
CA LEU B 483 8.61 -61.86 -44.03
C LEU B 483 8.13 -62.68 -45.22
N PHE B 484 8.61 -63.92 -45.32
CA PHE B 484 8.33 -64.74 -46.50
C PHE B 484 6.85 -65.07 -46.62
N GLU B 485 6.19 -65.34 -45.50
CA GLU B 485 4.76 -65.67 -45.47
C GLU B 485 4.50 -66.99 -46.18
N GLU B 486 3.26 -67.48 -46.12
CA GLU B 486 2.86 -68.70 -46.81
C GLU B 486 3.09 -68.57 -48.32
N SER B 487 3.15 -67.34 -48.82
CA SER B 487 3.35 -67.11 -50.24
C SER B 487 4.65 -67.72 -50.74
N ASP B 488 5.71 -67.69 -49.91
CA ASP B 488 7.01 -68.17 -50.33
C ASP B 488 7.48 -69.41 -49.58
N LEU B 489 6.96 -69.69 -48.39
CA LEU B 489 7.31 -70.93 -47.70
C LEU B 489 6.87 -72.13 -48.51
N ARG B 490 5.68 -72.07 -49.11
CA ARG B 490 5.23 -73.13 -49.99
C ARG B 490 6.20 -73.35 -51.14
N ASN B 491 6.81 -72.27 -51.63
CA ASN B 491 7.84 -72.40 -52.65
C ASN B 491 9.07 -73.12 -52.09
N HIS B 492 9.42 -72.82 -50.83
CA HIS B 492 10.64 -73.37 -50.26
C HIS B 492 10.45 -74.70 -49.57
N GLY B 493 9.23 -75.04 -49.16
CA GLY B 493 9.06 -76.29 -48.45
C GLY B 493 7.60 -76.61 -48.20
N LEU B 494 7.40 -77.64 -47.38
CA LEU B 494 6.06 -78.16 -47.07
C LEU B 494 5.34 -77.15 -46.19
N GLN B 495 4.49 -76.35 -46.83
CA GLN B 495 3.86 -75.18 -46.24
C GLN B 495 3.05 -75.50 -44.98
N LYS B 496 2.57 -76.74 -44.85
CA LYS B 496 1.69 -77.06 -43.74
C LYS B 496 2.29 -78.07 -42.77
N ALA B 497 2.63 -79.26 -43.27
CA ALA B 497 2.95 -80.37 -42.39
C ALA B 497 4.31 -80.20 -41.70
N ASP B 498 5.38 -80.11 -42.48
CA ASP B 498 6.71 -80.13 -41.89
C ASP B 498 7.05 -78.85 -41.14
N VAL B 499 6.75 -77.69 -41.73
CA VAL B 499 7.17 -76.42 -41.11
C VAL B 499 6.49 -76.21 -39.77
N SER B 500 5.33 -76.84 -39.56
CA SER B 500 4.65 -76.72 -38.28
C SER B 500 5.51 -77.25 -37.14
N ALA B 501 6.22 -78.36 -37.37
CA ALA B 501 7.19 -78.83 -36.39
C ALA B 501 8.31 -77.83 -36.23
N PHE B 502 8.86 -77.33 -37.34
CA PHE B 502 9.92 -76.33 -37.27
C PHE B 502 9.43 -75.06 -36.58
N LEU B 503 8.22 -74.62 -36.91
CA LEU B 503 7.63 -73.46 -36.24
C LEU B 503 7.57 -73.69 -34.74
N ARG B 504 7.03 -74.84 -34.32
CA ARG B 504 6.94 -75.14 -32.90
C ARG B 504 8.33 -75.36 -32.29
N MET B 505 9.30 -75.79 -33.11
CA MET B 505 10.67 -75.83 -32.62
C MET B 505 11.28 -74.43 -32.58
N ASN B 506 11.00 -73.61 -33.59
CA ASN B 506 11.48 -72.23 -33.59
C ASN B 506 10.67 -71.33 -32.67
N LEU B 507 9.44 -71.73 -32.34
CA LEU B 507 8.63 -71.11 -31.29
C LEU B 507 8.08 -69.74 -31.66
N PHE B 508 8.56 -69.15 -32.75
CA PHE B 508 8.03 -67.88 -33.26
C PHE B 508 8.41 -67.74 -34.73
N GLN B 509 7.43 -67.89 -35.62
CA GLN B 509 7.69 -67.64 -37.02
C GLN B 509 6.57 -66.90 -37.73
N LYS B 510 5.40 -66.73 -37.10
CA LYS B 510 4.31 -66.02 -37.75
C LYS B 510 3.71 -64.93 -36.87
N GLU B 511 3.60 -65.20 -35.57
CA GLU B 511 2.75 -64.38 -34.71
C GLU B 511 3.31 -62.98 -34.49
N VAL B 512 4.58 -62.73 -34.83
CA VAL B 512 5.15 -61.41 -34.59
C VAL B 512 4.45 -60.34 -35.43
N ASP B 513 4.15 -60.65 -36.69
CA ASP B 513 3.42 -59.73 -37.56
C ASP B 513 1.94 -59.65 -37.23
N CYS B 514 1.36 -60.75 -36.75
CA CYS B 514 0.01 -60.82 -36.21
C CYS B 514 -1.08 -60.73 -37.27
N GLU B 515 -0.74 -60.39 -38.51
CA GLU B 515 -1.79 -60.35 -39.53
C GLU B 515 -1.85 -61.62 -40.37
N LYS B 516 -0.86 -61.82 -41.23
CA LYS B 516 -0.71 -63.07 -41.98
C LYS B 516 0.72 -63.50 -42.21
N PHE B 517 1.70 -62.63 -42.02
CA PHE B 517 3.05 -62.88 -42.53
C PHE B 517 3.80 -63.88 -41.65
N TYR B 518 4.75 -64.57 -42.26
CA TYR B 518 5.60 -65.54 -41.59
C TYR B 518 7.05 -65.08 -41.66
N SER B 519 7.79 -65.35 -40.59
CA SER B 519 9.14 -64.82 -40.45
C SER B 519 9.98 -65.84 -39.69
N PHE B 520 11.12 -65.40 -39.18
CA PHE B 520 12.04 -66.25 -38.44
C PHE B 520 12.16 -65.72 -37.01
N ILE B 521 12.93 -66.44 -36.20
CA ILE B 521 13.15 -66.01 -34.82
C ILE B 521 13.96 -64.72 -34.79
N HIS B 522 15.17 -64.77 -35.35
CA HIS B 522 16.07 -63.63 -35.34
C HIS B 522 16.96 -63.70 -36.57
N MET B 523 17.52 -62.55 -36.94
CA MET B 523 18.35 -62.45 -38.14
C MET B 523 19.63 -63.26 -38.03
N THR B 524 20.11 -63.55 -36.82
CA THR B 524 21.27 -64.41 -36.67
C THR B 524 21.00 -65.81 -37.21
N PHE B 525 19.81 -66.35 -36.94
CA PHE B 525 19.48 -67.67 -37.45
C PHE B 525 19.46 -67.68 -38.98
N GLN B 526 18.87 -66.65 -39.58
CA GLN B 526 18.84 -66.57 -41.03
C GLN B 526 20.24 -66.51 -41.61
N GLU B 527 21.12 -65.69 -41.02
CA GLU B 527 22.50 -65.64 -41.47
C GLU B 527 23.28 -66.89 -41.08
N PHE B 528 22.88 -67.59 -40.03
CA PHE B 528 23.53 -68.84 -39.69
C PHE B 528 23.21 -69.92 -40.71
N PHE B 529 21.93 -70.08 -41.06
CA PHE B 529 21.56 -71.05 -42.07
C PHE B 529 22.06 -70.64 -43.45
N ALA B 530 22.18 -69.34 -43.70
CA ALA B 530 22.75 -68.88 -44.96
C ALA B 530 24.19 -69.36 -45.11
N ALA B 531 24.92 -69.46 -44.00
CA ALA B 531 26.27 -69.99 -44.05
C ALA B 531 26.27 -71.50 -44.19
N MET B 532 25.29 -72.18 -43.61
CA MET B 532 25.23 -73.64 -43.70
C MET B 532 25.06 -74.11 -45.13
N TYR B 533 24.15 -73.48 -45.87
CA TYR B 533 23.84 -73.93 -47.23
C TYR B 533 25.07 -73.88 -48.11
N TYR B 534 25.97 -72.93 -47.87
CA TYR B 534 27.18 -72.83 -48.67
C TYR B 534 28.03 -74.08 -48.55
N LEU B 535 28.14 -74.62 -47.33
CA LEU B 535 28.90 -75.85 -47.13
C LEU B 535 28.14 -77.09 -47.57
N LEU B 536 26.81 -77.10 -47.45
CA LEU B 536 26.03 -78.28 -47.78
C LEU B 536 25.88 -78.51 -49.27
N GLU B 537 26.60 -77.74 -50.09
CA GLU B 537 26.61 -77.93 -51.55
C GLU B 537 25.21 -77.87 -52.13
N GLU B 538 24.37 -77.11 -51.41
CA GLU B 538 22.94 -77.02 -51.77
C GLU B 538 22.35 -78.44 -51.83
N GLU B 539 22.29 -79.12 -50.67
CA GLU B 539 21.76 -80.51 -50.62
C GLU B 539 22.61 -81.39 -51.51
N LYS B 540 23.91 -81.11 -51.57
CA LYS B 540 24.84 -81.89 -52.41
C LYS B 540 24.53 -81.58 -53.87
N GLU B 541 25.15 -82.30 -54.80
CA GLU B 541 24.81 -82.12 -56.23
C GLU B 541 23.94 -83.31 -56.65
N GLY B 542 23.42 -84.07 -55.68
CA GLY B 542 22.65 -85.28 -56.01
C GLY B 542 21.27 -85.34 -55.38
N ARG B 543 20.60 -84.19 -55.24
CA ARG B 543 19.26 -84.14 -54.59
C ARG B 543 18.31 -83.18 -55.32
N THR B 544 18.48 -81.86 -55.15
CA THR B 544 17.55 -80.87 -55.77
C THR B 544 16.12 -81.11 -55.27
N ASN B 545 15.18 -81.47 -56.15
CA ASN B 545 13.76 -81.72 -55.76
C ASN B 545 13.14 -80.45 -55.16
N VAL B 546 13.32 -79.31 -55.80
CA VAL B 546 12.81 -77.99 -55.29
C VAL B 546 11.27 -77.91 -55.32
N PRO B 547 10.61 -77.25 -54.35
CA PRO B 547 9.15 -77.03 -54.38
C PRO B 547 8.76 -75.93 -55.36
N GLY B 548 9.04 -76.13 -56.66
CA GLY B 548 8.73 -75.20 -57.73
C GLY B 548 9.81 -74.18 -58.03
N SER B 549 10.91 -74.21 -57.26
CA SER B 549 11.99 -73.21 -57.41
C SER B 549 12.99 -73.57 -58.50
N ARG B 550 12.57 -73.57 -59.76
CA ARG B 550 13.52 -73.74 -60.86
C ARG B 550 14.45 -72.55 -60.98
N LEU B 551 14.07 -71.40 -60.42
CA LEU B 551 14.86 -70.19 -60.49
C LEU B 551 15.01 -69.62 -59.08
N LYS B 552 15.54 -68.39 -59.01
CA LYS B 552 15.74 -67.66 -57.77
C LYS B 552 16.71 -68.36 -56.82
N LEU B 553 17.58 -69.21 -57.35
CA LEU B 553 18.59 -69.84 -56.52
C LEU B 553 19.80 -68.92 -56.42
N PRO B 554 20.14 -68.41 -55.24
CA PRO B 554 21.37 -67.63 -55.11
C PRO B 554 22.58 -68.49 -55.41
N SER B 555 23.61 -67.84 -55.96
CA SER B 555 24.78 -68.55 -56.43
C SER B 555 25.45 -69.32 -55.29
N ARG B 556 25.76 -70.59 -55.55
CA ARG B 556 26.46 -71.42 -54.58
C ARG B 556 27.91 -70.98 -54.40
N ASP B 557 28.41 -70.11 -55.27
CA ASP B 557 29.75 -69.56 -55.10
C ASP B 557 29.80 -68.62 -53.90
N VAL B 558 30.94 -68.60 -53.23
CA VAL B 558 31.14 -67.76 -52.05
C VAL B 558 31.99 -66.53 -52.34
N THR B 559 32.67 -66.48 -53.48
CA THR B 559 33.46 -65.29 -53.82
C THR B 559 32.55 -64.07 -53.95
N VAL B 560 31.38 -64.25 -54.54
CA VAL B 560 30.42 -63.15 -54.65
C VAL B 560 30.01 -62.65 -53.27
N LEU B 561 29.94 -63.56 -52.30
CA LEU B 561 29.59 -63.18 -50.94
C LEU B 561 30.56 -62.15 -50.39
N LEU B 562 31.85 -62.38 -50.58
CA LEU B 562 32.86 -61.42 -50.15
C LEU B 562 32.89 -60.20 -51.06
N GLU B 563 32.42 -60.33 -52.30
CA GLU B 563 32.33 -59.19 -53.21
C GLU B 563 31.17 -58.27 -52.88
N ASN B 564 30.04 -58.82 -52.44
CA ASN B 564 28.95 -58.00 -51.93
C ASN B 564 29.07 -57.71 -50.44
N TYR B 565 30.15 -58.18 -49.82
CA TYR B 565 30.35 -57.96 -48.39
C TYR B 565 30.44 -56.48 -48.06
N GLY B 566 29.76 -56.07 -46.99
CA GLY B 566 29.76 -54.69 -46.57
C GLY B 566 28.71 -53.82 -47.22
N LYS B 567 27.93 -54.35 -48.16
CA LYS B 567 26.86 -53.57 -48.79
C LYS B 567 25.61 -53.60 -47.93
N PHE B 568 25.00 -52.43 -47.73
CA PHE B 568 23.73 -52.38 -47.02
C PHE B 568 22.64 -53.13 -47.79
N GLU B 569 22.83 -53.29 -49.10
CA GLU B 569 21.91 -54.11 -49.89
C GLU B 569 21.85 -55.54 -49.39
N LYS B 570 22.94 -56.01 -48.78
CA LYS B 570 23.02 -57.39 -48.30
C LYS B 570 23.25 -57.45 -46.80
N GLY B 571 23.00 -56.35 -46.09
CA GLY B 571 23.10 -56.35 -44.64
C GLY B 571 24.50 -56.51 -44.10
N TYR B 572 25.51 -56.07 -44.85
CA TYR B 572 26.90 -56.06 -44.42
C TYR B 572 27.49 -57.45 -44.27
N LEU B 573 26.65 -58.48 -44.39
CA LEU B 573 27.08 -59.88 -44.47
C LEU B 573 28.09 -60.27 -43.38
N ILE B 574 27.89 -59.80 -42.14
CA ILE B 574 28.85 -60.12 -41.09
C ILE B 574 28.79 -61.60 -40.75
N PHE B 575 27.66 -62.04 -40.21
CA PHE B 575 27.56 -63.39 -39.67
C PHE B 575 27.73 -64.45 -40.75
N VAL B 576 27.22 -64.19 -41.96
CA VAL B 576 27.37 -65.15 -43.05
C VAL B 576 28.84 -65.49 -43.21
N VAL B 577 29.68 -64.47 -43.41
CA VAL B 577 31.12 -64.71 -43.48
C VAL B 577 31.64 -65.24 -42.16
N ARG B 578 31.20 -64.64 -41.05
CA ARG B 578 31.75 -65.00 -39.75
C ARG B 578 31.45 -66.46 -39.40
N PHE B 579 30.24 -66.92 -39.72
CA PHE B 579 29.87 -68.30 -39.37
C PHE B 579 30.59 -69.31 -40.26
N LEU B 580 31.05 -68.89 -41.44
CA LEU B 580 31.73 -69.82 -42.34
C LEU B 580 32.98 -70.41 -41.69
N PHE B 581 33.75 -69.57 -40.98
CA PHE B 581 34.96 -70.01 -40.33
C PHE B 581 34.67 -71.10 -39.30
N GLY B 582 33.68 -70.87 -38.45
CA GLY B 582 33.37 -71.85 -37.42
C GLY B 582 32.85 -73.16 -37.99
N LEU B 583 32.09 -73.08 -39.09
CA LEU B 583 31.49 -74.27 -39.67
C LEU B 583 32.51 -75.23 -40.25
N VAL B 584 33.59 -74.72 -40.85
CA VAL B 584 34.48 -75.56 -41.63
C VAL B 584 35.44 -76.35 -40.77
N ASN B 585 35.31 -76.28 -39.45
CA ASN B 585 36.11 -77.11 -38.57
C ASN B 585 35.94 -78.58 -38.94
N GLN B 586 37.00 -79.18 -39.47
CA GLN B 586 36.94 -80.50 -40.06
C GLN B 586 36.64 -81.54 -38.99
N GLU B 587 37.46 -81.59 -37.95
CA GLU B 587 37.31 -82.58 -36.90
C GLU B 587 35.98 -82.43 -36.17
N ARG B 588 35.55 -81.20 -35.95
CA ARG B 588 34.34 -80.95 -35.16
C ARG B 588 33.09 -81.46 -35.88
N THR B 589 32.95 -81.10 -37.15
CA THR B 589 31.74 -81.47 -37.88
C THR B 589 31.83 -82.86 -38.48
N SER B 590 33.01 -83.50 -38.41
CA SER B 590 33.17 -84.82 -39.01
C SER B 590 32.26 -85.84 -38.37
N TYR B 591 32.30 -85.95 -37.04
CA TYR B 591 31.40 -86.84 -36.32
C TYR B 591 30.19 -86.12 -35.74
N LEU B 592 29.99 -84.85 -36.11
CA LEU B 592 28.79 -84.12 -35.69
C LEU B 592 27.69 -84.24 -36.73
N GLU B 593 28.05 -84.05 -38.00
CA GLU B 593 27.06 -84.06 -39.08
C GLU B 593 27.16 -85.29 -39.96
N LYS B 594 28.33 -85.56 -40.53
CA LYS B 594 28.51 -86.58 -41.57
C LYS B 594 27.62 -86.30 -42.77
N LYS B 595 26.96 -85.14 -42.75
CA LYS B 595 26.25 -84.60 -43.90
C LYS B 595 26.93 -83.33 -44.39
N LEU B 596 28.26 -83.34 -44.39
CA LEU B 596 29.07 -82.14 -44.42
C LEU B 596 29.51 -81.81 -45.86
N SER B 597 30.45 -80.87 -45.98
CA SER B 597 30.97 -80.45 -47.27
C SER B 597 32.02 -81.42 -47.79
N CYS B 598 32.76 -80.99 -48.81
CA CYS B 598 33.78 -81.81 -49.45
C CYS B 598 34.97 -80.90 -49.75
N LYS B 599 35.82 -81.34 -50.68
CA LYS B 599 36.94 -80.52 -51.14
C LYS B 599 36.50 -79.11 -51.50
N ILE B 600 35.21 -78.91 -51.75
CA ILE B 600 34.64 -77.59 -51.99
C ILE B 600 34.96 -76.69 -50.80
N SER B 601 34.76 -77.21 -49.59
CA SER B 601 35.14 -76.44 -48.41
C SER B 601 36.64 -76.18 -48.37
N GLN B 602 37.44 -77.18 -48.76
CA GLN B 602 38.88 -77.02 -48.78
C GLN B 602 39.29 -75.93 -49.77
N GLN B 603 38.69 -75.93 -50.96
CA GLN B 603 38.97 -74.85 -51.90
C GLN B 603 38.30 -73.55 -51.48
N ILE B 604 37.23 -73.64 -50.68
CA ILE B 604 36.65 -72.43 -50.08
C ILE B 604 37.65 -71.79 -49.12
N ARG B 605 38.34 -72.61 -48.33
CA ARG B 605 39.34 -72.08 -47.40
C ARG B 605 40.40 -71.28 -48.14
N LEU B 606 40.91 -71.82 -49.25
CA LEU B 606 41.86 -71.06 -50.06
C LEU B 606 41.23 -69.79 -50.60
N GLU B 607 39.98 -69.88 -51.07
CA GLU B 607 39.26 -68.68 -51.48
C GLU B 607 39.09 -67.72 -50.31
N LEU B 608 38.71 -68.25 -49.14
CA LEU B 608 38.56 -67.41 -47.96
C LEU B 608 39.92 -66.90 -47.48
N LEU B 609 40.96 -67.72 -47.63
CA LEU B 609 42.31 -67.26 -47.31
C LEU B 609 42.68 -66.07 -48.18
N LYS B 610 42.34 -66.12 -49.46
CA LYS B 610 42.64 -65.00 -50.36
C LYS B 610 41.88 -63.75 -49.96
N TRP B 611 40.65 -63.90 -49.47
CA TRP B 611 39.88 -62.75 -49.02
C TRP B 611 40.58 -62.02 -47.88
N ILE B 612 41.04 -62.78 -46.89
CA ILE B 612 41.77 -62.17 -45.77
C ILE B 612 43.08 -61.59 -46.26
N GLU B 613 43.74 -62.28 -47.19
CA GLU B 613 45.04 -61.84 -47.68
C GLU B 613 44.95 -60.47 -48.34
N VAL B 614 43.97 -60.30 -49.22
CA VAL B 614 43.90 -59.06 -50.01
C VAL B 614 43.54 -57.87 -49.12
N LYS B 615 42.71 -58.08 -48.11
CA LYS B 615 42.21 -56.96 -47.31
C LYS B 615 43.35 -56.21 -46.63
N ALA B 616 44.23 -56.93 -45.94
CA ALA B 616 45.33 -56.27 -45.24
C ALA B 616 46.29 -55.61 -46.22
N LYS B 617 46.59 -56.28 -47.33
CA LYS B 617 47.64 -55.80 -48.24
C LYS B 617 47.16 -54.61 -49.07
N ALA B 618 45.91 -54.65 -49.54
CA ALA B 618 45.47 -53.72 -50.57
C ALA B 618 44.93 -52.41 -50.01
N LYS B 619 43.86 -52.43 -49.22
CA LYS B 619 43.20 -51.19 -48.81
C LYS B 619 42.84 -51.30 -47.33
N LYS B 620 43.38 -50.38 -46.53
CA LYS B 620 43.00 -50.31 -45.12
C LYS B 620 41.79 -49.40 -44.92
N LEU B 621 41.56 -48.45 -45.83
CA LEU B 621 40.43 -47.53 -45.73
C LEU B 621 39.22 -48.17 -46.40
N GLN B 622 38.40 -48.83 -45.60
CA GLN B 622 37.11 -49.34 -46.05
C GLN B 622 36.09 -49.09 -44.95
N ILE B 623 34.84 -49.47 -45.22
CA ILE B 623 33.72 -49.12 -44.35
C ILE B 623 33.98 -49.61 -42.93
N GLN B 624 34.03 -50.93 -42.74
CA GLN B 624 34.50 -51.50 -41.49
C GLN B 624 34.82 -52.99 -41.58
N PRO B 625 35.81 -53.40 -42.40
CA PRO B 625 36.33 -54.76 -42.25
C PRO B 625 37.42 -54.79 -41.19
N SER B 626 37.04 -54.62 -39.93
CA SER B 626 37.99 -54.32 -38.87
C SER B 626 39.00 -55.44 -38.68
N GLN B 627 40.19 -55.05 -38.22
CA GLN B 627 41.24 -56.03 -37.95
C GLN B 627 40.80 -57.01 -36.87
N LEU B 628 40.13 -56.51 -35.82
CA LEU B 628 39.57 -57.41 -34.81
C LEU B 628 38.43 -58.23 -35.40
N GLU B 629 37.68 -57.65 -36.34
CA GLU B 629 36.60 -58.40 -36.97
C GLU B 629 37.14 -59.62 -37.71
N LEU B 630 38.25 -59.46 -38.42
CA LEU B 630 38.94 -60.61 -38.97
C LEU B 630 39.42 -61.53 -37.86
N PHE B 631 39.95 -60.96 -36.78
CA PHE B 631 40.40 -61.76 -35.65
C PHE B 631 39.27 -62.59 -35.07
N TYR B 632 38.05 -62.07 -35.12
CA TYR B 632 36.89 -62.89 -34.78
C TYR B 632 36.80 -64.09 -35.71
N CYS B 633 37.01 -63.87 -37.01
CA CYS B 633 36.90 -64.95 -37.98
C CYS B 633 37.94 -66.04 -37.73
N LEU B 634 39.21 -65.64 -37.62
CA LEU B 634 40.26 -66.62 -37.34
C LEU B 634 40.06 -67.31 -36.01
N TYR B 635 39.43 -66.61 -35.05
CA TYR B 635 39.14 -67.24 -33.76
C TYR B 635 38.17 -68.39 -33.94
N GLU B 636 37.15 -68.23 -34.78
CA GLU B 636 36.22 -69.32 -35.03
C GLU B 636 36.94 -70.50 -35.67
N MET B 637 37.78 -70.24 -36.67
CA MET B 637 38.55 -71.29 -37.34
C MET B 637 39.73 -71.69 -36.46
N GLN B 638 39.53 -72.75 -35.69
CA GLN B 638 40.58 -73.23 -34.79
C GLN B 638 41.69 -73.90 -35.59
N GLU B 639 42.68 -74.45 -34.88
CA GLU B 639 43.84 -75.12 -35.45
C GLU B 639 44.78 -74.08 -36.06
N GLU B 640 46.09 -74.26 -35.87
CA GLU B 640 47.08 -73.21 -36.25
C GLU B 640 47.26 -72.76 -37.71
N ASP B 641 47.63 -73.61 -38.67
CA ASP B 641 48.15 -73.16 -40.00
C ASP B 641 47.33 -72.17 -40.84
N PHE B 642 46.03 -72.39 -41.06
CA PHE B 642 45.33 -71.45 -41.97
C PHE B 642 45.31 -70.08 -41.29
N VAL B 643 45.00 -70.13 -40.00
CA VAL B 643 44.88 -68.86 -39.25
C VAL B 643 46.27 -68.22 -39.26
N GLN B 644 47.33 -69.02 -39.16
CA GLN B 644 48.72 -68.49 -39.11
C GLN B 644 49.04 -67.77 -40.41
N ARG B 645 48.79 -68.41 -41.56
CA ARG B 645 49.02 -67.75 -42.87
C ARG B 645 48.25 -66.42 -42.91
N ALA B 646 47.01 -66.41 -42.42
CA ALA B 646 46.19 -65.19 -42.51
C ALA B 646 46.74 -64.10 -41.59
N MET B 647 47.13 -64.44 -40.37
CA MET B 647 47.62 -63.46 -39.36
C MET B 647 48.95 -62.88 -39.80
N ASP B 648 49.72 -63.66 -40.57
CA ASP B 648 51.04 -63.18 -41.07
C ASP B 648 50.84 -62.37 -42.35
N TYR B 649 49.63 -61.84 -42.55
CA TYR B 649 49.42 -60.95 -43.71
C TYR B 649 49.41 -59.48 -43.26
N PHE B 650 49.73 -59.20 -41.99
CA PHE B 650 49.64 -57.81 -41.50
C PHE B 650 50.55 -57.52 -40.30
N PRO B 651 51.62 -56.68 -40.35
CA PRO B 651 52.31 -56.27 -39.13
C PRO B 651 51.62 -55.07 -38.49
N LYS B 652 50.71 -54.44 -39.25
CA LYS B 652 49.98 -53.26 -38.80
C LYS B 652 48.72 -53.71 -38.07
N ILE B 653 48.85 -53.90 -36.76
CA ILE B 653 47.72 -54.29 -35.93
C ILE B 653 47.29 -53.06 -35.13
N GLU B 654 46.15 -52.49 -35.51
CA GLU B 654 45.54 -51.37 -34.82
C GLU B 654 44.09 -51.72 -34.54
N ILE B 655 43.79 -52.05 -33.27
CA ILE B 655 42.49 -52.55 -32.89
C ILE B 655 42.00 -51.81 -31.65
N ASN B 656 40.70 -51.91 -31.40
CA ASN B 656 40.07 -51.34 -30.22
C ASN B 656 39.31 -52.44 -29.49
N LEU B 657 39.24 -52.33 -28.17
CA LEU B 657 38.64 -53.36 -27.33
C LEU B 657 37.55 -52.75 -26.47
N SER B 658 36.47 -53.50 -26.26
CA SER B 658 35.34 -53.04 -25.47
C SER B 658 34.94 -53.99 -24.36
N THR B 659 35.07 -55.30 -24.54
CA THR B 659 34.64 -56.26 -23.55
C THR B 659 35.60 -57.44 -23.54
N ARG B 660 35.56 -58.21 -22.45
CA ARG B 660 36.40 -59.39 -22.27
C ARG B 660 36.45 -60.25 -23.52
N MET B 661 35.30 -60.45 -24.16
CA MET B 661 35.27 -61.23 -25.40
C MET B 661 36.18 -60.60 -26.44
N ASP B 662 36.11 -59.29 -26.61
CA ASP B 662 37.01 -58.61 -27.54
C ASP B 662 38.45 -58.77 -27.11
N HIS B 663 38.71 -58.66 -25.80
CA HIS B 663 40.06 -58.88 -25.29
C HIS B 663 40.47 -60.34 -25.49
N MET B 664 39.53 -61.28 -25.30
CA MET B 664 39.86 -62.68 -25.43
C MET B 664 40.21 -63.05 -26.87
N VAL B 665 39.37 -62.63 -27.82
CA VAL B 665 39.62 -62.98 -29.21
C VAL B 665 40.92 -62.35 -29.70
N SER B 666 41.17 -61.10 -29.30
CA SER B 666 42.44 -60.46 -29.64
C SER B 666 43.59 -61.20 -29.00
N SER B 667 43.44 -61.61 -27.74
CA SER B 667 44.49 -62.37 -27.08
C SER B 667 44.71 -63.71 -27.78
N PHE B 668 43.63 -64.42 -28.11
CA PHE B 668 43.77 -65.73 -28.71
C PHE B 668 44.38 -65.65 -30.10
N CYS B 669 43.91 -64.71 -30.92
CA CYS B 669 44.37 -64.66 -32.31
C CYS B 669 45.86 -64.37 -32.39
N ILE B 670 46.36 -63.46 -31.54
CA ILE B 670 47.79 -63.14 -31.55
C ILE B 670 48.64 -64.28 -31.01
N GLU B 671 48.04 -65.25 -30.31
CA GLU B 671 48.80 -66.41 -29.85
C GLU B 671 49.43 -67.10 -31.05
N ASN B 672 48.75 -67.02 -32.19
CA ASN B 672 49.28 -67.58 -33.42
C ASN B 672 50.31 -66.63 -34.03
N CYS B 673 51.10 -67.17 -34.95
CA CYS B 673 52.14 -66.40 -35.64
C CYS B 673 53.17 -65.84 -34.66
N HIS B 674 54.07 -65.01 -35.16
CA HIS B 674 55.15 -64.43 -34.38
C HIS B 674 55.76 -63.28 -35.17
N ARG B 675 56.86 -62.72 -34.67
CA ARG B 675 57.66 -61.72 -35.38
C ARG B 675 56.88 -60.45 -35.69
N VAL B 676 55.63 -60.38 -35.23
CA VAL B 676 54.73 -59.27 -35.51
C VAL B 676 55.38 -57.96 -35.07
N GLU B 677 55.33 -56.95 -35.94
CA GLU B 677 56.09 -55.73 -35.69
C GLU B 677 55.38 -54.82 -34.70
N SER B 678 54.18 -54.35 -35.05
CA SER B 678 53.57 -53.23 -34.33
C SER B 678 52.19 -53.64 -33.82
N LEU B 679 51.94 -53.37 -32.55
CA LEU B 679 50.62 -53.51 -31.95
C LEU B 679 50.10 -52.14 -31.55
N SER B 680 48.81 -51.90 -31.81
CA SER B 680 48.20 -50.62 -31.48
C SER B 680 46.90 -50.87 -30.74
N LEU B 681 46.63 -50.03 -29.75
CA LEU B 681 45.45 -50.16 -28.90
C LEU B 681 45.01 -48.76 -28.47
N GLY B 682 43.96 -48.72 -27.65
CA GLY B 682 43.55 -47.47 -27.03
C GLY B 682 42.52 -46.69 -27.82
N PHE B 683 42.35 -45.43 -27.41
CA PHE B 683 41.37 -44.54 -28.04
C PHE B 683 41.70 -44.30 -29.51
N LEU B 684 42.88 -43.74 -29.78
CA LEU B 684 43.36 -43.47 -31.13
C LEU B 684 42.36 -42.72 -31.99
N HIS B 685 42.13 -43.23 -33.22
CA HIS B 685 41.32 -42.60 -34.25
C HIS B 685 41.98 -41.32 -34.75
N ASN B 686 43.07 -40.93 -34.09
CA ASN B 686 43.90 -39.78 -34.45
C ASN B 686 45.19 -39.95 -33.66
N MET B 687 46.32 -39.99 -34.36
CA MET B 687 47.58 -40.25 -33.67
C MET B 687 48.62 -39.19 -33.99
N PRO B 688 48.39 -37.93 -33.61
CA PRO B 688 49.38 -36.87 -33.90
C PRO B 688 50.38 -36.69 -32.78
N LYS B 689 51.27 -35.70 -32.92
CA LYS B 689 52.16 -35.27 -31.86
C LYS B 689 53.15 -36.37 -31.48
N GLU B 690 53.39 -37.32 -32.39
CA GLU B 690 54.36 -38.37 -32.08
C GLU B 690 55.25 -38.73 -33.26
N GLU B 691 55.60 -37.79 -34.14
CA GLU B 691 56.36 -38.09 -35.34
C GLU B 691 57.83 -38.32 -35.02
N GLU B 692 58.34 -39.50 -35.37
CA GLU B 692 59.76 -39.81 -35.23
C GLU B 692 60.59 -38.96 -36.19
N GLU B 693 61.81 -38.65 -35.77
CA GLU B 693 62.72 -37.90 -36.64
C GLU B 693 63.94 -38.67 -37.09
N GLU B 694 64.44 -39.65 -36.32
CA GLU B 694 65.64 -40.42 -36.66
C GLU B 694 66.75 -39.42 -36.98
N GLU B 695 67.43 -39.54 -38.12
CA GLU B 695 68.52 -38.64 -38.48
C GLU B 695 68.40 -38.25 -39.95
N LYS B 696 68.87 -37.05 -40.27
CA LYS B 696 68.86 -36.52 -41.64
C LYS B 696 67.44 -36.42 -42.20
N GLU B 697 66.47 -36.18 -41.31
CA GLU B 697 65.09 -36.07 -41.74
C GLU B 697 64.77 -34.67 -42.21
N GLY B 698 63.77 -34.57 -43.08
CA GLY B 698 63.23 -33.29 -43.48
C GLY B 698 61.97 -32.95 -42.71
N ARG B 699 61.55 -33.86 -41.85
CA ARG B 699 60.38 -33.70 -41.00
C ARG B 699 60.77 -33.99 -39.56
N HIS B 700 60.25 -33.18 -38.64
CA HIS B 700 60.57 -33.29 -37.22
C HIS B 700 59.28 -33.43 -36.42
N LEU B 701 59.45 -33.70 -35.13
CA LEU B 701 58.30 -33.69 -34.22
C LEU B 701 57.84 -32.27 -33.97
N ASP B 702 56.53 -32.06 -34.08
CA ASP B 702 55.93 -30.74 -33.89
C ASP B 702 54.75 -30.89 -32.93
N MET B 703 54.38 -29.78 -32.29
CA MET B 703 53.29 -29.79 -31.34
C MET B 703 51.95 -29.98 -32.05
N VAL B 704 51.04 -30.70 -31.40
CA VAL B 704 49.66 -30.80 -31.86
C VAL B 704 48.72 -30.42 -30.73
N GLN B 705 48.82 -31.15 -29.61
CA GLN B 705 48.05 -30.90 -28.40
C GLN B 705 46.55 -31.09 -28.60
N CYS B 706 46.15 -31.44 -29.83
CA CYS B 706 44.76 -31.46 -30.26
C CYS B 706 44.13 -30.11 -29.94
N VAL B 707 42.83 -30.03 -29.67
CA VAL B 707 42.22 -28.80 -29.16
C VAL B 707 41.37 -29.11 -27.94
N LEU B 708 40.44 -30.05 -28.09
CA LEU B 708 39.40 -30.37 -27.12
C LEU B 708 39.85 -31.03 -25.82
N PRO B 709 40.96 -31.78 -25.76
CA PRO B 709 41.33 -32.39 -24.47
C PRO B 709 41.44 -31.40 -23.32
N SER B 710 42.03 -30.22 -23.58
CA SER B 710 42.09 -29.11 -22.62
C SER B 710 42.34 -29.57 -21.19
N SER B 711 41.53 -29.08 -20.26
CA SER B 711 41.58 -29.52 -18.87
C SER B 711 40.70 -30.73 -18.60
N SER B 712 39.91 -31.16 -19.58
CA SER B 712 39.08 -32.35 -19.41
C SER B 712 39.95 -33.61 -19.30
N HIS B 713 41.06 -33.64 -20.04
CA HIS B 713 41.95 -34.80 -19.97
C HIS B 713 42.50 -34.99 -18.56
N ALA B 714 42.93 -33.90 -17.93
CA ALA B 714 43.44 -34.00 -16.55
C ALA B 714 42.32 -34.38 -15.59
N ALA B 715 41.12 -33.88 -15.80
CA ALA B 715 40.00 -34.21 -14.92
C ALA B 715 39.66 -35.68 -14.97
N CYS B 716 39.69 -36.28 -16.17
CA CYS B 716 39.37 -37.70 -16.31
C CYS B 716 40.43 -38.58 -15.65
N SER B 717 41.68 -38.11 -15.61
CA SER B 717 42.76 -38.94 -15.10
C SER B 717 42.68 -39.17 -13.59
N HIS B 718 41.93 -38.34 -12.87
CA HIS B 718 41.86 -38.45 -11.42
C HIS B 718 40.62 -39.21 -10.94
N GLY B 719 39.46 -38.93 -11.53
CA GLY B 719 38.22 -39.58 -11.13
C GLY B 719 37.68 -40.55 -12.16
N LEU B 720 38.56 -41.31 -12.81
CA LEU B 720 38.16 -42.24 -13.86
C LEU B 720 37.27 -43.36 -13.34
N VAL B 721 37.60 -43.88 -12.16
CA VAL B 721 36.87 -44.97 -11.51
C VAL B 721 36.94 -46.21 -12.39
N ASN B 722 35.87 -46.48 -13.15
CA ASN B 722 35.80 -47.61 -14.06
C ASN B 722 36.07 -48.93 -13.34
N SER B 723 35.16 -49.29 -12.43
CA SER B 723 35.27 -50.56 -11.72
C SER B 723 35.12 -51.76 -12.64
N HIS B 724 34.53 -51.59 -13.83
CA HIS B 724 34.44 -52.67 -14.80
C HIS B 724 35.77 -52.98 -15.47
N LEU B 725 36.79 -52.15 -15.26
CA LEU B 725 38.15 -52.40 -15.74
C LEU B 725 39.03 -52.68 -14.53
N THR B 726 39.68 -53.85 -14.53
CA THR B 726 40.40 -54.35 -13.36
C THR B 726 41.75 -54.89 -13.81
N SER B 727 42.41 -55.63 -12.91
CA SER B 727 43.61 -56.36 -13.30
C SER B 727 43.34 -57.30 -14.45
N SER B 728 42.14 -57.88 -14.48
CA SER B 728 41.69 -58.64 -15.63
C SER B 728 41.52 -57.71 -16.84
N PHE B 729 41.18 -58.31 -17.98
CA PHE B 729 41.08 -57.66 -19.28
C PHE B 729 42.47 -57.31 -19.79
N CYS B 730 43.48 -57.42 -18.93
CA CYS B 730 44.84 -57.03 -19.29
C CYS B 730 45.83 -58.16 -19.06
N ARG B 731 45.67 -58.90 -17.96
CA ARG B 731 46.61 -59.95 -17.62
C ARG B 731 46.73 -60.98 -18.74
N GLY B 732 45.61 -61.43 -19.27
CA GLY B 732 45.62 -62.37 -20.36
C GLY B 732 46.18 -61.77 -21.64
N LEU B 733 45.75 -60.56 -21.98
CA LEU B 733 46.19 -59.94 -23.23
C LEU B 733 47.68 -59.69 -23.22
N PHE B 734 48.22 -59.21 -22.10
CA PHE B 734 49.65 -58.96 -22.03
C PHE B 734 50.44 -60.25 -21.83
N SER B 735 49.77 -61.32 -21.38
CA SER B 735 50.44 -62.62 -21.32
C SER B 735 50.85 -63.07 -22.71
N VAL B 736 50.09 -62.68 -23.74
CA VAL B 736 50.54 -62.87 -25.11
C VAL B 736 51.78 -62.04 -25.37
N LEU B 737 51.79 -60.80 -24.90
CA LEU B 737 52.94 -59.93 -25.12
C LEU B 737 54.18 -60.44 -24.39
N SER B 738 54.01 -61.01 -23.20
CA SER B 738 55.13 -61.66 -22.53
C SER B 738 55.69 -62.79 -23.37
N THR B 739 54.84 -63.44 -24.18
CA THR B 739 55.25 -64.44 -25.14
C THR B 739 55.38 -63.86 -26.54
N SER B 740 55.93 -62.65 -26.64
CA SER B 740 55.94 -61.90 -27.89
C SER B 740 56.63 -62.69 -29.00
N GLN B 741 57.74 -63.35 -28.68
CA GLN B 741 58.47 -64.15 -29.66
C GLN B 741 58.91 -63.29 -30.84
N SER B 742 59.80 -62.33 -30.58
CA SER B 742 60.44 -61.48 -31.58
C SER B 742 59.53 -60.35 -32.06
N LEU B 743 58.60 -59.91 -31.23
CA LEU B 743 57.91 -58.65 -31.48
C LEU B 743 58.86 -57.49 -31.22
N THR B 744 58.65 -56.40 -31.95
CA THR B 744 59.57 -55.26 -31.88
C THR B 744 58.94 -53.99 -31.34
N GLU B 745 57.78 -53.58 -31.83
CA GLU B 745 57.22 -52.29 -31.52
C GLU B 745 55.85 -52.44 -30.88
N LEU B 746 55.60 -51.66 -29.83
CA LEU B 746 54.30 -51.63 -29.17
C LEU B 746 53.90 -50.19 -28.91
N ASP B 747 52.68 -49.85 -29.31
CA ASP B 747 52.12 -48.53 -29.11
C ASP B 747 50.93 -48.60 -28.15
N LEU B 748 50.91 -47.69 -27.19
CA LEU B 748 49.82 -47.60 -26.24
C LEU B 748 49.27 -46.18 -26.11
N SER B 749 49.33 -45.38 -27.17
CA SER B 749 49.01 -43.97 -27.08
C SER B 749 47.54 -43.75 -26.74
N ASP B 750 47.27 -42.66 -26.03
CA ASP B 750 45.92 -42.19 -25.71
C ASP B 750 45.16 -43.18 -24.84
N ASN B 751 45.82 -44.26 -24.43
CA ASN B 751 45.13 -45.29 -23.66
C ASN B 751 44.81 -44.80 -22.25
N SER B 752 43.68 -45.29 -21.73
CA SER B 752 43.24 -44.93 -20.39
C SER B 752 43.85 -45.87 -19.35
N LEU B 753 44.96 -46.52 -19.72
CA LEU B 753 45.60 -47.50 -18.86
C LEU B 753 46.25 -46.79 -17.68
N GLY B 754 45.80 -47.12 -16.46
CA GLY B 754 46.35 -46.49 -15.25
C GLY B 754 47.57 -47.21 -14.68
N ASP B 755 48.00 -46.85 -13.47
CA ASP B 755 49.23 -47.41 -12.85
C ASP B 755 49.16 -48.93 -12.56
N PRO B 756 48.07 -49.52 -12.01
CA PRO B 756 48.04 -50.99 -11.78
C PRO B 756 48.33 -51.75 -13.07
N GLY B 757 47.59 -51.45 -14.15
CA GLY B 757 47.80 -52.05 -15.47
C GLY B 757 49.23 -51.82 -15.89
N MET B 758 49.78 -50.65 -15.56
CA MET B 758 51.19 -50.34 -15.89
C MET B 758 52.12 -51.32 -15.15
N ARG B 759 51.84 -51.64 -13.89
CA ARG B 759 52.65 -52.64 -13.13
C ARG B 759 52.57 -53.98 -13.85
N VAL B 760 51.37 -54.35 -14.28
CA VAL B 760 51.22 -55.66 -14.97
C VAL B 760 52.09 -55.62 -16.23
N LEU B 761 52.04 -54.50 -16.97
CA LEU B 761 52.80 -54.38 -18.25
C LEU B 761 54.29 -54.47 -17.94
N CYS B 762 54.75 -53.86 -16.85
CA CYS B 762 56.18 -53.88 -16.45
C CYS B 762 56.63 -55.30 -16.11
N GLU B 763 55.82 -56.09 -15.38
CA GLU B 763 56.24 -57.50 -15.14
C GLU B 763 56.29 -58.23 -16.49
N THR B 764 55.33 -57.89 -17.34
CA THR B 764 55.27 -58.56 -18.66
C THR B 764 56.58 -58.26 -19.38
N LEU B 765 57.05 -57.00 -19.36
CA LEU B 765 58.30 -56.55 -20.05
C LEU B 765 59.53 -57.19 -19.41
N GLN B 766 59.43 -57.43 -18.11
CA GLN B 766 60.59 -57.96 -17.38
C GLN B 766 60.95 -59.30 -17.98
N HIS B 767 59.97 -59.98 -18.57
CA HIS B 767 60.25 -61.37 -19.03
C HIS B 767 61.38 -61.38 -20.05
N PRO B 768 62.34 -62.31 -19.93
CA PRO B 768 63.43 -62.40 -20.88
C PRO B 768 62.86 -62.54 -22.30
N GLY B 769 61.72 -63.19 -22.45
CA GLY B 769 61.29 -63.38 -23.83
C GLY B 769 60.46 -62.28 -24.44
N CYS B 770 60.48 -61.08 -23.86
CA CYS B 770 59.67 -59.99 -24.39
C CYS B 770 60.19 -59.47 -25.73
N ASN B 771 61.50 -59.26 -25.84
CA ASN B 771 62.15 -58.96 -27.12
C ASN B 771 61.69 -57.64 -27.72
N ILE B 772 60.88 -56.87 -26.99
CA ILE B 772 60.35 -55.63 -27.54
C ILE B 772 61.47 -54.62 -27.71
N ARG B 773 61.46 -53.91 -28.85
CA ARG B 773 62.50 -52.94 -29.15
C ARG B 773 62.08 -51.51 -28.81
N ARG B 774 60.86 -51.11 -29.18
CA ARG B 774 60.37 -49.77 -28.92
C ARG B 774 59.00 -49.85 -28.27
N LEU B 775 58.71 -48.91 -27.37
CA LEU B 775 57.47 -48.90 -26.60
C LEU B 775 57.00 -47.46 -26.45
N TRP B 776 55.78 -47.19 -26.89
CA TRP B 776 55.20 -45.85 -26.84
C TRP B 776 54.03 -45.85 -25.87
N LEU B 777 54.06 -44.95 -24.89
CA LEU B 777 52.96 -44.78 -23.95
C LEU B 777 52.55 -43.33 -23.80
N GLY B 778 52.76 -42.52 -24.84
CA GLY B 778 52.47 -41.11 -24.76
C GLY B 778 51.00 -40.79 -24.55
N ARG B 779 50.74 -39.58 -24.07
CA ARG B 779 49.41 -38.99 -23.91
C ARG B 779 48.51 -39.77 -22.96
N CYS B 780 49.04 -40.75 -22.24
CA CYS B 780 48.24 -41.51 -21.28
C CYS B 780 48.17 -40.75 -19.95
N GLY B 781 47.55 -41.35 -18.95
CA GLY B 781 47.37 -40.75 -17.65
C GLY B 781 48.30 -41.24 -16.57
N LEU B 782 49.46 -41.80 -16.92
CA LEU B 782 50.35 -42.37 -15.92
C LEU B 782 50.88 -41.28 -14.98
N SER B 783 51.41 -41.80 -13.84
CA SER B 783 52.03 -40.96 -12.77
C SER B 783 53.26 -41.64 -12.12
N HIS B 784 53.74 -41.17 -10.97
CA HIS B 784 55.03 -41.63 -10.35
C HIS B 784 55.15 -43.11 -9.94
N GLU B 785 54.04 -43.68 -9.47
CA GLU B 785 54.06 -45.08 -9.03
C GLU B 785 54.47 -45.89 -10.24
N CYS B 786 53.94 -45.51 -11.39
CA CYS B 786 54.31 -46.21 -12.63
C CYS B 786 55.77 -45.96 -12.90
N CYS B 787 56.23 -44.75 -12.62
CA CYS B 787 57.62 -44.41 -12.99
C CYS B 787 58.54 -45.30 -12.17
N PHE B 788 58.07 -45.76 -11.02
CA PHE B 788 58.88 -46.75 -10.28
C PHE B 788 58.84 -48.01 -11.11
N ASP B 789 57.64 -48.34 -11.60
CA ASP B 789 57.55 -49.65 -12.31
C ASP B 789 58.27 -49.53 -13.67
N ILE B 790 58.14 -48.40 -14.38
CA ILE B 790 58.80 -48.15 -15.70
C ILE B 790 60.32 -48.14 -15.51
N SER B 791 60.82 -47.59 -14.41
CA SER B 791 62.28 -47.63 -14.13
C SER B 791 62.73 -49.08 -13.99
N LEU B 792 61.94 -49.89 -13.26
CA LEU B 792 62.30 -51.33 -13.17
C LEU B 792 62.28 -51.95 -14.58
N VAL B 793 61.31 -51.57 -15.41
CA VAL B 793 61.20 -52.12 -16.80
C VAL B 793 62.44 -51.74 -17.62
N LEU B 794 62.90 -50.49 -17.48
CA LEU B 794 64.08 -50.00 -18.23
C LEU B 794 65.29 -50.82 -17.77
N SER B 795 65.38 -51.06 -16.46
CA SER B 795 66.49 -51.88 -15.93
C SER B 795 66.45 -53.31 -16.50
N SER B 796 65.26 -53.90 -16.65
CA SER B 796 65.18 -55.33 -17.09
C SER B 796 65.17 -55.56 -18.61
N ASN B 797 64.70 -54.61 -19.43
CA ASN B 797 64.53 -54.84 -20.88
C ASN B 797 65.85 -54.59 -21.62
N GLN B 798 66.56 -53.49 -21.35
CA GLN B 798 67.89 -53.33 -22.03
C GLN B 798 67.70 -53.24 -23.55
N LYS B 799 67.24 -54.28 -24.27
CA LYS B 799 66.84 -54.27 -25.67
C LYS B 799 65.84 -53.17 -26.02
N LEU B 800 65.25 -52.49 -25.04
CA LEU B 800 64.41 -51.34 -25.34
C LEU B 800 65.29 -50.19 -25.81
N VAL B 801 64.97 -49.62 -26.96
CA VAL B 801 65.83 -48.61 -27.55
C VAL B 801 65.19 -47.22 -27.57
N GLU B 802 63.88 -47.13 -27.35
CA GLU B 802 63.19 -45.85 -27.48
C GLU B 802 61.94 -45.88 -26.61
N LEU B 803 61.70 -44.78 -25.89
CA LEU B 803 60.56 -44.66 -25.00
C LEU B 803 59.93 -43.29 -25.18
N ASP B 804 58.59 -43.25 -25.24
CA ASP B 804 57.84 -42.01 -25.36
C ASP B 804 56.88 -41.90 -24.19
N LEU B 805 57.17 -40.98 -23.28
CA LEU B 805 56.29 -40.69 -22.16
C LEU B 805 55.67 -39.31 -22.24
N SER B 806 55.63 -38.71 -23.43
CA SER B 806 55.14 -37.35 -23.59
C SER B 806 53.68 -37.23 -23.20
N ASP B 807 53.31 -36.04 -22.71
CA ASP B 807 51.93 -35.68 -22.42
C ASP B 807 51.36 -36.50 -21.28
N ASN B 808 52.21 -37.26 -20.59
CA ASN B 808 51.78 -38.00 -19.42
C ASN B 808 52.09 -37.20 -18.17
N ALA B 809 51.05 -36.78 -17.44
CA ALA B 809 51.25 -35.95 -16.25
C ALA B 809 51.83 -36.77 -15.11
N LEU B 810 53.17 -36.71 -15.02
CA LEU B 810 53.91 -37.50 -13.99
C LEU B 810 54.60 -36.67 -12.89
N GLY B 811 55.26 -35.54 -13.20
CA GLY B 811 56.08 -34.77 -12.23
C GLY B 811 57.53 -35.19 -12.10
N ASP B 812 58.22 -34.57 -11.13
CA ASP B 812 59.70 -34.80 -10.97
C ASP B 812 60.13 -36.10 -10.24
N PHE B 813 59.43 -36.56 -9.19
CA PHE B 813 59.87 -37.76 -8.42
C PHE B 813 60.01 -38.86 -9.47
N GLY B 814 59.09 -38.76 -10.41
CA GLY B 814 59.11 -39.78 -11.46
C GLY B 814 60.42 -39.71 -12.18
N ILE B 815 60.88 -38.52 -12.52
CA ILE B 815 62.17 -38.35 -13.22
C ILE B 815 63.30 -38.93 -12.36
N ARG B 816 63.30 -38.70 -11.05
CA ARG B 816 64.33 -39.27 -10.15
C ARG B 816 64.39 -40.79 -10.28
N LEU B 817 63.24 -41.47 -10.18
CA LEU B 817 63.21 -42.95 -10.23
C LEU B 817 63.60 -43.41 -11.65
N LEU B 818 63.14 -42.68 -12.67
CA LEU B 818 63.39 -43.07 -14.07
C LEU B 818 64.88 -42.99 -14.33
N CYS B 819 65.58 -42.01 -13.75
CA CYS B 819 67.04 -41.83 -13.87
C CYS B 819 67.87 -42.98 -13.29
N VAL B 820 67.48 -43.48 -12.11
CA VAL B 820 68.20 -44.66 -11.53
C VAL B 820 67.98 -45.82 -12.50
N GLY B 821 66.85 -45.81 -13.21
CA GLY B 821 66.63 -46.82 -14.25
C GLY B 821 67.55 -46.54 -15.40
N LEU B 822 67.64 -45.31 -15.92
CA LEU B 822 68.39 -44.96 -17.14
C LEU B 822 69.84 -45.36 -16.92
N LYS B 823 70.32 -45.41 -15.68
CA LYS B 823 71.78 -45.67 -15.48
C LYS B 823 72.12 -47.12 -15.09
N HIS B 824 71.21 -48.09 -15.30
CA HIS B 824 71.57 -49.51 -15.02
C HIS B 824 71.27 -50.39 -16.24
N LEU B 825 72.26 -51.15 -16.74
CA LEU B 825 72.06 -51.98 -17.97
C LEU B 825 71.16 -51.19 -18.92
N LEU B 826 71.60 -50.02 -19.37
CA LEU B 826 70.74 -49.12 -20.11
C LEU B 826 71.46 -48.10 -20.98
N CYS B 827 72.70 -48.39 -21.41
CA CYS B 827 73.36 -47.53 -22.37
C CYS B 827 72.62 -47.50 -23.70
N ASN B 828 71.93 -48.59 -24.03
CA ASN B 828 71.32 -48.75 -25.33
C ASN B 828 70.21 -47.74 -25.61
N LEU B 829 69.59 -47.19 -24.57
CA LEU B 829 68.51 -46.23 -24.77
C LEU B 829 69.08 -44.95 -25.38
N LYS B 830 68.55 -44.58 -26.55
CA LYS B 830 69.07 -43.42 -27.26
C LYS B 830 68.12 -42.23 -27.26
N LYS B 831 66.81 -42.46 -27.25
CA LYS B 831 65.83 -41.41 -27.34
C LYS B 831 64.84 -41.51 -26.18
N LEU B 832 64.29 -40.37 -25.78
CA LEU B 832 63.31 -40.32 -24.71
C LEU B 832 62.43 -39.10 -24.91
N TRP B 833 61.12 -39.33 -24.99
CA TRP B 833 60.14 -38.26 -25.17
C TRP B 833 59.45 -38.01 -23.84
N LEU B 834 59.58 -36.79 -23.31
CA LEU B 834 59.05 -36.46 -22.00
C LEU B 834 58.36 -35.10 -21.96
N VAL B 835 57.80 -34.63 -23.06
CA VAL B 835 57.20 -33.29 -23.07
C VAL B 835 55.85 -33.33 -22.38
N SER B 836 55.45 -32.17 -21.85
CA SER B 836 54.14 -31.93 -21.24
C SER B 836 53.87 -32.86 -20.06
N CYS B 837 54.90 -33.33 -19.37
CA CYS B 837 54.73 -34.22 -18.23
C CYS B 837 54.56 -33.47 -16.91
N CYS B 838 54.14 -32.21 -16.95
CA CYS B 838 54.03 -31.32 -15.79
C CYS B 838 55.22 -31.48 -14.86
N LEU B 839 56.39 -31.20 -15.41
CA LEU B 839 57.67 -31.38 -14.72
C LEU B 839 58.14 -30.05 -14.17
N THR B 840 58.57 -29.97 -12.91
CA THR B 840 59.13 -28.66 -12.45
C THR B 840 60.63 -28.59 -12.71
N SER B 841 61.27 -27.50 -12.32
CA SER B 841 62.73 -27.31 -12.60
C SER B 841 63.55 -28.36 -11.88
N ALA B 842 63.16 -28.67 -10.65
CA ALA B 842 63.87 -29.68 -9.84
C ALA B 842 64.35 -30.85 -10.68
N CYS B 843 63.51 -31.38 -11.57
CA CYS B 843 63.96 -32.57 -12.27
C CYS B 843 65.27 -32.35 -13.01
N CYS B 844 65.65 -31.10 -13.27
CA CYS B 844 66.85 -30.84 -14.06
C CYS B 844 68.10 -31.33 -13.33
N GLN B 845 68.14 -31.16 -12.00
CA GLN B 845 69.22 -31.76 -11.22
C GLN B 845 69.33 -33.25 -11.48
N ASP B 846 68.19 -33.91 -11.67
CA ASP B 846 68.17 -35.35 -11.95
C ASP B 846 68.62 -35.65 -13.37
N LEU B 847 68.11 -34.91 -14.36
CA LEU B 847 68.45 -35.19 -15.75
C LEU B 847 69.91 -34.96 -16.03
N ALA B 848 70.56 -34.10 -15.23
CA ALA B 848 71.98 -33.82 -15.44
C ALA B 848 72.83 -35.03 -15.09
N SER B 849 72.58 -35.63 -13.93
CA SER B 849 73.45 -36.71 -13.45
C SER B 849 73.42 -37.90 -14.39
N VAL B 850 72.23 -38.29 -14.86
CA VAL B 850 72.14 -39.42 -15.79
C VAL B 850 72.87 -39.09 -17.08
N LEU B 851 72.62 -37.91 -17.64
CA LEU B 851 73.35 -37.48 -18.83
C LEU B 851 74.83 -37.31 -18.53
N SER B 852 75.17 -36.97 -17.29
CA SER B 852 76.57 -36.92 -16.90
C SER B 852 77.22 -38.29 -16.95
N THR B 853 76.43 -39.36 -16.99
CA THR B 853 76.94 -40.71 -17.05
C THR B 853 76.40 -41.53 -18.21
N SER B 854 75.41 -41.04 -18.94
CA SER B 854 74.79 -41.80 -20.02
C SER B 854 75.77 -42.05 -21.16
N HIS B 855 75.78 -43.28 -21.64
CA HIS B 855 76.69 -43.67 -22.72
C HIS B 855 76.12 -43.29 -24.08
N SER B 856 74.97 -43.87 -24.44
CA SER B 856 74.44 -43.73 -25.78
C SER B 856 73.03 -43.14 -25.80
N LEU B 857 72.80 -42.08 -25.04
CA LEU B 857 71.55 -41.33 -25.16
C LEU B 857 71.67 -40.31 -26.29
N THR B 858 71.00 -40.58 -27.41
CA THR B 858 71.18 -39.81 -28.63
C THR B 858 70.30 -38.57 -28.71
N ARG B 859 69.01 -38.69 -28.37
CA ARG B 859 68.07 -37.59 -28.51
C ARG B 859 67.31 -37.41 -27.21
N LEU B 860 66.96 -36.17 -26.88
CA LEU B 860 66.20 -35.87 -25.69
C LEU B 860 65.11 -34.87 -26.01
N TYR B 861 63.89 -35.16 -25.56
CA TYR B 861 62.74 -34.30 -25.77
C TYR B 861 62.12 -34.00 -24.42
N VAL B 862 62.37 -32.80 -23.90
CA VAL B 862 61.88 -32.43 -22.58
C VAL B 862 61.19 -31.07 -22.63
N GLY B 863 60.84 -30.61 -23.81
CA GLY B 863 60.23 -29.31 -23.96
C GLY B 863 58.85 -29.21 -23.35
N GLU B 864 58.30 -28.00 -23.33
CA GLU B 864 56.93 -27.73 -22.91
C GLU B 864 56.68 -28.01 -21.42
N ASN B 865 57.70 -28.44 -20.70
CA ASN B 865 57.56 -28.62 -19.26
C ASN B 865 58.02 -27.38 -18.53
N ALA B 866 57.69 -27.33 -17.23
CA ALA B 866 58.00 -26.16 -16.41
C ALA B 866 59.42 -26.25 -15.87
N LEU B 867 60.41 -26.08 -16.73
CA LEU B 867 61.79 -26.04 -16.27
C LEU B 867 62.27 -24.62 -16.03
N GLY B 868 62.01 -23.72 -16.96
CA GLY B 868 62.42 -22.34 -16.81
C GLY B 868 63.91 -22.15 -17.02
N ASP B 869 64.36 -20.90 -17.04
CA ASP B 869 65.78 -20.62 -17.15
C ASP B 869 66.54 -21.16 -15.94
N SER B 870 65.90 -21.14 -14.76
CA SER B 870 66.53 -21.71 -13.59
C SER B 870 66.78 -23.20 -13.77
N GLY B 871 65.81 -23.92 -14.34
CA GLY B 871 65.97 -25.34 -14.58
C GLY B 871 67.07 -25.65 -15.56
N VAL B 872 67.10 -24.94 -16.69
CA VAL B 872 68.10 -25.22 -17.71
C VAL B 872 69.50 -24.85 -17.23
N ALA B 873 69.59 -24.01 -16.19
CA ALA B 873 70.89 -23.67 -15.63
C ALA B 873 71.65 -24.92 -15.21
N ILE B 874 70.92 -25.93 -14.74
CA ILE B 874 71.53 -27.24 -14.52
C ILE B 874 71.69 -27.98 -15.85
N LEU B 875 70.69 -27.86 -16.73
CA LEU B 875 70.72 -28.61 -17.98
C LEU B 875 71.89 -28.23 -18.87
N CYS B 876 72.49 -27.07 -18.65
CA CYS B 876 73.69 -26.68 -19.38
C CYS B 876 74.96 -27.20 -18.74
N GLU B 877 74.97 -27.39 -17.42
CA GLU B 877 76.18 -27.83 -16.74
C GLU B 877 76.61 -29.22 -17.20
N LYS B 878 75.64 -30.11 -17.42
CA LYS B 878 75.96 -31.49 -17.78
C LYS B 878 76.58 -31.59 -19.17
N ALA B 879 76.29 -30.63 -20.05
CA ALA B 879 76.63 -30.76 -21.45
C ALA B 879 78.08 -30.40 -21.77
N LYS B 880 78.88 -30.06 -20.78
CA LYS B 880 80.26 -29.64 -21.03
C LYS B 880 81.21 -30.81 -21.28
N ASN B 881 80.84 -32.03 -20.92
CA ASN B 881 81.79 -33.14 -20.98
C ASN B 881 81.78 -33.79 -22.36
N PRO B 882 82.92 -34.35 -22.79
CA PRO B 882 82.96 -35.09 -24.05
C PRO B 882 82.10 -36.34 -24.06
N GLN B 883 81.76 -36.90 -22.89
CA GLN B 883 80.94 -38.10 -22.84
C GLN B 883 79.50 -37.86 -23.30
N CYS B 884 79.10 -36.60 -23.46
CA CYS B 884 77.72 -36.27 -23.83
C CYS B 884 77.48 -36.65 -25.29
N ASN B 885 76.94 -37.86 -25.46
CA ASN B 885 76.68 -38.40 -26.79
C ASN B 885 75.28 -38.01 -27.28
N LEU B 886 74.70 -36.98 -26.68
CA LEU B 886 73.43 -36.48 -27.17
C LEU B 886 73.62 -35.75 -28.49
N GLN B 887 72.61 -35.82 -29.35
CA GLN B 887 72.65 -35.17 -30.65
C GLN B 887 71.55 -34.15 -30.84
N LYS B 888 70.32 -34.51 -30.52
CA LYS B 888 69.18 -33.60 -30.64
C LYS B 888 68.81 -33.07 -29.26
N LEU B 889 68.01 -32.01 -29.24
CA LEU B 889 67.53 -31.44 -27.99
C LEU B 889 66.19 -30.77 -28.23
N GLY B 890 65.14 -31.26 -27.58
CA GLY B 890 63.82 -30.68 -27.71
C GLY B 890 63.46 -29.79 -26.53
N LEU B 891 63.48 -28.48 -26.76
CA LEU B 891 63.20 -27.50 -25.72
C LEU B 891 62.11 -26.52 -26.12
N VAL B 892 61.24 -26.91 -27.06
CA VAL B 892 60.22 -26.01 -27.58
C VAL B 892 59.20 -25.69 -26.51
N ASN B 893 58.76 -24.42 -26.46
CA ASN B 893 57.68 -23.96 -25.58
C ASN B 893 57.98 -24.24 -24.11
N SER B 894 59.25 -24.19 -23.72
CA SER B 894 59.63 -24.50 -22.35
C SER B 894 59.51 -23.30 -21.41
N GLY B 895 59.25 -22.11 -21.95
CA GLY B 895 59.17 -20.93 -21.12
C GLY B 895 60.51 -20.26 -20.83
N LEU B 896 61.58 -20.68 -21.48
CA LEU B 896 62.89 -20.11 -21.23
C LEU B 896 62.95 -18.68 -21.77
N THR B 897 63.93 -17.92 -21.29
CA THR B 897 64.10 -16.53 -21.69
C THR B 897 65.55 -16.31 -22.09
N SER B 898 65.86 -15.04 -22.39
CA SER B 898 67.18 -14.69 -22.91
C SER B 898 68.29 -14.97 -21.91
N VAL B 899 67.99 -14.94 -20.61
CA VAL B 899 69.03 -15.07 -19.60
C VAL B 899 69.71 -16.44 -19.68
N CYS B 900 69.00 -17.45 -20.19
CA CYS B 900 69.56 -18.79 -20.29
C CYS B 900 70.46 -18.97 -21.51
N CYS B 901 70.42 -18.04 -22.47
CA CYS B 901 71.22 -18.19 -23.68
C CYS B 901 72.71 -18.11 -23.38
N SER B 902 73.10 -17.26 -22.44
CA SER B 902 74.51 -17.12 -22.09
C SER B 902 75.11 -18.46 -21.69
N ALA B 903 74.30 -19.34 -21.12
CA ALA B 903 74.78 -20.65 -20.71
C ALA B 903 74.90 -21.60 -21.91
N LEU B 904 73.78 -21.84 -22.59
CA LEU B 904 73.77 -22.81 -23.68
C LEU B 904 74.69 -22.40 -24.81
N SER B 905 75.00 -21.10 -24.91
CA SER B 905 75.98 -20.65 -25.89
C SER B 905 77.32 -21.34 -25.67
N SER B 906 77.81 -21.34 -24.44
CA SER B 906 79.03 -22.07 -24.12
C SER B 906 78.84 -23.58 -24.28
N VAL B 907 77.61 -24.06 -24.11
CA VAL B 907 77.34 -25.49 -24.24
C VAL B 907 77.63 -25.97 -25.65
N LEU B 908 77.15 -25.22 -26.66
CA LEU B 908 77.29 -25.68 -28.04
C LEU B 908 78.76 -25.79 -28.45
N SER B 909 79.59 -24.81 -28.05
CA SER B 909 81.00 -24.87 -28.40
C SER B 909 81.69 -26.03 -27.68
N THR B 910 81.34 -26.27 -26.41
CA THR B 910 82.01 -27.28 -25.61
C THR B 910 81.46 -28.68 -25.82
N ASN B 911 80.41 -28.84 -26.62
CA ASN B 911 79.84 -30.15 -26.90
C ASN B 911 80.22 -30.58 -28.30
N GLN B 912 80.72 -31.81 -28.43
CA GLN B 912 81.17 -32.35 -29.70
C GLN B 912 80.14 -33.27 -30.36
N ASN B 913 78.95 -33.39 -29.78
CA ASN B 913 77.97 -34.32 -30.31
C ASN B 913 76.63 -33.68 -30.61
N LEU B 914 76.19 -32.70 -29.81
CA LEU B 914 74.92 -32.05 -30.07
C LEU B 914 74.92 -31.41 -31.45
N THR B 915 73.84 -31.64 -32.20
CA THR B 915 73.76 -31.19 -33.57
C THR B 915 72.43 -30.51 -33.87
N HIS B 916 71.42 -30.78 -33.04
CA HIS B 916 70.08 -30.24 -33.23
C HIS B 916 69.63 -29.54 -31.95
N LEU B 917 68.88 -28.46 -32.10
CA LEU B 917 68.21 -27.80 -31.00
C LEU B 917 66.89 -27.21 -31.49
N TYR B 918 65.82 -27.49 -30.76
CA TYR B 918 64.48 -27.04 -31.14
C TYR B 918 63.95 -26.11 -30.05
N LEU B 919 63.54 -24.91 -30.46
CA LEU B 919 63.15 -23.87 -29.51
C LEU B 919 61.90 -23.09 -29.91
N ARG B 920 61.05 -23.65 -30.76
CA ARG B 920 59.90 -22.89 -31.28
C ARG B 920 58.96 -22.50 -30.14
N GLY B 921 58.39 -21.30 -30.25
CA GLY B 921 57.44 -20.81 -29.28
C GLY B 921 58.03 -20.26 -28.00
N ASN B 922 59.34 -20.36 -27.81
CA ASN B 922 59.97 -19.89 -26.58
C ASN B 922 60.56 -18.51 -26.81
N THR B 923 60.20 -17.55 -25.97
CA THR B 923 60.65 -16.18 -26.15
C THR B 923 62.10 -16.02 -25.72
N LEU B 924 62.93 -15.54 -26.63
CA LEU B 924 64.32 -15.21 -26.30
C LEU B 924 64.60 -13.74 -26.54
N GLY B 925 64.19 -13.23 -27.70
CA GLY B 925 64.51 -11.87 -28.05
C GLY B 925 65.91 -11.77 -28.63
N ASP B 926 66.20 -10.68 -29.35
CA ASP B 926 67.45 -10.57 -30.07
C ASP B 926 68.65 -10.58 -29.13
N LYS B 927 68.48 -10.16 -27.88
CA LYS B 927 69.58 -10.21 -26.92
C LYS B 927 70.07 -11.64 -26.73
N GLY B 928 69.14 -12.59 -26.54
CA GLY B 928 69.55 -13.97 -26.44
C GLY B 928 70.09 -14.51 -27.75
N ILE B 929 69.42 -14.20 -28.86
CA ILE B 929 69.86 -14.70 -30.16
C ILE B 929 71.23 -14.15 -30.50
N LYS B 930 71.54 -12.95 -30.03
CA LYS B 930 72.88 -12.39 -30.22
C LYS B 930 73.94 -13.34 -29.71
N LEU B 931 73.72 -13.91 -28.52
CA LEU B 931 74.67 -14.86 -27.97
C LEU B 931 74.66 -16.18 -28.75
N LEU B 932 73.54 -16.50 -29.40
CA LEU B 932 73.46 -17.75 -30.15
C LEU B 932 74.48 -17.75 -31.29
N CYS B 933 74.61 -16.63 -31.99
CA CYS B 933 75.63 -16.54 -33.04
C CYS B 933 77.01 -16.76 -32.46
N GLU B 934 77.29 -16.13 -31.33
CA GLU B 934 78.53 -16.41 -30.60
C GLU B 934 78.59 -17.86 -30.16
N GLY B 935 77.44 -18.42 -29.80
CA GLY B 935 77.34 -19.82 -29.41
C GLY B 935 77.67 -20.80 -30.51
N LEU B 936 77.59 -20.37 -31.76
CA LEU B 936 78.08 -21.15 -32.89
C LEU B 936 79.28 -20.51 -33.56
N LEU B 937 79.82 -19.43 -32.99
CA LEU B 937 80.98 -18.77 -33.58
C LEU B 937 82.20 -19.67 -33.57
N HIS B 938 82.32 -20.53 -32.56
CA HIS B 938 83.52 -21.36 -32.45
C HIS B 938 83.54 -22.39 -33.59
N PRO B 939 84.68 -22.61 -34.23
CA PRO B 939 84.73 -23.59 -35.33
C PRO B 939 84.36 -25.00 -34.90
N ASP B 940 84.63 -25.37 -33.65
CA ASP B 940 84.37 -26.73 -33.20
C ASP B 940 82.90 -27.01 -32.94
N CYS B 941 81.99 -26.13 -33.39
CA CYS B 941 80.57 -26.38 -33.21
C CYS B 941 80.07 -27.36 -34.28
N LYS B 942 79.22 -28.30 -33.87
CA LYS B 942 78.66 -29.29 -34.76
C LYS B 942 77.15 -29.16 -34.93
N LEU B 943 76.60 -27.95 -34.83
CA LEU B 943 75.16 -27.76 -34.96
C LEU B 943 74.75 -27.94 -36.42
N GLN B 944 73.70 -28.73 -36.66
CA GLN B 944 73.17 -28.90 -38.00
C GLN B 944 71.74 -28.40 -38.15
N VAL B 945 70.95 -28.44 -37.09
CA VAL B 945 69.55 -28.03 -37.14
C VAL B 945 69.24 -27.13 -35.95
N LEU B 946 68.52 -26.05 -36.21
CA LEU B 946 68.08 -25.15 -35.16
C LEU B 946 66.69 -24.65 -35.49
N GLU B 947 65.83 -24.64 -34.47
CA GLU B 947 64.47 -24.12 -34.59
C GLU B 947 64.33 -22.84 -33.77
N LEU B 948 63.89 -21.78 -34.45
CA LEU B 948 63.71 -20.50 -33.77
C LEU B 948 62.39 -19.83 -34.16
N ASP B 949 61.43 -20.59 -34.69
CA ASP B 949 60.14 -20.02 -35.03
C ASP B 949 59.42 -19.57 -33.76
N ASN B 950 58.66 -18.49 -33.88
CA ASN B 950 57.86 -17.95 -32.77
C ASN B 950 58.72 -17.63 -31.55
N CYS B 951 59.96 -17.20 -31.78
CA CYS B 951 60.91 -16.95 -30.70
C CYS B 951 60.87 -15.51 -30.20
N ASN B 952 59.95 -14.69 -30.70
CA ASN B 952 59.93 -13.26 -30.43
C ASN B 952 61.24 -12.62 -30.88
N LEU B 953 61.51 -12.70 -32.17
CA LEU B 953 62.75 -12.22 -32.77
C LEU B 953 62.46 -11.06 -33.71
N THR B 954 63.39 -10.13 -33.78
CA THR B 954 63.24 -8.93 -34.60
C THR B 954 64.29 -8.90 -35.70
N SER B 955 64.12 -7.94 -36.61
CA SER B 955 65.02 -7.79 -37.74
C SER B 955 66.45 -7.48 -37.32
N HIS B 956 66.61 -6.92 -36.13
CA HIS B 956 67.93 -6.45 -35.70
C HIS B 956 68.94 -7.59 -35.68
N CYS B 957 68.56 -8.74 -35.10
CA CYS B 957 69.50 -9.84 -34.97
C CYS B 957 69.68 -10.60 -36.28
N CYS B 958 68.84 -10.35 -37.27
CA CYS B 958 68.92 -11.10 -38.52
C CYS B 958 70.28 -10.90 -39.20
N TRP B 959 70.80 -9.68 -39.18
CA TRP B 959 72.11 -9.43 -39.74
C TRP B 959 73.17 -10.25 -39.01
N ASP B 960 73.05 -10.34 -37.69
CA ASP B 960 74.04 -11.05 -36.89
C ASP B 960 74.03 -12.54 -37.21
N LEU B 961 72.84 -13.15 -37.20
CA LEU B 961 72.75 -14.57 -37.50
C LEU B 961 73.15 -14.86 -38.94
N SER B 962 72.81 -13.96 -39.87
CA SER B 962 73.20 -14.15 -41.26
C SER B 962 74.71 -14.20 -41.40
N THR B 963 75.42 -13.34 -40.67
CA THR B 963 76.88 -13.34 -40.73
C THR B 963 77.44 -14.70 -40.34
N LEU B 964 76.87 -15.31 -39.30
CA LEU B 964 77.27 -16.66 -38.90
C LEU B 964 76.95 -17.66 -40.00
N LEU B 965 75.76 -17.54 -40.60
CA LEU B 965 75.32 -18.52 -41.60
C LEU B 965 76.33 -18.63 -42.74
N THR B 966 76.80 -17.48 -43.24
CA THR B 966 77.84 -17.51 -44.26
C THR B 966 79.14 -18.10 -43.70
N SER B 967 79.48 -17.75 -42.46
CA SER B 967 80.72 -18.17 -41.85
C SER B 967 80.64 -19.53 -41.17
N SER B 968 79.47 -20.17 -41.18
CA SER B 968 79.31 -21.48 -40.56
C SER B 968 79.01 -22.51 -41.64
N GLN B 969 79.73 -23.63 -41.59
CA GLN B 969 79.53 -24.70 -42.56
C GLN B 969 78.79 -25.89 -41.94
N SER B 970 78.76 -25.99 -40.61
CA SER B 970 78.16 -27.15 -39.98
C SER B 970 76.64 -27.13 -40.06
N LEU B 971 76.03 -25.95 -40.09
CA LEU B 971 74.58 -25.84 -40.07
C LEU B 971 74.00 -26.28 -41.41
N ARG B 972 72.80 -26.88 -41.37
CA ARG B 972 72.13 -27.36 -42.56
C ARG B 972 70.78 -26.68 -42.79
N LYS B 973 69.98 -26.55 -41.73
CA LYS B 973 68.62 -26.05 -41.85
C LYS B 973 68.32 -25.14 -40.66
N LEU B 974 67.49 -24.12 -40.90
CA LEU B 974 67.09 -23.18 -39.87
C LEU B 974 65.65 -22.76 -40.09
N SER B 975 64.94 -22.50 -39.00
CA SER B 975 63.56 -22.03 -39.05
C SER B 975 63.43 -20.78 -38.19
N LEU B 976 62.75 -19.77 -38.72
CA LEU B 976 62.70 -18.48 -38.03
C LEU B 976 61.34 -17.80 -38.11
N GLY B 977 60.25 -18.51 -38.42
CA GLY B 977 58.96 -17.86 -38.64
C GLY B 977 58.34 -17.22 -37.41
N ASN B 978 57.23 -16.53 -37.61
CA ASN B 978 56.50 -15.87 -36.52
C ASN B 978 57.38 -14.92 -35.73
N ASN B 979 58.20 -14.15 -36.45
CA ASN B 979 59.10 -13.20 -35.82
C ASN B 979 59.20 -11.94 -36.67
N ASP B 980 59.69 -10.87 -36.07
CA ASP B 980 59.81 -9.58 -36.75
C ASP B 980 60.97 -9.54 -37.73
N LEU B 981 60.91 -10.40 -38.75
CA LEU B 981 61.99 -10.44 -39.74
C LEU B 981 62.07 -9.14 -40.53
N GLY B 982 60.92 -8.59 -40.92
CA GLY B 982 60.89 -7.33 -41.65
C GLY B 982 61.37 -7.45 -43.08
N ASP B 983 61.02 -6.45 -43.90
CA ASP B 983 61.45 -6.46 -45.29
C ASP B 983 62.96 -6.35 -45.41
N LEU B 984 63.57 -5.49 -44.59
CA LEU B 984 65.02 -5.33 -44.64
C LEU B 984 65.73 -6.61 -44.21
N GLY B 985 65.21 -7.27 -43.16
CA GLY B 985 65.81 -8.49 -42.68
C GLY B 985 65.76 -9.64 -43.67
N VAL B 986 64.58 -9.87 -44.26
CA VAL B 986 64.46 -10.93 -45.26
C VAL B 986 65.27 -10.60 -46.50
N MET B 987 65.55 -9.31 -46.72
CA MET B 987 66.37 -8.91 -47.86
C MET B 987 67.77 -9.49 -47.78
N MET B 988 68.35 -9.53 -46.57
CA MET B 988 69.72 -9.97 -46.43
C MET B 988 69.90 -11.40 -46.88
N PHE B 989 68.83 -12.20 -46.88
CA PHE B 989 68.91 -13.54 -47.43
C PHE B 989 69.30 -13.54 -48.89
N CYS B 990 68.97 -12.46 -49.62
CA CYS B 990 69.50 -12.29 -50.96
C CYS B 990 71.01 -12.08 -50.93
N GLU B 991 71.48 -11.22 -50.02
CA GLU B 991 72.92 -11.03 -49.86
C GLU B 991 73.58 -12.33 -49.44
N VAL B 992 72.87 -13.15 -48.65
CA VAL B 992 73.36 -14.49 -48.34
C VAL B 992 73.62 -15.26 -49.62
N LEU B 993 72.66 -15.21 -50.55
CA LEU B 993 72.85 -15.83 -51.85
C LEU B 993 73.99 -15.18 -52.61
N LYS B 994 74.07 -13.85 -52.56
CA LYS B 994 75.14 -13.15 -53.25
C LYS B 994 76.50 -13.47 -52.66
N GLN B 995 76.54 -13.95 -51.41
CA GLN B 995 77.76 -14.48 -50.81
C GLN B 995 77.79 -15.99 -51.07
N GLN B 996 78.64 -16.39 -52.01
CA GLN B 996 78.67 -17.76 -52.50
C GLN B 996 78.96 -18.78 -51.42
N SER B 997 79.35 -18.31 -50.23
CA SER B 997 79.55 -19.20 -49.09
C SER B 997 78.24 -19.75 -48.54
N CYS B 998 77.11 -19.46 -49.18
CA CYS B 998 75.81 -19.90 -48.69
C CYS B 998 75.53 -21.35 -49.07
N LEU B 999 76.39 -22.27 -48.66
CA LEU B 999 76.14 -23.69 -48.91
C LEU B 999 75.26 -24.27 -47.82
N LEU B 1000 74.13 -23.62 -47.56
CA LEU B 1000 73.15 -24.15 -46.62
C LEU B 1000 72.26 -25.16 -47.34
N GLN B 1001 71.58 -26.00 -46.55
CA GLN B 1001 70.76 -27.06 -47.11
C GLN B 1001 69.27 -26.76 -47.09
N ASN B 1002 68.79 -25.96 -46.13
CA ASN B 1002 67.38 -25.61 -46.09
C ASN B 1002 67.19 -24.37 -45.24
N LEU B 1003 66.06 -23.69 -45.45
CA LEU B 1003 65.67 -22.54 -44.64
C LEU B 1003 64.15 -22.43 -44.67
N GLY B 1004 63.55 -22.28 -43.49
CA GLY B 1004 62.10 -22.23 -43.40
C GLY B 1004 61.56 -21.01 -42.68
N LEU B 1005 60.83 -20.17 -43.41
CA LEU B 1005 60.17 -19.00 -42.84
C LEU B 1005 58.69 -19.05 -43.20
N SER B 1006 57.84 -18.55 -42.31
CA SER B 1006 56.41 -18.71 -42.51
C SER B 1006 55.64 -17.79 -41.57
N GLU B 1007 54.33 -17.71 -41.81
CA GLU B 1007 53.29 -17.18 -40.92
C GLU B 1007 53.33 -15.67 -40.74
N MET B 1008 53.98 -14.92 -41.64
CA MET B 1008 53.99 -13.48 -41.59
C MET B 1008 53.52 -12.91 -42.93
N TYR B 1009 52.58 -11.97 -42.88
CA TYR B 1009 52.08 -11.36 -44.10
C TYR B 1009 52.97 -10.22 -44.55
N PHE B 1010 53.28 -10.20 -45.84
CA PHE B 1010 54.03 -9.12 -46.46
C PHE B 1010 53.44 -8.83 -47.83
N ASN B 1011 53.94 -7.78 -48.46
CA ASN B 1011 53.51 -7.43 -49.80
C ASN B 1011 54.40 -8.11 -50.85
N TYR B 1012 54.32 -7.61 -52.08
CA TYR B 1012 54.89 -8.29 -53.23
C TYR B 1012 56.41 -8.42 -53.14
N GLU B 1013 57.09 -7.39 -52.65
CA GLU B 1013 58.54 -7.35 -52.76
C GLU B 1013 59.21 -8.50 -52.01
N THR B 1014 58.66 -8.90 -50.86
CA THR B 1014 59.21 -10.03 -50.13
C THR B 1014 59.20 -11.29 -51.00
N LYS B 1015 58.06 -11.57 -51.62
CA LYS B 1015 57.99 -12.69 -52.55
C LYS B 1015 58.78 -12.40 -53.82
N SER B 1016 58.89 -11.12 -54.19
CA SER B 1016 59.46 -10.76 -55.49
C SER B 1016 60.85 -11.34 -55.68
N ALA B 1017 61.75 -11.11 -54.73
CA ALA B 1017 63.10 -11.63 -54.85
C ALA B 1017 63.14 -13.13 -54.58
N LEU B 1018 62.12 -13.65 -53.89
CA LEU B 1018 62.14 -15.03 -53.42
C LEU B 1018 62.26 -16.01 -54.58
N GLU B 1019 61.28 -15.99 -55.49
CA GLU B 1019 61.23 -16.98 -56.55
C GLU B 1019 62.45 -16.88 -57.46
N THR B 1020 62.88 -15.65 -57.77
CA THR B 1020 64.03 -15.46 -58.65
C THR B 1020 65.28 -16.11 -58.08
N LEU B 1021 65.53 -15.90 -56.79
CA LEU B 1021 66.71 -16.49 -56.17
C LEU B 1021 66.52 -17.97 -55.87
N GLN B 1022 65.29 -18.39 -55.57
CA GLN B 1022 65.02 -19.82 -55.54
C GLN B 1022 65.26 -20.46 -56.89
N GLU B 1023 64.84 -19.77 -57.96
CA GLU B 1023 65.15 -20.23 -59.31
C GLU B 1023 66.65 -20.26 -59.53
N GLU B 1024 67.36 -19.23 -59.06
CA GLU B 1024 68.81 -19.18 -59.23
C GLU B 1024 69.49 -20.29 -58.43
N LYS B 1025 68.98 -20.59 -57.24
CA LYS B 1025 69.67 -21.46 -56.31
C LYS B 1025 69.02 -22.83 -56.22
N PRO B 1026 69.60 -23.86 -56.82
CA PRO B 1026 69.13 -25.22 -56.55
C PRO B 1026 69.81 -25.87 -55.36
N GLU B 1027 70.95 -25.33 -54.91
CA GLU B 1027 71.68 -25.94 -53.81
C GLU B 1027 70.92 -25.83 -52.50
N LEU B 1028 70.29 -24.69 -52.25
CA LEU B 1028 69.64 -24.40 -50.97
C LEU B 1028 68.13 -24.56 -51.12
N THR B 1029 67.55 -25.38 -50.25
CA THR B 1029 66.11 -25.60 -50.27
C THR B 1029 65.39 -24.56 -49.41
N VAL B 1030 65.27 -23.35 -49.94
CA VAL B 1030 64.52 -22.31 -49.24
C VAL B 1030 63.04 -22.55 -49.46
N VAL B 1031 62.27 -22.51 -48.38
CA VAL B 1031 60.83 -22.74 -48.44
C VAL B 1031 60.11 -21.60 -47.73
N PHE B 1032 59.05 -21.10 -48.36
CA PHE B 1032 58.20 -20.06 -47.80
C PHE B 1032 56.78 -20.65 -47.75
N GLU B 1033 56.35 -21.03 -46.54
CA GLU B 1033 55.08 -21.73 -46.38
C GLU B 1033 53.87 -20.92 -46.85
N PRO B 1034 53.74 -19.62 -46.50
CA PRO B 1034 52.55 -18.89 -46.95
C PRO B 1034 52.65 -18.40 -48.39
N SER B 1035 53.76 -18.72 -49.05
CA SER B 1035 53.96 -18.29 -50.43
C SER B 1035 53.03 -19.04 -51.38
N TRP B 1036 52.79 -18.45 -52.55
CA TRP B 1036 51.94 -19.07 -53.56
C TRP B 1036 52.76 -20.03 -54.42
N LYS C 133 20.32 36.60 -8.24
CA LYS C 133 19.00 37.19 -8.58
C LYS C 133 18.88 38.54 -7.86
N LYS C 134 19.25 38.59 -6.58
CA LYS C 134 19.09 39.84 -5.79
C LYS C 134 19.95 40.95 -6.40
N ASP C 135 21.20 40.61 -6.77
CA ASP C 135 22.10 41.68 -7.32
C ASP C 135 21.53 42.17 -8.66
N TYR C 136 21.02 41.27 -9.49
CA TYR C 136 20.42 41.69 -10.78
C TYR C 136 19.18 42.58 -10.55
N ARG C 137 18.37 42.28 -9.54
CA ARG C 137 17.08 43.01 -9.35
C ARG C 137 17.18 44.43 -8.78
N LYS C 138 17.21 44.59 -7.44
CA LYS C 138 17.10 45.92 -6.79
C LYS C 138 17.80 47.00 -7.64
N LYS C 139 19.06 46.76 -8.02
CA LYS C 139 19.82 47.80 -8.77
C LYS C 139 19.02 48.26 -9.99
N TYR C 140 18.80 47.35 -10.93
CA TYR C 140 18.10 47.73 -12.19
C TYR C 140 16.85 48.52 -11.83
N ARG C 141 16.03 47.99 -10.92
CA ARG C 141 14.75 48.66 -10.58
C ARG C 141 15.00 50.13 -10.19
N LYS C 142 15.71 50.36 -9.09
CA LYS C 142 15.82 51.77 -8.61
C LYS C 142 16.44 52.65 -9.71
N TYR C 143 17.37 52.10 -10.49
CA TYR C 143 18.04 52.92 -11.53
C TYR C 143 17.01 53.37 -12.57
N VAL C 144 16.30 52.41 -13.16
CA VAL C 144 15.28 52.76 -14.19
C VAL C 144 14.28 53.72 -13.56
N ARG C 145 14.15 53.71 -12.23
CA ARG C 145 13.11 54.53 -11.56
C ARG C 145 13.55 55.99 -11.41
N SER C 146 14.83 56.27 -11.14
CA SER C 146 15.20 57.67 -10.83
C SER C 146 15.76 58.45 -12.02
N ARG C 147 15.02 58.56 -13.12
CA ARG C 147 15.48 59.45 -14.24
C ARG C 147 14.28 60.22 -14.80
N PHE C 148 13.23 60.44 -14.00
CA PHE C 148 11.99 61.05 -14.57
C PHE C 148 11.23 61.99 -13.62
N GLN C 149 11.86 62.82 -12.76
CA GLN C 149 11.23 63.58 -11.68
C GLN C 149 12.10 64.74 -11.16
N CYS C 150 11.68 65.36 -10.05
CA CYS C 150 12.53 66.09 -9.09
C CYS C 150 13.40 67.23 -9.65
N ILE C 151 12.94 67.88 -10.72
CA ILE C 151 13.46 69.16 -11.22
C ILE C 151 13.34 70.24 -10.12
N GLU C 152 14.28 71.19 -10.06
CA GLU C 152 14.19 72.36 -9.17
C GLU C 152 14.85 73.62 -9.76
N GLU C 160 7.74 70.88 -14.87
CA GLU C 160 6.47 70.32 -14.44
C GLU C 160 6.58 68.80 -14.24
N SER C 161 7.63 68.22 -14.78
CA SER C 161 7.85 66.77 -14.71
C SER C 161 8.43 66.38 -13.35
N VAL C 162 7.62 66.57 -12.32
CA VAL C 162 7.96 66.11 -10.97
C VAL C 162 6.96 65.12 -10.41
N SER C 163 5.72 65.07 -10.92
CA SER C 163 4.77 64.01 -10.59
C SER C 163 4.23 63.44 -11.89
N LEU C 164 4.22 62.11 -11.99
CA LEU C 164 3.80 61.44 -13.21
C LEU C 164 2.68 60.45 -12.91
N ASN C 165 2.85 59.70 -11.85
CA ASN C 165 1.74 58.75 -11.71
C ASN C 165 0.56 59.62 -11.34
N LYS C 166 0.77 60.72 -10.61
CA LYS C 166 -0.43 61.49 -10.22
C LYS C 166 -1.11 61.93 -11.51
N ARG C 167 -0.32 62.02 -12.58
CA ARG C 167 -0.89 62.41 -13.89
C ARG C 167 -1.17 61.18 -14.73
N TYR C 168 -1.83 60.13 -14.22
CA TYR C 168 -2.05 58.85 -14.97
C TYR C 168 -3.24 58.90 -15.97
N THR C 169 -4.51 58.71 -15.55
CA THR C 169 -5.77 58.77 -16.39
C THR C 169 -6.29 57.44 -16.98
N ARG C 170 -5.60 56.30 -16.85
CA ARG C 170 -6.12 55.07 -17.51
C ARG C 170 -6.51 55.42 -18.96
N LEU C 171 -5.61 56.06 -19.72
CA LEU C 171 -5.81 56.47 -21.14
C LEU C 171 -6.44 55.34 -21.95
N ARG C 172 -7.30 55.69 -22.91
CA ARG C 172 -8.03 54.67 -23.70
C ARG C 172 -7.05 53.69 -24.34
N LEU C 173 -7.42 52.41 -24.43
CA LEU C 173 -6.54 51.40 -25.06
C LEU C 173 -7.40 50.38 -25.79
N ILE C 174 -7.96 50.76 -26.93
CA ILE C 174 -8.75 49.78 -27.74
C ILE C 174 -7.73 49.05 -28.62
N LYS C 175 -7.40 47.81 -28.26
CA LYS C 175 -6.34 47.09 -29.03
C LYS C 175 -6.97 46.46 -30.28
N GLU C 176 -6.48 46.89 -31.45
CA GLU C 176 -7.05 46.41 -32.74
C GLU C 176 -7.44 44.94 -32.66
N HIS C 177 -8.73 44.64 -32.82
CA HIS C 177 -9.15 43.22 -32.89
C HIS C 177 -8.54 42.69 -34.18
N ARG C 178 -8.25 41.39 -34.27
CA ARG C 178 -7.52 40.92 -35.47
C ARG C 178 -8.24 41.43 -36.72
N SER C 179 -7.50 42.06 -37.63
CA SER C 179 -8.12 42.64 -38.85
C SER C 179 -8.38 41.50 -39.84
N GLN C 180 -9.30 40.60 -39.49
CA GLN C 180 -9.60 39.46 -40.36
C GLN C 180 -8.35 38.66 -40.70
N SER C 198 -19.01 41.06 -29.38
CA SER C 198 -17.57 41.23 -29.50
C SER C 198 -16.90 41.27 -28.12
N PRO C 199 -15.76 40.60 -27.99
CA PRO C 199 -15.02 40.67 -26.73
C PRO C 199 -14.52 42.08 -26.46
N VAL C 200 -14.48 42.43 -25.17
CA VAL C 200 -13.98 43.75 -24.79
C VAL C 200 -12.49 43.71 -24.54
N SER C 201 -12.07 42.98 -23.49
CA SER C 201 -10.67 42.77 -23.09
C SER C 201 -9.83 44.02 -23.25
N PRO C 202 -10.04 45.05 -22.43
CA PRO C 202 -9.22 46.27 -22.57
C PRO C 202 -7.73 46.04 -22.37
N ILE C 203 -7.37 45.06 -21.54
CA ILE C 203 -5.99 44.67 -21.21
C ILE C 203 -5.08 45.88 -21.08
N LYS C 204 -5.50 46.87 -20.29
CA LYS C 204 -4.73 48.10 -20.18
C LYS C 204 -3.32 47.86 -19.63
N MET C 205 -3.22 47.21 -18.47
CA MET C 205 -1.91 46.97 -17.88
C MET C 205 -1.63 45.49 -17.68
N GLU C 206 -2.55 44.78 -17.03
CA GLU C 206 -2.34 43.37 -16.74
C GLU C 206 -2.49 42.54 -18.01
N LEU C 207 -1.48 41.73 -18.30
CA LEU C 207 -1.50 40.78 -19.41
C LEU C 207 -1.82 41.46 -20.74
N LEU C 208 -1.38 42.70 -20.92
CA LEU C 208 -1.57 43.37 -22.19
C LEU C 208 -0.79 42.67 -23.30
N PHE C 209 0.40 42.16 -22.97
CA PHE C 209 1.19 41.40 -23.95
C PHE C 209 0.63 40.01 -24.15
N ASP C 210 -0.03 39.45 -23.14
CA ASP C 210 -0.48 38.07 -23.18
C ASP C 210 -1.58 37.88 -24.22
N PRO C 211 -1.52 36.79 -24.97
CA PRO C 211 -2.58 36.51 -25.95
C PRO C 211 -3.85 35.99 -25.29
N ASP C 212 -4.81 35.57 -26.11
CA ASP C 212 -5.98 34.87 -25.59
C ASP C 212 -5.59 33.43 -25.29
N ASP C 213 -6.58 32.56 -25.09
CA ASP C 213 -6.31 31.15 -24.81
C ASP C 213 -5.32 30.58 -25.83
N GLU C 214 -4.11 30.28 -25.36
CA GLU C 214 -3.00 29.88 -26.24
C GLU C 214 -2.79 30.94 -27.31
N HIS C 215 -3.38 30.74 -28.50
CA HIS C 215 -3.33 31.69 -29.60
C HIS C 215 -1.91 31.89 -30.10
N SER C 216 -1.10 32.66 -29.37
CA SER C 216 0.31 32.79 -29.68
C SER C 216 1.09 33.06 -28.41
N GLU C 217 1.61 32.01 -27.79
CA GLU C 217 2.39 32.15 -26.56
C GLU C 217 3.68 32.92 -26.80
N PRO C 218 4.49 32.61 -27.85
CA PRO C 218 5.77 33.29 -27.99
C PRO C 218 5.68 34.64 -28.69
N VAL C 219 4.48 35.23 -28.78
CA VAL C 219 4.34 36.54 -29.40
C VAL C 219 5.16 37.56 -28.61
N HIS C 220 5.81 38.47 -29.33
CA HIS C 220 6.74 39.41 -28.72
C HIS C 220 6.53 40.85 -29.13
N THR C 221 5.86 41.10 -30.26
CA THR C 221 5.75 42.44 -30.83
C THR C 221 4.38 43.03 -30.53
N VAL C 222 4.36 44.18 -29.87
CA VAL C 222 3.16 44.98 -29.70
C VAL C 222 3.49 46.40 -30.13
N VAL C 223 2.52 47.06 -30.75
CA VAL C 223 2.71 48.39 -31.33
C VAL C 223 1.52 49.26 -30.95
N PHE C 224 1.78 50.54 -30.67
CA PHE C 224 0.75 51.48 -30.28
C PHE C 224 0.57 52.53 -31.36
N GLN C 225 -0.67 52.71 -31.79
CA GLN C 225 -1.02 53.68 -32.82
C GLN C 225 -1.76 54.83 -32.19
N GLY C 226 -1.22 56.04 -32.32
CA GLY C 226 -1.85 57.21 -31.76
C GLY C 226 -1.43 58.45 -32.52
N ALA C 227 -2.32 59.44 -32.53
CA ALA C 227 -2.07 60.67 -33.27
C ALA C 227 -0.89 61.43 -32.64
N ALA C 228 -0.29 62.31 -33.44
CA ALA C 228 0.86 63.05 -32.98
C ALA C 228 0.47 64.02 -31.87
N GLY C 229 1.02 63.79 -30.69
CA GLY C 229 0.67 64.55 -29.50
C GLY C 229 -0.27 63.85 -28.54
N ILE C 230 -0.64 62.60 -28.82
CA ILE C 230 -1.57 61.89 -27.94
C ILE C 230 -0.95 61.69 -26.56
N GLY C 231 0.29 61.24 -26.52
CA GLY C 231 0.92 60.93 -25.24
C GLY C 231 1.59 59.59 -25.24
N LYS C 232 1.75 58.99 -26.43
CA LYS C 232 2.44 57.71 -26.52
C LYS C 232 3.85 57.79 -25.97
N THR C 233 4.51 58.94 -26.14
CA THR C 233 5.78 59.16 -25.46
C THR C 233 5.60 59.19 -23.95
N ILE C 234 4.50 59.82 -23.49
CA ILE C 234 4.23 59.88 -22.05
C ILE C 234 3.91 58.50 -21.50
N LEU C 235 3.16 57.70 -22.28
CA LEU C 235 2.70 56.41 -21.79
C LEU C 235 3.88 55.50 -21.44
N ALA C 236 4.90 55.48 -22.30
CA ALA C 236 6.07 54.64 -22.04
C ALA C 236 6.75 55.04 -20.75
N ARG C 237 6.89 56.35 -20.52
CA ARG C 237 7.48 56.82 -19.27
C ARG C 237 6.63 56.38 -18.08
N LYS C 238 5.31 56.46 -18.24
CA LYS C 238 4.39 56.01 -17.16
C LYS C 238 4.49 54.49 -17.05
N MET C 239 4.40 53.76 -18.16
CA MET C 239 4.44 52.30 -18.13
C MET C 239 5.73 51.81 -17.49
N MET C 240 6.86 52.48 -17.79
CA MET C 240 8.08 52.20 -17.05
C MET C 240 7.90 52.50 -15.57
N LEU C 241 7.42 53.71 -15.25
CA LEU C 241 7.30 54.12 -13.86
C LEU C 241 6.40 53.18 -13.07
N ASP C 242 5.35 52.67 -13.69
CA ASP C 242 4.50 51.68 -13.04
C ASP C 242 5.32 50.46 -12.66
N TRP C 243 5.80 49.74 -13.67
CA TRP C 243 6.49 48.48 -13.42
C TRP C 243 7.87 48.67 -12.80
N ALA C 244 8.42 49.89 -12.82
CA ALA C 244 9.73 50.12 -12.19
C ALA C 244 9.68 50.02 -10.68
N SER C 245 8.54 49.66 -10.12
CA SER C 245 8.42 49.33 -8.70
C SER C 245 7.68 48.00 -8.52
N GLY C 246 7.64 47.17 -9.55
CA GLY C 246 6.83 45.97 -9.52
C GLY C 246 5.37 46.34 -9.66
N THR C 247 4.83 46.98 -8.62
CA THR C 247 3.53 47.62 -8.62
C THR C 247 2.42 46.72 -9.15
N LEU C 248 2.51 45.42 -8.88
CA LEU C 248 1.53 44.45 -9.37
C LEU C 248 1.42 44.48 -10.88
N TYR C 249 2.47 44.95 -11.55
CA TYR C 249 2.59 44.86 -12.99
C TYR C 249 3.12 43.48 -13.34
N GLN C 250 3.60 43.29 -14.56
CA GLN C 250 4.02 41.96 -14.99
C GLN C 250 5.28 41.53 -14.24
N ASP C 251 5.13 41.25 -12.95
CA ASP C 251 6.24 40.73 -12.15
C ASP C 251 6.71 39.37 -12.65
N ARG C 252 5.86 38.65 -13.38
CA ARG C 252 6.29 37.43 -14.05
C ARG C 252 7.14 37.72 -15.28
N PHE C 253 7.49 38.99 -15.50
CA PHE C 253 8.41 39.40 -16.54
C PHE C 253 9.55 40.15 -15.86
N ASP C 254 10.78 39.85 -16.28
CA ASP C 254 11.96 40.25 -15.51
C ASP C 254 12.45 41.66 -15.81
N TYR C 255 12.68 41.96 -17.10
CA TYR C 255 13.33 43.25 -17.44
C TYR C 255 12.61 44.06 -18.51
N LEU C 256 12.70 45.38 -18.43
CA LEU C 256 12.15 46.31 -19.41
C LEU C 256 13.24 47.26 -19.84
N PHE C 257 13.25 47.62 -21.13
CA PHE C 257 14.31 48.44 -21.69
C PHE C 257 13.70 49.64 -22.42
N TYR C 258 13.86 50.82 -21.85
CA TYR C 258 13.37 52.04 -22.46
C TYR C 258 14.40 52.59 -23.44
N ILE C 259 13.97 52.89 -24.65
CA ILE C 259 14.84 53.51 -25.64
C ILE C 259 14.06 54.49 -26.48
N HIS C 260 14.36 55.78 -26.32
CA HIS C 260 13.78 56.80 -27.18
C HIS C 260 14.81 57.19 -28.24
N CYS C 261 14.37 57.27 -29.50
CA CYS C 261 15.28 57.40 -30.62
C CYS C 261 15.76 58.83 -30.86
N ARG C 262 15.65 59.70 -29.87
CA ARG C 262 16.28 61.02 -29.98
C ARG C 262 17.79 60.89 -30.09
N GLU C 263 18.38 60.10 -29.20
CA GLU C 263 19.83 59.89 -29.23
C GLU C 263 20.23 58.96 -30.37
N VAL C 264 19.40 57.96 -30.67
CA VAL C 264 19.72 57.00 -31.71
C VAL C 264 19.69 57.70 -33.07
N SER C 265 20.74 57.46 -33.87
CA SER C 265 20.82 58.06 -35.19
C SER C 265 21.52 57.08 -36.12
N LEU C 266 21.60 57.46 -37.39
CA LEU C 266 22.24 56.62 -38.38
C LEU C 266 23.75 56.62 -38.18
N VAL C 267 24.41 55.66 -38.83
CA VAL C 267 25.87 55.53 -38.93
C VAL C 267 26.54 55.51 -37.56
N THR C 268 25.74 55.37 -36.50
CA THR C 268 26.30 55.34 -35.15
C THR C 268 27.29 54.20 -34.96
N GLN C 269 27.09 53.07 -35.65
CA GLN C 269 27.98 51.92 -35.57
C GLN C 269 28.18 51.48 -34.13
N ARG C 270 27.09 51.43 -33.37
CA ARG C 270 27.11 51.08 -31.96
C ARG C 270 26.36 49.78 -31.74
N SER C 271 26.87 48.96 -30.82
CA SER C 271 26.30 47.65 -30.56
C SER C 271 25.08 47.76 -29.64
N LEU C 272 24.37 46.63 -29.54
CA LEU C 272 23.23 46.58 -28.63
C LEU C 272 23.67 46.81 -27.19
N GLY C 273 24.82 46.25 -26.81
CA GLY C 273 25.37 46.54 -25.50
C GLY C 273 25.64 48.02 -25.31
N ASP C 274 26.16 48.67 -26.34
CA ASP C 274 26.29 50.13 -26.31
C ASP C 274 24.92 50.79 -26.21
N LEU C 275 23.95 50.26 -26.97
CA LEU C 275 22.58 50.72 -26.83
C LEU C 275 22.03 50.41 -25.44
N ILE C 276 22.34 49.21 -24.93
CA ILE C 276 21.87 48.82 -23.61
C ILE C 276 22.50 49.69 -22.53
N MET C 277 23.82 49.86 -22.60
CA MET C 277 24.52 50.69 -21.62
C MET C 277 24.12 52.16 -21.71
N SER C 278 23.48 52.57 -22.81
CA SER C 278 22.95 53.92 -22.88
C SER C 278 21.86 54.15 -21.84
N CYS C 279 21.01 53.14 -21.60
CA CYS C 279 19.97 53.27 -20.60
C CYS C 279 20.56 53.40 -19.20
N CYS C 280 21.47 52.49 -18.84
CA CYS C 280 22.14 52.51 -17.55
C CYS C 280 23.64 52.36 -17.78
N PRO C 281 24.39 53.46 -17.75
CA PRO C 281 25.84 53.38 -18.00
C PRO C 281 26.58 52.71 -16.86
N ASP C 282 26.57 51.39 -16.83
CA ASP C 282 27.26 50.67 -15.77
C ASP C 282 28.77 50.71 -16.00
N PRO C 283 29.55 51.18 -15.02
CA PRO C 283 31.01 51.11 -15.15
C PRO C 283 31.52 49.70 -15.34
N ASN C 284 30.78 48.69 -14.88
CA ASN C 284 31.10 47.28 -15.12
C ASN C 284 29.88 46.63 -15.73
N PRO C 285 29.69 46.79 -17.03
CA PRO C 285 28.49 46.28 -17.70
C PRO C 285 28.34 44.78 -17.51
N PRO C 286 27.25 44.34 -16.89
CA PRO C 286 27.03 42.91 -16.67
C PRO C 286 26.37 42.21 -17.85
N ILE C 287 26.50 42.83 -19.03
CA ILE C 287 25.72 42.42 -20.21
C ILE C 287 25.79 40.92 -20.45
N HIS C 288 26.90 40.28 -20.10
CA HIS C 288 27.03 38.84 -20.26
C HIS C 288 25.93 38.13 -19.48
N LYS C 289 25.58 38.69 -18.32
CA LYS C 289 24.42 38.25 -17.57
C LYS C 289 23.13 38.90 -18.04
N ILE C 290 23.23 40.00 -18.80
CA ILE C 290 21.99 40.54 -19.42
C ILE C 290 21.72 39.61 -20.61
N VAL C 291 22.78 39.02 -21.16
CA VAL C 291 22.56 38.02 -22.20
C VAL C 291 22.16 36.76 -21.44
N ARG C 292 20.88 36.67 -21.10
CA ARG C 292 20.29 35.59 -20.33
C ARG C 292 18.79 35.65 -20.55
N LYS C 293 18.18 34.46 -20.67
CA LYS C 293 16.73 34.29 -20.73
C LYS C 293 16.09 35.25 -21.75
N PRO C 294 16.24 34.98 -23.04
CA PRO C 294 15.49 35.75 -24.03
C PRO C 294 14.00 35.54 -23.84
N SER C 295 13.22 36.56 -24.23
CA SER C 295 11.78 36.65 -24.03
C SER C 295 11.44 36.93 -22.57
N ARG C 296 12.45 36.90 -21.70
CA ARG C 296 12.30 37.38 -20.34
C ARG C 296 12.68 38.86 -20.22
N ILE C 297 13.13 39.47 -21.32
CA ILE C 297 13.55 40.86 -21.35
C ILE C 297 12.74 41.56 -22.44
N LEU C 298 12.32 42.79 -22.17
CA LEU C 298 11.47 43.55 -23.08
C LEU C 298 12.13 44.87 -23.42
N PHE C 299 12.17 45.19 -24.71
CA PHE C 299 12.65 46.47 -25.21
C PHE C 299 11.45 47.37 -25.47
N LEU C 300 11.45 48.54 -24.83
CA LEU C 300 10.39 49.53 -25.04
C LEU C 300 10.90 50.57 -26.04
N MET C 301 10.82 50.23 -27.32
CA MET C 301 11.25 51.19 -28.39
C MET C 301 10.25 52.35 -28.45
N ASP C 302 10.71 53.58 -28.69
CA ASP C 302 9.76 54.72 -28.62
C ASP C 302 9.83 55.60 -29.87
N GLY C 303 8.69 55.87 -30.49
CA GLY C 303 8.59 56.78 -31.66
C GLY C 303 9.36 56.36 -32.90
N PHE C 304 8.68 55.75 -33.87
CA PHE C 304 9.34 55.47 -35.18
C PHE C 304 9.52 56.82 -35.87
N ASP C 305 8.62 57.77 -35.58
CA ASP C 305 8.70 59.13 -36.17
C ASP C 305 10.01 59.77 -35.73
N GLU C 306 10.45 59.50 -34.49
CA GLU C 306 11.71 60.09 -33.97
C GLU C 306 12.87 59.65 -34.86
N LEU C 307 12.84 58.43 -35.38
CA LEU C 307 13.90 58.01 -36.35
C LEU C 307 14.00 59.06 -37.45
N GLN C 308 15.14 59.74 -37.56
CA GLN C 308 15.39 60.76 -38.56
C GLN C 308 16.44 60.27 -39.54
N GLY C 309 16.14 60.37 -40.82
CA GLY C 309 17.01 59.94 -41.89
C GLY C 309 16.36 58.90 -42.76
N ALA C 310 17.07 58.50 -43.81
CA ALA C 310 16.59 57.47 -44.70
C ALA C 310 16.64 56.11 -44.02
N PHE C 311 15.69 55.25 -44.39
CA PHE C 311 15.62 53.91 -43.80
C PHE C 311 14.91 52.99 -44.79
N ASP C 312 15.67 52.04 -45.35
CA ASP C 312 15.08 51.01 -46.21
C ASP C 312 14.48 49.93 -45.31
N GLU C 313 13.18 49.72 -45.43
CA GLU C 313 12.52 48.66 -44.67
C GLU C 313 13.02 47.27 -45.04
N HIS C 314 13.68 47.13 -46.19
CA HIS C 314 14.28 45.86 -46.58
C HIS C 314 15.70 46.06 -47.07
N ILE C 315 16.51 46.77 -46.27
CA ILE C 315 17.91 47.02 -46.57
C ILE C 315 18.63 45.71 -46.84
N GLY C 316 19.60 45.73 -47.74
CA GLY C 316 20.30 44.54 -48.18
C GLY C 316 21.05 43.81 -47.08
N PRO C 317 22.09 44.44 -46.53
CA PRO C 317 22.90 43.76 -45.51
C PRO C 317 22.06 43.35 -44.31
N LEU C 318 22.38 42.18 -43.77
CA LEU C 318 21.61 41.56 -42.69
C LEU C 318 22.49 41.45 -41.44
N CYS C 319 21.85 41.56 -40.27
CA CYS C 319 22.56 41.58 -39.00
C CYS C 319 22.01 40.49 -38.08
N THR C 320 22.92 39.74 -37.46
CA THR C 320 22.53 38.72 -36.50
C THR C 320 23.44 38.74 -35.28
N ASP C 321 24.55 39.47 -35.37
CA ASP C 321 25.49 39.54 -34.25
C ASP C 321 24.97 40.52 -33.21
N TRP C 322 24.93 40.10 -31.95
CA TRP C 322 24.44 40.97 -30.89
C TRP C 322 25.47 42.00 -30.49
N GLN C 323 26.74 41.62 -30.45
CA GLN C 323 27.77 42.49 -29.89
C GLN C 323 28.53 43.28 -30.94
N LYS C 324 28.33 42.97 -32.22
CA LYS C 324 29.05 43.67 -33.27
C LYS C 324 28.62 45.13 -33.35
N ALA C 325 29.59 46.02 -33.56
CA ALA C 325 29.31 47.42 -33.77
C ALA C 325 28.67 47.62 -35.14
N GLU C 326 27.35 47.60 -35.21
CA GLU C 326 26.61 47.67 -36.46
C GLU C 326 25.92 49.01 -36.60
N ARG C 327 25.52 49.32 -37.83
CA ARG C 327 24.87 50.59 -38.13
C ARG C 327 23.59 50.74 -37.30
N GLY C 328 23.26 51.99 -36.96
CA GLY C 328 22.12 52.24 -36.09
C GLY C 328 20.82 51.72 -36.66
N ASP C 329 20.55 52.03 -37.92
CA ASP C 329 19.34 51.49 -38.55
C ASP C 329 19.44 49.98 -38.74
N ILE C 330 20.65 49.48 -39.06
CA ILE C 330 20.84 48.04 -39.21
C ILE C 330 20.59 47.34 -37.89
N LEU C 331 21.10 47.88 -36.79
CA LEU C 331 20.84 47.31 -35.48
C LEU C 331 19.34 47.24 -35.20
N LEU C 332 18.63 48.34 -35.48
CA LEU C 332 17.19 48.33 -35.35
C LEU C 332 16.57 47.33 -36.32
N SER C 333 17.11 47.27 -37.54
CA SER C 333 16.58 46.36 -38.54
C SER C 333 16.55 44.92 -38.04
N SER C 334 17.67 44.45 -37.49
CA SER C 334 17.69 43.12 -36.90
C SER C 334 16.76 43.06 -35.70
N LEU C 335 16.79 44.09 -34.86
CA LEU C 335 15.93 44.10 -33.68
C LEU C 335 14.46 44.13 -34.07
N ILE C 336 14.10 44.94 -35.06
CA ILE C 336 12.71 44.98 -35.51
C ILE C 336 12.31 43.63 -36.09
N ARG C 337 13.17 43.05 -36.93
CA ARG C 337 12.91 41.70 -37.43
C ARG C 337 13.11 40.63 -36.37
N LYS C 338 13.74 40.98 -35.24
CA LYS C 338 13.98 40.04 -34.14
C LYS C 338 14.82 38.85 -34.58
N LYS C 339 15.44 38.93 -35.76
CA LYS C 339 16.37 37.88 -36.16
C LYS C 339 17.52 37.79 -35.18
N LEU C 340 18.05 38.93 -34.76
CA LEU C 340 18.88 38.98 -33.57
C LEU C 340 17.97 38.96 -32.34
N LEU C 341 18.38 38.24 -31.30
CA LEU C 341 17.56 38.06 -30.11
C LEU C 341 16.20 37.54 -30.52
N PRO C 342 16.10 36.27 -30.94
CA PRO C 342 14.86 35.79 -31.56
C PRO C 342 13.65 35.81 -30.65
N GLU C 343 13.86 35.89 -29.33
CA GLU C 343 12.76 35.82 -28.38
C GLU C 343 12.45 37.17 -27.73
N ALA C 344 13.26 38.18 -28.01
CA ALA C 344 13.11 39.46 -27.32
C ALA C 344 11.75 40.09 -27.63
N SER C 345 11.04 40.51 -26.58
CA SER C 345 9.78 41.21 -26.76
C SER C 345 10.03 42.66 -27.15
N LEU C 346 9.04 43.27 -27.80
CA LEU C 346 9.18 44.62 -28.31
C LEU C 346 7.88 45.40 -28.17
N LEU C 347 8.04 46.67 -27.82
CA LEU C 347 6.88 47.58 -27.74
C LEU C 347 7.28 48.79 -28.57
N ILE C 348 6.49 49.19 -29.56
CA ILE C 348 6.90 50.28 -30.49
C ILE C 348 5.78 51.32 -30.59
N THR C 349 5.94 52.48 -29.95
CA THR C 349 4.93 53.54 -30.18
C THR C 349 5.19 54.03 -31.60
N THR C 350 4.15 54.12 -32.44
CA THR C 350 4.38 54.47 -33.87
C THR C 350 3.36 55.52 -34.30
N ARG C 351 3.75 56.38 -35.25
CA ARG C 351 2.77 57.34 -35.80
C ARG C 351 1.92 56.62 -36.87
N PRO C 352 0.57 56.65 -36.87
CA PRO C 352 -0.20 55.91 -37.88
C PRO C 352 0.29 56.08 -39.32
N VAL C 353 0.77 57.27 -39.67
CA VAL C 353 1.18 57.52 -41.04
C VAL C 353 2.44 56.73 -41.39
N ALA C 354 3.26 56.40 -40.39
CA ALA C 354 4.49 55.66 -40.61
C ALA C 354 4.33 54.16 -40.45
N LEU C 355 3.11 53.68 -40.29
CA LEU C 355 2.89 52.26 -40.04
C LEU C 355 3.33 51.39 -41.20
N GLU C 356 3.06 51.82 -42.44
CA GLU C 356 3.26 50.95 -43.60
C GLU C 356 4.71 50.50 -43.73
N LYS C 357 5.65 51.31 -43.24
CA LYS C 357 7.06 50.94 -43.27
C LYS C 357 7.31 49.74 -42.37
N LEU C 358 6.86 49.82 -41.11
CA LEU C 358 7.09 48.73 -40.18
C LEU C 358 6.14 47.58 -40.42
N GLN C 359 4.90 47.87 -40.82
CA GLN C 359 3.94 46.80 -41.09
C GLN C 359 4.42 45.90 -42.22
N HIS C 360 4.95 46.48 -43.30
CA HIS C 360 5.60 45.67 -44.32
C HIS C 360 6.86 45.02 -43.78
N LEU C 361 7.52 45.66 -42.81
CA LEU C 361 8.77 45.11 -42.29
C LEU C 361 8.52 43.92 -41.38
N LEU C 362 7.48 43.97 -40.54
CA LEU C 362 7.32 43.01 -39.47
C LEU C 362 5.92 42.41 -39.48
N ASP C 363 5.81 41.16 -39.05
CA ASP C 363 4.56 40.42 -39.05
C ASP C 363 3.97 40.36 -37.64
N HIS C 364 2.71 39.88 -37.57
CA HIS C 364 1.92 39.68 -36.37
C HIS C 364 2.06 40.81 -35.36
N PRO C 365 1.79 42.06 -35.73
CA PRO C 365 1.99 43.17 -34.79
C PRO C 365 0.72 43.41 -33.98
N ARG C 366 0.88 43.47 -32.66
CA ARG C 366 -0.26 43.76 -31.79
C ARG C 366 -0.58 45.24 -31.85
N HIS C 367 -1.35 45.65 -32.86
CA HIS C 367 -1.74 47.06 -32.99
C HIS C 367 -2.62 47.46 -31.81
N VAL C 368 -2.31 48.64 -31.25
CA VAL C 368 -3.09 49.16 -30.12
C VAL C 368 -3.45 50.62 -30.39
N GLU C 369 -4.72 50.87 -30.66
CA GLU C 369 -5.20 52.23 -30.82
C GLU C 369 -5.33 52.91 -29.45
N ILE C 370 -4.71 54.07 -29.30
CA ILE C 370 -4.75 54.84 -28.07
C ILE C 370 -5.43 56.17 -28.37
N LEU C 371 -6.34 56.58 -27.48
CA LEU C 371 -7.16 57.76 -27.69
C LEU C 371 -6.94 58.75 -26.53
N GLY C 372 -7.24 60.02 -26.79
CA GLY C 372 -7.09 61.05 -25.80
C GLY C 372 -8.26 61.09 -24.82
N PHE C 373 -8.26 62.14 -24.01
CA PHE C 373 -9.26 62.27 -22.95
C PHE C 373 -10.63 62.58 -23.53
N SER C 374 -11.67 62.13 -22.83
CA SER C 374 -13.03 62.45 -23.22
C SER C 374 -13.44 63.82 -22.68
N GLU C 375 -14.73 64.10 -22.74
CA GLU C 375 -15.26 65.35 -22.19
C GLU C 375 -14.97 65.45 -20.70
N ALA C 376 -15.50 64.50 -19.91
CA ALA C 376 -15.29 64.53 -18.48
C ALA C 376 -13.81 64.34 -18.12
N LYS C 377 -13.11 63.47 -18.84
CA LYS C 377 -11.70 63.26 -18.57
C LYS C 377 -10.90 64.55 -18.77
N ARG C 378 -11.30 65.37 -19.76
CA ARG C 378 -10.62 66.65 -19.98
C ARG C 378 -10.71 67.53 -18.75
N LYS C 379 -11.90 67.59 -18.12
CA LYS C 379 -12.04 68.28 -16.84
C LYS C 379 -11.18 67.60 -15.79
N GLU C 380 -11.18 66.26 -15.77
CA GLU C 380 -10.38 65.53 -14.80
C GLU C 380 -8.89 65.78 -14.99
N TYR C 381 -8.47 66.12 -16.22
CA TYR C 381 -7.09 66.55 -16.41
C TYR C 381 -6.83 67.85 -15.70
N PHE C 382 -7.77 68.80 -15.79
CA PHE C 382 -7.63 70.05 -15.07
C PHE C 382 -7.66 69.82 -13.57
N PHE C 383 -8.33 68.75 -13.12
CA PHE C 383 -8.23 68.36 -11.73
C PHE C 383 -6.78 68.05 -11.37
N LYS C 384 -6.08 67.33 -12.24
CA LYS C 384 -4.65 67.10 -12.03
C LYS C 384 -3.87 68.40 -12.14
N TYR C 385 -4.23 69.24 -13.11
CA TYR C 385 -3.39 70.38 -13.47
C TYR C 385 -3.59 71.56 -12.51
N PHE C 386 -4.79 72.12 -12.50
CA PHE C 386 -5.01 73.39 -11.81
C PHE C 386 -5.00 73.19 -10.30
N SER C 387 -4.75 74.31 -9.61
CA SER C 387 -4.68 74.34 -8.16
C SER C 387 -5.86 75.03 -7.49
N ASP C 388 -6.76 75.64 -8.26
CA ASP C 388 -7.90 76.31 -7.68
C ASP C 388 -9.08 76.24 -8.65
N GLU C 389 -10.28 76.10 -8.08
CA GLU C 389 -11.48 76.03 -8.90
C GLU C 389 -11.70 77.32 -9.70
N ALA C 390 -11.53 78.47 -9.06
CA ALA C 390 -11.64 79.73 -9.80
C ALA C 390 -10.67 79.76 -10.97
N GLN C 391 -9.54 79.06 -10.85
CA GLN C 391 -8.67 78.83 -11.99
C GLN C 391 -9.22 77.70 -12.86
N ALA C 392 -9.54 76.56 -12.23
CA ALA C 392 -9.96 75.38 -12.98
C ALA C 392 -11.39 75.53 -13.50
N ARG C 393 -12.36 75.67 -12.60
CA ARG C 393 -13.76 75.60 -12.99
C ARG C 393 -14.14 76.72 -13.95
N ALA C 394 -13.65 77.93 -13.70
CA ALA C 394 -14.00 79.05 -14.59
C ALA C 394 -13.43 78.84 -15.98
N ALA C 395 -12.15 78.50 -16.07
CA ALA C 395 -11.51 78.31 -17.38
C ALA C 395 -12.13 77.14 -18.12
N PHE C 396 -12.37 76.03 -17.41
CA PHE C 396 -12.98 74.87 -18.04
C PHE C 396 -14.37 75.20 -18.56
N SER C 397 -15.13 76.00 -17.82
CA SER C 397 -16.47 76.40 -18.26
C SER C 397 -16.41 77.11 -19.61
N LEU C 398 -15.30 77.79 -19.89
CA LEU C 398 -15.15 78.44 -21.19
C LEU C 398 -15.09 77.41 -22.31
N ILE C 399 -14.53 76.24 -22.03
CA ILE C 399 -14.38 75.22 -23.06
C ILE C 399 -15.73 74.69 -23.51
N GLN C 400 -16.65 74.50 -22.57
CA GLN C 400 -17.97 73.97 -22.93
C GLN C 400 -18.70 74.91 -23.88
N GLU C 401 -18.66 76.21 -23.60
CA GLU C 401 -19.28 77.17 -24.50
C GLU C 401 -18.57 77.18 -25.86
N ASN C 402 -17.25 77.09 -25.85
CA ASN C 402 -16.46 77.02 -27.09
C ASN C 402 -16.35 75.56 -27.51
N GLU C 403 -17.49 75.01 -27.98
CA GLU C 403 -17.55 73.61 -28.33
C GLU C 403 -16.59 73.27 -29.46
N VAL C 404 -16.33 74.22 -30.37
CA VAL C 404 -15.35 73.99 -31.42
C VAL C 404 -13.99 73.74 -30.80
N LEU C 405 -13.63 74.51 -29.78
CA LEU C 405 -12.43 74.20 -29.02
C LEU C 405 -12.60 72.90 -28.25
N PHE C 406 -13.81 72.65 -27.72
CA PHE C 406 -14.03 71.46 -26.90
C PHE C 406 -13.82 70.19 -27.70
N THR C 407 -14.45 70.09 -28.87
CA THR C 407 -14.19 68.95 -29.74
C THR C 407 -12.73 68.93 -30.17
N MET C 408 -12.10 70.11 -30.22
CA MET C 408 -10.67 70.16 -30.48
C MET C 408 -9.87 69.78 -29.23
N CYS C 409 -10.51 69.79 -28.06
CA CYS C 409 -9.80 69.44 -26.83
C CYS C 409 -9.68 67.92 -26.70
N PHE C 410 -9.20 67.28 -27.77
CA PHE C 410 -8.77 65.90 -27.75
C PHE C 410 -7.25 65.92 -27.83
N ILE C 411 -6.60 64.75 -27.89
CA ILE C 411 -5.15 64.69 -28.03
C ILE C 411 -4.50 65.52 -26.94
N PRO C 412 -4.42 65.01 -25.70
CA PRO C 412 -4.19 65.86 -24.52
C PRO C 412 -3.10 66.92 -24.62
N LEU C 413 -2.20 66.82 -25.61
CA LEU C 413 -1.18 67.85 -25.77
C LEU C 413 -1.82 69.22 -25.96
N VAL C 414 -2.91 69.28 -26.73
CA VAL C 414 -3.58 70.56 -26.95
C VAL C 414 -4.18 71.07 -25.64
N CYS C 415 -4.66 70.16 -24.80
CA CYS C 415 -5.17 70.57 -23.50
C CYS C 415 -4.06 71.15 -22.63
N TRP C 416 -2.86 70.59 -22.74
CA TRP C 416 -1.71 71.17 -22.07
C TRP C 416 -1.48 72.60 -22.54
N ILE C 417 -1.59 72.83 -23.84
CA ILE C 417 -1.48 74.19 -24.37
C ILE C 417 -2.59 75.06 -23.82
N VAL C 418 -3.81 74.52 -23.75
CA VAL C 418 -4.96 75.30 -23.31
C VAL C 418 -4.77 75.77 -21.88
N CYS C 419 -4.46 74.84 -20.98
CA CYS C 419 -4.38 75.19 -19.55
C CYS C 419 -3.20 76.11 -19.28
N THR C 420 -2.03 75.78 -19.84
CA THR C 420 -0.84 76.59 -19.59
C THR C 420 -1.00 78.00 -20.14
N GLY C 421 -1.48 78.12 -21.38
CA GLY C 421 -1.63 79.44 -21.96
C GLY C 421 -2.63 80.30 -21.20
N LEU C 422 -3.77 79.71 -20.83
CA LEU C 422 -4.76 80.44 -20.05
C LEU C 422 -4.21 80.80 -18.67
N LYS C 423 -3.45 79.88 -18.06
CA LYS C 423 -2.83 80.17 -16.77
C LYS C 423 -1.99 81.43 -16.83
N GLN C 424 -1.15 81.54 -17.86
CA GLN C 424 -0.33 82.74 -18.02
C GLN C 424 -1.19 83.97 -18.26
N GLN C 425 -2.28 83.82 -19.00
CA GLN C 425 -3.18 84.95 -19.21
C GLN C 425 -3.77 85.43 -17.89
N MET C 426 -4.07 84.49 -16.98
CA MET C 426 -4.55 84.88 -15.66
C MET C 426 -3.50 85.62 -14.86
N GLU C 427 -2.21 85.36 -15.12
CA GLU C 427 -1.16 86.14 -14.48
C GLU C 427 -1.17 87.58 -14.93
N SER C 428 -1.86 87.89 -16.03
CA SER C 428 -1.92 89.24 -16.55
C SER C 428 -3.34 89.77 -16.73
N GLY C 429 -4.30 88.90 -17.03
CA GLY C 429 -5.64 89.37 -17.28
C GLY C 429 -6.68 88.28 -17.17
N LYS C 430 -7.81 88.52 -17.83
CA LYS C 430 -8.94 87.61 -17.84
C LYS C 430 -9.11 86.99 -19.23
N SER C 431 -9.56 85.75 -19.27
CA SER C 431 -9.66 85.03 -20.53
C SER C 431 -10.80 85.59 -21.38
N LEU C 432 -10.88 85.10 -22.61
CA LEU C 432 -11.87 85.54 -23.58
C LEU C 432 -12.34 84.30 -24.36
N ALA C 433 -12.98 84.55 -25.50
CA ALA C 433 -13.42 83.47 -26.38
C ALA C 433 -12.23 82.67 -26.90
N GLN C 434 -11.04 83.25 -26.77
CA GLN C 434 -9.77 82.57 -27.00
C GLN C 434 -9.49 82.37 -28.49
N THR C 435 -10.48 82.67 -29.33
CA THR C 435 -10.34 82.66 -30.79
C THR C 435 -9.72 81.36 -31.32
N SER C 436 -9.72 80.32 -30.50
CA SER C 436 -9.06 79.06 -30.87
C SER C 436 -10.01 78.11 -31.57
N LYS C 437 -10.52 78.55 -32.71
CA LYS C 437 -11.43 77.74 -33.52
C LYS C 437 -10.71 76.64 -34.30
N THR C 438 -9.39 76.72 -34.43
CA THR C 438 -8.62 75.73 -35.16
C THR C 438 -7.39 75.36 -34.35
N THR C 439 -6.72 74.28 -34.78
CA THR C 439 -5.50 73.85 -34.11
C THR C 439 -4.43 74.93 -34.17
N THR C 440 -4.27 75.55 -35.33
CA THR C 440 -3.29 76.63 -35.46
C THR C 440 -3.65 77.79 -34.56
N ALA C 441 -4.93 78.13 -34.48
CA ALA C 441 -5.36 79.22 -33.60
C ALA C 441 -4.97 78.95 -32.16
N VAL C 442 -4.94 77.68 -31.77
CA VAL C 442 -4.45 77.32 -30.43
C VAL C 442 -2.97 77.68 -30.32
N TYR C 443 -2.19 77.34 -31.35
CA TYR C 443 -0.76 77.59 -31.30
C TYR C 443 -0.45 79.08 -31.26
N VAL C 444 -1.09 79.87 -32.12
CA VAL C 444 -0.75 81.28 -32.24
C VAL C 444 -1.17 82.06 -31.00
N PHE C 445 -2.35 81.75 -30.45
CA PHE C 445 -2.77 82.41 -29.21
C PHE C 445 -1.79 82.11 -28.08
N PHE C 446 -1.25 80.89 -28.06
CA PHE C 446 -0.20 80.55 -27.11
C PHE C 446 1.03 81.41 -27.32
N LEU C 447 1.40 81.64 -28.58
CA LEU C 447 2.56 82.47 -28.88
C LEU C 447 2.34 83.91 -28.44
N SER C 448 1.12 84.42 -28.64
CA SER C 448 0.84 85.82 -28.31
C SER C 448 1.06 86.09 -26.83
N SER C 449 0.56 85.21 -25.97
CA SER C 449 0.85 85.32 -24.54
C SER C 449 2.32 85.09 -24.27
N LEU C 450 2.94 84.18 -25.01
CA LEU C 450 4.35 83.87 -24.82
C LEU C 450 5.21 85.10 -25.09
N LEU C 451 4.94 85.81 -26.18
CA LEU C 451 5.74 86.94 -26.61
C LEU C 451 5.19 88.25 -26.03
N GLN C 452 4.88 88.21 -24.73
CA GLN C 452 4.31 89.41 -24.13
C GLN C 452 5.39 90.36 -23.58
N PRO C 453 6.26 89.93 -22.64
CA PRO C 453 7.07 90.92 -21.93
C PRO C 453 8.08 91.68 -22.79
N ARG C 454 8.98 90.95 -23.45
CA ARG C 454 10.06 91.60 -24.19
C ARG C 454 9.79 91.71 -25.70
N GLY C 455 8.87 90.92 -26.24
CA GLY C 455 8.62 90.92 -27.67
C GLY C 455 8.07 92.23 -28.20
N GLY C 456 7.26 92.91 -27.37
CA GLY C 456 6.62 94.14 -27.81
C GLY C 456 7.61 95.24 -28.11
N SER C 457 8.62 95.41 -27.26
CA SER C 457 9.67 96.36 -27.55
C SER C 457 10.42 95.94 -28.80
N GLN C 458 10.64 96.89 -29.71
CA GLN C 458 11.34 96.59 -30.95
C GLN C 458 12.80 96.25 -30.69
N GLU C 459 13.43 96.94 -29.74
CA GLU C 459 14.84 96.67 -29.43
C GLU C 459 15.03 95.22 -28.98
N HIS C 460 14.17 94.76 -28.08
CA HIS C 460 14.13 93.35 -27.70
C HIS C 460 13.08 92.57 -28.49
N GLY C 461 12.75 93.03 -29.70
CA GLY C 461 11.83 92.28 -30.53
C GLY C 461 12.41 90.93 -30.90
N LEU C 462 11.66 89.87 -30.57
CA LEU C 462 12.10 88.50 -30.81
C LEU C 462 11.62 87.96 -32.15
N CYS C 463 10.97 88.79 -32.96
CA CYS C 463 10.46 88.33 -34.26
C CYS C 463 11.60 87.87 -35.17
N ALA C 464 12.67 88.66 -35.24
CA ALA C 464 13.86 88.21 -35.96
C ALA C 464 14.46 86.98 -35.30
N HIS C 465 14.49 86.97 -33.96
CA HIS C 465 14.90 85.77 -33.25
C HIS C 465 13.89 84.64 -33.42
N LEU C 466 12.61 84.98 -33.52
CA LEU C 466 11.61 83.98 -33.88
C LEU C 466 11.93 83.38 -35.25
N TRP C 467 12.38 84.22 -36.19
CA TRP C 467 12.87 83.69 -37.46
C TRP C 467 14.12 82.85 -37.26
N GLY C 468 14.97 83.26 -36.31
CA GLY C 468 16.19 82.49 -36.05
C GLY C 468 15.89 81.06 -35.61
N LEU C 469 14.95 80.91 -34.67
CA LEU C 469 14.56 79.57 -34.26
C LEU C 469 13.76 78.86 -35.36
N CYS C 470 12.99 79.62 -36.14
CA CYS C 470 12.32 79.02 -37.29
C CYS C 470 13.32 78.49 -38.30
N SER C 471 14.40 79.24 -38.53
CA SER C 471 15.48 78.74 -39.39
C SER C 471 16.08 77.46 -38.82
N LEU C 472 16.31 77.43 -37.51
CA LEU C 472 16.74 76.18 -36.87
C LEU C 472 15.65 75.13 -36.99
N ALA C 473 14.39 75.53 -36.81
CA ALA C 473 13.28 74.58 -36.93
C ALA C 473 13.23 73.98 -38.33
N ALA C 474 13.40 74.82 -39.35
CA ALA C 474 13.35 74.31 -40.72
C ALA C 474 14.46 73.31 -40.97
N ASP C 475 15.67 73.60 -40.48
CA ASP C 475 16.77 72.65 -40.62
C ASP C 475 16.55 71.40 -39.76
N GLY C 476 15.64 71.49 -38.78
CA GLY C 476 15.41 70.36 -37.90
C GLY C 476 14.93 69.12 -38.64
N ILE C 477 14.16 69.29 -39.71
CA ILE C 477 13.76 68.19 -40.55
C ILE C 477 14.42 68.21 -41.91
N TRP C 478 14.80 69.39 -42.42
CA TRP C 478 15.49 69.43 -43.71
C TRP C 478 16.86 68.79 -43.62
N ASN C 479 17.47 68.79 -42.43
CA ASN C 479 18.73 68.12 -42.19
C ASN C 479 18.65 67.14 -41.01
N GLN C 480 17.45 66.91 -40.50
CA GLN C 480 17.14 65.83 -39.57
C GLN C 480 17.89 65.92 -38.25
N LYS C 481 18.21 67.13 -37.77
CA LYS C 481 18.91 67.28 -36.50
C LYS C 481 17.99 67.94 -35.49
N ILE C 482 17.26 67.13 -34.74
CA ILE C 482 16.47 67.66 -33.63
C ILE C 482 17.38 68.11 -32.50
N LEU C 483 18.37 67.28 -32.16
CA LEU C 483 19.28 67.59 -31.07
C LEU C 483 20.39 68.52 -31.55
N PHE C 484 20.03 69.78 -31.80
CA PHE C 484 20.97 70.72 -32.40
C PHE C 484 22.17 70.99 -31.49
N GLU C 485 21.92 71.10 -30.18
CA GLU C 485 22.98 71.36 -29.20
C GLU C 485 23.58 72.76 -29.41
N GLU C 486 24.47 73.17 -28.50
CA GLU C 486 25.16 74.44 -28.61
C GLU C 486 25.97 74.50 -29.90
N SER C 487 26.31 73.34 -30.47
CA SER C 487 27.09 73.30 -31.70
C SER C 487 26.38 74.03 -32.84
N ASP C 488 25.05 73.93 -32.91
CA ASP C 488 24.30 74.53 -34.01
C ASP C 488 23.41 75.69 -33.61
N LEU C 489 23.02 75.80 -32.33
CA LEU C 489 22.25 76.96 -31.90
C LEU C 489 23.05 78.24 -32.08
N ARG C 490 24.35 78.18 -31.76
CA ARG C 490 25.23 79.32 -32.00
C ARG C 490 25.22 79.73 -33.47
N ASN C 491 25.12 78.74 -34.36
CA ASN C 491 24.98 79.04 -35.79
C ASN C 491 23.65 79.73 -36.07
N HIS C 492 22.59 79.31 -35.39
CA HIS C 492 21.27 79.83 -35.69
C HIS C 492 20.90 81.07 -34.87
N GLY C 493 21.56 81.30 -33.74
CA GLY C 493 21.16 82.45 -32.94
C GLY C 493 22.10 82.67 -31.77
N LEU C 494 21.68 83.58 -30.89
CA LEU C 494 22.47 84.00 -29.74
C LEU C 494 22.50 82.86 -28.73
N GLN C 495 23.59 82.11 -28.76
CA GLN C 495 23.73 80.84 -28.04
C GLN C 495 23.53 80.97 -26.53
N LYS C 496 23.75 82.17 -25.98
CA LYS C 496 23.69 82.31 -24.54
C LYS C 496 22.56 83.23 -24.07
N ALA C 497 22.58 84.47 -24.52
CA ALA C 497 21.71 85.49 -23.94
C ALA C 497 20.24 85.30 -24.31
N ASP C 498 19.93 85.35 -25.61
CA ASP C 498 18.54 85.37 -26.03
C ASP C 498 17.85 84.02 -25.84
N VAL C 499 18.52 82.92 -26.22
CA VAL C 499 17.85 81.61 -26.19
C VAL C 499 17.52 81.21 -24.75
N SER C 500 18.23 81.75 -23.77
CA SER C 500 17.92 81.45 -22.38
C SER C 500 16.51 81.88 -22.03
N ALA C 501 16.07 83.04 -22.52
CA ALA C 501 14.67 83.43 -22.34
C ALA C 501 13.75 82.47 -23.08
N PHE C 502 14.08 82.13 -24.33
CA PHE C 502 13.27 81.17 -25.08
C PHE C 502 13.26 79.82 -24.40
N LEU C 503 14.42 79.36 -23.91
CA LEU C 503 14.47 78.11 -23.17
C LEU C 503 13.53 78.16 -21.97
N ARG C 504 13.63 79.21 -21.17
CA ARG C 504 12.76 79.34 -20.02
C ARG C 504 11.31 79.54 -20.43
N MET C 505 11.07 80.12 -21.61
CA MET C 505 9.72 80.16 -22.13
C MET C 505 9.29 78.79 -22.65
N ASN C 506 10.19 78.09 -23.34
CA ASN C 506 9.89 76.74 -23.81
C ASN C 506 9.95 75.70 -22.70
N LEU C 507 10.65 75.99 -21.61
CA LEU C 507 10.62 75.22 -20.36
C LEU C 507 11.34 73.88 -20.45
N PHE C 508 11.71 73.46 -21.66
CA PHE C 508 12.49 72.23 -21.87
C PHE C 508 13.16 72.28 -23.23
N GLN C 509 14.47 72.50 -23.24
CA GLN C 509 15.20 72.44 -24.51
C GLN C 509 16.55 71.72 -24.40
N LYS C 510 17.02 71.43 -23.18
CA LYS C 510 18.31 70.76 -23.05
C LYS C 510 18.25 69.54 -22.13
N GLU C 511 17.47 69.65 -21.05
CA GLU C 511 17.60 68.69 -19.95
C GLU C 511 17.10 67.31 -20.32
N VAL C 512 16.36 67.16 -21.42
CA VAL C 512 15.82 65.84 -21.78
C VAL C 512 16.95 64.85 -22.08
N ASP C 513 17.99 65.30 -22.80
CA ASP C 513 19.14 64.46 -23.10
C ASP C 513 20.06 64.27 -21.90
N CYS C 514 20.14 65.28 -21.02
CA CYS C 514 20.82 65.23 -19.73
C CYS C 514 22.34 65.22 -19.84
N GLU C 515 22.90 65.04 -21.04
CA GLU C 515 24.35 65.07 -21.13
C GLU C 515 24.89 66.43 -21.57
N LYS C 516 24.68 66.78 -22.84
CA LYS C 516 25.00 68.11 -23.34
C LYS C 516 24.03 68.64 -24.39
N PHE C 517 23.21 67.79 -25.00
CA PHE C 517 22.51 68.17 -26.21
C PHE C 517 21.32 69.09 -25.91
N TYR C 518 20.97 69.88 -26.91
CA TYR C 518 19.83 70.80 -26.83
C TYR C 518 18.81 70.42 -27.88
N SER C 519 17.53 70.59 -27.52
CA SER C 519 16.44 70.11 -28.35
C SER C 519 15.26 71.06 -28.20
N PHE C 520 14.08 70.62 -28.62
CA PHE C 520 12.86 71.41 -28.55
C PHE C 520 11.88 70.72 -27.62
N ILE C 521 10.73 71.37 -27.41
CA ILE C 521 9.69 70.79 -26.57
C ILE C 521 9.11 69.55 -27.23
N HIS C 522 8.56 69.71 -28.42
CA HIS C 522 7.91 68.62 -29.14
C HIS C 522 8.03 68.88 -30.63
N MET C 523 7.89 67.81 -31.41
CA MET C 523 8.04 67.89 -32.86
C MET C 523 6.95 68.73 -33.52
N THR C 524 5.80 68.91 -32.88
CA THR C 524 4.79 69.79 -33.42
C THR C 524 5.27 71.23 -33.48
N PHE C 525 5.97 71.68 -32.44
CA PHE C 525 6.52 73.04 -32.44
C PHE C 525 7.50 73.23 -33.59
N GLN C 526 8.38 72.25 -33.79
CA GLN C 526 9.36 72.35 -34.86
C GLN C 526 8.66 72.42 -36.22
N GLU C 527 7.65 71.58 -36.43
CA GLU C 527 6.89 71.64 -37.67
C GLU C 527 5.99 72.87 -37.74
N PHE C 528 5.59 73.42 -36.59
CA PHE C 528 4.82 74.65 -36.61
C PHE C 528 5.68 75.83 -37.05
N PHE C 529 6.86 75.96 -36.46
CA PHE C 529 7.76 77.04 -36.87
C PHE C 529 8.28 76.82 -38.28
N ALA C 530 8.42 75.56 -38.70
CA ALA C 530 8.81 75.28 -40.07
C ALA C 530 7.80 75.84 -41.06
N ALA C 531 6.52 75.84 -40.67
CA ALA C 531 5.50 76.44 -41.53
C ALA C 531 5.54 77.96 -41.46
N MET C 532 5.88 78.52 -40.29
CA MET C 532 5.90 79.97 -40.15
C MET C 532 6.94 80.60 -41.06
N TYR C 533 8.14 80.02 -41.11
CA TYR C 533 9.23 80.62 -41.87
C TYR C 533 8.87 80.74 -43.34
N TYR C 534 8.08 79.79 -43.86
CA TYR C 534 7.67 79.85 -45.26
C TYR C 534 6.90 81.11 -45.56
N LEU C 535 6.01 81.52 -44.65
CA LEU C 535 5.24 82.74 -44.84
C LEU C 535 6.05 83.99 -44.54
N LEU C 536 6.98 83.92 -43.58
CA LEU C 536 7.73 85.10 -43.18
C LEU C 536 8.80 85.50 -44.19
N GLU C 537 8.82 84.87 -45.36
CA GLU C 537 9.74 85.23 -46.44
C GLU C 537 11.20 85.18 -45.98
N GLU C 538 11.40 84.30 -44.98
CA GLU C 538 12.73 84.19 -44.33
C GLU C 538 13.15 85.58 -43.83
N GLU C 539 12.41 86.11 -42.84
CA GLU C 539 12.72 87.46 -42.28
C GLU C 539 12.62 88.48 -43.40
N LYS C 540 11.67 88.26 -44.33
CA LYS C 540 11.48 89.18 -45.46
C LYS C 540 12.68 89.04 -46.40
N GLU C 541 12.77 89.89 -47.41
CA GLU C 541 13.96 89.87 -48.29
C GLU C 541 14.84 91.06 -47.90
N GLY C 542 14.57 91.68 -46.74
CA GLY C 542 15.31 92.88 -46.35
C GLY C 542 15.96 92.81 -44.97
N ARG C 543 16.43 91.62 -44.57
CA ARG C 543 17.03 91.43 -43.22
C ARG C 543 18.27 90.52 -43.28
N THR C 544 18.09 89.19 -43.41
CA THR C 544 19.25 88.25 -43.40
C THR C 544 20.00 88.36 -42.06
N ASN C 545 21.28 88.78 -42.08
CA ASN C 545 22.08 88.92 -40.83
C ASN C 545 22.22 87.56 -40.12
N VAL C 546 22.55 86.51 -40.88
CA VAL C 546 22.67 85.13 -40.32
C VAL C 546 23.86 84.98 -39.35
N PRO C 547 23.76 84.17 -38.27
CA PRO C 547 24.90 83.90 -37.38
C PRO C 547 25.89 82.90 -38.00
N GLY C 548 26.50 83.27 -39.13
CA GLY C 548 27.48 82.46 -39.85
C GLY C 548 26.88 81.53 -40.89
N SER C 549 25.56 81.53 -41.03
CA SER C 549 24.88 80.61 -41.95
C SER C 549 24.81 81.14 -43.38
N ARG C 550 25.94 81.26 -44.06
CA ARG C 550 25.92 81.60 -45.47
C ARG C 550 25.34 80.48 -46.31
N LEU C 551 25.32 79.26 -45.78
CA LEU C 551 24.81 78.10 -46.50
C LEU C 551 23.81 77.38 -45.61
N LYS C 552 23.43 76.18 -46.04
CA LYS C 552 22.50 75.31 -45.32
C LYS C 552 21.12 75.93 -45.15
N LEU C 553 20.77 76.87 -46.01
CA LEU C 553 19.43 77.45 -45.96
C LEU C 553 18.48 76.58 -46.78
N PRO C 554 17.48 75.95 -46.17
CA PRO C 554 16.49 75.20 -46.96
C PRO C 554 15.74 76.15 -47.87
N SER C 555 15.34 75.62 -49.02
CA SER C 555 14.71 76.44 -50.05
C SER C 555 13.44 77.09 -49.54
N ARG C 556 13.31 78.39 -49.79
CA ARG C 556 12.11 79.12 -49.41
C ARG C 556 10.91 78.74 -50.26
N ASP C 557 11.12 78.00 -51.35
CA ASP C 557 10.02 77.50 -52.14
C ASP C 557 9.26 76.43 -51.38
N VAL C 558 7.95 76.38 -51.62
CA VAL C 558 7.07 75.41 -50.97
C VAL C 558 6.68 74.26 -51.89
N THR C 559 6.90 74.37 -53.20
CA THR C 559 6.57 73.28 -54.10
C THR C 559 7.38 72.04 -53.76
N VAL C 560 8.66 72.23 -53.42
CA VAL C 560 9.51 71.11 -53.03
C VAL C 560 8.95 70.44 -51.78
N LEU C 561 8.33 71.22 -50.89
CA LEU C 561 7.75 70.66 -49.69
C LEU C 561 6.70 69.62 -50.02
N LEU C 562 5.82 69.93 -50.97
CA LEU C 562 4.82 68.96 -51.42
C LEU C 562 5.44 67.86 -52.27
N GLU C 563 6.60 68.12 -52.89
CA GLU C 563 7.30 67.10 -53.66
C GLU C 563 8.01 66.09 -52.76
N ASN C 564 8.56 66.54 -51.63
CA ASN C 564 9.10 65.62 -50.64
C ASN C 564 8.06 65.16 -49.64
N TYR C 565 6.80 65.58 -49.80
CA TYR C 565 5.74 65.22 -48.88
C TYR C 565 5.53 63.71 -48.89
N GLY C 566 5.37 63.14 -47.69
CA GLY C 566 5.17 61.72 -47.53
C GLY C 566 6.42 60.88 -47.45
N LYS C 567 7.60 61.50 -47.57
CA LYS C 567 8.84 60.75 -47.47
C LYS C 567 9.25 60.62 -46.00
N PHE C 568 9.63 59.40 -45.59
CA PHE C 568 10.15 59.21 -44.25
C PHE C 568 11.43 60.00 -44.04
N GLU C 569 12.14 60.33 -45.12
CA GLU C 569 13.31 61.18 -45.02
C GLU C 569 12.96 62.55 -44.43
N LYS C 570 11.72 63.00 -44.63
CA LYS C 570 11.29 64.31 -44.14
C LYS C 570 10.14 64.19 -43.16
N GLY C 571 9.91 63.01 -42.60
CA GLY C 571 8.91 62.84 -41.56
C GLY C 571 7.48 62.99 -42.04
N TYR C 572 7.22 62.70 -43.32
CA TYR C 572 5.88 62.69 -43.91
C TYR C 572 5.28 64.08 -44.00
N LEU C 573 5.94 65.09 -43.42
CA LEU C 573 5.61 66.49 -43.59
C LEU C 573 4.12 66.79 -43.37
N ILE C 574 3.49 66.18 -42.38
CA ILE C 574 2.06 66.40 -42.16
C ILE C 574 1.82 67.83 -41.69
N PHE C 575 2.32 68.16 -40.50
CA PHE C 575 1.98 69.42 -39.87
C PHE C 575 2.51 70.61 -40.66
N VAL C 576 3.69 70.48 -41.26
CA VAL C 576 4.23 71.56 -42.07
C VAL C 576 3.21 71.99 -43.11
N VAL C 577 2.74 71.04 -43.92
CA VAL C 577 1.68 71.34 -44.88
C VAL C 577 0.41 71.74 -44.16
N ARG C 578 0.04 70.99 -43.11
CA ARG C 578 -1.23 71.22 -42.44
C ARG C 578 -1.29 72.60 -41.82
N PHE C 579 -0.19 73.05 -41.20
CA PHE C 579 -0.19 74.35 -40.55
C PHE C 579 -0.21 75.50 -41.56
N LEU C 580 0.23 75.25 -42.79
CA LEU C 580 0.24 76.32 -43.80
C LEU C 580 -1.15 76.86 -44.05
N PHE C 581 -2.14 75.98 -44.11
CA PHE C 581 -3.52 76.40 -44.36
C PHE C 581 -4.01 77.34 -43.26
N GLY C 582 -3.80 76.96 -42.01
CA GLY C 582 -4.27 77.79 -40.92
C GLY C 582 -3.56 79.14 -40.86
N LEU C 583 -2.28 79.15 -41.19
CA LEU C 583 -1.49 80.38 -41.09
C LEU C 583 -1.94 81.45 -42.08
N VAL C 584 -2.35 81.07 -43.29
CA VAL C 584 -2.56 82.03 -44.35
C VAL C 584 -3.89 82.76 -44.23
N ASN C 585 -4.63 82.52 -43.15
CA ASN C 585 -5.84 83.28 -42.91
C ASN C 585 -5.54 84.76 -42.90
N GLN C 586 -6.03 85.47 -43.93
CA GLN C 586 -5.67 86.86 -44.17
C GLN C 586 -6.17 87.75 -43.04
N GLU C 587 -7.48 87.71 -42.78
CA GLU C 587 -8.09 88.56 -41.77
C GLU C 587 -7.54 88.26 -40.38
N ARG C 588 -7.29 86.98 -40.08
CA ARG C 588 -6.88 86.60 -38.74
C ARG C 588 -5.49 87.13 -38.42
N THR C 589 -4.53 86.93 -39.33
CA THR C 589 -3.16 87.32 -39.04
C THR C 589 -2.90 88.78 -39.39
N SER C 590 -3.87 89.46 -40.01
CA SER C 590 -3.67 90.84 -40.42
C SER C 590 -3.43 91.74 -39.22
N TYR C 591 -4.33 91.69 -38.23
CA TYR C 591 -4.15 92.45 -37.00
C TYR C 591 -3.57 91.60 -35.87
N LEU C 592 -3.13 90.38 -36.17
CA LEU C 592 -2.46 89.56 -35.17
C LEU C 592 -0.95 89.75 -35.22
N GLU C 593 -0.38 89.73 -36.43
CA GLU C 593 1.06 89.83 -36.61
C GLU C 593 1.50 91.16 -37.18
N LYS C 594 0.97 91.54 -38.35
CA LYS C 594 1.45 92.69 -39.12
C LYS C 594 2.93 92.52 -39.47
N LYS C 595 3.46 91.34 -39.18
CA LYS C 595 4.78 90.91 -39.64
C LYS C 595 4.62 89.74 -40.61
N LEU C 596 3.62 89.80 -41.47
CA LEU C 596 3.08 88.65 -42.17
C LEU C 596 3.69 88.52 -43.56
N SER C 597 3.09 87.65 -44.38
CA SER C 597 3.55 87.41 -45.74
C SER C 597 3.05 88.48 -46.69
N CYS C 598 3.15 88.21 -47.98
CA CYS C 598 2.76 89.14 -49.03
C CYS C 598 2.09 88.34 -50.14
N LYS C 599 2.02 88.92 -51.33
CA LYS C 599 1.50 88.21 -52.50
C LYS C 599 2.13 86.83 -52.66
N ILE C 600 3.29 86.61 -52.04
CA ILE C 600 3.94 85.30 -52.01
C ILE C 600 2.96 84.28 -51.43
N SER C 601 2.31 84.64 -50.32
CA SER C 601 1.29 83.76 -49.77
C SER C 601 0.14 83.57 -50.75
N GLN C 602 -0.26 84.64 -51.43
CA GLN C 602 -1.34 84.54 -52.41
C GLN C 602 -0.97 83.60 -53.55
N GLN C 603 0.26 83.71 -54.06
CA GLN C 603 0.71 82.77 -55.08
C GLN C 603 1.00 81.39 -54.47
N ILE C 604 1.29 81.33 -53.18
CA ILE C 604 1.40 80.05 -52.50
C ILE C 604 0.05 79.34 -52.50
N ARG C 605 -1.03 80.09 -52.25
CA ARG C 605 -2.36 79.49 -52.27
C ARG C 605 -2.66 78.83 -53.59
N LEU C 606 -2.35 79.52 -54.70
CA LEU C 606 -2.51 78.92 -56.01
C LEU C 606 -1.62 77.70 -56.16
N GLU C 607 -0.38 77.78 -55.70
CA GLU C 607 0.49 76.62 -55.69
C GLU C 607 -0.10 75.52 -54.81
N LEU C 608 -0.59 75.87 -53.62
CA LEU C 608 -1.21 74.89 -52.75
C LEU C 608 -2.53 74.39 -53.32
N LEU C 609 -3.26 75.28 -54.01
CA LEU C 609 -4.46 74.83 -54.70
C LEU C 609 -4.14 73.77 -55.74
N LYS C 610 -3.04 73.96 -56.47
CA LYS C 610 -2.65 72.98 -57.48
C LYS C 610 -2.27 71.66 -56.84
N TRP C 611 -1.66 71.70 -55.65
CA TRP C 611 -1.32 70.46 -54.95
C TRP C 611 -2.56 69.64 -54.64
N ILE C 612 -3.59 70.29 -54.10
CA ILE C 612 -4.83 69.58 -53.80
C ILE C 612 -5.48 69.11 -55.09
N GLU C 613 -5.41 69.95 -56.13
CA GLU C 613 -6.07 69.63 -57.39
C GLU C 613 -5.51 68.35 -58.00
N VAL C 614 -4.18 68.23 -58.05
CA VAL C 614 -3.57 67.10 -58.74
C VAL C 614 -3.82 65.79 -58.00
N LYS C 615 -3.85 65.84 -56.66
CA LYS C 615 -3.93 64.61 -55.88
C LYS C 615 -5.21 63.83 -56.18
N ALA C 616 -6.35 64.51 -56.15
CA ALA C 616 -7.62 63.83 -56.42
C ALA C 616 -7.69 63.33 -57.86
N LYS C 617 -7.23 64.14 -58.81
CA LYS C 617 -7.41 63.82 -60.21
C LYS C 617 -6.46 62.72 -60.68
N ALA C 618 -5.21 62.77 -60.23
CA ALA C 618 -4.17 61.94 -60.82
C ALA C 618 -4.07 60.55 -60.22
N LYS C 619 -3.76 60.43 -58.93
CA LYS C 619 -3.46 59.13 -58.33
C LYS C 619 -4.15 59.03 -56.98
N LYS C 620 -5.04 58.05 -56.83
CA LYS C 620 -5.66 57.79 -55.54
C LYS C 620 -4.82 56.81 -54.71
N LEU C 621 -4.02 55.98 -55.36
CA LEU C 621 -3.19 55.00 -54.67
C LEU C 621 -1.86 55.65 -54.31
N GLN C 622 -1.78 56.18 -53.09
CA GLN C 622 -0.54 56.69 -52.54
C GLN C 622 -0.46 56.26 -51.08
N ILE C 623 0.65 56.61 -50.43
CA ILE C 623 0.95 56.11 -49.10
C ILE C 623 -0.18 56.43 -48.14
N GLN C 624 -0.40 57.73 -47.86
CA GLN C 624 -1.60 58.16 -47.16
C GLN C 624 -1.85 59.66 -47.26
N PRO C 625 -2.09 60.21 -48.46
CA PRO C 625 -2.64 61.56 -48.52
C PRO C 625 -4.16 61.51 -48.43
N SER C 626 -4.67 61.18 -47.25
CA SER C 626 -6.07 60.79 -47.11
C SER C 626 -7.01 61.92 -47.48
N GLN C 627 -8.20 61.54 -47.95
CA GLN C 627 -9.23 62.52 -48.31
C GLN C 627 -9.63 63.35 -47.10
N LEU C 628 -9.78 62.70 -45.94
CA LEU C 628 -10.03 63.44 -44.71
C LEU C 628 -8.83 64.27 -44.31
N GLU C 629 -7.62 63.78 -44.60
CA GLU C 629 -6.42 64.54 -44.29
C GLU C 629 -6.41 65.87 -45.04
N LEU C 630 -6.79 65.84 -46.32
CA LEU C 630 -7.01 67.08 -47.04
C LEU C 630 -8.14 67.88 -46.41
N PHE C 631 -9.21 67.21 -46.00
CA PHE C 631 -10.32 67.89 -45.36
C PHE C 631 -9.88 68.59 -44.08
N TYR C 632 -8.88 68.03 -43.39
CA TYR C 632 -8.27 68.76 -42.28
C TYR C 632 -7.65 70.06 -42.78
N CYS C 633 -6.95 69.99 -43.93
CA CYS C 633 -6.29 71.19 -44.45
C CYS C 633 -7.30 72.27 -44.81
N LEU C 634 -8.32 71.92 -45.59
CA LEU C 634 -9.33 72.91 -45.95
C LEU C 634 -10.07 73.42 -44.72
N TYR C 635 -10.19 72.59 -43.69
CA TYR C 635 -10.82 73.04 -42.45
C TYR C 635 -10.02 74.17 -41.81
N GLU C 636 -8.70 74.05 -41.81
CA GLU C 636 -7.87 75.13 -41.27
C GLU C 636 -8.05 76.41 -42.07
N MET C 637 -8.05 76.31 -43.40
CA MET C 637 -8.23 77.47 -44.27
C MET C 637 -9.72 77.80 -44.33
N GLN C 638 -10.12 78.75 -43.49
CA GLN C 638 -11.52 79.18 -43.44
C GLN C 638 -11.89 79.98 -44.67
N GLU C 639 -13.11 80.48 -44.71
CA GLU C 639 -13.66 81.26 -45.82
C GLU C 639 -13.95 80.36 -47.01
N GLU C 640 -15.07 80.56 -47.69
CA GLU C 640 -15.53 79.62 -48.75
C GLU C 640 -14.70 79.35 -50.02
N ASP C 641 -14.39 80.33 -50.87
CA ASP C 641 -13.90 80.07 -52.26
C ASP C 641 -12.70 79.16 -52.49
N PHE C 642 -11.58 79.33 -51.79
CA PHE C 642 -10.41 78.48 -52.13
C PHE C 642 -10.77 77.03 -51.77
N VAL C 643 -11.36 76.92 -50.58
CA VAL C 643 -11.71 75.57 -50.10
C VAL C 643 -12.74 74.99 -51.07
N GLN C 644 -13.64 75.82 -51.60
CA GLN C 644 -14.70 75.35 -52.51
C GLN C 644 -14.08 74.81 -53.80
N ARG C 645 -13.17 75.57 -54.42
CA ARG C 645 -12.47 75.09 -55.64
C ARG C 645 -11.81 73.74 -55.33
N ALA C 646 -11.18 73.61 -54.16
CA ALA C 646 -10.43 72.38 -53.84
C ALA C 646 -11.40 71.21 -53.65
N MET C 647 -12.51 71.42 -52.93
CA MET C 647 -13.49 70.36 -52.60
C MET C 647 -14.19 69.89 -53.87
N ASP C 648 -14.31 70.79 -54.85
CA ASP C 648 -14.96 70.43 -56.14
C ASP C 648 -13.95 69.77 -57.07
N TYR C 649 -12.89 69.21 -56.50
CA TYR C 649 -11.93 68.46 -57.34
C TYR C 649 -12.14 66.96 -57.18
N PHE C 650 -13.20 66.54 -56.46
CA PHE C 650 -13.39 65.09 -56.21
C PHE C 650 -14.85 64.70 -55.92
N PRO C 651 -15.59 63.92 -56.76
CA PRO C 651 -16.88 63.39 -56.34
C PRO C 651 -16.72 62.10 -55.56
N LYS C 652 -15.51 61.53 -55.62
CA LYS C 652 -15.20 60.27 -54.95
C LYS C 652 -14.73 60.57 -53.53
N ILE C 653 -15.68 60.61 -52.60
CA ILE C 653 -15.38 60.84 -51.19
C ILE C 653 -15.51 59.51 -50.47
N GLU C 654 -14.37 58.95 -50.09
CA GLU C 654 -14.31 57.72 -49.30
C GLU C 654 -13.40 57.97 -48.10
N ILE C 655 -14.01 58.12 -46.93
CA ILE C 655 -13.29 58.53 -45.73
C ILE C 655 -13.69 57.61 -44.57
N ASN C 656 -12.86 57.62 -43.53
CA ASN C 656 -13.13 56.90 -42.30
C ASN C 656 -13.06 57.87 -41.13
N LEU C 657 -13.87 57.60 -40.10
CA LEU C 657 -13.99 58.49 -38.96
C LEU C 657 -13.70 57.72 -37.68
N SER C 658 -13.04 58.40 -36.73
CA SER C 658 -12.67 57.79 -35.46
C SER C 658 -13.12 58.58 -34.25
N THR C 659 -13.17 59.91 -34.32
CA THR C 659 -13.52 60.73 -33.17
C THR C 659 -14.31 61.93 -33.65
N ARG C 660 -15.02 62.57 -32.71
CA ARG C 660 -15.83 63.76 -32.97
C ARG C 660 -15.10 64.76 -33.85
N MET C 661 -13.82 64.99 -33.55
CA MET C 661 -13.03 65.90 -34.37
C MET C 661 -13.02 65.45 -35.83
N ASP C 662 -12.80 64.16 -36.06
CA ASP C 662 -12.84 63.63 -37.42
C ASP C 662 -14.24 63.81 -38.01
N HIS C 663 -15.27 63.54 -37.22
CA HIS C 663 -16.64 63.78 -37.68
C HIS C 663 -16.89 65.26 -37.91
N MET C 664 -16.34 66.13 -37.06
CA MET C 664 -16.56 67.56 -37.20
C MET C 664 -15.92 68.10 -38.45
N VAL C 665 -14.64 67.76 -38.68
CA VAL C 665 -13.94 68.29 -39.85
C VAL C 665 -14.59 67.78 -41.13
N SER C 666 -14.98 66.50 -41.15
CA SER C 666 -15.70 65.97 -42.29
C SER C 666 -17.04 66.68 -42.48
N SER C 667 -17.75 66.92 -41.37
CA SER C 667 -19.00 67.65 -41.47
C SER C 667 -18.78 69.06 -41.98
N PHE C 668 -17.77 69.76 -41.44
CA PHE C 668 -17.56 71.14 -41.83
C PHE C 668 -17.10 71.26 -43.28
N CYS C 669 -16.17 70.41 -43.71
CA CYS C 669 -15.63 70.53 -45.05
C CYS C 669 -16.70 70.33 -46.11
N ILE C 670 -17.60 69.35 -45.91
CA ILE C 670 -18.66 69.10 -46.87
C ILE C 670 -19.71 70.20 -46.88
N GLU C 671 -19.75 71.05 -45.86
CA GLU C 671 -20.67 72.18 -45.86
C GLU C 671 -20.40 73.04 -47.08
N ASN C 672 -19.14 73.07 -47.52
CA ASN C 672 -18.78 73.79 -48.72
C ASN C 672 -19.12 72.97 -49.96
N CYS C 673 -19.16 73.65 -51.10
CA CYS C 673 -19.47 73.02 -52.37
C CYS C 673 -20.86 72.39 -52.37
N HIS C 674 -21.18 71.67 -53.43
CA HIS C 674 -22.49 71.05 -53.61
C HIS C 674 -22.38 70.03 -54.74
N ARG C 675 -23.52 69.45 -55.15
CA ARG C 675 -23.62 68.59 -56.33
C ARG C 675 -22.78 67.33 -56.20
N VAL C 676 -22.11 67.16 -55.06
CA VAL C 676 -21.21 66.03 -54.81
C VAL C 676 -21.93 64.72 -55.06
N GLU C 677 -21.28 63.83 -55.81
CA GLU C 677 -21.97 62.62 -56.26
C GLU C 677 -22.02 61.56 -55.17
N SER C 678 -20.87 61.09 -54.71
CA SER C 678 -20.81 59.86 -53.91
C SER C 678 -20.12 60.14 -52.58
N LEU C 679 -20.73 59.71 -51.49
CA LEU C 679 -20.13 59.72 -50.18
C LEU C 679 -19.93 58.29 -49.69
N SER C 680 -18.77 58.03 -49.09
CA SER C 680 -18.47 56.70 -48.60
C SER C 680 -17.95 56.80 -47.16
N LEU C 681 -18.36 55.83 -46.35
CA LEU C 681 -18.01 55.80 -44.93
C LEU C 681 -17.89 54.35 -44.49
N GLY C 682 -17.62 54.16 -43.20
CA GLY C 682 -17.66 52.83 -42.63
C GLY C 682 -16.33 52.10 -42.64
N PHE C 683 -16.41 50.79 -42.38
CA PHE C 683 -15.22 49.94 -42.32
C PHE C 683 -14.51 49.91 -43.66
N LEU C 684 -15.21 49.42 -44.71
CA LEU C 684 -14.69 49.35 -46.07
C LEU C 684 -13.33 48.66 -46.16
N HIS C 685 -12.39 49.29 -46.87
CA HIS C 685 -11.07 48.76 -47.19
C HIS C 685 -11.20 47.59 -48.16
N ASN C 686 -12.44 47.16 -48.42
CA ASN C 686 -12.78 46.11 -49.36
C ASN C 686 -14.29 46.24 -49.58
N MET C 687 -14.70 46.41 -50.83
CA MET C 687 -16.12 46.64 -51.09
C MET C 687 -16.65 45.67 -52.14
N PRO C 688 -16.67 44.37 -51.85
CA PRO C 688 -17.18 43.41 -52.84
C PRO C 688 -18.67 43.13 -52.67
N LYS C 689 -19.20 42.20 -53.46
CA LYS C 689 -20.55 41.70 -53.30
C LYS C 689 -21.60 42.78 -53.53
N GLU C 690 -21.23 43.84 -54.25
CA GLU C 690 -22.22 44.88 -54.52
C GLU C 690 -22.15 45.43 -55.94
N GLU C 691 -21.82 44.61 -56.94
CA GLU C 691 -21.61 45.10 -58.30
C GLU C 691 -22.95 45.34 -58.98
N GLU C 692 -23.16 46.58 -59.43
CA GLU C 692 -24.34 46.95 -60.20
C GLU C 692 -24.32 46.25 -61.56
N GLU C 693 -25.51 45.94 -62.08
CA GLU C 693 -25.60 45.33 -63.41
C GLU C 693 -26.27 46.22 -64.45
N GLU C 694 -27.19 47.11 -64.07
CA GLU C 694 -27.92 47.97 -65.01
C GLU C 694 -28.52 47.08 -66.10
N GLU C 695 -28.31 47.37 -67.38
CA GLU C 695 -28.86 46.57 -68.47
C GLU C 695 -27.79 46.35 -69.53
N LYS C 696 -27.90 45.22 -70.24
CA LYS C 696 -26.98 44.86 -71.32
C LYS C 696 -25.53 44.77 -70.83
N GLU C 697 -25.36 44.37 -69.58
CA GLU C 697 -24.03 44.26 -69.01
C GLU C 697 -23.41 42.90 -69.33
N GLY C 698 -22.08 42.86 -69.33
CA GLY C 698 -21.35 41.61 -69.45
C GLY C 698 -20.89 41.13 -68.09
N ARG C 699 -21.16 41.92 -67.06
CA ARG C 699 -20.81 41.60 -65.69
C ARG C 699 -22.05 41.73 -64.82
N HIS C 700 -22.22 40.79 -63.89
CA HIS C 700 -23.38 40.74 -63.02
C HIS C 700 -22.93 40.73 -61.56
N LEU C 701 -23.91 40.85 -60.67
CA LEU C 701 -23.63 40.69 -59.25
C LEU C 701 -23.36 39.22 -58.93
N ASP C 702 -22.29 38.97 -58.17
CA ASP C 702 -21.90 37.62 -57.81
C ASP C 702 -21.62 37.59 -56.31
N MET C 703 -21.71 36.39 -55.73
CA MET C 703 -21.50 36.25 -54.30
C MET C 703 -20.03 36.47 -53.95
N VAL C 704 -19.80 37.05 -52.78
CA VAL C 704 -18.45 37.14 -52.23
C VAL C 704 -18.44 36.59 -50.81
N GLN C 705 -19.28 37.20 -49.94
CA GLN C 705 -19.47 36.76 -48.56
C GLN C 705 -18.20 36.91 -47.72
N CYS C 706 -17.12 37.38 -48.35
CA CYS C 706 -15.77 37.39 -47.76
C CYS C 706 -15.45 35.99 -47.27
N VAL C 707 -14.62 35.81 -46.24
CA VAL C 707 -14.44 34.50 -45.62
C VAL C 707 -14.59 34.62 -44.10
N LEU C 708 -13.84 35.54 -43.51
CA LEU C 708 -13.69 35.68 -42.07
C LEU C 708 -14.90 36.21 -41.29
N PRO C 709 -15.82 37.00 -41.88
CA PRO C 709 -16.97 37.46 -41.07
C PRO C 709 -17.75 36.34 -40.41
N SER C 710 -17.97 35.23 -41.12
CA SER C 710 -18.59 34.02 -40.57
C SER C 710 -19.73 34.32 -39.60
N SER C 711 -19.70 33.68 -38.44
CA SER C 711 -20.65 33.95 -37.37
C SER C 711 -20.21 35.08 -36.45
N SER C 712 -18.99 35.59 -36.63
CA SER C 712 -18.53 36.71 -35.81
C SER C 712 -19.30 37.98 -36.14
N HIS C 713 -19.68 38.16 -37.41
CA HIS C 713 -20.45 39.34 -37.80
C HIS C 713 -21.79 39.39 -37.08
N ALA C 714 -22.49 38.25 -37.00
CA ALA C 714 -23.76 38.20 -36.28
C ALA C 714 -23.57 38.42 -34.79
N ALA C 715 -22.47 37.89 -34.23
CA ALA C 715 -22.21 38.05 -32.81
C ALA C 715 -21.98 39.52 -32.45
N CYS C 716 -21.26 40.24 -33.30
CA CYS C 716 -20.99 41.65 -33.02
C CYS C 716 -22.26 42.50 -33.11
N SER C 717 -23.22 42.09 -33.94
CA SER C 717 -24.41 42.89 -34.16
C SER C 717 -25.34 42.93 -32.95
N HIS C 718 -25.19 42.00 -32.02
CA HIS C 718 -26.08 41.92 -30.86
C HIS C 718 -25.48 42.57 -29.62
N GLY C 719 -24.20 42.31 -29.34
CA GLY C 719 -23.56 42.85 -28.17
C GLY C 719 -22.51 43.91 -28.46
N LEU C 720 -22.79 44.78 -29.43
CA LEU C 720 -21.85 45.81 -29.86
C LEU C 720 -21.56 46.81 -28.75
N VAL C 721 -22.61 47.20 -28.00
CA VAL C 721 -22.51 48.17 -26.91
C VAL C 721 -22.05 49.51 -27.47
N ASN C 722 -20.76 49.82 -27.32
CA ASN C 722 -20.17 51.06 -27.82
C ASN C 722 -20.91 52.29 -27.30
N SER C 723 -20.81 52.49 -25.99
CA SER C 723 -21.40 53.68 -25.37
C SER C 723 -20.76 54.97 -25.83
N HIS C 724 -19.53 54.92 -26.36
CA HIS C 724 -18.88 56.10 -26.90
C HIS C 724 -19.48 56.55 -28.22
N LEU C 725 -20.35 55.74 -28.82
CA LEU C 725 -21.09 56.12 -30.03
C LEU C 725 -22.55 56.29 -29.65
N THR C 726 -23.10 57.47 -29.94
CA THR C 726 -24.42 57.85 -29.46
C THR C 726 -25.18 58.50 -30.61
N SER C 727 -26.29 59.17 -30.27
CA SER C 727 -27.00 59.98 -31.25
C SER C 727 -26.08 61.05 -31.83
N SER C 728 -25.17 61.56 -31.01
CA SER C 728 -24.12 62.44 -31.50
C SER C 728 -23.17 61.67 -32.41
N PHE C 729 -22.20 62.38 -32.97
CA PHE C 729 -21.26 61.88 -33.97
C PHE C 729 -21.97 61.66 -35.29
N CYS C 730 -23.30 61.72 -35.28
CA CYS C 730 -24.07 61.43 -36.48
C CYS C 730 -25.02 62.57 -36.81
N ARG C 731 -25.64 63.15 -35.78
CA ARG C 731 -26.63 64.21 -36.01
C ARG C 731 -26.05 65.36 -36.80
N GLY C 732 -24.87 65.83 -36.43
CA GLY C 732 -24.22 66.89 -37.15
C GLY C 732 -23.79 66.47 -38.55
N LEU C 733 -23.19 65.29 -38.66
CA LEU C 733 -22.68 64.84 -39.96
C LEU C 733 -23.82 64.67 -40.96
N PHE C 734 -24.92 64.08 -40.52
CA PHE C 734 -26.05 63.89 -41.42
C PHE C 734 -26.83 65.19 -41.63
N SER C 735 -26.67 66.15 -40.73
CA SER C 735 -27.26 67.46 -40.96
C SER C 735 -26.71 68.11 -42.22
N VAL C 736 -25.45 67.80 -42.54
CA VAL C 736 -24.91 68.18 -43.85
C VAL C 736 -25.65 67.44 -44.95
N LEU C 737 -25.90 66.15 -44.75
CA LEU C 737 -26.60 65.37 -45.76
C LEU C 737 -28.04 65.84 -45.95
N SER C 738 -28.71 66.26 -44.87
CA SER C 738 -30.02 66.89 -45.01
C SER C 738 -29.94 68.13 -45.89
N THR C 739 -28.80 68.81 -45.86
CA THR C 739 -28.54 69.96 -46.73
C THR C 739 -27.71 69.55 -47.93
N SER C 740 -28.02 68.38 -48.51
CA SER C 740 -27.17 67.80 -49.55
C SER C 740 -27.01 68.73 -50.74
N GLN C 741 -28.10 69.41 -51.14
CA GLN C 741 -28.05 70.34 -52.25
C GLN C 741 -27.58 69.65 -53.52
N SER C 742 -28.40 68.72 -54.02
CA SER C 742 -28.20 68.02 -55.29
C SER C 742 -27.14 66.91 -55.20
N LEU C 743 -26.95 66.34 -54.02
CA LEU C 743 -26.20 65.10 -53.92
C LEU C 743 -27.03 63.95 -54.47
N THR C 744 -26.37 62.95 -55.03
CA THR C 744 -27.05 61.85 -55.70
C THR C 744 -26.88 60.49 -55.04
N GLU C 745 -25.65 60.10 -54.70
CA GLU C 745 -25.37 58.74 -54.26
C GLU C 745 -24.75 58.76 -52.88
N LEU C 746 -25.21 57.85 -52.03
CA LEU C 746 -24.64 57.68 -50.69
C LEU C 746 -24.44 56.21 -50.40
N ASP C 747 -23.23 55.86 -49.96
CA ASP C 747 -22.88 54.50 -49.60
C ASP C 747 -22.61 54.41 -48.11
N LEU C 748 -23.17 53.39 -47.48
CA LEU C 748 -22.94 53.13 -46.06
C LEU C 748 -22.55 51.69 -45.78
N SER C 749 -21.88 51.03 -46.72
CA SER C 749 -21.63 49.59 -46.61
C SER C 749 -20.72 49.28 -45.42
N ASP C 750 -20.93 48.09 -44.86
CA ASP C 750 -20.07 47.54 -43.80
C ASP C 750 -20.11 48.37 -42.53
N ASN C 751 -20.93 49.42 -42.51
CA ASN C 751 -20.96 50.33 -41.37
C ASN C 751 -21.58 49.65 -40.16
N SER C 752 -21.10 50.03 -38.98
CA SER C 752 -21.62 49.49 -37.73
C SER C 752 -22.80 50.32 -37.24
N LEU C 753 -23.43 51.06 -38.15
CA LEU C 753 -24.51 51.96 -37.79
C LEU C 753 -25.73 51.15 -37.41
N GLY C 754 -26.20 51.31 -36.17
CA GLY C 754 -27.38 50.56 -35.68
C GLY C 754 -28.70 51.26 -35.96
N ASP C 755 -29.80 50.77 -35.37
CA ASP C 755 -31.16 51.31 -35.64
C ASP C 755 -31.36 52.77 -35.18
N PRO C 756 -30.91 53.25 -33.99
CA PRO C 756 -31.11 54.68 -33.63
C PRO C 756 -30.52 55.60 -34.70
N GLY C 757 -29.26 55.40 -35.06
CA GLY C 757 -28.58 56.17 -36.12
C GLY C 757 -29.39 56.06 -37.38
N MET C 758 -29.97 54.88 -37.64
CA MET C 758 -30.82 54.67 -38.84
C MET C 758 -32.05 55.59 -38.76
N ARG C 759 -32.66 55.75 -37.58
CA ARG C 759 -33.82 56.68 -37.43
C ARG C 759 -33.35 58.10 -37.76
N VAL C 760 -32.17 58.46 -37.26
CA VAL C 760 -31.67 59.84 -37.53
C VAL C 760 -31.51 59.99 -39.04
N LEU C 761 -30.95 58.97 -39.70
CA LEU C 761 -30.70 59.03 -41.16
C LEU C 761 -32.03 59.15 -41.90
N CYS C 762 -33.05 58.43 -41.44
CA CYS C 762 -34.40 58.47 -42.06
C CYS C 762 -35.02 59.86 -41.92
N GLU C 763 -34.92 60.51 -40.76
CA GLU C 763 -35.46 61.90 -40.67
C GLU C 763 -34.67 62.79 -41.64
N THR C 764 -33.35 62.52 -41.70
CA THR C 764 -32.49 63.34 -42.57
C THR C 764 -33.00 63.19 -44.00
N LEU C 765 -33.32 61.96 -44.45
CA LEU C 765 -33.80 61.65 -45.82
C LEU C 765 -35.19 62.26 -46.05
N GLN C 766 -35.96 62.33 -44.98
CA GLN C 766 -37.34 62.83 -45.12
C GLN C 766 -37.28 64.25 -45.65
N HIS C 767 -36.19 64.96 -45.37
CA HIS C 767 -36.16 66.40 -45.74
C HIS C 767 -36.36 66.58 -47.23
N PRO C 768 -37.22 67.52 -47.65
CA PRO C 768 -37.43 67.78 -49.06
C PRO C 768 -36.10 68.05 -49.74
N GLY C 769 -35.14 68.67 -49.04
CA GLY C 769 -33.94 69.01 -49.77
C GLY C 769 -32.87 67.96 -49.83
N CYS C 770 -33.20 66.69 -49.56
CA CYS C 770 -32.19 65.64 -49.56
C CYS C 770 -31.70 65.32 -50.96
N ASN C 771 -32.62 65.18 -51.93
CA ASN C 771 -32.28 65.06 -53.34
C ASN C 771 -31.47 63.81 -53.65
N ILE C 772 -31.29 62.92 -52.68
CA ILE C 772 -30.47 61.72 -52.90
C ILE C 772 -31.18 60.79 -53.88
N ARG C 773 -30.41 60.23 -54.81
CA ARG C 773 -30.95 59.34 -55.82
C ARG C 773 -30.79 57.87 -55.47
N ARG C 774 -29.61 57.46 -55.00
CA ARG C 774 -29.34 56.08 -54.66
C ARG C 774 -28.72 56.03 -53.26
N LEU C 775 -29.04 54.96 -52.53
CA LEU C 775 -28.60 54.82 -51.14
C LEU C 775 -28.27 53.35 -50.89
N TRP C 776 -27.04 53.07 -50.47
CA TRP C 776 -26.58 51.72 -50.21
C TRP C 776 -26.31 51.55 -48.72
N LEU C 777 -26.93 50.54 -48.12
CA LEU C 777 -26.70 50.21 -46.72
C LEU C 777 -26.41 48.73 -46.52
N GLY C 778 -25.86 48.06 -47.53
CA GLY C 778 -25.64 46.64 -47.45
C GLY C 778 -24.64 46.23 -46.38
N ARG C 779 -24.70 44.96 -45.99
CA ARG C 779 -23.76 44.30 -45.09
C ARG C 779 -23.73 44.93 -43.70
N CYS C 780 -24.64 45.83 -43.37
CA CYS C 780 -24.69 46.43 -42.04
C CYS C 780 -25.47 45.52 -41.10
N GLY C 781 -25.67 45.96 -39.87
CA GLY C 781 -26.34 45.20 -38.84
C GLY C 781 -27.78 45.59 -38.57
N LEU C 782 -28.44 46.24 -39.52
CA LEU C 782 -29.80 46.72 -39.28
C LEU C 782 -30.76 45.57 -39.04
N SER C 783 -31.93 45.97 -38.46
CA SER C 783 -33.05 45.02 -38.16
C SER C 783 -34.44 45.68 -38.40
N HIS C 784 -35.53 45.08 -37.89
CA HIS C 784 -36.93 45.54 -38.21
C HIS C 784 -37.36 46.97 -37.79
N GLU C 785 -36.84 47.42 -36.65
CA GLU C 785 -37.20 48.76 -36.16
C GLU C 785 -36.77 49.71 -37.24
N CYS C 786 -35.61 49.46 -37.80
CA CYS C 786 -35.11 50.32 -38.90
C CYS C 786 -36.04 50.17 -40.08
N CYS C 787 -36.52 48.95 -40.32
CA CYS C 787 -37.33 48.73 -41.53
C CYS C 787 -38.59 49.56 -41.41
N PHE C 788 -39.00 49.85 -40.17
CA PHE C 788 -40.15 50.77 -40.02
C PHE C 788 -39.62 52.12 -40.47
N ASP C 789 -38.41 52.46 -40.03
CA ASP C 789 -37.94 53.83 -40.35
C ASP C 789 -37.61 53.91 -41.85
N ILE C 790 -37.01 52.87 -42.43
CA ILE C 790 -36.64 52.81 -43.88
C ILE C 790 -37.90 52.85 -44.73
N SER C 791 -38.98 52.19 -44.28
CA SER C 791 -40.27 52.26 -45.02
C SER C 791 -40.77 53.71 -45.02
N LEU C 792 -40.67 54.39 -43.87
CA LEU C 792 -41.07 55.83 -43.86
C LEU C 792 -40.18 56.60 -44.84
N VAL C 793 -38.87 56.28 -44.87
CA VAL C 793 -37.93 56.99 -45.78
C VAL C 793 -38.32 56.77 -47.25
N LEU C 794 -38.70 55.53 -47.59
CA LEU C 794 -39.08 55.20 -48.98
C LEU C 794 -40.34 56.00 -49.32
N SER C 795 -41.27 56.09 -48.36
CA SER C 795 -42.50 56.89 -48.58
C SER C 795 -42.16 58.36 -48.81
N SER C 796 -41.19 58.91 -48.09
CA SER C 796 -40.91 60.39 -48.19
C SER C 796 -39.92 60.79 -49.30
N ASN C 797 -39.00 59.93 -49.73
CA ASN C 797 -37.93 60.33 -50.69
C ASN C 797 -38.45 60.23 -52.12
N GLN C 798 -39.11 59.13 -52.52
CA GLN C 798 -39.68 59.12 -53.91
C GLN C 798 -38.55 59.20 -54.95
N LYS C 799 -37.78 60.31 -55.07
CA LYS C 799 -36.56 60.44 -55.85
C LYS C 799 -35.53 59.35 -55.61
N LEU C 800 -35.68 58.53 -54.57
CA LEU C 800 -34.80 57.39 -54.39
C LEU C 800 -35.13 56.34 -55.44
N VAL C 801 -34.10 55.91 -56.18
CA VAL C 801 -34.33 55.01 -57.30
C VAL C 801 -33.77 53.61 -57.07
N GLU C 802 -32.91 53.43 -56.06
CA GLU C 802 -32.25 52.14 -55.87
C GLU C 802 -31.85 52.00 -54.41
N LEU C 803 -32.09 50.82 -53.85
CA LEU C 803 -31.79 50.55 -52.44
C LEU C 803 -31.14 49.18 -52.33
N ASP C 804 -30.09 49.10 -51.51
CA ASP C 804 -29.37 47.85 -51.27
C ASP C 804 -29.40 47.56 -49.78
N LEU C 805 -30.16 46.54 -49.39
CA LEU C 805 -30.21 46.08 -48.01
C LEU C 805 -29.62 44.69 -47.84
N SER C 806 -28.81 44.24 -48.78
CA SER C 806 -28.25 42.89 -48.76
C SER C 806 -27.40 42.66 -47.52
N ASP C 807 -27.38 41.41 -47.07
CA ASP C 807 -26.50 40.95 -46.00
C ASP C 807 -26.84 41.60 -44.66
N ASN C 808 -27.97 42.31 -44.61
CA ASN C 808 -28.43 42.89 -43.35
C ASN C 808 -29.45 41.94 -42.71
N ALA C 809 -29.10 41.41 -41.55
CA ALA C 809 -29.98 40.45 -40.88
C ALA C 809 -31.20 41.14 -40.30
N LEU C 810 -32.28 41.14 -41.11
CA LEU C 810 -33.54 41.84 -40.71
C LEU C 810 -34.75 40.90 -40.43
N GLY C 811 -35.00 39.84 -41.23
CA GLY C 811 -36.20 39.01 -41.12
C GLY C 811 -37.42 39.46 -41.92
N ASP C 812 -38.55 38.77 -41.70
CA ASP C 812 -39.78 39.04 -42.51
C ASP C 812 -40.64 40.26 -42.08
N PHE C 813 -40.81 40.57 -40.79
CA PHE C 813 -41.69 41.67 -40.35
C PHE C 813 -41.17 42.90 -41.10
N GLY C 814 -39.85 42.88 -41.22
CA GLY C 814 -39.25 44.01 -41.90
C GLY C 814 -39.77 44.09 -43.31
N ILE C 815 -39.84 42.97 -43.99
CA ILE C 815 -40.37 42.94 -45.38
C ILE C 815 -41.80 43.48 -45.40
N ARG C 816 -42.64 43.09 -44.44
CA ARG C 816 -44.04 43.58 -44.36
C ARG C 816 -44.07 45.11 -44.31
N LEU C 817 -43.28 45.72 -43.41
CA LEU C 817 -43.29 47.19 -43.25
C LEU C 817 -42.70 47.83 -44.50
N LEU C 818 -41.66 47.22 -45.07
CA LEU C 818 -40.95 47.79 -46.24
C LEU C 818 -41.92 47.80 -47.41
N CYS C 819 -42.77 46.80 -47.54
CA CYS C 819 -43.81 46.69 -48.60
C CYS C 819 -44.87 47.79 -48.56
N VAL C 820 -45.36 48.14 -47.37
CA VAL C 820 -46.34 49.27 -47.25
C VAL C 820 -45.59 50.53 -47.69
N GLY C 821 -44.27 50.56 -47.49
CA GLY C 821 -43.48 51.67 -48.01
C GLY C 821 -43.41 51.57 -49.52
N LEU C 822 -43.09 50.42 -50.10
CA LEU C 822 -42.86 50.25 -51.56
C LEU C 822 -44.11 50.68 -52.28
N LYS C 823 -45.29 50.62 -51.65
CA LYS C 823 -46.54 50.91 -52.41
C LYS C 823 -47.11 52.32 -52.17
N HIS C 824 -46.34 53.25 -51.61
CA HIS C 824 -46.85 54.65 -51.48
C HIS C 824 -45.86 55.65 -52.09
N LEU C 825 -46.32 56.52 -53.01
CA LEU C 825 -45.42 57.48 -53.71
C LEU C 825 -44.09 56.76 -53.93
N LEU C 826 -44.07 55.68 -54.70
CA LEU C 826 -42.90 54.84 -54.81
C LEU C 826 -42.85 53.97 -56.06
N CYS C 827 -43.52 54.36 -57.14
CA CYS C 827 -43.37 53.65 -58.41
C CYS C 827 -41.94 53.75 -58.92
N ASN C 828 -41.25 54.84 -58.59
CA ASN C 828 -39.95 55.13 -59.18
C ASN C 828 -38.88 54.11 -58.78
N LEU C 829 -39.06 53.41 -57.67
CA LEU C 829 -38.07 52.43 -57.23
C LEU C 829 -38.05 51.28 -58.21
N LYS C 830 -36.88 51.01 -58.79
CA LYS C 830 -36.75 49.97 -59.81
C LYS C 830 -35.98 48.74 -59.33
N LYS C 831 -35.01 48.92 -58.45
CA LYS C 831 -34.15 47.84 -58.01
C LYS C 831 -34.14 47.77 -56.49
N LEU C 832 -33.94 46.56 -55.96
CA LEU C 832 -33.88 46.34 -54.52
C LEU C 832 -33.03 45.12 -54.24
N TRP C 833 -31.99 45.29 -53.44
CA TRP C 833 -31.08 44.21 -53.06
C TRP C 833 -31.40 43.76 -51.64
N LEU C 834 -31.79 42.50 -51.49
CA LEU C 834 -32.22 41.99 -50.19
C LEU C 834 -31.67 40.61 -49.88
N VAL C 835 -30.50 40.25 -50.40
CA VAL C 835 -30.00 38.90 -50.19
C VAL C 835 -29.41 38.78 -48.79
N SER C 836 -29.38 37.55 -48.27
CA SER C 836 -28.78 37.20 -46.99
C SER C 836 -29.38 37.95 -45.81
N CYS C 837 -30.63 38.39 -45.91
CA CYS C 837 -31.28 39.12 -44.83
C CYS C 837 -31.97 38.21 -43.82
N CYS C 838 -31.56 36.94 -43.73
CA CYS C 838 -32.19 35.92 -42.88
C CYS C 838 -33.72 36.02 -42.94
N LEU C 839 -34.24 35.87 -44.15
CA LEU C 839 -35.66 36.01 -44.43
C LEU C 839 -36.32 34.65 -44.49
N THR C 840 -37.45 34.44 -43.83
CA THR C 840 -38.11 33.11 -44.00
C THR C 840 -39.09 33.14 -45.18
N SER C 841 -39.79 32.04 -45.44
CA SER C 841 -40.70 31.95 -46.60
C SER C 841 -41.84 32.94 -46.46
N ALA C 842 -42.36 33.08 -45.25
CA ALA C 842 -43.47 34.01 -44.98
C ALA C 842 -43.33 35.30 -45.78
N CYS C 843 -42.14 35.90 -45.85
CA CYS C 843 -42.09 37.18 -46.52
C CYS C 843 -42.59 37.11 -47.95
N CYS C 844 -42.66 35.92 -48.54
CA CYS C 844 -43.06 35.81 -49.94
C CYS C 844 -44.50 36.27 -50.15
N GLN C 845 -45.38 35.94 -49.20
CA GLN C 845 -46.73 36.48 -49.23
C GLN C 845 -46.71 38.00 -49.32
N ASP C 846 -45.75 38.64 -48.65
CA ASP C 846 -45.62 40.08 -48.67
C ASP C 846 -45.05 40.58 -49.99
N LEU C 847 -44.00 39.94 -50.49
CA LEU C 847 -43.36 40.39 -51.72
C LEU C 847 -44.30 40.26 -52.91
N ALA C 848 -45.26 39.35 -52.83
CA ALA C 848 -46.19 39.15 -53.94
C ALA C 848 -47.12 40.35 -54.09
N SER C 849 -47.71 40.80 -52.98
CA SER C 849 -48.73 41.84 -53.05
C SER C 849 -48.15 43.15 -53.59
N VAL C 850 -46.96 43.54 -53.13
CA VAL C 850 -46.34 44.76 -53.64
C VAL C 850 -46.04 44.62 -55.13
N LEU C 851 -45.43 43.50 -55.52
CA LEU C 851 -45.20 43.26 -56.94
C LEU C 851 -46.52 43.12 -57.69
N SER C 852 -47.57 42.65 -57.02
CA SER C 852 -48.88 42.62 -57.63
C SER C 852 -49.41 44.01 -57.93
N THR C 853 -48.81 45.04 -57.32
CA THR C 853 -49.23 46.42 -57.53
C THR C 853 -48.11 47.34 -57.96
N SER C 854 -46.86 46.89 -57.94
CA SER C 854 -45.71 47.74 -58.25
C SER C 854 -45.75 48.18 -59.71
N HIS C 855 -45.49 49.47 -59.94
CA HIS C 855 -45.51 50.01 -61.29
C HIS C 855 -44.16 49.78 -61.99
N SER C 856 -43.09 50.35 -61.45
CA SER C 856 -41.80 50.34 -62.13
C SER C 856 -40.70 49.70 -61.30
N LEU C 857 -40.96 48.54 -60.70
CA LEU C 857 -39.90 47.75 -60.08
C LEU C 857 -39.22 46.90 -61.13
N THR C 858 -38.00 47.26 -61.51
CA THR C 858 -37.31 46.64 -62.64
C THR C 858 -36.54 45.39 -62.26
N ARG C 859 -35.79 45.42 -61.17
CA ARG C 859 -34.92 44.30 -60.80
C ARG C 859 -35.19 43.94 -59.35
N LEU C 860 -35.08 42.64 -59.04
CA LEU C 860 -35.26 42.16 -57.67
C LEU C 860 -34.16 41.16 -57.33
N TYR C 861 -33.55 41.36 -56.17
CA TYR C 861 -32.50 40.46 -55.68
C TYR C 861 -32.89 39.97 -54.30
N VAL C 862 -33.36 38.73 -54.21
CA VAL C 862 -33.83 38.18 -52.94
C VAL C 862 -33.22 36.82 -52.70
N GLY C 863 -32.14 36.49 -53.43
CA GLY C 863 -31.53 35.19 -53.30
C GLY C 863 -30.87 34.96 -51.96
N GLU C 864 -30.42 33.72 -51.72
CA GLU C 864 -29.63 33.35 -50.55
C GLU C 864 -30.41 33.44 -49.25
N ASN C 865 -31.69 33.83 -49.32
CA ASN C 865 -32.51 33.83 -48.12
C ASN C 865 -33.29 32.52 -48.01
N ALA C 866 -33.86 32.30 -46.83
CA ALA C 866 -34.59 31.06 -46.55
C ALA C 866 -36.03 31.14 -47.04
N LEU C 867 -36.21 31.13 -48.37
CA LEU C 867 -37.55 31.10 -48.91
C LEU C 867 -38.02 29.67 -49.21
N GLY C 868 -37.17 28.88 -49.86
CA GLY C 868 -37.53 27.52 -50.19
C GLY C 868 -38.51 27.42 -51.33
N ASP C 869 -38.78 26.19 -51.78
CA ASP C 869 -39.79 26.00 -52.82
C ASP C 869 -41.16 26.42 -52.33
N SER C 870 -41.44 26.23 -51.04
CA SER C 870 -42.71 26.69 -50.48
C SER C 870 -42.85 28.19 -50.60
N GLY C 871 -41.77 28.92 -50.32
CA GLY C 871 -41.80 30.37 -50.43
C GLY C 871 -42.01 30.85 -51.85
N VAL C 872 -41.28 30.28 -52.80
CA VAL C 872 -41.39 30.74 -54.18
C VAL C 872 -42.75 30.37 -54.77
N ALA C 873 -43.45 29.42 -54.16
CA ALA C 873 -44.79 29.07 -54.60
C ALA C 873 -45.70 30.29 -54.63
N ILE C 874 -45.48 31.21 -53.68
CA ILE C 874 -46.15 32.50 -53.76
C ILE C 874 -45.46 33.40 -54.77
N LEU C 875 -44.11 33.35 -54.81
CA LEU C 875 -43.35 34.24 -55.67
C LEU C 875 -43.67 34.03 -57.14
N CYS C 876 -44.21 32.87 -57.50
CA CYS C 876 -44.63 32.63 -58.88
C CYS C 876 -46.04 33.13 -59.15
N GLU C 877 -46.90 33.16 -58.14
CA GLU C 877 -48.29 33.56 -58.36
C GLU C 877 -48.37 35.01 -58.82
N LYS C 878 -47.53 35.88 -58.25
CA LYS C 878 -47.60 37.30 -58.56
C LYS C 878 -47.17 37.61 -60.00
N ALA C 879 -46.35 36.75 -60.60
CA ALA C 879 -45.70 37.06 -61.86
C ALA C 879 -46.58 36.80 -63.08
N LYS C 880 -47.83 36.37 -62.89
CA LYS C 880 -48.69 36.07 -64.01
C LYS C 880 -49.30 37.29 -64.69
N ASN C 881 -49.31 38.44 -64.02
CA ASN C 881 -50.03 39.59 -64.55
C ASN C 881 -49.17 40.40 -65.50
N PRO C 882 -49.79 41.06 -66.49
CA PRO C 882 -49.02 41.94 -67.37
C PRO C 882 -48.42 43.15 -66.68
N GLN C 883 -48.95 43.54 -65.52
CA GLN C 883 -48.41 44.70 -64.80
C GLN C 883 -47.01 44.44 -64.25
N CYS C 884 -46.54 43.20 -64.26
CA CYS C 884 -45.24 42.86 -63.68
C CYS C 884 -44.13 43.41 -64.58
N ASN C 885 -43.66 44.60 -64.21
CA ASN C 885 -42.62 45.28 -64.97
C ASN C 885 -41.23 44.89 -64.49
N LEU C 886 -41.13 43.76 -63.79
CA LEU C 886 -39.82 43.27 -63.39
C LEU C 886 -39.08 42.71 -64.59
N GLN C 887 -37.76 42.85 -64.58
CA GLN C 887 -36.91 42.36 -65.68
C GLN C 887 -35.92 41.32 -65.22
N LYS C 888 -35.19 41.58 -64.14
CA LYS C 888 -34.21 40.65 -63.60
C LYS C 888 -34.80 39.95 -62.39
N LEU C 889 -34.16 38.85 -61.98
CA LEU C 889 -34.58 38.11 -60.79
C LEU C 889 -33.37 37.42 -60.19
N GLY C 890 -33.02 37.78 -58.96
CA GLY C 890 -31.91 37.16 -58.28
C GLY C 890 -32.35 36.12 -57.28
N LEU C 891 -32.17 34.85 -57.61
CA LEU C 891 -32.58 33.74 -56.76
C LEU C 891 -31.44 32.77 -56.48
N VAL C 892 -30.20 33.23 -56.57
CA VAL C 892 -29.04 32.35 -56.42
C VAL C 892 -28.94 31.85 -54.98
N ASN C 893 -28.58 30.58 -54.82
CA ASN C 893 -28.31 29.97 -53.52
C ASN C 893 -29.50 30.07 -52.56
N SER C 894 -30.72 30.05 -53.10
CA SER C 894 -31.91 30.20 -52.28
C SER C 894 -32.37 28.90 -51.64
N GLY C 895 -31.78 27.76 -52.01
CA GLY C 895 -32.20 26.48 -51.49
C GLY C 895 -33.36 25.84 -52.21
N LEU C 896 -33.78 26.40 -53.34
CA LEU C 896 -34.91 25.85 -54.08
C LEU C 896 -34.55 24.50 -54.69
N THR C 897 -35.58 23.73 -55.05
CA THR C 897 -35.38 22.42 -55.63
C THR C 897 -36.21 22.31 -56.90
N SER C 898 -36.21 21.10 -57.48
CA SER C 898 -36.86 20.87 -58.77
C SER C 898 -38.36 21.07 -58.70
N VAL C 899 -38.97 20.88 -57.52
CA VAL C 899 -40.42 20.94 -57.42
C VAL C 899 -40.94 22.33 -57.76
N CYS C 900 -40.13 23.36 -57.56
CA CYS C 900 -40.55 24.73 -57.85
C CYS C 900 -40.44 25.09 -59.32
N CYS C 901 -39.75 24.29 -60.12
CA CYS C 901 -39.58 24.62 -61.53
C CYS C 901 -40.91 24.56 -62.29
N SER C 902 -41.78 23.63 -61.93
CA SER C 902 -43.07 23.51 -62.61
C SER C 902 -43.85 24.82 -62.52
N ALA C 903 -43.63 25.59 -61.47
CA ALA C 903 -44.33 26.85 -61.32
C ALA C 903 -43.69 27.95 -62.17
N LEU C 904 -42.40 28.22 -61.93
CA LEU C 904 -41.74 29.31 -62.63
C LEU C 904 -41.69 29.08 -64.13
N SER C 905 -41.81 27.83 -64.57
CA SER C 905 -41.88 27.54 -65.99
C SER C 905 -43.08 28.25 -66.62
N SER C 906 -44.25 28.12 -66.00
CA SER C 906 -45.42 28.88 -66.45
C SER C 906 -45.23 30.37 -66.28
N VAL C 907 -44.42 30.78 -65.29
CA VAL C 907 -44.20 32.20 -65.04
C VAL C 907 -43.53 32.85 -66.24
N LEU C 908 -42.49 32.22 -66.77
CA LEU C 908 -41.72 32.83 -67.85
C LEU C 908 -42.57 33.06 -69.09
N SER C 909 -43.41 32.09 -69.45
CA SER C 909 -44.28 32.25 -70.61
C SER C 909 -45.31 33.34 -70.38
N THR C 910 -45.87 33.41 -69.17
CA THR C 910 -46.95 34.35 -68.89
C THR C 910 -46.46 35.74 -68.52
N ASN C 911 -45.15 35.94 -68.42
CA ASN C 911 -44.60 37.26 -68.10
C ASN C 911 -43.99 37.87 -69.35
N GLN C 912 -44.34 39.12 -69.63
CA GLN C 912 -43.89 39.84 -70.81
C GLN C 912 -42.72 40.76 -70.52
N ASN C 913 -42.20 40.76 -69.30
CA ASN C 913 -41.15 41.71 -68.97
C ASN C 913 -39.90 41.06 -68.39
N LEU C 914 -40.05 39.97 -67.63
CA LEU C 914 -38.88 39.30 -67.07
C LEU C 914 -37.95 38.84 -68.19
N THR C 915 -36.66 39.10 -68.02
CA THR C 915 -35.69 38.81 -69.07
C THR C 915 -34.45 38.12 -68.51
N HIS C 916 -34.24 38.25 -67.21
CA HIS C 916 -33.08 37.67 -66.54
C HIS C 916 -33.53 36.81 -65.36
N LEU C 917 -32.80 35.72 -65.13
CA LEU C 917 -32.98 34.89 -63.94
C LEU C 917 -31.64 34.32 -63.53
N TYR C 918 -31.30 34.45 -62.25
CA TYR C 918 -30.03 33.98 -61.73
C TYR C 918 -30.28 32.91 -60.68
N LEU C 919 -29.65 31.75 -60.87
CA LEU C 919 -29.93 30.59 -60.03
C LEU C 919 -28.68 29.82 -59.61
N ARG C 920 -27.50 30.43 -59.63
CA ARG C 920 -26.27 29.68 -59.36
C ARG C 920 -26.27 29.12 -57.95
N GLY C 921 -25.71 27.92 -57.80
CA GLY C 921 -25.59 27.28 -56.51
C GLY C 921 -26.84 26.60 -56.01
N ASN C 922 -27.97 26.75 -56.69
CA ASN C 922 -29.23 26.15 -56.24
C ASN C 922 -29.47 24.83 -56.96
N THR C 923 -29.69 23.77 -56.20
CA THR C 923 -29.85 22.45 -56.80
C THR C 923 -31.23 22.30 -57.43
N LEU C 924 -31.24 21.97 -58.72
CA LEU C 924 -32.51 21.67 -59.40
C LEU C 924 -32.49 20.25 -59.94
N GLY C 925 -31.42 19.87 -60.62
CA GLY C 925 -31.37 18.58 -61.26
C GLY C 925 -32.06 18.60 -62.60
N ASP C 926 -31.76 17.62 -63.46
CA ASP C 926 -32.25 17.65 -64.83
C ASP C 926 -33.77 17.61 -64.90
N LYS C 927 -34.42 17.03 -63.90
CA LYS C 927 -35.88 17.03 -63.88
C LYS C 927 -36.43 18.44 -63.89
N GLY C 928 -35.91 19.31 -63.03
CA GLY C 928 -36.34 20.70 -63.04
C GLY C 928 -35.93 21.41 -64.32
N ILE C 929 -34.69 21.21 -64.75
CA ILE C 929 -34.20 21.88 -65.95
C ILE C 929 -34.99 21.43 -67.17
N LYS C 930 -35.49 20.20 -67.16
CA LYS C 930 -36.36 19.73 -68.24
C LYS C 930 -37.54 20.67 -68.43
N LEU C 931 -38.17 21.06 -67.32
CA LEU C 931 -39.29 21.99 -67.41
C LEU C 931 -38.83 23.38 -67.83
N LEU C 932 -37.57 23.74 -67.54
CA LEU C 932 -37.09 25.06 -67.92
C LEU C 932 -37.12 25.25 -69.43
N CYS C 933 -36.72 24.23 -70.18
CA CYS C 933 -36.81 24.29 -71.64
C CYS C 933 -38.25 24.52 -72.07
N GLU C 934 -39.17 23.77 -71.48
CA GLU C 934 -40.59 24.01 -71.70
C GLU C 934 -40.98 25.39 -71.22
N GLY C 935 -40.36 25.86 -70.14
CA GLY C 935 -40.61 27.19 -69.61
C GLY C 935 -40.20 28.31 -70.55
N LEU C 936 -39.29 28.04 -71.49
CA LEU C 936 -38.97 28.97 -72.55
C LEU C 936 -39.43 28.46 -73.92
N LEU C 937 -40.15 27.35 -73.96
CA LEU C 937 -40.63 26.81 -75.24
C LEU C 937 -41.62 27.76 -75.91
N HIS C 938 -42.39 28.50 -75.13
CA HIS C 938 -43.40 29.37 -75.72
C HIS C 938 -42.73 30.53 -76.46
N PRO C 939 -43.20 30.87 -77.66
CA PRO C 939 -42.57 31.97 -78.40
C PRO C 939 -42.62 33.31 -77.67
N ASP C 940 -43.65 33.54 -76.86
CA ASP C 940 -43.81 34.82 -76.19
C ASP C 940 -42.86 35.00 -75.00
N CYS C 941 -41.86 34.15 -74.86
CA CYS C 941 -40.89 34.30 -73.78
C CYS C 941 -39.86 35.38 -74.15
N LYS C 942 -39.52 36.22 -73.17
CA LYS C 942 -38.57 37.29 -73.36
C LYS C 942 -37.30 37.12 -72.52
N LEU C 943 -36.89 35.88 -72.24
CA LEU C 943 -35.70 35.64 -71.43
C LEU C 943 -34.46 35.98 -72.24
N GLN C 944 -33.54 36.75 -71.64
CA GLN C 944 -32.28 37.04 -72.30
C GLN C 944 -31.07 36.50 -71.54
N VAL C 945 -31.16 36.38 -70.22
CA VAL C 945 -30.04 35.92 -69.41
C VAL C 945 -30.54 34.88 -68.42
N LEU C 946 -29.77 33.80 -68.29
CA LEU C 946 -30.07 32.76 -67.31
C LEU C 946 -28.78 32.24 -66.71
N GLU C 947 -28.79 32.06 -65.39
CA GLU C 947 -27.66 31.52 -64.67
C GLU C 947 -28.01 30.14 -64.11
N LEU C 948 -27.20 29.15 -64.47
CA LEU C 948 -27.44 27.79 -63.99
C LEU C 948 -26.16 27.11 -63.52
N ASP C 949 -25.12 27.89 -63.20
CA ASP C 949 -23.89 27.30 -62.69
C ASP C 949 -24.14 26.68 -61.33
N ASN C 950 -23.44 25.57 -61.04
CA ASN C 950 -23.53 24.89 -59.77
C ASN C 950 -24.95 24.45 -59.43
N CYS C 951 -25.73 24.11 -60.46
CA CYS C 951 -27.15 23.77 -60.29
C CYS C 951 -27.37 22.28 -60.07
N ASN C 952 -26.31 21.50 -59.95
CA ASN C 952 -26.40 20.03 -59.91
C ASN C 952 -27.09 19.52 -61.17
N LEU C 953 -26.46 19.77 -62.32
CA LEU C 953 -26.99 19.41 -63.61
C LEU C 953 -26.11 18.37 -64.27
N THR C 954 -26.73 17.48 -65.05
CA THR C 954 -26.03 16.39 -65.71
C THR C 954 -26.13 16.54 -67.21
N SER C 955 -25.37 15.70 -67.91
CA SER C 955 -25.30 15.71 -69.37
C SER C 955 -26.64 15.43 -70.00
N HIS C 956 -27.52 14.74 -69.28
CA HIS C 956 -28.78 14.28 -69.86
C HIS C 956 -29.61 15.45 -70.37
N CYS C 957 -29.75 16.50 -69.56
CA CYS C 957 -30.59 17.62 -69.94
C CYS C 957 -29.93 18.54 -70.93
N CYS C 958 -28.62 18.37 -71.18
CA CYS C 958 -27.92 19.27 -72.07
C CYS C 958 -28.49 19.22 -73.48
N TRP C 959 -28.85 18.02 -73.96
CA TRP C 959 -29.48 17.90 -75.27
C TRP C 959 -30.79 18.67 -75.29
N ASP C 960 -31.56 18.60 -74.22
CA ASP C 960 -32.86 19.25 -74.17
C ASP C 960 -32.71 20.77 -74.22
N LEU C 961 -31.84 21.32 -73.37
CA LEU C 961 -31.65 22.76 -73.37
C LEU C 961 -31.03 23.24 -74.68
N SER C 962 -30.14 22.44 -75.26
CA SER C 962 -29.54 22.82 -76.54
C SER C 962 -30.60 22.95 -77.62
N THR C 963 -31.57 22.04 -77.64
CA THR C 963 -32.65 22.11 -78.62
C THR C 963 -33.38 23.44 -78.52
N LEU C 964 -33.65 23.89 -77.30
CA LEU C 964 -34.26 25.20 -77.10
C LEU C 964 -33.36 26.32 -77.59
N LEU C 965 -32.06 26.21 -77.29
CA LEU C 965 -31.12 27.28 -77.65
C LEU C 965 -31.16 27.57 -79.14
N THR C 966 -31.13 26.52 -79.96
CA THR C 966 -31.28 26.72 -81.40
C THR C 966 -32.64 27.29 -81.74
N SER C 967 -33.69 26.82 -81.07
CA SER C 967 -35.06 27.20 -81.37
C SER C 967 -35.49 28.47 -80.64
N SER C 968 -34.62 29.06 -79.81
CA SER C 968 -34.96 30.28 -79.09
C SER C 968 -34.08 31.42 -79.57
N GLN C 969 -34.71 32.55 -79.88
CA GLN C 969 -33.98 33.72 -80.34
C GLN C 969 -33.86 34.79 -79.26
N SER C 970 -34.71 34.73 -78.23
CA SER C 970 -34.72 35.78 -77.22
C SER C 970 -33.50 35.70 -76.30
N LEU C 971 -32.97 34.50 -76.07
CA LEU C 971 -31.87 34.33 -75.13
C LEU C 971 -30.58 34.90 -75.71
N ARG C 972 -29.73 35.43 -74.83
CA ARG C 972 -28.46 36.03 -75.24
C ARG C 972 -27.26 35.32 -74.62
N LYS C 973 -27.33 35.03 -73.32
CA LYS C 973 -26.20 34.49 -72.58
C LYS C 973 -26.69 33.42 -71.60
N LEU C 974 -25.86 32.42 -71.37
CA LEU C 974 -26.18 31.34 -70.45
C LEU C 974 -24.93 30.88 -69.74
N SER C 975 -25.08 30.45 -68.49
CA SER C 975 -23.98 29.93 -67.69
C SER C 975 -24.39 28.59 -67.10
N LEU C 976 -23.48 27.61 -67.19
CA LEU C 976 -23.83 26.26 -66.79
C LEU C 976 -22.71 25.53 -66.05
N GLY C 977 -21.72 26.21 -65.49
CA GLY C 977 -20.57 25.55 -64.91
C GLY C 977 -20.86 24.74 -63.66
N ASN C 978 -19.84 24.02 -63.17
CA ASN C 978 -19.96 23.20 -61.95
C ASN C 978 -21.12 22.21 -62.05
N ASN C 979 -21.23 21.57 -63.21
CA ASN C 979 -22.29 20.59 -63.43
C ASN C 979 -21.75 19.46 -64.29
N ASP C 980 -22.47 18.34 -64.28
CA ASP C 980 -22.06 17.15 -65.02
C ASP C 980 -22.31 17.29 -66.52
N LEU C 981 -21.64 18.24 -67.16
CA LEU C 981 -21.82 18.45 -68.59
C LEU C 981 -21.31 17.26 -69.39
N GLY C 982 -20.16 16.71 -69.00
CA GLY C 982 -19.61 15.55 -69.68
C GLY C 982 -19.05 15.86 -71.06
N ASP C 983 -18.21 14.96 -71.57
CA ASP C 983 -17.64 15.15 -72.90
C ASP C 983 -18.71 15.13 -73.98
N LEU C 984 -19.66 14.20 -73.86
CA LEU C 984 -20.72 14.12 -74.85
C LEU C 984 -21.60 15.36 -74.83
N GLY C 985 -21.92 15.87 -73.64
CA GLY C 985 -22.74 17.05 -73.52
C GLY C 985 -22.11 18.30 -74.08
N VAL C 986 -20.84 18.54 -73.74
CA VAL C 986 -20.15 19.71 -74.27
C VAL C 986 -19.95 19.57 -75.77
N MET C 987 -19.97 18.33 -76.28
CA MET C 987 -19.83 18.11 -77.72
C MET C 987 -20.99 18.74 -78.49
N MET C 988 -22.20 18.65 -77.94
CA MET C 988 -23.36 19.13 -78.68
C MET C 988 -23.26 20.63 -78.97
N PHE C 989 -22.49 21.37 -78.17
CA PHE C 989 -22.25 22.77 -78.48
C PHE C 989 -21.60 22.95 -79.84
N CYS C 990 -20.84 21.96 -80.30
CA CYS C 990 -20.36 21.98 -81.67
C CYS C 990 -21.51 21.83 -82.64
N GLU C 991 -22.42 20.88 -82.38
CA GLU C 991 -23.62 20.75 -83.21
C GLU C 991 -24.45 22.02 -83.16
N VAL C 992 -24.46 22.70 -82.02
CA VAL C 992 -25.09 24.01 -81.93
C VAL C 992 -24.48 24.94 -82.97
N LEU C 993 -23.15 24.96 -83.05
CA LEU C 993 -22.49 25.75 -84.08
C LEU C 993 -22.83 25.24 -85.48
N LYS C 994 -22.86 23.92 -85.64
CA LYS C 994 -23.20 23.35 -86.95
C LYS C 994 -24.65 23.66 -87.34
N GLN C 995 -25.50 23.99 -86.36
CA GLN C 995 -26.84 24.49 -86.64
C GLN C 995 -26.75 26.02 -86.67
N GLN C 996 -26.81 26.57 -87.88
CA GLN C 996 -26.58 28.00 -88.12
C GLN C 996 -27.55 28.89 -87.35
N SER C 997 -28.60 28.30 -86.77
CA SER C 997 -29.52 29.05 -85.94
C SER C 997 -28.91 29.47 -84.61
N CYS C 998 -27.61 29.21 -84.39
CA CYS C 998 -26.97 29.53 -83.13
C CYS C 998 -26.56 31.00 -83.05
N LEU C 999 -27.53 31.90 -83.20
CA LEU C 999 -27.24 33.32 -83.06
C LEU C 999 -27.31 33.73 -81.59
N LEU C 1000 -26.58 33.00 -80.74
CA LEU C 1000 -26.46 33.38 -79.34
C LEU C 1000 -25.38 34.43 -79.18
N GLN C 1001 -25.40 35.13 -78.05
CA GLN C 1001 -24.46 36.21 -77.81
C GLN C 1001 -23.33 35.85 -76.86
N ASN C 1002 -23.54 34.92 -75.94
CA ASN C 1002 -22.49 34.50 -75.03
C ASN C 1002 -22.84 33.16 -74.41
N LEU C 1003 -21.82 32.46 -73.93
CA LEU C 1003 -21.98 31.22 -73.20
C LEU C 1003 -20.81 31.03 -72.26
N GLY C 1004 -21.11 30.72 -71.00
CA GLY C 1004 -20.07 30.59 -69.99
C GLY C 1004 -20.06 29.27 -69.24
N LEU C 1005 -19.00 28.49 -69.42
CA LEU C 1005 -18.81 27.24 -68.71
C LEU C 1005 -17.46 27.26 -68.02
N SER C 1006 -17.36 26.62 -66.86
CA SER C 1006 -16.14 26.74 -66.06
C SER C 1006 -16.13 25.67 -64.97
N GLU C 1007 -14.97 25.57 -64.30
CA GLU C 1007 -14.74 24.89 -63.03
C GLU C 1007 -14.81 23.37 -63.11
N MET C 1008 -14.70 22.78 -64.29
CA MET C 1008 -14.68 21.32 -64.44
C MET C 1008 -13.42 20.92 -65.21
N TYR C 1009 -12.71 19.93 -64.68
CA TYR C 1009 -11.51 19.45 -65.33
C TYR C 1009 -11.83 18.41 -66.39
N PHE C 1010 -11.24 18.56 -67.57
CA PHE C 1010 -11.36 17.60 -68.64
C PHE C 1010 -10.01 17.45 -69.33
N ASN C 1011 -9.94 16.50 -70.26
CA ASN C 1011 -8.72 16.30 -71.03
C ASN C 1011 -8.75 17.14 -72.30
N TYR C 1012 -7.87 16.79 -73.24
CA TYR C 1012 -7.59 17.63 -74.40
C TYR C 1012 -8.82 17.82 -75.31
N GLU C 1013 -9.60 16.76 -75.50
CA GLU C 1013 -10.64 16.81 -76.53
C GLU C 1013 -11.68 17.89 -76.25
N THR C 1014 -12.02 18.12 -74.99
CA THR C 1014 -12.97 19.18 -74.66
C THR C 1014 -12.45 20.52 -75.15
N LYS C 1015 -11.20 20.83 -74.86
CA LYS C 1015 -10.59 22.05 -75.37
C LYS C 1015 -10.35 21.95 -76.87
N SER C 1016 -10.15 20.73 -77.37
CA SER C 1016 -9.71 20.56 -78.76
C SER C 1016 -10.68 21.22 -79.74
N ALA C 1017 -11.97 20.91 -79.63
CA ALA C 1017 -12.94 21.50 -80.54
C ALA C 1017 -13.21 22.96 -80.17
N LEU C 1018 -12.91 23.34 -78.93
CA LEU C 1018 -13.28 24.66 -78.43
C LEU C 1018 -12.66 25.78 -79.26
N GLU C 1019 -11.34 25.82 -79.30
CA GLU C 1019 -10.65 26.93 -79.97
C GLU C 1019 -10.99 26.98 -81.45
N THR C 1020 -11.06 25.83 -82.10
CA THR C 1020 -11.36 25.81 -83.53
C THR C 1020 -12.71 26.43 -83.83
N LEU C 1021 -13.72 26.08 -83.06
CA LEU C 1021 -15.05 26.64 -83.28
C LEU C 1021 -15.16 28.07 -82.76
N GLN C 1022 -14.44 28.40 -81.68
CA GLN C 1022 -14.32 29.80 -81.30
C GLN C 1022 -13.65 30.60 -82.41
N GLU C 1023 -12.61 30.04 -83.01
CA GLU C 1023 -11.99 30.66 -84.18
C GLU C 1023 -13.00 30.78 -85.32
N GLU C 1024 -13.79 29.74 -85.55
CA GLU C 1024 -14.78 29.78 -86.62
C GLU C 1024 -15.87 30.81 -86.33
N LYS C 1025 -16.26 30.94 -85.06
CA LYS C 1025 -17.44 31.72 -84.70
C LYS C 1025 -17.05 33.03 -84.05
N PRO C 1026 -17.15 34.16 -84.75
CA PRO C 1026 -17.03 35.46 -84.08
C PRO C 1026 -18.35 35.99 -83.54
N GLU C 1027 -19.48 35.45 -84.00
CA GLU C 1027 -20.78 35.95 -83.58
C GLU C 1027 -21.04 35.65 -82.10
N LEU C 1028 -20.67 34.46 -81.65
CA LEU C 1028 -20.99 33.99 -80.31
C LEU C 1028 -19.76 34.10 -79.43
N THR C 1029 -19.90 34.79 -78.29
CA THR C 1029 -18.81 34.95 -77.34
C THR C 1029 -18.78 33.78 -76.38
N VAL C 1030 -18.30 32.63 -76.83
CA VAL C 1030 -18.13 31.49 -75.95
C VAL C 1030 -16.86 31.69 -75.12
N VAL C 1031 -16.97 31.48 -73.82
CA VAL C 1031 -15.86 31.65 -72.91
C VAL C 1031 -15.72 30.40 -72.04
N PHE C 1032 -14.49 29.93 -71.89
CA PHE C 1032 -14.15 28.80 -71.04
C PHE C 1032 -13.14 29.31 -70.02
N GLU C 1033 -13.60 29.52 -68.78
CA GLU C 1033 -12.77 30.14 -67.76
C GLU C 1033 -11.51 29.34 -67.42
N PRO C 1034 -11.57 28.01 -67.23
CA PRO C 1034 -10.34 27.28 -66.89
C PRO C 1034 -9.47 26.97 -68.09
N SER C 1035 -9.91 27.42 -69.27
CA SER C 1035 -9.14 27.16 -70.49
C SER C 1035 -7.85 27.98 -70.50
N TRP C 1036 -6.89 27.53 -71.30
CA TRP C 1036 -5.61 28.22 -71.44
C TRP C 1036 -5.72 29.31 -72.50
N LYS D 133 -26.20 -18.71 -27.53
CA LYS D 133 -25.11 -18.63 -28.54
C LYS D 133 -24.97 -20.01 -29.19
N LYS D 134 -25.00 -21.08 -28.39
CA LYS D 134 -24.79 -22.45 -28.93
C LYS D 134 -25.92 -22.77 -29.92
N ASP D 135 -27.17 -22.45 -29.55
CA ASP D 135 -28.30 -22.81 -30.45
C ASP D 135 -28.18 -22.01 -31.76
N TYR D 136 -27.79 -20.73 -31.69
CA TYR D 136 -27.61 -19.93 -32.91
C TYR D 136 -26.47 -20.50 -33.78
N ARG D 137 -25.39 -21.00 -33.17
CA ARG D 137 -24.20 -21.42 -33.97
C ARG D 137 -24.34 -22.76 -34.70
N LYS D 138 -24.03 -23.90 -34.05
CA LYS D 138 -23.94 -25.23 -34.72
C LYS D 138 -24.95 -25.33 -35.86
N LYS D 139 -26.23 -25.04 -35.58
CA LYS D 139 -27.29 -25.22 -36.61
C LYS D 139 -26.90 -24.46 -37.89
N TYR D 140 -26.83 -23.13 -37.79
CA TYR D 140 -26.53 -22.31 -38.98
C TYR D 140 -25.33 -22.92 -39.73
N ARG D 141 -24.25 -23.18 -39.00
CA ARG D 141 -23.02 -23.70 -39.66
C ARG D 141 -23.33 -24.94 -40.49
N LYS D 142 -23.75 -26.04 -39.85
CA LYS D 142 -23.93 -27.29 -40.63
C LYS D 142 -24.91 -27.08 -41.79
N TYR D 143 -25.93 -26.24 -41.57
CA TYR D 143 -26.96 -26.05 -42.63
C TYR D 143 -26.31 -25.39 -43.84
N VAL D 144 -25.65 -24.25 -43.64
CA VAL D 144 -25.00 -23.53 -44.77
C VAL D 144 -23.99 -24.50 -45.41
N ARG D 145 -23.52 -25.49 -44.66
CA ARG D 145 -22.45 -26.39 -45.18
C ARG D 145 -23.02 -27.48 -46.09
N SER D 146 -24.21 -28.02 -45.81
CA SER D 146 -24.66 -29.18 -46.63
C SER D 146 -25.61 -28.82 -47.78
N ARG D 147 -25.20 -27.94 -48.70
CA ARG D 147 -26.04 -27.70 -49.90
C ARG D 147 -25.14 -27.59 -51.14
N PHE D 148 -23.94 -28.21 -51.12
CA PHE D 148 -22.99 -28.00 -52.24
C PHE D 148 -22.13 -29.22 -52.62
N GLN D 149 -22.61 -30.47 -52.59
CA GLN D 149 -21.82 -31.71 -52.71
C GLN D 149 -22.68 -32.94 -53.08
N CYS D 150 -22.06 -34.13 -53.03
CA CYS D 150 -22.72 -35.44 -52.82
C CYS D 150 -23.84 -35.82 -53.79
N ILE D 151 -23.76 -35.34 -55.03
CA ILE D 151 -24.54 -35.83 -56.17
C ILE D 151 -24.28 -37.32 -56.39
N GLU D 152 -25.28 -38.09 -56.85
CA GLU D 152 -25.11 -39.50 -57.26
C GLU D 152 -26.06 -39.90 -58.41
N GLU D 160 -20.25 -33.34 -61.12
CA GLU D 160 -18.85 -33.16 -60.76
C GLU D 160 -18.71 -32.40 -59.45
N SER D 161 -19.79 -31.73 -59.03
CA SER D 161 -19.79 -30.92 -57.82
C SER D 161 -19.94 -31.80 -56.58
N VAL D 162 -18.92 -32.61 -56.34
CA VAL D 162 -18.84 -33.40 -55.12
C VAL D 162 -17.61 -33.08 -54.28
N SER D 163 -16.55 -32.51 -54.86
CA SER D 163 -15.42 -31.99 -54.11
C SER D 163 -15.17 -30.56 -54.56
N LEU D 164 -15.02 -29.65 -53.59
CA LEU D 164 -14.86 -28.24 -53.90
C LEU D 164 -13.58 -27.71 -53.25
N ASN D 165 -13.36 -28.07 -52.02
CA ASN D 165 -12.16 -27.45 -51.48
C ASN D 165 -11.03 -28.13 -52.24
N LYS D 166 -11.18 -29.40 -52.63
CA LYS D 166 -10.02 -30.04 -53.30
C LYS D 166 -9.77 -29.22 -54.56
N ARG D 167 -10.82 -28.56 -55.06
CA ARG D 167 -10.66 -27.72 -56.26
C ARG D 167 -10.46 -26.26 -55.88
N TYR D 168 -9.56 -25.92 -54.94
CA TYR D 168 -9.38 -24.52 -54.44
C TYR D 168 -8.52 -23.62 -55.36
N THR D 169 -7.17 -23.67 -55.31
CA THR D 169 -6.19 -22.89 -56.17
C THR D 169 -5.68 -21.54 -55.63
N ARG D 170 -6.15 -21.03 -54.50
CA ARG D 170 -5.68 -19.68 -54.07
C ARG D 170 -5.73 -18.73 -55.28
N LEU D 171 -6.86 -18.65 -55.97
CA LEU D 171 -7.10 -17.79 -57.18
C LEU D 171 -6.57 -16.38 -56.93
N ARG D 172 -6.03 -15.74 -57.98
CA ARG D 172 -5.41 -14.41 -57.86
C ARG D 172 -6.40 -13.42 -57.21
N LEU D 173 -5.90 -12.51 -56.37
CA LEU D 173 -6.79 -11.52 -55.72
C LEU D 173 -6.03 -10.20 -55.58
N ILE D 174 -5.84 -9.48 -56.68
CA ILE D 174 -5.17 -8.15 -56.61
C ILE D 174 -6.28 -7.15 -56.29
N LYS D 175 -6.34 -6.69 -55.03
CA LYS D 175 -7.46 -5.79 -54.65
C LYS D 175 -7.11 -4.36 -55.05
N GLU D 176 -7.94 -3.77 -55.93
CA GLU D 176 -7.68 -2.41 -56.46
C GLU D 176 -7.09 -1.50 -55.38
N HIS D 177 -5.86 -1.04 -55.58
CA HIS D 177 -5.30 -0.04 -54.63
C HIS D 177 -6.15 1.21 -54.82
N ARG D 178 -6.29 2.05 -53.80
CA ARG D 178 -7.24 3.19 -53.94
C ARG D 178 -6.94 3.92 -55.24
N SER D 179 -7.97 4.13 -56.07
CA SER D 179 -7.78 4.79 -57.38
C SER D 179 -7.64 6.29 -57.14
N GLN D 180 -6.55 6.71 -56.49
CA GLN D 180 -6.35 8.12 -56.19
C GLN D 180 -7.54 8.72 -55.45
N SER D 198 5.33 -0.13 -53.50
CA SER D 198 3.90 -0.33 -53.33
C SER D 198 3.61 -1.50 -52.39
N PRO D 199 2.65 -1.33 -51.49
CA PRO D 199 2.25 -2.44 -50.62
C PRO D 199 1.66 -3.59 -51.42
N VAL D 200 1.92 -4.81 -50.94
CA VAL D 200 1.38 -5.99 -51.61
C VAL D 200 0.01 -6.36 -51.03
N SER D 201 -0.02 -6.76 -49.76
CA SER D 201 -1.22 -7.11 -49.01
C SER D 201 -2.23 -7.88 -49.85
N PRO D 202 -1.95 -9.12 -50.22
CA PRO D 202 -2.92 -9.89 -51.03
C PRO D 202 -4.25 -10.10 -50.33
N ILE D 203 -4.26 -10.16 -49.00
CA ILE D 203 -5.44 -10.35 -48.15
C ILE D 203 -6.44 -11.32 -48.77
N LYS D 204 -5.95 -12.50 -49.18
CA LYS D 204 -6.83 -13.44 -49.88
C LYS D 204 -7.98 -13.90 -49.00
N MET D 205 -7.71 -14.40 -47.80
CA MET D 205 -8.78 -14.88 -46.93
C MET D 205 -8.80 -14.14 -45.59
N GLU D 206 -7.66 -14.09 -44.91
CA GLU D 206 -7.60 -13.45 -43.60
C GLU D 206 -7.68 -11.94 -43.74
N LEU D 207 -8.64 -11.34 -43.02
CA LEU D 207 -8.78 -9.88 -42.93
C LEU D 207 -8.90 -9.24 -44.31
N LEU D 208 -9.53 -9.95 -45.26
CA LEU D 208 -9.78 -9.35 -46.57
C LEU D 208 -10.72 -8.17 -46.46
N PHE D 209 -11.72 -8.25 -45.57
CA PHE D 209 -12.62 -7.12 -45.35
C PHE D 209 -11.96 -6.03 -44.54
N ASP D 210 -11.00 -6.37 -43.69
CA ASP D 210 -10.39 -5.43 -42.76
C ASP D 210 -9.60 -4.36 -43.51
N PRO D 211 -9.71 -3.11 -43.09
CA PRO D 211 -8.92 -2.04 -43.71
C PRO D 211 -7.47 -2.07 -43.26
N ASP D 212 -6.70 -1.06 -43.67
CA ASP D 212 -5.36 -0.87 -43.13
C ASP D 212 -5.48 -0.24 -41.74
N ASP D 213 -4.37 0.27 -41.21
CA ASP D 213 -4.37 0.90 -39.89
C ASP D 213 -5.51 1.91 -39.79
N GLU D 214 -6.52 1.58 -38.97
CA GLU D 214 -7.75 2.37 -38.89
C GLU D 214 -8.37 2.50 -40.27
N HIS D 215 -8.09 3.61 -40.95
CA HIS D 215 -8.54 3.86 -42.32
C HIS D 215 -10.07 3.95 -42.38
N SER D 216 -10.73 2.80 -42.35
CA SER D 216 -12.19 2.78 -42.26
C SER D 216 -12.64 1.53 -41.53
N GLU D 217 -12.84 1.64 -40.22
CA GLU D 217 -13.28 0.50 -39.41
C GLU D 217 -14.68 0.04 -39.80
N PRO D 218 -15.67 0.94 -39.96
CA PRO D 218 -17.03 0.46 -40.24
C PRO D 218 -17.30 0.17 -41.72
N VAL D 219 -16.24 0.02 -42.52
CA VAL D 219 -16.45 -0.30 -43.94
C VAL D 219 -17.16 -1.64 -44.04
N HIS D 220 -18.08 -1.73 -45.00
CA HIS D 220 -18.93 -2.92 -45.13
C HIS D 220 -19.02 -3.47 -46.54
N THR D 221 -18.70 -2.67 -47.56
CA THR D 221 -18.91 -3.04 -48.95
C THR D 221 -17.60 -3.47 -49.58
N VAL D 222 -17.56 -4.70 -50.09
CA VAL D 222 -16.46 -5.18 -50.93
C VAL D 222 -17.07 -5.77 -52.19
N VAL D 223 -16.38 -5.58 -53.32
CA VAL D 223 -16.89 -5.99 -54.62
C VAL D 223 -15.77 -6.66 -55.38
N PHE D 224 -16.11 -7.71 -56.14
CA PHE D 224 -15.14 -8.48 -56.91
C PHE D 224 -15.38 -8.27 -58.39
N GLN D 225 -14.33 -7.89 -59.11
CA GLN D 225 -14.39 -7.65 -60.55
C GLN D 225 -13.65 -8.77 -61.26
N GLY D 226 -14.36 -9.48 -62.13
CA GLY D 226 -13.76 -10.57 -62.87
C GLY D 226 -14.51 -10.81 -64.16
N ALA D 227 -13.79 -11.30 -65.16
CA ALA D 227 -14.39 -11.53 -66.47
C ALA D 227 -15.45 -12.64 -66.38
N ALA D 228 -16.34 -12.64 -67.37
CA ALA D 228 -17.42 -13.62 -67.37
C ALA D 228 -16.87 -15.02 -67.59
N GLY D 229 -17.06 -15.87 -66.57
CA GLY D 229 -16.52 -17.20 -66.56
C GLY D 229 -15.28 -17.39 -65.71
N ILE D 230 -14.84 -16.35 -65.01
CA ILE D 230 -13.63 -16.47 -64.19
C ILE D 230 -13.82 -17.48 -63.08
N GLY D 231 -14.95 -17.41 -62.38
CA GLY D 231 -15.18 -18.28 -61.24
C GLY D 231 -15.65 -17.52 -60.01
N LYS D 232 -16.04 -16.25 -60.21
CA LYS D 232 -16.56 -15.47 -59.09
C LYS D 232 -17.78 -16.13 -58.47
N THR D 233 -18.60 -16.80 -59.28
CA THR D 233 -19.67 -17.62 -58.72
C THR D 233 -19.09 -18.79 -57.92
N ILE D 234 -18.01 -19.39 -58.42
CA ILE D 234 -17.39 -20.50 -57.71
C ILE D 234 -16.75 -20.02 -56.41
N LEU D 235 -16.13 -18.83 -56.43
CA LEU D 235 -15.41 -18.34 -55.27
C LEU D 235 -16.33 -18.19 -54.07
N ALA D 236 -17.52 -17.66 -54.28
CA ALA D 236 -18.46 -17.47 -53.18
C ALA D 236 -18.84 -18.81 -52.55
N ARG D 237 -19.07 -19.82 -53.39
CA ARG D 237 -19.37 -21.16 -52.88
C ARG D 237 -18.20 -21.69 -52.07
N LYS D 238 -16.98 -21.44 -52.57
CA LYS D 238 -15.76 -21.87 -51.85
C LYS D 238 -15.63 -21.03 -50.57
N MET D 239 -15.75 -19.70 -50.68
CA MET D 239 -15.60 -18.83 -49.53
C MET D 239 -16.60 -19.18 -48.44
N MET D 240 -17.83 -19.51 -48.83
CA MET D 240 -18.78 -20.06 -47.87
C MET D 240 -18.26 -21.37 -47.29
N LEU D 241 -17.87 -22.30 -48.16
CA LEU D 241 -17.44 -23.63 -47.71
C LEU D 241 -16.26 -23.53 -46.76
N ASP D 242 -15.34 -22.60 -47.00
CA ASP D 242 -14.23 -22.37 -46.08
C ASP D 242 -14.77 -22.01 -44.71
N TRP D 243 -15.40 -20.85 -44.61
CA TRP D 243 -15.83 -20.34 -43.32
C TRP D 243 -17.03 -21.10 -42.75
N ALA D 244 -17.70 -21.94 -43.55
CA ALA D 244 -18.82 -22.73 -43.02
C ALA D 244 -18.37 -23.83 -42.09
N SER D 245 -17.07 -23.88 -41.78
CA SER D 245 -16.55 -24.75 -40.72
C SER D 245 -15.62 -23.97 -39.80
N GLY D 246 -15.76 -22.65 -39.76
CA GLY D 246 -14.82 -21.82 -39.03
C GLY D 246 -13.51 -21.76 -39.77
N THR D 247 -12.81 -22.89 -39.80
CA THR D 247 -11.63 -23.13 -40.64
C THR D 247 -10.60 -22.02 -40.54
N LEU D 248 -10.44 -21.42 -39.36
CA LEU D 248 -9.51 -20.32 -39.15
C LEU D 248 -9.81 -19.15 -40.08
N TYR D 249 -11.06 -19.07 -40.56
CA TYR D 249 -11.53 -17.91 -41.29
C TYR D 249 -11.95 -16.85 -40.29
N GLN D 250 -12.71 -15.85 -40.72
CA GLN D 250 -13.06 -14.74 -39.84
C GLN D 250 -14.01 -15.21 -38.75
N ASP D 251 -13.49 -16.02 -37.82
CA ASP D 251 -14.28 -16.45 -36.67
C ASP D 251 -14.69 -15.28 -35.78
N ARG D 252 -13.98 -14.16 -35.87
CA ARG D 252 -14.41 -12.93 -35.21
C ARG D 252 -15.59 -12.28 -35.93
N PHE D 253 -16.12 -12.95 -36.94
CA PHE D 253 -17.34 -12.52 -37.61
C PHE D 253 -18.35 -13.65 -37.50
N ASP D 254 -19.60 -13.30 -37.19
CA ASP D 254 -20.56 -14.30 -36.75
C ASP D 254 -21.29 -15.00 -37.88
N TYR D 255 -21.89 -14.23 -38.80
CA TYR D 255 -22.77 -14.86 -39.83
C TYR D 255 -22.46 -14.43 -41.26
N LEU D 256 -22.70 -15.33 -42.21
CA LEU D 256 -22.53 -15.09 -43.64
C LEU D 256 -23.82 -15.49 -44.34
N PHE D 257 -24.21 -14.72 -45.35
CA PHE D 257 -25.48 -14.94 -46.05
C PHE D 257 -25.23 -15.04 -47.55
N TYR D 258 -25.39 -16.25 -48.09
CA TYR D 258 -25.24 -16.46 -49.52
C TYR D 258 -26.55 -16.20 -50.24
N ILE D 259 -26.49 -15.38 -51.28
CA ILE D 259 -27.67 -15.12 -52.10
C ILE D 259 -27.26 -14.98 -53.56
N HIS D 260 -27.67 -15.95 -54.38
CA HIS D 260 -27.48 -15.85 -55.82
C HIS D 260 -28.77 -15.41 -56.46
N CYS D 261 -28.69 -14.44 -57.37
CA CYS D 261 -29.88 -13.76 -57.88
C CYS D 261 -30.58 -14.53 -59.00
N ARG D 262 -30.33 -15.83 -59.13
CA ARG D 262 -31.13 -16.63 -60.05
C ARG D 262 -32.59 -16.67 -59.61
N GLU D 263 -32.82 -16.94 -58.32
CA GLU D 263 -34.18 -16.98 -57.81
C GLU D 263 -34.75 -15.56 -57.65
N VAL D 264 -33.91 -14.60 -57.26
CA VAL D 264 -34.37 -13.24 -57.05
C VAL D 264 -34.78 -12.63 -58.38
N SER D 265 -35.95 -11.99 -58.39
CA SER D 265 -36.46 -11.36 -59.59
C SER D 265 -37.25 -10.12 -59.20
N LEU D 266 -37.70 -9.39 -60.21
CA LEU D 266 -38.48 -8.18 -59.98
C LEU D 266 -39.86 -8.53 -59.46
N VAL D 267 -40.55 -7.51 -58.91
CA VAL D 267 -41.94 -7.54 -58.50
C VAL D 267 -42.22 -8.68 -57.52
N THR D 268 -41.17 -9.31 -57.00
CA THR D 268 -41.34 -10.40 -56.05
C THR D 268 -42.09 -9.96 -54.80
N GLN D 269 -41.94 -8.70 -54.38
CA GLN D 269 -42.63 -8.16 -53.22
C GLN D 269 -42.39 -9.02 -51.97
N ARG D 270 -41.13 -9.44 -51.80
CA ARG D 270 -40.74 -10.31 -50.70
C ARG D 270 -39.81 -9.57 -49.76
N SER D 271 -39.95 -9.84 -48.47
CA SER D 271 -39.17 -9.15 -47.46
C SER D 271 -37.77 -9.76 -47.32
N LEU D 272 -36.92 -9.06 -46.58
CA LEU D 272 -35.59 -9.57 -46.30
C LEU D 272 -35.67 -10.88 -45.54
N GLY D 273 -36.59 -10.97 -44.58
CA GLY D 273 -36.81 -12.24 -43.90
C GLY D 273 -37.21 -13.34 -44.86
N ASP D 274 -38.07 -13.02 -45.83
CA ASP D 274 -38.36 -13.98 -46.90
C ASP D 274 -37.11 -14.27 -47.71
N LEU D 275 -36.31 -13.24 -47.99
CA LEU D 275 -35.03 -13.45 -48.62
C LEU D 275 -34.09 -14.26 -47.72
N ILE D 276 -34.10 -13.95 -46.43
CA ILE D 276 -33.25 -14.67 -45.48
C ILE D 276 -33.70 -16.12 -45.37
N MET D 277 -35.00 -16.35 -45.19
CA MET D 277 -35.51 -17.70 -45.07
C MET D 277 -35.34 -18.50 -46.37
N SER D 278 -35.06 -17.82 -47.48
CA SER D 278 -34.74 -18.54 -48.70
C SER D 278 -33.46 -19.35 -48.55
N CYS D 279 -32.46 -18.80 -47.88
CA CYS D 279 -31.21 -19.51 -47.66
C CYS D 279 -31.44 -20.75 -46.79
N CYS D 280 -32.10 -20.57 -45.64
CA CYS D 280 -32.40 -21.67 -44.74
C CYS D 280 -33.87 -21.60 -44.36
N PRO D 281 -34.72 -22.40 -45.00
CA PRO D 281 -36.16 -22.34 -44.70
C PRO D 281 -36.49 -22.90 -43.33
N ASP D 282 -36.31 -22.09 -42.29
CA ASP D 282 -36.60 -22.55 -40.95
C ASP D 282 -38.11 -22.60 -40.72
N PRO D 283 -38.66 -23.74 -40.31
CA PRO D 283 -40.08 -23.79 -39.94
C PRO D 283 -40.44 -22.83 -38.83
N ASN D 284 -39.49 -22.46 -37.98
CA ASN D 284 -39.68 -21.44 -36.96
C ASN D 284 -38.58 -20.40 -37.13
N PRO D 285 -38.77 -19.47 -38.06
CA PRO D 285 -37.72 -18.49 -38.36
C PRO D 285 -37.35 -17.68 -37.13
N PRO D 286 -36.08 -17.74 -36.72
CA PRO D 286 -35.63 -17.00 -35.53
C PRO D 286 -35.23 -15.57 -35.86
N ILE D 287 -35.72 -15.05 -36.99
CA ILE D 287 -35.24 -13.79 -37.56
C ILE D 287 -35.18 -12.68 -36.53
N HIS D 288 -36.08 -12.69 -35.54
CA HIS D 288 -36.05 -11.69 -34.49
C HIS D 288 -34.71 -11.72 -33.77
N LYS D 289 -34.14 -12.91 -33.62
CA LYS D 289 -32.77 -13.06 -33.15
C LYS D 289 -31.75 -12.93 -34.27
N ILE D 290 -32.18 -13.06 -35.52
CA ILE D 290 -31.23 -12.74 -36.63
C ILE D 290 -31.16 -11.22 -36.66
N VAL D 291 -32.25 -10.56 -36.26
CA VAL D 291 -32.17 -9.12 -36.14
C VAL D 291 -31.44 -8.85 -34.84
N ARG D 292 -30.12 -8.90 -34.91
CA ARG D 292 -29.22 -8.74 -33.79
C ARG D 292 -27.84 -8.42 -34.35
N LYS D 293 -27.14 -7.52 -33.66
CA LYS D 293 -25.74 -7.18 -33.93
C LYS D 293 -25.52 -6.90 -35.43
N PRO D 294 -25.98 -5.76 -35.94
CA PRO D 294 -25.61 -5.38 -37.30
C PRO D 294 -24.10 -5.20 -37.42
N SER D 295 -23.60 -5.43 -38.63
CA SER D 295 -22.17 -5.46 -38.96
C SER D 295 -21.51 -6.71 -38.42
N ARG D 296 -22.24 -7.50 -37.63
CA ARG D 296 -21.80 -8.83 -37.25
C ARG D 296 -22.31 -9.88 -38.22
N ILE D 297 -23.11 -9.48 -39.20
CA ILE D 297 -23.70 -10.37 -40.20
C ILE D 297 -23.30 -9.87 -41.58
N LEU D 298 -22.98 -10.79 -42.48
CA LEU D 298 -22.50 -10.45 -43.81
C LEU D 298 -23.39 -11.11 -44.87
N PHE D 299 -23.81 -10.31 -45.85
CA PHE D 299 -24.56 -10.79 -47.00
C PHE D 299 -23.60 -11.00 -48.16
N LEU D 300 -23.57 -12.21 -48.69
CA LEU D 300 -22.74 -12.53 -49.85
C LEU D 300 -23.62 -12.48 -51.09
N MET D 301 -23.84 -11.26 -51.61
CA MET D 301 -24.65 -11.11 -52.85
C MET D 301 -23.84 -11.65 -54.04
N ASP D 302 -24.51 -12.28 -55.00
CA ASP D 302 -23.73 -12.93 -56.10
C ASP D 302 -24.25 -12.52 -57.48
N GLY D 303 -23.34 -12.06 -58.35
CA GLY D 303 -23.67 -11.71 -59.75
C GLY D 303 -24.68 -10.60 -59.95
N PHE D 304 -24.21 -9.38 -60.22
CA PHE D 304 -25.14 -8.28 -60.59
C PHE D 304 -25.67 -8.62 -61.98
N ASP D 305 -24.86 -9.31 -62.78
CA ASP D 305 -25.25 -9.72 -64.15
C ASP D 305 -26.48 -10.62 -64.06
N GLU D 306 -26.54 -11.46 -63.01
CA GLU D 306 -27.67 -12.39 -62.83
C GLU D 306 -28.97 -11.58 -62.71
N LEU D 307 -28.92 -10.41 -62.08
CA LEU D 307 -30.12 -9.55 -62.03
C LEU D 307 -30.65 -9.37 -63.46
N GLN D 308 -31.86 -9.86 -63.74
CA GLN D 308 -32.49 -9.75 -65.05
C GLN D 308 -33.69 -8.83 -64.97
N GLY D 309 -33.74 -7.86 -65.87
CA GLY D 309 -34.80 -6.88 -65.93
C GLY D 309 -34.27 -5.48 -65.81
N ALA D 310 -35.18 -4.52 -65.92
CA ALA D 310 -34.82 -3.11 -65.76
C ALA D 310 -34.52 -2.79 -64.30
N PHE D 311 -33.60 -1.85 -64.11
CA PHE D 311 -33.21 -1.46 -62.76
C PHE D 311 -32.68 -0.04 -62.80
N ASP D 312 -33.42 0.89 -62.20
CA ASP D 312 -32.95 2.26 -62.05
C ASP D 312 -32.02 2.33 -60.85
N GLU D 313 -30.77 2.72 -61.10
CA GLU D 313 -29.81 2.87 -60.00
C GLU D 313 -30.21 3.96 -59.02
N HIS D 314 -31.12 4.85 -59.42
CA HIS D 314 -31.63 5.87 -58.51
C HIS D 314 -33.15 5.94 -58.57
N ILE D 315 -33.80 4.79 -58.43
CA ILE D 315 -35.25 4.68 -58.44
C ILE D 315 -35.84 5.61 -57.39
N GLY D 316 -37.01 6.17 -57.69
CA GLY D 316 -37.64 7.15 -56.84
C GLY D 316 -37.97 6.67 -55.45
N PRO D 317 -38.91 5.72 -55.34
CA PRO D 317 -39.33 5.25 -54.01
C PRO D 317 -38.16 4.68 -53.22
N LEU D 318 -38.19 4.96 -51.92
CA LEU D 318 -37.09 4.61 -51.02
C LEU D 318 -37.58 3.60 -49.98
N CYS D 319 -36.68 2.71 -49.55
CA CYS D 319 -37.03 1.63 -48.64
C CYS D 319 -36.13 1.66 -47.41
N THR D 320 -36.74 1.54 -46.23
CA THR D 320 -35.99 1.50 -44.99
C THR D 320 -36.53 0.41 -44.07
N ASP D 321 -37.72 -0.11 -44.38
CA ASP D 321 -38.33 -1.13 -43.55
C ASP D 321 -37.69 -2.49 -43.85
N TRP D 322 -37.27 -3.19 -42.79
CA TRP D 322 -36.62 -4.48 -42.97
C TRP D 322 -37.64 -5.57 -43.26
N GLN D 323 -38.80 -5.52 -42.62
CA GLN D 323 -39.75 -6.63 -42.69
C GLN D 323 -40.84 -6.41 -43.72
N LYS D 324 -40.95 -5.21 -44.28
CA LYS D 324 -42.01 -4.92 -45.24
C LYS D 324 -41.80 -5.71 -46.52
N ALA D 325 -42.90 -6.23 -47.07
CA ALA D 325 -42.85 -6.91 -48.35
C ALA D 325 -42.63 -5.90 -49.47
N GLU D 326 -41.38 -5.66 -49.84
CA GLU D 326 -41.01 -4.64 -50.80
C GLU D 326 -40.56 -5.29 -52.10
N ARG D 327 -40.53 -4.48 -53.16
CA ARG D 327 -40.15 -4.96 -54.48
C ARG D 327 -38.73 -5.52 -54.46
N GLY D 328 -38.49 -6.53 -55.31
CA GLY D 328 -37.21 -7.20 -55.30
C GLY D 328 -36.04 -6.28 -55.56
N ASP D 329 -36.15 -5.45 -56.60
CA ASP D 329 -35.09 -4.47 -56.86
C ASP D 329 -35.05 -3.41 -55.78
N ILE D 330 -36.21 -3.00 -55.27
CA ILE D 330 -36.26 -2.02 -54.19
C ILE D 330 -35.58 -2.56 -52.94
N LEU D 331 -35.85 -3.82 -52.61
CA LEU D 331 -35.20 -4.44 -51.46
C LEU D 331 -33.68 -4.42 -51.65
N LEU D 332 -33.21 -4.79 -52.83
CA LEU D 332 -31.78 -4.70 -53.12
C LEU D 332 -31.33 -3.25 -53.08
N SER D 333 -32.15 -2.34 -53.60
CA SER D 333 -31.79 -0.93 -53.62
C SER D 333 -31.45 -0.43 -52.23
N SER D 334 -32.33 -0.69 -51.26
CA SER D 334 -32.02 -0.32 -49.88
C SER D 334 -30.81 -1.09 -49.38
N LEU D 335 -30.74 -2.39 -49.68
CA LEU D 335 -29.62 -3.20 -49.24
C LEU D 335 -28.31 -2.72 -49.85
N ILE D 336 -28.33 -2.42 -51.15
CA ILE D 336 -27.12 -1.92 -51.81
C ILE D 336 -26.72 -0.57 -51.21
N ARG D 337 -27.68 0.32 -51.02
CA ARG D 337 -27.40 1.58 -50.34
C ARG D 337 -27.19 1.41 -48.85
N LYS D 338 -27.53 0.25 -48.29
CA LYS D 338 -27.36 -0.06 -46.88
C LYS D 338 -28.13 0.91 -45.99
N LYS D 339 -29.04 1.70 -46.58
CA LYS D 339 -29.89 2.55 -45.75
C LYS D 339 -30.73 1.70 -44.81
N LEU D 340 -31.27 0.60 -45.32
CA LEU D 340 -31.75 -0.46 -44.44
C LEU D 340 -30.57 -1.28 -43.96
N LEU D 341 -30.59 -1.69 -42.69
CA LEU D 341 -29.48 -2.39 -42.06
C LEU D 341 -28.20 -1.57 -42.27
N PRO D 342 -28.07 -0.45 -41.55
CA PRO D 342 -26.98 0.49 -41.86
C PRO D 342 -25.60 -0.07 -41.67
N GLU D 343 -25.45 -1.16 -40.91
CA GLU D 343 -24.14 -1.71 -40.60
C GLU D 343 -23.85 -3.00 -41.34
N ALA D 344 -24.82 -3.54 -42.07
CA ALA D 344 -24.66 -4.84 -42.71
C ALA D 344 -23.52 -4.82 -43.72
N SER D 345 -22.63 -5.81 -43.62
CA SER D 345 -21.56 -5.94 -44.58
C SER D 345 -22.07 -6.58 -45.87
N LEU D 346 -21.37 -6.32 -46.97
CA LEU D 346 -21.82 -6.80 -48.27
C LEU D 346 -20.64 -7.22 -49.13
N LEU D 347 -20.86 -8.30 -49.87
CA LEU D 347 -19.84 -8.77 -50.82
C LEU D 347 -20.60 -8.94 -52.14
N ILE D 348 -20.14 -8.33 -53.23
CA ILE D 348 -20.92 -8.36 -54.50
C ILE D 348 -20.01 -8.77 -55.66
N THR D 349 -20.14 -10.01 -56.13
CA THR D 349 -19.37 -10.36 -57.35
C THR D 349 -20.05 -9.61 -58.49
N THR D 350 -19.29 -8.89 -59.31
CA THR D 350 -19.92 -8.04 -60.35
C THR D 350 -19.20 -8.22 -61.69
N ARG D 351 -19.92 -8.07 -62.79
CA ARG D 351 -19.26 -8.12 -64.11
C ARG D 351 -18.63 -6.74 -64.38
N PRO D 352 -17.35 -6.58 -64.77
CA PRO D 352 -16.78 -5.24 -64.99
C PRO D 352 -17.64 -4.32 -65.82
N VAL D 353 -18.35 -4.84 -66.82
CA VAL D 353 -19.14 -3.99 -67.70
C VAL D 353 -20.32 -3.39 -66.96
N ALA D 354 -20.81 -4.06 -65.92
CA ALA D 354 -21.96 -3.60 -65.15
C ALA D 354 -21.57 -2.76 -63.95
N LEU D 355 -20.29 -2.42 -63.79
CA LEU D 355 -19.83 -1.70 -62.62
C LEU D 355 -20.45 -0.31 -62.51
N GLU D 356 -20.58 0.40 -63.63
CA GLU D 356 -20.96 1.81 -63.58
C GLU D 356 -22.32 2.01 -62.93
N LYS D 357 -23.20 0.99 -63.02
CA LYS D 357 -24.51 1.08 -62.38
C LYS D 357 -24.35 1.09 -60.86
N LEU D 358 -23.61 0.13 -60.32
CA LEU D 358 -23.45 0.06 -58.87
C LEU D 358 -22.46 1.10 -58.37
N GLN D 359 -21.41 1.38 -59.15
CA GLN D 359 -20.43 2.37 -58.74
C GLN D 359 -21.06 3.75 -58.58
N HIS D 360 -21.93 4.15 -59.51
CA HIS D 360 -22.71 5.35 -59.31
C HIS D 360 -23.70 5.19 -58.17
N LEU D 361 -24.16 3.96 -57.92
CA LEU D 361 -25.15 3.72 -56.87
C LEU D 361 -24.52 3.80 -55.49
N LEU D 362 -23.31 3.26 -55.32
CA LEU D 362 -22.76 3.06 -53.99
C LEU D 362 -21.34 3.62 -53.91
N ASP D 363 -20.97 4.08 -52.72
CA ASP D 363 -19.68 4.71 -52.47
C ASP D 363 -18.73 3.73 -51.77
N HIS D 364 -17.45 4.13 -51.68
CA HIS D 364 -16.35 3.43 -51.04
C HIS D 364 -16.37 1.93 -51.27
N PRO D 365 -16.37 1.48 -52.53
CA PRO D 365 -16.45 0.04 -52.78
C PRO D 365 -15.06 -0.58 -52.84
N ARG D 366 -14.86 -1.65 -52.08
CA ARG D 366 -13.59 -2.35 -52.10
C ARG D 366 -13.48 -3.20 -53.36
N HIS D 367 -13.06 -2.57 -54.46
CA HIS D 367 -12.89 -3.30 -55.71
C HIS D 367 -11.81 -4.36 -55.59
N VAL D 368 -12.10 -5.56 -56.08
CA VAL D 368 -11.14 -6.65 -56.04
C VAL D 368 -11.03 -7.31 -57.41
N GLU D 369 -9.92 -7.10 -58.09
CA GLU D 369 -9.68 -7.76 -59.36
C GLU D 369 -9.29 -9.21 -59.11
N ILE D 370 -9.99 -10.13 -59.77
CA ILE D 370 -9.72 -11.56 -59.66
C ILE D 370 -9.32 -12.08 -61.04
N LEU D 371 -8.26 -12.90 -61.07
CA LEU D 371 -7.69 -13.38 -62.32
C LEU D 371 -7.73 -14.89 -62.35
N GLY D 372 -7.67 -15.46 -63.55
CA GLY D 372 -7.67 -16.89 -63.74
C GLY D 372 -6.31 -17.51 -63.51
N PHE D 373 -6.22 -18.79 -63.85
CA PHE D 373 -5.01 -19.57 -63.59
C PHE D 373 -3.89 -19.14 -64.53
N SER D 374 -2.66 -19.27 -64.05
CA SER D 374 -1.48 -18.99 -64.87
C SER D 374 -1.14 -20.21 -65.72
N GLU D 375 0.06 -20.17 -66.31
CA GLU D 375 0.55 -21.30 -67.09
C GLU D 375 0.65 -22.56 -66.24
N ALA D 376 1.48 -22.50 -65.19
CA ALA D 376 1.64 -23.66 -64.31
C ALA D 376 0.35 -24.00 -63.59
N LYS D 377 -0.40 -22.99 -63.13
CA LYS D 377 -1.66 -23.25 -62.45
C LYS D 377 -2.63 -24.00 -63.35
N ARG D 378 -2.62 -23.70 -64.67
CA ARG D 378 -3.49 -24.41 -65.60
C ARG D 378 -3.18 -25.90 -65.59
N LYS D 379 -1.90 -26.27 -65.58
CA LYS D 379 -1.52 -27.66 -65.40
C LYS D 379 -1.97 -28.17 -64.05
N GLU D 380 -1.80 -27.35 -63.02
CA GLU D 380 -2.22 -27.74 -61.67
C GLU D 380 -3.73 -27.94 -61.59
N TYR D 381 -4.49 -27.26 -62.44
CA TYR D 381 -5.92 -27.54 -62.53
C TYR D 381 -6.14 -28.96 -63.05
N PHE D 382 -5.39 -29.34 -64.09
CA PHE D 382 -5.49 -30.71 -64.60
C PHE D 382 -5.03 -31.72 -63.56
N PHE D 383 -4.16 -31.30 -62.66
CA PHE D 383 -3.83 -32.15 -61.51
C PHE D 383 -5.08 -32.42 -60.69
N LYS D 384 -5.89 -31.38 -60.46
CA LYS D 384 -7.18 -31.59 -59.78
C LYS D 384 -8.12 -32.41 -60.65
N TYR D 385 -8.14 -32.15 -61.96
CA TYR D 385 -9.17 -32.70 -62.81
C TYR D 385 -8.88 -34.13 -63.22
N PHE D 386 -7.80 -34.34 -63.96
CA PHE D 386 -7.57 -35.63 -64.60
C PHE D 386 -7.16 -36.68 -63.57
N SER D 387 -7.36 -37.94 -63.97
CA SER D 387 -7.06 -39.08 -63.12
C SER D 387 -5.84 -39.88 -63.59
N ASP D 388 -5.25 -39.55 -64.73
CA ASP D 388 -4.09 -40.27 -65.21
C ASP D 388 -3.21 -39.33 -66.02
N GLU D 389 -1.89 -39.53 -65.91
CA GLU D 389 -0.95 -38.69 -66.64
C GLU D 389 -1.11 -38.85 -68.14
N ALA D 390 -1.26 -40.09 -68.63
CA ALA D 390 -1.51 -40.29 -70.05
C ALA D 390 -2.74 -39.53 -70.50
N GLN D 391 -3.70 -39.34 -69.60
CA GLN D 391 -4.81 -38.42 -69.85
C GLN D 391 -4.36 -36.98 -69.62
N ALA D 392 -3.74 -36.71 -68.47
CA ALA D 392 -3.39 -35.34 -68.12
C ALA D 392 -2.19 -34.84 -68.90
N ARG D 393 -1.05 -35.51 -68.74
CA ARG D 393 0.21 -34.99 -69.27
C ARG D 393 0.19 -34.90 -70.79
N ALA D 394 -0.37 -35.90 -71.46
CA ALA D 394 -0.41 -35.87 -72.91
C ALA D 394 -1.30 -34.74 -73.43
N ALA D 395 -2.51 -34.62 -72.87
CA ALA D 395 -3.43 -33.58 -73.32
C ALA D 395 -2.88 -32.19 -73.01
N PHE D 396 -2.33 -32.02 -71.81
CA PHE D 396 -1.76 -30.73 -71.44
C PHE D 396 -0.60 -30.35 -72.36
N SER D 397 0.21 -31.33 -72.74
CA SER D 397 1.31 -31.07 -73.65
C SER D 397 0.83 -30.48 -74.96
N LEU D 398 -0.39 -30.82 -75.37
CA LEU D 398 -0.96 -30.25 -76.58
C LEU D 398 -1.18 -28.75 -76.43
N ILE D 399 -1.50 -28.31 -75.21
CA ILE D 399 -1.79 -26.90 -74.98
C ILE D 399 -0.54 -26.05 -75.19
N GLN D 400 0.61 -26.54 -74.73
CA GLN D 400 1.85 -25.76 -74.88
C GLN D 400 2.17 -25.52 -76.35
N GLU D 401 2.04 -26.56 -77.18
CA GLU D 401 2.28 -26.38 -78.61
C GLU D 401 1.26 -25.43 -79.21
N ASN D 402 -0.01 -25.55 -78.79
CA ASN D 402 -1.07 -24.65 -79.25
C ASN D 402 -1.10 -23.41 -78.34
N GLU D 403 -0.06 -22.58 -78.50
CA GLU D 403 0.07 -21.42 -77.62
C GLU D 403 -1.09 -20.46 -77.77
N VAL D 404 -1.70 -20.39 -78.96
CA VAL D 404 -2.88 -19.56 -79.13
C VAL D 404 -4.00 -20.05 -78.24
N LEU D 405 -4.17 -21.37 -78.14
CA LEU D 405 -5.08 -21.92 -77.14
C LEU D 405 -4.54 -21.68 -75.74
N PHE D 406 -3.22 -21.78 -75.56
CA PHE D 406 -2.65 -21.65 -74.22
C PHE D 406 -2.90 -20.25 -73.65
N THR D 407 -2.58 -19.21 -74.42
CA THR D 407 -2.92 -17.87 -73.97
C THR D 407 -4.42 -17.70 -73.82
N MET D 408 -5.19 -18.47 -74.59
CA MET D 408 -6.63 -18.50 -74.42
C MET D 408 -7.01 -19.32 -73.19
N CYS D 409 -6.11 -20.14 -72.68
CA CYS D 409 -6.41 -20.97 -71.52
C CYS D 409 -6.31 -20.14 -70.24
N PHE D 410 -6.97 -18.98 -70.24
CA PHE D 410 -7.19 -18.19 -69.04
C PHE D 410 -8.67 -18.33 -68.72
N ILE D 411 -9.15 -17.65 -67.67
CA ILE D 411 -10.58 -17.68 -67.34
C ILE D 411 -11.02 -19.13 -67.18
N PRO D 412 -10.71 -19.77 -66.04
CA PRO D 412 -10.73 -21.24 -65.95
C PRO D 412 -11.93 -21.97 -66.55
N LEU D 413 -13.04 -21.26 -66.80
CA LEU D 413 -14.18 -21.90 -67.43
C LEU D 413 -13.80 -22.53 -68.76
N VAL D 414 -12.97 -21.83 -69.54
CA VAL D 414 -12.55 -22.38 -70.83
C VAL D 414 -11.70 -23.62 -70.62
N CYS D 415 -10.90 -23.66 -69.55
CA CYS D 415 -10.11 -24.84 -69.24
C CYS D 415 -11.02 -26.01 -68.90
N TRP D 416 -12.13 -25.74 -68.21
CA TRP D 416 -13.14 -26.77 -67.97
C TRP D 416 -13.66 -27.33 -69.29
N ILE D 417 -13.92 -26.44 -70.26
CA ILE D 417 -14.34 -26.91 -71.58
C ILE D 417 -13.24 -27.73 -72.23
N VAL D 418 -11.99 -27.28 -72.09
CA VAL D 418 -10.87 -27.96 -72.74
C VAL D 418 -10.73 -29.39 -72.22
N CYS D 419 -10.67 -29.55 -70.89
CA CYS D 419 -10.43 -30.86 -70.32
C CYS D 419 -11.61 -31.80 -70.56
N THR D 420 -12.83 -31.32 -70.33
CA THR D 420 -14.01 -32.17 -70.49
C THR D 420 -14.17 -32.61 -71.94
N GLY D 421 -14.05 -31.67 -72.88
CA GLY D 421 -14.22 -32.01 -74.28
C GLY D 421 -13.18 -33.01 -74.75
N LEU D 422 -11.92 -32.78 -74.39
CA LEU D 422 -10.86 -33.71 -74.75
C LEU D 422 -11.07 -35.07 -74.09
N LYS D 423 -11.53 -35.06 -72.83
CA LYS D 423 -11.81 -36.31 -72.14
C LYS D 423 -12.79 -37.17 -72.93
N GLN D 424 -13.88 -36.54 -73.40
CA GLN D 424 -14.86 -37.27 -74.20
C GLN D 424 -14.26 -37.75 -75.51
N GLN D 425 -13.38 -36.94 -76.11
CA GLN D 425 -12.72 -37.37 -77.34
C GLN D 425 -11.88 -38.62 -77.09
N MET D 426 -11.23 -38.69 -75.93
CA MET D 426 -10.47 -39.89 -75.58
C MET D 426 -11.37 -41.11 -75.41
N GLU D 427 -12.63 -40.90 -75.03
CA GLU D 427 -13.57 -42.02 -74.97
C GLU D 427 -13.86 -42.57 -76.36
N SER D 428 -13.53 -41.82 -77.40
CA SER D 428 -13.78 -42.26 -78.78
C SER D 428 -12.54 -42.26 -79.65
N GLY D 429 -11.58 -41.38 -79.41
CA GLY D 429 -10.43 -41.31 -80.27
C GLY D 429 -9.26 -40.58 -79.63
N LYS D 430 -8.39 -40.07 -80.49
CA LYS D 430 -7.19 -39.34 -80.09
C LYS D 430 -7.32 -37.87 -80.46
N SER D 431 -6.74 -37.00 -79.65
CA SER D 431 -6.88 -35.57 -79.85
C SER D 431 -6.09 -35.12 -81.07
N LEU D 432 -6.27 -33.85 -81.43
CA LEU D 432 -5.63 -33.25 -82.59
C LEU D 432 -5.22 -31.83 -82.22
N ALA D 433 -4.95 -31.01 -83.24
CA ALA D 433 -4.61 -29.61 -83.03
C ALA D 433 -5.79 -28.86 -82.40
N GLN D 434 -6.96 -29.47 -82.45
CA GLN D 434 -8.17 -29.03 -81.74
C GLN D 434 -8.79 -27.80 -82.37
N THR D 435 -8.10 -27.20 -83.35
CA THR D 435 -8.61 -26.10 -84.16
C THR D 435 -9.18 -24.96 -83.30
N SER D 436 -8.84 -24.93 -82.03
CA SER D 436 -9.40 -23.96 -81.09
C SER D 436 -8.55 -22.69 -81.01
N LYS D 437 -8.42 -22.02 -82.15
CA LYS D 437 -7.67 -20.78 -82.23
C LYS D 437 -8.41 -19.59 -81.64
N THR D 438 -9.72 -19.71 -81.43
CA THR D 438 -10.53 -18.62 -80.90
C THR D 438 -11.44 -19.17 -79.82
N THR D 439 -12.06 -18.25 -79.06
CA THR D 439 -12.99 -18.66 -78.02
C THR D 439 -14.18 -19.43 -78.60
N THR D 440 -14.72 -18.93 -79.72
CA THR D 440 -15.81 -19.64 -80.37
C THR D 440 -15.38 -21.02 -80.84
N ALA D 441 -14.18 -21.12 -81.39
CA ALA D 441 -13.67 -22.41 -81.84
C ALA D 441 -13.64 -23.42 -80.69
N VAL D 442 -13.39 -22.93 -79.47
CA VAL D 442 -13.48 -23.79 -78.29
C VAL D 442 -14.91 -24.29 -78.11
N TYR D 443 -15.88 -23.39 -78.26
CA TYR D 443 -17.27 -23.77 -78.04
C TYR D 443 -17.75 -24.77 -79.09
N VAL D 444 -17.45 -24.52 -80.35
CA VAL D 444 -18.00 -25.35 -81.42
C VAL D 444 -17.36 -26.74 -81.41
N PHE D 445 -16.05 -26.82 -81.16
CA PHE D 445 -15.41 -28.12 -81.06
C PHE D 445 -16.02 -28.93 -79.93
N PHE D 446 -16.37 -28.27 -78.83
CA PHE D 446 -17.08 -28.92 -77.74
C PHE D 446 -18.42 -29.45 -78.22
N LEU D 447 -19.14 -28.67 -79.02
CA LEU D 447 -20.43 -29.10 -79.53
C LEU D 447 -20.28 -30.31 -80.45
N SER D 448 -19.24 -30.32 -81.27
CA SER D 448 -19.05 -31.41 -82.24
C SER D 448 -18.93 -32.75 -81.53
N SER D 449 -18.10 -32.80 -80.48
CA SER D 449 -18.02 -34.01 -79.67
C SER D 449 -19.33 -34.27 -78.94
N LEU D 450 -20.00 -33.20 -78.51
CA LEU D 450 -21.27 -33.34 -77.80
C LEU D 450 -22.31 -34.01 -78.67
N LEU D 451 -22.42 -33.57 -79.92
CA LEU D 451 -23.46 -34.06 -80.83
C LEU D 451 -22.94 -35.25 -81.64
N GLN D 452 -22.29 -36.18 -80.95
CA GLN D 452 -21.75 -37.33 -81.68
C GLN D 452 -22.76 -38.47 -81.81
N PRO D 453 -23.29 -39.03 -80.71
CA PRO D 453 -24.00 -40.32 -80.84
C PRO D 453 -25.28 -40.25 -81.67
N ARG D 454 -26.23 -39.40 -81.25
CA ARG D 454 -27.54 -39.37 -81.90
C ARG D 454 -27.69 -38.25 -82.93
N GLY D 455 -26.84 -37.22 -82.88
CA GLY D 455 -26.99 -36.08 -83.77
C GLY D 455 -26.76 -36.42 -85.24
N GLY D 456 -25.85 -37.37 -85.47
CA GLY D 456 -25.52 -37.72 -86.85
C GLY D 456 -26.69 -38.31 -87.62
N SER D 457 -27.45 -39.20 -87.00
CA SER D 457 -28.65 -39.71 -87.63
C SER D 457 -29.64 -38.56 -87.83
N GLN D 458 -30.21 -38.50 -89.03
CA GLN D 458 -31.17 -37.44 -89.34
C GLN D 458 -32.46 -37.62 -88.54
N GLU D 459 -32.89 -38.86 -88.36
CA GLU D 459 -34.12 -39.10 -87.60
C GLU D 459 -34.00 -38.59 -86.17
N HIS D 460 -32.88 -38.87 -85.52
CA HIS D 460 -32.57 -38.28 -84.23
C HIS D 460 -31.68 -37.05 -84.36
N GLY D 461 -31.73 -36.37 -85.50
CA GLY D 461 -30.97 -35.13 -85.64
C GLY D 461 -31.45 -34.08 -84.66
N LEU D 462 -30.52 -33.58 -83.85
CA LEU D 462 -30.83 -32.61 -82.82
C LEU D 462 -30.66 -31.17 -83.30
N CYS D 463 -30.35 -30.97 -84.58
CA CYS D 463 -30.14 -29.62 -85.11
C CYS D 463 -31.41 -28.78 -84.99
N ALA D 464 -32.56 -29.35 -85.37
CA ALA D 464 -33.82 -28.67 -85.12
C ALA D 464 -34.07 -28.49 -83.63
N HIS D 465 -33.75 -29.51 -82.84
CA HIS D 465 -33.80 -29.38 -81.39
C HIS D 465 -32.75 -28.40 -80.89
N LEU D 466 -31.58 -28.38 -81.54
CA LEU D 466 -30.59 -27.34 -81.24
C LEU D 466 -31.19 -25.96 -81.49
N TRP D 467 -31.95 -25.81 -82.56
CA TRP D 467 -32.69 -24.57 -82.76
C TRP D 467 -33.73 -24.37 -81.67
N GLY D 468 -34.35 -25.45 -81.21
CA GLY D 468 -35.34 -25.34 -80.15
C GLY D 468 -34.76 -24.74 -78.87
N LEU D 469 -33.61 -25.25 -78.45
CA LEU D 469 -32.95 -24.69 -77.28
C LEU D 469 -32.39 -23.29 -77.59
N CYS D 470 -31.95 -23.06 -78.82
CA CYS D 470 -31.53 -21.72 -79.22
C CYS D 470 -32.70 -20.74 -79.12
N SER D 471 -33.88 -21.16 -79.56
CA SER D 471 -35.06 -20.33 -79.38
C SER D 471 -35.34 -20.06 -77.91
N LEU D 472 -35.21 -21.07 -77.06
CA LEU D 472 -35.29 -20.85 -75.62
C LEU D 472 -34.14 -19.95 -75.15
N ALA D 473 -32.95 -20.17 -75.69
CA ALA D 473 -31.80 -19.35 -75.32
C ALA D 473 -32.03 -17.90 -75.68
N ALA D 474 -32.57 -17.65 -76.88
CA ALA D 474 -32.83 -16.27 -77.30
C ALA D 474 -33.82 -15.59 -76.38
N ASP D 475 -34.88 -16.31 -76.00
CA ASP D 475 -35.85 -15.74 -75.06
C ASP D 475 -35.26 -15.61 -73.66
N GLY D 476 -34.14 -16.29 -73.40
CA GLY D 476 -33.55 -16.24 -72.08
C GLY D 476 -33.13 -14.84 -71.67
N ILE D 477 -32.71 -14.03 -72.62
CA ILE D 477 -32.38 -12.63 -72.36
C ILE D 477 -33.39 -11.68 -73.00
N TRP D 478 -34.03 -12.07 -74.10
CA TRP D 478 -35.02 -11.19 -74.71
C TRP D 478 -36.24 -11.04 -73.80
N ASN D 479 -36.50 -12.04 -72.96
CA ASN D 479 -37.57 -11.96 -71.97
C ASN D 479 -37.06 -12.25 -70.55
N GLN D 480 -35.74 -12.35 -70.39
CA GLN D 480 -35.07 -12.35 -69.09
C GLN D 480 -35.46 -13.53 -68.20
N LYS D 481 -35.78 -14.69 -68.77
CA LYS D 481 -36.14 -15.86 -67.97
C LYS D 481 -35.09 -16.93 -68.14
N ILE D 482 -34.08 -16.90 -67.26
CA ILE D 482 -33.10 -17.99 -67.23
C ILE D 482 -33.74 -19.26 -66.68
N LEU D 483 -34.49 -19.14 -65.59
CA LEU D 483 -35.12 -20.29 -64.95
C LEU D 483 -36.42 -20.64 -65.66
N PHE D 484 -36.30 -21.19 -66.87
CA PHE D 484 -37.47 -21.43 -67.70
C PHE D 484 -38.41 -22.45 -67.08
N GLU D 485 -37.86 -23.49 -66.46
CA GLU D 485 -38.64 -24.55 -65.82
C GLU D 485 -39.45 -25.33 -66.85
N GLU D 486 -40.11 -26.40 -66.42
CA GLU D 486 -40.97 -27.20 -67.28
C GLU D 486 -42.09 -26.35 -67.88
N SER D 487 -42.40 -25.23 -67.22
CA SER D 487 -43.47 -24.35 -67.70
C SER D 487 -43.19 -23.84 -69.10
N ASP D 488 -41.93 -23.56 -69.41
CA ASP D 488 -41.56 -22.98 -70.71
C ASP D 488 -40.75 -23.91 -71.60
N LEU D 489 -40.06 -24.90 -71.05
CA LEU D 489 -39.37 -25.86 -71.90
C LEU D 489 -40.34 -26.63 -72.77
N ARG D 490 -41.50 -27.01 -72.20
CA ARG D 490 -42.54 -27.64 -73.00
C ARG D 490 -42.96 -26.76 -74.16
N ASN D 491 -42.98 -25.44 -73.96
CA ASN D 491 -43.26 -24.52 -75.04
C ASN D 491 -42.15 -24.56 -76.09
N HIS D 492 -40.90 -24.67 -75.65
CA HIS D 492 -39.77 -24.61 -76.56
C HIS D 492 -39.38 -25.96 -77.14
N GLY D 493 -39.73 -27.06 -76.49
CA GLY D 493 -39.29 -28.35 -77.02
C GLY D 493 -39.91 -29.51 -76.26
N LEU D 494 -39.40 -30.70 -76.57
CA LEU D 494 -39.91 -31.95 -76.02
C LEU D 494 -39.51 -32.02 -74.54
N GLN D 495 -40.48 -31.67 -73.70
CA GLN D 495 -40.27 -31.45 -72.27
C GLN D 495 -39.69 -32.67 -71.55
N LYS D 496 -39.91 -33.87 -72.08
CA LYS D 496 -39.49 -35.07 -71.37
C LYS D 496 -38.41 -35.85 -72.11
N ALA D 497 -38.69 -36.28 -73.33
CA ALA D 497 -37.84 -37.26 -74.01
C ALA D 497 -36.51 -36.66 -74.45
N ASP D 498 -36.57 -35.65 -75.31
CA ASP D 498 -35.34 -35.16 -75.93
C ASP D 498 -34.46 -34.38 -74.98
N VAL D 499 -35.05 -33.48 -74.18
CA VAL D 499 -34.25 -32.61 -73.32
C VAL D 499 -33.50 -33.41 -72.27
N SER D 500 -33.99 -34.61 -71.92
CA SER D 500 -33.29 -35.45 -70.97
C SER D 500 -31.90 -35.81 -71.46
N ALA D 501 -31.77 -36.10 -72.75
CA ALA D 501 -30.43 -36.30 -73.32
C ALA D 501 -29.62 -35.01 -73.24
N PHE D 502 -30.23 -33.88 -73.62
CA PHE D 502 -29.53 -32.61 -73.53
C PHE D 502 -29.16 -32.28 -72.09
N LEU D 503 -30.09 -32.52 -71.16
CA LEU D 503 -29.78 -32.32 -69.74
C LEU D 503 -28.57 -33.15 -69.33
N ARG D 504 -28.60 -34.44 -69.66
CA ARG D 504 -27.47 -35.30 -69.31
C ARG D 504 -26.22 -34.93 -70.09
N MET D 505 -26.37 -34.34 -71.28
CA MET D 505 -25.22 -33.78 -71.97
C MET D 505 -24.78 -32.47 -71.32
N ASN D 506 -25.72 -31.62 -70.94
CA ASN D 506 -25.39 -30.38 -70.26
C ASN D 506 -25.03 -30.59 -68.80
N LEU D 507 -25.45 -31.71 -68.20
CA LEU D 507 -25.00 -32.19 -66.90
C LEU D 507 -25.54 -31.37 -65.73
N PHE D 508 -26.15 -30.22 -66.00
CA PHE D 508 -26.80 -29.41 -64.97
C PHE D 508 -27.80 -28.47 -65.63
N GLN D 509 -29.09 -28.76 -65.46
CA GLN D 509 -30.10 -27.85 -65.96
C GLN D 509 -31.27 -27.65 -64.99
N LYS D 510 -31.37 -28.47 -63.94
CA LYS D 510 -32.49 -28.33 -63.00
C LYS D 510 -32.03 -28.27 -61.55
N GLU D 511 -31.02 -29.07 -61.20
CA GLU D 511 -30.74 -29.32 -59.80
C GLU D 511 -30.17 -28.11 -59.07
N VAL D 512 -29.74 -27.08 -59.79
CA VAL D 512 -29.17 -25.92 -59.12
C VAL D 512 -30.19 -25.22 -58.25
N ASP D 513 -31.42 -25.07 -58.73
CA ASP D 513 -32.50 -24.47 -57.95
C ASP D 513 -33.04 -25.39 -56.88
N CYS D 514 -33.02 -26.70 -57.12
CA CYS D 514 -33.32 -27.76 -56.16
C CYS D 514 -34.80 -27.85 -55.81
N GLU D 515 -35.63 -26.89 -56.23
CA GLU D 515 -37.05 -27.03 -55.93
C GLU D 515 -37.84 -27.60 -57.09
N LYS D 516 -38.03 -26.82 -58.15
CA LYS D 516 -38.63 -27.30 -59.39
C LYS D 516 -38.05 -26.70 -60.65
N PHE D 517 -37.31 -25.60 -60.57
CA PHE D 517 -37.00 -24.80 -61.75
C PHE D 517 -35.91 -25.45 -62.59
N TYR D 518 -35.94 -25.14 -63.88
CA TYR D 518 -34.94 -25.63 -64.83
C TYR D 518 -34.18 -24.44 -65.41
N SER D 519 -32.90 -24.67 -65.67
CA SER D 519 -32.00 -23.58 -66.07
C SER D 519 -30.96 -24.15 -67.03
N PHE D 520 -29.88 -23.39 -67.23
CA PHE D 520 -28.80 -23.79 -68.13
C PHE D 520 -27.52 -23.94 -67.31
N ILE D 521 -26.46 -24.37 -67.98
CA ILE D 521 -25.17 -24.52 -67.33
C ILE D 521 -24.63 -23.16 -66.89
N HIS D 522 -24.43 -22.28 -67.87
CA HIS D 522 -23.87 -20.96 -67.61
C HIS D 522 -24.39 -19.98 -68.64
N MET D 523 -24.34 -18.69 -68.30
CA MET D 523 -24.87 -17.65 -69.17
C MET D 523 -24.11 -17.53 -70.48
N THR D 524 -22.85 -17.98 -70.54
CA THR D 524 -22.13 -17.99 -71.80
C THR D 524 -22.81 -18.90 -72.82
N PHE D 525 -23.26 -20.07 -72.38
CA PHE D 525 -23.95 -20.98 -73.30
C PHE D 525 -25.22 -20.35 -73.85
N GLN D 526 -26.00 -19.70 -72.98
CA GLN D 526 -27.22 -19.05 -73.42
C GLN D 526 -26.93 -17.96 -74.44
N GLU D 527 -25.90 -17.14 -74.18
CA GLU D 527 -25.50 -16.13 -75.15
C GLU D 527 -24.82 -16.73 -76.37
N PHE D 528 -24.20 -17.90 -76.23
CA PHE D 528 -23.63 -18.56 -77.39
C PHE D 528 -24.71 -19.05 -78.34
N PHE D 529 -25.70 -19.76 -77.79
CA PHE D 529 -26.81 -20.22 -78.62
C PHE D 529 -27.65 -19.07 -79.14
N ALA D 530 -27.74 -17.98 -78.37
CA ALA D 530 -28.44 -16.79 -78.85
C ALA D 530 -27.80 -16.25 -80.12
N ALA D 531 -26.47 -16.38 -80.23
CA ALA D 531 -25.79 -15.96 -81.46
C ALA D 531 -26.00 -16.96 -82.58
N MET D 532 -26.09 -18.26 -82.24
CA MET D 532 -26.26 -19.28 -83.27
C MET D 532 -27.58 -19.10 -84.02
N TYR D 533 -28.67 -18.86 -83.28
CA TYR D 533 -29.98 -18.78 -83.91
C TYR D 533 -30.04 -17.67 -84.94
N TYR D 534 -29.29 -16.60 -84.72
CA TYR D 534 -29.28 -15.49 -85.68
C TYR D 534 -28.77 -15.95 -87.04
N LEU D 535 -27.73 -16.78 -87.05
CA LEU D 535 -27.20 -17.30 -88.30
C LEU D 535 -28.06 -18.43 -88.88
N LEU D 536 -28.69 -19.23 -88.04
CA LEU D 536 -29.46 -20.38 -88.51
C LEU D 536 -30.79 -19.99 -89.12
N GLU D 537 -31.04 -18.69 -89.32
CA GLU D 537 -32.25 -18.20 -89.97
C GLU D 537 -33.51 -18.71 -89.29
N GLU D 538 -33.33 -18.96 -87.98
CA GLU D 538 -34.43 -19.56 -87.17
C GLU D 538 -34.87 -20.87 -87.85
N GLU D 539 -33.97 -21.87 -87.87
CA GLU D 539 -34.30 -23.18 -88.51
C GLU D 539 -34.61 -22.94 -89.97
N LYS D 540 -33.93 -21.97 -90.58
CA LYS D 540 -34.16 -21.65 -92.01
C LYS D 540 -35.53 -20.98 -92.12
N GLU D 541 -35.99 -20.74 -93.35
CA GLU D 541 -37.37 -20.21 -93.53
C GLU D 541 -38.26 -21.36 -93.99
N GLY D 542 -37.76 -22.61 -93.86
CA GLY D 542 -38.53 -23.76 -94.37
C GLY D 542 -38.78 -24.86 -93.35
N ARG D 543 -38.97 -24.49 -92.08
CA ARG D 543 -39.16 -25.49 -90.99
C ARG D 543 -40.25 -25.03 -90.00
N THR D 544 -39.95 -24.08 -89.10
CA THR D 544 -40.93 -23.65 -88.06
C THR D 544 -41.31 -24.85 -87.18
N ASN D 545 -42.59 -25.26 -87.18
CA ASN D 545 -43.05 -26.41 -86.35
C ASN D 545 -42.84 -26.13 -84.85
N VAL D 546 -43.21 -24.94 -84.40
CA VAL D 546 -43.00 -24.52 -82.97
C VAL D 546 -43.87 -25.32 -81.99
N PRO D 547 -43.39 -25.64 -80.76
CA PRO D 547 -44.22 -26.31 -79.73
C PRO D 547 -45.20 -25.34 -79.08
N GLY D 548 -46.12 -24.76 -79.85
CA GLY D 548 -47.14 -23.84 -79.38
C GLY D 548 -46.73 -22.38 -79.44
N SER D 549 -45.50 -22.09 -79.85
CA SER D 549 -44.97 -20.72 -79.85
C SER D 549 -45.34 -19.95 -81.12
N ARG D 550 -46.62 -19.65 -81.31
CA ARG D 550 -47.02 -18.76 -82.40
C ARG D 550 -46.54 -17.34 -82.17
N LEU D 551 -46.22 -16.99 -80.93
CA LEU D 551 -45.79 -15.65 -80.57
C LEU D 551 -44.50 -15.76 -79.76
N LYS D 552 -44.09 -14.62 -79.19
CA LYS D 552 -42.91 -14.53 -78.34
C LYS D 552 -41.62 -14.86 -79.09
N LEU D 553 -41.63 -14.73 -80.41
CA LEU D 553 -40.40 -14.96 -81.17
C LEU D 553 -39.61 -13.67 -81.22
N PRO D 554 -38.41 -13.62 -80.63
CA PRO D 554 -37.58 -12.42 -80.78
C PRO D 554 -37.21 -12.20 -82.24
N SER D 555 -37.05 -10.93 -82.60
CA SER D 555 -36.83 -10.57 -83.99
C SER D 555 -35.56 -11.22 -84.53
N ARG D 556 -35.67 -11.82 -85.72
CA ARG D 556 -34.51 -12.41 -86.38
C ARG D 556 -33.54 -11.37 -86.88
N ASP D 557 -33.95 -10.09 -86.89
CA ASP D 557 -33.04 -9.02 -87.25
C ASP D 557 -31.96 -8.84 -86.18
N VAL D 558 -30.76 -8.45 -86.62
CA VAL D 558 -29.64 -8.24 -85.72
C VAL D 558 -29.35 -6.77 -85.48
N THR D 559 -29.92 -5.86 -86.27
CA THR D 559 -29.70 -4.43 -86.02
C THR D 559 -30.24 -4.02 -84.66
N VAL D 560 -31.39 -4.57 -84.28
CA VAL D 560 -31.96 -4.29 -82.97
C VAL D 560 -31.01 -4.76 -81.87
N LEU D 561 -30.29 -5.85 -82.12
CA LEU D 561 -29.34 -6.36 -81.14
C LEU D 561 -28.29 -5.31 -80.81
N LEU D 562 -27.73 -4.66 -81.83
CA LEU D 562 -26.79 -3.59 -81.60
C LEU D 562 -27.46 -2.32 -81.08
N GLU D 563 -28.76 -2.16 -81.34
CA GLU D 563 -29.50 -1.03 -80.82
C GLU D 563 -29.82 -1.18 -79.34
N ASN D 564 -30.11 -2.39 -78.87
CA ASN D 564 -30.25 -2.65 -77.45
C ASN D 564 -28.92 -3.00 -76.78
N TYR D 565 -27.82 -2.98 -77.54
CA TYR D 565 -26.52 -3.33 -77.00
C TYR D 565 -26.12 -2.35 -75.90
N GLY D 566 -25.59 -2.91 -74.80
CA GLY D 566 -25.18 -2.11 -73.67
C GLY D 566 -26.25 -1.83 -72.65
N LYS D 567 -27.48 -2.26 -72.89
CA LYS D 567 -28.55 -2.03 -71.92
C LYS D 567 -28.53 -3.13 -70.86
N PHE D 568 -28.64 -2.74 -69.59
CA PHE D 568 -28.76 -3.72 -68.53
C PHE D 568 -30.04 -4.54 -68.68
N GLU D 569 -31.04 -4.01 -69.37
CA GLU D 569 -32.24 -4.77 -69.68
C GLU D 569 -31.92 -6.02 -70.47
N LYS D 570 -30.84 -6.00 -71.26
CA LYS D 570 -30.48 -7.13 -72.11
C LYS D 570 -29.11 -7.68 -71.74
N GLY D 571 -28.59 -7.33 -70.56
CA GLY D 571 -27.33 -7.89 -70.10
C GLY D 571 -26.12 -7.43 -70.86
N TYR D 572 -26.16 -6.23 -71.44
CA TYR D 572 -25.03 -5.61 -72.12
C TYR D 572 -24.65 -6.33 -73.42
N LEU D 573 -25.26 -7.48 -73.68
CA LEU D 573 -25.17 -8.20 -74.95
C LEU D 573 -23.73 -8.35 -75.44
N ILE D 574 -22.79 -8.65 -74.56
CA ILE D 574 -21.39 -8.78 -74.97
C ILE D 574 -21.22 -10.00 -75.87
N PHE D 575 -21.43 -11.18 -75.29
CA PHE D 575 -21.10 -12.42 -76.00
C PHE D 575 -21.96 -12.62 -77.23
N VAL D 576 -23.23 -12.22 -77.17
CA VAL D 576 -24.09 -12.34 -78.34
C VAL D 576 -23.44 -11.68 -79.54
N VAL D 577 -23.09 -10.41 -79.40
CA VAL D 577 -22.37 -9.72 -80.46
C VAL D 577 -21.00 -10.36 -80.68
N ARG D 578 -20.29 -10.65 -79.59
CA ARG D 578 -18.93 -11.14 -79.71
C ARG D 578 -18.88 -12.48 -80.43
N PHE D 579 -19.84 -13.37 -80.13
CA PHE D 579 -19.82 -14.70 -80.77
C PHE D 579 -20.23 -14.62 -82.24
N LEU D 580 -20.93 -13.57 -82.65
CA LEU D 580 -21.34 -13.46 -84.04
C LEU D 580 -20.15 -13.43 -84.98
N PHE D 581 -19.09 -12.71 -84.60
CA PHE D 581 -17.89 -12.60 -85.42
C PHE D 581 -17.26 -13.96 -85.64
N GLY D 582 -17.08 -14.73 -84.56
CA GLY D 582 -16.46 -16.03 -84.69
C GLY D 582 -17.29 -17.00 -85.51
N LEU D 583 -18.61 -16.92 -85.39
CA LEU D 583 -19.48 -17.87 -86.07
C LEU D 583 -19.46 -17.71 -87.59
N VAL D 584 -19.33 -16.48 -88.09
CA VAL D 584 -19.53 -16.24 -89.52
C VAL D 584 -18.31 -16.61 -90.34
N ASN D 585 -17.30 -17.21 -89.73
CA ASN D 585 -16.16 -17.71 -90.50
C ASN D 585 -16.64 -18.68 -91.56
N GLN D 586 -16.53 -18.27 -92.83
CA GLN D 586 -17.11 -19.00 -93.94
C GLN D 586 -16.46 -20.35 -94.10
N GLU D 587 -15.14 -20.35 -94.26
CA GLU D 587 -14.39 -21.59 -94.49
C GLU D 587 -14.51 -22.55 -93.31
N ARG D 588 -14.51 -22.01 -92.09
CA ARG D 588 -14.50 -22.86 -90.90
C ARG D 588 -15.82 -23.62 -90.76
N THR D 589 -16.95 -22.92 -90.89
CA THR D 589 -18.23 -23.56 -90.67
C THR D 589 -18.75 -24.23 -91.92
N SER D 590 -18.08 -24.05 -93.06
CA SER D 590 -18.56 -24.62 -94.32
C SER D 590 -18.58 -26.14 -94.25
N TYR D 591 -17.46 -26.76 -93.87
CA TYR D 591 -17.41 -28.20 -93.69
C TYR D 591 -17.56 -28.62 -92.23
N LEU D 592 -17.90 -27.69 -91.36
CA LEU D 592 -18.17 -28.03 -89.96
C LEU D 592 -19.65 -28.30 -89.75
N GLU D 593 -20.51 -27.43 -90.29
CA GLU D 593 -21.95 -27.53 -90.09
C GLU D 593 -22.69 -27.98 -91.33
N LYS D 594 -22.54 -27.25 -92.44
CA LYS D 594 -23.35 -27.43 -93.65
C LYS D 594 -24.83 -27.25 -93.33
N LYS D 595 -25.12 -26.81 -92.11
CA LYS D 595 -26.44 -26.35 -91.71
C LYS D 595 -26.40 -24.86 -91.41
N LEU D 596 -25.67 -24.10 -92.22
CA LEU D 596 -25.19 -22.78 -91.89
C LEU D 596 -26.12 -21.70 -92.43
N SER D 597 -25.66 -20.45 -92.38
CA SER D 597 -26.41 -19.30 -92.87
C SER D 597 -26.32 -19.18 -94.38
N CYS D 598 -26.73 -18.02 -94.89
CA CYS D 598 -26.75 -17.75 -96.33
C CYS D 598 -26.29 -16.30 -96.52
N LYS D 599 -26.61 -15.74 -97.68
CA LYS D 599 -26.33 -14.33 -97.95
C LYS D 599 -26.80 -13.42 -96.81
N ILE D 600 -27.72 -13.91 -95.98
CA ILE D 600 -28.16 -13.21 -94.78
C ILE D 600 -26.95 -12.90 -93.91
N SER D 601 -26.08 -13.88 -93.72
CA SER D 601 -24.84 -13.63 -92.98
C SER D 601 -23.98 -12.61 -93.70
N GLN D 602 -23.91 -12.70 -95.03
CA GLN D 602 -23.12 -11.75 -95.80
C GLN D 602 -23.65 -10.33 -95.64
N GLN D 603 -24.98 -10.16 -95.71
CA GLN D 603 -25.56 -8.84 -95.44
C GLN D 603 -25.50 -8.49 -93.97
N ILE D 604 -25.43 -9.49 -93.08
CA ILE D 604 -25.19 -9.23 -91.67
C ILE D 604 -23.81 -8.61 -91.48
N ARG D 605 -22.81 -9.13 -92.19
CA ARG D 605 -21.47 -8.59 -92.09
C ARG D 605 -21.45 -7.11 -92.44
N LEU D 606 -22.12 -6.72 -93.52
CA LEU D 606 -22.22 -5.30 -93.87
C LEU D 606 -22.96 -4.55 -92.78
N GLU D 607 -24.05 -5.12 -92.24
CA GLU D 607 -24.72 -4.51 -91.11
C GLU D 607 -23.79 -4.43 -89.91
N LEU D 608 -23.06 -5.50 -89.62
CA LEU D 608 -22.12 -5.48 -88.52
C LEU D 608 -20.94 -4.57 -88.81
N LEU D 609 -20.54 -4.49 -90.08
CA LEU D 609 -19.50 -3.53 -90.46
C LEU D 609 -19.95 -2.11 -90.16
N LYS D 610 -21.22 -1.80 -90.45
CA LYS D 610 -21.72 -0.46 -90.17
C LYS D 610 -21.75 -0.18 -88.67
N TRP D 611 -22.03 -1.20 -87.85
CA TRP D 611 -22.03 -1.01 -86.41
C TRP D 611 -20.65 -0.58 -85.92
N ILE D 612 -19.61 -1.28 -86.37
CA ILE D 612 -18.25 -0.90 -85.98
C ILE D 612 -17.90 0.47 -86.54
N GLU D 613 -18.34 0.74 -87.76
CA GLU D 613 -18.01 2.00 -88.42
C GLU D 613 -18.54 3.19 -87.65
N VAL D 614 -19.81 3.13 -87.24
CA VAL D 614 -20.43 4.29 -86.61
C VAL D 614 -19.84 4.56 -85.23
N LYS D 615 -19.46 3.51 -84.51
CA LYS D 615 -19.02 3.69 -83.12
C LYS D 615 -17.78 4.57 -83.04
N ALA D 616 -16.76 4.27 -83.83
CA ALA D 616 -15.53 5.06 -83.78
C ALA D 616 -15.78 6.49 -84.25
N LYS D 617 -16.57 6.66 -85.32
CA LYS D 617 -16.73 7.97 -85.94
C LYS D 617 -17.62 8.89 -85.10
N ALA D 618 -18.71 8.36 -84.55
CA ALA D 618 -19.75 9.19 -83.98
C ALA D 618 -19.51 9.58 -82.54
N LYS D 619 -19.46 8.63 -81.62
CA LYS D 619 -19.42 8.93 -80.19
C LYS D 619 -18.38 8.04 -79.52
N LYS D 620 -17.37 8.65 -78.91
CA LYS D 620 -16.42 7.90 -78.10
C LYS D 620 -16.87 7.76 -76.66
N LEU D 621 -17.70 8.68 -76.18
CA LEU D 621 -18.20 8.65 -74.81
C LEU D 621 -19.46 7.80 -74.75
N GLN D 622 -19.28 6.52 -74.44
CA GLN D 622 -20.39 5.62 -74.18
C GLN D 622 -20.03 4.75 -72.98
N ILE D 623 -20.97 3.88 -72.58
CA ILE D 623 -20.84 3.13 -71.34
C ILE D 623 -19.54 2.33 -71.33
N GLN D 624 -19.42 1.35 -72.24
CA GLN D 624 -18.15 0.68 -72.47
C GLN D 624 -18.14 -0.14 -73.76
N PRO D 625 -18.29 0.47 -74.93
CA PRO D 625 -17.95 -0.25 -76.17
C PRO D 625 -16.46 -0.09 -76.46
N SER D 626 -15.62 -0.74 -75.66
CA SER D 626 -14.20 -0.43 -75.64
C SER D 626 -13.54 -0.72 -76.98
N GLN D 627 -12.47 0.04 -77.26
CA GLN D 627 -11.72 -0.18 -78.49
C GLN D 627 -11.11 -1.57 -78.54
N LEU D 628 -10.59 -2.04 -77.40
CA LEU D 628 -10.11 -3.41 -77.32
C LEU D 628 -11.27 -4.40 -77.42
N GLU D 629 -12.44 -4.02 -76.90
CA GLU D 629 -13.60 -4.89 -76.99
C GLU D 629 -13.97 -5.13 -78.45
N LEU D 630 -13.94 -4.09 -79.27
CA LEU D 630 -14.08 -4.28 -80.70
C LEU D 630 -12.93 -5.12 -81.24
N PHE D 631 -11.72 -4.87 -80.77
CA PHE D 631 -10.57 -5.65 -81.21
C PHE D 631 -10.75 -7.14 -80.89
N TYR D 632 -11.45 -7.44 -79.80
CA TYR D 632 -11.85 -8.83 -79.56
C TYR D 632 -12.74 -9.33 -80.68
N CYS D 633 -13.68 -8.51 -81.12
CA CYS D 633 -14.61 -8.92 -82.17
C CYS D 633 -13.88 -9.20 -83.48
N LEU D 634 -13.06 -8.24 -83.92
CA LEU D 634 -12.31 -8.45 -85.16
C LEU D 634 -11.35 -9.62 -85.04
N TYR D 635 -10.85 -9.88 -83.84
CA TYR D 635 -9.99 -11.04 -83.63
C TYR D 635 -10.72 -12.34 -83.92
N GLU D 636 -11.97 -12.44 -83.49
CA GLU D 636 -12.76 -13.63 -83.78
C GLU D 636 -12.95 -13.80 -85.28
N MET D 637 -13.31 -12.71 -85.97
CA MET D 637 -13.50 -12.74 -87.42
C MET D 637 -12.12 -12.70 -88.11
N GLN D 638 -11.65 -13.89 -88.45
CA GLN D 638 -10.36 -14.02 -89.12
C GLN D 638 -10.44 -13.52 -90.55
N GLU D 639 -9.32 -13.64 -91.28
CA GLU D 639 -9.18 -13.21 -92.66
C GLU D 639 -9.13 -11.69 -92.73
N GLU D 640 -8.25 -11.15 -93.58
CA GLU D 640 -7.96 -9.68 -93.58
C GLU D 640 -9.05 -8.65 -93.89
N ASP D 641 -9.70 -8.64 -95.06
CA ASP D 641 -10.49 -7.46 -95.54
C ASP D 641 -11.60 -6.87 -94.66
N PHE D 642 -12.51 -7.67 -94.10
CA PHE D 642 -13.60 -7.03 -93.33
C PHE D 642 -12.98 -6.35 -92.10
N VAL D 643 -12.09 -7.11 -91.48
CA VAL D 643 -11.45 -6.60 -90.24
C VAL D 643 -10.66 -5.36 -90.64
N GLN D 644 -10.04 -5.36 -91.81
CA GLN D 644 -9.20 -4.22 -92.27
C GLN D 644 -10.07 -2.97 -92.42
N ARG D 645 -11.18 -3.08 -93.14
CA ARG D 645 -12.12 -1.94 -93.29
C ARG D 645 -12.51 -1.41 -91.90
N ALA D 646 -12.78 -2.32 -90.95
CA ALA D 646 -13.26 -1.88 -89.62
C ALA D 646 -12.12 -1.20 -88.86
N MET D 647 -10.90 -1.74 -88.89
CA MET D 647 -9.75 -1.20 -88.14
C MET D 647 -9.35 0.17 -88.70
N ASP D 648 -9.60 0.37 -90.00
CA ASP D 648 -9.27 1.67 -90.64
C ASP D 648 -10.41 2.67 -90.40
N TYR D 649 -11.20 2.44 -89.37
CA TYR D 649 -12.24 3.44 -89.03
C TYR D 649 -11.80 4.28 -87.82
N PHE D 650 -10.54 4.13 -87.36
CA PHE D 650 -10.12 4.85 -86.14
C PHE D 650 -8.60 5.07 -86.06
N PRO D 651 -8.02 6.29 -86.14
CA PRO D 651 -6.60 6.46 -85.82
C PRO D 651 -6.38 6.65 -84.33
N LYS D 652 -7.49 6.89 -83.61
CA LYS D 652 -7.45 7.13 -82.17
C LYS D 652 -7.57 5.77 -81.46
N ILE D 653 -6.42 5.16 -81.19
CA ILE D 653 -6.37 3.89 -80.49
C ILE D 653 -5.89 4.18 -79.06
N GLU D 654 -6.80 4.09 -78.10
CA GLU D 654 -6.50 4.24 -76.69
C GLU D 654 -7.08 3.05 -75.95
N ILE D 655 -6.22 2.12 -75.55
CA ILE D 655 -6.64 0.85 -74.98
C ILE D 655 -5.83 0.58 -73.71
N ASN D 656 -6.35 -0.33 -72.89
CA ASN D 656 -5.69 -0.79 -71.69
C ASN D 656 -5.57 -2.31 -71.73
N LEU D 657 -4.50 -2.83 -71.14
CA LEU D 657 -4.19 -4.25 -71.20
C LEU D 657 -4.04 -4.80 -69.79
N SER D 658 -4.50 -6.03 -69.60
CA SER D 658 -4.45 -6.69 -68.30
C SER D 658 -3.79 -8.06 -68.31
N THR D 659 -3.95 -8.82 -69.39
CA THR D 659 -3.41 -10.17 -69.44
C THR D 659 -2.93 -10.47 -70.86
N ARG D 660 -2.09 -11.49 -70.99
CA ARG D 660 -1.53 -11.92 -72.27
C ARG D 660 -2.58 -11.96 -73.36
N MET D 661 -3.77 -12.49 -73.03
CA MET D 661 -4.85 -12.54 -74.00
C MET D 661 -5.19 -11.14 -74.50
N ASP D 662 -5.30 -10.17 -73.58
CA ASP D 662 -5.54 -8.79 -73.98
C ASP D 662 -4.38 -8.27 -74.82
N HIS D 663 -3.15 -8.59 -74.43
CA HIS D 663 -1.99 -8.20 -75.23
C HIS D 663 -2.00 -8.91 -76.58
N MET D 664 -2.42 -10.18 -76.60
CA MET D 664 -2.42 -10.94 -77.85
C MET D 664 -3.44 -10.39 -78.83
N VAL D 665 -4.68 -10.17 -78.37
CA VAL D 665 -5.71 -9.69 -79.27
C VAL D 665 -5.36 -8.29 -79.79
N SER D 666 -4.83 -7.43 -78.91
CA SER D 666 -4.37 -6.13 -79.35
C SER D 666 -3.24 -6.26 -80.35
N SER D 667 -2.30 -7.17 -80.09
CA SER D 667 -1.21 -7.39 -81.04
C SER D 667 -1.73 -7.91 -82.36
N PHE D 668 -2.65 -8.88 -82.32
CA PHE D 668 -3.14 -9.47 -83.56
C PHE D 668 -3.96 -8.49 -84.37
N CYS D 669 -4.85 -7.75 -83.71
CA CYS D 669 -5.75 -6.86 -84.45
C CYS D 669 -4.97 -5.77 -85.19
N ILE D 670 -3.94 -5.21 -84.55
CA ILE D 670 -3.14 -4.17 -85.21
C ILE D 670 -2.28 -4.71 -86.32
N GLU D 671 -2.08 -6.03 -86.40
CA GLU D 671 -1.35 -6.62 -87.51
C GLU D 671 -2.03 -6.24 -88.81
N ASN D 672 -3.35 -6.09 -88.76
CA ASN D 672 -4.11 -5.65 -89.92
C ASN D 672 -4.00 -4.15 -90.09
N CYS D 673 -4.35 -3.68 -91.28
CA CYS D 673 -4.31 -2.26 -91.63
C CYS D 673 -2.89 -1.70 -91.50
N HIS D 674 -2.78 -0.39 -91.64
CA HIS D 674 -1.50 0.31 -91.61
C HIS D 674 -1.75 1.80 -91.45
N ARG D 675 -0.70 2.61 -91.54
CA ARG D 675 -0.81 4.08 -91.59
C ARG D 675 -1.42 4.66 -90.32
N VAL D 676 -1.73 3.80 -89.35
CA VAL D 676 -2.40 4.20 -88.11
C VAL D 676 -1.61 5.30 -87.43
N GLU D 677 -2.30 6.36 -87.00
CA GLU D 677 -1.61 7.54 -86.51
C GLU D 677 -1.14 7.35 -85.08
N SER D 678 -2.07 7.16 -84.14
CA SER D 678 -1.75 7.30 -82.71
C SER D 678 -2.10 6.02 -81.98
N LEU D 679 -1.17 5.52 -81.18
CA LEU D 679 -1.41 4.41 -80.26
C LEU D 679 -1.29 4.91 -78.83
N SER D 680 -2.22 4.46 -77.97
CA SER D 680 -2.21 4.87 -76.57
C SER D 680 -2.33 3.64 -75.70
N LEU D 681 -1.61 3.66 -74.57
CA LEU D 681 -1.56 2.54 -73.64
C LEU D 681 -1.38 3.10 -72.24
N GLY D 682 -1.28 2.19 -71.27
CA GLY D 682 -0.93 2.57 -69.92
C GLY D 682 -2.11 2.87 -69.02
N PHE D 683 -1.79 3.49 -67.88
CA PHE D 683 -2.81 3.82 -66.88
C PHE D 683 -3.84 4.80 -67.44
N LEU D 684 -3.38 5.99 -67.85
CA LEU D 684 -4.23 7.01 -68.46
C LEU D 684 -5.46 7.34 -67.62
N HIS D 685 -6.63 7.37 -68.28
CA HIS D 685 -7.91 7.78 -67.71
C HIS D 685 -7.89 9.28 -67.41
N ASN D 686 -6.72 9.90 -67.54
CA ASN D 686 -6.50 11.33 -67.37
C ASN D 686 -5.14 11.61 -67.99
N MET D 687 -5.09 12.53 -68.96
CA MET D 687 -3.84 12.76 -69.66
C MET D 687 -3.47 14.25 -69.66
N PRO D 688 -3.21 14.85 -68.49
CA PRO D 688 -2.86 16.27 -68.46
C PRO D 688 -1.36 16.49 -68.53
N LYS D 689 -0.94 17.76 -68.41
CA LYS D 689 0.46 18.12 -68.28
C LYS D 689 1.26 17.75 -69.52
N GLU D 690 0.59 17.60 -70.66
CA GLU D 690 1.33 17.29 -71.89
C GLU D 690 0.82 18.04 -73.11
N GLU D 691 0.34 19.27 -72.97
CA GLU D 691 -0.26 19.99 -74.09
C GLU D 691 0.81 20.54 -75.01
N GLU D 692 0.74 20.14 -76.29
CA GLU D 692 1.62 20.66 -77.32
C GLU D 692 1.32 22.13 -77.57
N GLU D 693 2.37 22.88 -77.94
CA GLU D 693 2.18 24.29 -78.28
C GLU D 693 2.44 24.63 -79.74
N GLU D 694 3.30 23.90 -80.44
CA GLU D 694 3.66 24.19 -81.85
C GLU D 694 4.05 25.65 -81.94
N GLU D 695 3.47 26.44 -82.84
CA GLU D 695 3.82 27.85 -83.00
C GLU D 695 2.55 28.66 -83.18
N LYS D 696 2.60 29.92 -82.73
CA LYS D 696 1.48 30.87 -82.85
C LYS D 696 0.25 30.37 -82.12
N GLU D 697 0.47 29.62 -81.04
CA GLU D 697 -0.64 29.08 -80.27
C GLU D 697 -1.15 30.09 -79.25
N GLY D 698 -2.42 29.95 -78.88
CA GLY D 698 -2.99 30.73 -77.80
C GLY D 698 -3.02 29.93 -76.51
N ARG D 699 -2.58 28.67 -76.60
CA ARG D 699 -2.51 27.77 -75.46
C ARG D 699 -1.12 27.17 -75.38
N HIS D 700 -0.60 27.06 -74.17
CA HIS D 700 0.75 26.58 -73.92
C HIS D 700 0.70 25.40 -72.95
N LEU D 701 1.85 24.75 -72.77
CA LEU D 701 1.97 23.73 -71.76
C LEU D 701 1.99 24.36 -70.37
N ASP D 702 1.19 23.81 -69.46
CA ASP D 702 1.09 24.31 -68.10
C ASP D 702 1.22 23.14 -67.13
N MET D 703 1.61 23.45 -65.90
CA MET D 703 1.80 22.41 -64.90
C MET D 703 0.46 21.82 -64.48
N VAL D 704 0.46 20.52 -64.20
CA VAL D 704 -0.69 19.86 -63.60
C VAL D 704 -0.25 19.11 -62.35
N GLN D 705 0.70 18.17 -62.52
CA GLN D 705 1.29 17.40 -61.44
C GLN D 705 0.28 16.50 -60.73
N CYS D 706 -0.98 16.55 -61.18
CA CYS D 706 -2.12 15.92 -60.50
C CYS D 706 -2.12 16.38 -59.04
N VAL D 707 -2.62 15.59 -58.10
CA VAL D 707 -2.46 15.89 -56.68
C VAL D 707 -1.92 14.67 -55.93
N LEU D 708 -2.61 13.55 -56.09
CA LEU D 708 -2.40 12.32 -55.33
C LEU D 708 -1.10 11.55 -55.60
N PRO D 709 -0.48 11.63 -56.79
CA PRO D 709 0.76 10.87 -56.99
C PRO D 709 1.83 11.16 -55.94
N SER D 710 2.00 12.42 -55.55
CA SER D 710 2.89 12.84 -54.46
C SER D 710 4.19 12.04 -54.42
N SER D 711 4.55 11.54 -53.25
CA SER D 711 5.71 10.68 -53.08
C SER D 711 5.39 9.20 -53.31
N SER D 712 4.10 8.87 -53.49
CA SER D 712 3.74 7.48 -53.76
C SER D 712 4.23 7.04 -55.13
N HIS D 713 4.24 7.95 -56.11
CA HIS D 713 4.72 7.61 -57.44
C HIS D 713 6.19 7.21 -57.41
N ALA D 714 7.02 7.95 -56.66
CA ALA D 714 8.42 7.59 -56.54
C ALA D 714 8.60 6.28 -55.79
N ALA D 715 7.77 6.03 -54.78
CA ALA D 715 7.88 4.80 -54.01
C ALA D 715 7.56 3.58 -54.86
N CYS D 716 6.56 3.69 -55.74
CA CYS D 716 6.20 2.56 -56.59
C CYS D 716 7.28 2.26 -57.62
N SER D 717 8.03 3.29 -58.05
CA SER D 717 9.01 3.11 -59.10
C SER D 717 10.20 2.26 -58.68
N HIS D 718 10.44 2.11 -57.37
CA HIS D 718 11.60 1.38 -56.87
C HIS D 718 11.26 -0.05 -56.49
N GLY D 719 10.14 -0.27 -55.80
CA GLY D 719 9.77 -1.61 -55.36
C GLY D 719 8.55 -2.17 -56.09
N LEU D 720 8.46 -1.93 -57.39
CA LEU D 720 7.32 -2.36 -58.19
C LEU D 720 7.21 -3.88 -58.24
N VAL D 721 8.34 -4.56 -58.39
CA VAL D 721 8.42 -6.02 -58.47
C VAL D 721 7.66 -6.48 -59.72
N ASN D 722 6.43 -6.96 -59.53
CA ASN D 722 5.57 -7.42 -60.62
C ASN D 722 6.26 -8.50 -61.46
N SER D 723 6.49 -9.65 -60.83
CA SER D 723 7.07 -10.78 -61.53
C SER D 723 6.16 -11.32 -62.63
N HIS D 724 4.85 -11.03 -62.58
CA HIS D 724 3.94 -11.44 -63.63
C HIS D 724 4.11 -10.63 -64.91
N LEU D 725 4.89 -9.54 -64.86
CA LEU D 725 5.23 -8.76 -66.04
C LEU D 725 6.71 -8.96 -66.34
N THR D 726 7.01 -9.41 -67.56
CA THR D 726 8.35 -9.85 -67.92
C THR D 726 8.70 -9.26 -69.29
N SER D 727 9.76 -9.80 -69.89
CA SER D 727 10.08 -9.46 -71.27
C SER D 727 8.92 -9.80 -72.19
N SER D 728 8.19 -10.87 -71.88
CA SER D 728 6.95 -11.17 -72.57
C SER D 728 5.91 -10.11 -72.24
N PHE D 729 4.73 -10.26 -72.87
CA PHE D 729 3.63 -9.29 -72.81
C PHE D 729 4.00 -8.04 -73.60
N CYS D 730 5.27 -7.92 -73.98
CA CYS D 730 5.73 -6.71 -74.66
C CYS D 730 6.41 -7.04 -75.98
N ARG D 731 7.21 -8.11 -76.00
CA ARG D 731 7.96 -8.47 -77.20
C ARG D 731 7.04 -8.66 -78.40
N GLY D 732 5.95 -9.40 -78.23
CA GLY D 732 5.00 -9.57 -79.30
C GLY D 732 4.28 -8.29 -79.68
N LEU D 733 3.82 -7.54 -78.68
CA LEU D 733 3.06 -6.33 -78.95
C LEU D 733 3.90 -5.30 -79.69
N PHE D 734 5.16 -5.14 -79.28
CA PHE D 734 6.01 -4.17 -79.95
C PHE D 734 6.54 -4.72 -81.26
N SER D 735 6.50 -6.05 -81.45
CA SER D 735 6.85 -6.60 -82.75
C SER D 735 5.90 -6.11 -83.83
N VAL D 736 4.65 -5.83 -83.45
CA VAL D 736 3.75 -5.13 -84.36
C VAL D 736 4.26 -3.72 -84.63
N LEU D 737 4.72 -3.04 -83.58
CA LEU D 737 5.23 -1.67 -83.74
C LEU D 737 6.48 -1.64 -84.60
N SER D 738 7.35 -2.66 -84.46
CA SER D 738 8.49 -2.76 -85.38
C SER D 738 8.04 -2.87 -86.82
N THR D 739 6.87 -3.47 -87.03
CA THR D 739 6.24 -3.55 -88.34
C THR D 739 5.18 -2.47 -88.52
N SER D 740 5.47 -1.26 -88.04
CA SER D 740 4.47 -0.20 -87.97
C SER D 740 3.88 0.11 -89.34
N GLN D 741 4.73 0.14 -90.38
CA GLN D 741 4.28 0.41 -91.73
C GLN D 741 3.58 1.77 -91.81
N SER D 742 4.35 2.84 -91.60
CA SER D 742 3.91 4.23 -91.73
C SER D 742 3.07 4.71 -90.56
N LEU D 743 3.27 4.13 -89.38
CA LEU D 743 2.74 4.72 -88.16
C LEU D 743 3.54 5.98 -87.82
N THR D 744 2.88 6.95 -87.19
CA THR D 744 3.50 8.23 -86.92
C THR D 744 3.68 8.55 -85.44
N GLU D 745 2.65 8.37 -84.63
CA GLU D 745 2.66 8.85 -83.25
C GLU D 745 2.42 7.70 -82.29
N LEU D 746 3.20 7.67 -81.22
CA LEU D 746 3.03 6.67 -80.17
C LEU D 746 3.10 7.34 -78.81
N ASP D 747 2.11 7.05 -77.98
CA ASP D 747 2.04 7.58 -76.62
C ASP D 747 2.18 6.44 -75.62
N LEU D 748 3.01 6.67 -74.61
CA LEU D 748 3.20 5.72 -73.53
C LEU D 748 3.08 6.34 -72.15
N SER D 749 2.27 7.39 -72.00
CA SER D 749 2.24 8.17 -70.78
C SER D 749 1.72 7.33 -69.61
N ASP D 750 2.22 7.66 -68.41
CA ASP D 750 1.75 7.09 -67.15
C ASP D 750 2.01 5.59 -67.08
N ASN D 751 2.67 5.03 -68.08
CA ASN D 751 2.87 3.60 -68.12
C ASN D 751 3.88 3.16 -67.06
N SER D 752 3.68 1.95 -66.54
CA SER D 752 4.57 1.39 -65.54
C SER D 752 5.71 0.63 -66.20
N LEU D 753 5.99 0.96 -67.46
CA LEU D 753 7.01 0.27 -68.24
C LEU D 753 8.38 0.64 -67.71
N GLY D 754 9.13 -0.37 -67.23
CA GLY D 754 10.48 -0.13 -66.68
C GLY D 754 11.58 -0.17 -67.72
N ASP D 755 12.85 -0.18 -67.28
CA ASP D 755 14.02 -0.14 -68.22
C ASP D 755 14.14 -1.37 -69.13
N PRO D 756 13.97 -2.65 -68.70
CA PRO D 756 14.07 -3.79 -69.63
C PRO D 756 13.11 -3.62 -70.82
N GLY D 757 11.83 -3.38 -70.53
CA GLY D 757 10.81 -3.13 -71.57
C GLY D 757 11.26 -1.98 -72.43
N MET D 758 11.90 -0.97 -71.82
CA MET D 758 12.42 0.19 -72.58
C MET D 758 13.51 -0.27 -73.57
N ARG D 759 14.38 -1.21 -73.17
CA ARG D 759 15.41 -1.76 -74.09
C ARG D 759 14.70 -2.45 -75.25
N VAL D 760 13.65 -3.22 -74.93
CA VAL D 760 12.93 -3.93 -76.03
C VAL D 760 12.36 -2.88 -76.98
N LEU D 761 11.78 -1.81 -76.43
CA LEU D 761 11.15 -0.75 -77.25
C LEU D 761 12.22 -0.09 -78.12
N CYS D 762 13.41 0.14 -77.57
CA CYS D 762 14.53 0.77 -78.32
C CYS D 762 14.98 -0.13 -79.47
N GLU D 763 15.10 -1.44 -79.26
CA GLU D 763 15.47 -2.31 -80.43
C GLU D 763 14.34 -2.22 -81.47
N THR D 764 13.10 -2.17 -80.96
CA THR D 764 11.94 -2.12 -81.87
C THR D 764 12.09 -0.86 -82.71
N LEU D 765 12.43 0.29 -82.10
CA LEU D 765 12.57 1.61 -82.79
C LEU D 765 13.75 1.58 -83.76
N GLN D 766 14.76 0.81 -83.40
CA GLN D 766 15.99 0.79 -84.21
C GLN D 766 15.61 0.31 -85.60
N HIS D 767 14.54 -0.49 -85.71
CA HIS D 767 14.24 -1.12 -87.02
C HIS D 767 14.02 -0.05 -88.08
N PRO D 768 14.61 -0.21 -89.29
CA PRO D 768 14.42 0.75 -90.35
C PRO D 768 12.92 0.94 -90.61
N GLY D 769 12.12 -0.12 -90.43
CA GLY D 769 10.73 0.08 -90.80
C GLY D 769 9.83 0.65 -89.73
N CYS D 770 10.38 1.27 -88.69
CA CYS D 770 9.54 1.80 -87.62
C CYS D 770 8.74 3.02 -88.05
N ASN D 771 9.38 3.96 -88.75
CA ASN D 771 8.70 5.09 -89.38
C ASN D 771 8.01 6.01 -88.39
N ILE D 772 8.21 5.79 -87.09
CA ILE D 772 7.53 6.60 -86.09
C ILE D 772 8.06 8.02 -86.12
N ARG D 773 7.14 8.99 -86.02
CA ARG D 773 7.51 10.40 -86.08
C ARG D 773 7.64 11.02 -84.69
N ARG D 774 6.68 10.77 -83.80
CA ARG D 774 6.69 11.32 -82.46
C ARG D 774 6.47 10.21 -81.45
N LEU D 775 7.10 10.34 -80.28
CA LEU D 775 7.06 9.31 -79.24
C LEU D 775 7.00 9.99 -77.89
N TRP D 776 5.97 9.67 -77.11
CA TRP D 776 5.76 10.27 -75.79
C TRP D 776 5.93 9.19 -74.73
N LEU D 777 6.80 9.43 -73.75
CA LEU D 777 6.99 8.52 -72.63
C LEU D 777 6.96 9.25 -71.31
N GLY D 778 6.25 10.38 -71.23
CA GLY D 778 6.24 11.17 -70.03
C GLY D 778 5.62 10.48 -68.84
N ARG D 779 5.92 10.98 -67.64
CA ARG D 779 5.35 10.57 -66.36
C ARG D 779 5.60 9.10 -66.02
N CYS D 780 6.45 8.41 -66.77
CA CYS D 780 6.77 7.02 -66.47
C CYS D 780 7.87 6.95 -65.43
N GLY D 781 8.33 5.75 -65.12
CA GLY D 781 9.34 5.53 -64.11
C GLY D 781 10.74 5.26 -64.62
N LEU D 782 11.05 5.67 -65.84
CA LEU D 782 12.34 5.36 -66.44
C LEU D 782 13.47 6.02 -65.65
N SER D 783 14.69 5.48 -65.94
CA SER D 783 15.96 5.97 -65.32
C SER D 783 17.14 5.92 -66.33
N HIS D 784 18.39 6.04 -65.87
CA HIS D 784 19.59 6.18 -66.76
C HIS D 784 19.94 5.03 -67.73
N GLU D 785 19.68 3.80 -67.28
CA GLU D 785 19.98 2.63 -68.12
C GLU D 785 19.16 2.82 -69.39
N CYS D 786 17.93 3.26 -69.21
CA CYS D 786 17.07 3.50 -70.38
C CYS D 786 17.66 4.62 -71.19
N CYS D 787 18.21 5.63 -70.51
CA CYS D 787 18.70 6.81 -71.25
C CYS D 787 19.83 6.36 -72.15
N PHE D 788 20.51 5.28 -71.77
CA PHE D 788 21.53 4.73 -72.68
C PHE D 788 20.75 4.17 -73.85
N ASP D 789 19.66 3.46 -73.54
CA ASP D 789 18.95 2.79 -74.66
C ASP D 789 18.23 3.86 -75.52
N ILE D 790 17.63 4.87 -74.89
CA ILE D 790 16.90 5.99 -75.59
C ILE D 790 17.89 6.78 -76.44
N SER D 791 19.12 6.98 -75.96
CA SER D 791 20.16 7.67 -76.77
C SER D 791 20.45 6.84 -78.02
N LEU D 792 20.57 5.51 -77.85
CA LEU D 792 20.77 4.66 -79.06
C LEU D 792 19.56 4.81 -79.99
N VAL D 793 18.35 4.88 -79.43
CA VAL D 793 17.11 5.02 -80.24
C VAL D 793 17.14 6.33 -81.02
N LEU D 794 17.57 7.41 -80.38
CA LEU D 794 17.62 8.75 -81.03
C LEU D 794 18.62 8.66 -82.16
N SER D 795 19.75 7.99 -81.92
CA SER D 795 20.77 7.82 -82.99
C SER D 795 20.21 7.04 -84.17
N SER D 796 19.38 6.01 -83.93
CA SER D 796 18.91 5.13 -85.04
C SER D 796 17.62 5.61 -85.75
N ASN D 797 16.74 6.36 -85.09
CA ASN D 797 15.41 6.72 -85.68
C ASN D 797 15.53 7.95 -86.57
N GLN D 798 16.22 9.02 -86.12
CA GLN D 798 16.39 10.18 -87.06
C GLN D 798 15.03 10.78 -87.44
N LYS D 799 14.12 10.08 -88.16
CA LYS D 799 12.73 10.45 -88.40
C LYS D 799 11.95 10.80 -87.15
N LEU D 800 12.48 10.54 -85.96
CA LEU D 800 11.82 11.00 -84.74
C LEU D 800 11.98 12.51 -84.63
N VAL D 801 10.87 13.22 -84.45
CA VAL D 801 10.91 14.67 -84.46
C VAL D 801 10.61 15.29 -83.11
N GLU D 802 10.08 14.51 -82.16
CA GLU D 802 9.65 15.07 -80.88
C GLU D 802 9.68 13.99 -79.83
N LEU D 803 10.20 14.32 -78.65
CA LEU D 803 10.32 13.38 -77.55
C LEU D 803 9.89 14.06 -76.25
N ASP D 804 9.11 13.36 -75.45
CA ASP D 804 8.66 13.85 -74.15
C ASP D 804 9.11 12.89 -73.07
N LEU D 805 10.07 13.31 -72.25
CA LEU D 805 10.52 12.54 -71.12
C LEU D 805 10.18 13.20 -69.79
N SER D 806 9.21 14.10 -69.78
CA SER D 806 8.87 14.86 -68.58
C SER D 806 8.40 13.94 -67.46
N ASP D 807 8.66 14.37 -66.22
CA ASP D 807 8.16 13.72 -65.02
C ASP D 807 8.76 12.32 -64.84
N ASN D 808 9.76 11.99 -65.65
CA ASN D 808 10.45 10.72 -65.48
C ASN D 808 11.71 10.94 -64.65
N ALA D 809 11.76 10.33 -63.47
CA ALA D 809 12.89 10.53 -62.57
C ALA D 809 14.13 9.81 -63.09
N LEU D 810 14.94 10.56 -63.83
CA LEU D 810 16.17 9.99 -64.47
C LEU D 810 17.51 10.51 -63.90
N GLY D 811 17.68 11.82 -63.62
CA GLY D 811 18.96 12.42 -63.23
C GLY D 811 19.86 12.89 -64.36
N ASP D 812 21.09 13.30 -63.99
CA ASP D 812 22.03 13.91 -65.00
C ASP D 812 22.81 12.94 -65.90
N PHE D 813 23.27 11.77 -65.44
CA PHE D 813 24.09 10.85 -66.27
C PHE D 813 23.23 10.60 -67.51
N GLY D 814 21.94 10.54 -67.22
CA GLY D 814 21.03 10.28 -68.33
C GLY D 814 21.15 11.38 -69.34
N ILE D 815 21.20 12.62 -68.89
CA ILE D 815 21.34 13.77 -69.82
C ILE D 815 22.64 13.65 -70.62
N ARG D 816 23.74 13.25 -69.97
CA ARG D 816 25.03 13.06 -70.67
C ARG D 816 24.88 12.07 -71.83
N LEU D 817 24.29 10.89 -71.58
CA LEU D 817 24.16 9.85 -72.63
C LEU D 817 23.17 10.35 -73.69
N LEU D 818 22.11 11.03 -73.28
CA LEU D 818 21.06 11.49 -74.21
C LEU D 818 21.68 12.51 -75.15
N CYS D 819 22.59 13.35 -74.68
CA CYS D 819 23.31 14.36 -75.48
C CYS D 819 24.20 13.78 -76.59
N VAL D 820 24.93 12.71 -76.27
CA VAL D 820 25.75 12.04 -77.34
C VAL D 820 24.76 11.51 -78.37
N GLY D 821 23.54 11.16 -77.93
CA GLY D 821 22.51 10.76 -78.89
C GLY D 821 22.07 11.97 -79.67
N LEU D 822 21.75 13.11 -79.04
CA LEU D 822 21.18 14.31 -79.70
C LEU D 822 22.14 14.75 -80.78
N LYS D 823 23.44 14.45 -80.66
CA LYS D 823 24.40 15.03 -81.65
C LYS D 823 24.82 14.03 -82.74
N HIS D 824 24.11 12.91 -82.95
CA HIS D 824 24.45 12.00 -84.07
C HIS D 824 23.22 11.73 -84.95
N LEU D 825 23.31 11.96 -86.27
CA LEU D 825 22.15 11.79 -87.19
C LEU D 825 20.90 12.23 -86.42
N LEU D 826 20.83 13.50 -86.03
CA LEU D 826 19.78 13.96 -85.13
C LEU D 826 19.52 15.45 -85.17
N CYS D 827 19.82 16.13 -86.28
CA CYS D 827 19.44 17.53 -86.41
C CYS D 827 17.93 17.68 -86.42
N ASN D 828 17.22 16.66 -86.89
CA ASN D 828 15.78 16.76 -87.11
C ASN D 828 14.99 16.96 -85.82
N LEU D 829 15.54 16.56 -84.68
CA LEU D 829 14.83 16.70 -83.41
C LEU D 829 14.70 18.17 -83.08
N LYS D 830 13.46 18.64 -82.91
CA LYS D 830 13.21 20.06 -82.67
C LYS D 830 12.76 20.35 -81.24
N LYS D 831 12.02 19.43 -80.61
CA LYS D 831 11.45 19.66 -79.30
C LYS D 831 11.86 18.53 -78.36
N LEU D 832 11.95 18.85 -77.07
CA LEU D 832 12.32 17.87 -76.05
C LEU D 832 11.72 18.31 -74.72
N TRP D 833 10.92 17.45 -74.11
CA TRP D 833 10.29 17.72 -72.83
C TRP D 833 11.02 16.94 -71.75
N LEU D 834 11.59 17.67 -70.78
CA LEU D 834 12.41 17.03 -69.75
C LEU D 834 12.13 17.59 -68.35
N VAL D 835 10.92 18.06 -68.08
CA VAL D 835 10.66 18.66 -66.78
C VAL D 835 10.49 17.59 -65.73
N SER D 836 10.75 17.95 -64.47
CA SER D 836 10.56 17.11 -63.30
C SER D 836 11.34 15.81 -63.36
N CYS D 837 12.47 15.77 -64.07
CA CYS D 837 13.27 14.57 -64.17
C CYS D 837 14.31 14.44 -63.07
N CYS D 838 14.10 15.12 -61.94
CA CYS D 838 15.06 15.18 -60.82
C CYS D 838 16.49 15.36 -61.33
N LEU D 839 16.69 16.45 -62.04
CA LEU D 839 17.96 16.76 -62.69
C LEU D 839 18.75 17.73 -61.85
N THR D 840 20.04 17.51 -61.60
CA THR D 840 20.79 18.55 -60.83
C THR D 840 21.41 19.57 -61.80
N SER D 841 22.15 20.54 -61.29
CA SER D 841 22.73 21.61 -62.13
C SER D 841 23.73 21.03 -63.12
N ALA D 842 24.53 20.08 -62.65
CA ALA D 842 25.54 19.42 -63.51
C ALA D 842 25.03 19.23 -64.93
N CYS D 843 23.80 18.76 -65.11
CA CYS D 843 23.42 18.47 -66.48
C CYS D 843 23.53 19.68 -67.40
N CYS D 844 23.58 20.89 -66.84
CA CYS D 844 23.62 22.09 -67.67
C CYS D 844 24.89 22.15 -68.50
N GLN D 845 26.02 21.72 -67.93
CA GLN D 845 27.24 21.59 -68.73
C GLN D 845 27.00 20.71 -69.95
N ASP D 846 26.18 19.68 -69.79
CA ASP D 846 25.86 18.77 -70.89
C ASP D 846 24.91 19.41 -71.89
N LEU D 847 23.85 20.06 -71.41
CA LEU D 847 22.87 20.64 -72.32
C LEU D 847 23.47 21.76 -73.15
N ALA D 848 24.52 22.39 -72.65
CA ALA D 848 25.15 23.49 -73.39
C ALA D 848 25.84 22.98 -74.63
N SER D 849 26.64 21.91 -74.49
CA SER D 849 27.47 21.45 -75.61
C SER D 849 26.61 20.98 -76.78
N VAL D 850 25.54 20.23 -76.49
CA VAL D 850 24.66 19.78 -77.57
C VAL D 850 24.00 20.98 -78.25
N LEU D 851 23.46 21.89 -77.46
CA LEU D 851 22.90 23.11 -78.03
C LEU D 851 23.97 23.95 -78.70
N SER D 852 25.21 23.86 -78.22
CA SER D 852 26.31 24.52 -78.90
C SER D 852 26.56 23.95 -80.28
N THR D 853 26.03 22.76 -80.57
CA THR D 853 26.20 22.11 -81.86
C THR D 853 24.90 21.73 -82.53
N SER D 854 23.75 21.83 -81.84
CA SER D 854 22.48 21.40 -82.38
C SER D 854 22.07 22.26 -83.57
N HIS D 855 21.60 21.60 -84.63
CA HIS D 855 21.19 22.29 -85.84
C HIS D 855 19.77 22.81 -85.72
N SER D 856 18.80 21.90 -85.56
CA SER D 856 17.39 22.26 -85.62
C SER D 856 16.63 21.88 -84.35
N LEU D 857 17.19 22.17 -83.18
CA LEU D 857 16.44 22.05 -81.94
C LEU D 857 15.61 23.31 -81.70
N THR D 858 14.30 23.21 -81.89
CA THR D 858 13.43 24.39 -81.89
C THR D 858 12.94 24.79 -80.51
N ARG D 859 12.51 23.83 -79.69
CA ARG D 859 11.92 24.13 -78.39
C ARG D 859 12.60 23.27 -77.33
N LEU D 860 12.74 23.81 -76.12
CA LEU D 860 13.33 23.08 -75.02
C LEU D 860 12.50 23.30 -73.76
N TYR D 861 12.18 22.21 -73.07
CA TYR D 861 11.42 22.25 -71.83
C TYR D 861 12.22 21.54 -70.75
N VAL D 862 12.85 22.32 -69.86
CA VAL D 862 13.70 21.74 -68.83
C VAL D 862 13.35 22.32 -67.47
N GLY D 863 12.18 22.94 -67.36
CA GLY D 863 11.79 23.58 -66.12
C GLY D 863 11.53 22.60 -64.99
N GLU D 864 11.33 23.14 -63.78
CA GLU D 864 10.92 22.38 -62.61
C GLU D 864 12.01 21.41 -62.14
N ASN D 865 13.16 21.38 -62.80
CA ASN D 865 14.26 20.56 -62.33
C ASN D 865 15.20 21.39 -61.45
N ALA D 866 16.09 20.69 -60.75
CA ALA D 866 17.01 21.34 -59.82
C ALA D 866 18.24 21.86 -60.54
N LEU D 867 18.08 22.91 -61.35
CA LEU D 867 19.23 23.54 -62.00
C LEU D 867 19.77 24.70 -61.20
N GLY D 868 18.89 25.59 -60.73
CA GLY D 868 19.32 26.74 -59.96
C GLY D 868 19.97 27.79 -60.81
N ASP D 869 20.27 28.95 -60.20
CA ASP D 869 20.98 30.00 -60.91
C ASP D 869 22.37 29.54 -61.31
N SER D 870 23.00 28.70 -60.49
CA SER D 870 24.30 28.14 -60.85
C SER D 870 24.21 27.31 -62.12
N GLY D 871 23.16 26.50 -62.23
CA GLY D 871 22.98 25.70 -63.43
C GLY D 871 22.75 26.52 -64.67
N VAL D 872 21.87 27.51 -64.60
CA VAL D 872 21.56 28.30 -65.78
C VAL D 872 22.75 29.15 -66.20
N ALA D 873 23.70 29.36 -65.29
CA ALA D 873 24.91 30.11 -65.63
C ALA D 873 25.62 29.47 -66.81
N ILE D 874 25.54 28.15 -66.92
CA ILE D 874 26.00 27.49 -68.13
C ILE D 874 24.95 27.61 -69.23
N LEU D 875 23.68 27.50 -68.86
CA LEU D 875 22.61 27.52 -69.85
C LEU D 875 22.54 28.82 -70.63
N CYS D 876 23.12 29.89 -70.09
CA CYS D 876 23.19 31.16 -70.81
C CYS D 876 24.40 31.25 -71.72
N GLU D 877 25.49 30.55 -71.38
CA GLU D 877 26.70 30.65 -72.18
C GLU D 877 26.48 30.11 -73.59
N LYS D 878 25.72 29.03 -73.71
CA LYS D 878 25.52 28.38 -75.00
C LYS D 878 24.70 29.25 -75.96
N ALA D 879 23.86 30.14 -75.42
CA ALA D 879 22.88 30.83 -76.23
C ALA D 879 23.43 32.04 -76.97
N LYS D 880 24.72 32.33 -76.86
CA LYS D 880 25.29 33.51 -77.50
C LYS D 880 25.54 33.34 -78.99
N ASN D 881 25.58 32.10 -79.49
CA ASN D 881 26.00 31.89 -80.87
C ASN D 881 24.81 32.01 -81.83
N PRO D 882 25.06 32.44 -83.07
CA PRO D 882 23.99 32.47 -84.07
C PRO D 882 23.44 31.11 -84.43
N GLN D 883 24.20 30.03 -84.21
CA GLN D 883 23.73 28.69 -84.54
C GLN D 883 22.56 28.25 -83.66
N CYS D 884 22.27 28.96 -82.57
CA CYS D 884 21.22 28.56 -81.64
C CYS D 884 19.86 28.77 -82.30
N ASN D 885 19.35 27.69 -82.88
CA ASN D 885 18.07 27.72 -83.58
C ASN D 885 16.91 27.41 -82.64
N LEU D 886 17.14 27.55 -81.34
CA LEU D 886 16.06 27.39 -80.37
C LEU D 886 15.10 28.57 -80.46
N GLN D 887 13.82 28.31 -80.20
CA GLN D 887 12.80 29.35 -80.25
C GLN D 887 12.09 29.52 -78.91
N LYS D 888 11.65 28.42 -78.30
CA LYS D 888 10.97 28.46 -77.02
C LYS D 888 11.94 28.04 -75.92
N LEU D 889 11.57 28.33 -74.67
CA LEU D 889 12.38 27.93 -73.53
C LEU D 889 11.45 27.75 -72.33
N GLY D 890 11.40 26.52 -71.80
CA GLY D 890 10.60 26.24 -70.63
C GLY D 890 11.41 26.17 -69.37
N LEU D 891 11.31 27.21 -68.52
CA LEU D 891 12.08 27.29 -67.28
C LEU D 891 11.18 27.52 -66.07
N VAL D 892 9.90 27.16 -66.16
CA VAL D 892 8.95 27.43 -65.09
C VAL D 892 9.30 26.62 -63.85
N ASN D 893 9.16 27.25 -62.68
CA ASN D 893 9.32 26.59 -61.38
C ASN D 893 10.69 25.95 -61.22
N SER D 894 11.72 26.53 -61.83
CA SER D 894 13.05 25.95 -61.77
C SER D 894 13.83 26.33 -60.53
N GLY D 895 13.30 27.25 -59.71
CA GLY D 895 14.01 27.70 -58.53
C GLY D 895 15.01 28.80 -58.76
N LEU D 896 15.04 29.39 -59.96
CA LEU D 896 16.01 30.45 -60.25
C LEU D 896 15.68 31.71 -59.48
N THR D 897 16.65 32.59 -59.35
CA THR D 897 16.49 33.84 -58.63
C THR D 897 16.96 35.00 -59.50
N SER D 898 16.96 36.19 -58.90
CA SER D 898 17.27 37.41 -59.64
C SER D 898 18.71 37.43 -60.15
N VAL D 899 19.62 36.72 -59.48
CA VAL D 899 21.03 36.80 -59.84
C VAL D 899 21.26 36.25 -61.25
N CYS D 900 20.40 35.35 -61.72
CA CYS D 900 20.55 34.76 -63.05
C CYS D 900 20.02 35.67 -64.15
N CYS D 901 19.26 36.70 -63.81
CA CYS D 901 18.68 37.55 -64.85
C CYS D 901 19.75 38.34 -65.59
N SER D 902 20.81 38.77 -64.89
CA SER D 902 21.88 39.52 -65.53
C SER D 902 22.48 38.75 -66.70
N ALA D 903 22.45 37.42 -66.62
CA ALA D 903 22.99 36.60 -67.69
C ALA D 903 22.02 36.50 -68.85
N LEU D 904 20.82 35.98 -68.59
CA LEU D 904 19.86 35.75 -69.67
C LEU D 904 19.44 37.05 -70.35
N SER D 905 19.60 38.18 -69.66
CA SER D 905 19.35 39.47 -70.29
C SER D 905 20.24 39.65 -71.52
N SER D 906 21.54 39.41 -71.36
CA SER D 906 22.44 39.44 -72.50
C SER D 906 22.11 38.35 -73.51
N VAL D 907 21.55 37.23 -73.04
CA VAL D 907 21.22 36.13 -73.93
C VAL D 907 20.19 36.55 -74.96
N LEU D 908 19.13 37.23 -74.51
CA LEU D 908 18.04 37.57 -75.41
C LEU D 908 18.49 38.51 -76.53
N SER D 909 19.33 39.49 -76.21
CA SER D 909 19.82 40.40 -77.23
C SER D 909 20.74 39.68 -78.21
N THR D 910 21.59 38.78 -77.71
CA THR D 910 22.57 38.11 -78.54
C THR D 910 22.02 36.89 -79.27
N ASN D 911 20.77 36.52 -79.03
CA ASN D 911 20.16 35.39 -79.72
C ASN D 911 19.17 35.89 -80.76
N GLN D 912 19.28 35.37 -81.98
CA GLN D 912 18.44 35.77 -83.09
C GLN D 912 17.28 34.82 -83.34
N ASN D 913 17.10 33.82 -82.49
CA ASN D 913 16.06 32.83 -82.75
C ASN D 913 15.10 32.63 -81.59
N LEU D 914 15.58 32.75 -80.35
CA LEU D 914 14.70 32.59 -79.21
C LEU D 914 13.58 33.61 -79.26
N THR D 915 12.36 33.16 -79.02
CA THR D 915 11.18 34.02 -79.16
C THR D 915 10.23 33.86 -77.98
N HIS D 916 10.35 32.75 -77.25
CA HIS D 916 9.49 32.44 -76.12
C HIS D 916 10.34 32.13 -74.90
N LEU D 917 9.84 32.54 -73.73
CA LEU D 917 10.44 32.17 -72.44
C LEU D 917 9.33 32.04 -71.42
N TYR D 918 9.33 30.92 -70.69
CA TYR D 918 8.30 30.64 -69.70
C TYR D 918 8.95 30.54 -68.33
N LEU D 919 8.45 31.32 -67.37
CA LEU D 919 9.07 31.43 -66.06
C LEU D 919 8.09 31.43 -64.90
N ARG D 920 6.88 30.91 -65.07
CA ARG D 920 5.87 31.02 -64.02
C ARG D 920 6.31 30.28 -62.77
N GLY D 921 5.97 30.84 -61.61
CA GLY D 921 6.27 30.24 -60.34
C GLY D 921 7.69 30.42 -59.85
N ASN D 922 8.57 31.01 -60.65
CA ASN D 922 9.96 31.18 -60.26
C ASN D 922 10.17 32.60 -59.73
N THR D 923 10.72 32.71 -58.52
CA THR D 923 10.88 34.01 -57.89
C THR D 923 12.05 34.76 -58.51
N LEU D 924 11.78 35.97 -59.00
CA LEU D 924 12.84 36.84 -59.48
C LEU D 924 12.87 38.14 -58.70
N GLY D 925 11.71 38.76 -58.53
CA GLY D 925 11.66 40.07 -57.89
C GLY D 925 11.97 41.17 -58.87
N ASP D 926 11.58 42.39 -58.53
CA ASP D 926 11.69 43.50 -59.48
C ASP D 926 13.13 43.77 -59.89
N LYS D 927 14.09 43.45 -59.02
CA LYS D 927 15.49 43.63 -59.38
C LYS D 927 15.84 42.82 -60.62
N GLY D 928 15.45 41.55 -60.65
CA GLY D 928 15.68 40.75 -61.85
C GLY D 928 14.86 41.24 -63.03
N ILE D 929 13.59 41.54 -62.80
CA ILE D 929 12.73 41.98 -63.89
C ILE D 929 13.23 43.30 -64.46
N LYS D 930 13.86 44.13 -63.63
CA LYS D 930 14.46 45.36 -64.13
C LYS D 930 15.42 45.08 -65.26
N LEU D 931 16.27 44.05 -65.09
CA LEU D 931 17.20 43.69 -66.16
C LEU D 931 16.48 43.08 -67.35
N LEU D 932 15.30 42.49 -67.13
CA LEU D 932 14.58 41.89 -68.24
C LEU D 932 14.18 42.94 -69.27
N CYS D 933 13.73 44.10 -68.82
CA CYS D 933 13.42 45.19 -69.74
C CYS D 933 14.66 45.58 -70.54
N GLU D 934 15.80 45.70 -69.86
CA GLU D 934 17.07 45.91 -70.54
C GLU D 934 17.39 44.73 -71.44
N GLY D 935 17.02 43.52 -71.00
CA GLY D 935 17.23 42.31 -71.80
C GLY D 935 16.44 42.28 -73.08
N LEU D 936 15.37 43.07 -73.19
CA LEU D 936 14.66 43.27 -74.44
C LEU D 936 14.80 44.69 -74.96
N LEU D 937 15.63 45.52 -74.31
CA LEU D 937 15.81 46.89 -74.77
C LEU D 937 16.46 46.94 -76.15
N HIS D 938 17.31 45.98 -76.47
CA HIS D 938 18.02 46.02 -77.74
C HIS D 938 17.04 45.79 -78.89
N PRO D 939 17.13 46.56 -79.98
CA PRO D 939 16.19 46.36 -81.09
C PRO D 939 16.27 44.97 -81.72
N ASP D 940 17.43 44.33 -81.68
CA ASP D 940 17.59 43.04 -82.33
C ASP D 940 16.98 41.90 -81.53
N CYS D 941 16.16 42.19 -80.53
CA CYS D 941 15.50 41.13 -79.78
C CYS D 941 14.29 40.60 -80.54
N LYS D 942 14.11 39.29 -80.53
CA LYS D 942 13.00 38.64 -81.22
C LYS D 942 12.04 37.95 -80.27
N LEU D 943 11.88 38.45 -79.04
CA LEU D 943 10.98 37.81 -78.09
C LEU D 943 9.53 38.07 -78.48
N GLN D 944 8.72 37.02 -78.50
CA GLN D 944 7.29 37.17 -78.78
C GLN D 944 6.41 36.78 -77.61
N VAL D 945 6.86 35.84 -76.76
CA VAL D 945 6.05 35.36 -75.65
C VAL D 945 6.92 35.31 -74.40
N LEU D 946 6.37 35.77 -73.28
CA LEU D 946 7.04 35.71 -72.00
C LEU D 946 6.03 35.41 -70.91
N GLU D 947 6.40 34.50 -70.02
CA GLU D 947 5.58 34.15 -68.87
C GLU D 947 6.24 34.62 -67.58
N LEU D 948 5.49 35.41 -66.81
CA LEU D 948 6.02 35.93 -65.56
C LEU D 948 5.00 35.81 -64.43
N ASP D 949 4.00 34.95 -64.57
CA ASP D 949 3.03 34.76 -63.50
C ASP D 949 3.70 34.13 -62.28
N ASN D 950 3.24 34.51 -61.09
CA ASN D 950 3.74 33.97 -59.84
C ASN D 950 5.26 34.17 -59.68
N CYS D 951 5.78 35.27 -60.22
CA CYS D 951 7.21 35.53 -60.23
C CYS D 951 7.68 36.31 -59.01
N ASN D 952 6.79 36.59 -58.05
CA ASN D 952 7.07 37.47 -56.93
C ASN D 952 7.47 38.86 -57.44
N LEU D 953 6.54 39.50 -58.14
CA LEU D 953 6.75 40.79 -58.76
C LEU D 953 5.87 41.84 -58.09
N THR D 954 6.37 43.07 -58.03
CA THR D 954 5.67 44.16 -57.39
C THR D 954 5.35 45.24 -58.41
N SER D 955 4.54 46.21 -57.96
CA SER D 955 4.09 47.31 -58.80
C SER D 955 5.25 48.16 -59.30
N HIS D 956 6.37 48.14 -58.58
CA HIS D 956 7.48 49.04 -58.88
C HIS D 956 8.00 48.81 -60.29
N CYS D 957 8.20 47.55 -60.67
CA CYS D 957 8.78 47.25 -61.98
C CYS D 957 7.75 47.36 -63.10
N CYS D 958 6.47 47.49 -62.77
CA CYS D 958 5.44 47.52 -63.80
C CYS D 958 5.63 48.71 -64.73
N TRP D 959 6.00 49.88 -64.17
CA TRP D 959 6.28 51.03 -65.00
C TRP D 959 7.42 50.75 -65.96
N ASP D 960 8.46 50.06 -65.47
CA ASP D 960 9.63 49.79 -66.29
C ASP D 960 9.28 48.87 -67.45
N LEU D 961 8.60 47.75 -67.15
CA LEU D 961 8.22 46.83 -68.22
C LEU D 961 7.23 47.45 -69.18
N SER D 962 6.32 48.29 -68.67
CA SER D 962 5.37 48.96 -69.55
C SER D 962 6.08 49.85 -70.56
N THR D 963 7.13 50.55 -70.11
CA THR D 963 7.90 51.40 -71.02
C THR D 963 8.45 50.59 -72.18
N LEU D 964 8.97 49.41 -71.89
CA LEU D 964 9.45 48.52 -72.94
C LEU D 964 8.30 48.09 -73.85
N LEU D 965 7.15 47.75 -73.27
CA LEU D 965 6.04 47.24 -74.04
C LEU D 965 5.63 48.21 -75.14
N THR D 966 5.53 49.49 -74.81
CA THR D 966 5.27 50.51 -75.83
C THR D 966 6.42 50.58 -76.83
N SER D 967 7.66 50.50 -76.34
CA SER D 967 8.83 50.66 -77.18
C SER D 967 9.27 49.36 -77.84
N SER D 968 8.59 48.25 -77.59
CA SER D 968 8.95 46.97 -78.19
C SER D 968 7.84 46.53 -79.13
N GLN D 969 8.21 46.13 -80.34
CA GLN D 969 7.25 45.67 -81.33
C GLN D 969 7.28 44.16 -81.49
N SER D 970 8.36 43.51 -81.07
CA SER D 970 8.51 42.06 -81.29
C SER D 970 7.59 41.26 -80.38
N LEU D 971 7.30 41.76 -79.18
CA LEU D 971 6.52 41.00 -78.22
C LEU D 971 5.06 40.92 -78.65
N ARG D 972 4.40 39.80 -78.35
CA ARG D 972 3.01 39.59 -78.70
C ARG D 972 2.12 39.39 -77.48
N LYS D 973 2.55 38.59 -76.52
CA LYS D 973 1.73 38.22 -75.37
C LYS D 973 2.60 38.19 -74.12
N LEU D 974 1.99 38.53 -72.99
CA LEU D 974 2.68 38.53 -71.71
C LEU D 974 1.71 38.10 -70.61
N SER D 975 2.25 37.43 -69.60
CA SER D 975 1.46 36.99 -68.45
C SER D 975 2.18 37.42 -67.18
N LEU D 976 1.42 37.99 -66.24
CA LEU D 976 2.02 38.57 -65.05
C LEU D 976 1.24 38.30 -63.76
N GLY D 977 0.35 37.32 -63.72
CA GLY D 977 -0.51 37.15 -62.56
C GLY D 977 0.20 36.71 -61.29
N ASN D 978 -0.55 36.66 -60.18
CA ASN D 978 -0.03 36.25 -58.88
C ASN D 978 1.18 37.09 -58.47
N ASN D 979 1.07 38.40 -58.68
CA ASN D 979 2.15 39.32 -58.33
C ASN D 979 1.55 40.62 -57.81
N ASP D 980 2.39 41.39 -57.13
CA ASP D 980 1.95 42.66 -56.54
C ASP D 980 1.77 43.76 -57.58
N LEU D 981 0.85 43.57 -58.51
CA LEU D 981 0.62 44.57 -59.55
C LEU D 981 0.08 45.86 -58.96
N GLY D 982 -0.85 45.76 -58.02
CA GLY D 982 -1.41 46.93 -57.37
C GLY D 982 -2.34 47.73 -58.26
N ASP D 983 -3.16 48.58 -57.64
CA ASP D 983 -4.09 49.41 -58.42
C ASP D 983 -3.35 50.40 -59.30
N LEU D 984 -2.28 51.01 -58.77
CA LEU D 984 -1.51 51.96 -59.55
C LEU D 984 -0.83 51.28 -60.73
N GLY D 985 -0.28 50.08 -60.51
CA GLY D 985 0.40 49.35 -61.57
C GLY D 985 -0.53 48.93 -62.69
N VAL D 986 -1.68 48.36 -62.36
CA VAL D 986 -2.63 47.95 -63.39
C VAL D 986 -3.19 49.17 -64.10
N MET D 987 -3.15 50.33 -63.44
CA MET D 987 -3.62 51.56 -64.06
C MET D 987 -2.81 51.92 -65.29
N MET D 988 -1.49 51.70 -65.23
CA MET D 988 -0.63 52.12 -66.34
C MET D 988 -0.99 51.40 -67.63
N PHE D 989 -1.62 50.22 -67.54
CA PHE D 989 -2.10 49.56 -68.73
C PHE D 989 -3.11 50.40 -69.49
N CYS D 990 -3.83 51.28 -68.80
CA CYS D 990 -4.64 52.26 -69.48
C CYS D 990 -3.78 53.26 -70.24
N GLU D 991 -2.73 53.76 -69.58
CA GLU D 991 -1.78 54.63 -70.27
C GLU D 991 -1.13 53.92 -71.44
N VAL D 992 -0.91 52.61 -71.30
CA VAL D 992 -0.45 51.80 -72.43
C VAL D 992 -1.41 51.94 -73.60
N LEU D 993 -2.71 51.83 -73.31
CA LEU D 993 -3.72 52.05 -74.35
C LEU D 993 -3.69 53.48 -74.85
N LYS D 994 -3.53 54.44 -73.94
CA LYS D 994 -3.49 55.84 -74.34
C LYS D 994 -2.25 56.14 -75.18
N GLN D 995 -1.22 55.30 -75.09
CA GLN D 995 -0.07 55.36 -76.00
C GLN D 995 -0.35 54.42 -77.17
N GLN D 996 -0.68 55.02 -78.31
CA GLN D 996 -1.15 54.28 -79.48
C GLN D 996 -0.13 53.26 -79.99
N SER D 997 1.10 53.31 -79.46
CA SER D 997 2.10 52.32 -79.80
C SER D 997 1.81 50.96 -79.20
N CYS D 998 0.67 50.79 -78.54
CA CYS D 998 0.33 49.53 -77.88
C CYS D 998 -0.21 48.51 -78.86
N LEU D 999 0.56 48.18 -79.90
CA LEU D 999 0.14 47.15 -80.84
C LEU D 999 0.53 45.77 -80.31
N LEU D 1000 0.16 45.47 -79.08
CA LEU D 1000 0.37 44.14 -78.52
C LEU D 1000 -0.78 43.23 -78.95
N GLN D 1001 -0.54 41.93 -78.84
CA GLN D 1001 -1.51 40.93 -79.28
C GLN D 1001 -2.30 40.30 -78.16
N ASN D 1002 -1.74 40.18 -76.97
CA ASN D 1002 -2.46 39.60 -75.85
C ASN D 1002 -1.79 40.02 -74.54
N LEU D 1003 -2.55 39.94 -73.45
CA LEU D 1003 -2.05 40.19 -72.11
C LEU D 1003 -2.90 39.42 -71.12
N GLY D 1004 -2.25 38.69 -70.22
CA GLY D 1004 -2.96 37.86 -69.27
C GLY D 1004 -2.60 38.09 -67.82
N LEU D 1005 -3.57 38.58 -67.04
CA LEU D 1005 -3.41 38.80 -65.61
C LEU D 1005 -4.52 38.07 -64.88
N SER D 1006 -4.23 37.56 -63.69
CA SER D 1006 -5.19 36.72 -63.00
C SER D 1006 -4.79 36.54 -61.54
N GLU D 1007 -5.71 35.94 -60.77
CA GLU D 1007 -5.51 35.35 -59.44
C GLU D 1007 -5.27 36.37 -58.34
N MET D 1008 -5.62 37.64 -58.53
CA MET D 1008 -5.48 38.65 -57.49
C MET D 1008 -6.83 39.34 -57.29
N TYR D 1009 -7.26 39.45 -56.05
CA TYR D 1009 -8.53 40.10 -55.75
C TYR D 1009 -8.35 41.62 -55.64
N PHE D 1010 -9.26 42.35 -56.28
CA PHE D 1010 -9.30 43.80 -56.20
C PHE D 1010 -10.74 44.24 -56.13
N ASN D 1011 -10.93 45.54 -55.91
CA ASN D 1011 -12.27 46.10 -55.89
C ASN D 1011 -12.68 46.57 -57.29
N TYR D 1012 -13.73 47.40 -57.33
CA TYR D 1012 -14.41 47.74 -58.58
C TYR D 1012 -13.50 48.47 -59.56
N GLU D 1013 -12.66 49.38 -59.06
CA GLU D 1013 -11.94 50.28 -59.96
C GLU D 1013 -11.01 49.53 -60.91
N THR D 1014 -10.38 48.45 -60.45
CA THR D 1014 -9.52 47.66 -61.33
C THR D 1014 -10.32 47.13 -62.52
N LYS D 1015 -11.49 46.55 -62.25
CA LYS D 1015 -12.35 46.11 -63.33
C LYS D 1015 -12.96 47.30 -64.06
N SER D 1016 -13.13 48.42 -63.36
CA SER D 1016 -13.89 49.55 -63.92
C SER D 1016 -13.31 50.01 -65.25
N ALA D 1017 -12.01 50.28 -65.28
CA ALA D 1017 -11.39 50.73 -66.52
C ALA D 1017 -11.21 49.58 -67.49
N LEU D 1018 -11.23 48.35 -66.99
CA LEU D 1018 -10.90 47.19 -67.82
C LEU D 1018 -11.86 47.05 -69.00
N GLU D 1019 -13.15 46.89 -68.72
CA GLU D 1019 -14.11 46.61 -69.77
C GLU D 1019 -14.18 47.77 -70.77
N THR D 1020 -14.15 49.01 -70.27
CA THR D 1020 -14.23 50.16 -71.17
C THR D 1020 -13.09 50.18 -72.18
N LEU D 1021 -11.87 49.93 -71.72
CA LEU D 1021 -10.74 49.91 -72.62
C LEU D 1021 -10.67 48.64 -73.45
N GLN D 1022 -11.12 47.51 -72.89
CA GLN D 1022 -11.32 46.33 -73.73
C GLN D 1022 -12.35 46.60 -74.81
N GLU D 1023 -13.43 47.29 -74.45
CA GLU D 1023 -14.40 47.72 -75.46
C GLU D 1023 -13.77 48.65 -76.47
N GLU D 1024 -12.93 49.58 -76.00
CA GLU D 1024 -12.27 50.50 -76.91
C GLU D 1024 -11.29 49.78 -77.82
N LYS D 1025 -10.59 48.77 -77.29
CA LYS D 1025 -9.47 48.16 -77.99
C LYS D 1025 -9.83 46.78 -78.52
N PRO D 1026 -10.06 46.63 -79.83
CA PRO D 1026 -10.17 45.29 -80.41
C PRO D 1026 -8.84 44.72 -80.85
N GLU D 1027 -7.81 45.56 -81.00
CA GLU D 1027 -6.52 45.08 -81.48
C GLU D 1027 -5.85 44.17 -80.46
N LEU D 1028 -5.92 44.51 -79.18
CA LEU D 1028 -5.21 43.81 -78.13
C LEU D 1028 -6.17 42.90 -77.38
N THR D 1029 -5.82 41.62 -77.29
CA THR D 1029 -6.64 40.65 -76.58
C THR D 1029 -6.27 40.62 -75.10
N VAL D 1030 -6.70 41.63 -74.35
CA VAL D 1030 -6.49 41.64 -72.91
C VAL D 1030 -7.51 40.71 -72.26
N VAL D 1031 -7.03 39.85 -71.36
CA VAL D 1031 -7.89 38.90 -70.68
C VAL D 1031 -7.64 39.00 -69.18
N PHE D 1032 -8.72 39.02 -68.41
CA PHE D 1032 -8.68 39.02 -66.95
C PHE D 1032 -9.43 37.78 -66.49
N GLU D 1033 -8.70 36.76 -66.06
CA GLU D 1033 -9.30 35.47 -65.72
C GLU D 1033 -10.32 35.56 -64.58
N PRO D 1034 -10.03 36.24 -63.45
CA PRO D 1034 -11.03 36.27 -62.38
C PRO D 1034 -12.14 37.29 -62.62
N SER D 1035 -12.10 37.97 -63.76
CA SER D 1035 -13.11 38.97 -64.07
C SER D 1035 -14.46 38.30 -64.36
N TRP D 1036 -15.52 39.09 -64.23
CA TRP D 1036 -16.87 38.60 -64.52
C TRP D 1036 -17.19 38.74 -66.01
N LYS E 133 6.36 40.92 10.34
CA LYS E 133 5.37 40.75 11.44
C LYS E 133 5.98 41.33 12.72
N LYS E 134 7.25 41.03 12.99
CA LYS E 134 7.88 41.49 14.26
C LYS E 134 7.90 43.02 14.29
N ASP E 135 8.28 43.66 13.17
CA ASP E 135 8.37 45.14 13.18
C ASP E 135 6.97 45.73 13.38
N TYR E 136 5.94 45.15 12.76
CA TYR E 136 4.56 45.65 12.96
C TYR E 136 4.11 45.48 14.42
N ARG E 137 4.49 44.37 15.07
CA ARG E 137 3.97 44.09 16.44
C ARG E 137 4.58 44.90 17.58
N LYS E 138 5.72 44.48 18.16
CA LYS E 138 6.27 45.08 19.40
C LYS E 138 6.01 46.59 19.43
N LYS E 139 6.37 47.31 18.35
CA LYS E 139 6.21 48.79 18.35
C LYS E 139 4.79 49.17 18.73
N TYR E 140 3.82 48.80 17.87
CA TYR E 140 2.41 49.19 18.11
C TYR E 140 2.06 48.89 19.57
N ARG E 141 2.34 47.67 20.01
CA ARG E 141 1.95 47.28 21.40
C ARG E 141 2.48 48.28 22.43
N LYS E 142 3.81 48.39 22.55
CA LYS E 142 4.34 49.26 23.64
C LYS E 142 3.81 50.70 23.50
N TYR E 143 3.64 51.15 22.25
CA TYR E 143 3.20 52.55 22.05
C TYR E 143 1.79 52.72 22.62
N VAL E 144 0.85 51.89 22.17
CA VAL E 144 -0.56 51.99 22.65
C VAL E 144 -0.53 51.83 24.17
N ARG E 145 0.50 51.18 24.72
CA ARG E 145 0.53 50.90 26.18
C ARG E 145 0.97 52.12 27.00
N SER E 146 1.92 52.93 26.51
CA SER E 146 2.45 54.01 27.38
C SER E 146 1.81 55.38 27.16
N ARG E 147 0.48 55.50 27.29
CA ARG E 147 -0.15 56.85 27.24
C ARG E 147 -1.23 56.95 28.31
N PHE E 148 -1.14 56.17 29.40
CA PHE E 148 -2.26 56.14 30.38
C PHE E 148 -1.84 55.97 31.85
N GLN E 149 -0.74 56.55 32.36
CA GLN E 149 -0.15 56.28 33.67
C GLN E 149 0.83 57.38 34.15
N CYS E 150 1.55 57.11 35.24
CA CYS E 150 2.86 57.71 35.58
C CYS E 150 2.92 59.25 35.65
N ILE E 151 1.81 59.90 36.00
CA ILE E 151 1.75 61.31 36.41
C ILE E 151 2.65 61.53 37.63
N GLU E 152 3.27 62.71 37.75
CA GLU E 152 4.02 63.12 38.97
C GLU E 152 3.95 64.63 39.23
N GLU E 160 -4.37 60.80 39.79
CA GLU E 160 -4.73 59.49 40.33
C GLU E 160 -4.58 58.41 39.27
N SER E 161 -4.48 58.82 38.01
CA SER E 161 -4.38 57.89 36.89
C SER E 161 -2.94 57.37 36.74
N VAL E 162 -2.52 56.61 37.75
CA VAL E 162 -1.24 55.91 37.71
C VAL E 162 -1.38 54.41 37.82
N SER E 163 -2.47 53.88 38.35
CA SER E 163 -2.78 52.47 38.32
C SER E 163 -4.19 52.29 37.77
N LEU E 164 -4.34 51.39 36.80
CA LEU E 164 -5.62 51.19 36.14
C LEU E 164 -6.04 49.72 36.24
N ASN E 165 -5.11 48.84 35.98
CA ASN E 165 -5.64 47.48 36.04
C ASN E 165 -5.94 47.26 37.51
N LYS E 166 -5.17 47.86 38.43
CA LYS E 166 -5.47 47.55 39.85
C LYS E 166 -6.89 48.01 40.09
N ARG E 167 -7.34 48.99 39.30
CA ARG E 167 -8.73 49.49 39.44
C ARG E 167 -9.65 48.81 38.45
N TYR E 168 -9.63 47.47 38.29
CA TYR E 168 -10.45 46.76 37.25
C TYR E 168 -11.93 46.54 37.65
N THR E 169 -12.29 45.51 38.45
CA THR E 169 -13.68 45.18 38.96
C THR E 169 -14.52 44.20 38.13
N ARG E 170 -14.10 43.74 36.95
CA ARG E 170 -15.00 42.85 36.15
C ARG E 170 -16.40 43.48 36.12
N LEU E 171 -16.51 44.76 35.74
CA LEU E 171 -17.77 45.53 35.65
C LEU E 171 -18.86 44.72 34.93
N ARG E 172 -20.11 44.87 35.37
CA ARG E 172 -21.23 44.07 34.81
C ARG E 172 -21.27 44.21 33.28
N LEU E 173 -21.62 43.13 32.58
CA LEU E 173 -21.70 43.18 31.10
C LEU E 173 -22.83 42.28 30.63
N ILE E 174 -24.08 42.70 30.83
CA ILE E 174 -25.23 41.90 30.33
C ILE E 174 -25.44 42.33 28.88
N LYS E 175 -25.03 41.48 27.93
CA LYS E 175 -25.12 41.90 26.51
C LYS E 175 -26.54 41.62 25.99
N GLU E 176 -27.23 42.69 25.57
CA GLU E 176 -28.63 42.59 25.11
C GLU E 176 -28.86 41.28 24.34
N HIS E 177 -29.71 40.40 24.87
CA HIS E 177 -30.07 39.18 24.10
C HIS E 177 -30.84 39.71 22.88
N ARG E 178 -30.83 38.99 21.76
CA ARG E 178 -31.45 39.57 20.54
C ARG E 178 -32.86 40.04 20.89
N SER E 179 -33.17 41.30 20.56
CA SER E 179 -34.51 41.87 20.91
C SER E 179 -35.53 41.33 19.90
N GLN E 180 -35.79 40.02 19.96
CA GLN E 180 -36.74 39.41 19.03
C GLN E 180 -36.38 39.71 17.57
N SER E 198 -32.70 30.57 29.86
CA SER E 198 -32.00 31.56 29.05
C SER E 198 -30.48 31.40 29.17
N PRO E 199 -29.78 31.51 28.06
CA PRO E 199 -28.31 31.46 28.10
C PRO E 199 -27.74 32.63 28.88
N VAL E 200 -26.63 32.36 29.58
CA VAL E 200 -25.97 33.42 30.34
C VAL E 200 -24.93 34.14 29.49
N SER E 201 -23.87 33.41 29.10
CA SER E 201 -22.78 33.90 28.24
C SER E 201 -22.39 35.33 28.56
N PRO E 202 -21.77 35.59 29.70
CA PRO E 202 -21.38 36.98 30.01
C PRO E 202 -20.39 37.57 29.02
N ILE E 203 -19.55 36.74 28.40
CA ILE E 203 -18.53 37.11 27.41
C ILE E 203 -17.87 38.43 27.76
N LYS E 204 -17.38 38.55 28.99
CA LYS E 204 -16.81 39.82 29.43
C LYS E 204 -15.59 40.21 28.60
N MET E 205 -14.60 39.33 28.49
CA MET E 205 -13.39 39.67 27.73
C MET E 205 -13.15 38.69 26.59
N GLU E 206 -13.15 37.39 26.89
CA GLU E 206 -12.87 36.39 25.87
C GLU E 206 -14.05 36.25 24.93
N LEU E 207 -13.78 36.38 23.62
CA LEU E 207 -14.76 36.16 22.56
C LEU E 207 -16.02 37.01 22.76
N LEU E 208 -15.85 38.22 23.31
CA LEU E 208 -16.98 39.13 23.43
C LEU E 208 -17.51 39.53 22.06
N PHE E 209 -16.61 39.72 21.10
CA PHE E 209 -17.02 40.03 19.73
C PHE E 209 -17.57 38.81 19.01
N ASP E 210 -17.12 37.62 19.39
CA ASP E 210 -17.47 36.41 18.68
C ASP E 210 -18.96 36.08 18.84
N PRO E 211 -19.61 35.65 17.76
CA PRO E 211 -21.02 35.27 17.85
C PRO E 211 -21.19 33.91 18.49
N ASP E 212 -22.43 33.40 18.51
CA ASP E 212 -22.68 32.02 18.90
C ASP E 212 -22.29 31.10 17.76
N ASP E 213 -22.71 29.84 17.82
CA ASP E 213 -22.39 28.88 16.76
C ASP E 213 -22.73 29.46 15.39
N GLU E 214 -21.70 29.75 14.61
CA GLU E 214 -21.83 30.47 13.33
C GLU E 214 -22.55 31.79 13.56
N HIS E 215 -23.87 31.80 13.36
CA HIS E 215 -24.72 32.97 13.61
C HIS E 215 -24.33 34.12 12.69
N SER E 216 -23.25 34.82 13.02
CA SER E 216 -22.72 35.85 12.13
C SER E 216 -21.21 35.96 12.29
N GLU E 217 -20.47 35.24 11.47
CA GLU E 217 -19.00 35.27 11.53
C GLU E 217 -18.45 36.65 11.20
N PRO E 218 -18.90 37.32 10.11
CA PRO E 218 -18.28 38.60 9.75
C PRO E 218 -18.84 39.80 10.51
N VAL E 219 -19.54 39.56 11.63
CA VAL E 219 -20.07 40.67 12.42
C VAL E 219 -18.91 41.53 12.91
N HIS E 220 -19.10 42.84 12.89
CA HIS E 220 -18.04 43.79 13.21
C HIS E 220 -18.44 44.86 14.22
N THR E 221 -19.72 45.12 14.39
CA THR E 221 -20.19 46.24 15.19
C THR E 221 -20.66 45.75 16.55
N VAL E 222 -20.06 46.28 17.62
CA VAL E 222 -20.55 46.09 18.97
C VAL E 222 -20.65 47.47 19.62
N VAL E 223 -21.67 47.65 20.46
CA VAL E 223 -21.97 48.94 21.06
C VAL E 223 -22.27 48.72 22.54
N PHE E 224 -21.83 49.66 23.37
CA PHE E 224 -22.02 49.57 24.82
C PHE E 224 -22.97 50.66 25.28
N GLN E 225 -24.00 50.27 26.01
CA GLN E 225 -25.02 51.18 26.52
C GLN E 225 -24.84 51.31 28.03
N GLY E 226 -24.59 52.53 28.50
CA GLY E 226 -24.41 52.76 29.92
C GLY E 226 -24.74 54.20 30.26
N ALA E 227 -25.19 54.40 31.50
CA ALA E 227 -25.60 55.72 31.94
C ALA E 227 -24.39 56.66 31.98
N ALA E 228 -24.70 57.96 31.95
CA ALA E 228 -23.62 58.95 31.93
C ALA E 228 -22.88 58.94 33.26
N GLY E 229 -21.59 58.60 33.19
CA GLY E 229 -20.76 58.44 34.36
C GLY E 229 -20.52 57.01 34.79
N ILE E 230 -21.02 56.03 34.04
CA ILE E 230 -20.83 54.62 34.42
C ILE E 230 -19.35 54.26 34.40
N GLY E 231 -18.64 54.63 33.34
CA GLY E 231 -17.26 54.24 33.21
C GLY E 231 -16.96 53.67 31.84
N LYS E 232 -17.89 53.84 30.89
CA LYS E 232 -17.65 53.36 29.54
C LYS E 232 -16.41 53.99 28.93
N THR E 233 -16.12 55.25 29.28
CA THR E 233 -14.85 55.83 28.90
C THR E 233 -13.69 55.12 29.59
N ILE E 234 -13.88 54.75 30.86
CA ILE E 234 -12.83 54.04 31.58
C ILE E 234 -12.63 52.65 31.00
N LEU E 235 -13.72 51.98 30.62
CA LEU E 235 -13.63 50.60 30.16
C LEU E 235 -12.74 50.48 28.94
N ALA E 236 -12.89 51.40 27.99
CA ALA E 236 -12.07 51.37 26.78
C ALA E 236 -10.60 51.49 27.11
N ARG E 237 -10.26 52.41 28.02
CA ARG E 237 -8.88 52.55 28.45
C ARG E 237 -8.37 51.26 29.08
N LYS E 238 -9.23 50.63 29.88
CA LYS E 238 -8.88 49.34 30.53
C LYS E 238 -8.79 48.26 29.43
N MET E 239 -9.82 48.17 28.58
CA MET E 239 -9.82 47.16 27.53
C MET E 239 -8.61 47.27 26.62
N MET E 240 -8.21 48.50 26.30
CA MET E 240 -6.93 48.70 25.62
C MET E 240 -5.78 48.18 26.48
N LEU E 241 -5.72 48.63 27.74
CA LEU E 241 -4.61 48.27 28.61
C LEU E 241 -4.49 46.76 28.78
N ASP E 242 -5.62 46.06 28.83
CA ASP E 242 -5.60 44.61 28.90
C ASP E 242 -4.89 44.06 27.67
N TRP E 243 -5.50 44.24 26.51
CA TRP E 243 -4.98 43.64 25.29
C TRP E 243 -3.69 44.30 24.80
N ALA E 244 -3.34 45.49 25.33
CA ALA E 244 -2.08 46.12 24.91
C ALA E 244 -0.85 45.40 25.42
N SER E 245 -1.04 44.25 26.07
CA SER E 245 0.06 43.35 26.41
C SER E 245 -0.27 41.92 26.00
N GLY E 246 -1.19 41.74 25.05
CA GLY E 246 -1.67 40.42 24.71
C GLY E 246 -2.57 39.91 25.82
N THR E 247 -1.97 39.62 26.97
CA THR E 247 -2.65 39.33 28.22
C THR E 247 -3.74 38.29 28.08
N LEU E 248 -3.54 37.30 27.20
CA LEU E 248 -4.53 36.26 26.94
C LEU E 248 -5.86 36.86 26.47
N TYR E 249 -5.80 38.07 25.92
CA TYR E 249 -6.95 38.68 25.27
C TYR E 249 -7.02 38.14 23.84
N GLN E 250 -7.77 38.80 22.98
CA GLN E 250 -7.97 38.28 21.63
C GLN E 250 -6.68 38.38 20.82
N ASP E 251 -5.70 37.55 21.19
CA ASP E 251 -4.45 37.48 20.44
C ASP E 251 -4.67 37.00 19.01
N ARG E 252 -5.79 36.30 18.75
CA ARG E 252 -6.18 35.97 17.39
C ARG E 252 -6.71 37.18 16.62
N PHE E 253 -6.64 38.37 17.24
CA PHE E 253 -6.97 39.61 16.59
C PHE E 253 -5.74 40.51 16.66
N ASP E 254 -5.42 41.17 15.55
CA ASP E 254 -4.11 41.80 15.39
C ASP E 254 -4.03 43.20 15.97
N TYR E 255 -4.95 44.09 15.58
CA TYR E 255 -4.81 45.52 15.97
C TYR E 255 -6.06 46.13 16.59
N LEU E 256 -5.88 47.09 17.50
CA LEU E 256 -6.95 47.83 18.15
C LEU E 256 -6.66 49.31 17.99
N PHE E 257 -7.71 50.11 17.77
CA PHE E 257 -7.56 51.53 17.50
C PHE E 257 -8.44 52.33 18.45
N TYR E 258 -7.80 53.03 19.40
CA TYR E 258 -8.53 53.87 20.34
C TYR E 258 -8.74 55.25 19.74
N ILE E 259 -9.99 55.73 19.78
CA ILE E 259 -10.29 57.07 19.32
C ILE E 259 -11.38 57.68 20.19
N HIS E 260 -11.01 58.69 20.98
CA HIS E 260 -11.99 59.45 21.74
C HIS E 260 -12.30 60.75 20.99
N CYS E 261 -13.57 61.08 20.87
CA CYS E 261 -14.00 62.16 20.00
C CYS E 261 -13.87 63.54 20.63
N ARG E 262 -13.05 63.70 21.68
CA ARG E 262 -12.74 65.03 22.18
C ARG E 262 -12.00 65.84 21.12
N GLU E 263 -10.97 65.24 20.52
CA GLU E 263 -10.21 65.93 19.48
C GLU E 263 -10.98 65.98 18.17
N VAL E 264 -11.73 64.93 17.86
CA VAL E 264 -12.49 64.87 16.62
C VAL E 264 -13.59 65.91 16.63
N SER E 265 -13.70 66.67 15.55
CA SER E 265 -14.72 67.70 15.44
C SER E 265 -15.16 67.79 13.98
N LEU E 266 -16.15 68.64 13.75
CA LEU E 266 -16.67 68.84 12.41
C LEU E 266 -15.67 69.61 11.56
N VAL E 267 -15.89 69.57 10.24
CA VAL E 267 -15.18 70.35 9.22
C VAL E 267 -13.67 70.15 9.30
N THR E 268 -13.23 69.15 10.06
CA THR E 268 -11.80 68.88 10.19
C THR E 268 -11.16 68.55 8.85
N GLN E 269 -11.91 67.93 7.93
CA GLN E 269 -11.40 67.59 6.60
C GLN E 269 -10.11 66.78 6.69
N ARG E 270 -10.08 65.82 7.60
CA ARG E 270 -8.92 64.98 7.85
C ARG E 270 -9.21 63.54 7.46
N SER E 271 -8.20 62.88 6.91
CA SER E 271 -8.37 61.52 6.44
C SER E 271 -8.28 60.52 7.58
N LEU E 272 -8.64 59.27 7.26
CA LEU E 272 -8.51 58.20 8.24
C LEU E 272 -7.06 58.01 8.65
N GLY E 273 -6.13 58.10 7.69
CA GLY E 273 -4.72 58.07 8.04
C GLY E 273 -4.34 59.19 8.98
N ASP E 274 -4.88 60.39 8.75
CA ASP E 274 -4.71 61.47 9.71
C ASP E 274 -5.36 61.12 11.04
N LEU E 275 -6.54 60.51 10.99
CA LEU E 275 -7.17 59.99 12.20
C LEU E 275 -6.33 58.89 12.82
N ILE E 276 -5.79 58.01 11.97
CA ILE E 276 -4.97 56.90 12.47
C ILE E 276 -3.68 57.44 13.08
N MET E 277 -3.00 58.33 12.37
CA MET E 277 -1.75 58.90 12.89
C MET E 277 -1.98 59.75 14.12
N SER E 278 -3.22 60.13 14.41
CA SER E 278 -3.50 60.81 15.67
C SER E 278 -3.22 59.92 16.87
N CYS E 279 -3.56 58.63 16.76
CA CYS E 279 -3.28 57.70 17.85
C CYS E 279 -1.78 57.54 18.08
N CYS E 280 -1.04 57.27 17.01
CA CYS E 280 0.42 57.12 17.09
C CYS E 280 1.04 57.97 15.99
N PRO E 281 1.53 59.16 16.31
CA PRO E 281 2.12 60.03 15.28
C PRO E 281 3.45 59.50 14.77
N ASP E 282 3.40 58.55 13.85
CA ASP E 282 4.63 57.99 13.31
C ASP E 282 5.27 58.98 12.34
N PRO E 283 6.54 59.33 12.54
CA PRO E 283 7.24 60.17 11.55
C PRO E 283 7.28 59.54 10.17
N ASN E 284 7.21 58.22 10.08
CA ASN E 284 7.11 57.51 8.81
C ASN E 284 5.90 56.61 8.88
N PRO E 285 4.71 57.16 8.63
CA PRO E 285 3.47 56.39 8.76
C PRO E 285 3.47 55.16 7.87
N PRO E 286 3.36 53.98 8.45
CA PRO E 286 3.36 52.75 7.65
C PRO E 286 1.98 52.38 7.13
N ILE E 287 1.09 53.37 7.07
CA ILE E 287 -0.34 53.14 6.83
C ILE E 287 -0.58 52.23 5.64
N HIS E 288 0.30 52.26 4.63
CA HIS E 288 0.16 51.38 3.48
C HIS E 288 0.18 49.92 3.94
N LYS E 289 0.97 49.63 4.97
CA LYS E 289 0.93 48.35 5.64
C LYS E 289 -0.14 48.27 6.71
N ILE E 290 -0.65 49.42 7.15
CA ILE E 290 -1.84 49.35 8.06
C ILE E 290 -3.01 49.04 7.15
N VAL E 291 -2.92 49.46 5.87
CA VAL E 291 -3.95 49.07 4.94
C VAL E 291 -3.62 47.63 4.56
N ARG E 292 -4.04 46.70 5.40
CA ARG E 292 -3.79 45.28 5.28
C ARG E 292 -4.79 44.55 6.15
N LYS E 293 -5.27 43.42 5.65
CA LYS E 293 -6.13 42.50 6.39
C LYS E 293 -7.28 43.23 7.09
N PRO E 294 -8.30 43.68 6.34
CA PRO E 294 -9.50 44.21 6.99
C PRO E 294 -10.17 43.13 7.82
N SER E 295 -10.87 43.57 8.86
CA SER E 295 -11.49 42.73 9.88
C SER E 295 -10.45 42.13 10.82
N ARG E 296 -9.17 42.31 10.49
CA ARG E 296 -8.10 42.00 11.42
C ARG E 296 -7.71 43.20 12.27
N ILE E 297 -8.34 44.35 12.02
CA ILE E 297 -8.08 45.59 12.74
C ILE E 297 -9.40 46.08 13.34
N LEU E 298 -9.33 46.60 14.56
CA LEU E 298 -10.52 47.04 15.28
C LEU E 298 -10.38 48.49 15.69
N PHE E 299 -11.42 49.28 15.42
CA PHE E 299 -11.50 50.66 15.86
C PHE E 299 -12.33 50.73 17.13
N LEU E 300 -11.74 51.29 18.19
CA LEU E 300 -12.45 51.47 19.46
C LEU E 300 -12.94 52.92 19.51
N MET E 301 -14.09 53.18 18.86
CA MET E 301 -14.67 54.55 18.89
C MET E 301 -15.22 54.81 20.30
N ASP E 302 -15.11 56.04 20.80
CA ASP E 302 -15.50 56.29 22.21
C ASP E 302 -16.47 57.48 22.33
N GLY E 303 -17.61 57.28 23.00
CA GLY E 303 -18.59 58.35 23.27
C GLY E 303 -19.21 59.02 22.06
N PHE E 304 -20.43 58.61 21.69
CA PHE E 304 -21.16 59.33 20.63
C PHE E 304 -21.57 60.68 21.21
N ASP E 305 -21.79 60.71 22.53
CA ASP E 305 -22.17 61.97 23.24
C ASP E 305 -21.04 63.00 23.05
N GLU E 306 -19.79 62.53 23.03
CA GLU E 306 -18.63 63.44 22.86
C GLU E 306 -18.75 64.17 21.54
N LEU E 307 -19.26 63.50 20.50
CA LEU E 307 -19.50 64.21 19.21
C LEU E 307 -20.31 65.48 19.49
N GLN E 308 -19.74 66.65 19.23
CA GLN E 308 -20.39 67.94 19.44
C GLN E 308 -20.64 68.60 18.10
N GLY E 309 -21.87 69.04 17.89
CA GLY E 309 -22.30 69.68 16.68
C GLY E 309 -23.44 68.92 16.02
N ALA E 310 -23.94 69.49 14.93
CA ALA E 310 -25.01 68.87 14.17
C ALA E 310 -24.48 67.65 13.42
N PHE E 311 -25.35 66.66 13.27
CA PHE E 311 -24.97 65.43 12.57
C PHE E 311 -26.22 64.79 12.00
N ASP E 312 -26.33 64.77 10.67
CA ASP E 312 -27.42 64.07 10.00
C ASP E 312 -27.06 62.59 9.92
N GLU E 313 -27.89 61.75 10.53
CA GLU E 313 -27.66 60.31 10.45
C GLU E 313 -27.78 59.77 9.04
N HIS E 314 -28.37 60.52 8.12
CA HIS E 314 -28.43 60.13 6.72
C HIS E 314 -28.04 61.29 5.81
N ILE E 315 -26.89 61.91 6.11
CA ILE E 315 -26.36 63.01 5.32
C ILE E 315 -26.26 62.60 3.86
N GLY E 316 -26.47 63.56 2.96
CA GLY E 316 -26.51 63.29 1.54
C GLY E 316 -25.22 62.74 0.96
N PRO E 317 -24.16 63.54 0.96
CA PRO E 317 -22.89 63.10 0.36
C PRO E 317 -22.37 61.83 1.02
N LEU E 318 -21.80 60.96 0.19
CA LEU E 318 -21.36 59.64 0.61
C LEU E 318 -19.86 59.52 0.45
N CYS E 319 -19.22 58.76 1.34
CA CYS E 319 -17.78 58.63 1.39
C CYS E 319 -17.36 57.17 1.29
N THR E 320 -16.38 56.90 0.42
CA THR E 320 -15.85 55.55 0.28
C THR E 320 -14.33 55.56 0.19
N ASP E 321 -13.76 56.75 -0.02
CA ASP E 321 -12.31 56.87 -0.13
C ASP E 321 -11.68 56.83 1.26
N TRP E 322 -10.67 55.98 1.43
CA TRP E 322 -10.02 55.87 2.73
C TRP E 322 -9.05 57.02 2.97
N GLN E 323 -8.34 57.45 1.94
CA GLN E 323 -7.26 58.42 2.13
C GLN E 323 -7.68 59.86 1.85
N LYS E 324 -8.88 60.05 1.29
CA LYS E 324 -9.32 61.40 0.96
C LYS E 324 -9.55 62.22 2.22
N ALA E 325 -9.15 63.49 2.18
CA ALA E 325 -9.40 64.41 3.27
C ALA E 325 -10.88 64.77 3.30
N GLU E 326 -11.66 64.03 4.08
CA GLU E 326 -13.11 64.18 4.11
C GLU E 326 -13.54 64.80 5.44
N ARG E 327 -14.77 65.30 5.45
CA ARG E 327 -15.31 65.95 6.64
C ARG E 327 -15.33 64.99 7.82
N GLY E 328 -15.16 65.54 9.03
CA GLY E 328 -15.04 64.71 10.21
C GLY E 328 -16.26 63.84 10.44
N ASP E 329 -17.45 64.42 10.36
CA ASP E 329 -18.67 63.62 10.48
C ASP E 329 -18.84 62.70 9.30
N ILE E 330 -18.48 63.16 8.10
CA ILE E 330 -18.56 62.32 6.91
C ILE E 330 -17.64 61.11 7.04
N LEU E 331 -16.41 61.34 7.52
CA LEU E 331 -15.49 60.23 7.74
C LEU E 331 -16.09 59.22 8.70
N LEU E 332 -16.65 59.70 9.81
CA LEU E 332 -17.35 58.81 10.73
C LEU E 332 -18.55 58.17 10.06
N SER E 333 -19.27 58.94 9.24
CA SER E 333 -20.45 58.42 8.57
C SER E 333 -20.11 57.17 7.75
N SER E 334 -19.07 57.26 6.93
CA SER E 334 -18.62 56.08 6.19
C SER E 334 -18.14 55.00 7.15
N LEU E 335 -17.38 55.39 8.17
CA LEU E 335 -16.86 54.42 9.13
C LEU E 335 -17.99 53.76 9.91
N ILE E 336 -18.98 54.54 10.34
CA ILE E 336 -20.13 53.97 11.05
C ILE E 336 -20.89 53.03 10.14
N ARG E 337 -21.14 53.45 8.90
CA ARG E 337 -21.78 52.58 7.92
C ARG E 337 -20.84 51.48 7.43
N LYS E 338 -19.54 51.61 7.69
CA LYS E 338 -18.54 50.63 7.28
C LYS E 338 -18.50 50.45 5.77
N LYS E 339 -19.13 51.35 5.02
CA LYS E 339 -19.00 51.30 3.57
C LYS E 339 -17.56 51.49 3.16
N LEU E 340 -16.86 52.41 3.78
CA LEU E 340 -15.41 52.42 3.75
C LEU E 340 -14.89 51.38 4.74
N LEU E 341 -13.83 50.66 4.35
CA LEU E 341 -13.30 49.57 5.16
C LEU E 341 -14.42 48.59 5.47
N PRO E 342 -14.88 47.83 4.48
CA PRO E 342 -16.11 47.04 4.68
C PRO E 342 -16.01 45.99 5.76
N GLU E 343 -14.80 45.59 6.17
CA GLU E 343 -14.63 44.52 7.13
C GLU E 343 -14.19 45.03 8.50
N ALA E 344 -13.91 46.33 8.63
CA ALA E 344 -13.37 46.85 9.87
C ALA E 344 -14.34 46.66 11.03
N SER E 345 -13.83 46.12 12.13
CA SER E 345 -14.64 45.96 13.33
C SER E 345 -14.75 47.30 14.07
N LEU E 346 -15.81 47.43 14.87
CA LEU E 346 -16.08 48.69 15.55
C LEU E 346 -16.65 48.43 16.93
N LEU E 347 -16.21 49.29 17.86
CA LEU E 347 -16.73 49.23 19.24
C LEU E 347 -17.14 50.67 19.55
N ILE E 348 -18.39 50.91 19.96
CA ILE E 348 -18.87 52.31 20.15
C ILE E 348 -19.53 52.45 21.52
N THR E 349 -18.84 53.09 22.47
CA THR E 349 -19.54 53.36 23.75
C THR E 349 -20.56 54.46 23.44
N THR E 350 -21.81 54.27 23.82
CA THR E 350 -22.87 55.25 23.42
C THR E 350 -23.74 55.60 24.62
N ARG E 351 -24.27 56.82 24.64
CA ARG E 351 -25.21 57.18 25.74
C ARG E 351 -26.60 56.63 25.35
N PRO E 352 -27.36 55.89 26.20
CA PRO E 352 -28.66 55.35 25.78
C PRO E 352 -29.57 56.35 25.08
N VAL E 353 -29.54 57.61 25.50
CA VAL E 353 -30.44 58.60 24.92
C VAL E 353 -30.09 58.90 23.48
N ALA E 354 -28.82 58.72 23.10
CA ALA E 354 -28.35 59.00 21.75
C ALA E 354 -28.39 57.77 20.85
N LEU E 355 -28.96 56.66 21.32
CA LEU E 355 -28.94 55.43 20.54
C LEU E 355 -29.72 55.56 19.23
N GLU E 356 -30.87 56.23 19.26
CA GLU E 356 -31.77 56.22 18.10
C GLU E 356 -31.09 56.77 16.86
N LYS E 357 -30.13 57.68 17.03
CA LYS E 357 -29.40 58.22 15.89
C LYS E 357 -28.56 57.14 15.22
N LEU E 358 -27.76 56.42 16.01
CA LEU E 358 -26.91 55.39 15.43
C LEU E 358 -27.70 54.13 15.11
N GLN E 359 -28.70 53.81 15.93
CA GLN E 359 -29.50 52.62 15.67
C GLN E 359 -30.23 52.72 14.34
N HIS E 360 -30.81 53.89 14.04
CA HIS E 360 -31.34 54.11 12.70
C HIS E 360 -30.23 54.14 11.66
N LEU E 361 -29.03 54.56 12.06
CA LEU E 361 -27.93 54.67 11.10
C LEU E 361 -27.37 53.30 10.75
N LEU E 362 -27.24 52.40 11.71
CA LEU E 362 -26.49 51.18 11.52
C LEU E 362 -27.30 49.96 11.95
N ASP E 363 -27.06 48.83 11.29
CA ASP E 363 -27.79 47.60 11.53
C ASP E 363 -26.95 46.62 12.36
N HIS E 364 -27.60 45.54 12.80
CA HIS E 364 -27.05 44.43 13.59
C HIS E 364 -26.07 44.90 14.66
N PRO E 365 -26.47 45.79 15.57
CA PRO E 365 -25.53 46.29 16.57
C PRO E 365 -25.53 45.40 17.81
N ARG E 366 -24.34 44.97 18.23
CA ARG E 366 -24.23 44.17 19.44
C ARG E 366 -24.39 45.06 20.66
N HIS E 367 -25.64 45.33 21.07
CA HIS E 367 -25.88 46.15 22.24
C HIS E 367 -25.36 45.45 23.49
N VAL E 368 -24.67 46.23 24.33
CA VAL E 368 -24.13 45.68 25.58
C VAL E 368 -24.48 46.61 26.73
N GLU E 369 -25.39 46.18 27.59
CA GLU E 369 -25.72 46.95 28.79
C GLU E 369 -24.62 46.77 29.83
N ILE E 370 -24.10 47.89 30.33
CA ILE E 370 -23.05 47.89 31.34
C ILE E 370 -23.60 48.57 32.59
N LEU E 371 -23.35 47.97 33.75
CA LEU E 371 -23.90 48.42 35.02
C LEU E 371 -22.78 48.77 35.99
N GLY E 372 -23.09 49.60 36.97
CA GLY E 372 -22.14 49.99 37.97
C GLY E 372 -21.96 48.94 39.06
N PHE E 373 -21.23 49.35 40.09
CA PHE E 373 -20.89 48.43 41.18
C PHE E 373 -22.11 48.11 42.04
N SER E 374 -22.13 46.91 42.61
CA SER E 374 -23.18 46.52 43.52
C SER E 374 -22.88 47.03 44.93
N GLU E 375 -23.64 46.52 45.89
CA GLU E 375 -23.41 46.86 47.29
C GLU E 375 -22.01 46.48 47.72
N ALA E 376 -21.70 45.18 47.67
CA ALA E 376 -20.37 44.72 48.06
C ALA E 376 -19.28 45.28 47.17
N LYS E 377 -19.54 45.36 45.86
CA LYS E 377 -18.54 45.90 44.95
C LYS E 377 -18.21 47.35 45.30
N ARG E 378 -19.20 48.13 45.76
CA ARG E 378 -18.94 49.50 46.17
C ARG E 378 -17.93 49.56 47.30
N LYS E 379 -18.06 48.66 48.29
CA LYS E 379 -17.03 48.53 49.32
C LYS E 379 -15.71 48.10 48.70
N GLU E 380 -15.77 47.16 47.76
CA GLU E 380 -14.56 46.68 47.11
C GLU E 380 -13.89 47.78 46.31
N TYR E 381 -14.66 48.77 45.84
CA TYR E 381 -14.04 49.95 45.23
C TYR E 381 -13.23 50.72 46.26
N PHE E 382 -13.79 50.89 47.46
CA PHE E 382 -13.04 51.55 48.52
C PHE E 382 -11.82 50.74 48.92
N PHE E 383 -11.87 49.42 48.73
CA PHE E 383 -10.67 48.61 48.90
C PHE E 383 -9.59 49.06 47.92
N LYS E 384 -9.97 49.32 46.68
CA LYS E 384 -9.02 49.88 45.71
C LYS E 384 -8.61 51.30 46.11
N TYR E 385 -9.57 52.10 46.57
CA TYR E 385 -9.34 53.52 46.74
C TYR E 385 -8.60 53.84 48.04
N PHE E 386 -9.23 53.55 49.17
CA PHE E 386 -8.71 54.03 50.44
C PHE E 386 -7.46 53.27 50.86
N SER E 387 -6.70 53.91 51.74
CA SER E 387 -5.43 53.37 52.23
C SER E 387 -5.50 52.90 53.69
N ASP E 388 -6.60 53.14 54.38
CA ASP E 388 -6.72 52.72 55.77
C ASP E 388 -8.18 52.41 56.08
N GLU E 389 -8.37 51.39 56.93
CA GLU E 389 -9.73 51.00 57.32
C GLU E 389 -10.44 52.12 58.07
N ALA E 390 -9.76 52.77 59.01
CA ALA E 390 -10.36 53.91 59.69
C ALA E 390 -10.81 54.96 58.69
N GLN E 391 -10.11 55.05 57.56
CA GLN E 391 -10.61 55.88 56.46
C GLN E 391 -11.68 55.12 55.68
N ALA E 392 -11.40 53.87 55.30
CA ALA E 392 -12.31 53.12 54.45
C ALA E 392 -13.53 52.64 55.24
N ARG E 393 -13.30 51.81 56.26
CA ARG E 393 -14.40 51.11 56.92
C ARG E 393 -15.35 52.09 57.59
N ALA E 394 -14.82 53.13 58.25
CA ALA E 394 -15.68 54.09 58.92
C ALA E 394 -16.55 54.85 57.93
N ALA E 395 -15.93 55.38 56.87
CA ALA E 395 -16.68 56.15 55.88
C ALA E 395 -17.70 55.29 55.16
N PHE E 396 -17.30 54.06 54.79
CA PHE E 396 -18.22 53.16 54.12
C PHE E 396 -19.41 52.82 55.00
N SER E 397 -19.16 52.65 56.30
CA SER E 397 -20.25 52.36 57.23
C SER E 397 -21.30 53.44 57.22
N LEU E 398 -20.90 54.68 56.92
CA LEU E 398 -21.86 55.77 56.83
C LEU E 398 -22.81 55.55 55.65
N ILE E 399 -22.32 54.92 54.58
CA ILE E 399 -23.15 54.72 53.39
C ILE E 399 -24.29 53.77 53.68
N GLN E 400 -24.03 52.71 54.46
CA GLN E 400 -25.09 51.74 54.77
C GLN E 400 -26.23 52.39 55.52
N GLU E 401 -25.91 53.21 56.52
CA GLU E 401 -26.95 53.92 57.25
C GLU E 401 -27.70 54.90 56.33
N ASN E 402 -26.96 55.59 55.46
CA ASN E 402 -27.56 56.49 54.49
C ASN E 402 -27.94 55.70 53.24
N GLU E 403 -28.98 54.87 53.38
CA GLU E 403 -29.37 53.99 52.29
C GLU E 403 -29.80 54.77 51.06
N VAL E 404 -30.36 55.96 51.25
CA VAL E 404 -30.71 56.80 50.11
C VAL E 404 -29.46 57.15 49.32
N LEU E 405 -28.37 57.47 50.02
CA LEU E 405 -27.08 57.61 49.34
C LEU E 405 -26.61 56.26 48.80
N PHE E 406 -26.85 55.18 49.56
CA PHE E 406 -26.34 53.87 49.15
C PHE E 406 -26.96 53.43 47.84
N THR E 407 -28.29 53.49 47.73
CA THR E 407 -28.92 53.19 46.45
C THR E 407 -28.48 54.19 45.39
N MET E 408 -28.11 55.40 45.82
CA MET E 408 -27.54 56.37 44.89
C MET E 408 -26.08 56.02 44.57
N CYS E 409 -25.46 55.17 45.40
CA CYS E 409 -24.07 54.81 45.16
C CYS E 409 -23.96 53.76 44.07
N PHE E 410 -24.62 54.03 42.94
CA PHE E 410 -24.43 53.28 41.71
C PHE E 410 -23.67 54.19 40.77
N ILE E 411 -23.41 53.76 39.53
CA ILE E 411 -22.74 54.61 38.54
C ILE E 411 -21.43 55.12 39.13
N PRO E 412 -20.38 54.28 39.17
CA PRO E 412 -19.23 54.51 40.05
C PRO E 412 -18.66 55.92 40.10
N LEU E 413 -18.98 56.77 39.12
CA LEU E 413 -18.51 58.16 39.17
C LEU E 413 -18.95 58.85 40.46
N VAL E 414 -20.19 58.60 40.88
CA VAL E 414 -20.67 59.20 42.11
C VAL E 414 -19.89 58.67 43.31
N CYS E 415 -19.49 57.41 43.27
CA CYS E 415 -18.67 56.85 44.34
C CYS E 415 -17.32 57.53 44.38
N TRP E 416 -16.76 57.85 43.22
CA TRP E 416 -15.54 58.65 43.16
C TRP E 416 -15.74 59.98 43.87
N ILE E 417 -16.87 60.64 43.63
CA ILE E 417 -17.18 61.88 44.33
C ILE E 417 -17.29 61.64 45.82
N VAL E 418 -17.94 60.53 46.20
CA VAL E 418 -18.16 60.24 47.62
C VAL E 418 -16.84 60.08 48.35
N CYS E 419 -15.96 59.22 47.84
CA CYS E 419 -14.73 58.93 48.54
C CYS E 419 -13.79 60.13 48.56
N THR E 420 -13.63 60.80 47.43
CA THR E 420 -12.73 61.94 47.35
C THR E 420 -13.20 63.08 48.26
N GLY E 421 -14.49 63.40 48.19
CA GLY E 421 -15.00 64.50 49.00
C GLY E 421 -14.87 64.21 50.49
N LEU E 422 -15.21 63.00 50.89
CA LEU E 422 -15.07 62.62 52.30
C LEU E 422 -13.60 62.61 52.71
N LYS E 423 -12.73 62.15 51.82
CA LYS E 423 -11.29 62.15 52.11
C LYS E 423 -10.82 63.55 52.46
N GLN E 424 -11.22 64.54 51.66
CA GLN E 424 -10.83 65.91 51.94
C GLN E 424 -11.43 66.40 53.26
N GLN E 425 -12.66 65.99 53.55
CA GLN E 425 -13.28 66.35 54.82
C GLN E 425 -12.47 65.81 55.99
N MET E 426 -11.94 64.59 55.85
CA MET E 426 -11.08 64.04 56.89
C MET E 426 -9.79 64.83 57.05
N GLU E 427 -9.32 65.48 55.99
CA GLU E 427 -8.16 66.36 56.12
C GLU E 427 -8.47 67.57 56.99
N SER E 428 -9.75 67.86 57.22
CA SER E 428 -10.16 68.99 58.03
C SER E 428 -11.06 68.63 59.20
N GLY E 429 -11.88 67.60 59.08
CA GLY E 429 -12.80 67.27 60.14
C GLY E 429 -13.34 65.87 60.03
N LYS E 430 -14.50 65.67 60.65
CA LYS E 430 -15.18 64.38 60.70
C LYS E 430 -16.45 64.44 59.87
N SER E 431 -16.80 63.32 59.24
CA SER E 431 -17.95 63.28 58.35
C SER E 431 -19.25 63.39 59.13
N LEU E 432 -20.35 63.51 58.39
CA LEU E 432 -21.68 63.66 58.96
C LEU E 432 -22.65 62.85 58.09
N ALA E 433 -23.95 63.14 58.24
CA ALA E 433 -24.97 62.48 57.43
C ALA E 433 -24.78 62.82 55.96
N GLN E 434 -23.99 63.86 55.68
CA GLN E 434 -23.51 64.20 54.34
C GLN E 434 -24.61 64.83 53.50
N THR E 435 -25.85 64.84 54.00
CA THR E 435 -26.99 65.53 53.39
C THR E 435 -27.15 65.18 51.91
N SER E 436 -26.52 64.10 51.46
CA SER E 436 -26.52 63.74 50.05
C SER E 436 -27.68 62.82 49.70
N LYS E 437 -28.90 63.32 49.90
CA LYS E 437 -30.11 62.58 49.60
C LYS E 437 -30.41 62.53 48.11
N THR E 438 -29.78 63.39 47.31
CA THR E 438 -30.03 63.44 45.87
C THR E 438 -28.69 63.53 45.15
N THR E 439 -28.74 63.33 43.83
CA THR E 439 -27.53 63.44 43.03
C THR E 439 -26.93 64.83 43.11
N THR E 440 -27.79 65.86 43.02
CA THR E 440 -27.30 67.23 43.15
C THR E 440 -26.67 67.47 44.52
N ALA E 441 -27.31 66.94 45.57
CA ALA E 441 -26.76 67.10 46.91
C ALA E 441 -25.35 66.52 47.00
N VAL E 442 -25.08 65.48 46.23
CA VAL E 442 -23.71 64.95 46.15
C VAL E 442 -22.78 65.99 45.55
N TYR E 443 -23.23 66.64 44.46
CA TYR E 443 -22.38 67.60 43.78
C TYR E 443 -22.11 68.81 44.66
N VAL E 444 -23.14 69.36 45.30
CA VAL E 444 -22.96 70.61 46.03
C VAL E 444 -22.13 70.40 47.29
N PHE E 445 -22.34 69.28 47.99
CA PHE E 445 -21.51 68.99 49.16
C PHE E 445 -20.05 68.86 48.76
N PHE E 446 -19.79 68.30 47.58
CA PHE E 446 -18.44 68.25 47.04
C PHE E 446 -17.89 69.66 46.82
N LEU E 447 -18.73 70.56 46.30
CA LEU E 447 -18.29 71.92 46.07
C LEU E 447 -17.98 72.63 47.39
N SER E 448 -18.79 72.39 48.42
CA SER E 448 -18.60 73.08 49.69
C SER E 448 -17.23 72.77 50.28
N SER E 449 -16.83 71.51 50.28
CA SER E 449 -15.48 71.15 50.69
C SER E 449 -14.45 71.71 49.73
N LEU E 450 -14.78 71.73 48.44
CA LEU E 450 -13.85 72.24 47.43
C LEU E 450 -13.54 73.70 47.68
N LEU E 451 -14.57 74.51 47.94
CA LEU E 451 -14.41 75.95 48.10
C LEU E 451 -14.17 76.32 49.57
N GLN E 452 -13.26 75.57 50.21
CA GLN E 452 -13.01 75.84 51.61
C GLN E 452 -11.92 76.89 51.82
N PRO E 453 -10.68 76.70 51.32
CA PRO E 453 -9.58 77.56 51.79
C PRO E 453 -9.71 79.03 51.40
N ARG E 454 -9.80 79.30 50.09
CA ARG E 454 -9.79 80.68 49.63
C ARG E 454 -11.18 81.24 49.32
N GLY E 455 -12.19 80.38 49.14
CA GLY E 455 -13.51 80.84 48.77
C GLY E 455 -14.20 81.68 49.84
N GLY E 456 -13.92 81.34 51.10
CA GLY E 456 -14.57 82.04 52.21
C GLY E 456 -14.22 83.51 52.27
N SER E 457 -12.95 83.84 52.08
CA SER E 457 -12.56 85.24 52.01
C SER E 457 -13.22 85.89 50.80
N GLN E 458 -13.79 87.08 51.01
CA GLN E 458 -14.46 87.78 49.93
C GLN E 458 -13.45 88.26 48.88
N GLU E 459 -12.28 88.71 49.33
CA GLU E 459 -11.26 89.19 48.40
C GLU E 459 -10.85 88.09 47.42
N HIS E 460 -10.61 86.89 47.94
CA HIS E 460 -10.38 85.70 47.11
C HIS E 460 -11.66 84.90 46.90
N GLY E 461 -12.82 85.54 47.01
CA GLY E 461 -14.06 84.83 46.73
C GLY E 461 -14.12 84.35 45.30
N LEU E 462 -14.31 83.05 45.13
CA LEU E 462 -14.34 82.43 43.81
C LEU E 462 -15.74 82.34 43.23
N CYS E 463 -16.74 82.90 43.92
CA CYS E 463 -18.12 82.82 43.44
C CYS E 463 -18.27 83.53 42.09
N ALA E 464 -17.71 84.72 41.97
CA ALA E 464 -17.67 85.39 40.67
C ALA E 464 -16.85 84.57 39.68
N HIS E 465 -15.72 84.03 40.13
CA HIS E 465 -14.96 83.11 39.29
C HIS E 465 -15.72 81.82 39.04
N LEU E 466 -16.49 81.37 40.03
CA LEU E 466 -17.40 80.25 39.81
C LEU E 466 -18.38 80.58 38.70
N TRP E 467 -18.87 81.82 38.67
CA TRP E 467 -19.69 82.26 37.54
C TRP E 467 -18.87 82.29 36.27
N GLY E 468 -17.60 82.66 36.36
CA GLY E 468 -16.76 82.69 35.18
C GLY E 468 -16.62 81.34 34.52
N LEU E 469 -16.36 80.30 35.32
CA LEU E 469 -16.31 78.95 34.77
C LEU E 469 -17.70 78.48 34.35
N CYS E 470 -18.74 78.89 35.07
CA CYS E 470 -20.10 78.57 34.65
C CYS E 470 -20.41 79.20 33.30
N SER E 471 -19.96 80.44 33.08
CA SER E 471 -20.12 81.05 31.77
C SER E 471 -19.37 80.25 30.70
N LEU E 472 -18.15 79.80 31.01
CA LEU E 472 -17.44 78.90 30.11
C LEU E 472 -18.20 77.58 29.98
N ALA E 473 -18.73 77.08 31.09
CA ALA E 473 -19.48 75.83 31.06
C ALA E 473 -20.71 75.95 30.17
N ALA E 474 -21.42 77.07 30.28
CA ALA E 474 -22.62 77.28 29.46
C ALA E 474 -22.27 77.30 27.98
N ASP E 475 -21.17 77.98 27.63
CA ASP E 475 -20.74 77.99 26.24
C ASP E 475 -20.20 76.64 25.80
N GLY E 476 -19.89 75.76 26.77
CA GLY E 476 -19.34 74.46 26.44
C GLY E 476 -20.27 73.61 25.58
N ILE E 477 -21.58 73.76 25.78
CA ILE E 477 -22.56 73.09 24.96
C ILE E 477 -23.33 74.06 24.07
N TRP E 478 -23.48 75.32 24.49
CA TRP E 478 -24.18 76.28 23.64
C TRP E 478 -23.38 76.57 22.37
N ASN E 479 -22.05 76.43 22.44
CA ASN E 479 -21.19 76.57 21.28
C ASN E 479 -20.31 75.34 21.06
N GLN E 480 -20.55 74.27 21.82
CA GLN E 480 -20.00 72.94 21.58
C GLN E 480 -18.49 72.88 21.67
N LYS E 481 -17.85 73.71 22.49
CA LYS E 481 -16.40 73.68 22.63
C LYS E 481 -16.03 73.21 24.03
N ILE E 482 -15.85 71.90 24.17
CA ILE E 482 -15.33 71.35 25.42
C ILE E 482 -13.87 71.71 25.59
N LEU E 483 -13.07 71.55 24.53
CA LEU E 483 -11.65 71.83 24.58
C LEU E 483 -11.39 73.32 24.40
N PHE E 484 -11.72 74.12 25.41
CA PHE E 484 -11.67 75.57 25.28
C PHE E 484 -10.24 76.06 25.08
N GLU E 485 -9.28 75.45 25.77
CA GLU E 485 -7.87 75.82 25.67
C GLU E 485 -7.63 77.24 26.20
N GLU E 486 -6.38 77.65 26.29
CA GLU E 486 -6.02 79.00 26.72
C GLU E 486 -6.65 80.04 25.80
N SER E 487 -6.98 79.65 24.57
CA SER E 487 -7.59 80.58 23.62
C SER E 487 -8.89 81.17 24.15
N ASP E 488 -9.68 80.38 24.87
CA ASP E 488 -10.98 80.83 25.35
C ASP E 488 -11.08 80.98 26.87
N LEU E 489 -10.23 80.30 27.64
CA LEU E 489 -10.24 80.50 29.08
C LEU E 489 -9.87 81.94 29.43
N ARG E 490 -8.89 82.50 28.71
CA ARG E 490 -8.56 83.91 28.90
C ARG E 490 -9.77 84.80 28.65
N ASN E 491 -10.61 84.43 27.69
CA ASN E 491 -11.86 85.15 27.47
C ASN E 491 -12.78 85.01 28.67
N HIS E 492 -12.84 83.82 29.26
CA HIS E 492 -13.78 83.56 30.35
C HIS E 492 -13.24 83.89 31.72
N GLY E 493 -11.92 83.94 31.90
CA GLY E 493 -11.41 84.20 33.24
C GLY E 493 -9.92 84.40 33.25
N LEU E 494 -9.38 84.44 34.46
CA LEU E 494 -7.95 84.70 34.69
C LEU E 494 -7.16 83.48 34.24
N GLN E 495 -6.61 83.59 33.02
CA GLN E 495 -6.00 82.48 32.30
C GLN E 495 -4.86 81.81 33.07
N LYS E 496 -4.21 82.55 33.97
CA LYS E 496 -3.03 82.01 34.63
C LYS E 496 -3.22 81.83 36.14
N ALA E 497 -3.53 82.91 36.84
CA ALA E 497 -3.47 82.88 38.30
C ALA E 497 -4.59 82.07 38.92
N ASP E 498 -5.84 82.47 38.68
CA ASP E 498 -6.96 81.87 39.39
C ASP E 498 -7.25 80.45 38.93
N VAL E 499 -7.26 80.20 37.62
CA VAL E 499 -7.65 78.89 37.11
C VAL E 499 -6.67 77.82 37.54
N SER E 500 -5.43 78.19 37.85
CA SER E 500 -4.47 77.21 38.33
C SER E 500 -4.92 76.57 39.62
N ALA E 501 -5.51 77.35 40.53
CA ALA E 501 -6.13 76.76 41.71
C ALA E 501 -7.29 75.85 41.34
N PHE E 502 -8.16 76.34 40.44
CA PHE E 502 -9.28 75.52 40.00
C PHE E 502 -8.80 74.25 39.29
N LEU E 503 -7.78 74.39 38.44
CA LEU E 503 -7.20 73.22 37.79
C LEU E 503 -6.71 72.22 38.82
N ARG E 504 -5.94 72.69 39.80
CA ARG E 504 -5.45 71.79 40.84
C ARG E 504 -6.58 71.29 41.72
N MET E 505 -7.66 72.05 41.84
CA MET E 505 -8.85 71.53 42.51
C MET E 505 -9.59 70.54 41.62
N ASN E 506 -9.70 70.84 40.33
CA ASN E 506 -10.32 69.92 39.39
C ASN E 506 -9.42 68.75 39.02
N LEU E 507 -8.11 68.90 39.19
CA LEU E 507 -7.12 67.82 39.12
C LEU E 507 -6.87 67.31 37.70
N PHE E 508 -7.70 67.72 36.73
CA PHE E 508 -7.49 67.39 35.33
C PHE E 508 -8.26 68.38 34.46
N GLN E 509 -7.53 69.29 33.80
CA GLN E 509 -8.19 70.19 32.86
C GLN E 509 -7.39 70.40 31.58
N LYS E 510 -6.13 69.96 31.52
CA LYS E 510 -5.34 70.16 30.31
C LYS E 510 -4.67 68.88 29.83
N GLU E 511 -4.20 68.06 30.76
CA GLU E 511 -3.26 67.00 30.40
C GLU E 511 -3.91 65.87 29.60
N VAL E 512 -5.25 65.82 29.54
CA VAL E 512 -5.91 64.74 28.82
C VAL E 512 -5.59 64.81 27.32
N ASP E 513 -5.59 66.01 26.75
CA ASP E 513 -5.25 66.20 25.34
C ASP E 513 -3.76 66.08 25.08
N CYS E 514 -2.93 66.48 26.05
CA CYS E 514 -1.49 66.29 26.07
C CYS E 514 -0.74 67.19 25.09
N GLU E 515 -1.44 67.88 24.20
CA GLU E 515 -0.70 68.77 23.30
C GLU E 515 -0.71 70.22 23.77
N LYS E 516 -1.86 70.89 23.69
CA LYS E 516 -2.04 72.22 24.25
C LYS E 516 -3.42 72.48 24.83
N PHE E 517 -4.42 71.66 24.53
CA PHE E 517 -5.80 72.04 24.77
C PHE E 517 -6.16 71.89 26.25
N TYR E 518 -7.14 72.67 26.68
CA TYR E 518 -7.65 72.65 28.05
C TYR E 518 -9.12 72.22 28.02
N SER E 519 -9.51 71.48 29.05
CA SER E 519 -10.83 70.86 29.08
C SER E 519 -11.30 70.81 30.52
N PHE E 520 -12.32 69.99 30.78
CA PHE E 520 -12.90 69.83 32.11
C PHE E 520 -12.70 68.39 32.56
N ILE E 521 -13.13 68.11 33.79
CA ILE E 521 -13.03 66.76 34.32
C ILE E 521 -13.96 65.82 33.56
N HIS E 522 -15.26 66.12 33.58
CA HIS E 522 -16.26 65.28 32.95
C HIS E 522 -17.43 66.15 32.52
N MET E 523 -18.20 65.65 31.56
CA MET E 523 -19.33 66.41 31.02
C MET E 523 -20.43 66.66 32.02
N THR E 524 -20.52 65.86 33.08
CA THR E 524 -21.49 66.13 34.14
C THR E 524 -21.19 67.45 34.83
N PHE E 525 -19.92 67.74 35.10
CA PHE E 525 -19.56 69.00 35.72
C PHE E 525 -19.96 70.18 34.85
N GLN E 526 -19.69 70.07 33.54
CA GLN E 526 -20.04 71.15 32.62
C GLN E 526 -21.55 71.38 32.61
N GLU E 527 -22.33 70.28 32.55
CA GLU E 527 -23.77 70.42 32.62
C GLU E 527 -24.26 70.81 34.01
N PHE E 528 -23.50 70.49 35.06
CA PHE E 528 -23.88 70.92 36.40
C PHE E 528 -23.72 72.43 36.54
N PHE E 529 -22.56 72.96 36.12
CA PHE E 529 -22.36 74.40 36.19
C PHE E 529 -23.25 75.13 35.20
N ALA E 530 -23.58 74.50 34.08
CA ALA E 530 -24.53 75.10 33.14
C ALA E 530 -25.88 75.33 33.80
N ALA E 531 -26.28 74.44 34.72
CA ALA E 531 -27.51 74.64 35.46
C ALA E 531 -27.36 75.71 36.53
N MET E 532 -26.18 75.81 37.14
CA MET E 532 -25.97 76.79 38.20
C MET E 532 -26.12 78.21 37.68
N TYR E 533 -25.52 78.50 36.52
CA TYR E 533 -25.53 79.87 36.00
C TYR E 533 -26.95 80.36 35.78
N TYR E 534 -27.86 79.45 35.42
CA TYR E 534 -29.24 79.86 35.19
C TYR E 534 -29.86 80.43 36.45
N LEU E 535 -29.58 79.83 37.60
CA LEU E 535 -30.10 80.34 38.86
C LEU E 535 -29.33 81.56 39.36
N LEU E 536 -28.03 81.64 39.09
CA LEU E 536 -27.22 82.73 39.61
C LEU E 536 -27.45 84.04 38.86
N GLU E 537 -28.45 84.10 37.99
CA GLU E 537 -28.82 85.33 37.29
C GLU E 537 -27.64 85.93 36.54
N GLU E 538 -26.74 85.01 36.16
CA GLU E 538 -25.47 85.42 35.50
C GLU E 538 -24.75 86.42 36.41
N GLU E 539 -24.30 85.97 37.58
CA GLU E 539 -23.60 86.86 38.55
C GLU E 539 -24.54 87.99 38.93
N LYS E 540 -25.83 87.69 39.02
CA LYS E 540 -26.85 88.71 39.37
C LYS E 540 -26.98 89.68 38.20
N GLU E 541 -27.72 90.76 38.38
CA GLU E 541 -27.79 91.79 37.32
C GLU E 541 -26.93 92.97 37.77
N GLY E 542 -26.08 92.77 38.78
CA GLY E 542 -25.28 93.88 39.32
C GLY E 542 -23.78 93.62 39.37
N ARG E 543 -23.25 92.87 38.39
CA ARG E 543 -21.80 92.51 38.39
C ARG E 543 -21.22 92.60 36.97
N THR E 544 -21.49 91.62 36.09
CA THR E 544 -20.89 91.60 34.72
C THR E 544 -19.36 91.55 34.82
N ASN E 545 -18.64 92.58 34.34
CA ASN E 545 -17.16 92.60 34.39
C ASN E 545 -16.56 91.44 33.60
N VAL E 546 -17.06 91.19 32.39
CA VAL E 546 -16.60 90.05 31.54
C VAL E 546 -15.15 90.22 31.06
N PRO E 547 -14.33 89.14 30.94
CA PRO E 547 -12.98 89.22 30.37
C PRO E 547 -13.01 89.33 28.85
N GLY E 548 -13.59 90.42 28.32
CA GLY E 548 -13.69 90.70 26.89
C GLY E 548 -14.94 90.14 26.24
N SER E 549 -15.78 89.44 26.98
CA SER E 549 -16.97 88.79 26.42
C SER E 549 -18.17 89.72 26.32
N ARG E 550 -18.10 90.75 25.47
CA ARG E 550 -19.28 91.58 25.22
C ARG E 550 -20.36 90.80 24.48
N LEU E 551 -19.99 89.70 23.82
CA LEU E 551 -20.91 88.89 23.05
C LEU E 551 -20.76 87.43 23.47
N LYS E 552 -21.39 86.55 22.71
CA LYS E 552 -21.35 85.11 22.92
C LYS E 552 -21.94 84.70 24.26
N LEU E 553 -22.80 85.52 24.83
CA LEU E 553 -23.48 85.14 26.07
C LEU E 553 -24.72 84.33 25.74
N PRO E 554 -24.79 83.06 26.11
CA PRO E 554 -26.04 82.31 25.91
C PRO E 554 -27.17 82.92 26.71
N SER E 555 -28.38 82.80 26.17
CA SER E 555 -29.53 83.46 26.76
C SER E 555 -29.78 82.98 28.19
N ARG E 556 -29.98 83.93 29.09
CA ARG E 556 -30.29 83.61 30.47
C ARG E 556 -31.68 83.01 30.63
N ASP E 557 -32.50 83.07 29.58
CA ASP E 557 -33.81 82.42 29.61
C ASP E 557 -33.65 80.91 29.60
N VAL E 558 -34.58 80.22 30.28
CA VAL E 558 -34.56 78.77 30.36
C VAL E 558 -35.61 78.12 29.47
N THR E 559 -36.56 78.88 28.93
CA THR E 559 -37.55 78.29 28.04
C THR E 559 -36.88 77.74 26.78
N VAL E 560 -35.89 78.46 26.27
CA VAL E 560 -35.14 77.98 25.11
C VAL E 560 -34.45 76.67 25.42
N LEU E 561 -34.01 76.49 26.68
CA LEU E 561 -33.35 75.25 27.07
C LEU E 561 -34.28 74.06 26.86
N LEU E 562 -35.54 74.18 27.27
CA LEU E 562 -36.51 73.12 27.02
C LEU E 562 -36.93 73.06 25.57
N GLU E 563 -36.79 74.15 24.82
CA GLU E 563 -37.09 74.16 23.40
C GLU E 563 -36.00 73.47 22.57
N ASN E 564 -34.74 73.62 22.96
CA ASN E 564 -33.67 72.86 22.33
C ASN E 564 -33.43 71.52 23.01
N TYR E 565 -34.23 71.18 24.02
CA TYR E 565 -34.07 69.92 24.75
C TYR E 565 -34.26 68.74 23.81
N GLY E 566 -33.39 67.75 23.94
CA GLY E 566 -33.45 66.56 23.12
C GLY E 566 -32.71 66.65 21.80
N LYS E 567 -32.15 67.81 21.46
CA LYS E 567 -31.41 67.94 20.22
C LYS E 567 -29.97 67.46 20.40
N PHE E 568 -29.49 66.65 19.46
CA PHE E 568 -28.09 66.25 19.50
C PHE E 568 -27.16 67.45 19.34
N GLU E 569 -27.66 68.53 18.76
CA GLU E 569 -26.88 69.76 18.68
C GLU E 569 -26.52 70.28 20.06
N LYS E 570 -27.35 69.98 21.07
CA LYS E 570 -27.11 70.46 22.43
C LYS E 570 -26.93 69.30 23.40
N GLY E 571 -26.65 68.11 22.91
CA GLY E 571 -26.35 66.98 23.78
C GLY E 571 -27.54 66.48 24.58
N TYR E 572 -28.76 66.65 24.08
CA TYR E 572 -29.98 66.13 24.67
C TYR E 572 -30.32 66.82 25.99
N LEU E 573 -29.42 67.66 26.50
CA LEU E 573 -29.67 68.54 27.64
C LEU E 573 -30.30 67.81 28.83
N ILE E 574 -29.85 66.60 29.14
CA ILE E 574 -30.44 65.85 30.25
C ILE E 574 -30.12 66.52 31.58
N PHE E 575 -28.83 66.55 31.93
CA PHE E 575 -28.42 66.98 33.26
C PHE E 575 -28.73 68.45 33.48
N VAL E 576 -28.60 69.28 32.45
CA VAL E 576 -28.91 70.70 32.60
C VAL E 576 -30.32 70.85 33.15
N VAL E 577 -31.30 70.26 32.47
CA VAL E 577 -32.67 70.27 32.99
C VAL E 577 -32.75 69.53 34.30
N ARG E 578 -32.12 68.35 34.38
CA ARG E 578 -32.24 67.51 35.56
C ARG E 578 -31.68 68.19 36.79
N PHE E 579 -30.54 68.88 36.65
CA PHE E 579 -29.94 69.52 37.81
C PHE E 579 -30.73 70.74 38.27
N LEU E 580 -31.53 71.33 37.38
CA LEU E 580 -32.30 72.51 37.76
C LEU E 580 -33.25 72.21 38.91
N PHE E 581 -33.89 71.05 38.88
CA PHE E 581 -34.84 70.67 39.91
C PHE E 581 -34.16 70.59 41.27
N GLY E 582 -33.02 69.92 41.34
CA GLY E 582 -32.32 69.78 42.60
C GLY E 582 -31.82 71.11 43.14
N LEU E 583 -31.38 72.00 42.25
CA LEU E 583 -30.80 73.27 42.66
C LEU E 583 -31.82 74.19 43.33
N VAL E 584 -33.07 74.19 42.87
CA VAL E 584 -34.02 75.21 43.30
C VAL E 584 -34.61 74.90 44.67
N ASN E 585 -34.14 73.86 45.35
CA ASN E 585 -34.58 73.61 46.71
C ASN E 585 -34.33 74.83 47.58
N GLN E 586 -35.41 75.48 47.99
CA GLN E 586 -35.33 76.77 48.67
C GLN E 586 -34.63 76.64 50.01
N GLU E 587 -35.14 75.76 50.86
CA GLU E 587 -34.59 75.59 52.21
C GLU E 587 -33.15 75.10 52.17
N ARG E 588 -32.83 74.22 51.22
CA ARG E 588 -31.50 73.62 51.18
C ARG E 588 -30.43 74.64 50.83
N THR E 589 -30.68 75.43 49.77
CA THR E 589 -29.66 76.37 49.32
C THR E 589 -29.73 77.69 50.06
N SER E 590 -30.76 77.88 50.90
CA SER E 590 -30.92 79.15 51.61
C SER E 590 -29.73 79.41 52.54
N TYR E 591 -29.41 78.45 53.40
CA TYR E 591 -28.25 78.57 54.27
C TYR E 591 -27.03 77.83 53.73
N LEU E 592 -27.10 77.34 52.48
CA LEU E 592 -25.94 76.72 51.87
C LEU E 592 -25.15 77.74 51.05
N GLU E 593 -25.83 78.55 50.26
CA GLU E 593 -25.18 79.52 49.38
C GLU E 593 -25.36 80.95 49.85
N LYS E 594 -26.59 81.41 50.03
CA LYS E 594 -26.91 82.82 50.26
C LYS E 594 -26.40 83.69 49.10
N LYS E 595 -25.92 83.04 48.05
CA LYS E 595 -25.61 83.67 46.78
C LYS E 595 -26.55 83.16 45.70
N LEU E 596 -27.82 83.00 46.05
CA LEU E 596 -28.76 82.17 45.32
C LEU E 596 -29.59 83.01 44.35
N SER E 597 -30.64 82.40 43.80
CA SER E 597 -31.54 83.06 42.86
C SER E 597 -32.55 83.93 43.58
N CYS E 598 -33.59 84.35 42.86
CA CYS E 598 -34.62 85.22 43.38
C CYS E 598 -35.96 84.73 42.82
N LYS E 599 -36.97 85.61 42.84
CA LYS E 599 -38.25 85.30 42.24
C LYS E 599 -38.11 84.75 40.82
N ILE E 600 -36.96 84.99 40.19
CA ILE E 600 -36.65 84.41 38.88
C ILE E 600 -36.76 82.90 38.97
N SER E 601 -36.18 82.32 40.01
CA SER E 601 -36.32 80.88 40.21
C SER E 601 -37.78 80.51 40.42
N GLN E 602 -38.52 81.32 41.17
CA GLN E 602 -39.93 81.04 41.42
C GLN E 602 -40.73 81.07 40.11
N GLN E 603 -40.47 82.07 39.26
CA GLN E 603 -41.11 82.08 37.95
C GLN E 603 -40.52 81.02 37.02
N ILE E 604 -39.28 80.60 37.28
CA ILE E 604 -38.73 79.46 36.55
C ILE E 604 -39.51 78.20 36.87
N ARG E 605 -39.86 78.01 38.15
CA ARG E 605 -40.63 76.83 38.53
C ARG E 605 -41.95 76.76 37.77
N LEU E 606 -42.65 77.89 37.67
CA LEU E 606 -43.87 77.92 36.87
C LEU E 606 -43.56 77.62 35.41
N GLU E 607 -42.49 78.20 34.88
CA GLU E 607 -42.05 77.86 33.53
C GLU E 607 -41.70 76.38 33.42
N LEU E 608 -40.97 75.86 34.41
CA LEU E 608 -40.63 74.45 34.41
C LEU E 608 -41.85 73.58 34.67
N LEU E 609 -42.79 74.07 35.47
CA LEU E 609 -44.05 73.37 35.65
C LEU E 609 -44.79 73.24 34.33
N LYS E 610 -44.79 74.31 33.53
CA LYS E 610 -45.47 74.25 32.25
C LYS E 610 -44.79 73.26 31.31
N TRP E 611 -43.46 73.14 31.39
CA TRP E 611 -42.75 72.17 30.56
C TRP E 611 -43.21 70.75 30.84
N ILE E 612 -43.30 70.40 32.12
CA ILE E 612 -43.77 69.07 32.50
C ILE E 612 -45.23 68.91 32.11
N GLU E 613 -46.01 69.97 32.27
CA GLU E 613 -47.45 69.90 31.99
C GLU E 613 -47.71 69.58 30.53
N VAL E 614 -47.02 70.26 29.62
CA VAL E 614 -47.32 70.10 28.20
C VAL E 614 -46.90 68.73 27.70
N LYS E 615 -45.81 68.18 28.23
CA LYS E 615 -45.27 66.93 27.69
C LYS E 615 -46.25 65.79 27.82
N ALA E 616 -46.83 65.60 29.01
CA ALA E 616 -47.78 64.51 29.20
C ALA E 616 -49.04 64.72 28.37
N LYS E 617 -49.54 65.95 28.32
CA LYS E 617 -50.83 66.23 27.70
C LYS E 617 -50.74 66.17 26.17
N ALA E 618 -49.68 66.74 25.60
CA ALA E 618 -49.64 66.98 24.17
C ALA E 618 -49.15 65.80 23.34
N LYS E 619 -47.92 65.36 23.54
CA LYS E 619 -47.33 64.35 22.65
C LYS E 619 -46.59 63.33 23.50
N LYS E 620 -47.01 62.07 23.40
CA LYS E 620 -46.27 60.99 24.06
C LYS E 620 -45.17 60.42 23.17
N LEU E 621 -45.32 60.56 21.85
CA LEU E 621 -44.32 60.05 20.90
C LEU E 621 -43.27 61.12 20.67
N GLN E 622 -42.18 61.03 21.44
CA GLN E 622 -41.01 61.86 21.24
C GLN E 622 -39.77 60.99 21.41
N ILE E 623 -38.61 61.60 21.22
CA ILE E 623 -37.34 60.85 21.17
C ILE E 623 -37.16 60.03 22.44
N GLN E 624 -36.99 60.71 23.58
CA GLN E 624 -37.04 60.04 24.87
C GLN E 624 -37.18 61.00 26.04
N PRO E 625 -38.28 61.76 26.14
CA PRO E 625 -38.58 62.43 27.41
C PRO E 625 -39.34 61.49 28.33
N SER E 626 -38.65 60.46 28.84
CA SER E 626 -39.33 59.34 29.48
C SER E 626 -40.11 59.76 30.71
N GLN E 627 -41.17 59.00 30.99
CA GLN E 627 -41.97 59.27 32.18
C GLN E 627 -41.15 59.11 33.44
N LEU E 628 -40.30 58.08 33.50
CA LEU E 628 -39.38 57.95 34.62
C LEU E 628 -38.34 59.06 34.62
N GLU E 629 -37.94 59.52 33.43
CA GLU E 629 -36.99 60.61 33.35
C GLU E 629 -37.54 61.86 34.01
N LEU E 630 -38.81 62.17 33.76
CA LEU E 630 -39.47 63.23 34.51
C LEU E 630 -39.53 62.88 35.98
N PHE E 631 -39.81 61.62 36.31
CA PHE E 631 -39.85 61.20 37.71
C PHE E 631 -38.51 61.42 38.39
N TYR E 632 -37.41 61.29 37.63
CA TYR E 632 -36.12 61.70 38.17
C TYR E 632 -36.13 63.17 38.52
N CYS E 633 -36.70 64.01 37.65
CA CYS E 633 -36.71 65.44 37.89
C CYS E 633 -37.50 65.79 39.15
N LEU E 634 -38.74 65.29 39.23
CA LEU E 634 -39.55 65.56 40.42
C LEU E 634 -38.91 64.99 41.67
N TYR E 635 -38.16 63.90 41.54
CA TYR E 635 -37.45 63.35 42.69
C TYR E 635 -36.42 64.32 43.23
N GLU E 636 -35.70 65.00 42.34
CA GLU E 636 -34.73 66.00 42.79
C GLU E 636 -35.44 67.14 43.52
N MET E 637 -36.54 67.64 42.96
CA MET E 637 -37.31 68.71 43.58
C MET E 637 -38.17 68.12 44.70
N GLN E 638 -37.64 68.21 45.91
CA GLN E 638 -38.34 67.70 47.08
C GLN E 638 -39.53 68.58 47.44
N GLU E 639 -40.22 68.24 48.52
CA GLU E 639 -41.39 68.94 49.01
C GLU E 639 -42.58 68.65 48.11
N GLU E 640 -43.76 68.45 48.69
CA GLU E 640 -44.96 67.96 47.93
C GLU E 640 -45.57 68.77 46.78
N ASP E 641 -46.06 70.00 46.97
CA ASP E 641 -46.96 70.68 45.98
C ASP E 641 -46.53 70.81 44.52
N PHE E 642 -45.32 71.28 44.22
CA PHE E 642 -45.00 71.48 42.79
C PHE E 642 -44.98 70.11 42.11
N VAL E 643 -44.33 69.19 42.82
CA VAL E 643 -44.19 67.82 42.25
C VAL E 643 -45.59 67.25 42.11
N GLN E 644 -46.48 67.54 43.06
CA GLN E 644 -47.85 67.00 43.05
C GLN E 644 -48.60 67.50 41.82
N ARG E 645 -48.59 68.81 41.59
CA ARG E 645 -49.23 69.38 40.38
C ARG E 645 -48.68 68.69 39.13
N ALA E 646 -47.37 68.46 39.08
CA ALA E 646 -46.76 67.87 37.87
C ALA E 646 -47.19 66.41 37.71
N MET E 647 -47.18 65.63 38.79
CA MET E 647 -47.51 64.18 38.76
C MET E 647 -48.98 63.98 38.40
N ASP E 648 -49.82 64.97 38.76
CA ASP E 648 -51.26 64.88 38.43
C ASP E 648 -51.52 65.38 37.02
N TYR E 649 -50.48 65.35 36.18
CA TYR E 649 -50.69 65.72 34.76
C TYR E 649 -50.76 64.46 33.89
N PHE E 650 -50.76 63.27 34.50
CA PHE E 650 -50.72 62.03 33.68
C PHE E 650 -51.31 60.81 34.39
N PRO E 651 -52.46 60.19 34.00
CA PRO E 651 -52.85 58.89 34.57
C PRO E 651 -52.17 57.75 33.84
N LYS E 652 -51.58 58.05 32.69
CA LYS E 652 -50.92 57.06 31.85
C LYS E 652 -49.46 56.95 32.28
N ILE E 653 -49.21 56.05 33.22
CA ILE E 653 -47.86 55.80 33.72
C ILE E 653 -47.40 54.48 33.11
N GLU E 654 -46.48 54.56 32.15
CA GLU E 654 -45.85 53.40 31.54
C GLU E 654 -44.35 53.58 31.59
N ILE E 655 -43.69 52.86 32.51
CA ILE E 655 -42.28 53.05 32.78
C ILE E 655 -41.59 51.69 32.80
N ASN E 656 -40.25 51.73 32.67
CA ASN E 656 -39.41 50.55 32.77
C ASN E 656 -38.35 50.78 33.84
N LEU E 657 -37.95 49.70 34.51
CA LEU E 657 -37.03 49.77 35.62
C LEU E 657 -35.84 48.87 35.36
N SER E 658 -34.66 49.32 35.79
CA SER E 658 -33.42 48.57 35.59
C SER E 658 -32.62 48.36 36.87
N THR E 659 -32.64 49.31 37.80
CA THR E 659 -31.83 49.20 39.00
C THR E 659 -32.61 49.81 40.17
N ARG E 660 -32.18 49.45 41.38
CA ARG E 660 -32.78 49.94 42.62
C ARG E 660 -33.06 51.44 42.57
N MET E 661 -32.10 52.20 42.05
CA MET E 661 -32.30 53.64 41.92
C MET E 661 -33.52 53.95 41.07
N ASP E 662 -33.67 53.26 39.94
CA ASP E 662 -34.85 53.42 39.11
C ASP E 662 -36.11 53.00 39.87
N HIS E 663 -36.03 51.89 40.61
CA HIS E 663 -37.15 51.48 41.43
C HIS E 663 -37.41 52.48 42.55
N MET E 664 -36.35 53.04 43.13
CA MET E 664 -36.52 53.99 44.23
C MET E 664 -37.18 55.27 43.76
N VAL E 665 -36.69 55.86 42.66
CA VAL E 665 -37.25 57.11 42.19
C VAL E 665 -38.70 56.92 41.76
N SER E 666 -38.99 55.80 41.09
CA SER E 666 -40.36 55.50 40.74
C SER E 666 -41.21 55.32 41.99
N SER E 667 -40.68 54.62 42.99
CA SER E 667 -41.42 54.46 44.24
C SER E 667 -41.65 55.80 44.92
N PHE E 668 -40.61 56.64 44.99
CA PHE E 668 -40.74 57.91 45.69
C PHE E 668 -41.69 58.86 44.97
N CYS E 669 -41.58 58.95 43.64
CA CYS E 669 -42.39 59.92 42.92
C CYS E 669 -43.87 59.61 43.04
N ILE E 670 -44.25 58.32 42.98
CA ILE E 670 -45.65 57.95 43.10
C ILE E 670 -46.18 58.14 44.51
N GLU E 671 -45.30 58.29 45.51
CA GLU E 671 -45.76 58.56 46.86
C GLU E 671 -46.59 59.84 46.86
N ASN E 672 -46.26 60.75 45.96
CA ASN E 672 -47.02 61.97 45.82
C ASN E 672 -48.27 61.71 45.00
N CYS E 673 -49.22 62.65 45.08
CA CYS E 673 -50.48 62.57 44.37
C CYS E 673 -51.28 61.34 44.78
N HIS E 674 -52.37 61.09 44.08
CA HIS E 674 -53.27 59.98 44.37
C HIS E 674 -54.21 59.78 43.18
N ARG E 675 -55.20 58.90 43.33
CA ARG E 675 -56.28 58.74 42.36
C ARG E 675 -55.78 58.27 41.00
N VAL E 676 -54.46 58.04 40.89
CA VAL E 676 -53.83 57.67 39.63
C VAL E 676 -54.50 56.43 39.04
N GLU E 677 -54.81 56.47 37.75
CA GLU E 677 -55.62 55.43 37.16
C GLU E 677 -54.79 54.18 36.84
N SER E 678 -53.80 54.32 35.97
CA SER E 678 -53.17 53.14 35.36
C SER E 678 -51.67 53.18 35.61
N LEU E 679 -51.12 52.06 36.08
CA LEU E 679 -49.69 51.87 36.19
C LEU E 679 -49.25 50.76 35.24
N SER E 680 -48.12 50.99 34.56
CA SER E 680 -47.61 50.01 33.61
C SER E 680 -46.13 49.77 33.89
N LEU E 681 -45.73 48.51 33.75
CA LEU E 681 -44.36 48.09 34.03
C LEU E 681 -43.99 46.95 33.09
N GLY E 682 -42.78 46.43 33.25
CA GLY E 682 -42.39 45.22 32.55
C GLY E 682 -41.71 45.47 31.22
N PHE E 683 -41.60 44.39 30.44
CA PHE E 683 -40.94 44.45 29.14
C PHE E 683 -41.67 45.39 28.19
N LEU E 684 -42.94 45.09 27.90
CA LEU E 684 -43.79 45.90 27.04
C LEU E 684 -43.16 46.23 25.70
N HIS E 685 -43.19 47.51 25.31
CA HIS E 685 -42.77 48.02 24.01
C HIS E 685 -43.70 47.52 22.91
N ASN E 686 -44.61 46.62 23.28
CA ASN E 686 -45.65 46.08 22.39
C ASN E 686 -46.66 45.41 23.33
N MET E 687 -47.92 45.82 23.25
CA MET E 687 -48.90 45.28 24.19
C MET E 687 -50.12 44.73 23.46
N PRO E 688 -49.97 43.68 22.65
CA PRO E 688 -51.11 43.12 21.92
C PRO E 688 -51.80 42.02 22.70
N LYS E 689 -52.80 41.39 22.08
CA LYS E 689 -53.44 40.18 22.60
C LYS E 689 -54.15 40.45 23.93
N GLU E 690 -54.50 41.71 24.19
CA GLU E 690 -55.21 42.01 25.44
C GLU E 690 -56.33 43.03 25.25
N GLU E 691 -57.02 43.06 24.13
CA GLU E 691 -58.01 44.09 23.84
C GLU E 691 -59.31 43.79 24.59
N GLU E 692 -59.74 44.72 25.43
CA GLU E 692 -61.01 44.63 26.13
C GLU E 692 -62.17 44.74 25.13
N GLU E 693 -63.27 44.06 25.46
CA GLU E 693 -64.46 44.14 24.61
C GLU E 693 -65.65 44.82 25.27
N GLU E 694 -65.79 44.77 26.59
CA GLU E 694 -66.94 45.35 27.30
C GLU E 694 -68.21 44.83 26.65
N GLU E 695 -69.15 45.70 26.26
CA GLU E 695 -70.40 45.27 25.63
C GLU E 695 -70.71 46.17 24.45
N LYS E 696 -71.41 45.61 23.46
CA LYS E 696 -71.83 46.34 22.25
C LYS E 696 -70.63 46.88 21.48
N GLU E 697 -69.50 46.18 21.56
CA GLU E 697 -68.30 46.62 20.86
C GLU E 697 -68.30 46.14 19.42
N GLY E 698 -67.57 46.87 18.58
CA GLY E 698 -67.34 46.45 17.21
C GLY E 698 -65.97 45.80 17.07
N ARG E 699 -65.23 45.77 18.17
CA ARG E 699 -63.90 45.17 18.22
C ARG E 699 -63.86 44.20 19.40
N HIS E 700 -63.23 43.04 19.17
CA HIS E 700 -63.14 41.98 20.16
C HIS E 700 -61.68 41.62 20.40
N LEU E 701 -61.46 40.77 21.40
CA LEU E 701 -60.13 40.22 21.63
C LEU E 701 -59.80 39.21 20.55
N ASP E 702 -58.59 39.32 19.99
CA ASP E 702 -58.15 38.43 18.93
C ASP E 702 -56.75 37.94 19.28
N MET E 703 -56.37 36.79 18.70
CA MET E 703 -55.07 36.21 18.99
C MET E 703 -53.96 37.06 18.36
N VAL E 704 -52.82 37.11 19.06
CA VAL E 704 -51.61 37.72 18.50
C VAL E 704 -50.46 36.72 18.62
N GLN E 705 -50.16 36.31 19.87
CA GLN E 705 -49.14 35.32 20.18
C GLN E 705 -47.74 35.79 19.81
N CYS E 706 -47.63 37.01 19.26
CA CYS E 706 -46.41 37.55 18.66
C CYS E 706 -45.90 36.52 17.65
N VAL E 707 -44.59 36.44 17.39
CA VAL E 707 -44.04 35.35 16.58
C VAL E 707 -42.86 34.72 17.30
N LEU E 708 -41.89 35.54 17.70
CA LEU E 708 -40.60 35.13 18.24
C LEU E 708 -40.60 34.48 19.63
N PRO E 709 -41.56 34.76 20.53
CA PRO E 709 -41.50 34.11 21.85
C PRO E 709 -41.43 32.59 21.78
N SER E 710 -42.20 31.97 20.88
CA SER E 710 -42.15 30.53 20.59
C SER E 710 -41.95 29.69 21.84
N SER E 711 -40.99 28.77 21.80
CA SER E 711 -40.61 27.97 22.96
C SER E 711 -39.56 28.63 23.81
N SER E 712 -39.00 29.77 23.37
CA SER E 712 -38.01 30.48 24.17
C SER E 712 -38.64 31.08 25.42
N HIS E 713 -39.91 31.51 25.33
CA HIS E 713 -40.59 32.07 26.48
C HIS E 713 -40.72 31.04 27.60
N ALA E 714 -41.11 29.81 27.24
CA ALA E 714 -41.21 28.75 28.25
C ALA E 714 -39.84 28.38 28.82
N ALA E 715 -38.81 28.40 27.98
CA ALA E 715 -37.47 28.06 28.44
C ALA E 715 -36.97 29.09 29.47
N CYS E 716 -37.24 30.36 29.24
CA CYS E 716 -36.80 31.39 30.17
C CYS E 716 -37.52 31.30 31.51
N SER E 717 -38.77 30.83 31.50
CA SER E 717 -39.57 30.81 32.72
C SER E 717 -39.06 29.81 33.75
N HIS E 718 -38.26 28.82 33.34
CA HIS E 718 -37.78 27.79 34.25
C HIS E 718 -36.38 28.06 34.78
N GLY E 719 -35.46 28.50 33.92
CA GLY E 719 -34.10 28.75 34.34
C GLY E 719 -33.72 30.22 34.33
N LEU E 720 -34.64 31.08 34.77
CA LEU E 720 -34.42 32.52 34.76
C LEU E 720 -33.28 32.92 35.70
N VAL E 721 -33.22 32.30 36.88
CA VAL E 721 -32.22 32.59 37.90
C VAL E 721 -32.36 34.03 38.36
N ASN E 722 -31.51 34.91 37.85
CA ASN E 722 -31.54 36.34 38.17
C ASN E 722 -31.44 36.58 39.68
N SER E 723 -30.28 36.22 40.24
CA SER E 723 -30.04 36.46 41.66
C SER E 723 -29.99 37.93 42.02
N HIS E 724 -29.76 38.81 41.03
CA HIS E 724 -29.79 40.25 41.27
C HIS E 724 -31.20 40.78 41.48
N LEU E 725 -32.23 39.97 41.23
CA LEU E 725 -33.61 40.32 41.51
C LEU E 725 -34.11 39.45 42.65
N THR E 726 -34.58 40.09 43.72
CA THR E 726 -34.89 39.41 44.97
C THR E 726 -36.24 39.91 45.47
N SER E 727 -36.53 39.62 46.74
CA SER E 727 -37.70 40.20 47.39
C SER E 727 -37.62 41.72 47.37
N SER E 728 -36.41 42.26 47.48
CA SER E 728 -36.20 43.68 47.29
C SER E 728 -36.47 44.05 45.83
N PHE E 729 -36.36 45.35 45.54
CA PHE E 729 -36.70 45.95 44.25
C PHE E 729 -38.21 45.94 44.05
N CYS E 730 -38.92 45.23 44.91
CA CYS E 730 -40.36 45.08 44.75
C CYS E 730 -41.12 45.48 46.01
N ARG E 731 -40.57 45.12 47.18
CA ARG E 731 -41.25 45.39 48.44
C ARG E 731 -41.54 46.88 48.61
N GLY E 732 -40.54 47.72 48.35
CA GLY E 732 -40.74 49.15 48.44
C GLY E 732 -41.68 49.68 47.39
N LEU E 733 -41.51 49.24 46.14
CA LEU E 733 -42.32 49.74 45.05
C LEU E 733 -43.79 49.40 45.26
N PHE E 734 -44.06 48.17 45.68
CA PHE E 734 -45.46 47.78 45.90
C PHE E 734 -45.99 48.33 47.22
N SER E 735 -45.10 48.73 48.12
CA SER E 735 -45.56 49.42 49.33
C SER E 735 -46.26 50.71 48.99
N VAL E 736 -45.85 51.35 47.89
CA VAL E 736 -46.62 52.48 47.35
C VAL E 736 -47.99 52.00 46.89
N LEU E 737 -48.03 50.85 46.20
CA LEU E 737 -49.30 50.32 45.72
C LEU E 737 -50.22 49.93 46.86
N SER E 738 -49.66 49.39 47.94
CA SER E 738 -50.48 49.14 49.14
C SER E 738 -51.10 50.42 49.65
N THR E 739 -50.41 51.55 49.46
CA THR E 739 -50.93 52.88 49.79
C THR E 739 -51.50 53.56 48.55
N SER E 740 -52.20 52.81 47.71
CA SER E 740 -52.64 53.31 46.41
C SER E 740 -53.50 54.57 46.54
N GLN E 741 -54.39 54.59 47.53
CA GLN E 741 -55.24 55.74 47.76
C GLN E 741 -56.08 56.06 46.53
N SER E 742 -56.99 55.14 46.18
CA SER E 742 -57.97 55.29 45.12
C SER E 742 -57.37 55.08 43.73
N LEU E 743 -56.31 54.27 43.63
CA LEU E 743 -55.88 53.78 42.33
C LEU E 743 -56.85 52.73 41.83
N THR E 744 -57.00 52.63 40.52
CA THR E 744 -58.00 51.75 39.93
C THR E 744 -57.42 50.61 39.10
N GLU E 745 -56.48 50.89 38.20
CA GLU E 745 -56.04 49.91 37.22
C GLU E 745 -54.54 49.69 37.35
N LEU E 746 -54.12 48.44 37.30
CA LEU E 746 -52.71 48.07 37.32
C LEU E 746 -52.44 47.03 36.25
N ASP E 747 -51.42 47.28 35.44
CA ASP E 747 -51.00 46.37 34.40
C ASP E 747 -49.60 45.84 34.71
N LEU E 748 -49.43 44.53 34.56
CA LEU E 748 -48.15 43.88 34.75
C LEU E 748 -47.77 42.96 33.59
N SER E 749 -48.21 43.27 32.37
CA SER E 749 -48.06 42.36 31.26
C SER E 749 -46.58 42.15 30.91
N ASP E 750 -46.29 40.96 30.40
CA ASP E 750 -44.97 40.61 29.87
C ASP E 750 -43.89 40.64 30.94
N ASN E 751 -44.27 40.91 32.18
CA ASN E 751 -43.29 41.06 33.25
C ASN E 751 -42.66 39.72 33.59
N SER E 752 -41.39 39.77 33.99
CA SER E 752 -40.67 38.56 34.38
C SER E 752 -40.86 38.28 35.86
N LEU E 753 -41.92 38.83 36.43
CA LEU E 753 -42.18 38.69 37.86
C LEU E 753 -42.59 37.26 38.18
N GLY E 754 -41.79 36.58 39.02
CA GLY E 754 -42.07 35.18 39.39
C GLY E 754 -43.01 35.04 40.59
N ASP E 755 -43.14 33.82 41.12
CA ASP E 755 -44.09 33.54 42.25
C ASP E 755 -43.74 34.27 43.56
N PRO E 756 -42.49 34.36 44.06
CA PRO E 756 -42.23 35.11 45.31
C PRO E 756 -42.73 36.55 45.21
N GLY E 757 -42.35 37.27 44.17
CA GLY E 757 -42.81 38.64 43.92
C GLY E 757 -44.33 38.64 43.87
N MET E 758 -44.93 37.58 43.30
CA MET E 758 -46.40 37.45 43.25
C MET E 758 -46.96 37.37 44.67
N ARG E 759 -46.32 36.64 45.58
CA ARG E 759 -46.77 36.58 46.99
C ARG E 759 -46.72 37.99 47.60
N VAL E 760 -45.63 38.70 47.31
CA VAL E 760 -45.51 40.08 47.88
C VAL E 760 -46.67 40.91 47.34
N LEU E 761 -46.97 40.78 46.05
CA LEU E 761 -48.04 41.59 45.40
C LEU E 761 -49.38 41.22 46.04
N CYS E 762 -49.60 39.93 46.32
CA CYS E 762 -50.86 39.45 46.95
C CYS E 762 -51.02 40.03 48.36
N GLU E 763 -49.96 40.06 49.17
CA GLU E 763 -50.11 40.70 50.51
C GLU E 763 -50.43 42.19 50.31
N THR E 764 -49.77 42.77 49.29
CA THR E 764 -49.99 44.20 49.03
C THR E 764 -51.47 44.39 48.72
N LEU E 765 -52.07 43.53 47.89
CA LEU E 765 -53.51 43.62 47.46
C LEU E 765 -54.43 43.37 48.66
N GLN E 766 -53.95 42.53 49.57
CA GLN E 766 -54.81 42.15 50.71
C GLN E 766 -55.14 43.41 51.48
N HIS E 767 -54.28 44.42 51.41
CA HIS E 767 -54.49 45.61 52.28
C HIS E 767 -55.84 46.24 51.99
N PRO E 768 -56.62 46.61 53.04
CA PRO E 768 -57.90 47.25 52.84
C PRO E 768 -57.71 48.49 51.97
N GLY E 769 -56.57 49.18 52.07
CA GLY E 769 -56.50 50.42 51.31
C GLY E 769 -56.00 50.30 49.89
N CYS E 770 -56.02 49.10 49.31
CA CYS E 770 -55.52 48.93 47.94
C CYS E 770 -56.44 49.57 46.91
N ASN E 771 -57.75 49.36 47.03
CA ASN E 771 -58.75 50.06 46.22
C ASN E 771 -58.63 49.76 44.73
N ILE E 772 -57.77 48.83 44.35
CA ILE E 772 -57.56 48.54 42.93
C ILE E 772 -58.81 47.89 42.35
N ARG E 773 -59.19 48.32 41.14
CA ARG E 773 -60.38 47.81 40.49
C ARG E 773 -60.06 46.71 39.48
N ARG E 774 -59.05 46.90 38.64
CA ARG E 774 -58.68 45.93 37.63
C ARG E 774 -57.18 45.66 37.71
N LEU E 775 -56.79 44.42 37.43
CA LEU E 775 -55.41 43.98 37.55
C LEU E 775 -55.10 43.03 36.41
N TRP E 776 -54.08 43.35 35.61
CA TRP E 776 -53.68 42.55 34.47
C TRP E 776 -52.31 41.96 34.73
N LEU E 777 -52.19 40.64 34.61
CA LEU E 777 -50.91 39.95 34.74
C LEU E 777 -50.67 38.98 33.59
N GLY E 778 -51.23 39.25 32.43
CA GLY E 778 -51.12 38.33 31.32
C GLY E 778 -49.70 38.16 30.81
N ARG E 779 -49.47 37.07 30.09
CA ARG E 779 -48.23 36.75 29.37
C ARG E 779 -47.02 36.63 30.29
N CYS E 780 -47.21 36.62 31.60
CA CYS E 780 -46.10 36.46 32.53
C CYS E 780 -45.79 34.97 32.71
N GLY E 781 -44.85 34.66 33.59
CA GLY E 781 -44.41 33.31 33.83
C GLY E 781 -44.95 32.65 35.09
N LEU E 782 -46.08 33.13 35.61
CA LEU E 782 -46.61 32.60 36.86
C LEU E 782 -47.00 31.13 36.72
N SER E 783 -47.13 30.51 37.92
CA SER E 783 -47.56 29.08 38.05
C SER E 783 -48.47 28.85 39.28
N HIS E 784 -48.69 27.60 39.71
CA HIS E 784 -49.70 27.26 40.76
C HIS E 784 -49.52 27.84 42.18
N GLU E 785 -48.27 27.98 42.59
CA GLU E 785 -47.98 28.51 43.94
C GLU E 785 -48.59 29.90 43.96
N CYS E 786 -48.45 30.61 42.86
CA CYS E 786 -49.03 31.96 42.77
C CYS E 786 -50.53 31.82 42.81
N CYS E 787 -51.06 30.79 42.16
CA CYS E 787 -52.52 30.68 42.05
C CYS E 787 -53.08 30.49 43.45
N PHE E 788 -52.27 29.96 44.36
CA PHE E 788 -52.71 29.89 45.76
C PHE E 788 -52.73 31.32 46.23
N ASP E 789 -51.69 32.06 45.89
CA ASP E 789 -51.61 33.44 46.45
C ASP E 789 -52.68 34.32 45.77
N ILE E 790 -52.89 34.17 44.45
CA ILE E 790 -53.89 34.95 43.66
C ILE E 790 -55.30 34.61 44.17
N SER E 791 -55.56 33.35 44.51
CA SER E 791 -56.87 32.97 45.09
C SER E 791 -57.08 33.71 46.41
N LEU E 792 -56.04 33.77 47.24
CA LEU E 792 -56.17 34.55 48.50
C LEU E 792 -56.45 36.01 48.15
N VAL E 793 -55.78 36.54 47.12
CA VAL E 793 -55.98 37.97 46.71
C VAL E 793 -57.43 38.19 46.26
N LEU E 794 -57.99 37.25 45.51
CA LEU E 794 -59.37 37.38 45.00
C LEU E 794 -60.30 37.38 46.21
N SER E 795 -60.02 36.50 47.18
CA SER E 795 -60.84 36.46 48.42
C SER E 795 -60.77 37.80 49.17
N SER E 796 -59.59 38.44 49.22
CA SER E 796 -59.46 39.67 50.05
C SER E 796 -59.81 41.00 49.34
N ASN E 797 -59.71 41.10 48.02
CA ASN E 797 -59.90 42.39 47.31
C ASN E 797 -61.38 42.62 47.02
N GLN E 798 -62.13 41.63 46.52
CA GLN E 798 -63.60 41.88 46.34
C GLN E 798 -63.84 43.02 45.35
N LYS E 799 -63.46 44.29 45.61
CA LYS E 799 -63.44 45.41 44.68
C LYS E 799 -62.72 45.13 43.37
N LEU E 800 -61.98 44.02 43.26
CA LEU E 800 -61.40 43.64 41.98
C LEU E 800 -62.51 43.16 41.05
N VAL E 801 -62.58 43.74 39.86
CA VAL E 801 -63.69 43.44 38.96
C VAL E 801 -63.25 42.68 37.71
N GLU E 802 -61.96 42.61 37.43
CA GLU E 802 -61.49 42.00 36.19
C GLU E 802 -60.07 41.52 36.38
N LEU E 803 -59.78 40.30 35.90
CA LEU E 803 -58.47 39.70 36.02
C LEU E 803 -58.09 39.05 34.70
N ASP E 804 -56.84 39.25 34.29
CA ASP E 804 -56.31 38.67 33.06
C ASP E 804 -55.08 37.82 33.41
N LEU E 805 -55.23 36.50 33.30
CA LEU E 805 -54.13 35.58 33.50
C LEU E 805 -53.73 34.86 32.23
N SER E 806 -54.09 35.40 31.07
CA SER E 806 -53.84 34.74 29.80
C SER E 806 -52.35 34.56 29.56
N ASP E 807 -52.03 33.48 28.83
CA ASP E 807 -50.68 33.21 28.35
C ASP E 807 -49.72 32.92 29.49
N ASN E 808 -50.26 32.75 30.70
CA ASN E 808 -49.44 32.37 31.84
C ASN E 808 -49.51 30.86 32.04
N ALA E 809 -48.38 30.19 31.87
CA ALA E 809 -48.35 28.73 31.96
C ALA E 809 -48.51 28.28 33.42
N LEU E 810 -49.77 28.00 33.78
CA LEU E 810 -50.11 27.61 35.17
C LEU E 810 -50.58 26.16 35.35
N GLY E 811 -51.44 25.59 34.48
CA GLY E 811 -52.06 24.27 34.66
C GLY E 811 -53.36 24.25 35.44
N ASP E 812 -53.85 23.01 35.72
CA ASP E 812 -55.18 22.84 36.38
C ASP E 812 -55.24 23.04 37.91
N PHE E 813 -54.24 22.61 38.69
CA PHE E 813 -54.31 22.70 40.17
C PHE E 813 -54.58 24.19 40.45
N GLY E 814 -53.96 24.97 39.59
CA GLY E 814 -54.13 26.41 39.77
C GLY E 814 -55.58 26.76 39.63
N ILE E 815 -56.26 26.21 38.64
CA ILE E 815 -57.70 26.47 38.44
C ILE E 815 -58.49 26.04 39.69
N ARG E 816 -58.16 24.89 40.27
CA ARG E 816 -58.84 24.41 41.50
C ARG E 816 -58.74 25.46 42.62
N LEU E 817 -57.53 25.95 42.89
CA LEU E 817 -57.33 26.92 44.00
C LEU E 817 -58.01 28.24 43.63
N LEU E 818 -57.94 28.63 42.36
CA LEU E 818 -58.50 29.93 41.90
C LEU E 818 -60.00 29.87 42.08
N CYS E 819 -60.64 28.74 41.85
CA CYS E 819 -62.09 28.51 42.02
C CYS E 819 -62.59 28.68 43.46
N VAL E 820 -61.84 28.15 44.44
CA VAL E 820 -62.23 28.34 45.86
C VAL E 820 -62.13 29.84 46.14
N GLY E 821 -61.22 30.52 45.42
CA GLY E 821 -61.16 31.98 45.54
C GLY E 821 -62.39 32.58 44.89
N LEU E 822 -62.76 32.19 43.67
CA LEU E 822 -63.85 32.81 42.88
C LEU E 822 -65.12 32.71 43.70
N LYS E 823 -65.25 31.73 44.60
CA LYS E 823 -66.56 31.54 45.29
C LYS E 823 -66.59 32.11 46.72
N HIS E 824 -65.66 32.99 47.11
CA HIS E 824 -65.76 33.63 48.45
C HIS E 824 -65.67 35.15 48.34
N LEU E 825 -66.65 35.89 48.89
CA LEU E 825 -66.69 37.37 48.77
C LEU E 825 -66.17 37.72 47.37
N LEU E 826 -66.87 37.28 46.32
CA LEU E 826 -66.35 37.40 44.97
C LEU E 826 -67.40 37.34 43.88
N CYS E 827 -68.66 37.69 44.17
CA CYS E 827 -69.66 37.80 43.12
C CYS E 827 -69.29 38.90 42.13
N ASN E 828 -68.59 39.93 42.60
CA ASN E 828 -68.33 41.12 41.80
C ASN E 828 -67.48 40.85 40.57
N LEU E 829 -66.68 39.78 40.58
CA LEU E 829 -65.81 39.47 39.45
C LEU E 829 -66.69 39.07 38.26
N LYS E 830 -66.53 39.80 37.15
CA LYS E 830 -67.36 39.55 35.98
C LYS E 830 -66.61 38.93 34.82
N LYS E 831 -65.32 39.24 34.67
CA LYS E 831 -64.54 38.78 33.54
C LYS E 831 -63.28 38.08 34.04
N LEU E 832 -62.79 37.13 33.24
CA LEU E 832 -61.57 36.40 33.58
C LEU E 832 -60.93 35.91 32.30
N TRP E 833 -59.67 36.28 32.08
CA TRP E 833 -58.92 35.87 30.89
C TRP E 833 -57.93 34.78 31.29
N LEU E 834 -58.08 33.60 30.68
CA LEU E 834 -57.27 32.45 31.06
C LEU E 834 -56.77 31.66 29.86
N VAL E 835 -56.58 32.29 28.70
CA VAL E 835 -56.19 31.54 27.53
C VAL E 835 -54.70 31.20 27.59
N SER E 836 -54.33 30.13 26.90
CA SER E 836 -52.95 29.67 26.74
C SER E 836 -52.26 29.37 28.06
N CYS E 837 -53.01 29.01 29.10
CA CYS E 837 -52.42 28.71 30.40
C CYS E 837 -52.01 27.25 30.54
N CYS E 838 -51.79 26.55 29.44
CA CYS E 838 -51.47 25.12 29.40
C CYS E 838 -52.36 24.34 30.39
N LEU E 839 -53.66 24.44 30.16
CA LEU E 839 -54.66 23.85 31.02
C LEU E 839 -55.16 22.54 30.44
N THR E 840 -55.24 21.46 31.23
CA THR E 840 -55.81 20.22 30.63
C THR E 840 -57.33 20.18 30.82
N SER E 841 -57.98 19.12 30.38
CA SER E 841 -59.46 19.02 30.45
C SER E 841 -59.92 19.02 31.90
N ALA E 842 -59.19 18.31 32.75
CA ALA E 842 -59.53 18.23 34.18
C ALA E 842 -60.06 19.55 34.72
N CYS E 843 -59.43 20.67 34.39
CA CYS E 843 -59.90 21.90 35.02
C CYS E 843 -61.37 22.17 34.76
N CYS E 844 -61.95 21.53 33.74
CA CYS E 844 -63.35 21.82 33.41
C CYS E 844 -64.29 21.40 34.53
N GLN E 845 -63.99 20.27 35.19
CA GLN E 845 -64.74 19.90 36.38
C GLN E 845 -64.73 21.02 37.41
N ASP E 846 -63.61 21.73 37.51
CA ASP E 846 -63.48 22.84 38.44
C ASP E 846 -64.25 24.07 37.97
N LEU E 847 -64.11 24.43 36.69
CA LEU E 847 -64.76 25.63 36.19
C LEU E 847 -66.28 25.51 36.23
N ALA E 848 -66.79 24.28 36.20
CA ALA E 848 -68.24 24.07 36.23
C ALA E 848 -68.81 24.46 37.59
N SER E 849 -68.19 23.98 38.67
CA SER E 849 -68.75 24.16 40.00
C SER E 849 -68.82 25.63 40.37
N VAL E 850 -67.76 26.40 40.08
CA VAL E 850 -67.78 27.83 40.38
C VAL E 850 -68.86 28.52 39.57
N LEU E 851 -68.92 28.25 38.27
CA LEU E 851 -69.98 28.80 37.44
C LEU E 851 -71.33 28.27 37.87
N SER E 852 -71.37 27.05 38.42
CA SER E 852 -72.61 26.54 38.98
C SER E 852 -73.08 27.35 40.17
N THR E 853 -72.20 28.17 40.76
CA THR E 853 -72.53 28.99 41.91
C THR E 853 -72.22 30.47 41.72
N SER E 854 -71.53 30.84 40.66
CA SER E 854 -71.12 32.22 40.44
C SER E 854 -72.34 33.13 40.24
N HIS E 855 -72.32 34.28 40.91
CA HIS E 855 -73.42 35.23 40.81
C HIS E 855 -73.29 36.11 39.59
N SER E 856 -72.21 36.90 39.53
CA SER E 856 -72.06 37.92 38.49
C SER E 856 -70.80 37.74 37.66
N LEU E 857 -70.51 36.52 37.22
CA LEU E 857 -69.44 36.31 36.25
C LEU E 857 -69.99 36.53 34.84
N THR E 858 -69.61 37.65 34.22
CA THR E 858 -70.20 38.08 32.96
C THR E 858 -69.53 37.47 31.74
N ARG E 859 -68.20 37.45 31.68
CA ARG E 859 -67.48 37.00 30.51
C ARG E 859 -66.43 35.99 30.93
N LEU E 860 -66.17 35.00 30.07
CA LEU E 860 -65.16 33.99 30.34
C LEU E 860 -64.33 33.76 29.09
N TYR E 861 -63.00 33.76 29.26
CA TYR E 861 -62.07 33.52 28.17
C TYR E 861 -61.16 32.37 28.56
N VAL E 862 -61.40 31.19 28.00
CA VAL E 862 -60.64 30.00 28.36
C VAL E 862 -60.17 29.28 27.11
N GLY E 863 -60.20 29.97 25.97
CA GLY E 863 -59.82 29.34 24.73
C GLY E 863 -58.34 28.99 24.64
N GLU E 864 -57.97 28.27 23.58
CA GLU E 864 -56.58 27.96 23.25
C GLU E 864 -55.92 27.04 24.27
N ASN E 865 -56.66 26.62 25.29
CA ASN E 865 -56.11 25.65 26.23
C ASN E 865 -56.51 24.23 25.82
N ALA E 866 -55.87 23.25 26.44
CA ALA E 866 -56.10 21.85 26.12
C ALA E 866 -57.29 21.29 26.87
N LEU E 867 -58.49 21.73 26.50
CA LEU E 867 -59.70 21.17 27.09
C LEU E 867 -60.27 20.03 26.26
N GLY E 868 -60.38 20.22 24.96
CA GLY E 868 -60.92 19.20 24.09
C GLY E 868 -62.41 19.05 24.22
N ASP E 869 -63.00 18.22 23.36
CA ASP E 869 -64.43 17.94 23.45
C ASP E 869 -64.76 17.25 24.77
N SER E 870 -63.85 16.42 25.27
CA SER E 870 -64.06 15.79 26.56
C SER E 870 -64.17 16.82 27.67
N GLY E 871 -63.30 17.83 27.64
CA GLY E 871 -63.33 18.89 28.62
C GLY E 871 -64.61 19.70 28.59
N VAL E 872 -65.02 20.12 27.39
CA VAL E 872 -66.22 20.95 27.28
C VAL E 872 -67.47 20.17 27.65
N ALA E 873 -67.39 18.84 27.61
CA ALA E 873 -68.53 18.02 28.03
C ALA E 873 -68.98 18.37 29.43
N ILE E 874 -68.03 18.75 30.29
CA ILE E 874 -68.39 19.32 31.58
C ILE E 874 -68.81 20.77 31.43
N LEU E 875 -68.10 21.51 30.56
CA LEU E 875 -68.35 22.94 30.42
C LEU E 875 -69.76 23.23 29.92
N CYS E 876 -70.42 22.26 29.31
CA CYS E 876 -71.81 22.43 28.90
C CYS E 876 -72.80 22.08 30.00
N GLU E 877 -72.43 21.20 30.93
CA GLU E 877 -73.35 20.79 31.97
C GLU E 877 -73.71 21.95 32.87
N LYS E 878 -72.73 22.80 33.19
CA LYS E 878 -72.96 23.90 34.12
C LYS E 878 -73.90 24.96 33.56
N ALA E 879 -73.98 25.07 32.24
CA ALA E 879 -74.66 26.19 31.59
C ALA E 879 -76.17 26.03 31.51
N LYS E 880 -76.73 24.93 32.05
CA LYS E 880 -78.16 24.69 31.95
C LYS E 880 -78.99 25.50 32.94
N ASN E 881 -78.37 26.02 34.00
CA ASN E 881 -79.16 26.64 35.05
C ASN E 881 -79.44 28.12 34.75
N PRO E 882 -80.57 28.63 35.24
CA PRO E 882 -80.85 30.07 35.08
C PRO E 882 -79.87 30.97 35.81
N GLN E 883 -79.17 30.46 36.84
CA GLN E 883 -78.22 31.28 37.57
C GLN E 883 -77.01 31.68 36.74
N CYS E 884 -76.81 31.06 35.57
CA CYS E 884 -75.64 31.32 34.74
C CYS E 884 -75.74 32.71 34.13
N ASN E 885 -75.12 33.67 34.81
CA ASN E 885 -75.14 35.07 34.39
C ASN E 885 -73.99 35.38 33.45
N LEU E 886 -73.41 34.35 32.84
CA LEU E 886 -72.39 34.57 31.84
C LEU E 886 -73.01 35.12 30.56
N GLN E 887 -72.26 35.96 29.85
CA GLN E 887 -72.73 36.54 28.60
C GLN E 887 -71.86 36.19 27.41
N LYS E 888 -70.54 36.33 27.54
CA LYS E 888 -69.59 36.00 26.49
C LYS E 888 -68.95 34.65 26.79
N LEU E 889 -68.31 34.07 25.77
CA LEU E 889 -67.59 32.82 25.94
C LEU E 889 -66.46 32.77 24.93
N GLY E 890 -65.23 32.71 25.42
CA GLY E 890 -64.07 32.62 24.54
C GLY E 890 -63.53 31.20 24.44
N LEU E 891 -63.78 30.54 23.31
CA LEU E 891 -63.35 29.17 23.09
C LEU E 891 -62.53 29.01 21.81
N VAL E 892 -61.91 30.09 21.34
CA VAL E 892 -61.18 30.06 20.07
C VAL E 892 -59.96 29.16 20.19
N ASN E 893 -59.69 28.40 19.13
CA ASN E 893 -58.48 27.57 19.00
C ASN E 893 -58.34 26.57 20.14
N SER E 894 -59.46 26.08 20.68
CA SER E 894 -59.43 25.17 21.80
C SER E 894 -59.22 23.72 21.40
N GLY E 895 -59.26 23.41 20.10
CA GLY E 895 -59.12 22.05 19.64
C GLY E 895 -60.39 21.23 19.65
N LEU E 896 -61.54 21.86 19.88
CA LEU E 896 -62.80 21.13 19.92
C LEU E 896 -63.18 20.65 18.52
N THR E 897 -64.09 19.67 18.49
CA THR E 897 -64.53 19.10 17.22
C THR E 897 -66.05 19.08 17.19
N SER E 898 -66.59 18.47 16.14
CA SER E 898 -68.03 18.48 15.90
C SER E 898 -68.81 17.74 16.99
N VAL E 899 -68.17 16.76 17.64
CA VAL E 899 -68.89 15.93 18.61
C VAL E 899 -69.37 16.76 19.79
N CYS E 900 -68.71 17.88 20.09
CA CYS E 900 -69.10 18.72 21.21
C CYS E 900 -70.25 19.66 20.87
N CYS E 901 -70.58 19.82 19.59
CA CYS E 901 -71.65 20.74 19.21
C CYS E 901 -73.01 20.27 19.71
N SER E 902 -73.25 18.95 19.71
CA SER E 902 -74.52 18.42 20.17
C SER E 902 -74.83 18.87 21.59
N ALA E 903 -73.78 19.10 22.39
CA ALA E 903 -73.97 19.54 23.76
C ALA E 903 -74.27 21.02 23.83
N LEU E 904 -73.35 21.84 23.32
CA LEU E 904 -73.51 23.29 23.44
C LEU E 904 -74.75 23.79 22.70
N SER E 905 -75.24 23.01 21.73
CA SER E 905 -76.49 23.36 21.06
C SER E 905 -77.62 23.46 22.07
N SER E 906 -77.76 22.43 22.92
CA SER E 906 -78.74 22.49 23.99
C SER E 906 -78.42 23.59 24.99
N VAL E 907 -77.13 23.91 25.15
CA VAL E 907 -76.74 24.94 26.11
C VAL E 907 -77.34 26.29 25.73
N LEU E 908 -77.23 26.65 24.45
CA LEU E 908 -77.67 27.98 24.02
C LEU E 908 -79.16 28.17 24.26
N SER E 909 -79.97 27.16 23.95
CA SER E 909 -81.41 27.27 24.18
C SER E 909 -81.73 27.36 25.66
N THR E 910 -81.03 26.58 26.49
CA THR E 910 -81.34 26.52 27.91
C THR E 910 -80.70 27.63 28.73
N ASN E 911 -79.87 28.47 28.11
CA ASN E 911 -79.24 29.59 28.81
C ASN E 911 -79.92 30.88 28.41
N GLN E 912 -80.28 31.68 29.42
CA GLN E 912 -80.97 32.94 29.23
C GLN E 912 -80.05 34.15 29.27
N ASN E 913 -78.75 33.93 29.38
CA ASN E 913 -77.84 35.06 29.53
C ASN E 913 -76.70 35.07 28.53
N LEU E 914 -76.20 33.89 28.12
CA LEU E 914 -75.13 33.85 27.13
C LEU E 914 -75.58 34.52 25.84
N THR E 915 -74.71 35.36 25.30
CA THR E 915 -75.07 36.15 24.12
C THR E 915 -73.95 36.13 23.09
N HIS E 916 -72.74 35.79 23.51
CA HIS E 916 -71.57 35.76 22.63
C HIS E 916 -70.88 34.41 22.72
N LEU E 917 -70.34 33.96 21.60
CA LEU E 917 -69.50 32.77 21.55
C LEU E 917 -68.45 32.95 20.48
N TYR E 918 -67.19 32.71 20.83
CA TYR E 918 -66.07 32.88 19.91
C TYR E 918 -65.39 31.54 19.69
N LEU E 919 -65.26 31.15 18.42
CA LEU E 919 -64.77 29.83 18.08
C LEU E 919 -63.77 29.81 16.92
N ARG E 920 -63.11 30.92 16.61
CA ARG E 920 -62.25 30.99 15.45
C ARG E 920 -61.10 30.00 15.56
N GLY E 921 -60.73 29.40 14.42
CA GLY E 921 -59.62 28.47 14.35
C GLY E 921 -59.93 27.07 14.83
N ASN E 922 -61.12 26.81 15.37
CA ASN E 922 -61.46 25.49 15.89
C ASN E 922 -62.26 24.73 14.84
N THR E 923 -61.80 23.54 14.49
CA THR E 923 -62.46 22.76 13.44
C THR E 923 -63.74 22.14 13.95
N LEU E 924 -64.85 22.43 13.27
CA LEU E 924 -66.11 21.78 13.58
C LEU E 924 -66.64 21.01 12.38
N GLY E 925 -66.63 21.65 11.21
CA GLY E 925 -67.21 21.03 10.04
C GLY E 925 -68.71 21.21 10.00
N ASP E 926 -69.30 21.05 8.81
CA ASP E 926 -70.71 21.37 8.63
C ASP E 926 -71.60 20.51 9.51
N LYS E 927 -71.16 19.30 9.86
CA LYS E 927 -71.95 18.46 10.75
C LYS E 927 -72.19 19.14 12.08
N GLY E 928 -71.13 19.70 12.68
CA GLY E 928 -71.32 20.44 13.92
C GLY E 928 -72.12 21.71 13.71
N ILE E 929 -71.80 22.46 12.65
CA ILE E 929 -72.50 23.71 12.40
C ILE E 929 -73.98 23.46 12.13
N LYS E 930 -74.30 22.30 11.56
CA LYS E 930 -75.70 21.93 11.37
C LYS E 930 -76.46 21.99 12.68
N LEU E 931 -75.87 21.46 13.75
CA LEU E 931 -76.51 21.51 15.05
C LEU E 931 -76.54 22.93 15.61
N LEU E 932 -75.60 23.78 15.19
CA LEU E 932 -75.57 25.15 15.69
C LEU E 932 -76.84 25.90 15.30
N CYS E 933 -77.30 25.71 14.06
CA CYS E 933 -78.55 26.33 13.64
C CYS E 933 -79.69 25.85 14.52
N GLU E 934 -79.75 24.54 14.77
CA GLU E 934 -80.71 24.00 15.72
C GLU E 934 -80.45 24.56 17.11
N GLY E 935 -79.18 24.79 17.45
CA GLY E 935 -78.82 25.36 18.74
C GLY E 935 -79.31 26.79 18.93
N LEU E 936 -79.60 27.50 17.85
CA LEU E 936 -80.27 28.79 17.93
C LEU E 936 -81.69 28.75 17.35
N LEU E 937 -82.18 27.56 17.00
CA LEU E 937 -83.53 27.46 16.45
C LEU E 937 -84.59 27.84 17.47
N HIS E 938 -84.33 27.59 18.75
CA HIS E 938 -85.33 27.88 19.77
C HIS E 938 -85.52 29.38 19.91
N PRO E 939 -86.76 29.87 20.00
CA PRO E 939 -86.96 31.33 20.13
C PRO E 939 -86.33 31.93 21.37
N ASP E 940 -86.20 31.16 22.45
CA ASP E 940 -85.67 31.70 23.69
C ASP E 940 -84.15 31.87 23.67
N CYS E 941 -83.52 31.78 22.51
CA CYS E 941 -82.08 31.99 22.42
C CYS E 941 -81.76 33.48 22.42
N LYS E 942 -80.72 33.86 23.16
CA LYS E 942 -80.29 35.25 23.25
C LYS E 942 -78.90 35.49 22.66
N LEU E 943 -78.51 34.72 21.65
CA LEU E 943 -77.20 34.90 21.04
C LEU E 943 -77.16 36.18 20.22
N GLN E 944 -76.12 36.99 20.42
CA GLN E 944 -75.96 38.20 19.63
C GLN E 944 -74.70 38.19 18.79
N VAL E 945 -73.65 37.50 19.23
CA VAL E 945 -72.38 37.47 18.51
C VAL E 945 -71.87 36.03 18.44
N LEU E 946 -71.40 35.65 17.26
CA LEU E 946 -70.81 34.33 17.07
C LEU E 946 -69.62 34.45 16.13
N GLU E 947 -68.53 33.77 16.48
CA GLU E 947 -67.33 33.72 15.66
C GLU E 947 -67.15 32.31 15.11
N LEU E 948 -67.04 32.21 13.79
CA LEU E 948 -66.85 30.92 13.14
C LEU E 948 -65.78 30.98 12.06
N ASP E 949 -64.91 31.98 12.09
CA ASP E 949 -63.83 32.05 11.11
C ASP E 949 -62.86 30.89 11.32
N ASN E 950 -62.30 30.40 10.21
CA ASN E 950 -61.32 29.32 10.23
C ASN E 950 -61.85 28.06 10.91
N CYS E 951 -63.15 27.81 10.79
CA CYS E 951 -63.80 26.70 11.47
C CYS E 951 -63.81 25.42 10.64
N ASN E 952 -63.17 25.41 9.47
CA ASN E 952 -63.26 24.31 8.51
C ASN E 952 -64.72 24.08 8.11
N LEU E 953 -65.31 25.10 7.49
CA LEU E 953 -66.71 25.09 7.10
C LEU E 953 -66.83 25.13 5.59
N THR E 954 -67.86 24.48 5.07
CA THR E 954 -68.07 24.38 3.63
C THR E 954 -69.38 25.07 3.25
N SER E 955 -69.58 25.20 1.94
CA SER E 955 -70.75 25.86 1.39
C SER E 955 -72.04 25.16 1.77
N HIS E 956 -71.95 23.86 2.09
CA HIS E 956 -73.16 23.06 2.32
C HIS E 956 -73.98 23.63 3.47
N CYS E 957 -73.32 23.96 4.58
CA CYS E 957 -74.05 24.43 5.75
C CYS E 957 -74.47 25.88 5.64
N CYS E 958 -73.96 26.60 4.64
CA CYS E 958 -74.28 28.02 4.52
C CYS E 958 -75.76 28.24 4.33
N TRP E 959 -76.42 27.39 3.52
CA TRP E 959 -77.86 27.50 3.35
C TRP E 959 -78.57 27.31 4.69
N ASP E 960 -78.10 26.36 5.49
CA ASP E 960 -78.74 26.07 6.76
C ASP E 960 -78.62 27.25 7.72
N LEU E 961 -77.41 27.77 7.89
CA LEU E 961 -77.23 28.91 8.78
C LEU E 961 -77.95 30.14 8.27
N SER E 962 -77.98 30.34 6.96
CA SER E 962 -78.70 31.47 6.39
C SER E 962 -80.18 31.43 6.75
N THR E 963 -80.77 30.24 6.69
CA THR E 963 -82.18 30.08 7.04
C THR E 963 -82.44 30.56 8.46
N LEU E 964 -81.54 30.22 9.39
CA LEU E 964 -81.65 30.70 10.76
C LEU E 964 -81.51 32.22 10.80
N LEU E 965 -80.55 32.77 10.05
CA LEU E 965 -80.27 34.20 10.11
C LEU E 965 -81.52 35.02 9.79
N THR E 966 -82.25 34.63 8.75
CA THR E 966 -83.51 35.29 8.45
C THR E 966 -84.52 35.06 9.56
N SER E 967 -84.56 33.85 10.11
CA SER E 967 -85.55 33.47 11.12
C SER E 967 -85.11 33.81 12.53
N SER E 968 -83.92 34.37 12.71
CA SER E 968 -83.44 34.73 14.05
C SER E 968 -83.30 36.25 14.12
N GLN E 969 -83.84 36.82 15.20
CA GLN E 969 -83.76 38.26 15.42
C GLN E 969 -82.74 38.63 16.49
N SER E 970 -82.35 37.67 17.34
CA SER E 970 -81.46 37.98 18.44
C SER E 970 -80.04 38.23 17.97
N LEU E 971 -79.61 37.59 16.90
CA LEU E 971 -78.22 37.70 16.45
C LEU E 971 -77.97 39.07 15.84
N ARG E 972 -76.75 39.58 16.03
CA ARG E 972 -76.36 40.88 15.52
C ARG E 972 -75.21 40.81 14.51
N LYS E 973 -74.18 40.02 14.81
CA LYS E 973 -72.98 39.97 14.01
C LYS E 973 -72.49 38.53 13.92
N LEU E 974 -71.89 38.19 12.78
CA LEU E 974 -71.35 36.85 12.55
C LEU E 974 -70.09 36.95 11.71
N SER E 975 -69.16 36.03 11.96
CA SER E 975 -67.91 35.96 11.21
C SER E 975 -67.72 34.53 10.73
N LEU E 976 -67.33 34.40 9.45
CA LEU E 976 -67.26 33.06 8.85
C LEU E 976 -66.05 32.87 7.93
N GLY E 977 -65.02 33.70 8.00
CA GLY E 977 -63.93 33.63 7.04
C GLY E 977 -63.09 32.37 7.10
N ASN E 978 -62.17 32.23 6.15
CA ASN E 978 -61.26 31.09 6.09
C ASN E 978 -62.02 29.76 6.05
N ASN E 979 -63.09 29.72 5.26
CA ASN E 979 -63.90 28.52 5.13
C ASN E 979 -64.38 28.39 3.69
N ASP E 980 -64.83 27.19 3.35
CA ASP E 980 -65.28 26.88 1.99
C ASP E 980 -66.65 27.47 1.69
N LEU E 981 -66.76 28.80 1.73
CA LEU E 981 -68.05 29.44 1.47
C LEU E 981 -68.49 29.23 0.02
N GLY E 982 -67.57 29.33 -0.92
CA GLY E 982 -67.89 29.11 -2.32
C GLY E 982 -68.71 30.22 -2.93
N ASP E 983 -68.72 30.28 -4.27
CA ASP E 983 -69.50 31.30 -4.96
C ASP E 983 -70.99 31.13 -4.72
N LEU E 984 -71.47 29.88 -4.75
CA LEU E 984 -72.88 29.63 -4.51
C LEU E 984 -73.29 30.00 -3.09
N GLY E 985 -72.44 29.68 -2.11
CA GLY E 985 -72.73 30.00 -0.73
C GLY E 985 -72.79 31.49 -0.44
N VAL E 986 -71.79 32.23 -0.92
CA VAL E 986 -71.80 33.67 -0.71
C VAL E 986 -72.95 34.31 -1.47
N MET E 987 -73.44 33.65 -2.51
CA MET E 987 -74.57 34.17 -3.27
C MET E 987 -75.81 34.28 -2.41
N MET E 988 -76.04 33.30 -1.53
CA MET E 988 -77.26 33.28 -0.74
C MET E 988 -77.38 34.52 0.15
N PHE E 989 -76.25 35.15 0.47
CA PHE E 989 -76.31 36.40 1.21
C PHE E 989 -77.06 37.47 0.45
N CYS E 990 -77.08 37.40 -0.88
CA CYS E 990 -77.96 38.26 -1.65
C CYS E 990 -79.42 37.90 -1.40
N GLU E 991 -79.74 36.61 -1.43
CA GLU E 991 -81.09 36.18 -1.09
C GLU E 991 -81.45 36.58 0.33
N VAL E 992 -80.46 36.58 1.23
CA VAL E 992 -80.68 37.11 2.58
C VAL E 992 -81.16 38.56 2.49
N LEU E 993 -80.49 39.36 1.65
CA LEU E 993 -80.95 40.73 1.44
C LEU E 993 -82.32 40.76 0.78
N LYS E 994 -82.56 39.88 -0.19
CA LYS E 994 -83.85 39.82 -0.85
C LYS E 994 -84.96 39.39 0.10
N GLN E 995 -84.60 38.73 1.20
CA GLN E 995 -85.54 38.45 2.28
C GLN E 995 -85.44 39.58 3.30
N GLN E 996 -86.46 40.45 3.28
CA GLN E 996 -86.45 41.68 4.06
C GLN E 996 -86.30 41.44 5.56
N SER E 997 -86.43 40.18 5.98
CA SER E 997 -86.20 39.84 7.39
C SER E 997 -84.74 39.93 7.78
N CYS E 998 -83.86 40.39 6.90
CA CYS E 998 -82.44 40.46 7.18
C CYS E 998 -82.08 41.69 7.99
N LEU E 999 -82.68 41.84 9.17
CA LEU E 999 -82.32 42.95 10.05
C LEU E 999 -81.12 42.58 10.90
N LEU E 1000 -80.06 42.13 10.26
CA LEU E 1000 -78.81 41.87 10.96
C LEU E 1000 -78.01 43.16 11.08
N GLN E 1001 -77.05 43.18 12.00
CA GLN E 1001 -76.27 44.37 12.28
C GLN E 1001 -74.89 44.36 11.67
N ASN E 1002 -74.28 43.19 11.48
CA ASN E 1002 -72.96 43.11 10.87
C ASN E 1002 -72.71 41.71 10.37
N LEU E 1003 -71.78 41.60 9.43
CA LEU E 1003 -71.33 40.31 8.91
C LEU E 1003 -69.91 40.45 8.40
N GLY E 1004 -69.04 39.53 8.81
CA GLY E 1004 -67.64 39.62 8.45
C GLY E 1004 -67.08 38.38 7.80
N LEU E 1005 -66.68 38.50 6.54
CA LEU E 1005 -66.05 37.41 5.79
C LEU E 1005 -64.72 37.92 5.23
N SER E 1006 -63.74 37.04 5.14
CA SER E 1006 -62.40 37.47 4.77
C SER E 1006 -61.52 36.27 4.40
N GLU E 1007 -60.35 36.59 3.86
CA GLU E 1007 -59.19 35.69 3.70
C GLU E 1007 -59.38 34.61 2.65
N MET E 1008 -60.32 34.76 1.73
CA MET E 1008 -60.51 33.80 0.64
C MET E 1008 -60.48 34.53 -0.69
N TYR E 1009 -59.69 34.03 -1.63
CA TYR E 1009 -59.60 34.66 -2.95
C TYR E 1009 -60.72 34.17 -3.86
N PHE E 1010 -61.36 35.12 -4.54
CA PHE E 1010 -62.37 34.82 -5.52
C PHE E 1010 -62.20 35.77 -6.70
N ASN E 1011 -62.99 35.53 -7.75
CA ASN E 1011 -62.97 36.40 -8.91
C ASN E 1011 -64.01 37.52 -8.76
N TYR E 1012 -64.32 38.16 -9.89
CA TYR E 1012 -65.08 39.40 -9.89
C TYR E 1012 -66.50 39.21 -9.34
N GLU E 1013 -67.15 38.10 -9.67
CA GLU E 1013 -68.59 37.97 -9.38
C GLU E 1013 -68.87 38.03 -7.89
N THR E 1014 -68.00 37.47 -7.05
CA THR E 1014 -68.19 37.55 -5.61
C THR E 1014 -68.24 38.99 -5.15
N LYS E 1015 -67.29 39.80 -5.60
CA LYS E 1015 -67.32 41.22 -5.29
C LYS E 1015 -68.44 41.92 -6.05
N SER E 1016 -68.81 41.38 -7.21
CA SER E 1016 -69.74 42.09 -8.10
C SER E 1016 -71.05 42.42 -7.41
N ALA E 1017 -71.68 41.42 -6.79
CA ALA E 1017 -72.95 41.67 -6.11
C ALA E 1017 -72.72 42.38 -4.78
N LEU E 1018 -71.50 42.32 -4.25
CA LEU E 1018 -71.22 42.81 -2.91
C LEU E 1018 -71.52 44.31 -2.80
N GLU E 1019 -70.82 45.12 -3.60
CA GLU E 1019 -70.94 46.56 -3.47
C GLU E 1019 -72.35 47.04 -3.75
N THR E 1020 -72.99 46.46 -4.77
CA THR E 1020 -74.35 46.87 -5.12
C THR E 1020 -75.32 46.67 -3.96
N LEU E 1021 -75.25 45.52 -3.30
CA LEU E 1021 -76.13 45.26 -2.18
C LEU E 1021 -75.69 45.99 -0.92
N GLN E 1022 -74.39 46.17 -0.74
CA GLN E 1022 -73.92 47.07 0.31
C GLN E 1022 -74.43 48.48 0.07
N GLU E 1023 -74.40 48.93 -1.19
CA GLU E 1023 -75.00 50.21 -1.54
C GLU E 1023 -76.50 50.22 -1.26
N GLU E 1024 -77.17 49.11 -1.59
CA GLU E 1024 -78.61 49.03 -1.35
C GLU E 1024 -78.91 49.01 0.15
N LYS E 1025 -78.07 48.35 0.94
CA LYS E 1025 -78.37 48.08 2.34
C LYS E 1025 -77.55 48.96 3.26
N PRO E 1026 -78.14 49.99 3.87
CA PRO E 1026 -77.44 50.70 4.95
C PRO E 1026 -77.70 50.10 6.32
N GLU E 1027 -78.74 49.27 6.46
CA GLU E 1027 -79.07 48.71 7.77
C GLU E 1027 -78.00 47.73 8.24
N LEU E 1028 -77.48 46.90 7.35
CA LEU E 1028 -76.56 45.82 7.70
C LEU E 1028 -75.15 46.24 7.35
N THR E 1029 -74.24 46.16 8.33
CA THR E 1029 -72.85 46.50 8.11
C THR E 1029 -72.08 45.28 7.61
N VAL E 1030 -72.25 44.94 6.34
CA VAL E 1030 -71.48 43.85 5.75
C VAL E 1030 -70.09 44.36 5.43
N VAL E 1031 -69.07 43.60 5.82
CA VAL E 1031 -67.68 43.98 5.58
C VAL E 1031 -66.95 42.81 4.93
N PHE E 1032 -66.17 43.12 3.90
CA PHE E 1032 -65.34 42.16 3.19
C PHE E 1032 -63.90 42.66 3.32
N GLU E 1033 -63.12 42.03 4.19
CA GLU E 1033 -61.77 42.51 4.49
C GLU E 1033 -60.85 42.53 3.27
N PRO E 1034 -60.78 41.45 2.45
CA PRO E 1034 -59.86 41.50 1.31
C PRO E 1034 -60.40 42.29 0.13
N SER E 1035 -61.60 42.86 0.27
CA SER E 1035 -62.20 43.63 -0.81
C SER E 1035 -61.46 44.93 -1.02
N TRP E 1036 -61.62 45.49 -2.22
CA TRP E 1036 -61.00 46.78 -2.55
C TRP E 1036 -61.89 47.93 -2.11
N LYS F 133 -38.22 -16.54 -7.35
CA LYS F 133 -38.45 -15.45 -8.32
C LYS F 133 -38.99 -16.07 -9.61
N LYS F 134 -38.39 -17.17 -10.06
CA LYS F 134 -38.81 -17.80 -11.34
C LYS F 134 -40.27 -18.26 -11.24
N ASP F 135 -40.63 -18.89 -10.12
CA ASP F 135 -42.02 -19.40 -10.00
C ASP F 135 -43.00 -18.22 -9.98
N TYR F 136 -42.65 -17.14 -9.28
CA TYR F 136 -43.54 -15.94 -9.27
C TYR F 136 -43.67 -15.34 -10.68
N ARG F 137 -42.60 -15.33 -11.47
CA ARG F 137 -42.63 -14.61 -12.79
C ARG F 137 -43.38 -15.34 -13.92
N LYS F 138 -42.73 -16.24 -14.66
CA LYS F 138 -43.30 -16.83 -15.90
C LYS F 138 -44.83 -17.01 -15.76
N LYS F 139 -45.28 -17.66 -14.68
CA LYS F 139 -46.73 -17.94 -14.52
C LYS F 139 -47.54 -16.64 -14.68
N TYR F 140 -47.34 -15.71 -13.76
CA TYR F 140 -48.14 -14.46 -13.79
C TYR F 140 -48.12 -13.90 -15.20
N ARG F 141 -46.94 -13.78 -15.79
CA ARG F 141 -46.84 -13.16 -17.15
C ARG F 141 -47.78 -13.86 -18.13
N LYS F 142 -47.53 -15.14 -18.41
CA LYS F 142 -48.35 -15.80 -19.47
C LYS F 142 -49.84 -15.72 -19.14
N TYR F 143 -50.17 -15.80 -17.85
CA TYR F 143 -51.60 -15.80 -17.47
C TYR F 143 -52.23 -14.46 -17.84
N VAL F 144 -51.63 -13.36 -17.35
CA VAL F 144 -52.19 -12.02 -17.65
C VAL F 144 -52.21 -11.85 -19.17
N ARG F 145 -51.38 -12.61 -19.89
CA ARG F 145 -51.28 -12.41 -21.37
C ARG F 145 -52.42 -13.11 -22.12
N SER F 146 -52.86 -14.29 -21.68
CA SER F 146 -53.85 -15.03 -22.50
C SER F 146 -55.31 -14.83 -22.08
N ARG F 147 -55.80 -13.59 -22.04
CA ARG F 147 -57.26 -13.40 -21.79
C ARG F 147 -57.79 -12.29 -22.70
N PHE F 148 -57.15 -12.05 -23.86
CA PHE F 148 -57.56 -10.88 -24.70
C PHE F 148 -57.47 -11.10 -26.22
N GLN F 149 -57.77 -12.27 -26.80
CA GLN F 149 -57.50 -12.64 -28.20
C GLN F 149 -58.34 -13.84 -28.68
N CYS F 150 -58.02 -14.36 -29.87
CA CYS F 150 -58.27 -15.73 -30.33
C CYS F 150 -59.73 -16.24 -30.26
N ILE F 151 -60.69 -15.34 -30.41
CA ILE F 151 -62.10 -15.64 -30.68
C ILE F 151 -62.22 -16.46 -31.97
N GLU F 152 -63.18 -17.38 -32.06
CA GLU F 152 -63.52 -18.10 -33.31
C GLU F 152 -65.01 -18.44 -33.44
N GLU F 160 -63.73 -9.37 -33.31
CA GLU F 160 -62.65 -8.59 -33.93
C GLU F 160 -61.45 -8.52 -32.99
N SER F 161 -61.66 -8.84 -31.72
CA SER F 161 -60.60 -8.78 -30.72
C SER F 161 -59.69 -10.01 -30.80
N VAL F 162 -58.97 -10.10 -31.91
CA VAL F 162 -57.96 -11.13 -32.09
C VAL F 162 -56.56 -10.55 -32.32
N SER F 163 -56.44 -9.30 -32.76
CA SER F 163 -55.16 -8.60 -32.81
C SER F 163 -55.32 -7.26 -32.12
N LEU F 164 -54.39 -6.95 -31.22
CA LEU F 164 -54.47 -5.73 -30.44
C LEU F 164 -53.21 -4.89 -30.61
N ASN F 165 -52.07 -5.55 -30.56
CA ASN F 165 -50.93 -4.64 -30.68
C ASN F 165 -50.98 -4.16 -32.12
N LYS F 166 -51.46 -4.98 -33.05
CA LYS F 166 -51.41 -4.48 -34.44
C LYS F 166 -52.28 -3.24 -34.47
N ARG F 167 -53.24 -3.16 -33.54
CA ARG F 167 -54.11 -1.97 -33.47
C ARG F 167 -53.60 -0.99 -32.44
N TYR F 168 -52.31 -0.62 -32.41
CA TYR F 168 -51.72 0.26 -31.35
C TYR F 168 -51.97 1.77 -31.57
N THR F 169 -51.20 2.48 -32.41
CA THR F 169 -51.33 3.94 -32.77
C THR F 169 -50.52 4.96 -31.94
N ARG F 170 -49.81 4.58 -30.87
CA ARG F 170 -49.12 5.62 -30.05
C ARG F 170 -50.10 6.77 -29.79
N LEU F 171 -51.31 6.47 -29.30
CA LEU F 171 -52.38 7.45 -28.97
C LEU F 171 -51.82 8.66 -28.21
N ARG F 172 -52.36 9.84 -28.46
CA ARG F 172 -51.85 11.08 -27.86
C ARG F 172 -51.81 10.95 -26.33
N LEU F 173 -50.78 11.52 -25.69
CA LEU F 173 -50.67 11.45 -24.21
C LEU F 173 -50.06 12.75 -23.69
N ILE F 174 -50.84 13.83 -23.70
CA ILE F 174 -50.34 15.11 -23.14
C ILE F 174 -50.62 15.07 -21.64
N LYS F 175 -49.60 14.82 -20.82
CA LYS F 175 -49.84 14.66 -19.37
C LYS F 175 -49.91 16.04 -18.72
N GLU F 176 -51.06 16.36 -18.12
CA GLU F 176 -51.29 17.68 -17.50
C GLU F 176 -50.02 18.20 -16.83
N HIS F 177 -49.48 19.32 -17.32
CA HIS F 177 -48.33 19.95 -16.63
C HIS F 177 -48.89 20.43 -15.29
N ARG F 178 -48.06 20.51 -14.25
CA ARG F 178 -48.64 20.82 -12.92
C ARG F 178 -49.53 22.06 -13.05
N SER F 179 -50.77 21.97 -12.57
CA SER F 179 -51.72 23.10 -12.69
C SER F 179 -51.37 24.14 -11.63
N GLN F 180 -50.20 24.78 -11.77
CA GLN F 180 -49.77 25.76 -10.78
C GLN F 180 -49.78 25.20 -9.37
N SER F 198 -41.56 25.45 -22.79
CA SER F 198 -42.21 24.42 -21.99
C SER F 198 -41.65 23.05 -22.31
N PRO F 199 -41.42 22.24 -21.28
CA PRO F 199 -40.97 20.86 -21.52
C PRO F 199 -42.02 20.05 -22.24
N VAL F 200 -41.54 19.14 -23.09
CA VAL F 200 -42.45 18.27 -23.84
C VAL F 200 -42.75 17.00 -23.05
N SER F 201 -41.72 16.15 -22.86
CA SER F 201 -41.77 14.90 -22.10
C SER F 201 -43.08 14.14 -22.33
N PRO F 202 -43.29 13.58 -23.52
CA PRO F 202 -44.54 12.83 -23.75
C PRO F 202 -44.71 11.63 -22.83
N ILE F 203 -43.61 11.01 -22.40
CA ILE F 203 -43.56 9.85 -21.51
C ILE F 203 -44.68 8.87 -21.81
N LYS F 204 -44.82 8.48 -23.07
CA LYS F 204 -45.92 7.60 -23.47
C LYS F 204 -45.85 6.25 -22.76
N MET F 205 -44.73 5.55 -22.85
CA MET F 205 -44.62 4.24 -22.22
C MET F 205 -43.47 4.18 -21.21
N GLU F 206 -42.27 4.59 -21.63
CA GLU F 206 -41.12 4.52 -20.75
C GLU F 206 -41.19 5.60 -19.68
N LEU F 207 -41.08 5.18 -18.42
CA LEU F 207 -41.02 6.09 -17.27
C LEU F 207 -42.20 7.05 -17.23
N LEU F 208 -43.36 6.59 -17.69
CA LEU F 208 -44.56 7.42 -17.59
C LEU F 208 -44.93 7.68 -16.13
N PHE F 209 -44.75 6.68 -15.26
CA PHE F 209 -44.99 6.86 -13.84
C PHE F 209 -43.89 7.67 -13.17
N ASP F 210 -42.68 7.62 -13.70
CA ASP F 210 -41.52 8.24 -13.08
C ASP F 210 -41.65 9.76 -13.08
N PRO F 211 -41.29 10.41 -11.98
CA PRO F 211 -41.32 11.88 -11.93
C PRO F 211 -40.15 12.50 -12.67
N ASP F 212 -40.01 13.81 -12.57
CA ASP F 212 -38.83 14.49 -13.06
C ASP F 212 -37.69 14.28 -12.05
N ASP F 213 -36.61 15.05 -12.18
CA ASP F 213 -35.48 14.92 -11.26
C ASP F 213 -35.96 14.95 -9.82
N GLU F 214 -35.85 13.81 -9.14
CA GLU F 214 -36.42 13.62 -7.81
C GLU F 214 -37.91 13.94 -7.82
N HIS F 215 -38.26 15.18 -7.45
CA HIS F 215 -39.63 15.67 -7.48
C HIS F 215 -40.52 14.89 -6.52
N SER F 216 -40.93 13.69 -6.91
CA SER F 216 -41.66 12.81 -6.01
C SER F 216 -41.36 11.36 -6.35
N GLU F 217 -40.37 10.77 -5.69
CA GLU F 217 -39.99 9.39 -5.92
C GLU F 217 -41.11 8.42 -5.54
N PRO F 218 -41.75 8.56 -4.35
CA PRO F 218 -42.76 7.56 -3.95
C PRO F 218 -44.14 7.82 -4.53
N VAL F 219 -44.25 8.66 -5.56
CA VAL F 219 -45.55 8.91 -6.17
C VAL F 219 -46.10 7.61 -6.73
N HIS F 220 -47.41 7.41 -6.57
CA HIS F 220 -48.05 6.16 -6.93
C HIS F 220 -49.30 6.31 -7.77
N THR F 221 -49.94 7.48 -7.76
CA THR F 221 -51.23 7.68 -8.40
C THR F 221 -51.06 8.39 -9.73
N VAL F 222 -51.53 7.76 -10.81
CA VAL F 222 -51.65 8.40 -12.11
C VAL F 222 -53.07 8.17 -12.61
N VAL F 223 -53.62 9.16 -13.29
CA VAL F 223 -55.01 9.13 -13.74
C VAL F 223 -55.07 9.61 -15.18
N PHE F 224 -55.93 9.01 -15.97
CA PHE F 224 -56.09 9.33 -17.38
C PHE F 224 -57.44 9.97 -17.62
N GLN F 225 -57.45 11.14 -18.25
CA GLN F 225 -58.66 11.88 -18.56
C GLN F 225 -58.92 11.81 -20.06
N GLY F 226 -60.06 11.27 -20.43
CA GLY F 226 -60.41 11.15 -21.84
C GLY F 226 -61.91 11.08 -22.01
N ALA F 227 -62.38 11.58 -23.15
CA ALA F 227 -63.81 11.62 -23.42
C ALA F 227 -64.37 10.21 -23.52
N ALA F 228 -65.69 10.11 -23.33
CA ALA F 228 -66.35 8.81 -23.36
C ALA F 228 -66.29 8.22 -24.77
N GLY F 229 -65.59 7.09 -24.88
CA GLY F 229 -65.36 6.45 -26.16
C GLY F 229 -63.98 6.66 -26.74
N ILE F 230 -63.09 7.36 -26.03
CA ILE F 230 -61.75 7.62 -26.56
C ILE F 230 -60.98 6.32 -26.75
N GLY F 231 -61.02 5.44 -25.75
CA GLY F 231 -60.24 4.21 -25.82
C GLY F 231 -59.44 3.97 -24.57
N LYS F 232 -59.75 4.73 -23.50
CA LYS F 232 -59.06 4.51 -22.24
C LYS F 232 -59.25 3.09 -21.73
N THR F 233 -60.41 2.48 -22.00
CA THR F 233 -60.57 1.07 -21.72
C THR F 233 -59.65 0.23 -22.61
N ILE F 234 -59.51 0.63 -23.87
CA ILE F 234 -58.63 -0.10 -24.79
C ILE F 234 -57.18 0.06 -24.36
N LEU F 235 -56.80 1.26 -23.92
CA LEU F 235 -55.39 1.54 -23.60
C LEU F 235 -54.88 0.60 -22.50
N ALA F 236 -55.69 0.39 -21.47
CA ALA F 236 -55.29 -0.48 -20.37
C ALA F 236 -55.04 -1.90 -20.87
N ARG F 237 -55.93 -2.40 -21.73
CA ARG F 237 -55.73 -3.72 -22.31
C ARG F 237 -54.44 -3.77 -23.12
N LYS F 238 -54.17 -2.69 -23.86
CA LYS F 238 -52.92 -2.60 -24.66
C LYS F 238 -51.74 -2.47 -23.69
N MET F 239 -51.83 -1.55 -22.72
CA MET F 239 -50.74 -1.34 -21.78
C MET F 239 -50.40 -2.62 -21.02
N MET F 240 -51.42 -3.39 -20.64
CA MET F 240 -51.17 -4.72 -20.11
C MET F 240 -50.46 -5.59 -21.14
N LEU F 241 -51.03 -5.66 -22.36
CA LEU F 241 -50.49 -6.54 -23.38
C LEU F 241 -49.04 -6.19 -23.70
N ASP F 242 -48.69 -4.92 -23.68
CA ASP F 242 -47.30 -4.52 -23.88
C ASP F 242 -46.44 -5.14 -22.81
N TRP F 243 -46.63 -4.72 -21.56
CA TRP F 243 -45.77 -5.15 -20.48
C TRP F 243 -45.99 -6.61 -20.09
N ALA F 244 -47.08 -7.25 -20.55
CA ALA F 244 -47.29 -8.67 -20.24
C ALA F 244 -46.32 -9.58 -20.95
N SER F 245 -45.35 -9.01 -21.67
CA SER F 245 -44.23 -9.76 -22.22
C SER F 245 -42.91 -9.08 -21.91
N GLY F 246 -42.88 -8.24 -20.88
CA GLY F 246 -41.71 -7.42 -20.61
C GLY F 246 -41.61 -6.32 -21.64
N THR F 247 -41.31 -6.71 -22.87
CA THR F 247 -41.38 -5.85 -24.05
C THR F 247 -40.67 -4.52 -23.87
N LEU F 248 -39.56 -4.52 -23.12
CA LEU F 248 -38.82 -3.29 -22.83
C LEU F 248 -39.70 -2.23 -22.16
N TYR F 249 -40.77 -2.70 -21.51
CA TYR F 249 -41.58 -1.84 -20.67
C TYR F 249 -40.93 -1.75 -19.30
N GLN F 250 -41.65 -1.30 -18.29
CA GLN F 250 -41.05 -1.08 -16.98
C GLN F 250 -40.68 -2.41 -16.34
N ASP F 251 -39.66 -3.07 -16.89
CA ASP F 251 -39.16 -4.31 -16.31
C ASP F 251 -38.59 -4.10 -14.92
N ARG F 252 -38.20 -2.86 -14.58
CA ARG F 252 -37.82 -2.52 -13.22
C ARG F 252 -39.04 -2.42 -12.30
N PHE F 253 -40.21 -2.78 -12.80
CA PHE F 253 -41.42 -2.88 -12.00
C PHE F 253 -41.94 -4.30 -12.14
N ASP F 254 -42.35 -4.90 -11.03
CA ASP F 254 -42.57 -6.34 -10.97
C ASP F 254 -43.95 -6.78 -11.43
N TYR F 255 -45.00 -6.19 -10.84
CA TYR F 255 -46.38 -6.70 -11.12
C TYR F 255 -47.38 -5.63 -11.52
N LEU F 256 -48.35 -6.00 -12.35
CA LEU F 256 -49.44 -5.13 -12.79
C LEU F 256 -50.75 -5.85 -12.53
N PHE F 257 -51.77 -5.10 -12.12
CA PHE F 257 -53.06 -5.68 -11.74
C PHE F 257 -54.18 -4.99 -12.50
N TYR F 258 -54.77 -5.71 -13.45
CA TYR F 258 -55.90 -5.16 -14.21
C TYR F 258 -57.20 -5.42 -13.47
N ILE F 259 -58.00 -4.37 -13.31
CA ILE F 259 -59.31 -4.51 -12.70
C ILE F 259 -60.30 -3.57 -13.38
N HIS F 260 -61.26 -4.14 -14.10
CA HIS F 260 -62.35 -3.35 -14.66
C HIS F 260 -63.57 -3.51 -13.78
N CYS F 261 -64.23 -2.40 -13.47
CA CYS F 261 -65.28 -2.38 -12.45
C CYS F 261 -66.63 -2.85 -12.97
N ARG F 262 -66.67 -3.58 -14.09
CA ARG F 262 -67.92 -4.21 -14.50
C ARG F 262 -68.37 -5.25 -13.47
N GLU F 263 -67.43 -6.12 -13.06
CA GLU F 263 -67.75 -7.13 -12.06
C GLU F 263 -67.85 -6.53 -10.67
N VAL F 264 -67.02 -5.53 -10.37
CA VAL F 264 -67.02 -4.92 -9.05
C VAL F 264 -68.32 -4.16 -8.83
N SER F 265 -68.95 -4.38 -7.68
CA SER F 265 -70.19 -3.72 -7.35
C SER F 265 -70.23 -3.46 -5.85
N LEU F 266 -71.28 -2.77 -5.42
CA LEU F 266 -71.45 -2.46 -4.01
C LEU F 266 -71.80 -3.71 -3.23
N VAL F 267 -71.66 -3.61 -1.89
CA VAL F 267 -72.09 -4.61 -0.91
C VAL F 267 -71.48 -5.98 -1.19
N THR F 268 -70.50 -6.04 -2.10
CA THR F 268 -69.87 -7.32 -2.41
C THR F 268 -69.21 -7.95 -1.20
N GLN F 269 -68.72 -7.15 -0.26
CA GLN F 269 -68.09 -7.65 0.97
C GLN F 269 -66.97 -8.64 0.64
N ARG F 270 -66.15 -8.30 -0.34
CA ARG F 270 -65.07 -9.15 -0.81
C ARG F 270 -63.73 -8.49 -0.52
N SER F 271 -62.75 -9.32 -0.16
CA SER F 271 -61.44 -8.80 0.21
C SER F 271 -60.60 -8.50 -1.02
N LEU F 272 -59.47 -7.82 -0.78
CA LEU F 272 -58.53 -7.55 -1.86
C LEU F 272 -58.01 -8.84 -2.46
N GLY F 273 -57.72 -9.83 -1.62
CA GLY F 273 -57.35 -11.13 -2.14
C GLY F 273 -58.43 -11.74 -3.02
N ASP F 274 -59.69 -11.59 -2.61
CA ASP F 274 -60.79 -11.99 -3.49
C ASP F 274 -60.78 -11.14 -4.75
N LEU F 275 -60.53 -9.84 -4.62
CA LEU F 275 -60.36 -8.99 -5.78
C LEU F 275 -59.15 -9.41 -6.59
N ILE F 276 -58.06 -9.74 -5.91
CA ILE F 276 -56.84 -10.16 -6.59
C ILE F 276 -57.07 -11.49 -7.31
N MET F 277 -57.65 -12.46 -6.61
CA MET F 277 -57.90 -13.76 -7.22
C MET F 277 -58.93 -13.68 -8.34
N SER F 278 -59.67 -12.58 -8.44
CA SER F 278 -60.55 -12.39 -9.57
C SER F 278 -59.76 -12.30 -10.87
N CYS F 279 -58.62 -11.62 -10.86
CA CYS F 279 -57.79 -11.50 -12.05
C CYS F 279 -57.26 -12.87 -12.48
N CYS F 280 -56.65 -13.59 -11.53
CA CYS F 280 -56.12 -14.93 -11.80
C CYS F 280 -56.62 -15.88 -10.71
N PRO F 281 -57.66 -16.65 -10.99
CA PRO F 281 -58.19 -17.56 -9.96
C PRO F 281 -57.26 -18.72 -9.66
N ASP F 282 -56.26 -18.48 -8.84
CA ASP F 282 -55.32 -19.54 -8.50
C ASP F 282 -55.96 -20.53 -7.52
N PRO F 283 -55.98 -21.82 -7.86
CA PRO F 283 -56.46 -22.82 -6.89
C PRO F 283 -55.68 -22.81 -5.58
N ASN F 284 -54.43 -22.37 -5.61
CA ASN F 284 -53.62 -22.19 -4.40
C ASN F 284 -53.11 -20.76 -4.40
N PRO F 285 -53.94 -19.81 -3.97
CA PRO F 285 -53.56 -18.40 -4.02
C PRO F 285 -52.28 -18.13 -3.23
N PRO F 286 -51.25 -17.62 -3.91
CA PRO F 286 -49.98 -17.34 -3.23
C PRO F 286 -49.95 -15.97 -2.59
N ILE F 287 -51.13 -15.41 -2.33
CA ILE F 287 -51.28 -14.01 -1.94
C ILE F 287 -50.33 -13.61 -0.81
N HIS F 288 -49.99 -14.55 0.07
CA HIS F 288 -49.05 -14.27 1.16
C HIS F 288 -47.71 -13.83 0.56
N LYS F 289 -47.35 -14.41 -0.57
CA LYS F 289 -46.21 -13.93 -1.35
C LYS F 289 -46.57 -12.79 -2.28
N ILE F 290 -47.86 -12.60 -2.55
CA ILE F 290 -48.24 -11.37 -3.31
C ILE F 290 -48.15 -10.24 -2.30
N VAL F 291 -48.38 -10.57 -1.02
CA VAL F 291 -48.16 -9.55 0.00
C VAL F 291 -46.65 -9.50 0.21
N ARG F 292 -45.99 -8.75 -0.67
CA ARG F 292 -44.55 -8.59 -0.70
C ARG F 292 -44.24 -7.35 -1.51
N LYS F 293 -43.24 -6.60 -1.05
CA LYS F 293 -42.69 -5.45 -1.77
C LYS F 293 -43.79 -4.50 -2.24
N PRO F 294 -44.40 -3.73 -1.35
CA PRO F 294 -45.33 -2.69 -1.78
C PRO F 294 -44.59 -1.65 -2.62
N SER F 295 -45.33 -1.01 -3.53
CA SER F 295 -44.82 -0.09 -4.53
C SER F 295 -44.08 -0.82 -5.64
N ARG F 296 -43.86 -2.12 -5.46
CA ARG F 296 -43.37 -2.97 -6.53
C ARG F 296 -44.52 -3.61 -7.31
N ILE F 297 -45.76 -3.36 -6.89
CA ILE F 297 -46.95 -3.90 -7.51
C ILE F 297 -47.85 -2.74 -7.90
N LEU F 298 -48.49 -2.84 -9.07
CA LEU F 298 -49.32 -1.76 -9.59
C LEU F 298 -50.72 -2.28 -9.89
N PHE F 299 -51.72 -1.55 -9.42
CA PHE F 299 -53.12 -1.83 -9.72
C PHE F 299 -53.56 -0.94 -10.86
N LEU F 300 -54.07 -1.56 -11.93
CA LEU F 300 -54.59 -0.83 -13.08
C LEU F 300 -56.11 -0.76 -12.95
N MET F 301 -56.59 0.18 -12.14
CA MET F 301 -58.07 0.36 -11.97
C MET F 301 -58.64 0.93 -13.28
N ASP F 302 -59.86 0.51 -13.67
CA ASP F 302 -60.37 0.95 -14.99
C ASP F 302 -61.78 1.53 -14.88
N GLY F 303 -61.99 2.74 -15.42
CA GLY F 303 -63.32 3.39 -15.47
C GLY F 303 -63.98 3.68 -14.13
N PHE F 304 -63.88 4.93 -13.66
CA PHE F 304 -64.64 5.33 -12.45
C PHE F 304 -66.11 5.37 -12.87
N ASP F 305 -66.37 5.68 -14.13
CA ASP F 305 -67.75 5.75 -14.67
C ASP F 305 -68.39 4.37 -14.53
N GLU F 306 -67.59 3.30 -14.71
CA GLU F 306 -68.12 1.92 -14.60
C GLU F 306 -68.68 1.70 -13.20
N LEU F 307 -68.07 2.29 -12.18
CA LEU F 307 -68.65 2.20 -10.82
C LEU F 307 -70.12 2.63 -10.88
N GLN F 308 -71.05 1.72 -10.58
CA GLN F 308 -72.47 1.98 -10.60
C GLN F 308 -73.02 1.91 -9.18
N GLY F 309 -73.75 2.94 -8.79
CA GLY F 309 -74.33 3.06 -7.46
C GLY F 309 -73.85 4.29 -6.75
N ALA F 310 -74.39 4.51 -5.55
CA ALA F 310 -74.00 5.63 -4.73
C ALA F 310 -72.60 5.43 -4.18
N PHE F 311 -71.88 6.52 -3.99
CA PHE F 311 -70.51 6.45 -3.48
C PHE F 311 -70.18 7.78 -2.81
N ASP F 312 -70.04 7.76 -1.49
CA ASP F 312 -69.59 8.93 -0.76
C ASP F 312 -68.07 9.01 -0.85
N GLU F 313 -67.56 10.10 -1.43
CA GLU F 313 -66.12 10.29 -1.51
C GLU F 313 -65.47 10.43 -0.15
N HIS F 314 -66.25 10.70 0.90
CA HIS F 314 -65.71 10.74 2.25
C HIS F 314 -66.60 9.96 3.21
N ILE F 315 -66.90 8.71 2.83
CA ILE F 315 -67.72 7.81 3.64
C ILE F 315 -67.11 7.69 5.04
N GLY F 316 -67.98 7.54 6.05
CA GLY F 316 -67.56 7.52 7.43
C GLY F 316 -66.61 6.40 7.79
N PRO F 317 -67.08 5.16 7.73
CA PRO F 317 -66.23 4.03 8.13
C PRO F 317 -64.96 3.96 7.30
N LEU F 318 -63.86 3.59 7.97
CA LEU F 318 -62.54 3.59 7.38
C LEU F 318 -61.99 2.17 7.34
N CYS F 319 -61.19 1.88 6.32
CA CYS F 319 -60.68 0.53 6.08
C CYS F 319 -59.16 0.55 6.00
N THR F 320 -58.52 -0.39 6.71
CA THR F 320 -57.08 -0.51 6.66
C THR F 320 -56.66 -1.97 6.57
N ASP F 321 -57.60 -2.89 6.80
CA ASP F 321 -57.30 -4.31 6.75
C ASP F 321 -57.26 -4.78 5.30
N TRP F 322 -56.19 -5.47 4.93
CA TRP F 322 -56.06 -5.95 3.55
C TRP F 322 -56.92 -7.17 3.29
N GLN F 323 -57.01 -8.07 4.27
CA GLN F 323 -57.66 -9.36 4.04
C GLN F 323 -59.10 -9.40 4.50
N LYS F 324 -59.56 -8.37 5.22
CA LYS F 324 -60.93 -8.37 5.72
C LYS F 324 -61.92 -8.27 4.58
N ALA F 325 -63.02 -9.02 4.69
CA ALA F 325 -64.10 -8.94 3.72
C ALA F 325 -64.85 -7.63 3.90
N GLU F 326 -64.46 -6.60 3.17
CA GLU F 326 -65.01 -5.27 3.32
C GLU F 326 -65.87 -4.91 2.12
N ARG F 327 -66.70 -3.89 2.30
CA ARG F 327 -67.61 -3.45 1.25
C ARG F 327 -66.85 -3.05 0.00
N GLY F 328 -67.47 -3.26 -1.16
CA GLY F 328 -66.79 -3.01 -2.42
C GLY F 328 -66.32 -1.59 -2.57
N ASP F 329 -67.21 -0.62 -2.29
CA ASP F 329 -66.79 0.77 -2.35
C ASP F 329 -65.82 1.10 -1.23
N ILE F 330 -66.00 0.51 -0.05
CA ILE F 330 -65.09 0.72 1.06
C ILE F 330 -63.70 0.20 0.71
N LEU F 331 -63.64 -0.99 0.10
CA LEU F 331 -62.35 -1.53 -0.33
C LEU F 331 -61.66 -0.57 -1.30
N LEU F 332 -62.42 -0.08 -2.28
CA LEU F 332 -61.87 0.92 -3.19
C LEU F 332 -61.51 2.19 -2.44
N SER F 333 -62.35 2.59 -1.48
CA SER F 333 -62.09 3.80 -0.71
C SER F 333 -60.71 3.76 -0.06
N SER F 334 -60.41 2.67 0.64
CA SER F 334 -59.07 2.52 1.20
C SER F 334 -58.02 2.46 0.10
N LEU F 335 -58.31 1.70 -0.96
CA LEU F 335 -57.35 1.59 -2.07
C LEU F 335 -57.14 2.93 -2.75
N ILE F 336 -58.21 3.68 -2.99
CA ILE F 336 -58.07 5.00 -3.61
C ILE F 336 -57.27 5.92 -2.69
N ARG F 337 -57.60 5.93 -1.40
CA ARG F 337 -56.82 6.69 -0.44
C ARG F 337 -55.45 6.07 -0.16
N LYS F 338 -55.24 4.82 -0.57
CA LYS F 338 -53.98 4.11 -0.39
C LYS F 338 -53.61 3.98 1.09
N LYS F 339 -54.56 4.26 1.99
CA LYS F 339 -54.31 4.02 3.40
C LYS F 339 -54.02 2.55 3.65
N LEU F 340 -54.80 1.67 3.03
CA LEU F 340 -54.39 0.28 2.89
C LEU F 340 -53.38 0.18 1.76
N LEU F 341 -52.35 -0.66 1.94
CA LEU F 341 -51.26 -0.78 0.98
C LEU F 341 -50.68 0.61 0.71
N PRO F 342 -49.96 1.18 1.68
CA PRO F 342 -49.57 2.59 1.56
C PRO F 342 -48.67 2.91 0.39
N GLU F 343 -48.01 1.90 -0.20
CA GLU F 343 -47.06 2.14 -1.27
C GLU F 343 -47.59 1.69 -2.63
N ALA F 344 -48.77 1.07 -2.68
CA ALA F 344 -49.27 0.50 -3.92
C ALA F 344 -49.50 1.59 -4.96
N SER F 345 -48.98 1.37 -6.17
CA SER F 345 -49.20 2.29 -7.27
C SER F 345 -50.59 2.09 -7.86
N LEU F 346 -51.11 3.13 -8.50
CA LEU F 346 -52.46 3.08 -9.03
C LEU F 346 -52.55 3.83 -10.36
N LEU F 347 -53.35 3.24 -11.25
CA LEU F 347 -53.61 3.89 -12.55
C LEU F 347 -55.14 3.89 -12.67
N ILE F 348 -55.76 5.05 -12.91
CA ILE F 348 -57.25 5.12 -12.91
C ILE F 348 -57.74 5.82 -14.17
N THR F 349 -58.27 5.08 -15.13
CA THR F 349 -58.88 5.78 -16.29
C THR F 349 -60.16 6.41 -15.75
N THR F 350 -60.39 7.70 -15.99
CA THR F 350 -61.55 8.37 -15.38
C THR F 350 -62.29 9.21 -16.42
N ARG F 351 -63.61 9.37 -16.28
CA ARG F 351 -64.33 10.27 -17.19
C ARG F 351 -64.16 11.71 -16.69
N PRO F 352 -63.76 12.73 -17.51
CA PRO F 352 -63.55 14.09 -16.99
C PRO F 352 -64.67 14.60 -16.11
N VAL F 353 -65.92 14.24 -16.41
CA VAL F 353 -67.05 14.76 -15.63
C VAL F 353 -67.05 14.20 -14.21
N ALA F 354 -66.48 13.02 -14.03
CA ALA F 354 -66.45 12.37 -12.72
C ALA F 354 -65.18 12.68 -11.93
N LEU F 355 -64.33 13.58 -12.42
CA LEU F 355 -63.07 13.85 -11.77
C LEU F 355 -63.24 14.43 -10.37
N GLU F 356 -64.21 15.34 -10.19
CA GLU F 356 -64.29 16.09 -8.95
C GLU F 356 -64.49 15.17 -7.74
N LYS F 357 -65.11 14.01 -7.95
CA LYS F 357 -65.28 13.06 -6.86
C LYS F 357 -63.94 12.50 -6.40
N LEU F 358 -63.13 12.03 -7.35
CA LEU F 358 -61.84 11.45 -6.98
C LEU F 358 -60.81 12.54 -6.67
N GLN F 359 -60.87 13.67 -7.39
CA GLN F 359 -59.94 14.76 -7.14
C GLN F 359 -60.07 15.30 -5.73
N HIS F 360 -61.31 15.48 -5.26
CA HIS F 360 -61.51 15.80 -3.86
C HIS F 360 -61.10 14.64 -2.95
N LEU F 361 -61.22 13.41 -3.45
CA LEU F 361 -60.90 12.24 -2.64
C LEU F 361 -59.40 12.07 -2.47
N LEU F 362 -58.63 12.30 -3.53
CA LEU F 362 -57.22 11.92 -3.55
C LEU F 362 -56.35 13.08 -3.99
N ASP F 363 -55.12 13.12 -3.46
CA ASP F 363 -54.17 14.20 -3.72
C ASP F 363 -53.12 13.74 -4.73
N HIS F 364 -52.33 14.72 -5.20
CA HIS F 364 -51.21 14.59 -6.14
C HIS F 364 -51.51 13.62 -7.27
N PRO F 365 -52.58 13.82 -8.04
CA PRO F 365 -52.91 12.87 -9.10
C PRO F 365 -52.22 13.25 -10.41
N ARG F 366 -51.54 12.28 -11.01
CA ARG F 366 -50.89 12.52 -12.29
C ARG F 366 -51.93 12.51 -13.41
N HIS F 367 -52.58 13.66 -13.62
CA HIS F 367 -53.58 13.77 -14.68
C HIS F 367 -52.93 13.59 -16.04
N VAL F 368 -53.57 12.78 -16.89
CA VAL F 368 -53.06 12.54 -18.23
C VAL F 368 -54.18 12.71 -19.25
N GLU F 369 -54.13 13.78 -20.01
CA GLU F 369 -55.09 13.98 -21.09
C GLU F 369 -54.75 13.08 -22.27
N ILE F 370 -55.73 12.30 -22.72
CA ILE F 370 -55.57 11.40 -23.86
C ILE F 370 -56.53 11.84 -24.96
N LEU F 371 -56.02 11.88 -26.19
CA LEU F 371 -56.76 12.40 -27.34
C LEU F 371 -56.89 11.31 -28.40
N GLY F 372 -57.90 11.46 -29.26
CA GLY F 372 -58.12 10.52 -30.33
C GLY F 372 -57.22 10.76 -31.52
N PHE F 373 -57.53 10.05 -32.60
CA PHE F 373 -56.69 10.08 -33.80
C PHE F 373 -56.82 11.42 -34.52
N SER F 374 -55.76 11.83 -35.19
CA SER F 374 -55.79 13.04 -35.99
C SER F 374 -56.37 12.74 -37.38
N GLU F 375 -56.21 13.69 -38.29
CA GLU F 375 -56.65 13.50 -39.67
C GLU F 375 -55.94 12.31 -40.30
N ALA F 376 -54.61 12.38 -40.40
CA ALA F 376 -53.85 11.29 -41.00
C ALA F 376 -53.97 10.01 -40.20
N LYS F 377 -53.96 10.11 -38.87
CA LYS F 377 -54.09 8.92 -38.04
C LYS F 377 -55.41 8.21 -38.29
N ARG F 378 -56.49 8.98 -38.56
CA ARG F 378 -57.78 8.38 -38.87
C ARG F 378 -57.68 7.49 -40.10
N LYS F 379 -56.99 7.97 -41.15
CA LYS F 379 -56.71 7.12 -42.30
C LYS F 379 -55.86 5.93 -41.89
N GLU F 380 -54.86 6.18 -41.04
CA GLU F 380 -53.99 5.10 -40.59
C GLU F 380 -54.76 4.06 -39.78
N TYR F 381 -55.86 4.48 -39.13
CA TYR F 381 -56.72 3.49 -38.50
C TYR F 381 -57.37 2.58 -39.54
N PHE F 382 -57.83 3.17 -40.64
CA PHE F 382 -58.39 2.36 -41.73
C PHE F 382 -57.33 1.48 -42.34
N PHE F 383 -56.06 1.89 -42.27
CA PHE F 383 -54.98 0.99 -42.66
C PHE F 383 -54.98 -0.25 -41.79
N LYS F 384 -55.18 -0.08 -40.48
CA LYS F 384 -55.34 -1.24 -39.60
C LYS F 384 -56.62 -2.00 -39.91
N TYR F 385 -57.71 -1.27 -40.18
CA TYR F 385 -59.02 -1.88 -40.24
C TYR F 385 -59.28 -2.56 -41.59
N PHE F 386 -59.31 -1.78 -42.66
CA PHE F 386 -59.79 -2.29 -43.93
C PHE F 386 -58.77 -3.24 -44.56
N SER F 387 -59.26 -4.06 -45.47
CA SER F 387 -58.46 -5.06 -46.16
C SER F 387 -58.22 -4.74 -47.63
N ASP F 388 -58.84 -3.69 -48.16
CA ASP F 388 -58.63 -3.32 -49.55
C ASP F 388 -58.78 -1.82 -49.72
N GLU F 389 -57.97 -1.26 -50.63
CA GLU F 389 -58.02 0.18 -50.87
C GLU F 389 -59.37 0.60 -51.42
N ALA F 390 -59.92 -0.15 -52.38
CA ALA F 390 -61.26 0.16 -52.88
C ALA F 390 -62.26 0.19 -51.74
N GLN F 391 -62.03 -0.61 -50.70
CA GLN F 391 -62.80 -0.47 -49.47
C GLN F 391 -62.29 0.70 -48.64
N ALA F 392 -60.97 0.76 -48.41
CA ALA F 392 -60.41 1.77 -47.53
C ALA F 392 -60.38 3.14 -48.21
N ARG F 393 -59.64 3.25 -49.31
CA ARG F 393 -59.37 4.56 -49.91
C ARG F 393 -60.65 5.25 -50.37
N ALA F 394 -61.57 4.50 -50.98
CA ALA F 394 -62.80 5.11 -51.45
C ALA F 394 -63.65 5.62 -50.30
N ALA F 395 -63.85 4.79 -49.27
CA ALA F 395 -64.68 5.18 -48.13
C ALA F 395 -64.04 6.35 -47.38
N PHE F 396 -62.73 6.27 -47.17
CA PHE F 396 -62.04 7.35 -46.47
C PHE F 396 -62.15 8.66 -47.24
N SER F 397 -62.08 8.59 -48.57
CA SER F 397 -62.21 9.80 -49.38
C SER F 397 -63.55 10.49 -49.13
N LEU F 398 -64.57 9.72 -48.79
CA LEU F 398 -65.86 10.32 -48.46
C LEU F 398 -65.78 11.17 -47.21
N ILE F 399 -64.91 10.80 -46.27
CA ILE F 399 -64.81 11.53 -45.01
C ILE F 399 -64.25 12.93 -45.26
N GLN F 400 -63.26 13.06 -46.15
CA GLN F 400 -62.66 14.36 -46.40
C GLN F 400 -63.69 15.34 -46.95
N GLU F 401 -64.51 14.89 -47.90
CA GLU F 401 -65.57 15.74 -48.43
C GLU F 401 -66.59 16.09 -47.35
N ASN F 402 -66.94 15.11 -46.51
CA ASN F 402 -67.85 15.33 -45.39
C ASN F 402 -67.04 15.80 -44.18
N GLU F 403 -66.56 17.04 -44.28
CA GLU F 403 -65.70 17.57 -43.23
C GLU F 403 -66.41 17.65 -41.89
N VAL F 404 -67.72 17.86 -41.90
CA VAL F 404 -68.48 17.85 -40.65
C VAL F 404 -68.37 16.47 -39.98
N LEU F 405 -68.46 15.41 -40.78
CA LEU F 405 -68.14 14.09 -40.26
C LEU F 405 -66.67 13.97 -39.92
N PHE F 406 -65.80 14.57 -40.73
CA PHE F 406 -64.36 14.43 -40.51
C PHE F 406 -63.95 15.04 -39.18
N THR F 407 -64.36 16.27 -38.90
CA THR F 407 -64.10 16.84 -37.58
C THR F 407 -64.80 16.04 -36.50
N MET F 408 -65.90 15.38 -36.86
CA MET F 408 -66.54 14.46 -35.92
C MET F 408 -65.78 13.15 -35.83
N CYS F 409 -64.90 12.87 -36.79
CA CYS F 409 -64.15 11.63 -36.76
C CYS F 409 -62.98 11.74 -35.78
N PHE F 410 -63.27 12.18 -34.56
CA PHE F 410 -62.36 12.10 -33.44
C PHE F 410 -62.90 11.03 -32.52
N ILE F 411 -62.27 10.81 -31.37
CA ILE F 411 -62.77 9.82 -30.40
C ILE F 411 -62.96 8.48 -31.09
N PRO F 412 -61.87 7.73 -31.33
CA PRO F 412 -61.89 6.63 -32.33
C PRO F 412 -63.08 5.69 -32.32
N LEU F 413 -63.86 5.67 -31.24
CA LEU F 413 -65.05 4.83 -31.21
C LEU F 413 -65.99 5.16 -32.36
N VAL F 414 -66.14 6.45 -32.66
CA VAL F 414 -67.01 6.86 -33.76
C VAL F 414 -66.43 6.37 -35.09
N CYS F 415 -65.11 6.35 -35.21
CA CYS F 415 -64.49 5.83 -36.43
C CYS F 415 -64.76 4.34 -36.57
N TRP F 416 -64.78 3.61 -35.45
CA TRP F 416 -65.19 2.22 -35.47
C TRP F 416 -66.61 2.08 -36.03
N ILE F 417 -67.51 2.96 -35.58
CA ILE F 417 -68.86 2.95 -36.13
C ILE F 417 -68.84 3.27 -37.62
N VAL F 418 -68.01 4.23 -38.02
CA VAL F 418 -67.98 4.66 -39.41
C VAL F 418 -67.55 3.51 -40.31
N CYS F 419 -66.42 2.89 -39.99
CA CYS F 419 -65.88 1.85 -40.87
C CYS F 419 -66.77 0.62 -40.89
N THR F 420 -67.23 0.17 -39.73
CA THR F 420 -68.06 -1.03 -39.66
C THR F 420 -69.38 -0.83 -40.39
N GLY F 421 -70.05 0.30 -40.13
CA GLY F 421 -71.32 0.55 -40.78
C GLY F 421 -71.20 0.63 -42.29
N LEU F 422 -70.19 1.36 -42.75
CA LEU F 422 -69.96 1.46 -44.20
C LEU F 422 -69.59 0.11 -44.79
N LYS F 423 -68.79 -0.68 -44.06
CA LYS F 423 -68.44 -2.03 -44.52
C LYS F 423 -69.69 -2.85 -44.80
N GLN F 424 -70.64 -2.84 -43.87
CA GLN F 424 -71.89 -3.57 -44.07
C GLN F 424 -72.67 -3.02 -45.24
N GLN F 425 -72.66 -1.69 -45.42
CA GLN F 425 -73.33 -1.10 -46.57
C GLN F 425 -72.73 -1.60 -47.88
N MET F 426 -71.40 -1.78 -47.91
CA MET F 426 -70.76 -2.34 -49.09
C MET F 426 -71.19 -3.77 -49.35
N GLU F 427 -71.55 -4.51 -48.29
CA GLU F 427 -72.08 -5.86 -48.48
C GLU F 427 -73.42 -5.83 -49.19
N SER F 428 -74.08 -4.68 -49.24
CA SER F 428 -75.37 -4.55 -49.89
C SER F 428 -75.43 -3.48 -50.96
N GLY F 429 -74.65 -2.40 -50.84
CA GLY F 429 -74.73 -1.33 -51.80
C GLY F 429 -73.52 -0.42 -51.76
N LYS F 430 -73.72 0.80 -52.25
CA LYS F 430 -72.69 1.82 -52.32
C LYS F 430 -73.01 2.94 -51.35
N SER F 431 -71.96 3.53 -50.79
CA SER F 431 -72.12 4.55 -49.77
C SER F 431 -72.68 5.85 -50.37
N LEU F 432 -73.02 6.79 -49.49
CA LEU F 432 -73.60 8.07 -49.88
C LEU F 432 -72.99 9.14 -48.98
N ALA F 433 -73.64 10.30 -48.93
CA ALA F 433 -73.21 11.40 -48.08
C ALA F 433 -73.29 10.99 -46.60
N GLN F 434 -74.02 9.91 -46.34
CA GLN F 434 -74.05 9.23 -45.04
C GLN F 434 -74.86 10.02 -44.02
N THR F 435 -75.26 11.25 -44.37
CA THR F 435 -76.17 12.07 -43.55
C THR F 435 -75.70 12.20 -42.11
N SER F 436 -74.45 11.87 -41.83
CA SER F 436 -73.93 11.84 -40.47
C SER F 436 -73.32 13.18 -40.07
N LYS F 437 -74.17 14.21 -40.07
CA LYS F 437 -73.75 15.55 -39.69
C LYS F 437 -73.62 15.72 -38.18
N THR F 438 -74.16 14.81 -37.39
CA THR F 438 -74.10 14.89 -35.94
C THR F 438 -73.73 13.52 -35.38
N THR F 439 -73.39 13.51 -34.10
CA THR F 439 -73.05 12.24 -33.44
C THR F 439 -74.24 11.28 -33.46
N THR F 440 -75.44 11.79 -33.18
CA THR F 440 -76.62 10.94 -33.24
C THR F 440 -76.84 10.40 -34.64
N ALA F 441 -76.65 11.26 -35.66
CA ALA F 441 -76.81 10.81 -37.04
C ALA F 441 -75.89 9.64 -37.34
N VAL F 442 -74.71 9.61 -36.72
CA VAL F 442 -73.83 8.46 -36.86
C VAL F 442 -74.48 7.21 -36.28
N TYR F 443 -75.09 7.36 -35.09
CA TYR F 443 -75.69 6.21 -34.43
C TYR F 443 -76.88 5.67 -35.23
N VAL F 444 -77.77 6.56 -35.68
CA VAL F 444 -79.00 6.11 -36.32
C VAL F 444 -78.71 5.48 -37.68
N PHE F 445 -77.80 6.06 -38.45
CA PHE F 445 -77.42 5.47 -39.73
C PHE F 445 -76.86 4.07 -39.52
N PHE F 446 -76.10 3.88 -38.44
CA PHE F 446 -75.61 2.56 -38.08
C PHE F 446 -76.77 1.61 -37.80
N LEU F 447 -77.80 2.10 -37.10
CA LEU F 447 -78.96 1.27 -36.81
C LEU F 447 -79.71 0.89 -38.07
N SER F 448 -79.83 1.82 -39.01
CA SER F 448 -80.58 1.57 -40.24
C SER F 448 -79.99 0.39 -41.01
N SER F 449 -78.66 0.38 -41.18
CA SER F 449 -78.00 -0.76 -41.78
C SER F 449 -78.13 -1.99 -40.90
N LEU F 450 -78.08 -1.80 -39.58
CA LEU F 450 -78.19 -2.93 -38.67
C LEU F 450 -79.53 -3.63 -38.81
N LEU F 451 -80.62 -2.86 -38.87
CA LEU F 451 -81.97 -3.40 -38.91
C LEU F 451 -82.42 -3.61 -40.37
N GLN F 452 -81.54 -4.19 -41.17
CA GLN F 452 -81.91 -4.38 -42.57
C GLN F 452 -82.63 -5.72 -42.81
N PRO F 453 -82.05 -6.88 -42.48
CA PRO F 453 -82.61 -8.14 -43.00
C PRO F 453 -84.00 -8.47 -42.47
N ARG F 454 -84.13 -8.59 -41.14
CA ARG F 454 -85.39 -9.04 -40.56
C ARG F 454 -86.26 -7.90 -40.03
N GLY F 455 -85.71 -6.71 -39.81
CA GLY F 455 -86.47 -5.62 -39.23
C GLY F 455 -87.58 -5.10 -40.14
N GLY F 456 -87.34 -5.16 -41.45
CA GLY F 456 -88.32 -4.63 -42.39
C GLY F 456 -89.64 -5.39 -42.37
N SER F 457 -89.57 -6.72 -42.31
CA SER F 457 -90.79 -7.49 -42.16
C SER F 457 -91.44 -7.17 -40.82
N GLN F 458 -92.76 -6.94 -40.86
CA GLN F 458 -93.48 -6.61 -39.64
C GLN F 458 -93.53 -7.81 -38.68
N GLU F 459 -93.69 -9.01 -39.23
CA GLU F 459 -93.75 -10.20 -38.39
C GLU F 459 -92.46 -10.36 -37.57
N HIS F 460 -91.31 -10.20 -38.23
CA HIS F 460 -90.03 -10.15 -37.55
C HIS F 460 -89.59 -8.72 -37.25
N GLY F 461 -90.53 -7.78 -37.16
CA GLY F 461 -90.17 -6.43 -36.80
C GLY F 461 -89.55 -6.37 -35.41
N LEU F 462 -88.34 -5.82 -35.34
CA LEU F 462 -87.60 -5.74 -34.10
C LEU F 462 -87.84 -4.43 -33.36
N CYS F 463 -88.72 -3.57 -33.86
CA CYS F 463 -88.98 -2.28 -33.22
C CYS F 463 -89.52 -2.46 -31.82
N ALA F 464 -90.50 -3.36 -31.65
CA ALA F 464 -90.95 -3.70 -30.31
C ALA F 464 -89.83 -4.34 -29.50
N HIS F 465 -89.05 -5.21 -30.14
CA HIS F 465 -87.86 -5.76 -29.49
C HIS F 465 -86.81 -4.68 -29.26
N LEU F 466 -86.72 -3.73 -30.19
CA LEU F 466 -85.87 -2.56 -29.96
C LEU F 466 -86.33 -1.82 -28.72
N TRP F 467 -87.64 -1.70 -28.51
CA TRP F 467 -88.14 -1.16 -27.26
C TRP F 467 -87.80 -2.06 -26.09
N GLY F 468 -87.81 -3.38 -26.32
CA GLY F 468 -87.47 -4.30 -25.24
C GLY F 468 -86.05 -4.09 -24.73
N LEU F 469 -85.09 -3.97 -25.64
CA LEU F 469 -83.72 -3.69 -25.23
C LEU F 469 -83.60 -2.27 -24.69
N CYS F 470 -84.37 -1.32 -25.24
CA CYS F 470 -84.40 0.03 -24.69
C CYS F 470 -84.91 0.03 -23.25
N SER F 471 -85.94 -0.78 -22.98
CA SER F 471 -86.40 -0.93 -21.61
C SER F 471 -85.32 -1.51 -20.72
N LEU F 472 -84.58 -2.52 -21.22
CA LEU F 472 -83.42 -3.01 -20.50
C LEU F 472 -82.36 -1.93 -20.39
N ALA F 473 -82.16 -1.17 -21.47
CA ALA F 473 -81.17 -0.10 -21.46
C ALA F 473 -81.52 0.95 -20.42
N ALA F 474 -82.80 1.33 -20.34
CA ALA F 474 -83.22 2.34 -19.36
C ALA F 474 -82.96 1.85 -17.95
N ASP F 475 -83.27 0.58 -17.66
CA ASP F 475 -82.99 0.04 -16.34
C ASP F 475 -81.49 -0.13 -16.11
N GLY F 476 -80.70 -0.07 -17.18
CA GLY F 476 -79.26 -0.26 -17.03
C GLY F 476 -78.62 0.80 -16.16
N ILE F 477 -79.14 2.02 -16.19
CA ILE F 477 -78.67 3.07 -15.31
C ILE F 477 -79.70 3.45 -14.25
N TRP F 478 -80.99 3.26 -14.52
CA TRP F 478 -82.00 3.57 -13.51
C TRP F 478 -81.90 2.61 -12.34
N ASN F 479 -81.39 1.40 -12.58
CA ASN F 479 -81.15 0.42 -11.52
C ASN F 479 -79.71 -0.08 -11.53
N GLN F 480 -78.85 0.53 -12.34
CA GLN F 480 -77.40 0.37 -12.30
C GLN F 480 -76.94 -1.06 -12.57
N LYS F 481 -77.65 -1.82 -13.39
CA LYS F 481 -77.24 -3.19 -13.71
C LYS F 481 -76.86 -3.27 -15.17
N ILE F 482 -75.58 -3.05 -15.46
CA ILE F 482 -75.06 -3.27 -16.82
C ILE F 482 -75.02 -4.76 -17.13
N LEU F 483 -74.52 -5.56 -16.18
CA LEU F 483 -74.41 -7.00 -16.38
C LEU F 483 -75.72 -7.69 -16.09
N PHE F 484 -76.70 -7.50 -16.99
CA PHE F 484 -78.05 -7.99 -16.73
C PHE F 484 -78.10 -9.51 -16.65
N GLU F 485 -77.34 -10.19 -17.51
CA GLU F 485 -77.29 -11.65 -17.55
C GLU F 485 -78.64 -12.24 -17.98
N GLU F 486 -78.69 -13.55 -18.19
CA GLU F 486 -79.93 -14.24 -18.53
C GLU F 486 -80.99 -14.03 -17.46
N SER F 487 -80.55 -13.70 -16.23
CA SER F 487 -81.50 -13.48 -15.13
C SER F 487 -82.49 -12.36 -15.44
N ASP F 488 -82.04 -11.31 -16.13
CA ASP F 488 -82.88 -10.16 -16.41
C ASP F 488 -83.24 -9.97 -17.88
N LEU F 489 -82.45 -10.52 -18.80
CA LEU F 489 -82.82 -10.44 -20.21
C LEU F 489 -84.13 -11.17 -20.48
N ARG F 490 -84.31 -12.33 -19.83
CA ARG F 490 -85.58 -13.04 -19.93
C ARG F 490 -86.73 -12.17 -19.45
N ASN F 491 -86.50 -11.34 -18.43
CA ASN F 491 -87.51 -10.38 -18.00
C ASN F 491 -87.78 -9.35 -19.09
N HIS F 492 -86.72 -8.90 -19.77
CA HIS F 492 -86.87 -7.83 -20.74
C HIS F 492 -87.21 -8.32 -22.15
N GLY F 493 -86.92 -9.57 -22.48
CA GLY F 493 -87.18 -10.00 -23.83
C GLY F 493 -86.96 -11.49 -24.01
N LEU F 494 -87.00 -11.90 -25.28
CA LEU F 494 -86.88 -13.31 -25.65
C LEU F 494 -85.44 -13.76 -25.41
N GLN F 495 -85.24 -14.42 -24.27
CA GLN F 495 -83.92 -14.74 -23.74
C GLN F 495 -83.07 -15.58 -24.69
N LYS F 496 -83.70 -16.33 -25.60
CA LYS F 496 -82.95 -17.23 -26.44
C LYS F 496 -83.01 -16.86 -27.93
N ALA F 497 -84.21 -16.82 -28.49
CA ALA F 497 -84.34 -16.73 -29.94
C ALA F 497 -83.96 -15.37 -30.48
N ASP F 498 -84.66 -14.31 -30.05
CA ASP F 498 -84.48 -13.01 -30.68
C ASP F 498 -83.15 -12.36 -30.32
N VAL F 499 -82.76 -12.40 -29.05
CA VAL F 499 -81.56 -11.70 -28.61
C VAL F 499 -80.31 -12.27 -29.26
N SER F 500 -80.36 -13.54 -29.67
CA SER F 500 -79.22 -14.14 -30.35
C SER F 500 -78.89 -13.40 -31.64
N ALA F 501 -79.91 -12.98 -32.39
CA ALA F 501 -79.66 -12.12 -33.55
C ALA F 501 -79.08 -10.78 -33.10
N PHE F 502 -79.66 -10.17 -32.07
CA PHE F 502 -79.14 -8.90 -31.57
C PHE F 502 -77.72 -9.07 -31.05
N LEU F 503 -77.46 -10.16 -30.32
CA LEU F 503 -76.11 -10.43 -29.85
C LEU F 503 -75.15 -10.52 -31.03
N ARG F 504 -75.49 -11.30 -32.05
CA ARG F 504 -74.64 -11.42 -33.22
C ARG F 504 -74.58 -10.11 -34.00
N MET F 505 -75.63 -9.29 -33.92
CA MET F 505 -75.53 -7.94 -34.47
C MET F 505 -74.68 -7.03 -33.60
N ASN F 506 -74.84 -7.13 -32.27
CA ASN F 506 -74.02 -6.36 -31.36
C ASN F 506 -72.61 -6.92 -31.20
N LEU F 507 -72.41 -8.19 -31.52
CA LEU F 507 -71.10 -8.82 -31.67
C LEU F 507 -70.37 -9.05 -30.35
N PHE F 508 -70.88 -8.47 -29.25
CA PHE F 508 -70.33 -8.70 -27.92
C PHE F 508 -71.38 -8.32 -26.88
N GLN F 509 -71.96 -9.34 -26.24
CA GLN F 509 -72.89 -9.07 -25.15
C GLN F 509 -72.71 -10.00 -23.96
N LYS F 510 -71.93 -11.08 -24.09
CA LYS F 510 -71.76 -12.00 -22.97
C LYS F 510 -70.30 -12.31 -22.69
N GLU F 511 -69.50 -12.44 -23.75
CA GLU F 511 -68.18 -13.05 -23.61
C GLU F 511 -67.20 -12.19 -22.84
N VAL F 512 -67.50 -10.91 -22.63
CA VAL F 512 -66.56 -10.04 -21.92
C VAL F 512 -66.36 -10.49 -20.48
N ASP F 513 -67.44 -10.89 -19.80
CA ASP F 513 -67.36 -11.40 -18.44
C ASP F 513 -66.80 -12.82 -18.37
N CYS F 514 -67.07 -13.63 -19.40
CA CYS F 514 -66.48 -14.95 -19.62
C CYS F 514 -67.01 -16.02 -18.65
N GLU F 515 -67.76 -15.63 -17.62
CA GLU F 515 -68.29 -16.66 -16.74
C GLU F 515 -69.73 -17.03 -17.08
N LYS F 516 -70.67 -16.13 -16.79
CA LYS F 516 -72.07 -16.30 -17.20
C LYS F 516 -72.77 -15.00 -17.58
N PHE F 517 -72.23 -13.84 -17.23
CA PHE F 517 -73.00 -12.62 -17.27
C PHE F 517 -73.14 -12.09 -18.70
N TYR F 518 -74.21 -11.34 -18.93
CA TYR F 518 -74.49 -10.73 -20.22
C TYR F 518 -74.49 -9.22 -20.06
N SER F 519 -74.01 -8.53 -21.09
CA SER F 519 -73.80 -7.08 -21.01
C SER F 519 -74.05 -6.49 -22.39
N PHE F 520 -73.59 -5.26 -22.60
CA PHE F 520 -73.76 -4.54 -23.86
C PHE F 520 -72.39 -4.27 -24.46
N ILE F 521 -72.39 -3.68 -25.65
CA ILE F 521 -71.14 -3.33 -26.31
C ILE F 521 -70.41 -2.24 -25.53
N HIS F 522 -71.06 -1.08 -25.36
CA HIS F 522 -70.46 0.06 -24.69
C HIS F 522 -71.57 0.88 -24.04
N MET F 523 -71.19 1.68 -23.05
CA MET F 523 -72.15 2.47 -22.30
C MET F 523 -72.82 3.55 -23.14
N THR F 524 -72.20 3.96 -24.25
CA THR F 524 -72.85 4.90 -25.15
C THR F 524 -74.12 4.30 -25.75
N PHE F 525 -74.08 3.03 -26.15
CA PHE F 525 -75.26 2.38 -26.69
C PHE F 525 -76.38 2.33 -25.67
N GLN F 526 -76.04 1.99 -24.42
CA GLN F 526 -77.06 1.93 -23.37
C GLN F 526 -77.68 3.30 -23.16
N GLU F 527 -76.87 4.35 -23.11
CA GLU F 527 -77.40 5.70 -22.98
C GLU F 527 -78.07 6.18 -24.25
N PHE F 528 -77.68 5.65 -25.40
CA PHE F 528 -78.37 6.00 -26.65
C PHE F 528 -79.77 5.42 -26.67
N PHE F 529 -79.90 4.13 -26.35
CA PHE F 529 -81.23 3.52 -26.31
C PHE F 529 -82.06 4.08 -25.16
N ALA F 530 -81.41 4.48 -24.06
CA ALA F 530 -82.13 5.12 -22.97
C ALA F 530 -82.81 6.40 -23.45
N ALA F 531 -82.18 7.11 -24.38
CA ALA F 531 -82.81 8.30 -24.93
C ALA F 531 -83.90 7.95 -25.92
N MET F 532 -83.75 6.84 -26.65
CA MET F 532 -84.76 6.46 -27.64
C MET F 532 -86.09 6.15 -26.98
N TYR F 533 -86.06 5.39 -25.87
CA TYR F 533 -87.31 4.95 -25.24
C TYR F 533 -88.14 6.15 -24.80
N TYR F 534 -87.48 7.25 -24.42
CA TYR F 534 -88.22 8.42 -23.98
C TYR F 534 -89.10 8.96 -25.10
N LEU F 535 -88.58 8.96 -26.33
CA LEU F 535 -89.36 9.43 -27.46
C LEU F 535 -90.37 8.40 -27.94
N LEU F 536 -90.06 7.11 -27.82
CA LEU F 536 -90.94 6.06 -28.33
C LEU F 536 -92.16 5.83 -27.46
N GLU F 537 -92.39 6.69 -26.47
CA GLU F 537 -93.58 6.63 -25.61
C GLU F 537 -93.73 5.26 -24.96
N GLU F 538 -92.56 4.63 -24.77
CA GLU F 538 -92.51 3.25 -24.24
C GLU F 538 -93.39 2.36 -25.14
N GLU F 539 -92.97 2.17 -26.40
CA GLU F 539 -93.74 1.33 -27.35
C GLU F 539 -95.13 1.94 -27.51
N LYS F 540 -95.21 3.26 -27.47
CA LYS F 540 -96.51 3.96 -27.61
C LYS F 540 -97.32 3.70 -26.34
N GLU F 541 -98.58 4.12 -26.33
CA GLU F 541 -99.46 3.79 -25.18
C GLU F 541 -100.39 2.66 -25.62
N GLY F 542 -100.09 2.01 -26.74
CA GLY F 542 -100.99 0.97 -27.27
C GLY F 542 -100.34 -0.37 -27.53
N ARG F 543 -99.35 -0.75 -26.70
CA ARG F 543 -98.61 -2.03 -26.90
C ARG F 543 -98.35 -2.74 -25.56
N THR F 544 -97.39 -2.28 -24.75
CA THR F 544 -97.04 -2.97 -23.47
C THR F 544 -96.59 -4.40 -23.77
N ASN F 545 -97.30 -5.42 -23.28
CA ASN F 545 -96.92 -6.85 -23.51
C ASN F 545 -95.55 -7.16 -22.91
N VAL F 546 -95.30 -6.72 -21.67
CA VAL F 546 -93.98 -6.90 -21.00
C VAL F 546 -93.68 -8.38 -20.68
N PRO F 547 -92.42 -8.85 -20.77
CA PRO F 547 -92.04 -10.22 -20.37
C PRO F 547 -91.97 -10.37 -18.84
N GLY F 548 -93.11 -10.17 -18.15
CA GLY F 548 -93.23 -10.29 -16.70
C GLY F 548 -92.96 -9.01 -15.95
N SER F 549 -92.62 -7.92 -16.65
CA SER F 549 -92.27 -6.66 -16.01
C SER F 549 -93.47 -5.79 -15.68
N ARG F 550 -94.32 -6.23 -14.76
CA ARG F 550 -95.40 -5.37 -14.28
C ARG F 550 -94.88 -4.18 -13.48
N LEU F 551 -93.65 -4.28 -12.98
CA LEU F 551 -93.03 -3.23 -12.18
C LEU F 551 -91.66 -2.92 -12.75
N LYS F 552 -90.89 -2.13 -12.00
CA LYS F 552 -89.54 -1.73 -12.34
C LYS F 552 -89.46 -0.93 -13.63
N LEU F 553 -90.56 -0.29 -14.02
CA LEU F 553 -90.55 0.57 -15.19
C LEU F 553 -90.08 1.96 -14.79
N PRO F 554 -88.93 2.43 -15.27
CA PRO F 554 -88.53 3.82 -14.99
C PRO F 554 -89.53 4.79 -15.58
N SER F 555 -89.69 5.92 -14.91
CA SER F 555 -90.71 6.89 -15.28
C SER F 555 -90.49 7.39 -16.71
N ARG F 556 -91.57 7.40 -17.49
CA ARG F 556 -91.51 7.91 -18.85
C ARG F 556 -91.34 9.42 -18.89
N ASP F 557 -91.50 10.09 -17.75
CA ASP F 557 -91.25 11.52 -17.68
C ASP F 557 -89.76 11.81 -17.81
N VAL F 558 -89.45 12.95 -18.44
CA VAL F 558 -88.07 13.36 -18.66
C VAL F 558 -87.62 14.46 -17.71
N THR F 559 -88.55 15.11 -16.99
CA THR F 559 -88.15 16.14 -16.04
C THR F 559 -87.29 15.55 -14.93
N VAL F 560 -87.63 14.35 -14.47
CA VAL F 560 -86.83 13.67 -13.46
C VAL F 560 -85.43 13.41 -13.98
N LEU F 561 -85.29 13.15 -15.29
CA LEU F 561 -83.98 12.93 -15.87
C LEU F 561 -83.07 14.13 -15.66
N LEU F 562 -83.58 15.34 -15.90
CA LEU F 562 -82.82 16.55 -15.64
C LEU F 562 -82.69 16.82 -14.15
N GLU F 563 -83.60 16.31 -13.34
CA GLU F 563 -83.52 16.47 -11.90
C GLU F 563 -82.47 15.56 -11.27
N ASN F 564 -82.30 14.34 -11.79
CA ASN F 564 -81.21 13.48 -11.38
C ASN F 564 -79.95 13.71 -12.20
N TYR F 565 -79.97 14.67 -13.13
CA TYR F 565 -78.82 14.93 -13.97
C TYR F 565 -77.63 15.38 -13.14
N GLY F 566 -76.45 14.83 -13.46
CA GLY F 566 -75.23 15.16 -12.75
C GLY F 566 -74.96 14.32 -11.52
N LYS F 567 -75.86 13.41 -11.15
CA LYS F 567 -75.63 12.56 -10.01
C LYS F 567 -74.80 11.35 -10.42
N PHE F 568 -73.78 11.03 -9.61
CA PHE F 568 -73.01 9.81 -9.86
C PHE F 568 -73.88 8.57 -9.71
N GLU F 569 -74.98 8.68 -8.96
CA GLU F 569 -75.93 7.58 -8.87
C GLU F 569 -76.48 7.21 -10.24
N LYS F 570 -76.56 8.18 -11.16
CA LYS F 570 -77.11 7.94 -12.49
C LYS F 570 -76.08 8.18 -13.59
N GLY F 571 -74.80 8.22 -13.24
CA GLY F 571 -73.75 8.34 -14.24
C GLY F 571 -73.69 9.68 -14.93
N TYR F 572 -74.14 10.74 -14.26
CA TYR F 572 -74.05 12.13 -14.75
C TYR F 572 -74.97 12.38 -15.95
N LEU F 573 -75.58 11.33 -16.48
CA LEU F 573 -76.63 11.41 -17.50
C LEU F 573 -76.26 12.32 -18.67
N ILE F 574 -75.01 12.27 -19.14
CA ILE F 574 -74.60 13.16 -20.24
C ILE F 574 -75.31 12.77 -21.52
N PHE F 575 -75.01 11.58 -22.02
CA PHE F 575 -75.49 11.18 -23.35
C PHE F 575 -77.00 11.08 -23.40
N VAL F 576 -77.62 10.61 -22.32
CA VAL F 576 -79.08 10.52 -22.30
C VAL F 576 -79.68 11.86 -22.66
N VAL F 577 -79.31 12.91 -21.93
CA VAL F 577 -79.77 14.24 -22.26
C VAL F 577 -79.24 14.67 -23.62
N ARG F 578 -77.95 14.41 -23.88
CA ARG F 578 -77.32 14.88 -25.10
C ARG F 578 -77.97 14.26 -26.33
N PHE F 579 -78.30 12.98 -26.28
CA PHE F 579 -78.89 12.31 -27.44
C PHE F 579 -80.33 12.75 -27.68
N LEU F 580 -81.00 13.27 -26.64
CA LEU F 580 -82.38 13.69 -26.82
C LEU F 580 -82.51 14.79 -27.86
N PHE F 581 -81.57 15.74 -27.86
CA PHE F 581 -81.59 16.84 -28.80
C PHE F 581 -81.50 16.34 -30.24
N GLY F 582 -80.54 15.45 -30.50
CA GLY F 582 -80.38 14.94 -31.85
C GLY F 582 -81.57 14.12 -32.32
N LEU F 583 -82.19 13.37 -31.41
CA LEU F 583 -83.29 12.49 -31.78
C LEU F 583 -84.54 13.26 -32.23
N VAL F 584 -84.82 14.40 -31.62
CA VAL F 584 -86.11 15.06 -31.84
C VAL F 584 -86.15 15.84 -33.13
N ASN F 585 -85.11 15.74 -33.96
CA ASN F 585 -85.15 16.36 -35.28
C ASN F 585 -86.35 15.85 -36.06
N GLN F 586 -87.32 16.73 -36.28
CA GLN F 586 -88.61 16.35 -36.84
C GLN F 586 -88.46 15.84 -38.26
N GLU F 587 -87.86 16.66 -39.13
CA GLU F 587 -87.71 16.30 -40.54
C GLU F 587 -86.85 15.06 -40.72
N ARG F 588 -85.80 14.94 -39.91
CA ARG F 588 -84.86 13.83 -40.08
C ARG F 588 -85.50 12.49 -39.77
N THR F 589 -86.18 12.40 -38.62
CA THR F 589 -86.74 11.11 -38.20
C THR F 589 -88.11 10.87 -38.82
N SER F 590 -88.68 11.87 -39.51
CA SER F 590 -90.02 11.72 -40.07
C SER F 590 -90.07 10.61 -41.11
N TYR F 591 -89.16 10.65 -42.09
CA TYR F 591 -89.06 9.59 -43.08
C TYR F 591 -87.95 8.60 -42.76
N LEU F 592 -87.35 8.68 -41.57
CA LEU F 592 -86.36 7.70 -41.15
C LEU F 592 -87.01 6.58 -40.36
N GLU F 593 -87.89 6.92 -39.42
CA GLU F 593 -88.51 5.94 -38.54
C GLU F 593 -89.98 5.74 -38.85
N LYS F 594 -90.78 6.81 -38.83
CA LYS F 594 -92.24 6.72 -38.89
C LYS F 594 -92.79 5.87 -37.74
N LYS F 595 -91.90 5.51 -36.81
CA LYS F 595 -92.27 4.91 -35.53
C LYS F 595 -91.91 5.87 -34.40
N LEU F 596 -92.15 7.15 -34.61
CA LEU F 596 -91.53 8.22 -33.85
C LEU F 596 -92.44 8.68 -32.71
N SER F 597 -92.08 9.80 -32.09
CA SER F 597 -92.84 10.39 -31.00
C SER F 597 -94.05 11.17 -31.50
N CYS F 598 -94.64 11.96 -30.62
CA CYS F 598 -95.82 12.75 -30.92
C CYS F 598 -95.66 14.11 -30.26
N LYS F 599 -96.77 14.82 -30.08
CA LYS F 599 -96.76 16.08 -29.35
C LYS F 599 -96.03 15.97 -28.02
N ILE F 600 -95.86 14.76 -27.50
CA ILE F 600 -95.07 14.51 -26.31
C ILE F 600 -93.66 15.05 -26.51
N SER F 601 -93.08 14.76 -27.67
CA SER F 601 -91.77 15.33 -27.98
C SER F 601 -91.84 16.85 -28.05
N GLN F 602 -92.92 17.39 -28.63
CA GLN F 602 -93.08 18.83 -28.72
C GLN F 602 -93.16 19.47 -27.34
N GLN F 603 -93.93 18.86 -26.43
CA GLN F 603 -93.97 19.35 -25.05
C GLN F 603 -92.68 19.00 -24.31
N ILE F 604 -91.96 17.96 -24.74
CA ILE F 604 -90.64 17.70 -24.20
C ILE F 604 -89.69 18.84 -24.54
N ARG F 605 -89.77 19.34 -25.78
CA ARG F 605 -88.91 20.45 -26.17
C ARG F 605 -89.10 21.65 -25.26
N LEU F 606 -90.36 21.99 -24.97
CA LEU F 606 -90.62 23.08 -24.03
C LEU F 606 -90.08 22.74 -22.65
N GLU F 607 -90.27 21.49 -22.21
CA GLU F 607 -89.66 21.06 -20.95
C GLU F 607 -88.14 21.14 -21.03
N LEU F 608 -87.57 20.68 -22.14
CA LEU F 608 -86.12 20.76 -22.31
C LEU F 608 -85.66 22.21 -22.49
N LEU F 609 -86.50 23.03 -23.14
CA LEU F 609 -86.20 24.46 -23.22
C LEU F 609 -86.12 25.07 -21.83
N LYS F 610 -87.03 24.70 -20.94
CA LYS F 610 -87.01 25.23 -19.59
C LYS F 610 -85.77 24.79 -18.84
N TRP F 611 -85.29 23.57 -19.10
CA TRP F 611 -84.08 23.10 -18.45
C TRP F 611 -82.88 23.96 -18.81
N ILE F 612 -82.73 24.27 -20.10
CA ILE F 612 -81.63 25.13 -20.53
C ILE F 612 -81.83 26.54 -19.98
N GLU F 613 -83.08 27.00 -19.95
CA GLU F 613 -83.38 28.36 -19.50
C GLU F 613 -82.97 28.56 -18.05
N VAL F 614 -83.32 27.62 -17.18
CA VAL F 614 -83.07 27.83 -15.75
C VAL F 614 -81.59 27.78 -15.44
N LYS F 615 -80.83 26.94 -16.15
CA LYS F 615 -79.42 26.74 -15.80
C LYS F 615 -78.63 28.03 -15.90
N ALA F 616 -78.75 28.74 -17.02
CA ALA F 616 -77.99 29.98 -17.19
C ALA F 616 -78.44 31.04 -16.20
N LYS F 617 -79.75 31.15 -15.98
CA LYS F 617 -80.29 32.25 -15.18
C LYS F 617 -80.03 32.04 -13.69
N ALA F 618 -80.20 30.82 -13.21
CA ALA F 618 -80.26 30.57 -11.77
C ALA F 618 -78.89 30.37 -11.12
N LYS F 619 -78.15 29.34 -11.51
CA LYS F 619 -76.92 28.99 -10.79
C LYS F 619 -75.84 28.65 -11.82
N LYS F 620 -74.74 29.41 -11.79
CA LYS F 620 -73.59 29.08 -12.62
C LYS F 620 -72.64 28.12 -11.92
N LEU F 621 -72.65 28.09 -10.59
CA LEU F 621 -71.78 27.21 -9.82
C LEU F 621 -72.48 25.88 -9.63
N GLN F 622 -72.18 24.94 -10.53
CA GLN F 622 -72.62 23.56 -10.40
C GLN F 622 -71.47 22.65 -10.80
N ILE F 623 -71.70 21.34 -10.69
CA ILE F 623 -70.64 20.36 -10.86
C ILE F 623 -69.97 20.53 -12.22
N GLN F 624 -70.69 20.28 -13.30
CA GLN F 624 -70.22 20.64 -14.64
C GLN F 624 -71.33 20.60 -15.70
N PRO F 625 -72.37 21.45 -15.58
CA PRO F 625 -73.24 21.65 -16.74
C PRO F 625 -72.67 22.72 -17.65
N SER F 626 -71.58 22.41 -18.33
CA SER F 626 -70.76 23.43 -18.97
C SER F 626 -71.52 24.17 -20.06
N GLN F 627 -71.13 25.43 -20.28
CA GLN F 627 -71.75 26.23 -21.33
C GLN F 627 -71.54 25.60 -22.70
N LEU F 628 -70.33 25.09 -22.95
CA LEU F 628 -70.08 24.36 -24.18
C LEU F 628 -70.84 23.05 -24.20
N GLU F 629 -71.03 22.43 -23.04
CA GLU F 629 -71.80 21.19 -22.97
C GLU F 629 -73.22 21.42 -23.45
N LEU F 630 -73.84 22.52 -23.01
CA LEU F 630 -75.12 22.91 -23.57
C LEU F 630 -74.99 23.19 -25.06
N PHE F 631 -73.90 23.86 -25.46
CA PHE F 631 -73.69 24.15 -26.87
C PHE F 631 -73.61 22.86 -27.69
N TYR F 632 -73.09 21.80 -27.09
CA TYR F 632 -73.18 20.49 -27.75
C TYR F 632 -74.64 20.11 -27.96
N CYS F 633 -75.48 20.32 -26.95
CA CYS F 633 -76.88 19.95 -27.05
C CYS F 633 -77.58 20.72 -28.17
N LEU F 634 -77.47 22.05 -28.15
CA LEU F 634 -78.09 22.85 -29.20
C LEU F 634 -77.52 22.52 -30.56
N TYR F 635 -76.25 22.10 -30.62
CA TYR F 635 -75.67 21.70 -31.90
C TYR F 635 -76.38 20.49 -32.47
N GLU F 636 -76.72 19.52 -31.61
CA GLU F 636 -77.47 18.35 -32.09
C GLU F 636 -78.83 18.76 -32.62
N MET F 637 -79.54 19.61 -31.89
CA MET F 637 -80.85 20.10 -32.31
C MET F 637 -80.67 21.18 -33.36
N GLN F 638 -80.76 20.76 -34.62
CA GLN F 638 -80.61 21.68 -35.73
C GLN F 638 -81.82 22.60 -35.85
N GLU F 639 -81.82 23.45 -36.88
CA GLU F 639 -82.89 24.42 -37.15
C GLU F 639 -82.82 25.56 -36.14
N GLU F 640 -83.02 26.79 -36.59
CA GLU F 640 -82.79 28.00 -35.74
C GLU F 640 -83.60 28.24 -34.45
N ASP F 641 -84.92 28.38 -34.47
CA ASP F 641 -85.70 28.95 -33.32
C ASP F 641 -85.53 28.36 -31.91
N PHE F 642 -85.61 27.05 -31.72
CA PHE F 642 -85.54 26.55 -30.33
C PHE F 642 -84.13 26.87 -29.79
N VAL F 643 -83.16 26.58 -30.65
CA VAL F 643 -81.76 26.79 -30.23
C VAL F 643 -81.59 28.27 -29.98
N GLN F 644 -82.21 29.13 -30.79
CA GLN F 644 -82.08 30.59 -30.65
C GLN F 644 -82.62 31.05 -29.29
N ARG F 645 -83.84 30.64 -28.95
CA ARG F 645 -84.41 30.98 -27.62
C ARG F 645 -83.44 30.54 -26.52
N ALA F 646 -82.85 29.35 -26.65
CA ALA F 646 -81.98 28.82 -25.58
C ALA F 646 -80.68 29.64 -25.51
N MET F 647 -80.07 29.96 -26.64
CA MET F 647 -78.78 30.69 -26.70
C MET F 647 -78.95 32.10 -26.18
N ASP F 648 -80.17 32.66 -26.35
CA ASP F 648 -80.45 34.03 -25.86
C ASP F 648 -80.82 33.99 -24.38
N TYR F 649 -80.40 32.94 -23.68
CA TYR F 649 -80.64 32.91 -22.22
C TYR F 649 -79.35 33.25 -21.47
N PHE F 650 -78.28 33.66 -22.18
CA PHE F 650 -76.99 33.91 -21.49
C PHE F 650 -76.08 34.88 -22.24
N PRO F 651 -75.77 36.12 -21.76
CA PRO F 651 -74.70 36.91 -22.40
C PRO F 651 -73.34 36.53 -21.86
N LYS F 652 -73.32 35.77 -20.76
CA LYS F 652 -72.09 35.35 -20.10
C LYS F 652 -71.64 34.04 -20.73
N ILE F 653 -70.82 34.15 -21.77
CA ILE F 653 -70.27 32.98 -22.44
C ILE F 653 -68.80 32.86 -22.03
N GLU F 654 -68.52 31.87 -21.19
CA GLU F 654 -67.15 31.56 -20.76
C GLU F 654 -66.92 30.08 -20.98
N ILE F 655 -66.16 29.74 -22.03
CA ILE F 655 -65.98 28.36 -22.45
C ILE F 655 -64.51 28.10 -22.68
N ASN F 656 -64.16 26.81 -22.71
CA ASN F 656 -62.81 26.36 -23.02
C ASN F 656 -62.87 25.38 -24.18
N LEU F 657 -61.80 25.37 -24.99
CA LEU F 657 -61.76 24.57 -26.20
C LEU F 657 -60.53 23.67 -26.17
N SER F 658 -60.69 22.45 -26.70
CA SER F 658 -59.61 21.48 -26.73
C SER F 658 -59.34 20.89 -28.10
N THR F 659 -60.36 20.71 -28.94
CA THR F 659 -60.18 20.09 -30.24
C THR F 659 -61.12 20.76 -31.23
N ARG F 660 -60.82 20.57 -32.52
CA ARG F 660 -61.60 21.12 -33.63
C ARG F 660 -63.09 20.94 -33.40
N MET F 661 -63.50 19.76 -32.94
CA MET F 661 -64.91 19.52 -32.66
C MET F 661 -65.43 20.52 -31.63
N ASP F 662 -64.67 20.75 -30.57
CA ASP F 662 -65.06 21.77 -29.58
C ASP F 662 -65.10 23.15 -30.22
N HIS F 663 -64.11 23.45 -31.06
CA HIS F 663 -64.13 24.72 -31.78
C HIS F 663 -65.29 24.78 -32.76
N MET F 664 -65.60 23.66 -33.40
CA MET F 664 -66.69 23.65 -34.39
C MET F 664 -68.05 23.87 -33.73
N VAL F 665 -68.32 23.12 -32.65
CA VAL F 665 -69.62 23.25 -32.00
C VAL F 665 -69.78 24.65 -31.41
N SER F 666 -68.72 25.20 -30.81
CA SER F 666 -68.77 26.57 -30.32
C SER F 666 -68.98 27.54 -31.47
N SER F 667 -68.29 27.33 -32.60
CA SER F 667 -68.49 28.18 -33.75
C SER F 667 -69.92 28.08 -34.27
N PHE F 668 -70.44 26.85 -34.39
CA PHE F 668 -71.77 26.68 -34.96
C PHE F 668 -72.85 27.25 -34.05
N CYS F 669 -72.75 26.99 -32.74
CA CYS F 669 -73.80 27.41 -31.83
C CYS F 669 -73.94 28.92 -31.80
N ILE F 670 -72.81 29.65 -31.81
CA ILE F 670 -72.86 31.12 -31.79
C ILE F 670 -73.36 31.70 -33.10
N GLU F 671 -73.37 30.91 -34.18
CA GLU F 671 -73.93 31.38 -35.44
C GLU F 671 -75.37 31.80 -35.22
N ASN F 672 -76.05 31.14 -34.29
CA ASN F 672 -77.40 31.50 -33.94
C ASN F 672 -77.40 32.70 -33.00
N CYS F 673 -78.57 33.33 -32.88
CA CYS F 673 -78.75 34.49 -32.03
C CYS F 673 -77.85 35.64 -32.46
N HIS F 674 -77.83 36.70 -31.65
CA HIS F 674 -77.06 37.91 -31.93
C HIS F 674 -76.99 38.75 -30.66
N ARG F 675 -76.44 39.96 -30.76
CA ARG F 675 -76.46 40.95 -29.68
C ARG F 675 -75.71 40.47 -28.44
N VAL F 676 -75.12 39.28 -28.51
CA VAL F 676 -74.43 38.67 -27.39
C VAL F 676 -73.36 39.61 -26.84
N GLU F 677 -73.34 39.78 -25.52
CA GLU F 677 -72.48 40.80 -24.93
C GLU F 677 -71.04 40.34 -24.84
N SER F 678 -70.77 39.27 -24.07
CA SER F 678 -69.41 38.96 -23.66
C SER F 678 -69.06 37.54 -24.09
N LEU F 679 -67.91 37.38 -24.72
CA LEU F 679 -67.33 36.08 -25.02
C LEU F 679 -66.04 35.89 -24.23
N SER F 680 -65.86 34.69 -23.69
CA SER F 680 -64.67 34.40 -22.90
C SER F 680 -64.07 33.09 -23.38
N LEU F 681 -62.74 33.05 -23.41
CA LEU F 681 -61.99 31.88 -23.88
C LEU F 681 -60.70 31.79 -23.10
N GLY F 682 -59.88 30.80 -23.46
CA GLY F 682 -58.53 30.71 -22.93
C GLY F 682 -58.42 29.86 -21.67
N PHE F 683 -57.27 30.00 -21.02
CA PHE F 683 -56.97 29.24 -19.80
C PHE F 683 -57.95 29.58 -18.69
N LEU F 684 -57.99 30.85 -18.28
CA LEU F 684 -58.90 31.35 -17.25
C LEU F 684 -58.85 30.52 -15.96
N HIS F 685 -60.05 30.15 -15.46
CA HIS F 685 -60.26 29.49 -14.18
C HIS F 685 -59.91 30.42 -13.03
N ASN F 686 -59.35 31.58 -13.37
CA ASN F 686 -59.01 32.65 -12.42
C ASN F 686 -58.76 33.88 -13.27
N MET F 687 -59.50 34.95 -13.01
CA MET F 687 -59.38 36.13 -13.85
C MET F 687 -59.09 37.39 -13.03
N PRO F 688 -57.95 37.46 -12.35
CA PRO F 688 -57.65 38.66 -11.55
C PRO F 688 -56.88 39.70 -12.33
N LYS F 689 -56.49 40.78 -11.65
CA LYS F 689 -55.58 41.78 -12.20
C LYS F 689 -56.19 42.50 -13.40
N GLU F 690 -57.52 42.49 -13.51
CA GLU F 690 -58.15 43.21 -14.62
C GLU F 690 -59.41 43.96 -14.22
N GLU F 691 -59.50 44.51 -13.00
CA GLU F 691 -60.71 45.14 -12.52
C GLU F 691 -60.87 46.52 -13.13
N GLU F 692 -61.99 46.74 -13.81
CA GLU F 692 -62.35 48.04 -14.36
C GLU F 692 -62.64 49.03 -13.22
N GLU F 693 -62.33 50.30 -13.47
CA GLU F 693 -62.63 51.33 -12.47
C GLU F 693 -63.69 52.33 -12.92
N GLU F 694 -63.85 52.60 -14.22
CA GLU F 694 -64.81 53.59 -14.73
C GLU F 694 -64.59 54.90 -13.97
N GLU F 695 -65.63 55.51 -13.39
CA GLU F 695 -65.49 56.75 -12.66
C GLU F 695 -66.29 56.69 -11.36
N LYS F 696 -65.83 57.43 -10.35
CA LYS F 696 -66.49 57.50 -9.04
C LYS F 696 -66.58 56.13 -8.38
N GLU F 697 -65.61 55.27 -8.65
CA GLU F 697 -65.61 53.94 -8.08
C GLU F 697 -64.97 53.94 -6.69
N GLY F 698 -65.37 52.96 -5.88
CA GLY F 698 -64.74 52.72 -4.61
C GLY F 698 -63.72 51.61 -4.69
N ARG F 699 -63.62 51.00 -5.88
CA ARG F 699 -62.69 49.93 -6.14
C ARG F 699 -61.89 50.26 -7.40
N HIS F 700 -60.59 49.97 -7.35
CA HIS F 700 -59.67 50.29 -8.43
C HIS F 700 -58.96 49.02 -8.89
N LEU F 701 -58.21 49.15 -9.98
CA LEU F 701 -57.35 48.06 -10.42
C LEU F 701 -56.15 47.94 -9.48
N ASP F 702 -55.85 46.72 -9.07
CA ASP F 702 -54.75 46.44 -8.16
C ASP F 702 -53.94 45.28 -8.72
N MET F 703 -52.68 45.21 -8.30
CA MET F 703 -51.80 44.15 -8.79
C MET F 703 -52.22 42.79 -8.24
N VAL F 704 -52.04 41.76 -9.06
CA VAL F 704 -52.21 40.39 -8.60
C VAL F 704 -50.97 39.59 -8.96
N GLN F 705 -50.65 39.54 -10.26
CA GLN F 705 -49.45 38.87 -10.78
C GLN F 705 -49.47 37.37 -10.54
N CYS F 706 -50.53 36.87 -9.90
CA CYS F 706 -50.62 35.49 -9.41
C CYS F 706 -49.39 35.20 -8.56
N VAL F 707 -48.91 33.96 -8.47
CA VAL F 707 -47.63 33.67 -7.85
C VAL F 707 -46.78 32.81 -8.76
N LEU F 708 -47.35 31.68 -9.20
CA LEU F 708 -46.67 30.61 -9.93
C LEU F 708 -46.22 30.92 -11.35
N PRO F 709 -46.87 31.84 -12.10
CA PRO F 709 -46.38 32.09 -13.48
C PRO F 709 -44.91 32.46 -13.55
N SER F 710 -44.42 33.28 -12.62
CA SER F 710 -43.00 33.63 -12.48
C SER F 710 -42.30 33.80 -13.82
N SER F 711 -41.15 33.14 -13.98
CA SER F 711 -40.41 33.12 -15.24
C SER F 711 -40.86 32.00 -16.16
N SER F 712 -41.74 31.11 -15.68
CA SER F 712 -42.24 30.03 -16.54
C SER F 712 -43.14 30.58 -17.64
N HIS F 713 -43.89 31.63 -17.34
CA HIS F 713 -44.76 32.24 -18.35
C HIS F 713 -43.94 32.76 -19.53
N ALA F 714 -42.83 33.46 -19.25
CA ALA F 714 -41.97 33.95 -20.31
C ALA F 714 -41.33 32.81 -21.08
N ALA F 715 -40.95 31.74 -20.38
CA ALA F 715 -40.32 30.60 -21.04
C ALA F 715 -41.27 29.92 -22.02
N CYS F 716 -42.54 29.79 -21.64
CA CYS F 716 -43.51 29.15 -22.52
C CYS F 716 -43.80 29.99 -23.76
N SER F 717 -43.68 31.32 -23.64
CA SER F 717 -44.03 32.21 -24.75
C SER F 717 -43.06 32.10 -25.93
N HIS F 718 -41.86 31.58 -25.71
CA HIS F 718 -40.84 31.51 -26.75
C HIS F 718 -40.78 30.15 -27.43
N GLY F 719 -40.84 29.07 -26.66
CA GLY F 719 -40.75 27.73 -27.21
C GLY F 719 -42.04 26.94 -27.12
N LEU F 720 -43.17 27.60 -27.36
CA LEU F 720 -44.48 26.99 -27.26
C LEU F 720 -44.68 25.88 -28.27
N VAL F 721 -44.21 26.10 -29.51
CA VAL F 721 -44.32 25.15 -30.62
C VAL F 721 -45.80 24.91 -30.92
N ASN F 722 -46.34 23.81 -30.43
CA ASN F 722 -47.75 23.44 -30.62
C ASN F 722 -48.13 23.42 -32.10
N SER F 723 -47.54 22.48 -32.83
CA SER F 723 -47.87 22.31 -34.24
C SER F 723 -49.31 21.87 -34.47
N HIS F 724 -49.96 21.30 -33.45
CA HIS F 724 -51.37 20.94 -33.54
C HIS F 724 -52.29 22.15 -33.53
N LEU F 725 -51.77 23.34 -33.23
CA LEU F 725 -52.52 24.59 -33.30
C LEU F 725 -51.98 25.41 -34.46
N THR F 726 -52.85 25.77 -35.39
CA THR F 726 -52.44 26.38 -36.65
C THR F 726 -53.36 27.57 -36.94
N SER F 727 -53.30 28.04 -38.19
CA SER F 727 -54.26 29.06 -38.63
C SER F 727 -55.69 28.53 -38.49
N SER F 728 -55.88 27.23 -38.69
CA SER F 728 -57.15 26.60 -38.39
C SER F 728 -57.40 26.62 -36.89
N PHE F 729 -58.58 26.11 -36.49
CA PHE F 729 -59.08 26.15 -35.12
C PHE F 729 -59.47 27.56 -34.74
N CYS F 730 -59.08 28.54 -35.56
CA CYS F 730 -59.33 29.94 -35.24
C CYS F 730 -60.07 30.65 -36.36
N ARG F 731 -59.72 30.34 -37.61
CA ARG F 731 -60.32 31.03 -38.76
C ARG F 731 -61.83 30.88 -38.76
N GLY F 732 -62.33 29.67 -38.55
CA GLY F 732 -63.76 29.46 -38.47
C GLY F 732 -64.40 30.11 -37.27
N LEU F 733 -63.77 29.95 -36.10
CA LEU F 733 -64.35 30.49 -34.87
C LEU F 733 -64.46 32.00 -34.93
N PHE F 734 -63.41 32.66 -35.43
CA PHE F 734 -63.45 34.12 -35.52
C PHE F 734 -64.29 34.58 -36.69
N SER F 735 -64.53 33.70 -37.67
CA SER F 735 -65.45 34.05 -38.74
C SER F 735 -66.85 34.32 -38.20
N VAL F 736 -67.21 33.65 -37.10
CA VAL F 736 -68.42 34.00 -36.37
C VAL F 736 -68.29 35.41 -35.80
N LEU F 737 -67.13 35.71 -35.22
CA LEU F 737 -66.91 37.02 -34.63
C LEU F 737 -66.93 38.12 -35.68
N SER F 738 -66.40 37.85 -36.88
CA SER F 738 -66.53 38.80 -37.98
C SER F 738 -67.99 39.07 -38.29
N THR F 739 -68.85 38.08 -38.08
CA THR F 739 -70.29 38.21 -38.22
C THR F 739 -70.97 38.45 -36.87
N SER F 740 -70.33 39.26 -36.01
CA SER F 740 -70.77 39.41 -34.63
C SER F 740 -72.22 39.88 -34.54
N GLN F 741 -72.61 40.81 -35.42
CA GLN F 741 -73.98 41.31 -35.43
C GLN F 741 -74.36 41.91 -34.08
N SER F 742 -73.70 43.01 -33.71
CA SER F 742 -73.98 43.80 -32.52
C SER F 742 -73.44 43.17 -31.24
N LEU F 743 -72.37 42.38 -31.35
CA LEU F 743 -71.62 41.99 -30.17
C LEU F 743 -70.83 43.19 -29.64
N THR F 744 -70.61 43.23 -28.34
CA THR F 744 -69.98 44.38 -27.71
C THR F 744 -68.63 44.08 -27.06
N GLU F 745 -68.53 43.03 -26.27
CA GLU F 745 -67.35 42.79 -25.45
C GLU F 745 -66.74 41.44 -25.78
N LEU F 746 -65.42 41.40 -25.89
CA LEU F 746 -64.69 40.16 -26.12
C LEU F 746 -63.49 40.10 -25.20
N ASP F 747 -63.35 38.98 -24.49
CA ASP F 747 -62.23 38.75 -23.60
C ASP F 747 -61.38 37.61 -24.12
N LEU F 748 -60.06 37.81 -24.11
CA LEU F 748 -59.11 36.79 -24.52
C LEU F 748 -58.00 36.58 -23.50
N SER F 749 -58.26 36.81 -22.22
CA SER F 749 -57.22 36.82 -21.21
C SER F 749 -56.57 35.45 -21.06
N ASP F 750 -55.28 35.46 -20.71
CA ASP F 750 -54.52 34.26 -20.39
C ASP F 750 -54.39 33.31 -21.57
N ASN F 751 -54.90 33.71 -22.73
CA ASN F 751 -54.90 32.83 -23.88
C ASN F 751 -53.49 32.65 -24.43
N SER F 752 -53.23 31.47 -24.98
CA SER F 752 -51.93 31.16 -25.55
C SER F 752 -51.90 31.56 -27.02
N LEU F 753 -52.78 32.47 -27.41
CA LEU F 753 -52.90 32.89 -28.80
C LEU F 753 -51.68 33.71 -29.18
N GLY F 754 -50.93 33.23 -30.18
CA GLY F 754 -49.71 33.93 -30.65
C GLY F 754 -49.98 34.97 -31.72
N ASP F 755 -48.92 35.50 -32.34
CA ASP F 755 -49.06 36.59 -33.36
C ASP F 755 -49.82 36.17 -34.64
N PRO F 756 -49.62 35.00 -35.27
CA PRO F 756 -50.40 34.63 -36.48
C PRO F 756 -51.91 34.70 -36.19
N GLY F 757 -52.36 34.03 -35.14
CA GLY F 757 -53.77 34.06 -34.71
C GLY F 757 -54.18 35.50 -34.49
N MET F 758 -53.27 36.31 -33.94
CA MET F 758 -53.55 37.75 -33.71
C MET F 758 -53.80 38.45 -35.06
N ARG F 759 -53.04 38.12 -36.10
CA ARG F 759 -53.28 38.70 -37.46
C ARG F 759 -54.67 38.30 -37.93
N VAL F 760 -55.02 37.03 -37.71
CA VAL F 760 -56.37 36.58 -38.17
C VAL F 760 -57.42 37.40 -37.42
N LEU F 761 -57.22 37.59 -36.11
CA LEU F 761 -58.20 38.33 -35.27
C LEU F 761 -58.30 39.76 -35.77
N CYS F 762 -57.17 40.38 -36.14
CA CYS F 762 -57.14 41.77 -36.64
C CYS F 762 -57.91 41.88 -37.97
N GLU F 763 -57.74 40.94 -38.90
CA GLU F 763 -58.56 41.02 -40.15
C GLU F 763 -60.04 40.87 -39.77
N THR F 764 -60.29 39.99 -38.80
CA THR F 764 -61.69 39.75 -38.38
C THR F 764 -62.23 41.08 -37.87
N LEU F 765 -61.48 41.83 -37.05
CA LEU F 765 -61.90 43.13 -36.45
C LEU F 765 -62.07 44.19 -37.54
N GLN F 766 -61.25 44.07 -38.58
CA GLN F 766 -61.26 45.09 -39.63
C GLN F 766 -62.65 45.12 -40.24
N HIS F 767 -63.37 44.00 -40.19
CA HIS F 767 -64.66 43.94 -40.92
C HIS F 767 -65.61 45.01 -40.40
N PRO F 768 -66.30 45.74 -41.31
CA PRO F 768 -67.24 46.75 -40.89
C PRO F 768 -68.27 46.14 -39.94
N GLY F 769 -68.61 44.86 -40.12
CA GLY F 769 -69.68 44.38 -39.27
C GLY F 769 -69.26 43.80 -37.94
N CYS F 770 -68.05 44.12 -37.46
CA CYS F 770 -67.59 43.56 -36.20
C CYS F 770 -68.32 44.16 -35.00
N ASN F 771 -68.50 45.48 -34.97
CA ASN F 771 -69.35 46.16 -33.99
C ASN F 771 -68.86 45.99 -32.56
N ILE F 772 -67.66 45.41 -32.37
CA ILE F 772 -67.16 45.17 -31.03
C ILE F 772 -66.82 46.48 -30.36
N ARG F 773 -67.19 46.60 -29.09
CA ARG F 773 -66.96 47.83 -28.33
C ARG F 773 -65.70 47.76 -27.48
N ARG F 774 -65.50 46.66 -26.76
CA ARG F 774 -64.34 46.49 -25.89
C ARG F 774 -63.68 45.16 -26.18
N LEU F 775 -62.35 45.12 -26.06
CA LEU F 775 -61.57 43.94 -26.39
C LEU F 775 -60.43 43.81 -25.38
N TRP F 776 -60.36 42.68 -24.70
CA TRP F 776 -59.35 42.42 -23.68
C TRP F 776 -58.43 41.30 -24.17
N LEU F 777 -57.13 41.56 -24.18
CA LEU F 777 -56.13 40.55 -24.53
C LEU F 777 -55.00 40.50 -23.52
N GLY F 778 -55.27 40.85 -22.27
CA GLY F 778 -54.24 40.90 -21.26
C GLY F 778 -53.62 39.56 -20.94
N ARG F 779 -52.42 39.59 -20.37
CA ARG F 779 -51.69 38.44 -19.84
C ARG F 779 -51.36 37.40 -20.91
N CYS F 780 -51.55 37.71 -22.19
CA CYS F 780 -51.21 36.78 -23.26
C CYS F 780 -49.72 36.93 -23.59
N GLY F 781 -49.28 36.20 -24.61
CA GLY F 781 -47.89 36.20 -25.04
C GLY F 781 -47.57 37.01 -26.26
N LEU F 782 -48.40 38.00 -26.60
CA LEU F 782 -48.20 38.78 -27.82
C LEU F 782 -46.89 39.55 -27.77
N SER F 783 -46.48 39.98 -29.00
CA SER F 783 -45.25 40.79 -29.20
C SER F 783 -45.44 41.85 -30.33
N HIS F 784 -44.36 42.46 -30.83
CA HIS F 784 -44.44 43.61 -31.79
C HIS F 784 -45.12 43.40 -33.16
N GLU F 785 -44.95 42.21 -33.70
CA GLU F 785 -45.55 41.91 -35.03
C GLU F 785 -47.04 42.10 -34.84
N CYS F 786 -47.55 41.64 -33.71
CA CYS F 786 -48.98 41.80 -33.42
C CYS F 786 -49.27 43.28 -33.29
N CYS F 787 -48.36 44.02 -32.68
CA CYS F 787 -48.64 45.44 -32.40
C CYS F 787 -48.78 46.15 -33.74
N PHE F 788 -48.16 45.61 -34.78
CA PHE F 788 -48.40 46.19 -36.11
C PHE F 788 -49.82 45.83 -36.45
N ASP F 789 -50.20 44.59 -36.18
CA ASP F 789 -51.57 44.18 -36.62
C ASP F 789 -52.61 44.88 -35.72
N ILE F 790 -52.36 45.00 -34.42
CA ILE F 790 -53.29 45.66 -33.44
C ILE F 790 -53.41 47.13 -33.79
N SER F 791 -52.32 47.79 -34.21
CA SER F 791 -52.40 49.20 -34.67
C SER F 791 -53.33 49.30 -35.88
N LEU F 792 -53.18 48.37 -36.82
CA LEU F 792 -54.12 48.38 -37.98
C LEU F 792 -55.56 48.20 -37.47
N VAL F 793 -55.75 47.32 -36.47
CA VAL F 793 -57.11 47.05 -35.92
C VAL F 793 -57.68 48.32 -35.28
N LEU F 794 -56.84 49.06 -34.55
CA LEU F 794 -57.28 50.29 -33.87
C LEU F 794 -57.69 51.30 -34.95
N SER F 795 -56.90 51.36 -36.03
CA SER F 795 -57.24 52.27 -37.15
C SER F 795 -58.58 51.90 -37.78
N SER F 796 -58.88 50.59 -37.92
CA SER F 796 -60.11 50.18 -38.64
C SER F 796 -61.38 50.07 -37.77
N ASN F 797 -61.28 49.82 -36.46
CA ASN F 797 -62.48 49.57 -35.62
C ASN F 797 -63.09 50.89 -35.14
N GLN F 798 -62.28 51.84 -34.64
CA GLN F 798 -62.91 53.15 -34.27
C GLN F 798 -63.95 52.96 -33.15
N LYS F 799 -65.08 52.26 -33.34
CA LYS F 799 -66.02 51.83 -32.32
C LYS F 799 -65.39 51.11 -31.14
N LEU F 800 -64.11 50.71 -31.22
CA LEU F 800 -63.44 50.15 -30.06
C LEU F 800 -63.18 51.27 -29.06
N VAL F 801 -63.60 51.05 -27.82
CA VAL F 801 -63.52 52.11 -26.81
C VAL F 801 -62.51 51.80 -25.71
N GLU F 802 -62.06 50.56 -25.59
CA GLU F 802 -61.20 50.18 -24.48
C GLU F 802 -60.36 48.97 -24.89
N LEU F 803 -59.08 49.02 -24.55
CA LEU F 803 -58.15 47.95 -24.89
C LEU F 803 -57.26 47.65 -23.69
N ASP F 804 -57.05 46.36 -23.42
CA ASP F 804 -56.20 45.90 -22.32
C ASP F 804 -55.10 45.03 -22.90
N LEU F 805 -53.88 45.54 -22.89
CA LEU F 805 -52.71 44.77 -23.32
C LEU F 805 -51.76 44.49 -22.17
N SER F 806 -52.24 44.57 -20.93
CA SER F 806 -51.38 44.40 -19.76
C SER F 806 -50.75 43.02 -19.72
N ASP F 807 -49.56 42.95 -19.14
CA ASP F 807 -48.86 41.69 -18.85
C ASP F 807 -48.46 40.97 -20.14
N ASN F 808 -48.61 41.64 -21.27
CA ASN F 808 -48.15 41.07 -22.53
C ASN F 808 -46.76 41.59 -22.86
N ALA F 809 -45.77 40.70 -22.89
CA ALA F 809 -44.39 41.11 -23.13
C ALA F 809 -44.19 41.52 -24.58
N LEU F 810 -44.32 42.83 -24.81
CA LEU F 810 -44.21 43.40 -26.18
C LEU F 810 -42.97 44.28 -26.44
N GLY F 811 -42.57 45.18 -25.51
CA GLY F 811 -41.50 46.18 -25.75
C GLY F 811 -41.92 47.49 -26.35
N ASP F 812 -40.93 48.33 -26.69
CA ASP F 812 -41.21 49.72 -27.18
C ASP F 812 -41.60 49.86 -28.67
N PHE F 813 -41.02 49.10 -29.61
CA PHE F 813 -41.31 49.27 -31.06
C PHE F 813 -42.83 49.13 -31.16
N GLY F 814 -43.30 48.23 -30.31
CA GLY F 814 -44.73 47.99 -30.34
C GLY F 814 -45.45 49.26 -30.00
N ILE F 815 -45.00 49.98 -28.98
CA ILE F 815 -45.62 51.26 -28.59
C ILE F 815 -45.58 52.24 -29.76
N ARG F 816 -44.46 52.32 -30.48
CA ARG F 816 -44.35 53.22 -31.66
C ARG F 816 -45.46 52.91 -32.67
N LEU F 817 -45.63 51.65 -33.05
CA LEU F 817 -46.63 51.28 -34.08
C LEU F 817 -48.03 51.51 -33.52
N LEU F 818 -48.23 51.22 -32.23
CA LEU F 818 -49.57 51.33 -31.60
C LEU F 818 -49.96 52.80 -31.59
N CYS F 819 -49.01 53.71 -31.39
CA CYS F 819 -49.23 55.17 -31.41
C CYS F 819 -49.69 55.73 -32.75
N VAL F 820 -49.09 55.26 -33.85
CA VAL F 820 -49.56 55.71 -35.20
C VAL F 820 -50.99 55.20 -35.34
N GLY F 821 -51.32 54.08 -34.68
CA GLY F 821 -52.70 53.62 -34.68
C GLY F 821 -53.54 54.54 -33.83
N LEU F 822 -53.12 54.90 -32.61
CA LEU F 822 -53.92 55.68 -31.64
C LEU F 822 -54.27 57.00 -32.30
N LYS F 823 -53.48 57.50 -33.26
CA LYS F 823 -53.75 58.86 -33.81
C LYS F 823 -54.48 58.86 -35.16
N HIS F 824 -55.10 57.75 -35.58
CA HIS F 824 -55.90 57.78 -36.84
C HIS F 824 -57.32 57.25 -36.60
N LEU F 825 -58.36 58.03 -36.95
CA LEU F 825 -59.77 57.62 -36.70
C LEU F 825 -59.78 56.90 -35.35
N LEU F 826 -59.43 57.59 -34.27
CA LEU F 826 -59.23 56.94 -32.99
C LEU F 826 -59.34 57.86 -31.77
N CYS F 827 -60.06 58.98 -31.89
CA CYS F 827 -60.30 59.81 -30.71
C CYS F 827 -61.13 59.06 -29.67
N ASN F 828 -61.97 58.13 -30.14
CA ASN F 828 -62.95 57.47 -29.27
C ASN F 828 -62.29 56.62 -28.19
N LEU F 829 -61.06 56.16 -28.40
CA LEU F 829 -60.38 55.33 -27.40
C LEU F 829 -60.10 56.17 -26.16
N LYS F 830 -60.61 55.71 -25.02
CA LYS F 830 -60.47 56.46 -23.78
C LYS F 830 -59.52 55.81 -22.78
N LYS F 831 -59.44 54.49 -22.76
CA LYS F 831 -58.64 53.76 -21.78
C LYS F 831 -57.69 52.82 -22.48
N LEU F 832 -56.55 52.54 -21.85
CA LEU F 832 -55.56 51.62 -22.40
C LEU F 832 -54.75 51.05 -21.25
N TRP F 833 -54.73 49.73 -21.16
CA TRP F 833 -53.99 49.02 -20.12
C TRP F 833 -52.73 48.42 -20.73
N LEU F 834 -51.57 48.85 -20.23
CA LEU F 834 -50.30 48.44 -20.80
C LEU F 834 -49.25 48.09 -19.75
N VAL F 835 -49.66 47.62 -18.57
CA VAL F 835 -48.69 47.36 -17.52
C VAL F 835 -47.97 46.04 -17.79
N SER F 836 -46.76 45.93 -17.26
CA SER F 836 -45.93 44.73 -17.31
C SER F 836 -45.61 44.28 -18.73
N CYS F 837 -45.60 45.19 -19.69
CA CYS F 837 -45.31 44.84 -21.07
C CYS F 837 -43.83 44.89 -21.41
N CYS F 838 -42.96 44.77 -20.40
CA CYS F 838 -41.50 44.89 -20.54
C CYS F 838 -41.13 46.03 -21.47
N LEU F 839 -41.56 47.24 -21.08
CA LEU F 839 -41.38 48.44 -21.86
C LEU F 839 -40.18 49.23 -21.35
N THR F 840 -39.28 49.69 -22.21
CA THR F 840 -38.18 50.55 -21.67
C THR F 840 -38.60 52.02 -21.68
N SER F 841 -37.70 52.91 -21.26
CA SER F 841 -38.03 54.35 -21.15
C SER F 841 -38.33 54.93 -22.53
N ALA F 842 -37.57 54.51 -23.52
CA ALA F 842 -37.75 54.99 -24.90
C ALA F 842 -39.23 55.17 -25.24
N CYS F 843 -40.08 54.20 -24.89
CA CYS F 843 -41.45 54.35 -25.35
C CYS F 843 -42.09 55.66 -24.89
N CYS F 844 -41.52 56.31 -23.87
CA CYS F 844 -42.13 57.52 -23.34
C CYS F 844 -42.13 58.64 -24.37
N GLN F 845 -41.07 58.75 -25.17
CA GLN F 845 -41.06 59.68 -26.28
C GLN F 845 -42.25 59.44 -27.19
N ASP F 846 -42.63 58.17 -27.37
CA ASP F 846 -43.77 57.81 -28.21
C ASP F 846 -45.09 58.15 -27.54
N LEU F 847 -45.24 57.80 -26.25
CA LEU F 847 -46.50 58.02 -25.56
C LEU F 847 -46.81 59.51 -25.44
N ALA F 848 -45.77 60.35 -25.46
CA ALA F 848 -45.98 61.79 -25.33
C ALA F 848 -46.68 62.35 -26.57
N SER F 849 -46.18 61.99 -27.75
CA SER F 849 -46.68 62.60 -28.98
C SER F 849 -48.15 62.27 -29.21
N VAL F 850 -48.54 61.02 -28.98
CA VAL F 850 -49.94 60.65 -29.15
C VAL F 850 -50.81 61.40 -28.15
N LEU F 851 -50.40 61.41 -26.88
CA LEU F 851 -51.13 62.19 -25.88
C LEU F 851 -51.04 63.67 -26.19
N SER F 852 -49.97 64.12 -26.84
CA SER F 852 -49.89 65.51 -27.29
C SER F 852 -50.94 65.82 -28.34
N THR F 853 -51.54 64.79 -28.94
CA THR F 853 -52.55 64.98 -29.97
C THR F 853 -53.85 64.24 -29.69
N SER F 854 -53.90 63.38 -28.68
CA SER F 854 -55.08 62.58 -28.39
C SER F 854 -56.24 63.45 -27.97
N HIS F 855 -57.42 63.16 -28.52
CA HIS F 855 -58.61 63.92 -28.21
C HIS F 855 -59.26 63.43 -26.93
N SER F 856 -59.72 62.17 -26.93
CA SER F 856 -60.52 61.65 -25.83
C SER F 856 -59.90 60.41 -25.18
N LEU F 857 -58.60 60.44 -24.90
CA LEU F 857 -57.98 59.40 -24.09
C LEU F 857 -58.17 59.73 -22.60
N THR F 858 -59.06 58.99 -21.94
CA THR F 858 -59.47 59.32 -20.57
C THR F 858 -58.56 58.74 -19.50
N ARG F 859 -58.18 57.47 -19.63
CA ARG F 859 -57.39 56.81 -18.58
C ARG F 859 -56.19 56.14 -19.23
N LEU F 860 -55.08 56.10 -18.49
CA LEU F 860 -53.86 55.45 -18.97
C LEU F 860 -53.26 54.61 -17.87
N TYR F 861 -52.91 53.37 -18.20
CA TYR F 861 -52.30 52.44 -17.25
C TYR F 861 -50.99 51.94 -17.86
N VAL F 862 -49.87 52.47 -17.39
CA VAL F 862 -48.58 52.11 -17.94
C VAL F 862 -47.60 51.76 -16.83
N GLY F 863 -48.12 51.49 -15.64
CA GLY F 863 -47.26 51.19 -14.51
C GLY F 863 -46.52 49.88 -14.64
N GLU F 864 -45.60 49.64 -13.70
CA GLU F 864 -44.88 48.37 -13.58
C GLU F 864 -43.94 48.10 -14.75
N ASN F 865 -43.87 49.02 -15.70
CA ASN F 865 -42.90 48.87 -16.78
C ASN F 865 -41.61 49.62 -16.47
N ALA F 866 -40.58 49.34 -17.25
CA ALA F 866 -39.27 49.93 -17.03
C ALA F 866 -39.17 51.31 -17.67
N LEU F 867 -39.87 52.29 -17.11
CA LEU F 867 -39.74 53.66 -17.62
C LEU F 867 -38.71 54.45 -16.83
N GLY F 868 -38.76 54.38 -15.50
CA GLY F 868 -37.82 55.11 -14.67
C GLY F 868 -38.11 56.60 -14.63
N ASP F 869 -37.38 57.32 -13.78
CA ASP F 869 -37.52 58.76 -13.72
C ASP F 869 -37.12 59.41 -15.05
N SER F 870 -36.13 58.82 -15.73
CA SER F 870 -35.74 59.32 -17.05
C SER F 870 -36.90 59.22 -18.03
N GLY F 871 -37.62 58.10 -18.00
CA GLY F 871 -38.76 57.92 -18.89
C GLY F 871 -39.88 58.89 -18.62
N VAL F 872 -40.24 59.06 -17.35
CA VAL F 872 -41.36 59.94 -17.02
C VAL F 872 -41.01 61.40 -17.29
N ALA F 873 -39.71 61.71 -17.40
CA ALA F 873 -39.29 63.06 -17.73
C ALA F 873 -39.92 63.52 -19.05
N ILE F 874 -40.13 62.59 -19.97
CA ILE F 874 -40.93 62.88 -21.15
C ILE F 874 -42.41 62.84 -20.81
N LEU F 875 -42.81 61.88 -19.98
CA LEU F 875 -44.23 61.69 -19.67
C LEU F 875 -44.84 62.91 -18.99
N CYS F 876 -44.01 63.77 -18.39
CA CYS F 876 -44.51 65.00 -17.80
C CYS F 876 -44.59 66.13 -18.80
N GLU F 877 -43.75 66.13 -19.83
CA GLU F 877 -43.75 67.22 -20.80
C GLU F 877 -45.08 67.31 -21.54
N LYS F 878 -45.65 66.16 -21.89
CA LYS F 878 -46.87 66.14 -22.68
C LYS F 878 -48.07 66.68 -21.91
N ALA F 879 -48.04 66.61 -20.58
CA ALA F 879 -49.21 66.88 -19.77
C ALA F 879 -49.47 68.36 -19.52
N LYS F 880 -48.65 69.25 -20.08
CA LYS F 880 -48.80 70.67 -19.83
C LYS F 880 -49.92 71.32 -20.63
N ASN F 881 -50.38 70.69 -21.70
CA ASN F 881 -51.32 71.35 -22.59
C ASN F 881 -52.76 71.16 -22.13
N PRO F 882 -53.62 72.13 -22.43
CA PRO F 882 -55.06 71.97 -22.10
C PRO F 882 -55.73 70.84 -22.87
N GLN F 883 -55.18 70.42 -24.00
CA GLN F 883 -55.79 69.34 -24.78
C GLN F 883 -55.72 67.99 -24.07
N CYS F 884 -54.94 67.88 -22.99
CA CYS F 884 -54.75 66.61 -22.30
C CYS F 884 -56.04 66.26 -21.55
N ASN F 885 -56.87 65.45 -22.22
CA ASN F 885 -58.15 65.03 -21.66
C ASN F 885 -58.02 63.75 -20.84
N LEU F 886 -56.80 63.43 -20.41
CA LEU F 886 -56.61 62.30 -19.52
C LEU F 886 -57.13 62.63 -18.13
N GLN F 887 -57.63 61.61 -17.44
CA GLN F 887 -58.17 61.77 -16.10
C GLN F 887 -57.45 60.93 -15.07
N LYS F 888 -57.25 59.65 -15.35
CA LYS F 888 -56.54 58.76 -14.44
C LYS F 888 -55.12 58.54 -14.94
N LEU F 889 -54.26 58.01 -14.08
CA LEU F 889 -52.88 57.71 -14.44
C LEU F 889 -52.39 56.55 -13.58
N GLY F 890 -52.05 55.44 -14.23
CA GLY F 890 -51.54 54.29 -13.51
C GLY F 890 -50.04 54.16 -13.61
N LEU F 891 -49.34 54.48 -12.52
CA LEU F 891 -47.88 54.46 -12.48
C LEU F 891 -47.34 53.61 -11.33
N VAL F 892 -48.15 52.66 -10.83
CA VAL F 892 -47.77 51.86 -9.68
C VAL F 892 -46.57 50.96 -10.03
N ASN F 893 -45.64 50.83 -9.08
CA ASN F 893 -44.52 49.91 -9.18
C ASN F 893 -43.65 50.17 -10.42
N SER F 894 -43.57 51.43 -10.84
CA SER F 894 -42.82 51.76 -12.06
C SER F 894 -41.33 51.94 -11.81
N GLY F 895 -40.89 51.95 -10.55
CA GLY F 895 -39.49 52.17 -10.24
C GLY F 895 -39.07 53.61 -10.16
N LEU F 896 -40.02 54.56 -10.20
CA LEU F 896 -39.69 55.97 -10.14
C LEU F 896 -39.15 56.35 -8.77
N THR F 897 -38.47 57.48 -8.70
CA THR F 897 -37.89 57.95 -7.45
C THR F 897 -38.29 59.41 -7.24
N SER F 898 -37.73 60.00 -6.18
CA SER F 898 -38.11 61.35 -5.77
C SER F 898 -37.75 62.40 -6.83
N VAL F 899 -36.72 62.14 -7.64
CA VAL F 899 -36.25 63.15 -8.58
C VAL F 899 -37.33 63.49 -9.61
N CYS F 900 -38.23 62.55 -9.89
CA CYS F 900 -39.28 62.78 -10.87
C CYS F 900 -40.46 63.59 -10.30
N CYS F 901 -40.54 63.74 -8.98
CA CYS F 901 -41.67 64.45 -8.40
C CYS F 901 -41.66 65.93 -8.76
N SER F 902 -40.47 66.53 -8.86
CA SER F 902 -40.38 67.94 -9.21
C SER F 902 -41.06 68.23 -10.54
N ALA F 903 -41.08 67.24 -11.43
CA ALA F 903 -41.72 67.43 -12.72
C ALA F 903 -43.24 67.29 -12.62
N LEU F 904 -43.71 66.13 -12.15
CA LEU F 904 -45.14 65.87 -12.11
C LEU F 904 -45.86 66.84 -11.18
N SER F 905 -45.14 67.44 -10.24
CA SER F 905 -45.73 68.47 -9.39
C SER F 905 -46.27 69.61 -10.25
N SER F 906 -45.43 70.13 -11.15
CA SER F 906 -45.89 71.14 -12.10
C SER F 906 -46.97 70.60 -13.03
N VAL F 907 -46.95 69.30 -13.31
CA VAL F 907 -47.93 68.71 -14.21
C VAL F 907 -49.33 68.86 -13.63
N LEU F 908 -49.50 68.54 -12.35
CA LEU F 908 -50.83 68.53 -11.76
C LEU F 908 -51.46 69.92 -11.78
N SER F 909 -50.68 70.95 -11.48
CA SER F 909 -51.21 72.31 -11.51
C SER F 909 -51.56 72.73 -12.93
N THR F 910 -50.73 72.38 -13.91
CA THR F 910 -50.92 72.82 -15.28
C THR F 910 -51.90 71.94 -16.06
N ASN F 911 -52.40 70.86 -15.48
CA ASN F 911 -53.38 70.01 -16.15
C ASN F 911 -54.76 70.24 -15.56
N GLN F 912 -55.74 70.44 -16.43
CA GLN F 912 -57.12 70.73 -16.04
C GLN F 912 -58.00 69.50 -16.08
N ASN F 913 -57.45 68.33 -16.38
CA ASN F 913 -58.29 67.15 -16.54
C ASN F 913 -57.86 65.97 -15.67
N LEU F 914 -56.55 65.80 -15.44
CA LEU F 914 -56.10 64.71 -14.60
C LEU F 914 -56.70 64.82 -13.21
N THR F 915 -57.20 63.70 -12.70
CA THR F 915 -57.90 63.70 -11.42
C THR F 915 -57.46 62.55 -10.54
N HIS F 916 -56.84 61.52 -11.13
CA HIS F 916 -56.39 60.35 -10.42
C HIS F 916 -54.92 60.09 -10.71
N LEU F 917 -54.20 59.60 -9.70
CA LEU F 917 -52.83 59.14 -9.87
C LEU F 917 -52.58 57.98 -8.93
N TYR F 918 -52.03 56.89 -9.45
CA TYR F 918 -51.78 55.69 -8.67
C TYR F 918 -50.29 55.41 -8.65
N LEU F 919 -49.73 55.28 -7.44
CA LEU F 919 -48.28 55.16 -7.29
C LEU F 919 -47.86 54.11 -6.27
N ARG F 920 -48.70 53.13 -5.95
CA ARG F 920 -48.37 52.19 -4.89
C ARG F 920 -47.12 51.38 -5.23
N GLY F 921 -46.32 51.09 -4.21
CA GLY F 921 -45.11 50.31 -4.37
C GLY F 921 -43.92 51.04 -4.93
N ASN F 922 -44.07 52.30 -5.34
CA ASN F 922 -42.97 53.06 -5.92
C ASN F 922 -42.34 53.94 -4.86
N THR F 923 -41.02 53.83 -4.69
CA THR F 923 -40.35 54.58 -3.64
C THR F 923 -40.18 56.03 -4.04
N LEU F 924 -40.67 56.94 -3.20
CA LEU F 924 -40.45 58.36 -3.42
C LEU F 924 -39.71 58.97 -2.23
N GLY F 925 -40.17 58.66 -1.02
CA GLY F 925 -39.59 59.29 0.15
C GLY F 925 -40.19 60.66 0.40
N ASP F 926 -40.04 61.17 1.62
CA ASP F 926 -40.72 62.40 2.00
C ASP F 926 -40.25 63.58 1.17
N LYS F 927 -39.02 63.54 0.66
CA LYS F 927 -38.54 64.62 -0.21
C LYS F 927 -39.43 64.78 -1.43
N GLY F 928 -39.74 63.67 -2.10
CA GLY F 928 -40.65 63.73 -3.23
C GLY F 928 -42.06 64.11 -2.81
N ILE F 929 -42.55 63.50 -1.73
CA ILE F 929 -43.91 63.78 -1.28
C ILE F 929 -44.05 65.23 -0.87
N LYS F 930 -42.96 65.83 -0.37
CA LYS F 930 -42.97 67.25 -0.05
C LYS F 930 -43.40 68.08 -1.25
N LEU F 931 -42.86 67.76 -2.42
CA LEU F 931 -43.25 68.48 -3.62
C LEU F 931 -44.67 68.15 -4.04
N LEU F 932 -45.17 66.97 -3.67
CA LEU F 932 -46.53 66.59 -4.03
C LEU F 932 -47.55 67.54 -3.43
N CYS F 933 -47.35 67.92 -2.16
CA CYS F 933 -48.23 68.90 -1.54
C CYS F 933 -48.20 70.21 -2.31
N GLU F 934 -47.00 70.67 -2.67
CA GLU F 934 -46.86 71.82 -3.54
C GLU F 934 -47.49 71.55 -4.89
N GLY F 935 -47.40 70.30 -5.37
CA GLY F 935 -48.01 69.91 -6.63
C GLY F 935 -49.51 69.97 -6.63
N LEU F 936 -50.15 69.95 -5.46
CA LEU F 936 -51.57 70.22 -5.33
C LEU F 936 -51.85 71.53 -4.61
N LEU F 937 -50.81 72.32 -4.29
CA LEU F 937 -51.02 73.58 -3.60
C LEU F 937 -51.81 74.56 -4.45
N HIS F 938 -51.66 74.51 -5.76
CA HIS F 938 -52.34 75.47 -6.62
C HIS F 938 -53.85 75.23 -6.60
N PRO F 939 -54.66 76.27 -6.51
CA PRO F 939 -56.12 76.07 -6.47
C PRO F 939 -56.67 75.40 -7.71
N ASP F 940 -56.04 75.60 -8.87
CA ASP F 940 -56.55 75.05 -10.11
C ASP F 940 -56.29 73.56 -10.26
N CYS F 941 -55.88 72.88 -9.19
CA CYS F 941 -55.67 71.43 -9.26
C CYS F 941 -57.01 70.70 -9.16
N LYS F 942 -57.17 69.66 -9.99
CA LYS F 942 -58.39 68.87 -10.01
C LYS F 942 -58.16 67.42 -9.58
N LEU F 943 -57.20 67.18 -8.68
CA LEU F 943 -56.92 65.81 -8.24
C LEU F 943 -58.04 65.34 -7.31
N GLN F 944 -58.55 64.14 -7.57
CA GLN F 944 -59.56 63.54 -6.69
C GLN F 944 -59.09 62.27 -6.01
N VAL F 945 -58.19 61.51 -6.65
CA VAL F 945 -57.73 60.25 -6.09
C VAL F 945 -56.21 60.18 -6.21
N LEU F 946 -55.57 59.72 -5.14
CA LEU F 946 -54.13 59.52 -5.15
C LEU F 946 -53.79 58.27 -4.35
N GLU F 947 -52.89 57.47 -4.89
CA GLU F 947 -52.41 56.27 -4.23
C GLU F 947 -50.95 56.44 -3.84
N LEU F 948 -50.66 56.24 -2.55
CA LEU F 948 -49.30 56.38 -2.06
C LEU F 948 -48.92 55.24 -1.11
N ASP F 949 -49.64 54.12 -1.16
CA ASP F 949 -49.30 52.99 -0.32
C ASP F 949 -47.95 52.42 -0.74
N ASN F 950 -47.18 51.93 0.24
CA ASN F 950 -45.88 51.29 0.00
C ASN F 950 -44.92 52.23 -0.73
N CYS F 951 -45.02 53.54 -0.48
CA CYS F 951 -44.22 54.54 -1.16
C CYS F 951 -42.91 54.85 -0.46
N ASN F 952 -42.59 54.12 0.61
CA ASN F 952 -41.44 54.45 1.47
C ASN F 952 -41.59 55.86 2.03
N LEU F 953 -42.64 56.07 2.80
CA LEU F 953 -42.97 57.38 3.36
C LEU F 953 -42.85 57.34 4.88
N THR F 954 -42.46 58.46 5.46
CA THR F 954 -42.24 58.56 6.90
C THR F 954 -43.22 59.57 7.49
N SER F 955 -43.23 59.61 8.82
CA SER F 955 -44.12 60.48 9.57
C SER F 955 -43.85 61.96 9.29
N HIS F 956 -42.64 62.27 8.85
CA HIS F 956 -42.24 63.67 8.69
C HIS F 956 -43.15 64.40 7.70
N CYS F 957 -43.42 63.78 6.56
CA CYS F 957 -44.21 64.44 5.53
C CYS F 957 -45.69 64.41 5.83
N CYS F 958 -46.11 63.63 6.82
CA CYS F 958 -47.54 63.50 7.11
C CYS F 958 -48.14 64.84 7.51
N TRP F 959 -47.42 65.64 8.30
CA TRP F 959 -47.90 66.96 8.65
C TRP F 959 -48.08 67.82 7.40
N ASP F 960 -47.14 67.71 6.46
CA ASP F 960 -47.20 68.53 5.26
C ASP F 960 -48.41 68.16 4.41
N LEU F 961 -48.59 66.87 4.14
CA LEU F 961 -49.73 66.45 3.34
C LEU F 961 -51.04 66.74 4.05
N SER F 962 -51.08 66.59 5.37
CA SER F 962 -52.29 66.89 6.12
C SER F 962 -52.69 68.35 5.94
N THR F 963 -51.71 69.26 5.96
CA THR F 963 -52.01 70.68 5.77
C THR F 963 -52.71 70.91 4.44
N LEU F 964 -52.24 70.24 3.38
CA LEU F 964 -52.91 70.33 2.10
C LEU F 964 -54.32 69.75 2.17
N LEU F 965 -54.47 68.62 2.84
CA LEU F 965 -55.78 67.94 2.88
C LEU F 965 -56.86 68.87 3.43
N THR F 966 -56.57 69.58 4.51
CA THR F 966 -57.51 70.57 5.01
C THR F 966 -57.70 71.70 4.02
N SER F 967 -56.62 72.14 3.38
CA SER F 967 -56.66 73.28 2.46
C SER F 967 -57.04 72.89 1.04
N SER F 968 -57.27 71.61 0.77
CA SER F 968 -57.64 71.16 -0.57
C SER F 968 -59.06 70.61 -0.54
N GLN F 969 -59.88 71.06 -1.49
CA GLN F 969 -61.26 70.59 -1.57
C GLN F 969 -61.46 69.61 -2.71
N SER F 970 -60.54 69.59 -3.70
CA SER F 970 -60.72 68.75 -4.87
C SER F 970 -60.52 67.27 -4.55
N LEU F 971 -59.65 66.95 -3.60
CA LEU F 971 -59.32 65.57 -3.31
C LEU F 971 -60.49 64.86 -2.63
N ARG F 972 -60.65 63.58 -2.90
CA ARG F 972 -61.73 62.78 -2.33
C ARG F 972 -61.21 61.62 -1.48
N LYS F 973 -60.21 60.89 -1.98
CA LYS F 973 -59.73 59.69 -1.33
C LYS F 973 -58.21 59.63 -1.43
N LEU F 974 -57.57 59.04 -0.42
CA LEU F 974 -56.13 58.90 -0.38
C LEU F 974 -55.78 57.59 0.30
N SER F 975 -54.67 56.99 -0.14
CA SER F 975 -54.16 55.76 0.44
C SER F 975 -52.69 55.94 0.76
N LEU F 976 -52.30 55.50 1.96
CA LEU F 976 -50.94 55.76 2.44
C LEU F 976 -50.31 54.58 3.19
N GLY F 977 -50.81 53.36 3.05
CA GLY F 977 -50.34 52.26 3.86
C GLY F 977 -48.90 51.83 3.58
N ASN F 978 -48.40 50.89 4.39
CA ASN F 978 -47.04 50.36 4.25
C ASN F 978 -46.00 51.46 4.25
N ASN F 979 -46.15 52.42 5.16
CA ASN F 979 -45.22 53.53 5.29
C ASN F 979 -45.05 53.89 6.75
N ASP F 980 -43.99 54.64 7.03
CA ASP F 980 -43.65 55.03 8.40
C ASP F 980 -44.56 56.14 8.92
N LEU F 981 -45.86 55.87 9.01
CA LEU F 981 -46.80 56.88 9.49
C LEU F 981 -46.54 57.24 10.95
N GLY F 982 -46.26 56.24 11.78
CA GLY F 982 -45.98 56.48 13.18
C GLY F 982 -47.18 56.88 13.99
N ASP F 983 -47.08 56.75 15.32
CA ASP F 983 -48.17 57.14 16.20
C ASP F 983 -48.45 58.63 16.12
N LEU F 984 -47.39 59.44 16.09
CA LEU F 984 -47.58 60.88 16.01
C LEU F 984 -48.21 61.29 14.69
N GLY F 985 -47.80 60.67 13.59
CA GLY F 985 -48.35 60.98 12.29
C GLY F 985 -49.81 60.63 12.14
N VAL F 986 -50.20 59.42 12.56
CA VAL F 986 -51.60 59.03 12.49
C VAL F 986 -52.44 59.87 13.44
N MET F 987 -51.81 60.44 14.47
CA MET F 987 -52.52 61.30 15.41
C MET F 987 -53.08 62.53 14.72
N MET F 988 -52.32 63.11 13.79
CA MET F 988 -52.74 64.36 13.16
C MET F 988 -54.05 64.18 12.40
N PHE F 989 -54.39 62.96 12.00
CA PHE F 989 -55.69 62.72 11.39
C PHE F 989 -56.82 63.06 12.34
N CYS F 990 -56.59 62.97 13.64
CA CYS F 990 -57.56 63.50 14.59
C CYS F 990 -57.66 65.01 14.49
N GLU F 991 -56.51 65.69 14.43
CA GLU F 991 -56.52 67.13 14.23
C GLU F 991 -57.18 67.49 12.91
N VAL F 992 -57.01 66.63 11.90
CA VAL F 992 -57.74 66.80 10.64
C VAL F 992 -59.24 66.84 10.93
N LEU F 993 -59.72 65.90 11.74
CA LEU F 993 -61.12 65.91 12.13
C LEU F 993 -61.45 67.15 12.95
N LYS F 994 -60.55 67.53 13.86
CA LYS F 994 -60.78 68.73 14.67
C LYS F 994 -60.79 69.99 13.82
N GLN F 995 -60.19 69.94 12.63
CA GLN F 995 -60.33 71.03 11.65
C GLN F 995 -61.50 70.70 10.74
N GLN F 996 -62.61 71.41 10.96
CA GLN F 996 -63.87 71.11 10.30
C GLN F 996 -63.79 71.19 8.78
N SER F 997 -62.67 71.71 8.25
CA SER F 997 -62.46 71.72 6.82
C SER F 997 -62.19 70.34 6.24
N CYS F 998 -62.27 69.29 7.07
CA CYS F 998 -61.97 67.93 6.62
C CYS F 998 -63.15 67.31 5.88
N LEU F 999 -63.61 67.95 4.81
CA LEU F 999 -64.68 67.37 4.00
C LEU F 999 -64.10 66.41 2.97
N LEU F 1000 -63.28 65.47 3.43
CA LEU F 1000 -62.79 64.42 2.57
C LEU F 1000 -63.82 63.29 2.47
N GLN F 1001 -63.67 62.46 1.44
CA GLN F 1001 -64.63 61.40 1.17
C GLN F 1001 -64.15 60.02 1.60
N ASN F 1002 -62.85 59.77 1.61
CA ASN F 1002 -62.35 58.47 2.04
C ASN F 1002 -60.87 58.60 2.39
N LEU F 1003 -60.39 57.65 3.20
CA LEU F 1003 -58.97 57.55 3.53
C LEU F 1003 -58.66 56.10 3.87
N GLY F 1004 -57.59 55.58 3.28
CA GLY F 1004 -57.24 54.19 3.47
C GLY F 1004 -55.82 53.95 3.93
N LEU F 1005 -55.67 53.42 5.15
CA LEU F 1005 -54.38 53.07 5.71
C LEU F 1005 -54.42 51.61 6.15
N SER F 1006 -53.29 50.92 6.03
CA SER F 1006 -53.29 49.48 6.27
C SER F 1006 -51.86 48.96 6.42
N GLU F 1007 -51.76 47.70 6.83
CA GLU F 1007 -50.57 46.84 6.77
C GLU F 1007 -49.45 47.23 7.74
N MET F 1008 -49.75 48.01 8.77
CA MET F 1008 -48.76 48.37 9.79
C MET F 1008 -49.30 48.00 11.17
N TYR F 1009 -48.48 47.31 11.95
CA TYR F 1009 -48.89 46.92 13.30
C TYR F 1009 -48.62 48.05 14.29
N PHE F 1010 -49.62 48.32 15.12
CA PHE F 1010 -49.50 49.28 16.20
C PHE F 1010 -50.21 48.75 17.43
N ASN F 1011 -50.06 49.45 18.54
CA ASN F 1011 -50.75 49.08 19.77
C ASN F 1011 -52.12 49.76 19.84
N TYR F 1012 -52.68 49.77 21.06
CA TYR F 1012 -54.08 50.15 21.26
C TYR F 1012 -54.36 51.60 20.88
N GLU F 1013 -53.43 52.51 21.18
CA GLU F 1013 -53.74 53.94 21.06
C GLU F 1013 -54.06 54.33 19.62
N THR F 1014 -53.39 53.74 18.64
CA THR F 1014 -53.69 54.03 17.24
C THR F 1014 -55.14 53.71 16.93
N LYS F 1015 -55.59 52.52 17.33
CA LYS F 1015 -56.99 52.17 17.16
C LYS F 1015 -57.88 52.97 18.11
N SER F 1016 -57.33 53.37 19.26
CA SER F 1016 -58.15 53.96 20.31
C SER F 1016 -58.91 55.18 19.81
N ALA F 1017 -58.21 56.13 19.19
CA ALA F 1017 -58.87 57.33 18.69
C ALA F 1017 -59.67 57.02 17.43
N LEU F 1018 -59.32 55.93 16.74
CA LEU F 1018 -59.88 55.64 15.43
C LEU F 1018 -61.41 55.50 15.49
N GLU F 1019 -61.88 54.54 16.28
CA GLU F 1019 -63.32 54.24 16.28
C GLU F 1019 -64.12 55.43 16.79
N THR F 1020 -63.62 56.12 17.82
CA THR F 1020 -64.35 57.25 18.37
C THR F 1020 -64.56 58.34 17.33
N LEU F 1021 -63.53 58.67 16.56
CA LEU F 1021 -63.65 59.69 15.53
C LEU F 1021 -64.38 59.17 14.31
N GLN F 1022 -64.22 57.88 13.97
CA GLN F 1022 -65.08 57.28 12.96
C GLN F 1022 -66.54 57.34 13.39
N GLU F 1023 -66.81 57.06 14.67
CA GLU F 1023 -68.15 57.23 15.21
C GLU F 1023 -68.60 58.69 15.11
N GLU F 1024 -67.70 59.62 15.43
CA GLU F 1024 -68.04 61.03 15.35
C GLU F 1024 -68.29 61.47 13.92
N LYS F 1025 -67.53 60.92 12.97
CA LYS F 1025 -67.53 61.42 11.60
C LYS F 1025 -68.25 60.47 10.66
N PRO F 1026 -69.47 60.78 10.22
CA PRO F 1026 -70.09 60.02 9.14
C PRO F 1026 -69.76 60.56 7.76
N GLU F 1027 -69.27 61.80 7.68
CA GLU F 1027 -68.98 62.41 6.38
C GLU F 1027 -67.81 61.70 5.68
N LEU F 1028 -66.77 61.36 6.44
CA LEU F 1028 -65.53 60.84 5.87
C LEU F 1028 -65.49 59.33 6.09
N THR F 1029 -65.29 58.58 5.00
CA THR F 1029 -65.20 57.14 5.07
C THR F 1029 -63.76 56.70 5.36
N VAL F 1030 -63.32 56.87 6.61
CA VAL F 1030 -62.00 56.38 6.99
C VAL F 1030 -62.07 54.88 7.20
N VAL F 1031 -61.10 54.17 6.61
CA VAL F 1031 -61.06 52.71 6.71
C VAL F 1031 -59.67 52.30 7.15
N PHE F 1032 -59.62 51.36 8.11
CA PHE F 1032 -58.37 50.79 8.61
C PHE F 1032 -58.47 49.28 8.37
N GLU F 1033 -57.77 48.80 7.35
CA GLU F 1033 -57.88 47.40 6.92
C GLU F 1033 -57.49 46.40 8.01
N PRO F 1034 -56.35 46.57 8.73
CA PRO F 1034 -56.00 45.57 9.75
C PRO F 1034 -56.76 45.76 11.06
N SER F 1035 -57.65 46.74 11.10
CA SER F 1035 -58.41 47.00 12.31
C SER F 1035 -59.44 45.90 12.56
N TRP F 1036 -59.87 45.78 13.82
CA TRP F 1036 -60.86 44.79 14.19
C TRP F 1036 -62.28 45.34 13.95
N LYS G 133 14.31 28.24 28.58
CA LYS G 133 14.66 27.09 29.45
C LYS G 133 16.10 27.30 29.95
N LYS G 134 17.01 27.70 29.07
CA LYS G 134 18.44 27.85 29.45
C LYS G 134 18.55 28.93 30.54
N ASP G 135 17.86 30.06 30.36
CA ASP G 135 17.99 31.16 31.36
C ASP G 135 17.43 30.69 32.70
N TYR G 136 16.31 29.97 32.70
CA TYR G 136 15.74 29.45 33.96
C TYR G 136 16.70 28.46 34.63
N ARG G 137 17.39 27.62 33.86
CA ARG G 137 18.23 26.54 34.47
C ARG G 137 19.57 26.98 35.08
N LYS G 138 20.65 27.08 34.29
CA LYS G 138 22.02 27.31 34.82
C LYS G 138 21.98 28.21 36.07
N LYS G 139 21.32 29.37 35.96
CA LYS G 139 21.32 30.33 37.10
C LYS G 139 20.86 29.63 38.38
N TYR G 140 19.60 29.19 38.39
CA TYR G 140 19.04 28.56 39.62
C TYR G 140 20.04 27.53 40.15
N ARG G 141 20.51 26.64 39.27
CA ARG G 141 21.42 25.56 39.73
C ARG G 141 22.62 26.14 40.48
N LYS G 142 23.46 26.91 39.79
CA LYS G 142 24.71 27.36 40.48
C LYS G 142 24.38 28.14 41.75
N TYR G 143 23.27 28.89 41.74
CA TYR G 143 22.93 29.71 42.93
C TYR G 143 22.64 28.79 44.11
N VAL G 144 21.70 27.86 43.94
CA VAL G 144 21.34 26.93 45.04
C VAL G 144 22.61 26.18 45.46
N ARG G 145 23.59 26.10 44.57
CA ARG G 145 24.81 25.30 44.87
C ARG G 145 25.80 26.06 45.76
N SER G 146 25.96 27.37 45.57
CA SER G 146 27.03 28.07 46.33
C SER G 146 26.57 28.77 47.61
N ARG G 147 25.96 28.04 48.54
CA ARG G 147 25.65 28.66 49.86
C ARG G 147 25.94 27.67 50.99
N PHE G 148 26.85 26.70 50.76
CA PHE G 148 27.05 25.63 51.78
C PHE G 148 28.50 25.13 51.94
N GLN G 149 29.55 25.95 51.86
CA GLN G 149 30.97 25.55 51.77
C GLN G 149 31.95 26.67 52.12
N CYS G 150 33.25 26.44 51.89
CA CYS G 150 34.28 27.45 51.63
C CYS G 150 34.46 28.55 52.70
N ILE G 151 34.17 28.23 53.96
CA ILE G 151 34.56 29.02 55.15
C ILE G 151 36.09 29.18 55.20
N GLU G 152 36.59 30.31 55.69
CA GLU G 152 38.03 30.51 55.96
C GLU G 152 38.30 31.43 57.16
N GLU G 160 33.98 23.76 59.73
CA GLU G 160 34.15 22.41 59.23
C GLU G 160 33.30 22.17 57.99
N SER G 161 32.32 23.05 57.77
CA SER G 161 31.40 22.92 56.65
C SER G 161 32.04 23.43 55.36
N VAL G 162 33.08 22.70 54.92
CA VAL G 162 33.71 22.97 53.63
C VAL G 162 33.64 21.78 52.68
N SER G 163 33.45 20.56 53.18
CA SER G 163 33.17 19.40 52.35
C SER G 163 31.93 18.69 52.90
N LEU G 164 31.00 18.39 52.01
CA LEU G 164 29.73 17.80 52.40
C LEU G 164 29.50 16.48 51.67
N ASN G 165 29.75 16.49 50.38
CA ASN G 165 29.44 15.21 49.77
C ASN G 165 30.49 14.25 50.33
N LYS G 166 31.70 14.74 50.61
CA LYS G 166 32.70 13.76 51.08
C LYS G 166 32.15 13.17 52.37
N ARG G 167 31.30 13.93 53.03
CA ARG G 167 30.68 13.43 54.29
C ARG G 167 29.30 12.86 54.02
N TYR G 168 29.11 11.99 53.01
CA TYR G 168 27.76 11.45 52.63
C TYR G 168 27.26 10.29 53.52
N THR G 169 27.67 9.03 53.31
CA THR G 169 27.31 7.79 54.10
C THR G 169 26.10 6.96 53.62
N ARG G 170 25.33 7.37 52.61
CA ARG G 170 24.12 6.57 52.25
C ARG G 170 23.35 6.24 53.53
N LEU G 171 23.05 7.23 54.38
CA LEU G 171 22.31 7.09 55.65
C LEU G 171 21.08 6.20 55.48
N ARG G 172 20.76 5.42 56.52
CA ARG G 172 19.63 4.46 56.43
C ARG G 172 18.35 5.17 56.02
N LEU G 173 17.51 4.51 55.20
CA LEU G 173 16.24 5.13 54.76
C LEU G 173 15.18 4.03 54.64
N ILE G 174 14.68 3.54 55.78
CA ILE G 174 13.59 2.53 55.74
C ILE G 174 12.28 3.33 55.64
N LYS G 175 11.68 3.37 54.46
CA LYS G 175 10.46 4.22 54.30
C LYS G 175 9.24 3.43 54.79
N GLU G 176 8.57 3.96 55.80
CA GLU G 176 7.40 3.29 56.42
C GLU G 176 6.57 2.57 55.37
N HIS G 177 6.49 1.23 55.46
CA HIS G 177 5.58 0.50 54.55
C HIS G 177 4.17 0.93 54.94
N ARG G 178 3.21 0.91 54.02
CA ARG G 178 1.88 1.49 54.38
C ARG G 178 1.42 0.86 55.70
N SER G 179 1.05 1.71 56.66
CA SER G 179 0.62 1.22 57.99
C SER G 179 -0.80 0.68 57.89
N GLN G 180 -0.98 -0.42 57.15
CA GLN G 180 -2.30 -1.00 56.95
C GLN G 180 -3.30 0.03 56.42
N SER G 198 8.47 -9.51 52.13
CA SER G 198 8.24 -8.07 52.12
C SER G 198 9.17 -7.37 51.12
N PRO G 199 8.63 -6.42 50.36
CA PRO G 199 9.47 -5.65 49.45
C PRO G 199 10.50 -4.82 50.20
N VAL G 200 11.67 -4.68 49.59
CA VAL G 200 12.74 -3.89 50.21
C VAL G 200 12.64 -2.43 49.77
N SER G 201 12.86 -2.16 48.47
CA SER G 201 12.77 -0.85 47.84
C SER G 201 13.31 0.26 48.73
N PRO G 202 14.63 0.31 48.95
CA PRO G 202 15.19 1.39 49.79
C PRO G 202 14.94 2.79 49.26
N ILE G 203 14.84 2.93 47.93
CA ILE G 203 14.59 4.19 47.21
C ILE G 203 15.31 5.35 47.86
N LYS G 204 16.61 5.20 48.10
CA LYS G 204 17.37 6.23 48.80
C LYS G 204 17.37 7.56 48.04
N MET G 205 17.78 7.55 46.77
CA MET G 205 17.84 8.78 46.00
C MET G 205 16.96 8.71 44.75
N GLU G 206 17.14 7.66 43.95
CA GLU G 206 16.40 7.55 42.70
C GLU G 206 14.94 7.18 42.98
N LEU G 207 14.02 7.97 42.44
CA LEU G 207 12.59 7.70 42.51
C LEU G 207 12.10 7.51 43.94
N LEU G 208 12.72 8.23 44.89
CA LEU G 208 12.24 8.17 46.27
C LEU G 208 10.84 8.74 46.38
N PHE G 209 10.53 9.79 45.62
CA PHE G 209 9.19 10.36 45.61
C PHE G 209 8.22 9.49 44.82
N ASP G 210 8.71 8.74 43.84
CA ASP G 210 7.87 7.98 42.94
C ASP G 210 7.16 6.84 43.67
N PRO G 211 5.88 6.62 43.38
CA PRO G 211 5.16 5.51 44.01
C PRO G 211 5.53 4.18 43.38
N ASP G 212 4.83 3.11 43.78
CA ASP G 212 4.95 1.83 43.10
C ASP G 212 4.16 1.88 41.81
N ASP G 213 3.91 0.73 41.19
CA ASP G 213 3.16 0.67 39.95
C ASP G 213 1.87 1.47 40.07
N GLU G 214 1.80 2.59 39.36
CA GLU G 214 0.71 3.56 39.49
C GLU G 214 0.56 3.99 40.94
N HIS G 215 -0.33 3.34 41.69
CA HIS G 215 -0.54 3.58 43.11
C HIS G 215 -1.03 4.99 43.37
N SER G 216 -0.12 5.97 43.31
CA SER G 216 -0.51 7.37 43.40
C SER G 216 0.47 8.23 42.62
N GLU G 217 0.16 8.50 41.36
CA GLU G 217 1.01 9.32 40.51
C GLU G 217 1.11 10.75 41.03
N PRO G 218 0.00 11.43 41.38
CA PRO G 218 0.11 12.83 41.78
C PRO G 218 0.49 13.04 43.24
N VAL G 219 1.02 12.01 43.90
CA VAL G 219 1.45 12.17 45.29
C VAL G 219 2.55 13.22 45.36
N HIS G 220 2.50 14.04 46.41
CA HIS G 220 3.40 15.17 46.53
C HIS G 220 4.07 15.29 47.89
N THR G 221 3.53 14.67 48.92
CA THR G 221 3.99 14.85 50.29
C THR G 221 4.84 13.67 50.72
N VAL G 222 6.09 13.94 51.11
CA VAL G 222 6.94 12.95 51.76
C VAL G 222 7.49 13.59 53.04
N VAL G 223 7.63 12.78 54.08
CA VAL G 223 8.04 13.26 55.39
C VAL G 223 9.10 12.32 55.95
N PHE G 224 10.08 12.88 56.64
CA PHE G 224 11.17 12.10 57.21
C PHE G 224 11.09 12.15 58.73
N GLN G 225 11.11 10.96 59.35
CA GLN G 225 11.04 10.82 60.79
C GLN G 225 12.39 10.37 61.32
N GLY G 226 12.99 11.18 62.19
CA GLY G 226 14.28 10.85 62.76
C GLY G 226 14.45 11.53 64.09
N ALA G 227 15.24 10.89 64.96
CA ALA G 227 15.46 11.41 66.29
C ALA G 227 16.20 12.74 66.24
N ALA G 228 16.09 13.50 67.33
CA ALA G 228 16.72 14.82 67.38
C ALA G 228 18.23 14.68 67.38
N GLY G 229 18.86 15.19 66.33
CA GLY G 229 20.28 15.06 66.13
C GLY G 229 20.70 14.01 65.12
N ILE G 230 19.75 13.35 64.46
CA ILE G 230 20.10 12.30 63.51
C ILE G 230 20.88 12.89 62.33
N GLY G 231 20.40 14.01 61.78
CA GLY G 231 21.03 14.58 60.61
C GLY G 231 20.03 14.91 59.53
N LYS G 232 18.74 14.90 59.88
CA LYS G 232 17.72 15.27 58.91
C LYS G 232 17.93 16.68 58.39
N THR G 233 18.44 17.58 59.22
CA THR G 233 18.87 18.89 58.72
C THR G 233 20.04 18.74 57.76
N ILE G 234 20.97 17.85 58.06
CA ILE G 234 22.11 17.63 57.19
C ILE G 234 21.67 17.00 55.87
N LEU G 235 20.72 16.07 55.93
CA LEU G 235 20.31 15.35 54.73
C LEU G 235 19.77 16.29 53.67
N ALA G 236 18.94 17.26 54.07
CA ALA G 236 18.38 18.20 53.11
C ALA G 236 19.48 18.99 52.42
N ARG G 237 20.48 19.44 53.19
CA ARG G 237 21.60 20.15 52.60
C ARG G 237 22.34 19.27 51.60
N LYS G 238 22.50 17.99 51.98
CA LYS G 238 23.16 17.01 51.07
C LYS G 238 22.24 16.76 49.87
N MET G 239 20.96 16.48 50.12
CA MET G 239 20.03 16.19 49.03
C MET G 239 19.94 17.34 48.05
N MET G 240 19.97 18.58 48.55
CA MET G 240 20.12 19.72 47.67
C MET G 240 21.44 19.65 46.91
N LEU G 241 22.54 19.48 47.64
CA LEU G 241 23.86 19.49 47.03
C LEU G 241 23.99 18.41 45.95
N ASP G 242 23.37 17.26 46.16
CA ASP G 242 23.37 16.22 45.14
C ASP G 242 22.70 16.74 43.88
N TRP G 243 21.41 17.02 43.97
CA TRP G 243 20.64 17.41 42.79
C TRP G 243 20.98 18.81 42.30
N ALA G 244 21.68 19.63 43.10
CA ALA G 244 22.06 20.97 42.63
C ALA G 244 23.12 20.94 41.56
N SER G 245 23.49 19.74 41.09
CA SER G 245 24.34 19.59 39.91
C SER G 245 23.74 18.58 38.95
N GLY G 246 22.43 18.31 39.05
CA GLY G 246 21.83 17.25 38.29
C GLY G 246 22.21 15.92 38.88
N THR G 247 23.49 15.57 38.71
CA THR G 247 24.14 14.45 39.38
C THR G 247 23.35 13.15 39.26
N LEU G 248 22.69 12.94 38.13
CA LEU G 248 21.86 11.75 37.90
C LEU G 248 20.78 11.61 38.97
N TYR G 249 20.42 12.73 39.59
CA TYR G 249 19.27 12.79 40.49
C TYR G 249 18.02 12.97 39.64
N GLN G 250 16.92 13.37 40.26
CA GLN G 250 15.65 13.46 39.53
C GLN G 250 15.71 14.60 38.52
N ASP G 251 16.51 14.43 37.46
CA ASP G 251 16.57 15.40 36.38
C ASP G 251 15.23 15.53 35.66
N ARG G 252 14.36 14.53 35.77
CA ARG G 252 13.00 14.64 35.27
C ARG G 252 12.13 15.51 36.18
N PHE G 253 12.74 16.13 37.19
CA PHE G 253 12.09 17.10 38.04
C PHE G 253 12.87 18.40 37.95
N ASP G 254 12.16 19.52 37.83
CA ASP G 254 12.78 20.77 37.42
C ASP G 254 13.40 21.57 38.56
N TYR G 255 12.60 21.83 39.61
CA TYR G 255 13.08 22.75 40.67
C TYR G 255 12.93 22.21 42.09
N LEU G 256 13.85 22.61 42.98
CA LEU G 256 13.83 22.26 44.39
C LEU G 256 13.93 23.54 45.20
N PHE G 257 13.23 23.60 46.33
CA PHE G 257 13.16 24.80 47.15
C PHE G 257 13.51 24.46 48.59
N TYR G 258 14.68 24.91 49.03
CA TYR G 258 15.10 24.69 50.40
C TYR G 258 14.57 25.80 51.29
N ILE G 259 13.94 25.42 52.40
CA ILE G 259 13.46 26.39 53.37
C ILE G 259 13.62 25.84 54.78
N HIS G 260 14.53 26.43 55.56
CA HIS G 260 14.67 26.08 56.96
C HIS G 260 13.95 27.14 57.80
N CYS G 261 13.17 26.70 58.77
CA CYS G 261 12.26 27.59 59.48
C CYS G 261 12.94 28.37 60.59
N ARG G 262 14.25 28.50 60.57
CA ARG G 262 14.91 29.42 61.51
C ARG G 262 14.50 30.85 61.25
N GLU G 263 14.53 31.27 59.99
CA GLU G 263 14.12 32.62 59.63
C GLU G 263 12.60 32.77 59.67
N VAL G 264 11.87 31.73 59.27
CA VAL G 264 10.42 31.79 59.24
C VAL G 264 9.88 31.89 60.66
N SER G 265 8.96 32.82 60.87
CA SER G 265 8.36 33.02 62.18
C SER G 265 6.91 33.44 62.00
N LEU G 266 6.21 33.58 63.12
CA LEU G 266 4.82 33.99 63.09
C LEU G 266 4.70 35.46 62.72
N VAL G 267 3.48 35.86 62.36
CA VAL G 267 3.07 37.25 62.11
C VAL G 267 3.96 37.93 61.06
N THR G 268 4.78 37.15 60.37
CA THR G 268 5.66 37.72 59.35
C THR G 268 4.88 38.42 58.25
N GLN G 269 3.68 37.95 57.94
CA GLN G 269 2.82 38.56 56.90
C GLN G 269 3.57 38.67 55.58
N ARG G 270 4.29 37.62 55.22
CA ARG G 270 5.09 37.60 54.01
C ARG G 270 4.53 36.57 53.03
N SER G 271 4.59 36.91 51.74
CA SER G 271 4.03 36.06 50.71
C SER G 271 4.98 34.91 50.36
N LEU G 272 4.45 33.97 49.58
CA LEU G 272 5.28 32.86 49.10
C LEU G 272 6.41 33.40 48.24
N GLY G 273 6.13 34.38 47.39
CA GLY G 273 7.19 35.02 46.63
C GLY G 273 8.25 35.63 47.53
N ASP G 274 7.82 36.27 48.62
CA ASP G 274 8.78 36.72 49.62
C ASP G 274 9.51 35.54 50.24
N LEU G 275 8.79 34.46 50.52
CA LEU G 275 9.41 33.23 50.97
C LEU G 275 10.33 32.67 49.90
N ILE G 276 9.88 32.70 48.64
CA ILE G 276 10.68 32.18 47.54
C ILE G 276 11.93 33.04 47.36
N MET G 277 11.76 34.36 47.32
CA MET G 277 12.91 35.25 47.14
C MET G 277 13.87 35.20 48.33
N SER G 278 13.44 34.64 49.45
CA SER G 278 14.36 34.43 50.56
C SER G 278 15.46 33.46 50.18
N CYS G 279 15.13 32.41 49.44
CA CYS G 279 16.14 31.43 49.01
C CYS G 279 17.14 32.08 48.06
N CYS G 280 16.65 32.76 47.04
CA CYS G 280 17.51 33.46 46.07
C CYS G 280 16.98 34.87 45.89
N PRO G 281 17.59 35.85 46.55
CA PRO G 281 17.10 37.24 46.43
C PRO G 281 17.38 37.84 45.06
N ASP G 282 16.53 37.52 44.09
CA ASP G 282 16.73 38.06 42.76
C ASP G 282 16.33 39.52 42.71
N PRO G 283 17.22 40.41 42.25
CA PRO G 283 16.82 41.82 42.06
C PRO G 283 15.67 41.98 41.11
N ASN G 284 15.48 41.05 40.18
CA ASN G 284 14.34 41.03 39.28
C ASN G 284 13.66 39.67 39.41
N PRO G 285 12.84 39.49 40.44
CA PRO G 285 12.23 38.19 40.70
C PRO G 285 11.41 37.70 39.51
N PRO G 286 11.77 36.55 38.95
CA PRO G 286 11.04 36.02 37.79
C PRO G 286 9.83 35.19 38.19
N ILE G 287 9.34 35.41 39.41
CA ILE G 287 8.34 34.54 40.03
C ILE G 287 7.16 34.26 39.11
N HIS G 288 6.82 35.20 38.23
CA HIS G 288 5.74 34.99 37.28
C HIS G 288 6.05 33.77 36.42
N LYS G 289 7.33 33.59 36.09
CA LYS G 289 7.79 32.37 35.45
C LYS G 289 8.08 31.26 36.44
N ILE G 290 8.23 31.59 37.72
CA ILE G 290 8.34 30.50 38.72
C ILE G 290 6.91 30.00 38.89
N VAL G 291 5.92 30.87 38.68
CA VAL G 291 4.56 30.40 38.68
C VAL G 291 4.35 29.74 37.33
N ARG G 292 4.77 28.48 37.24
CA ARG G 292 4.73 27.68 36.03
C ARG G 292 4.86 26.23 36.45
N LYS G 293 4.12 25.36 35.77
CA LYS G 293 4.22 23.91 35.91
C LYS G 293 4.20 23.48 37.38
N PRO G 294 3.04 23.53 38.04
CA PRO G 294 2.95 22.96 39.38
C PRO G 294 3.21 21.46 39.32
N SER G 295 3.72 20.93 40.44
CA SER G 295 4.17 19.55 40.59
C SER G 295 5.50 19.33 39.87
N ARG G 296 5.94 20.33 39.11
CA ARG G 296 7.29 20.32 38.55
C ARG G 296 8.27 21.03 39.48
N ILE G 297 7.78 21.59 40.58
CA ILE G 297 8.59 22.31 41.55
C ILE G 297 8.39 21.66 42.92
N LEU G 298 9.47 21.55 43.69
CA LEU G 298 9.43 20.87 44.98
C LEU G 298 9.94 21.80 46.07
N PHE G 299 9.19 21.89 47.16
CA PHE G 299 9.58 22.64 48.35
C PHE G 299 10.18 21.68 49.36
N LEU G 300 11.42 21.96 49.77
CA LEU G 300 12.09 21.16 50.79
C LEU G 300 11.94 21.87 52.13
N MET G 301 10.79 21.67 52.78
CA MET G 301 10.56 22.29 54.11
C MET G 301 11.44 21.58 55.14
N ASP G 302 11.98 22.30 56.12
CA ASP G 302 12.95 21.66 57.04
C ASP G 302 12.58 21.90 58.51
N GLY G 303 12.50 20.83 59.31
CA GLY G 303 12.24 20.92 60.76
C GLY G 303 10.93 21.54 61.18
N PHE G 304 9.93 20.71 61.51
CA PHE G 304 8.67 21.25 62.08
C PHE G 304 9.02 21.73 63.49
N ASP G 305 10.00 21.08 64.12
CA ASP G 305 10.44 21.45 65.49
C ASP G 305 10.96 22.89 65.45
N GLU G 306 11.62 23.28 64.36
CA GLU G 306 12.16 24.65 64.22
C GLU G 306 11.02 25.66 64.34
N LEU G 307 9.84 25.34 63.80
CA LEU G 307 8.67 26.24 63.99
C LEU G 307 8.53 26.56 65.49
N GLN G 308 8.70 27.83 65.86
CA GLN G 308 8.58 28.28 67.25
C GLN G 308 7.36 29.17 67.40
N GLY G 309 6.53 28.86 68.38
CA GLY G 309 5.31 29.59 68.65
C GLY G 309 4.10 28.67 68.59
N ALA G 310 2.95 29.26 68.89
CA ALA G 310 1.70 28.53 68.83
C ALA G 310 1.30 28.28 67.39
N PHE G 311 0.63 27.15 67.17
CA PHE G 311 0.21 26.79 65.81
C PHE G 311 -1.00 25.87 65.93
N ASP G 312 -2.16 26.36 65.50
CA ASP G 312 -3.36 25.53 65.43
C ASP G 312 -3.31 24.72 64.14
N GLU G 313 -3.30 23.40 64.26
CA GLU G 313 -3.32 22.54 63.08
C GLU G 313 -4.59 22.70 62.26
N HIS G 314 -5.65 23.28 62.83
CA HIS G 314 -6.87 23.55 62.08
C HIS G 314 -7.34 24.97 62.34
N ILE G 315 -6.44 25.93 62.19
CA ILE G 315 -6.73 27.35 62.35
C ILE G 315 -7.92 27.74 61.47
N GLY G 316 -8.73 28.67 61.96
CA GLY G 316 -9.95 29.06 61.29
C GLY G 316 -9.75 29.64 59.90
N PRO G 317 -9.12 30.83 59.82
CA PRO G 317 -8.95 31.48 58.52
C PRO G 317 -8.19 30.60 57.53
N LEU G 318 -8.60 30.66 56.27
CA LEU G 318 -8.08 29.80 55.23
C LEU G 318 -7.39 30.64 54.17
N CYS G 319 -6.34 30.09 53.56
CA CYS G 319 -5.51 30.81 52.60
C CYS G 319 -5.44 30.05 51.29
N THR G 320 -5.63 30.77 50.19
CA THR G 320 -5.54 30.18 48.86
C THR G 320 -4.78 31.09 47.91
N ASP G 321 -4.57 32.34 48.32
CA ASP G 321 -3.85 33.30 47.49
C ASP G 321 -2.35 33.05 47.56
N TRP G 322 -1.70 32.94 46.41
CA TRP G 322 -0.26 32.69 46.40
C TRP G 322 0.53 33.95 46.71
N GLN G 323 0.09 35.11 46.22
CA GLN G 323 0.89 36.31 46.30
C GLN G 323 0.50 37.20 47.46
N LYS G 324 -0.61 36.91 48.14
CA LYS G 324 -1.06 37.75 49.24
C LYS G 324 -0.09 37.66 50.41
N ALA G 325 0.16 38.80 51.05
CA ALA G 325 0.98 38.84 52.25
C ALA G 325 0.21 38.25 53.42
N GLU G 326 0.38 36.94 53.64
CA GLU G 326 -0.37 36.22 54.65
C GLU G 326 0.53 35.86 55.83
N ARG G 327 -0.11 35.50 56.94
CA ARG G 327 0.61 35.15 58.15
C ARG G 327 1.54 33.97 57.91
N GLY G 328 2.66 33.95 58.63
CA GLY G 328 3.66 32.92 58.40
C GLY G 328 3.14 31.52 58.61
N ASP G 329 2.44 31.28 59.72
CA ASP G 329 1.84 29.98 59.94
C ASP G 329 0.71 29.73 58.97
N ILE G 330 -0.07 30.76 58.64
CA ILE G 330 -1.15 30.62 57.67
C ILE G 330 -0.59 30.25 56.30
N LEU G 331 0.49 30.90 55.89
CA LEU G 331 1.13 30.54 54.62
C LEU G 331 1.54 29.09 54.62
N LEU G 332 2.18 28.64 55.71
CA LEU G 332 2.52 27.22 55.83
C LEU G 332 1.26 26.37 55.86
N SER G 333 0.22 26.85 56.55
CA SER G 333 -1.02 26.09 56.67
C SER G 333 -1.57 25.75 55.29
N SER G 334 -1.68 26.76 54.42
CA SER G 334 -2.11 26.48 53.05
C SER G 334 -1.11 25.60 52.33
N LEU G 335 0.19 25.87 52.50
CA LEU G 335 1.22 25.08 51.86
C LEU G 335 1.20 23.64 52.36
N ILE G 336 1.06 23.44 53.67
CA ILE G 336 0.99 22.10 54.21
C ILE G 336 -0.24 21.38 53.70
N ARG G 337 -1.40 22.06 53.71
CA ARG G 337 -2.60 21.49 53.12
C ARG G 337 -2.55 21.46 51.60
N LYS G 338 -1.61 22.18 50.99
CA LYS G 338 -1.45 22.22 49.54
C LYS G 338 -2.69 22.76 48.84
N LYS G 339 -3.62 23.36 49.60
CA LYS G 339 -4.76 23.99 48.97
C LYS G 339 -4.30 25.13 48.06
N LEU G 340 -3.34 25.91 48.53
CA LEU G 340 -2.56 26.76 47.62
C LEU G 340 -1.51 25.90 46.93
N LEU G 341 -1.30 26.16 45.64
CA LEU G 341 -0.39 25.36 44.83
C LEU G 341 -0.79 23.89 44.94
N PRO G 342 -1.91 23.50 44.32
CA PRO G 342 -2.47 22.16 44.59
C PRO G 342 -1.57 21.02 44.18
N GLU G 343 -0.59 21.27 43.30
CA GLU G 343 0.26 20.20 42.79
C GLU G 343 1.66 20.23 43.37
N ALA G 344 1.99 21.25 44.16
CA ALA G 344 3.35 21.41 44.66
C ALA G 344 3.78 20.23 45.52
N SER G 345 4.95 19.67 45.22
CA SER G 345 5.49 18.60 46.04
C SER G 345 6.11 19.16 47.31
N LEU G 346 6.19 18.33 48.34
CA LEU G 346 6.69 18.77 49.63
C LEU G 346 7.52 17.69 50.31
N LEU G 347 8.58 18.14 50.96
CA LEU G 347 9.42 17.22 51.74
C LEU G 347 9.54 17.87 53.12
N ILE G 348 9.21 17.16 54.20
CA ILE G 348 9.17 17.80 55.55
C ILE G 348 9.96 16.94 56.54
N THR G 349 11.16 17.38 56.91
CA THR G 349 11.86 16.64 57.99
C THR G 349 11.09 16.97 59.27
N THR G 350 10.71 15.96 60.05
CA THR G 350 9.85 16.22 61.23
C THR G 350 10.39 15.47 62.44
N ARG G 351 10.18 16.01 63.64
CA ARG G 351 10.58 15.28 64.87
C ARG G 351 9.46 14.26 65.19
N PRO G 352 9.72 12.95 65.42
CA PRO G 352 8.62 12.01 65.69
C PRO G 352 7.60 12.49 66.71
N VAL G 353 8.03 13.22 67.74
CA VAL G 353 7.11 13.65 68.78
C VAL G 353 6.11 14.68 68.24
N ALA G 354 6.49 15.42 67.21
CA ALA G 354 5.64 16.45 66.64
C ALA G 354 4.80 15.95 65.46
N LEU G 355 4.81 14.65 65.20
CA LEU G 355 4.11 14.11 64.04
C LEU G 355 2.61 14.32 64.13
N GLU G 356 2.02 14.13 65.32
CA GLU G 356 0.57 14.09 65.45
C GLU G 356 -0.07 15.39 64.98
N LYS G 357 0.66 16.51 65.09
CA LYS G 357 0.14 17.79 64.62
C LYS G 357 -0.02 17.78 63.11
N LEU G 358 1.04 17.39 62.40
CA LEU G 358 0.97 17.39 60.93
C LEU G 358 0.21 16.19 60.41
N GLN G 359 0.32 15.04 61.09
CA GLN G 359 -0.41 13.85 60.65
C GLN G 359 -1.91 14.08 60.69
N HIS G 360 -2.42 14.70 61.75
CA HIS G 360 -3.81 15.12 61.76
C HIS G 360 -4.06 16.22 60.73
N LEU G 361 -3.05 17.03 60.43
CA LEU G 361 -3.22 18.13 59.49
C LEU G 361 -3.29 17.64 58.06
N LEU G 362 -2.46 16.66 57.70
CA LEU G 362 -2.28 16.31 56.30
C LEU G 362 -2.43 14.81 56.10
N ASP G 363 -2.91 14.42 54.91
CA ASP G 363 -3.18 13.04 54.57
C ASP G 363 -2.08 12.48 53.67
N HIS G 364 -2.11 11.15 53.47
CA HIS G 364 -1.22 10.35 52.63
C HIS G 364 0.23 10.79 52.74
N PRO G 365 0.82 10.81 53.94
CA PRO G 365 2.20 11.27 54.08
C PRO G 365 3.18 10.11 53.89
N ARG G 366 4.16 10.31 53.02
CA ARG G 366 5.18 9.29 52.83
C ARG G 366 6.18 9.32 53.98
N HIS G 367 5.83 8.64 55.08
CA HIS G 367 6.72 8.58 56.23
C HIS G 367 8.01 7.86 55.87
N VAL G 368 9.13 8.44 56.30
CA VAL G 368 10.44 7.84 56.04
C VAL G 368 11.26 7.81 57.31
N GLU G 369 11.44 6.63 57.89
CA GLU G 369 12.30 6.48 59.04
C GLU G 369 13.76 6.53 58.62
N ILE G 370 14.53 7.41 59.27
CA ILE G 370 15.96 7.58 59.01
C ILE G 370 16.72 7.22 60.26
N LEU G 371 17.79 6.45 60.10
CA LEU G 371 18.57 5.92 61.21
C LEU G 371 20.01 6.40 61.12
N GLY G 372 20.70 6.39 62.25
CA GLY G 372 22.09 6.79 62.30
C GLY G 372 23.03 5.69 61.85
N PHE G 373 24.32 5.95 62.06
CA PHE G 373 25.35 5.04 61.59
C PHE G 373 25.38 3.76 62.43
N SER G 374 25.78 2.66 61.79
CA SER G 374 25.94 1.40 62.49
C SER G 374 27.31 1.34 63.17
N GLU G 375 27.67 0.14 63.61
CA GLU G 375 28.97 -0.08 64.23
C GLU G 375 30.09 0.27 63.25
N ALA G 376 30.14 -0.45 62.12
CA ALA G 376 31.18 -0.19 61.13
C ALA G 376 31.07 1.21 60.53
N LYS G 377 29.84 1.67 60.27
CA LYS G 377 29.66 3.01 59.73
C LYS G 377 30.22 4.06 60.67
N ARG G 378 30.10 3.85 61.99
CA ARG G 378 30.65 4.80 62.95
C ARG G 378 32.15 4.94 62.77
N LYS G 379 32.85 3.82 62.57
CA LYS G 379 34.26 3.87 62.23
C LYS G 379 34.46 4.58 60.90
N GLU G 380 33.60 4.28 59.92
CA GLU G 380 33.69 4.90 58.61
C GLU G 380 33.45 6.40 58.70
N TYR G 381 32.70 6.86 59.69
CA TYR G 381 32.59 8.29 59.93
C TYR G 381 33.94 8.87 60.35
N PHE G 382 34.64 8.17 61.25
CA PHE G 382 35.97 8.62 61.64
C PHE G 382 36.93 8.57 60.46
N PHE G 383 36.67 7.68 59.49
CA PHE G 383 37.43 7.73 58.25
C PHE G 383 37.24 9.07 57.56
N LYS G 384 36.00 9.56 57.53
CA LYS G 384 35.76 10.91 57.00
C LYS G 384 36.39 11.97 57.89
N TYR G 385 36.29 11.79 59.21
CA TYR G 385 36.63 12.86 60.13
C TYR G 385 38.13 12.96 60.37
N PHE G 386 38.71 11.91 60.95
CA PHE G 386 40.08 12.01 61.44
C PHE G 386 41.08 12.02 60.28
N SER G 387 42.27 12.53 60.58
CA SER G 387 43.35 12.65 59.61
C SER G 387 44.50 11.68 59.84
N ASP G 388 44.48 10.92 60.93
CA ASP G 388 45.55 9.97 61.21
C ASP G 388 44.99 8.79 61.99
N GLU G 389 45.54 7.61 61.70
CA GLU G 389 45.09 6.40 62.38
C GLU G 389 45.38 6.46 63.88
N ALA G 390 46.57 6.92 64.26
CA ALA G 390 46.87 7.09 65.68
C ALA G 390 45.85 8.01 66.33
N GLN G 391 45.29 8.94 65.57
CA GLN G 391 44.15 9.70 66.05
C GLN G 391 42.86 8.89 65.90
N ALA G 392 42.65 8.33 64.71
CA ALA G 392 41.39 7.63 64.44
C ALA G 392 41.35 6.27 65.11
N ARG G 393 42.28 5.38 64.75
CA ARG G 393 42.20 3.99 65.18
C ARG G 393 42.28 3.85 66.69
N ALA G 394 43.17 4.61 67.33
CA ALA G 394 43.31 4.52 68.78
C ALA G 394 42.04 4.98 69.49
N ALA G 395 41.53 6.15 69.10
CA ALA G 395 40.34 6.69 69.75
C ALA G 395 39.13 5.80 69.50
N PHE G 396 38.97 5.33 68.26
CA PHE G 396 37.85 4.44 67.94
C PHE G 396 37.92 3.16 68.75
N SER G 397 39.14 2.63 68.94
CA SER G 397 39.29 1.41 69.73
C SER G 397 38.76 1.59 71.14
N LEU G 398 38.80 2.82 71.66
CA LEU G 398 38.24 3.08 72.98
C LEU G 398 36.73 2.88 72.98
N ILE G 399 36.08 3.16 71.86
CA ILE G 399 34.63 3.05 71.80
C ILE G 399 34.18 1.60 71.93
N GLN G 400 34.91 0.68 71.30
CA GLN G 400 34.53 -0.74 71.36
C GLN G 400 34.57 -1.24 72.80
N GLU G 401 35.62 -0.90 73.54
CA GLU G 401 35.69 -1.31 74.93
C GLU G 401 34.57 -0.66 75.75
N ASN G 402 34.29 0.62 75.48
CA ASN G 402 33.20 1.33 76.14
C ASN G 402 31.90 1.09 75.35
N GLU G 403 31.41 -0.15 75.46
CA GLU G 403 30.24 -0.54 74.68
C GLU G 403 29.01 0.29 75.05
N VAL G 404 28.93 0.73 76.31
CA VAL G 404 27.83 1.61 76.71
C VAL G 404 27.88 2.90 75.90
N LEU G 405 29.08 3.44 75.71
CA LEU G 405 29.23 4.56 74.78
C LEU G 405 28.98 4.11 73.35
N PHE G 406 29.42 2.89 73.00
CA PHE G 406 29.28 2.43 71.62
C PHE G 406 27.83 2.31 71.22
N THR G 407 27.01 1.65 72.04
CA THR G 407 25.58 1.62 71.75
C THR G 407 24.99 3.03 71.80
N MET G 408 25.61 3.91 72.59
CA MET G 408 25.21 5.30 72.58
C MET G 408 25.74 6.02 71.35
N CYS G 409 26.72 5.43 70.66
CA CYS G 409 27.27 6.07 69.47
C CYS G 409 26.36 5.84 68.27
N PHE G 410 25.07 6.13 68.45
CA PHE G 410 24.11 6.23 67.37
C PHE G 410 23.79 7.71 67.21
N ILE G 411 22.89 8.07 66.31
CA ILE G 411 22.47 9.46 66.14
C ILE G 411 23.71 10.33 65.90
N PRO G 412 24.28 10.31 64.69
CA PRO G 412 25.66 10.76 64.46
C PRO G 412 26.09 12.06 65.13
N LEU G 413 25.15 12.89 65.58
CA LEU G 413 25.52 14.11 66.28
C LEU G 413 26.37 13.81 67.50
N VAL G 414 26.04 12.75 68.23
CA VAL G 414 26.83 12.37 69.40
C VAL G 414 28.23 11.95 68.98
N CYS G 415 28.35 11.29 67.82
CA CYS G 415 29.67 10.91 67.32
C CYS G 415 30.49 12.15 66.98
N TRP G 416 29.84 13.18 66.46
CA TRP G 416 30.51 14.47 66.25
C TRP G 416 31.06 15.01 67.57
N ILE G 417 30.26 14.91 68.64
CA ILE G 417 30.75 15.33 69.95
C ILE G 417 31.91 14.46 70.38
N VAL G 418 31.82 13.15 70.13
CA VAL G 418 32.85 12.22 70.58
C VAL G 418 34.18 12.55 69.92
N CYS G 419 34.19 12.65 68.59
CA CYS G 419 35.45 12.85 67.87
C CYS G 419 36.05 14.23 68.17
N THR G 420 35.22 15.27 68.13
CA THR G 420 35.72 16.62 68.36
C THR G 420 36.27 16.77 69.77
N GLY G 421 35.52 16.30 70.77
CA GLY G 421 35.97 16.44 72.14
C GLY G 421 37.27 15.69 72.40
N LEU G 422 37.36 14.46 71.90
CA LEU G 422 38.58 13.69 72.05
C LEU G 422 39.73 14.34 71.30
N LYS G 423 39.45 14.88 70.10
CA LYS G 423 40.48 15.58 69.34
C LYS G 423 41.11 16.68 70.16
N GLN G 424 40.28 17.50 70.81
CA GLN G 424 40.80 18.57 71.66
C GLN G 424 41.59 18.01 72.84
N GLN G 425 41.13 16.91 73.41
CA GLN G 425 41.87 16.28 74.49
C GLN G 425 43.26 15.85 74.04
N MET G 426 43.37 15.36 72.80
CA MET G 426 44.67 15.02 72.25
C MET G 426 45.56 16.24 72.09
N GLU G 427 44.98 17.42 71.88
CA GLU G 427 45.77 18.64 71.84
C GLU G 427 46.39 18.96 73.20
N SER G 428 45.90 18.33 74.26
CA SER G 428 46.41 18.56 75.60
C SER G 428 46.86 17.30 76.32
N GLY G 429 46.26 16.16 76.04
CA GLY G 429 46.61 14.96 76.76
C GLY G 429 46.15 13.69 76.06
N LYS G 430 46.02 12.64 76.84
CA LYS G 430 45.62 11.32 76.37
C LYS G 430 44.22 10.99 76.89
N SER G 431 43.45 10.26 76.09
CA SER G 431 42.07 9.96 76.44
C SER G 431 42.01 8.96 77.59
N LEU G 432 40.79 8.74 78.08
CA LEU G 432 40.54 7.85 79.21
C LEU G 432 39.24 7.10 78.92
N ALA G 433 38.67 6.50 79.96
CA ALA G 433 37.40 5.80 79.84
C ALA G 433 36.28 6.76 79.44
N GLN G 434 36.55 8.06 79.58
CA GLN G 434 35.71 9.14 79.05
C GLN G 434 34.44 9.32 79.87
N THR G 435 34.18 8.41 80.80
CA THR G 435 33.08 8.50 81.77
C THR G 435 31.74 8.79 81.10
N SER G 436 31.65 8.57 79.79
CA SER G 436 30.46 8.91 79.02
C SER G 436 29.48 7.74 78.96
N LYS G 437 29.01 7.32 80.13
CA LYS G 437 28.04 6.24 80.23
C LYS G 437 26.63 6.66 79.84
N THR G 438 26.36 7.97 79.79
CA THR G 438 25.04 8.46 79.45
C THR G 438 25.17 9.60 78.45
N THR G 439 24.04 9.99 77.87
CA THR G 439 24.04 11.09 76.90
C THR G 439 24.51 12.38 77.55
N THR G 440 24.03 12.65 78.77
CA THR G 440 24.47 13.85 79.49
C THR G 440 25.97 13.80 79.76
N ALA G 441 26.47 12.62 80.16
CA ALA G 441 27.90 12.47 80.42
C ALA G 441 28.71 12.83 79.18
N VAL G 442 28.17 12.57 78.00
CA VAL G 442 28.83 13.01 76.77
C VAL G 442 28.89 14.53 76.72
N TYR G 443 27.78 15.18 77.05
CA TYR G 443 27.73 16.64 76.98
C TYR G 443 28.68 17.29 77.97
N VAL G 444 28.67 16.81 79.22
CA VAL G 444 29.45 17.48 80.26
C VAL G 444 30.94 17.27 80.06
N PHE G 445 31.36 16.07 79.64
CA PHE G 445 32.76 15.85 79.35
C PHE G 445 33.23 16.76 78.22
N PHE G 446 32.35 17.00 77.24
CA PHE G 446 32.65 17.96 76.19
C PHE G 446 32.85 19.36 76.78
N LEU G 447 32.00 19.74 77.73
CA LEU G 447 32.12 21.05 78.35
C LEU G 447 33.42 21.18 79.13
N SER G 448 33.82 20.11 79.82
CA SER G 448 35.03 20.16 80.64
C SER G 448 36.26 20.48 79.81
N SER G 449 36.41 19.80 78.67
CA SER G 449 37.48 20.15 77.74
C SER G 449 37.27 21.54 77.15
N LEU G 450 36.02 21.91 76.91
CA LEU G 450 35.71 23.22 76.35
C LEU G 450 36.18 24.33 77.28
N LEU G 451 35.87 24.20 78.57
CA LEU G 451 36.16 25.24 79.55
C LEU G 451 37.54 25.02 80.18
N GLN G 452 38.52 24.73 79.33
CA GLN G 452 39.85 24.48 79.88
C GLN G 452 40.69 25.75 80.02
N PRO G 453 40.94 26.53 78.95
CA PRO G 453 41.99 27.57 79.05
C PRO G 453 41.66 28.70 80.03
N ARG G 454 40.55 29.40 79.81
CA ARG G 454 40.24 30.57 80.62
C ARG G 454 39.24 30.30 81.74
N GLY G 455 38.49 29.20 81.70
CA GLY G 455 37.47 28.93 82.69
C GLY G 455 38.04 28.68 84.07
N GLY G 456 39.22 28.07 84.13
CA GLY G 456 39.82 27.72 85.42
C GLY G 456 40.15 28.93 86.27
N SER G 457 40.71 29.97 85.65
CA SER G 457 40.94 31.21 86.38
C SER G 457 39.60 31.81 86.80
N GLN G 458 39.52 32.23 88.07
CA GLN G 458 38.29 32.80 88.59
C GLN G 458 38.00 34.16 87.94
N GLU G 459 39.04 34.95 87.69
CA GLU G 459 38.86 36.26 87.07
C GLU G 459 38.21 36.13 85.70
N HIS G 460 38.71 35.20 84.88
CA HIS G 460 38.08 34.85 83.63
C HIS G 460 37.17 33.63 83.75
N GLY G 461 36.64 33.38 84.95
CA GLY G 461 35.70 32.29 85.11
C GLY G 461 34.44 32.53 84.29
N LEU G 462 34.12 31.57 83.43
CA LEU G 462 32.98 31.67 82.54
C LEU G 462 31.72 31.06 83.13
N CYS G 463 31.77 30.59 84.37
CA CYS G 463 30.60 29.96 84.99
C CYS G 463 29.44 30.94 85.09
N ALA G 464 29.71 32.16 85.56
CA ALA G 464 28.68 33.19 85.53
C ALA G 464 28.26 33.50 84.10
N HIS G 465 29.23 33.57 83.19
CA HIS G 465 28.91 33.72 81.77
C HIS G 465 28.22 32.47 81.24
N LEU G 466 28.59 31.29 81.75
CA LEU G 466 27.84 30.08 81.42
C LEU G 466 26.39 30.22 81.86
N TRP G 467 26.16 30.82 83.02
CA TRP G 467 24.80 31.15 83.43
C TRP G 467 24.19 32.17 82.50
N GLY G 468 24.99 33.12 82.01
CA GLY G 468 24.47 34.13 81.10
C GLY G 468 23.92 33.52 79.83
N LEU G 469 24.68 32.60 79.23
CA LEU G 469 24.17 31.91 78.04
C LEU G 469 23.04 30.96 78.39
N CYS G 470 23.09 30.35 79.59
CA CYS G 470 21.97 29.54 80.05
C CYS G 470 20.71 30.37 80.19
N SER G 471 20.83 31.59 80.72
CA SER G 471 19.69 32.49 80.76
C SER G 471 19.18 32.81 79.37
N LEU G 472 20.08 33.05 78.42
CA LEU G 472 19.67 33.19 77.02
C LEU G 472 19.07 31.89 76.51
N ALA G 473 19.69 30.76 76.87
CA ALA G 473 19.17 29.46 76.43
C ALA G 473 17.76 29.23 76.96
N ALA G 474 17.52 29.57 78.22
CA ALA G 474 16.19 29.38 78.80
C ALA G 474 15.15 30.22 78.07
N ASP G 475 15.49 31.47 77.76
CA ASP G 475 14.58 32.31 77.00
C ASP G 475 14.45 31.83 75.56
N GLY G 476 15.37 30.98 75.10
CA GLY G 476 15.32 30.52 73.73
C GLY G 476 14.06 29.76 73.40
N ILE G 477 13.52 29.03 74.37
CA ILE G 477 12.25 28.36 74.20
C ILE G 477 11.14 28.98 75.04
N TRP G 478 11.47 29.60 76.16
CA TRP G 478 10.43 30.25 76.96
C TRP G 478 9.83 31.44 76.22
N ASN G 479 10.61 32.05 75.33
CA ASN G 479 10.12 33.14 74.49
C ASN G 479 10.37 32.87 73.01
N GLN G 480 10.80 31.65 72.67
CA GLN G 480 10.84 31.12 71.31
C GLN G 480 11.75 31.91 70.37
N LYS G 481 12.83 32.50 70.88
CA LYS G 481 13.74 33.26 70.01
C LYS G 481 15.09 32.54 69.96
N ILE G 482 15.24 31.66 68.97
CA ILE G 482 16.53 31.04 68.73
C ILE G 482 17.49 32.06 68.14
N LEU G 483 17.04 32.84 67.17
CA LEU G 483 17.89 33.82 66.51
C LEU G 483 17.95 35.11 67.34
N PHE G 484 18.65 35.04 68.47
CA PHE G 484 18.66 36.16 69.42
C PHE G 484 19.29 37.40 68.82
N GLU G 485 20.37 37.23 68.04
CA GLU G 485 21.09 38.34 67.41
C GLU G 485 21.73 39.24 68.45
N GLU G 486 22.52 40.22 68.01
CA GLU G 486 23.14 41.19 68.90
C GLU G 486 22.10 41.96 69.69
N SER G 487 20.87 42.00 69.18
CA SER G 487 19.79 42.71 69.86
C SER G 487 19.55 42.17 71.26
N ASP G 488 19.67 40.86 71.45
CA ASP G 488 19.37 40.24 72.73
C ASP G 488 20.59 39.65 73.44
N LEU G 489 21.66 39.33 72.72
CA LEU G 489 22.87 38.85 73.38
C LEU G 489 23.44 39.93 74.29
N ARG G 490 23.41 41.19 73.84
CA ARG G 490 23.83 42.29 74.70
C ARG G 490 23.01 42.34 75.97
N ASN G 491 21.71 42.00 75.88
CA ASN G 491 20.89 41.89 77.08
C ASN G 491 21.37 40.76 77.98
N HIS G 492 21.77 39.64 77.37
CA HIS G 492 22.13 38.46 78.16
C HIS G 492 23.60 38.43 78.55
N GLY G 493 24.47 39.13 77.85
CA GLY G 493 25.88 39.04 78.20
C GLY G 493 26.72 40.03 77.43
N LEU G 494 28.03 39.86 77.57
CA LEU G 494 29.02 40.76 76.97
C LEU G 494 29.02 40.53 75.46
N GLN G 495 28.32 41.43 74.77
CA GLN G 495 28.00 41.30 73.35
C GLN G 495 29.23 41.16 72.46
N LYS G 496 30.37 41.67 72.91
CA LYS G 496 31.55 41.67 72.04
C LYS G 496 32.68 40.81 72.56
N ALA G 497 33.16 41.09 73.78
CA ALA G 497 34.40 40.50 74.25
C ALA G 497 34.26 39.02 74.58
N ASP G 498 33.39 38.70 75.53
CA ASP G 498 33.33 37.34 76.05
C ASP G 498 32.72 36.36 75.06
N VAL G 499 31.60 36.74 74.42
CA VAL G 499 30.89 35.80 73.55
C VAL G 499 31.74 35.41 72.35
N SER G 500 32.69 36.26 71.97
CA SER G 500 33.57 35.91 70.85
C SER G 500 34.36 34.65 71.14
N ALA G 501 34.84 34.48 72.38
CA ALA G 501 35.46 33.22 72.76
C ALA G 501 34.45 32.08 72.70
N PHE G 502 33.25 32.30 73.25
CA PHE G 502 32.22 31.27 73.20
C PHE G 502 31.83 30.96 71.76
N LEU G 503 31.69 31.99 70.93
CA LEU G 503 31.41 31.77 69.51
C LEU G 503 32.49 30.90 68.88
N ARG G 504 33.75 31.26 69.08
CA ARG G 504 34.85 30.47 68.53
C ARG G 504 34.92 29.10 69.18
N MET G 505 34.47 28.97 70.43
CA MET G 505 34.34 27.65 71.02
C MET G 505 33.13 26.90 70.45
N ASN G 506 32.02 27.60 70.27
CA ASN G 506 30.84 26.99 69.67
C ASN G 506 30.96 26.83 68.16
N LEU G 507 31.84 27.61 67.52
CA LEU G 507 32.27 27.43 66.13
C LEU G 507 31.19 27.82 65.11
N PHE G 508 29.96 28.05 65.56
CA PHE G 508 28.88 28.52 64.70
C PHE G 508 27.80 29.14 65.55
N GLN G 509 27.69 30.48 65.51
CA GLN G 509 26.60 31.14 66.21
C GLN G 509 25.98 32.28 65.41
N LYS G 510 26.60 32.70 64.30
CA LYS G 510 26.04 33.81 63.54
C LYS G 510 25.93 33.49 62.05
N GLU G 511 26.93 32.79 61.52
CA GLU G 511 27.10 32.71 60.07
C GLU G 511 26.01 31.90 59.38
N VAL G 512 25.22 31.12 60.14
CA VAL G 512 24.19 30.29 59.51
C VAL G 512 23.13 31.15 58.84
N ASP G 513 22.71 32.24 59.48
CA ASP G 513 21.75 33.16 58.90
C ASP G 513 22.35 34.04 57.81
N CYS G 514 23.63 34.38 57.94
CA CYS G 514 24.43 35.06 56.92
C CYS G 514 24.09 36.53 56.75
N GLU G 515 22.99 37.00 57.35
CA GLU G 515 22.69 38.42 57.21
C GLU G 515 23.15 39.24 58.40
N LYS G 516 22.49 39.10 59.54
CA LYS G 516 22.93 39.70 60.80
C LYS G 516 22.67 38.85 62.03
N PHE G 517 21.81 37.84 61.95
CA PHE G 517 21.28 37.22 63.16
C PHE G 517 22.31 36.28 63.80
N TYR G 518 22.15 36.10 65.10
CA TYR G 518 23.01 35.22 65.88
C TYR G 518 22.17 34.09 66.47
N SER G 519 22.76 32.91 66.55
CA SER G 519 22.03 31.71 66.94
C SER G 519 22.96 30.80 67.71
N PHE G 520 22.57 29.53 67.85
CA PHE G 520 23.35 28.53 68.57
C PHE G 520 23.76 27.43 67.59
N ILE G 521 24.54 26.47 68.10
CA ILE G 521 24.96 25.35 67.27
C ILE G 521 23.76 24.48 66.90
N HIS G 522 23.09 23.94 67.92
CA HIS G 522 21.96 23.05 67.71
C HIS G 522 21.00 23.19 68.89
N MET G 523 19.75 22.79 68.66
CA MET G 523 18.72 22.92 69.68
C MET G 523 18.97 22.04 70.90
N THR G 524 19.77 20.97 70.76
CA THR G 524 20.11 20.17 71.93
C THR G 524 20.92 20.98 72.93
N PHE G 525 21.86 21.79 72.45
CA PHE G 525 22.65 22.63 73.35
C PHE G 525 21.76 23.60 74.10
N GLN G 526 20.82 24.23 73.39
CA GLN G 526 19.92 25.18 74.04
C GLN G 526 19.09 24.48 75.11
N GLU G 527 18.56 23.30 74.80
CA GLU G 527 17.82 22.54 75.80
C GLU G 527 18.73 21.96 76.88
N PHE G 528 20.00 21.72 76.55
CA PHE G 528 20.93 21.24 77.58
C PHE G 528 21.22 22.35 78.59
N PHE G 529 21.54 23.55 78.12
CA PHE G 529 21.78 24.66 79.02
C PHE G 529 20.51 25.09 79.74
N ALA G 530 19.35 24.92 79.09
CA ALA G 530 18.09 25.20 79.75
C ALA G 530 17.91 24.31 80.98
N ALA G 531 18.41 23.07 80.92
CA ALA G 531 18.34 22.21 82.08
C ALA G 531 19.38 22.59 83.13
N MET G 532 20.54 23.08 82.69
CA MET G 532 21.59 23.44 83.64
C MET G 532 21.16 24.58 84.56
N TYR G 533 20.54 25.61 83.97
CA TYR G 533 20.17 26.79 84.76
C TYR G 533 19.22 26.43 85.89
N TYR G 534 18.38 25.42 85.68
CA TYR G 534 17.44 25.01 86.72
C TYR G 534 18.18 24.54 87.96
N LEU G 535 19.27 23.79 87.78
CA LEU G 535 20.07 23.33 88.90
C LEU G 535 20.96 24.40 89.47
N LEU G 536 21.46 25.31 88.64
CA LEU G 536 22.39 26.34 89.10
C LEU G 536 21.72 27.44 89.90
N GLU G 537 20.44 27.28 90.25
CA GLU G 537 19.73 28.24 91.09
C GLU G 537 19.78 29.66 90.51
N GLU G 538 19.91 29.68 89.18
CA GLU G 538 20.09 30.95 88.46
C GLU G 538 21.29 31.70 89.05
N GLU G 539 22.49 31.13 88.89
CA GLU G 539 23.73 31.75 89.43
C GLU G 539 23.59 31.86 90.94
N LYS G 540 22.94 30.87 91.55
CA LYS G 540 22.73 30.87 93.01
C LYS G 540 21.74 31.97 93.36
N GLU G 541 21.53 32.23 94.65
CA GLU G 541 20.66 33.37 95.03
C GLU G 541 21.57 34.51 95.49
N GLY G 542 22.87 34.42 95.20
CA GLY G 542 23.82 35.44 95.69
C GLY G 542 24.68 36.08 94.60
N ARG G 543 24.12 36.27 93.40
CA ARG G 543 24.88 36.84 92.26
C ARG G 543 24.03 37.84 91.46
N THR G 544 23.10 37.35 90.62
CA THR G 544 22.29 38.25 89.75
C THR G 544 23.21 39.05 88.82
N ASN G 545 23.26 40.38 88.93
CA ASN G 545 24.13 41.23 88.06
C ASN G 545 23.74 41.07 86.58
N VAL G 546 22.44 41.14 86.28
CA VAL G 546 21.92 40.94 84.89
C VAL G 546 22.33 42.09 83.95
N PRO G 547 22.63 41.83 82.65
CA PRO G 547 22.91 42.90 81.67
C PRO G 547 21.62 43.62 81.22
N GLY G 548 20.92 44.27 82.16
CA GLY G 548 19.69 45.01 81.91
C GLY G 548 18.43 44.20 82.04
N SER G 549 18.55 42.90 82.32
CA SER G 549 17.39 42.00 82.40
C SER G 549 16.70 42.02 83.75
N ARG G 550 16.08 43.14 84.12
CA ARG G 550 15.26 43.17 85.32
C ARG G 550 14.01 42.31 85.18
N LEU G 551 13.61 42.03 83.94
CA LEU G 551 12.41 41.25 83.66
C LEU G 551 12.77 40.13 82.69
N LYS G 552 11.74 39.47 82.17
CA LYS G 552 11.86 38.38 81.21
C LYS G 552 12.63 37.19 81.75
N LEU G 553 12.68 37.04 83.07
CA LEU G 553 13.32 35.88 83.66
C LEU G 553 12.31 34.74 83.74
N PRO G 554 12.52 33.63 83.02
CA PRO G 554 11.62 32.48 83.17
C PRO G 554 11.70 31.93 84.59
N SER G 555 10.57 31.39 85.05
CA SER G 555 10.46 30.96 86.42
C SER G 555 11.49 29.87 86.74
N ARG G 556 12.18 30.05 87.87
CA ARG G 556 13.15 29.06 88.32
C ARG G 556 12.48 27.77 88.81
N ASP G 557 11.15 27.80 88.97
CA ASP G 557 10.42 26.59 89.33
C ASP G 557 10.42 25.61 88.16
N VAL G 558 10.44 24.32 88.48
CA VAL G 558 10.44 23.26 87.47
C VAL G 558 9.09 22.58 87.33
N THR G 559 8.15 22.79 88.26
CA THR G 559 6.83 22.20 88.12
C THR G 559 6.12 22.72 86.88
N VAL G 560 6.28 24.01 86.59
CA VAL G 560 5.69 24.59 85.39
C VAL G 560 6.28 23.92 84.15
N LEU G 561 7.54 23.52 84.20
CA LEU G 561 8.17 22.86 83.07
C LEU G 561 7.42 21.58 82.71
N LEU G 562 7.08 20.77 83.72
CA LEU G 562 6.28 19.57 83.47
C LEU G 562 4.83 19.90 83.16
N GLU G 563 4.35 21.07 83.58
CA GLU G 563 3.00 21.50 83.26
C GLU G 563 2.88 21.98 81.82
N ASN G 564 3.90 22.65 81.29
CA ASN G 564 3.94 22.98 79.87
C ASN G 564 4.56 21.88 79.03
N TYR G 565 4.93 20.76 79.64
CA TYR G 565 5.56 19.66 78.91
C TYR G 565 4.61 19.10 77.86
N GLY G 566 5.15 18.85 76.67
CA GLY G 566 4.37 18.33 75.57
C GLY G 566 3.68 19.36 74.72
N LYS G 567 3.77 20.65 75.07
CA LYS G 567 3.15 21.68 74.26
C LYS G 567 4.07 22.08 73.11
N PHE G 568 3.51 22.18 71.90
CA PHE G 568 4.30 22.67 70.78
C PHE G 568 4.74 24.12 71.00
N GLU G 569 4.02 24.85 71.87
CA GLU G 569 4.47 26.19 72.23
C GLU G 569 5.84 26.18 72.87
N LYS G 570 6.21 25.08 73.52
CA LYS G 570 7.50 24.97 74.21
C LYS G 570 8.35 23.85 73.63
N GLY G 571 8.02 23.37 72.43
CA GLY G 571 8.85 22.38 71.78
C GLY G 571 8.84 21.01 72.43
N TYR G 572 7.76 20.65 73.11
CA TYR G 572 7.56 19.34 73.71
C TYR G 572 8.50 19.07 74.88
N LEU G 573 9.46 19.96 75.11
CA LEU G 573 10.32 19.96 76.29
C LEU G 573 10.93 18.59 76.59
N ILE G 574 11.37 17.86 75.56
CA ILE G 574 11.93 16.52 75.80
C ILE G 574 13.24 16.63 76.55
N PHE G 575 14.25 17.22 75.90
CA PHE G 575 15.61 17.20 76.45
C PHE G 575 15.70 17.97 77.75
N VAL G 576 14.97 19.07 77.89
CA VAL G 576 14.98 19.83 79.13
C VAL G 576 14.67 18.90 80.30
N VAL G 577 13.54 18.21 80.23
CA VAL G 577 13.21 17.23 81.26
C VAL G 577 14.23 16.10 81.26
N ARG G 578 14.57 15.60 80.06
CA ARG G 578 15.44 14.43 79.97
C ARG G 578 16.82 14.71 80.56
N PHE G 579 17.36 15.90 80.30
CA PHE G 579 18.69 16.21 80.80
C PHE G 579 18.70 16.43 82.30
N LEU G 580 17.55 16.77 82.89
CA LEU G 580 17.51 17.01 84.33
C LEU G 580 17.92 15.77 85.11
N PHE G 581 17.47 14.60 84.67
CA PHE G 581 17.80 13.35 85.36
C PHE G 581 19.30 13.11 85.37
N GLY G 582 19.95 13.26 84.22
CA GLY G 582 21.39 13.02 84.15
C GLY G 582 22.19 14.03 84.98
N LEU G 583 21.72 15.27 85.02
CA LEU G 583 22.46 16.33 85.72
C LEU G 583 22.50 16.11 87.22
N VAL G 584 21.43 15.60 87.82
CA VAL G 584 21.32 15.59 89.27
C VAL G 584 22.11 14.47 89.91
N ASN G 585 22.88 13.72 89.14
CA ASN G 585 23.76 12.72 89.71
C ASN G 585 24.69 13.35 90.72
N GLN G 586 24.48 13.02 92.00
CA GLN G 586 25.15 13.68 93.10
C GLN G 586 26.65 13.43 93.06
N GLU G 587 27.03 12.16 93.06
CA GLU G 587 28.44 11.78 93.09
C GLU G 587 29.18 12.28 91.84
N ARG G 588 28.52 12.23 90.69
CA ARG G 588 29.19 12.58 89.44
C ARG G 588 29.53 14.07 89.39
N THR G 589 28.56 14.92 89.71
CA THR G 589 28.79 16.36 89.59
C THR G 589 29.44 16.93 90.83
N SER G 590 29.59 16.14 91.90
CA SER G 590 30.16 16.64 93.14
C SER G 590 31.60 17.11 92.94
N TYR G 591 32.44 16.25 92.38
CA TYR G 591 33.82 16.63 92.07
C TYR G 591 33.99 17.02 90.60
N LEU G 592 32.90 17.17 89.85
CA LEU G 592 32.99 17.64 88.48
C LEU G 592 32.81 19.15 88.42
N GLU G 593 31.80 19.68 89.14
CA GLU G 593 31.48 21.10 89.10
C GLU G 593 31.85 21.82 90.39
N LYS G 594 31.34 21.36 91.53
CA LYS G 594 31.44 22.08 92.81
C LYS G 594 30.81 23.47 92.69
N LYS G 595 30.16 23.73 91.56
CA LYS G 595 29.31 24.89 91.36
C LYS G 595 27.86 24.45 91.20
N LEU G 596 27.44 23.46 91.97
CA LEU G 596 26.28 22.65 91.70
C LEU G 596 25.05 23.18 92.45
N SER G 597 23.98 22.37 92.47
CA SER G 597 22.74 22.74 93.14
C SER G 597 22.83 22.47 94.64
N CYS G 598 21.67 22.48 95.30
CA CYS G 598 21.59 22.29 96.73
C CYS G 598 20.36 21.43 97.01
N LYS G 599 19.87 21.46 98.25
CA LYS G 599 18.64 20.76 98.60
C LYS G 599 17.51 21.05 97.62
N ILE G 600 17.62 22.15 96.86
CA ILE G 600 16.68 22.47 95.79
C ILE G 600 16.61 21.31 94.82
N SER G 601 17.76 20.77 94.43
CA SER G 601 17.78 19.59 93.57
C SER G 601 17.13 18.41 94.28
N GLN G 602 17.40 18.25 95.57
CA GLN G 602 16.81 17.15 96.33
C GLN G 602 15.29 17.27 96.37
N GLN G 603 14.76 18.47 96.60
CA GLN G 603 13.32 18.67 96.54
C GLN G 603 12.82 18.65 95.09
N ILE G 604 13.69 18.96 94.13
CA ILE G 604 13.32 18.78 92.73
C ILE G 604 13.10 17.30 92.42
N ARG G 605 13.96 16.42 92.97
CA ARG G 605 13.80 15.00 92.75
C ARG G 605 12.43 14.52 93.21
N LEU G 606 12.01 14.95 94.41
CA LEU G 606 10.68 14.62 94.90
C LEU G 606 9.62 15.20 93.97
N GLU G 607 9.81 16.44 93.53
CA GLU G 607 8.90 17.02 92.54
C GLU G 607 8.93 16.22 91.25
N LEU G 608 10.12 15.85 90.79
CA LEU G 608 10.23 15.05 89.58
C LEU G 608 9.73 13.64 89.80
N LEU G 609 9.91 13.11 91.01
CA LEU G 609 9.32 11.82 91.37
C LEU G 609 7.80 11.86 91.24
N LYS G 610 7.20 12.95 91.71
CA LYS G 610 5.75 13.07 91.62
C LYS G 610 5.29 13.16 90.17
N TRP G 611 6.09 13.79 89.30
CA TRP G 611 5.73 13.87 87.88
C TRP G 611 5.65 12.47 87.27
N ILE G 612 6.65 11.64 87.53
CA ILE G 612 6.62 10.27 87.02
C ILE G 612 5.47 9.49 87.65
N GLU G 613 5.25 9.73 88.94
CA GLU G 613 4.22 8.99 89.67
C GLU G 613 2.84 9.22 89.07
N VAL G 614 2.49 10.48 88.81
CA VAL G 614 1.14 10.79 88.37
C VAL G 614 0.89 10.27 86.96
N LYS G 615 1.90 10.29 86.10
CA LYS G 615 1.69 9.94 84.69
C LYS G 615 1.18 8.51 84.54
N ALA G 616 1.84 7.56 85.19
CA ALA G 616 1.41 6.16 85.06
C ALA G 616 0.04 5.94 85.68
N LYS G 617 -0.20 6.55 86.84
CA LYS G 617 -1.42 6.27 87.59
C LYS G 617 -2.64 6.92 86.96
N ALA G 618 -2.51 8.17 86.50
CA ALA G 618 -3.67 8.98 86.14
C ALA G 618 -4.15 8.77 84.71
N LYS G 619 -3.32 9.07 83.72
CA LYS G 619 -3.78 9.07 82.32
C LYS G 619 -2.72 8.41 81.46
N LYS G 620 -3.11 7.33 80.78
CA LYS G 620 -2.22 6.70 79.80
C LYS G 620 -2.39 7.30 78.42
N LEU G 621 -3.55 7.87 78.13
CA LEU G 621 -3.82 8.48 76.83
C LEU G 621 -3.37 9.93 76.86
N GLN G 622 -2.14 10.16 76.40
CA GLN G 622 -1.61 11.50 76.19
C GLN G 622 -0.84 11.51 74.89
N ILE G 623 -0.32 12.69 74.53
CA ILE G 623 0.28 12.90 73.23
C ILE G 623 1.40 11.90 72.99
N GLN G 624 2.48 11.98 73.77
CA GLN G 624 3.50 10.93 73.79
C GLN G 624 4.44 11.04 74.98
N PRO G 625 3.96 10.91 76.22
CA PRO G 625 4.89 10.67 77.33
C PRO G 625 5.18 9.19 77.47
N SER G 626 5.94 8.64 76.51
CA SER G 626 6.03 7.20 76.35
C SER G 626 6.66 6.53 77.56
N GLN G 627 6.27 5.27 77.78
CA GLN G 627 6.83 4.51 78.89
C GLN G 627 8.33 4.32 78.73
N LEU G 628 8.78 4.07 77.51
CA LEU G 628 10.22 4.01 77.24
C LEU G 628 10.85 5.39 77.39
N GLU G 629 10.10 6.44 77.05
CA GLU G 629 10.62 7.80 77.21
C GLU G 629 10.93 8.09 78.67
N LEU G 630 10.04 7.68 79.57
CA LEU G 630 10.36 7.74 80.99
C LEU G 630 11.54 6.85 81.31
N PHE G 631 11.58 5.65 80.72
CA PHE G 631 12.70 4.74 80.94
C PHE G 631 14.02 5.38 80.52
N TYR G 632 13.99 6.23 79.49
CA TYR G 632 15.17 7.03 79.18
C TYR G 632 15.54 7.91 80.35
N CYS G 633 14.55 8.54 80.97
CA CYS G 633 14.80 9.46 82.08
C CYS G 633 15.44 8.72 83.26
N LEU G 634 14.80 7.62 83.70
CA LEU G 634 15.36 6.86 84.81
C LEU G 634 16.73 6.29 84.47
N TYR G 635 16.97 6.00 83.18
CA TYR G 635 18.29 5.52 82.78
C TYR G 635 19.36 6.57 83.03
N GLU G 636 19.05 7.84 82.75
CA GLU G 636 20.01 8.90 83.02
C GLU G 636 20.29 9.00 84.52
N MET G 637 19.24 8.95 85.34
CA MET G 637 19.39 9.01 86.80
C MET G 637 19.82 7.64 87.31
N GLN G 638 21.13 7.49 87.49
CA GLN G 638 21.69 6.25 87.97
C GLN G 638 21.36 6.03 89.44
N GLU G 639 21.88 4.95 90.02
CA GLU G 639 21.67 4.57 91.41
C GLU G 639 20.24 4.07 91.61
N GLU G 640 20.08 3.01 92.39
CA GLU G 640 18.75 2.31 92.49
C GLU G 640 17.51 3.02 93.03
N ASP G 641 17.46 3.52 94.27
CA ASP G 641 16.18 3.91 94.94
C ASP G 641 15.20 4.87 94.24
N PHE G 642 15.65 6.01 93.73
CA PHE G 642 14.64 6.93 93.16
C PHE G 642 14.02 6.26 91.94
N VAL G 643 14.91 5.68 91.14
CA VAL G 643 14.44 5.04 89.89
C VAL G 643 13.54 3.90 90.30
N GLN G 644 13.85 3.19 91.39
CA GLN G 644 13.04 2.03 91.84
C GLN G 644 11.63 2.48 92.20
N ARG G 645 11.53 3.52 93.04
CA ARG G 645 10.18 4.06 93.40
C ARG G 645 9.42 4.40 92.13
N ALA G 646 10.09 5.02 91.14
CA ALA G 646 9.38 5.46 89.93
C ALA G 646 8.94 4.25 89.09
N MET G 647 9.80 3.24 88.94
CA MET G 647 9.51 2.05 88.09
C MET G 647 8.39 1.24 88.72
N ASP G 648 8.29 1.30 90.06
CA ASP G 648 7.21 0.56 90.77
C ASP G 648 5.91 1.36 90.76
N TYR G 649 5.79 2.28 89.81
CA TYR G 649 4.50 3.01 89.69
C TYR G 649 3.68 2.46 88.52
N PHE G 650 4.12 1.36 87.91
CA PHE G 650 3.40 0.84 86.72
C PHE G 650 3.61 -0.66 86.47
N PRO G 651 2.61 -1.58 86.59
CA PRO G 651 2.80 -2.95 86.11
C PRO G 651 2.51 -3.07 84.63
N LYS G 652 1.88 -2.03 84.08
CA LYS G 652 1.50 -1.99 82.67
C LYS G 652 2.66 -1.43 81.86
N ILE G 653 3.54 -2.32 81.40
CA ILE G 653 4.67 -1.95 80.58
C ILE G 653 4.36 -2.36 79.15
N GLU G 654 4.08 -1.37 78.30
CA GLU G 654 3.84 -1.58 76.88
C GLU G 654 4.73 -0.61 76.12
N ILE G 655 5.81 -1.13 75.53
CA ILE G 655 6.83 -0.31 74.89
C ILE G 655 7.15 -0.88 73.53
N ASN G 656 7.78 -0.05 72.70
CA ASN G 656 8.26 -0.45 71.38
C ASN G 656 9.74 -0.14 71.28
N LEU G 657 10.46 -0.95 70.52
CA LEU G 657 11.91 -0.84 70.40
C LEU G 657 12.30 -0.69 68.94
N SER G 658 13.32 0.12 68.69
CA SER G 658 13.81 0.37 67.33
C SER G 658 15.30 0.14 67.16
N THR G 659 16.12 0.41 68.18
CA THR G 659 17.56 0.28 68.04
C THR G 659 18.13 -0.23 69.35
N ARG G 660 19.37 -0.74 69.29
CA ARG G 660 20.09 -1.26 70.44
C ARG G 660 19.98 -0.34 71.65
N MET G 661 20.11 0.97 71.41
CA MET G 661 19.97 1.92 72.51
C MET G 661 18.60 1.80 73.16
N ASP G 662 17.54 1.71 72.35
CA ASP G 662 16.20 1.50 72.90
C ASP G 662 16.12 0.17 73.64
N HIS G 663 16.72 -0.87 73.07
CA HIS G 663 16.77 -2.16 73.76
C HIS G 663 17.61 -2.07 75.03
N MET G 664 18.71 -1.32 74.99
CA MET G 664 19.58 -1.20 76.15
C MET G 664 18.90 -0.47 77.30
N VAL G 665 18.29 0.68 77.01
CA VAL G 665 17.65 1.45 78.07
C VAL G 665 16.48 0.67 78.67
N SER G 666 15.71 0.00 77.82
CA SER G 666 14.63 -0.86 78.32
C SER G 666 15.19 -1.99 79.16
N SER G 667 16.29 -2.60 78.70
CA SER G 667 16.92 -3.66 79.48
C SER G 667 17.42 -3.13 80.81
N PHE G 668 18.09 -1.98 80.79
CA PHE G 668 18.68 -1.45 82.02
C PHE G 668 17.61 -1.02 83.01
N CYS G 669 16.58 -0.33 82.54
CA CYS G 669 15.57 0.20 83.46
C CYS G 669 14.84 -0.92 84.19
N ILE G 670 14.51 -2.01 83.49
CA ILE G 670 13.82 -3.12 84.12
C ILE G 670 14.71 -3.89 85.09
N GLU G 671 16.03 -3.70 85.02
CA GLU G 671 16.93 -4.34 85.97
C GLU G 671 16.53 -3.91 87.38
N ASN G 672 16.02 -2.70 87.50
CA ASN G 672 15.54 -2.20 88.77
C ASN G 672 14.15 -2.75 89.06
N CYS G 673 13.76 -2.67 90.33
CA CYS G 673 12.46 -3.15 90.79
C CYS G 673 12.30 -4.64 90.55
N HIS G 674 11.10 -5.14 90.80
CA HIS G 674 10.78 -6.57 90.67
C HIS G 674 9.27 -6.73 90.68
N ARG G 675 8.79 -7.98 90.70
CA ARG G 675 7.38 -8.30 90.90
C ARG G 675 6.50 -7.76 89.78
N VAL G 676 7.12 -7.13 88.78
CA VAL G 676 6.41 -6.50 87.67
C VAL G 676 5.49 -7.52 87.00
N GLU G 677 4.24 -7.12 86.76
CA GLU G 677 3.24 -8.08 86.29
C GLU G 677 3.37 -8.34 84.81
N SER G 678 3.19 -7.31 83.97
CA SER G 678 2.97 -7.53 82.54
C SER G 678 4.01 -6.76 81.74
N LEU G 679 4.63 -7.43 80.78
CA LEU G 679 5.51 -6.80 79.82
C LEU G 679 4.90 -6.92 78.43
N SER G 680 4.98 -5.84 77.65
CA SER G 680 4.41 -5.84 76.30
C SER G 680 5.44 -5.29 75.34
N LEU G 681 5.49 -5.89 74.15
CA LEU G 681 6.45 -5.52 73.12
C LEU G 681 5.81 -5.73 71.76
N GLY G 682 6.59 -5.47 70.70
CA GLY G 682 6.15 -5.81 69.36
C GLY G 682 5.44 -4.68 68.64
N PHE G 683 4.80 -5.05 67.54
CA PHE G 683 4.07 -4.09 66.70
C PHE G 683 2.92 -3.44 67.47
N LEU G 684 1.97 -4.25 67.93
CA LEU G 684 0.83 -3.80 68.71
C LEU G 684 0.08 -2.64 68.07
N HIS G 685 -0.20 -1.60 68.87
CA HIS G 685 -1.02 -0.44 68.50
C HIS G 685 -2.47 -0.87 68.32
N ASN G 686 -2.72 -2.18 68.38
CA ASN G 686 -4.05 -2.78 68.31
C ASN G 686 -3.86 -4.22 68.79
N MET G 687 -4.61 -4.61 69.82
CA MET G 687 -4.40 -5.94 70.38
C MET G 687 -5.70 -6.72 70.47
N PRO G 688 -6.35 -7.02 69.34
CA PRO G 688 -7.62 -7.77 69.39
C PRO G 688 -7.41 -9.27 69.31
N LYS G 689 -8.51 -10.02 69.26
CA LYS G 689 -8.48 -11.45 68.98
C LYS G 689 -7.76 -12.23 70.07
N GLU G 690 -7.67 -11.65 71.27
CA GLU G 690 -7.01 -12.37 72.37
C GLU G 690 -7.72 -12.21 73.71
N GLU G 691 -9.04 -12.09 73.74
CA GLU G 691 -9.77 -11.82 74.98
C GLU G 691 -9.88 -13.09 75.81
N GLU G 692 -9.36 -13.03 77.05
CA GLU G 692 -9.49 -14.10 78.01
C GLU G 692 -10.95 -14.27 78.43
N GLU G 693 -11.32 -15.51 78.74
CA GLU G 693 -12.68 -15.78 79.22
C GLU G 693 -12.76 -16.25 80.67
N GLU G 694 -11.73 -16.93 81.19
CA GLU G 694 -11.74 -17.47 82.55
C GLU G 694 -13.02 -18.28 82.74
N GLU G 695 -13.82 -18.03 83.78
CA GLU G 695 -15.04 -18.78 84.01
C GLU G 695 -16.15 -17.83 84.42
N LYS G 696 -17.39 -18.20 84.09
CA LYS G 696 -18.59 -17.42 84.43
C LYS G 696 -18.54 -16.03 83.81
N GLU G 697 -17.90 -15.91 82.64
CA GLU G 697 -17.79 -14.63 81.97
C GLU G 697 -19.02 -14.36 81.11
N GLY G 698 -19.28 -13.07 80.89
CA GLY G 698 -20.30 -12.66 79.95
C GLY G 698 -19.70 -12.28 78.62
N ARG G 699 -18.38 -12.34 78.53
CA ARG G 699 -17.64 -12.04 77.31
C ARG G 699 -16.69 -13.20 77.02
N HIS G 700 -16.59 -13.55 75.74
CA HIS G 700 -15.78 -14.67 75.29
C HIS G 700 -14.79 -14.20 74.23
N LEU G 701 -13.88 -15.09 73.86
CA LEU G 701 -12.99 -14.82 72.75
C LEU G 701 -13.76 -14.90 71.43
N ASP G 702 -13.56 -13.90 70.57
CA ASP G 702 -14.23 -13.82 69.29
C ASP G 702 -13.20 -13.52 68.22
N MET G 703 -13.53 -13.87 66.98
CA MET G 703 -12.61 -13.65 65.87
C MET G 703 -12.47 -12.17 65.56
N VAL G 704 -11.27 -11.78 65.16
CA VAL G 704 -11.03 -10.43 64.65
C VAL G 704 -10.34 -10.52 63.29
N GLN G 705 -9.17 -11.17 63.26
CA GLN G 705 -8.40 -11.42 62.05
C GLN G 705 -7.91 -10.13 61.40
N CYS G 706 -8.25 -8.98 62.00
CA CYS G 706 -8.04 -7.65 61.41
C CYS G 706 -8.65 -7.66 60.01
N VAL G 707 -8.15 -6.87 59.06
CA VAL G 707 -8.58 -6.98 57.66
C VAL G 707 -7.36 -7.07 56.76
N LEU G 708 -6.45 -6.11 56.89
CA LEU G 708 -5.32 -5.89 56.01
C LEU G 708 -4.19 -6.92 56.04
N PRO G 709 -3.96 -7.65 57.15
CA PRO G 709 -2.86 -8.64 57.13
C PRO G 709 -2.96 -9.64 55.98
N SER G 710 -4.17 -10.14 55.69
CA SER G 710 -4.45 -11.00 54.55
C SER G 710 -3.34 -12.02 54.28
N SER G 711 -2.90 -12.11 53.03
CA SER G 711 -1.78 -12.95 52.65
C SER G 711 -0.44 -12.23 52.78
N SER G 712 -0.45 -10.92 53.08
CA SER G 712 0.80 -10.20 53.27
C SER G 712 1.52 -10.67 54.53
N HIS G 713 0.77 -11.03 55.57
CA HIS G 713 1.39 -11.52 56.80
C HIS G 713 2.19 -12.79 56.55
N ALA G 714 1.62 -13.73 55.78
CA ALA G 714 2.34 -14.96 55.47
C ALA G 714 3.55 -14.68 54.59
N ALA G 715 3.42 -13.73 53.65
CA ALA G 715 4.53 -13.39 52.77
C ALA G 715 5.71 -12.83 53.55
N CYS G 716 5.44 -11.98 54.54
CA CYS G 716 6.52 -11.39 55.33
C CYS G 716 7.22 -12.43 56.18
N SER G 717 6.51 -13.47 56.61
CA SER G 717 7.08 -14.45 57.52
C SER G 717 8.16 -15.32 56.88
N HIS G 718 8.21 -15.37 55.54
CA HIS G 718 9.17 -16.22 54.84
C HIS G 718 10.40 -15.46 54.38
N GLY G 719 10.22 -14.26 53.81
CA GLY G 719 11.33 -13.48 53.30
C GLY G 719 11.62 -12.23 54.11
N LEU G 720 11.51 -12.33 55.43
CA LEU G 720 11.71 -11.19 56.33
C LEU G 720 13.13 -10.64 56.25
N VAL G 721 14.12 -11.55 56.20
CA VAL G 721 15.54 -11.21 56.14
C VAL G 721 15.92 -10.46 57.42
N ASN G 722 16.01 -9.14 57.33
CA ASN G 722 16.34 -8.28 58.48
C ASN G 722 17.66 -8.70 59.13
N SER G 723 18.75 -8.53 58.37
CA SER G 723 20.08 -8.82 58.90
C SER G 723 20.48 -7.90 60.04
N HIS G 724 19.84 -6.74 60.17
CA HIS G 724 20.10 -5.85 61.29
C HIS G 724 19.51 -6.35 62.60
N LEU G 725 18.71 -7.40 62.56
CA LEU G 725 18.19 -8.06 63.76
C LEU G 725 18.83 -9.44 63.86
N THR G 726 19.48 -9.70 64.98
CA THR G 726 20.31 -10.89 65.15
C THR G 726 20.02 -11.51 66.50
N SER G 727 20.90 -12.42 66.92
CA SER G 727 20.83 -12.95 68.28
C SER G 727 20.94 -11.83 69.30
N SER G 728 21.73 -10.80 68.98
CA SER G 728 21.76 -9.59 69.79
C SER G 728 20.41 -8.87 69.68
N PHE G 729 20.30 -7.77 70.44
CA PHE G 729 19.08 -6.99 70.60
C PHE G 729 18.07 -7.77 71.45
N CYS G 730 18.35 -9.05 71.69
CA CYS G 730 17.41 -9.91 72.40
C CYS G 730 18.08 -10.58 73.59
N ARG G 731 19.33 -11.02 73.42
CA ARG G 731 20.02 -11.75 74.49
C ARG G 731 20.08 -10.92 75.77
N GLY G 732 20.47 -9.66 75.67
CA GLY G 732 20.51 -8.80 76.83
C GLY G 732 19.13 -8.51 77.40
N LEU G 733 18.17 -8.21 76.53
CA LEU G 733 16.84 -7.84 77.01
C LEU G 733 16.18 -9.02 77.73
N PHE G 734 16.32 -10.22 77.18
CA PHE G 734 15.72 -11.37 77.83
C PHE G 734 16.54 -11.84 79.01
N SER G 735 17.82 -11.44 79.08
CA SER G 735 18.60 -11.73 80.28
C SER G 735 18.00 -11.06 81.50
N VAL G 736 17.34 -9.92 81.31
CA VAL G 736 16.53 -9.33 82.37
C VAL G 736 15.37 -10.25 82.71
N LEU G 737 14.71 -10.80 81.67
CA LEU G 737 13.58 -11.68 81.90
C LEU G 737 14.01 -12.97 82.60
N SER G 738 15.18 -13.50 82.27
CA SER G 738 15.71 -14.64 83.01
C SER G 738 15.87 -14.30 84.49
N THR G 739 16.14 -13.03 84.80
CA THR G 739 16.20 -12.53 86.16
C THR G 739 14.90 -11.85 86.55
N SER G 740 13.76 -12.43 86.16
CA SER G 740 12.47 -11.77 86.31
C SER G 740 12.18 -11.43 87.75
N GLN G 741 12.52 -12.33 88.67
CA GLN G 741 12.30 -12.10 90.10
C GLN G 741 10.83 -11.83 90.38
N SER G 742 9.99 -12.86 90.17
CA SER G 742 8.56 -12.86 90.49
C SER G 742 7.73 -12.08 89.47
N LEU G 743 8.19 -12.00 88.23
CA LEU G 743 7.32 -11.55 87.15
C LEU G 743 6.31 -12.65 86.83
N THR G 744 5.13 -12.24 86.37
CA THR G 744 4.04 -13.18 86.15
C THR G 744 3.61 -13.31 84.69
N GLU G 745 3.39 -12.20 84.00
CA GLU G 745 2.77 -12.23 82.68
C GLU G 745 3.69 -11.59 81.66
N LEU G 746 3.81 -12.21 80.49
CA LEU G 746 4.58 -11.68 79.39
C LEU G 746 3.80 -11.81 78.10
N ASP G 747 3.69 -10.70 77.36
CA ASP G 747 3.01 -10.67 76.09
C ASP G 747 4.00 -10.39 74.98
N LEU G 748 3.90 -11.16 73.89
CA LEU G 748 4.73 -10.96 72.71
C LEU G 748 3.93 -10.90 71.43
N SER G 749 2.69 -10.43 71.48
CA SER G 749 1.79 -10.51 70.34
C SER G 749 2.31 -9.67 69.16
N ASP G 750 1.99 -10.13 67.95
CA ASP G 750 2.26 -9.41 66.71
C ASP G 750 3.74 -9.22 66.47
N ASN G 751 4.58 -9.78 67.34
CA ASN G 751 6.01 -9.56 67.22
C ASN G 751 6.58 -10.29 66.01
N SER G 752 7.61 -9.71 65.41
CA SER G 752 8.27 -10.30 64.26
C SER G 752 9.38 -11.24 64.71
N LEU G 753 9.30 -11.70 65.95
CA LEU G 753 10.34 -12.54 66.53
C LEU G 753 10.30 -13.92 65.88
N GLY G 754 11.41 -14.29 65.22
CA GLY G 754 11.49 -15.61 64.53
C GLY G 754 11.96 -16.74 65.43
N ASP G 755 12.26 -17.90 64.85
CA ASP G 755 12.67 -19.12 65.64
C ASP G 755 13.99 -18.96 66.41
N PRO G 756 15.11 -18.39 65.89
CA PRO G 756 16.33 -18.24 66.70
C PRO G 756 16.04 -17.47 67.99
N GLY G 757 15.43 -16.30 67.89
CA GLY G 757 15.03 -15.50 69.05
C GLY G 757 14.16 -16.34 69.97
N MET G 758 13.31 -17.18 69.37
CA MET G 758 12.43 -18.08 70.17
C MET G 758 13.30 -19.06 70.96
N ARG G 759 14.38 -19.60 70.38
CA ARG G 759 15.31 -20.50 71.12
C ARG G 759 15.91 -19.73 72.29
N VAL G 760 16.31 -18.49 72.04
CA VAL G 760 16.93 -17.68 73.14
C VAL G 760 15.88 -17.54 74.24
N LEU G 761 14.63 -17.24 73.87
CA LEU G 761 13.55 -17.02 74.86
C LEU G 761 13.32 -18.31 75.65
N CYS G 762 13.36 -19.45 74.97
CA CYS G 762 13.16 -20.77 75.63
C CYS G 762 14.28 -21.05 76.64
N GLU G 763 15.55 -20.76 76.30
CA GLU G 763 16.62 -20.97 77.34
C GLU G 763 16.34 -20.02 78.50
N THR G 764 15.90 -18.80 78.15
CA THR G 764 15.64 -17.80 79.20
C THR G 764 14.56 -18.37 80.12
N LEU G 765 13.49 -18.98 79.59
CA LEU G 765 12.36 -19.55 80.37
C LEU G 765 12.83 -20.75 81.18
N GLN G 766 13.80 -21.46 80.63
CA GLN G 766 14.26 -22.70 81.29
C GLN G 766 14.79 -22.32 82.66
N HIS G 767 15.26 -21.10 82.82
CA HIS G 767 15.94 -20.74 84.10
C HIS G 767 14.99 -20.94 85.28
N PRO G 768 15.44 -21.56 86.37
CA PRO G 768 14.61 -21.74 87.53
C PRO G 768 14.05 -20.39 87.99
N GLY G 769 14.80 -19.31 87.82
CA GLY G 769 14.27 -18.08 88.37
C GLY G 769 13.36 -17.28 87.48
N CYS G 770 12.79 -17.90 86.44
CA CYS G 770 11.93 -17.14 85.53
C CYS G 770 10.60 -16.78 86.16
N ASN G 771 9.96 -17.72 86.86
CA ASN G 771 8.78 -17.45 87.68
C ASN G 771 7.59 -16.97 86.86
N ILE G 772 7.70 -16.99 85.53
CA ILE G 772 6.61 -16.47 84.69
C ILE G 772 5.41 -17.39 84.78
N ARG G 773 4.22 -16.79 84.88
CA ARG G 773 2.98 -17.55 85.02
C ARG G 773 2.26 -17.73 83.69
N ARG G 774 2.13 -16.66 82.91
CA ARG G 774 1.44 -16.71 81.63
C ARG G 774 2.31 -16.09 80.56
N LEU G 775 2.23 -16.63 79.34
CA LEU G 775 3.07 -16.20 78.23
C LEU G 775 2.24 -16.21 76.95
N TRP G 776 2.16 -15.07 76.28
CA TRP G 776 1.38 -14.92 75.06
C TRP G 776 2.32 -14.66 73.89
N LEU G 777 2.21 -15.49 72.84
CA LEU G 777 3.00 -15.30 71.63
C LEU G 777 2.13 -15.36 70.39
N GLY G 778 0.86 -15.01 70.50
CA GLY G 778 -0.06 -15.11 69.38
C GLY G 778 0.29 -14.21 68.22
N ARG G 779 -0.24 -14.54 67.04
CA ARG G 779 -0.17 -13.77 65.81
C ARG G 779 1.26 -13.56 65.32
N CYS G 780 2.25 -14.23 65.89
CA CYS G 780 3.62 -14.10 65.44
C CYS G 780 3.86 -15.05 64.26
N GLY G 781 5.09 -15.11 63.78
CA GLY G 781 5.47 -15.92 62.64
C GLY G 781 6.17 -17.22 62.96
N LEU G 782 6.02 -17.75 64.17
CA LEU G 782 6.75 -18.94 64.57
C LEU G 782 6.33 -20.13 63.72
N SER G 783 7.22 -21.17 63.79
CA SER G 783 7.03 -22.47 63.09
C SER G 783 7.53 -23.67 63.94
N HIS G 784 7.70 -24.85 63.34
CA HIS G 784 8.00 -26.12 64.09
C HIS G 784 9.32 -26.20 64.91
N GLU G 785 10.35 -25.56 64.38
CA GLU G 785 11.66 -25.59 65.07
C GLU G 785 11.41 -24.98 66.43
N CYS G 786 10.62 -23.92 66.44
CA CYS G 786 10.29 -23.26 67.72
C CYS G 786 9.49 -24.23 68.55
N CYS G 787 8.60 -24.99 67.91
CA CYS G 787 7.70 -25.85 68.70
C CYS G 787 8.56 -26.89 69.40
N PHE G 788 9.72 -27.18 68.85
CA PHE G 788 10.64 -28.08 69.58
C PHE G 788 11.10 -27.28 70.78
N ASP G 789 11.44 -26.01 70.53
CA ASP G 789 12.01 -25.24 71.68
C ASP G 789 10.91 -24.94 72.69
N ILE G 790 9.69 -24.61 72.24
CA ILE G 790 8.51 -24.29 73.12
C ILE G 790 8.14 -25.54 73.91
N SER G 791 8.22 -26.73 73.31
CA SER G 791 7.95 -27.99 74.06
C SER G 791 8.98 -28.14 75.18
N LEU G 792 10.25 -27.86 74.88
CA LEU G 792 11.27 -27.91 75.96
C LEU G 792 10.90 -26.89 77.05
N VAL G 793 10.43 -25.70 76.65
CA VAL G 793 10.07 -24.63 77.62
C VAL G 793 8.91 -25.10 78.50
N LEU G 794 7.92 -25.77 77.91
CA LEU G 794 6.73 -26.26 78.66
C LEU G 794 7.23 -27.29 79.67
N SER G 795 8.16 -28.16 79.23
CA SER G 795 8.72 -29.18 80.13
C SER G 795 9.46 -28.51 81.31
N SER G 796 10.19 -27.41 81.07
CA SER G 796 11.02 -26.81 82.15
C SER G 796 10.31 -25.78 83.04
N ASN G 797 9.27 -25.09 82.57
CA ASN G 797 8.63 -24.00 83.34
C ASN G 797 7.60 -24.55 84.32
N GLN G 798 6.71 -25.47 83.89
CA GLN G 798 5.77 -26.05 84.91
C GLN G 798 4.86 -24.95 85.50
N LYS G 799 5.36 -23.96 86.25
CA LYS G 799 4.66 -22.76 86.70
C LYS G 799 3.95 -22.00 85.59
N LEU G 800 4.21 -22.32 84.32
CA LEU G 800 3.43 -21.71 83.23
C LEU G 800 2.03 -22.29 83.24
N VAL G 801 1.03 -21.42 83.27
CA VAL G 801 -0.35 -21.88 83.40
C VAL G 801 -1.18 -21.65 82.15
N GLU G 802 -0.71 -20.84 81.21
CA GLU G 802 -1.52 -20.48 80.06
C GLU G 802 -0.60 -20.10 78.91
N LEU G 803 -0.92 -20.58 77.71
CA LEU G 803 -0.12 -20.32 76.52
C LEU G 803 -1.04 -19.99 75.36
N ASP G 804 -0.68 -18.97 74.59
CA ASP G 804 -1.44 -18.57 73.42
C ASP G 804 -0.53 -18.61 72.20
N LEU G 805 -0.77 -19.59 71.31
CA LEU G 805 -0.04 -19.69 70.07
C LEU G 805 -0.92 -19.44 68.86
N SER G 806 -2.06 -18.77 69.04
CA SER G 806 -3.02 -18.56 67.97
C SER G 806 -2.41 -17.75 66.84
N ASP G 807 -2.89 -18.01 65.62
CA ASP G 807 -2.56 -17.23 64.44
C ASP G 807 -1.09 -17.39 64.06
N ASN G 808 -0.38 -18.31 64.70
CA ASN G 808 0.99 -18.60 64.33
C ASN G 808 1.03 -19.78 63.39
N ALA G 809 1.48 -19.55 62.15
CA ALA G 809 1.50 -20.60 61.15
C ALA G 809 2.59 -21.62 61.45
N LEU G 810 2.18 -22.69 62.16
CA LEU G 810 3.14 -23.74 62.58
C LEU G 810 2.95 -25.13 61.91
N GLY G 811 1.72 -25.63 61.73
CA GLY G 811 1.46 -26.99 61.23
C GLY G 811 1.39 -28.09 62.29
N ASP G 812 1.29 -29.35 61.82
CA ASP G 812 1.09 -30.50 62.75
C ASP G 812 2.34 -31.05 63.47
N PHE G 813 3.53 -31.11 62.84
CA PHE G 813 4.73 -31.70 63.48
C PHE G 813 4.88 -30.93 64.79
N GLY G 814 4.55 -29.66 64.66
CA GLY G 814 4.68 -28.82 65.84
C GLY G 814 3.79 -29.34 66.93
N ILE G 815 2.56 -29.69 66.59
CA ILE G 815 1.61 -30.24 67.59
C ILE G 815 2.20 -31.52 68.21
N ARG G 816 2.80 -32.40 67.41
CA ARG G 816 3.43 -33.64 67.92
C ARG G 816 4.47 -33.31 69.00
N LEU G 817 5.39 -32.38 68.71
CA LEU G 817 6.48 -32.06 69.68
C LEU G 817 5.87 -31.35 70.89
N LEU G 818 4.86 -30.50 70.67
CA LEU G 818 4.25 -29.72 71.76
C LEU G 818 3.56 -30.68 72.70
N CYS G 819 2.95 -31.75 72.20
CA CYS G 819 2.28 -32.80 73.00
C CYS G 819 3.22 -33.58 73.93
N VAL G 820 4.42 -33.94 73.44
CA VAL G 820 5.41 -34.63 74.33
C VAL G 820 5.77 -33.62 75.43
N GLY G 821 5.70 -32.33 75.11
CA GLY G 821 5.91 -31.31 76.14
C GLY G 821 4.73 -31.31 77.08
N LEU G 822 3.49 -31.28 76.59
CA LEU G 822 2.27 -31.13 77.41
C LEU G 822 2.23 -32.27 78.42
N LYS G 823 2.86 -33.42 78.12
CA LYS G 823 2.70 -34.58 79.04
C LYS G 823 3.90 -34.80 79.97
N HIS G 824 4.79 -33.82 80.16
CA HIS G 824 5.89 -33.99 81.15
C HIS G 824 5.92 -32.82 82.14
N LEU G 825 5.88 -33.09 83.46
CA LEU G 825 5.84 -32.01 84.48
C LEU G 825 4.99 -30.88 83.91
N LEU G 826 3.70 -31.14 83.65
CA LEU G 826 2.86 -30.19 82.93
C LEU G 826 1.37 -30.38 83.15
N CYS G 827 0.95 -30.95 84.26
CA CYS G 827 -0.48 -31.02 84.57
C CYS G 827 -1.04 -29.61 84.77
N ASN G 828 -0.20 -28.68 85.24
CA ASN G 828 -0.67 -27.36 85.63
C ASN G 828 -1.23 -26.55 84.47
N LEU G 829 -0.84 -26.85 83.23
CA LEU G 829 -1.32 -26.10 82.08
C LEU G 829 -2.81 -26.37 81.90
N LYS G 830 -3.62 -25.32 81.92
CA LYS G 830 -5.06 -25.46 81.84
C LYS G 830 -5.65 -24.98 80.52
N LYS G 831 -5.04 -23.96 79.90
CA LYS G 831 -5.58 -23.37 78.68
C LYS G 831 -4.51 -23.35 77.61
N LEU G 832 -4.95 -23.41 76.35
CA LEU G 832 -4.03 -23.38 75.21
C LEU G 832 -4.78 -22.83 74.00
N TRP G 833 -4.25 -21.76 73.43
CA TRP G 833 -4.84 -21.11 72.26
C TRP G 833 -4.03 -21.49 71.03
N LEU G 834 -4.67 -22.16 70.07
CA LEU G 834 -3.96 -22.66 68.90
C LEU G 834 -4.74 -22.43 67.60
N VAL G 835 -5.56 -21.40 67.52
CA VAL G 835 -6.37 -21.21 66.32
C VAL G 835 -5.51 -20.63 65.20
N SER G 836 -5.94 -20.88 63.97
CA SER G 836 -5.34 -20.35 62.75
C SER G 836 -3.87 -20.72 62.59
N CYS G 837 -3.44 -21.85 63.16
CA CYS G 837 -2.05 -22.27 63.05
C CYS G 837 -1.78 -23.13 61.83
N CYS G 838 -2.62 -23.02 60.79
CA CYS G 838 -2.55 -23.85 59.58
C CYS G 838 -2.26 -25.31 59.93
N LEU G 839 -3.17 -25.89 60.71
CA LEU G 839 -3.02 -27.24 61.22
C LEU G 839 -3.85 -28.20 60.38
N THR G 840 -3.30 -29.34 59.96
CA THR G 840 -4.17 -30.29 59.21
C THR G 840 -4.85 -31.26 60.19
N SER G 841 -5.64 -32.19 59.67
CA SER G 841 -6.40 -33.14 60.53
C SER G 841 -5.46 -34.01 61.34
N ALA G 842 -4.38 -34.45 60.69
CA ALA G 842 -3.39 -35.31 61.36
C ALA G 842 -3.16 -34.90 62.81
N CYS G 843 -3.02 -33.60 63.09
CA CYS G 843 -2.69 -33.28 64.47
C CYS G 843 -3.70 -33.82 65.47
N CYS G 844 -4.91 -34.17 65.02
CA CYS G 844 -5.94 -34.62 65.94
C CYS G 844 -5.54 -35.92 66.63
N GLN G 845 -4.90 -36.83 65.89
CA GLN G 845 -4.34 -38.02 66.51
C GLN G 845 -3.41 -37.65 67.66
N ASP G 846 -2.67 -36.56 67.52
CA ASP G 846 -1.76 -36.10 68.55
C ASP G 846 -2.51 -35.46 69.72
N LEU G 847 -3.48 -34.59 69.43
CA LEU G 847 -4.21 -33.90 70.50
C LEU G 847 -5.00 -34.87 71.35
N ALA G 848 -5.38 -36.02 70.79
CA ALA G 848 -6.16 -36.99 71.54
C ALA G 848 -5.32 -37.63 72.64
N SER G 849 -4.11 -38.06 72.31
CA SER G 849 -3.30 -38.82 73.27
C SER G 849 -2.95 -37.97 74.48
N VAL G 850 -2.57 -36.70 74.27
CA VAL G 850 -2.25 -35.84 75.40
C VAL G 850 -3.49 -35.62 76.26
N LEU G 851 -4.62 -35.29 75.62
CA LEU G 851 -5.86 -35.16 76.37
C LEU G 851 -6.27 -36.48 76.98
N SER G 852 -5.91 -37.60 76.34
CA SER G 852 -6.15 -38.90 76.94
C SER G 852 -5.37 -39.10 78.22
N THR G 853 -4.35 -38.27 78.46
CA THR G 853 -3.53 -38.36 79.66
C THR G 853 -3.44 -37.07 80.45
N SER G 854 -3.93 -35.95 79.91
CA SER G 854 -3.81 -34.66 80.57
C SER G 854 -4.59 -34.62 81.87
N HIS G 855 -3.96 -34.08 82.91
CA HIS G 855 -4.60 -34.00 84.22
C HIS G 855 -5.51 -32.78 84.32
N SER G 856 -4.93 -31.59 84.19
CA SER G 856 -5.64 -30.34 84.45
C SER G 856 -5.65 -29.40 83.27
N LEU G 857 -5.92 -29.91 82.07
CA LEU G 857 -6.15 -29.04 80.91
C LEU G 857 -7.62 -28.60 80.90
N THR G 858 -7.87 -27.34 81.24
CA THR G 858 -9.22 -26.84 81.44
C THR G 858 -9.90 -26.37 80.17
N ARG G 859 -9.21 -25.61 79.33
CA ARG G 859 -9.81 -25.02 78.13
C ARG G 859 -8.94 -25.31 76.93
N LEU G 860 -9.56 -25.50 75.78
CA LEU G 860 -8.84 -25.76 74.54
C LEU G 860 -9.43 -24.92 73.42
N TYR G 861 -8.56 -24.25 72.67
CA TYR G 861 -8.97 -23.42 71.55
C TYR G 861 -8.20 -23.88 70.32
N VAL G 862 -8.87 -24.61 69.44
CA VAL G 862 -8.21 -25.16 68.25
C VAL G 862 -9.03 -24.88 67.01
N GLY G 863 -9.96 -23.94 67.10
CA GLY G 863 -10.82 -23.63 65.98
C GLY G 863 -10.10 -23.01 64.80
N GLU G 864 -10.81 -22.86 63.69
CA GLU G 864 -10.33 -22.15 62.50
C GLU G 864 -9.18 -22.85 61.81
N ASN G 865 -8.75 -24.00 62.33
CA ASN G 865 -7.72 -24.77 61.66
C ASN G 865 -8.36 -25.83 60.75
N ALA G 866 -7.53 -26.42 59.89
CA ALA G 866 -8.01 -27.40 58.93
C ALA G 866 -8.07 -28.78 59.53
N LEU G 867 -9.02 -29.01 60.44
CA LEU G 867 -9.22 -30.34 61.00
C LEU G 867 -10.28 -31.11 60.24
N GLY G 868 -11.42 -30.49 59.98
CA GLY G 868 -12.49 -31.16 59.26
C GLY G 868 -13.22 -32.17 60.12
N ASP G 869 -14.32 -32.72 59.58
CA ASP G 869 -15.03 -33.78 60.30
C ASP G 869 -14.16 -35.01 60.49
N SER G 870 -13.28 -35.29 59.52
CA SER G 870 -12.35 -36.40 59.67
C SER G 870 -11.43 -36.19 60.86
N GLY G 871 -10.93 -34.97 61.02
CA GLY G 871 -10.07 -34.66 62.15
C GLY G 871 -10.76 -34.79 63.49
N VAL G 872 -11.96 -34.23 63.60
CA VAL G 872 -12.67 -34.27 64.89
C VAL G 872 -13.09 -35.69 65.23
N ALA G 873 -13.15 -36.58 64.23
CA ALA G 873 -13.47 -37.97 64.49
C ALA G 873 -12.53 -38.58 65.52
N ILE G 874 -11.28 -38.13 65.52
CA ILE G 874 -10.37 -38.48 66.60
C ILE G 874 -10.65 -37.63 67.82
N LEU G 875 -10.95 -36.34 67.61
CA LEU G 875 -11.13 -35.41 68.71
C LEU G 875 -12.30 -35.80 69.61
N CYS G 876 -13.23 -36.60 69.10
CA CYS G 876 -14.32 -37.10 69.92
C CYS G 876 -13.97 -38.37 70.68
N GLU G 877 -13.04 -39.17 70.16
CA GLU G 877 -12.70 -40.43 70.81
C GLU G 877 -12.08 -40.19 72.18
N LYS G 878 -11.24 -39.17 72.29
CA LYS G 878 -10.53 -38.90 73.54
C LYS G 878 -11.46 -38.46 74.66
N ALA G 879 -12.60 -37.86 74.31
CA ALA G 879 -13.44 -37.20 75.29
C ALA G 879 -14.36 -38.14 76.07
N LYS G 880 -14.28 -39.46 75.82
CA LYS G 880 -15.16 -40.40 76.49
C LYS G 880 -14.75 -40.71 77.92
N ASN G 881 -13.51 -40.44 78.30
CA ASN G 881 -13.03 -40.90 79.60
C ASN G 881 -13.35 -39.89 80.70
N PRO G 882 -13.54 -40.36 81.93
CA PRO G 882 -13.75 -39.44 83.05
C PRO G 882 -12.55 -38.56 83.35
N GLN G 883 -11.34 -38.96 82.94
CA GLN G 883 -10.16 -38.14 83.21
C GLN G 883 -10.16 -36.82 82.44
N CYS G 884 -11.06 -36.65 81.46
CA CYS G 884 -11.08 -35.46 80.63
C CYS G 884 -11.58 -34.28 81.46
N ASN G 885 -10.62 -33.53 82.00
CA ASN G 885 -10.91 -32.38 82.85
C ASN G 885 -11.05 -31.10 82.03
N LEU G 886 -11.29 -31.25 80.73
CA LEU G 886 -11.54 -30.09 79.90
C LEU G 886 -12.92 -29.51 80.20
N GLN G 887 -13.05 -28.20 80.08
CA GLN G 887 -14.33 -27.53 80.34
C GLN G 887 -14.85 -26.78 79.13
N LYS G 888 -14.00 -25.99 78.48
CA LYS G 888 -14.39 -25.24 77.29
C LYS G 888 -13.85 -25.94 76.05
N LEU G 889 -14.37 -25.56 74.89
CA LEU G 889 -13.90 -26.11 73.62
C LEU G 889 -14.12 -25.07 72.52
N GLY G 890 -13.05 -24.63 71.90
CA GLY G 890 -13.14 -23.67 70.82
C GLY G 890 -13.00 -24.31 69.46
N LEU G 891 -14.12 -24.43 68.74
CA LEU G 891 -14.13 -25.08 67.43
C LEU G 891 -14.76 -24.18 66.36
N VAL G 892 -14.74 -22.87 66.57
CA VAL G 892 -15.40 -21.95 65.65
C VAL G 892 -14.69 -21.93 64.31
N ASN G 893 -15.46 -21.87 63.23
CA ASN G 893 -14.94 -21.71 61.87
C ASN G 893 -13.97 -22.82 61.48
N SER G 894 -14.17 -24.03 62.01
CA SER G 894 -13.26 -25.13 61.75
C SER G 894 -13.56 -25.87 60.45
N GLY G 895 -14.68 -25.55 59.80
CA GLY G 895 -15.05 -26.25 58.58
C GLY G 895 -15.80 -27.55 58.79
N LEU G 896 -16.21 -27.85 60.01
CA LEU G 896 -16.90 -29.10 60.30
C LEU G 896 -18.30 -29.07 59.68
N THR G 897 -18.89 -30.26 59.52
CA THR G 897 -20.21 -30.39 58.93
C THR G 897 -21.08 -31.25 59.84
N SER G 898 -22.29 -31.54 59.36
CA SER G 898 -23.27 -32.26 60.17
C SER G 898 -22.83 -33.67 60.50
N VAL G 899 -21.99 -34.28 59.66
CA VAL G 899 -21.63 -35.68 59.86
C VAL G 899 -20.88 -35.87 61.17
N CYS G 900 -20.20 -34.83 61.65
CA CYS G 900 -19.44 -34.93 62.89
C CYS G 900 -20.30 -34.79 64.14
N CYS G 901 -21.54 -34.32 63.99
CA CYS G 901 -22.39 -34.11 65.15
C CYS G 901 -22.75 -35.43 65.83
N SER G 902 -22.95 -36.49 65.05
CA SER G 902 -23.30 -37.79 65.62
C SER G 902 -22.26 -38.25 66.63
N ALA G 903 -21.01 -37.83 66.44
CA ALA G 903 -19.94 -38.21 67.36
C ALA G 903 -19.98 -37.35 68.62
N LEU G 904 -19.85 -36.04 68.46
CA LEU G 904 -19.76 -35.15 69.62
C LEU G 904 -21.04 -35.19 70.45
N SER G 905 -22.15 -35.61 69.86
CA SER G 905 -23.37 -35.79 70.63
C SER G 905 -23.16 -36.80 71.75
N SER G 906 -22.58 -37.95 71.41
CA SER G 906 -22.23 -38.93 72.44
C SER G 906 -21.15 -38.39 73.38
N VAL G 907 -20.30 -37.49 72.88
CA VAL G 907 -19.23 -36.94 73.71
C VAL G 907 -19.80 -36.17 74.88
N LEU G 908 -20.79 -35.32 74.62
CA LEU G 908 -21.31 -34.46 75.67
C LEU G 908 -21.94 -35.26 76.81
N SER G 909 -22.69 -36.30 76.47
CA SER G 909 -23.29 -37.14 77.51
C SER G 909 -22.23 -37.89 78.30
N THR G 910 -21.19 -38.39 77.63
CA THR G 910 -20.18 -39.21 78.28
C THR G 910 -19.09 -38.41 78.96
N ASN G 911 -19.10 -37.08 78.83
CA ASN G 911 -18.11 -36.24 79.48
C ASN G 911 -18.75 -35.53 80.68
N GLN G 912 -18.07 -35.60 81.81
CA GLN G 912 -18.54 -35.01 83.06
C GLN G 912 -17.93 -33.66 83.36
N ASN G 913 -17.13 -33.11 82.45
CA ASN G 913 -16.44 -31.87 82.74
C ASN G 913 -16.66 -30.79 81.69
N LEU G 914 -16.78 -31.16 80.42
CA LEU G 914 -17.02 -30.17 79.38
C LEU G 914 -18.30 -29.41 79.66
N THR G 915 -18.23 -28.09 79.53
CA THR G 915 -19.36 -27.24 79.88
C THR G 915 -19.61 -26.18 78.81
N HIS G 916 -18.61 -25.90 77.99
CA HIS G 916 -18.70 -24.89 76.94
C HIS G 916 -18.31 -25.50 75.60
N LEU G 917 -18.97 -25.04 74.55
CA LEU G 917 -18.61 -25.38 73.18
C LEU G 917 -18.92 -24.19 72.28
N TYR G 918 -17.95 -23.81 71.46
CA TYR G 918 -18.08 -22.66 70.57
C TYR G 918 -17.97 -23.13 69.12
N LEU G 919 -18.97 -22.79 68.32
CA LEU G 919 -19.06 -23.30 66.95
C LEU G 919 -19.47 -22.26 65.92
N ARG G 920 -19.30 -20.97 66.19
CA ARG G 920 -19.80 -19.94 65.30
C ARG G 920 -19.12 -20.04 63.93
N GLY G 921 -19.90 -19.76 62.88
CA GLY G 921 -19.39 -19.76 61.53
C GLY G 921 -19.23 -21.13 60.89
N ASN G 922 -19.46 -22.21 61.63
CA ASN G 922 -19.29 -23.55 61.09
C ASN G 922 -20.64 -24.11 60.67
N THR G 923 -20.74 -24.56 59.42
CA THR G 923 -22.02 -25.03 58.90
C THR G 923 -22.34 -26.41 59.43
N LEU G 924 -23.49 -26.55 60.07
CA LEU G 924 -23.97 -27.86 60.49
C LEU G 924 -25.30 -28.18 59.84
N GLY G 925 -26.24 -27.24 59.85
CA GLY G 925 -27.56 -27.52 59.35
C GLY G 925 -28.41 -28.22 60.38
N ASP G 926 -29.74 -28.18 60.21
CA ASP G 926 -30.65 -28.67 61.22
C ASP G 926 -30.46 -30.16 61.49
N LYS G 927 -29.98 -30.90 60.48
CA LYS G 927 -29.72 -32.33 60.68
C LYS G 927 -28.71 -32.54 61.80
N GLY G 928 -27.60 -31.80 61.76
CA GLY G 928 -26.63 -31.90 62.84
C GLY G 928 -27.18 -31.37 64.15
N ILE G 929 -27.85 -30.22 64.10
CA ILE G 929 -28.37 -29.62 65.33
C ILE G 929 -29.43 -30.53 65.96
N LYS G 930 -30.14 -31.30 65.14
CA LYS G 930 -31.09 -32.27 65.65
C LYS G 930 -30.41 -33.22 66.64
N LEU G 931 -29.23 -33.70 66.28
CA LEU G 931 -28.50 -34.58 67.18
C LEU G 931 -27.97 -33.83 68.39
N LEU G 932 -27.75 -32.52 68.27
CA LEU G 932 -27.25 -31.75 69.40
C LEU G 932 -28.23 -31.77 70.56
N CYS G 933 -29.53 -31.63 70.27
CA CYS G 933 -30.53 -31.74 71.32
C CYS G 933 -30.45 -33.10 71.99
N GLU G 934 -30.35 -34.16 71.19
CA GLU G 934 -30.11 -35.49 71.74
C GLU G 934 -28.79 -35.54 72.48
N GLY G 935 -27.79 -34.80 71.99
CA GLY G 935 -26.50 -34.72 72.63
C GLY G 935 -26.52 -34.08 74.00
N LEU G 936 -27.55 -33.29 74.30
CA LEU G 936 -27.78 -32.79 75.64
C LEU G 936 -29.04 -33.39 76.27
N LEU G 937 -29.68 -34.35 75.60
CA LEU G 937 -30.87 -34.96 76.15
C LEU G 937 -30.59 -35.71 77.44
N HIS G 938 -29.40 -36.29 77.57
CA HIS G 938 -29.09 -37.08 78.75
C HIS G 938 -28.99 -36.18 79.98
N PRO G 939 -29.57 -36.58 81.11
CA PRO G 939 -29.50 -35.73 82.31
C PRO G 939 -28.09 -35.47 82.80
N ASP G 940 -27.16 -36.39 82.57
CA ASP G 940 -25.80 -36.22 83.06
C ASP G 940 -24.98 -35.24 82.25
N CYS G 941 -25.60 -34.45 81.38
CA CYS G 941 -24.87 -33.45 80.62
C CYS G 941 -24.62 -32.21 81.47
N LYS G 942 -23.40 -31.67 81.37
CA LYS G 942 -23.01 -30.48 82.12
C LYS G 942 -22.73 -29.28 81.23
N LEU G 943 -23.41 -29.16 80.09
CA LEU G 943 -23.16 -28.04 79.19
C LEU G 943 -23.77 -26.77 79.78
N GLN G 944 -22.98 -25.69 79.79
CA GLN G 944 -23.48 -24.41 80.26
C GLN G 944 -23.49 -23.34 79.17
N VAL G 945 -22.58 -23.42 78.21
CA VAL G 945 -22.48 -22.42 77.16
C VAL G 945 -22.35 -23.12 75.81
N LEU G 946 -23.08 -22.62 74.82
CA LEU G 946 -22.99 -23.13 73.47
C LEU G 946 -23.11 -21.97 72.48
N GLU G 947 -22.25 -21.99 71.47
CA GLU G 947 -22.27 -21.00 70.40
C GLU G 947 -22.70 -21.65 69.09
N LEU G 948 -23.75 -21.10 68.49
CA LEU G 948 -24.25 -21.63 67.23
C LEU G 948 -24.56 -20.53 66.23
N ASP G 949 -24.00 -19.34 66.41
CA ASP G 949 -24.22 -18.26 65.46
C ASP G 949 -23.58 -18.62 64.12
N ASN G 950 -24.21 -18.18 63.04
CA ASN G 950 -23.71 -18.39 61.68
C ASN G 950 -23.50 -19.88 61.36
N CYS G 951 -24.34 -20.73 61.93
CA CYS G 951 -24.19 -22.18 61.79
C CYS G 951 -24.96 -22.74 60.60
N ASN G 952 -25.58 -21.88 59.78
CA ASN G 952 -26.48 -22.31 58.72
C ASN G 952 -27.63 -23.13 59.30
N LEU G 953 -28.42 -22.48 60.17
CA LEU G 953 -29.52 -23.13 60.86
C LEU G 953 -30.84 -22.52 60.41
N THR G 954 -31.88 -23.35 60.41
CA THR G 954 -33.20 -22.94 59.95
C THR G 954 -34.20 -23.03 61.10
N SER G 955 -35.38 -22.50 60.83
CA SER G 955 -36.46 -22.47 61.82
C SER G 955 -36.89 -23.87 62.25
N HIS G 956 -36.66 -24.86 61.40
CA HIS G 956 -37.16 -26.20 61.66
C HIS G 956 -36.63 -26.77 62.97
N CYS G 957 -35.32 -26.63 63.20
CA CYS G 957 -34.73 -27.20 64.40
C CYS G 957 -34.98 -26.36 65.64
N CYS G 958 -35.48 -25.14 65.47
CA CYS G 958 -35.68 -24.26 66.62
C CYS G 958 -36.65 -24.88 67.62
N TRP G 959 -37.72 -25.50 67.13
CA TRP G 959 -38.65 -26.18 68.03
C TRP G 959 -37.95 -27.28 68.81
N ASP G 960 -37.07 -28.02 68.14
CA ASP G 960 -36.38 -29.13 68.78
C ASP G 960 -35.46 -28.63 69.89
N LEU G 961 -34.62 -27.64 69.57
CA LEU G 961 -33.71 -27.12 70.58
C LEU G 961 -34.48 -26.44 71.72
N SER G 962 -35.58 -25.77 71.40
CA SER G 962 -36.38 -25.13 72.44
C SER G 962 -36.90 -26.16 73.43
N THR G 963 -37.33 -27.32 72.93
CA THR G 963 -37.83 -28.37 73.81
C THR G 963 -36.77 -28.78 74.82
N LEU G 964 -35.52 -28.90 74.36
CA LEU G 964 -34.41 -29.19 75.26
C LEU G 964 -34.21 -28.06 76.26
N LEU G 965 -34.28 -26.81 75.79
CA LEU G 965 -34.00 -25.67 76.65
C LEU G 965 -34.91 -25.67 77.87
N THR G 966 -36.20 -25.91 77.68
CA THR G 966 -37.11 -26.04 78.81
C THR G 966 -36.76 -27.25 79.66
N SER G 967 -36.39 -28.36 79.02
CA SER G 967 -36.12 -29.61 79.72
C SER G 967 -34.68 -29.71 80.20
N SER G 968 -33.83 -28.72 79.94
CA SER G 968 -32.45 -28.75 80.38
C SER G 968 -32.22 -27.64 81.40
N GLN G 969 -31.58 -27.99 82.51
CA GLN G 969 -31.29 -27.02 83.56
C GLN G 969 -29.82 -26.64 83.57
N SER G 970 -28.95 -27.45 82.97
CA SER G 970 -27.51 -27.19 83.04
C SER G 970 -27.11 -26.00 82.19
N LEU G 971 -27.80 -25.76 81.08
CA LEU G 971 -27.42 -24.71 80.15
C LEU G 971 -27.69 -23.34 80.75
N ARG G 972 -26.84 -22.36 80.42
CA ARG G 972 -26.99 -21.00 80.93
C ARG G 972 -27.20 -19.98 79.82
N LYS G 973 -26.42 -20.09 78.73
CA LYS G 973 -26.43 -19.10 77.67
C LYS G 973 -26.31 -19.79 76.32
N LEU G 974 -26.95 -19.21 75.31
CA LEU G 974 -26.92 -19.75 73.95
C LEU G 974 -26.91 -18.61 72.95
N SER G 975 -26.23 -18.84 71.82
CA SER G 975 -26.18 -17.87 70.74
C SER G 975 -26.55 -18.56 69.44
N LEU G 976 -27.41 -17.89 68.65
CA LEU G 976 -27.94 -18.54 67.46
C LEU G 976 -28.06 -17.60 66.26
N GLY G 977 -27.37 -16.46 66.23
CA GLY G 977 -27.59 -15.48 65.18
C GLY G 977 -27.14 -15.92 63.80
N ASN G 978 -27.42 -15.10 62.79
CA ASN G 978 -27.04 -15.36 61.40
C ASN G 978 -27.56 -16.71 60.92
N ASN G 979 -28.81 -17.02 61.26
CA ASN G 979 -29.43 -18.27 60.87
C ASN G 979 -30.90 -18.03 60.55
N ASP G 980 -31.49 -19.00 59.85
CA ASP G 980 -32.89 -18.89 59.42
C ASP G 980 -33.87 -19.13 60.56
N LEU G 981 -33.82 -18.27 61.59
CA LEU G 981 -34.71 -18.43 62.73
C LEU G 981 -36.17 -18.23 62.33
N GLY G 982 -36.44 -17.24 61.50
CA GLY G 982 -37.80 -16.98 61.04
C GLY G 982 -38.70 -16.40 62.11
N ASP G 983 -39.81 -15.81 61.68
CA ASP G 983 -40.77 -15.24 62.61
C ASP G 983 -41.40 -16.31 63.49
N LEU G 984 -41.75 -17.45 62.89
CA LEU G 984 -42.35 -18.53 63.67
C LEU G 984 -41.36 -19.10 64.68
N GLY G 985 -40.10 -19.25 64.30
CA GLY G 985 -39.10 -19.79 65.19
C GLY G 985 -38.81 -18.89 66.38
N VAL G 986 -38.62 -17.59 66.12
CA VAL G 986 -38.37 -16.66 67.22
C VAL G 986 -39.59 -16.54 68.11
N MET G 987 -40.78 -16.85 67.56
CA MET G 987 -42.01 -16.80 68.35
C MET G 987 -41.97 -17.80 69.49
N MET G 988 -41.41 -18.99 69.26
CA MET G 988 -41.44 -20.03 70.28
C MET G 988 -40.69 -19.59 71.54
N PHE G 989 -39.76 -18.65 71.41
CA PHE G 989 -39.11 -18.10 72.59
C PHE G 989 -40.11 -17.46 73.54
N CYS G 990 -41.22 -16.96 73.02
CA CYS G 990 -42.30 -16.53 73.89
C CYS G 990 -42.92 -17.71 74.62
N GLU G 991 -43.18 -18.80 73.89
CA GLU G 991 -43.67 -20.02 74.54
C GLU G 991 -42.66 -20.53 75.55
N VAL G 992 -41.38 -20.35 75.26
CA VAL G 992 -40.34 -20.66 76.26
C VAL G 992 -40.60 -19.89 77.53
N LEU G 993 -40.90 -18.59 77.40
CA LEU G 993 -41.25 -17.79 78.57
C LEU G 993 -42.55 -18.27 79.18
N LYS G 994 -43.54 -18.61 78.35
CA LYS G 994 -44.80 -19.11 78.87
C LYS G 994 -44.64 -20.44 79.58
N GLN G 995 -43.56 -21.17 79.29
CA GLN G 995 -43.21 -22.37 80.06
C GLN G 995 -42.24 -21.94 81.16
N GLN G 996 -42.76 -21.89 82.39
CA GLN G 996 -42.04 -21.34 83.53
C GLN G 996 -40.73 -22.06 83.81
N SER G 997 -40.51 -23.21 83.15
CA SER G 997 -39.24 -23.91 83.28
C SER G 997 -38.09 -23.18 82.59
N CYS G 998 -38.33 -21.98 82.05
CA CYS G 998 -37.31 -21.24 81.34
C CYS G 998 -36.36 -20.51 82.28
N LEU G 999 -35.71 -21.25 83.18
CA LEU G 999 -34.72 -20.63 84.06
C LEU G 999 -33.37 -20.57 83.38
N LEU G 1000 -33.33 -20.01 82.17
CA LEU G 1000 -32.08 -19.77 81.48
C LEU G 1000 -31.47 -18.46 81.95
N GLN G 1001 -30.18 -18.30 81.70
CA GLN G 1001 -29.44 -17.13 82.17
C GLN G 1001 -29.19 -16.09 81.10
N ASN G 1002 -29.08 -16.49 79.83
CA ASN G 1002 -28.85 -15.54 78.76
C ASN G 1002 -29.23 -16.17 77.43
N LEU G 1003 -29.50 -15.32 76.45
CA LEU G 1003 -29.75 -15.76 75.07
C LEU G 1003 -29.37 -14.64 74.12
N GLY G 1004 -28.60 -14.97 73.10
CA GLY G 1004 -28.13 -13.96 72.17
C GLY G 1004 -28.43 -14.24 70.71
N LEU G 1005 -29.25 -13.40 70.09
CA LEU G 1005 -29.59 -13.48 68.69
C LEU G 1005 -29.30 -12.14 68.04
N SER G 1006 -28.87 -12.17 66.78
CA SER G 1006 -28.42 -10.94 66.13
C SER G 1006 -28.32 -11.14 64.62
N GLU G 1007 -28.09 -10.03 63.92
CA GLU G 1007 -27.64 -9.93 62.53
C GLU G 1007 -28.67 -10.36 61.51
N MET G 1008 -29.96 -10.40 61.85
CA MET G 1008 -31.01 -10.73 60.90
C MET G 1008 -32.07 -9.62 60.93
N TYR G 1009 -32.44 -9.13 59.75
CA TYR G 1009 -33.45 -8.09 59.67
C TYR G 1009 -34.85 -8.68 59.68
N PHE G 1010 -35.72 -8.09 60.50
CA PHE G 1010 -37.12 -8.46 60.55
C PHE G 1010 -37.96 -7.20 60.70
N ASN G 1011 -39.28 -7.37 60.62
CA ASN G 1011 -40.19 -6.25 60.81
C ASN G 1011 -40.57 -6.11 62.29
N TYR G 1012 -41.65 -5.37 62.53
CA TYR G 1012 -42.01 -4.93 63.87
C TYR G 1012 -42.34 -6.10 64.81
N GLU G 1013 -43.03 -7.12 64.29
CA GLU G 1013 -43.58 -8.14 65.18
C GLU G 1013 -42.50 -8.89 65.94
N THR G 1014 -41.35 -9.15 65.30
CA THR G 1014 -40.25 -9.81 65.99
C THR G 1014 -39.82 -9.01 67.23
N LYS G 1015 -39.62 -7.71 67.04
CA LYS G 1015 -39.31 -6.85 68.18
C LYS G 1015 -40.52 -6.67 69.08
N SER G 1016 -41.73 -6.78 68.52
CA SER G 1016 -42.94 -6.43 69.25
C SER G 1016 -43.06 -7.24 70.54
N ALA G 1017 -42.95 -8.56 70.44
CA ALA G 1017 -43.07 -9.39 71.63
C ALA G 1017 -41.81 -9.32 72.48
N LEU G 1018 -40.69 -8.89 71.87
CA LEU G 1018 -39.40 -8.94 72.54
C LEU G 1018 -39.39 -8.10 73.81
N GLU G 1019 -39.63 -6.80 73.67
CA GLU G 1019 -39.50 -5.90 74.81
C GLU G 1019 -40.49 -6.25 75.90
N THR G 1020 -41.73 -6.60 75.53
CA THR G 1020 -42.74 -6.93 76.51
C THR G 1020 -42.32 -8.11 77.37
N LEU G 1021 -41.80 -9.16 76.76
CA LEU G 1021 -41.37 -10.33 77.52
C LEU G 1021 -40.03 -10.09 78.21
N GLN G 1022 -39.15 -9.29 77.61
CA GLN G 1022 -37.98 -8.83 78.35
C GLN G 1022 -38.38 -8.03 79.57
N GLU G 1023 -39.39 -7.16 79.41
CA GLU G 1023 -39.94 -6.44 80.56
C GLU G 1023 -40.53 -7.41 81.57
N GLU G 1024 -41.24 -8.44 81.09
CA GLU G 1024 -41.84 -9.41 82.00
C GLU G 1024 -40.76 -10.24 82.70
N LYS G 1025 -39.67 -10.55 82.01
CA LYS G 1025 -38.69 -11.51 82.51
C LYS G 1025 -37.41 -10.82 82.96
N PRO G 1026 -37.18 -10.67 84.27
CA PRO G 1026 -35.86 -10.23 84.72
C PRO G 1026 -34.89 -11.38 84.94
N GLU G 1027 -35.39 -12.61 85.04
CA GLU G 1027 -34.52 -13.75 85.32
C GLU G 1027 -33.58 -14.04 84.15
N LEU G 1028 -34.09 -13.95 82.93
CA LEU G 1028 -33.35 -14.34 81.73
C LEU G 1028 -32.84 -13.08 81.03
N THR G 1029 -31.53 -13.04 80.78
CA THR G 1029 -30.92 -11.92 80.09
C THR G 1029 -30.97 -12.13 78.58
N VAL G 1030 -32.15 -11.94 77.99
CA VAL G 1030 -32.27 -12.01 76.54
C VAL G 1030 -31.75 -10.73 75.93
N VAL G 1031 -30.90 -10.85 74.91
CA VAL G 1031 -30.31 -9.69 74.24
C VAL G 1031 -30.51 -9.83 72.74
N PHE G 1032 -30.92 -8.73 72.11
CA PHE G 1032 -31.10 -8.64 70.67
C PHE G 1032 -30.18 -7.52 70.19
N GLU G 1033 -29.06 -7.88 69.58
CA GLU G 1033 -28.04 -6.91 69.21
C GLU G 1033 -28.53 -5.86 68.21
N PRO G 1034 -29.24 -6.24 67.13
CA PRO G 1034 -29.68 -5.19 66.18
C PRO G 1034 -30.93 -4.45 66.65
N SER G 1035 -31.43 -4.78 67.83
CA SER G 1035 -32.63 -4.13 68.35
C SER G 1035 -32.33 -2.70 68.75
N TRP G 1036 -33.39 -1.89 68.82
CA TRP G 1036 -33.26 -0.49 69.22
C TRP G 1036 -33.31 -0.37 70.73
N MET H 3 -17.33 -18.83 -25.05
CA MET H 3 -18.23 -19.43 -24.02
C MET H 3 -17.39 -20.29 -23.07
N ALA H 4 -16.78 -19.68 -22.06
CA ALA H 4 -15.97 -20.43 -21.07
C ALA H 4 -16.46 -20.08 -19.66
N SER H 5 -16.52 -18.77 -19.38
CA SER H 5 -17.32 -18.18 -18.27
C SER H 5 -16.81 -18.66 -16.91
N THR H 6 -17.68 -18.69 -15.89
CA THR H 6 -17.30 -19.13 -14.52
C THR H 6 -16.05 -18.37 -14.05
N ARG H 7 -14.85 -18.95 -14.15
CA ARG H 7 -13.63 -18.21 -13.84
C ARG H 7 -13.62 -16.86 -14.56
N CYS H 8 -13.99 -16.87 -15.84
CA CYS H 8 -14.02 -15.64 -16.62
C CYS H 8 -15.14 -14.72 -16.18
N LYS H 9 -16.33 -15.26 -15.87
CA LYS H 9 -17.39 -14.40 -15.33
C LYS H 9 -16.95 -13.74 -14.04
N LEU H 10 -16.40 -14.51 -13.09
CA LEU H 10 -15.90 -13.91 -11.88
C LEU H 10 -14.81 -12.89 -12.10
N ALA H 11 -13.89 -13.16 -13.02
CA ALA H 11 -12.78 -12.21 -13.25
C ALA H 11 -13.34 -10.88 -13.69
N ARG H 12 -14.42 -10.92 -14.50
CA ARG H 12 -15.03 -9.70 -15.01
C ARG H 12 -15.59 -8.84 -13.90
N TYR H 13 -16.29 -9.44 -12.92
CA TYR H 13 -16.75 -8.66 -11.75
C TYR H 13 -15.57 -8.10 -10.95
N LEU H 14 -14.57 -8.94 -10.68
CA LEU H 14 -13.41 -8.46 -9.96
C LEU H 14 -12.70 -7.29 -10.66
N GLU H 15 -12.66 -7.30 -11.99
CA GLU H 15 -12.07 -6.16 -12.75
C GLU H 15 -12.87 -4.84 -12.58
N ASP H 16 -14.10 -4.99 -12.09
CA ASP H 16 -14.95 -3.83 -11.86
C ASP H 16 -14.75 -3.25 -10.47
N LEU H 17 -13.95 -3.92 -9.63
CA LEU H 17 -13.67 -3.36 -8.28
C LEU H 17 -12.72 -2.16 -8.40
N GLU H 18 -13.08 -1.05 -7.78
CA GLU H 18 -12.14 0.03 -7.51
C GLU H 18 -11.01 -0.40 -6.54
N ASP H 19 -9.92 0.36 -6.43
CA ASP H 19 -8.78 -0.09 -5.59
C ASP H 19 -9.15 -0.37 -4.16
N VAL H 20 -9.86 0.57 -3.55
CA VAL H 20 -10.38 0.38 -2.19
C VAL H 20 -11.26 -0.89 -2.03
N ASP H 21 -12.17 -1.08 -2.98
CA ASP H 21 -13.04 -2.28 -3.06
C ASP H 21 -12.18 -3.59 -3.13
N LEU H 22 -11.18 -3.64 -4.04
CA LEU H 22 -10.32 -4.83 -4.19
C LEU H 22 -9.58 -5.17 -2.88
N LYS H 23 -8.99 -4.18 -2.22
CA LYS H 23 -8.30 -4.36 -0.96
C LYS H 23 -9.23 -5.03 0.05
N LYS H 24 -10.44 -4.49 0.14
CA LYS H 24 -11.42 -5.03 1.09
C LYS H 24 -11.90 -6.45 0.66
N PHE H 25 -12.04 -6.66 -0.65
CA PHE H 25 -12.54 -7.97 -1.17
C PHE H 25 -11.46 -8.99 -0.78
N LYS H 26 -10.20 -8.69 -1.06
CA LYS H 26 -9.12 -9.56 -0.70
C LYS H 26 -9.04 -9.82 0.82
N MET H 27 -9.25 -8.80 1.66
CA MET H 27 -9.25 -9.07 3.13
C MET H 27 -10.26 -10.08 3.45
N HIS H 28 -11.41 -9.96 2.82
CA HIS H 28 -12.48 -10.85 3.17
C HIS H 28 -12.18 -12.27 2.77
N LEU H 29 -11.53 -12.42 1.65
CA LEU H 29 -11.10 -13.72 1.23
C LEU H 29 -10.12 -14.37 2.20
N GLU H 30 -9.17 -13.57 2.62
CA GLU H 30 -8.10 -14.00 3.50
C GLU H 30 -8.60 -14.31 4.90
N ASP H 31 -9.64 -13.61 5.26
CA ASP H 31 -10.22 -13.67 6.58
C ASP H 31 -11.66 -14.28 6.58
N TYR H 32 -11.97 -15.10 5.60
CA TYR H 32 -13.34 -15.55 5.42
C TYR H 32 -13.91 -16.29 6.64
N PRO H 33 -15.15 -15.97 7.01
CA PRO H 33 -15.73 -16.42 8.27
C PRO H 33 -15.83 -17.91 8.20
N PRO H 34 -15.47 -18.57 9.31
CA PRO H 34 -14.97 -19.94 9.27
C PRO H 34 -16.01 -21.06 9.37
N GLN H 35 -17.30 -20.70 9.35
CA GLN H 35 -18.35 -21.72 9.43
C GLN H 35 -19.26 -21.66 8.19
N LYS H 36 -18.66 -21.77 6.99
CA LYS H 36 -19.46 -21.92 5.78
C LYS H 36 -19.22 -23.24 5.01
N GLY H 37 -18.17 -23.96 5.35
CA GLY H 37 -17.74 -25.02 4.49
C GLY H 37 -16.78 -24.39 3.49
N CYS H 38 -16.41 -23.11 3.71
CA CYS H 38 -15.42 -22.41 2.83
C CYS H 38 -14.07 -22.25 3.47
N ILE H 39 -13.01 -22.21 2.65
CA ILE H 39 -11.64 -22.18 3.18
C ILE H 39 -11.11 -20.79 2.86
N PRO H 40 -10.58 -20.08 3.88
CA PRO H 40 -9.98 -18.79 3.50
C PRO H 40 -8.76 -18.94 2.58
N LEU H 41 -8.42 -17.87 1.88
CA LEU H 41 -7.29 -17.90 0.93
C LEU H 41 -6.00 -17.36 1.62
N PRO H 42 -4.84 -17.84 1.24
CA PRO H 42 -3.56 -17.36 1.82
C PRO H 42 -3.28 -15.92 1.45
N ARG H 43 -2.68 -15.14 2.36
CA ARG H 43 -2.49 -13.73 2.07
C ARG H 43 -1.50 -13.47 0.95
N GLY H 44 -0.42 -14.24 0.86
CA GLY H 44 0.59 -13.99 -0.19
C GLY H 44 0.03 -14.13 -1.61
N GLN H 45 -0.54 -15.29 -1.85
CA GLN H 45 -1.07 -15.57 -3.20
C GLN H 45 -2.20 -14.61 -3.50
N THR H 46 -3.07 -14.35 -2.51
CA THR H 46 -4.21 -13.42 -2.73
C THR H 46 -3.76 -12.01 -3.07
N GLU H 47 -2.90 -11.44 -2.24
CA GLU H 47 -2.36 -10.08 -2.52
C GLU H 47 -1.68 -10.00 -3.84
N LYS H 48 -0.95 -11.04 -4.22
CA LYS H 48 -0.20 -10.98 -5.44
C LYS H 48 -0.98 -11.14 -6.72
N ALA H 49 -2.15 -11.70 -6.60
CA ALA H 49 -2.93 -12.12 -7.76
C ALA H 49 -3.61 -11.00 -8.51
N ASP H 50 -3.43 -10.96 -9.82
CA ASP H 50 -4.22 -10.05 -10.62
C ASP H 50 -5.68 -10.57 -10.70
N HIS H 51 -6.52 -9.92 -11.46
CA HIS H 51 -7.92 -10.21 -11.40
C HIS H 51 -8.27 -11.60 -11.88
N VAL H 52 -7.75 -12.00 -13.04
CA VAL H 52 -8.05 -13.33 -13.52
C VAL H 52 -7.42 -14.43 -12.64
N ASP H 53 -6.18 -14.19 -12.22
CA ASP H 53 -5.54 -15.12 -11.26
C ASP H 53 -6.27 -15.21 -9.93
N LEU H 54 -6.92 -14.13 -9.47
CA LEU H 54 -7.65 -14.20 -8.21
C LEU H 54 -8.87 -15.10 -8.39
N ALA H 55 -9.54 -15.00 -9.56
CA ALA H 55 -10.71 -15.84 -9.77
C ALA H 55 -10.24 -17.32 -9.77
N THR H 56 -9.14 -17.61 -10.51
CA THR H 56 -8.57 -18.95 -10.56
C THR H 56 -8.21 -19.45 -9.14
N LEU H 57 -7.59 -18.58 -8.32
CA LEU H 57 -7.21 -18.94 -6.96
C LEU H 57 -8.44 -19.27 -6.10
N MET H 58 -9.50 -18.49 -6.26
CA MET H 58 -10.75 -18.75 -5.50
C MET H 58 -11.34 -20.15 -5.85
N ILE H 59 -11.33 -20.49 -7.14
CA ILE H 59 -11.90 -21.79 -7.60
C ILE H 59 -10.97 -22.92 -7.13
N ASP H 60 -9.65 -22.69 -7.19
CA ASP H 60 -8.72 -23.73 -6.82
C ASP H 60 -8.84 -24.08 -5.34
N PHE H 61 -9.12 -23.06 -4.54
CA PHE H 61 -9.21 -23.24 -3.08
C PHE H 61 -10.56 -23.82 -2.67
N ASN H 62 -11.65 -23.43 -3.38
CA ASN H 62 -12.97 -23.79 -2.85
C ASN H 62 -13.89 -24.45 -3.88
N GLY H 63 -13.45 -24.53 -5.15
CA GLY H 63 -14.34 -25.05 -6.17
C GLY H 63 -15.31 -23.98 -6.70
N GLU H 64 -15.98 -24.26 -7.83
CA GLU H 64 -16.72 -23.22 -8.57
C GLU H 64 -17.86 -22.65 -7.77
N GLU H 65 -18.72 -23.54 -7.33
CA GLU H 65 -19.95 -23.10 -6.66
C GLU H 65 -19.68 -22.32 -5.38
N LYS H 66 -18.83 -22.86 -4.50
CA LYS H 66 -18.42 -22.03 -3.33
C LYS H 66 -17.72 -20.70 -3.63
N ALA H 67 -16.86 -20.67 -4.65
CA ALA H 67 -16.14 -19.45 -5.02
C ALA H 67 -17.16 -18.40 -5.41
N TRP H 68 -18.18 -18.82 -6.13
CA TRP H 68 -19.23 -17.88 -6.56
C TRP H 68 -19.98 -17.35 -5.35
N ALA H 69 -20.39 -18.25 -4.47
CA ALA H 69 -21.10 -17.86 -3.22
C ALA H 69 -20.25 -16.87 -2.39
N MET H 70 -18.95 -17.17 -2.24
CA MET H 70 -18.04 -16.27 -1.49
C MET H 70 -18.04 -14.89 -2.17
N ALA H 71 -17.93 -14.85 -3.49
CA ALA H 71 -17.88 -13.58 -4.22
C ALA H 71 -19.15 -12.80 -3.98
N VAL H 72 -20.31 -13.46 -4.07
CA VAL H 72 -21.60 -12.79 -3.81
C VAL H 72 -21.61 -12.24 -2.42
N TRP H 73 -21.22 -13.04 -1.41
CA TRP H 73 -21.31 -12.53 -0.05
C TRP H 73 -20.41 -11.36 0.14
N ILE H 74 -19.21 -11.45 -0.38
CA ILE H 74 -18.27 -10.35 -0.14
C ILE H 74 -18.74 -9.07 -0.86
N PHE H 75 -19.29 -9.21 -2.06
CA PHE H 75 -19.81 -8.03 -2.75
C PHE H 75 -20.81 -7.30 -1.91
N ALA H 76 -21.75 -8.03 -1.32
CA ALA H 76 -22.70 -7.39 -0.39
C ALA H 76 -21.94 -6.71 0.80
N ALA H 77 -20.92 -7.42 1.30
CA ALA H 77 -20.24 -6.99 2.54
C ALA H 77 -19.45 -5.71 2.31
N ILE H 78 -18.94 -5.51 1.12
CA ILE H 78 -18.18 -4.32 0.85
C ILE H 78 -19.00 -3.25 0.12
N ASN H 79 -20.30 -3.50 0.08
CA ASN H 79 -21.30 -2.55 -0.40
C ASN H 79 -21.19 -2.25 -1.88
N ARG H 80 -20.87 -3.29 -2.62
CA ARG H 80 -20.94 -3.23 -4.05
C ARG H 80 -22.21 -3.99 -4.45
N ARG H 81 -23.35 -3.39 -4.16
CA ARG H 81 -24.58 -4.08 -4.40
C ARG H 81 -24.84 -4.27 -5.88
N ASP H 82 -24.26 -3.44 -6.73
CA ASP H 82 -24.38 -3.69 -8.16
C ASP H 82 -23.80 -5.06 -8.55
N LEU H 83 -22.60 -5.36 -8.04
CA LEU H 83 -21.89 -6.61 -8.42
C LEU H 83 -22.61 -7.74 -7.67
N TYR H 84 -23.11 -7.47 -6.46
CA TYR H 84 -23.88 -8.47 -5.73
C TYR H 84 -25.11 -8.91 -6.56
N GLU H 85 -25.86 -7.94 -7.07
CA GLU H 85 -27.05 -8.31 -7.87
C GLU H 85 -26.72 -8.90 -9.26
N LYS H 86 -25.66 -8.39 -9.86
CA LYS H 86 -25.21 -8.96 -11.12
C LYS H 86 -24.73 -10.40 -10.95
N ALA H 87 -23.94 -10.69 -9.92
CA ALA H 87 -23.50 -12.09 -9.75
C ALA H 87 -24.69 -12.99 -9.40
N LYS H 88 -25.66 -12.46 -8.64
CA LYS H 88 -26.83 -13.23 -8.26
C LYS H 88 -27.70 -13.55 -9.45
N ARG H 89 -27.76 -12.63 -10.42
CA ARG H 89 -28.64 -12.83 -11.60
C ARG H 89 -27.89 -13.61 -12.70
N ASP H 90 -26.56 -13.73 -12.59
CA ASP H 90 -25.77 -14.39 -13.66
C ASP H 90 -25.05 -15.61 -13.10
N GLU H 91 -25.70 -16.35 -12.18
CA GLU H 91 -25.10 -17.59 -11.63
C GLU H 91 -25.50 -18.76 -12.54
N PRO H 92 -26.80 -19.08 -12.72
CA PRO H 92 -27.22 -20.12 -13.66
C PRO H 92 -27.52 -19.46 -15.01
N LYS H 93 -26.90 -18.31 -15.28
CA LYS H 93 -27.22 -17.56 -16.54
C LYS H 93 -26.45 -18.15 -17.72
N TRP H 94 -25.42 -18.95 -17.46
CA TRP H 94 -24.70 -19.67 -18.55
C TRP H 94 -25.45 -20.99 -18.75
N GLY H 95 -26.33 -21.33 -17.81
CA GLY H 95 -27.14 -22.55 -17.92
C GLY H 95 -28.07 -22.47 -19.12
N SER H 96 -28.60 -21.28 -19.40
CA SER H 96 -29.47 -21.09 -20.59
C SER H 96 -28.66 -21.44 -21.85
N ASP H 97 -27.40 -21.01 -21.92
CA ASP H 97 -26.53 -21.39 -23.07
C ASP H 97 -25.86 -22.74 -22.77
N ASN H 98 -26.65 -23.80 -22.55
CA ASN H 98 -26.08 -25.17 -22.34
C ASN H 98 -26.88 -26.16 -23.18
N ALA H 99 -26.22 -27.22 -23.68
CA ALA H 99 -26.88 -28.20 -24.57
C ALA H 99 -27.89 -29.05 -23.81
N ARG H 100 -29.02 -29.39 -24.44
CA ARG H 100 -30.04 -30.28 -23.82
C ARG H 100 -29.43 -31.69 -23.65
N VAL H 101 -28.60 -32.12 -24.60
CA VAL H 101 -28.01 -33.51 -24.57
C VAL H 101 -29.16 -34.52 -24.59
N SER H 102 -30.19 -34.26 -25.40
CA SER H 102 -31.32 -35.21 -25.56
C SER H 102 -31.96 -35.54 -24.21
N ASN H 103 -32.15 -36.83 -23.91
CA ASN H 103 -32.83 -37.25 -22.65
C ASN H 103 -31.99 -36.80 -21.45
N PRO H 104 -32.55 -36.21 -20.36
CA PRO H 104 -31.75 -35.87 -19.19
C PRO H 104 -31.20 -37.12 -18.49
N THR H 105 -29.87 -37.28 -18.47
CA THR H 105 -29.24 -38.45 -17.81
C THR H 105 -29.58 -38.42 -16.31
N VAL H 106 -29.49 -37.25 -15.68
CA VAL H 106 -29.89 -37.12 -14.25
C VAL H 106 -31.02 -36.09 -14.14
N ILE H 107 -30.77 -34.85 -14.57
CA ILE H 107 -31.82 -33.78 -14.54
C ILE H 107 -31.51 -32.78 -15.66
N CYS H 108 -32.52 -32.07 -16.15
CA CYS H 108 -32.29 -31.02 -17.19
C CYS H 108 -31.44 -29.90 -16.59
N GLN H 109 -31.69 -29.52 -15.33
CA GLN H 109 -30.94 -28.45 -14.63
C GLN H 109 -31.33 -27.07 -15.17
N GLU H 110 -32.41 -27.00 -15.96
CA GLU H 110 -32.91 -25.71 -16.47
C GLU H 110 -33.39 -24.86 -15.30
N ASP H 111 -34.03 -25.48 -14.31
CA ASP H 111 -34.60 -24.72 -13.16
C ASP H 111 -33.52 -24.45 -12.10
N SER H 112 -32.58 -23.54 -12.39
CA SER H 112 -31.56 -23.16 -11.37
C SER H 112 -31.67 -21.67 -11.04
N ILE H 113 -32.24 -20.86 -11.94
CA ILE H 113 -32.41 -19.39 -11.71
C ILE H 113 -33.41 -19.15 -10.58
N GLU H 114 -34.33 -20.08 -10.36
CA GLU H 114 -35.40 -19.89 -9.34
C GLU H 114 -34.74 -19.64 -7.99
N GLU H 115 -35.25 -18.68 -7.22
CA GLU H 115 -34.60 -18.32 -5.92
C GLU H 115 -34.67 -19.54 -4.99
N GLU H 116 -35.80 -20.26 -5.00
CA GLU H 116 -35.89 -21.50 -4.16
C GLU H 116 -34.87 -22.53 -4.66
N TRP H 117 -34.71 -22.69 -5.99
CA TRP H 117 -33.77 -23.69 -6.55
C TRP H 117 -32.33 -23.22 -6.31
N MET H 118 -32.01 -21.97 -6.65
CA MET H 118 -30.68 -21.42 -6.32
C MET H 118 -30.41 -21.66 -4.84
N GLY H 119 -31.40 -21.44 -3.96
CA GLY H 119 -31.24 -21.69 -2.52
C GLY H 119 -30.98 -23.16 -2.25
N LEU H 120 -31.70 -24.03 -2.96
CA LEU H 120 -31.52 -25.49 -2.78
C LEU H 120 -30.08 -25.85 -3.17
N LEU H 121 -29.56 -25.31 -4.27
CA LEU H 121 -28.17 -25.59 -4.72
C LEU H 121 -27.19 -25.06 -3.68
N GLU H 122 -27.50 -23.89 -3.11
CA GLU H 122 -26.63 -23.31 -2.07
C GLU H 122 -26.56 -24.31 -0.92
N TYR H 123 -27.69 -24.79 -0.41
CA TYR H 123 -27.67 -25.83 0.64
C TYR H 123 -27.01 -27.11 0.11
N LEU H 124 -27.44 -27.61 -1.05
CA LEU H 124 -26.94 -28.91 -1.60
C LEU H 124 -25.43 -29.13 -1.46
N SER H 125 -24.60 -28.29 -2.07
CA SER H 125 -23.15 -28.57 -2.07
C SER H 125 -22.45 -28.01 -0.83
N ARG H 126 -23.18 -27.73 0.25
CA ARG H 126 -22.55 -27.08 1.43
C ARG H 126 -21.75 -28.08 2.25
N ILE H 127 -22.21 -29.32 2.34
CA ILE H 127 -21.60 -30.46 3.10
C ILE H 127 -21.52 -30.03 4.59
N SER H 128 -21.91 -28.79 4.89
CA SER H 128 -21.94 -28.27 6.29
C SER H 128 -23.35 -27.73 6.52
N ILE H 129 -23.78 -26.79 5.66
CA ILE H 129 -25.20 -26.34 5.75
C ILE H 129 -26.03 -27.55 5.27
N CYS H 130 -25.59 -28.21 4.19
CA CYS H 130 -26.27 -29.45 3.73
C CYS H 130 -26.05 -30.51 4.81
N LYS H 131 -24.80 -30.66 5.28
CA LYS H 131 -24.41 -31.75 6.23
C LYS H 131 -25.59 -32.52 6.80
N MET H 132 -26.16 -32.00 7.88
CA MET H 132 -27.26 -32.72 8.56
C MET H 132 -28.21 -31.68 9.12
N LYS H 133 -27.84 -30.40 9.05
CA LYS H 133 -28.72 -29.30 9.53
C LYS H 133 -30.12 -29.51 8.96
N LYS H 134 -30.26 -29.64 7.64
CA LYS H 134 -31.58 -29.80 6.99
C LYS H 134 -32.34 -30.98 7.61
N ASP H 135 -31.70 -32.15 7.71
CA ASP H 135 -32.40 -33.35 8.23
C ASP H 135 -32.86 -33.09 9.68
N TYR H 136 -32.04 -32.41 10.48
CA TYR H 136 -32.46 -32.08 11.87
C TYR H 136 -33.67 -31.14 11.87
N ARG H 137 -33.73 -30.19 10.94
CA ARG H 137 -34.81 -29.15 10.99
C ARG H 137 -36.20 -29.60 10.53
N LYS H 138 -36.51 -29.56 9.23
CA LYS H 138 -37.89 -29.78 8.71
C LYS H 138 -38.63 -30.83 9.56
N LYS H 139 -38.00 -32.00 9.77
CA LYS H 139 -38.68 -33.10 10.51
C LYS H 139 -39.20 -32.58 11.85
N TYR H 140 -38.27 -32.19 12.73
CA TYR H 140 -38.67 -31.75 14.09
C TYR H 140 -39.82 -30.75 13.97
N ARG H 141 -39.65 -29.73 13.12
CA ARG H 141 -40.69 -28.68 13.01
C ARG H 141 -42.06 -29.29 12.72
N LYS H 142 -42.22 -29.94 11.57
CA LYS H 142 -43.60 -30.42 11.21
C LYS H 142 -44.13 -31.35 12.30
N TYR H 143 -43.24 -32.15 12.91
CA TYR H 143 -43.71 -33.13 13.92
C TYR H 143 -44.31 -32.38 15.12
N VAL H 144 -43.52 -31.47 15.70
CA VAL H 144 -44.00 -30.70 16.88
C VAL H 144 -45.27 -29.96 16.46
N ARG H 145 -45.45 -29.71 15.17
CA ARG H 145 -46.62 -28.90 14.71
C ARG H 145 -47.90 -29.72 14.64
N SER H 146 -47.85 -31.00 14.23
CA SER H 146 -49.12 -31.73 14.03
C SER H 146 -49.56 -32.61 15.20
N ARG H 147 -49.73 -32.03 16.39
CA ARG H 147 -50.31 -32.82 17.51
C ARG H 147 -51.31 -31.96 18.29
N PHE H 148 -51.92 -30.93 17.65
CA PHE H 148 -52.77 -29.99 18.41
C PHE H 148 -54.00 -29.45 17.66
N GLN H 149 -54.71 -30.20 16.80
CA GLN H 149 -55.75 -29.73 15.87
C GLN H 149 -56.67 -30.84 15.37
N CYS H 150 -57.52 -30.52 14.38
CA CYS H 150 -58.10 -31.45 13.39
C CYS H 150 -58.87 -32.67 13.94
N ILE H 151 -59.48 -32.52 15.12
CA ILE H 151 -60.50 -33.42 15.66
C ILE H 151 -61.70 -33.52 14.69
N GLU H 152 -62.35 -34.67 14.60
CA GLU H 152 -63.60 -34.86 13.84
C GLU H 152 -64.55 -35.89 14.46
N GLU H 160 -63.28 -28.80 20.13
CA GLU H 160 -63.15 -27.39 19.81
C GLU H 160 -61.71 -27.03 19.46
N SER H 161 -60.78 -27.92 19.82
CA SER H 161 -59.35 -27.70 19.58
C SER H 161 -58.99 -28.02 18.13
N VAL H 162 -59.52 -27.20 17.23
CA VAL H 162 -59.15 -27.28 15.82
C VAL H 162 -58.55 -25.98 15.30
N SER H 163 -58.78 -24.84 15.94
CA SER H 163 -58.09 -23.60 15.65
C SER H 163 -57.53 -23.03 16.94
N LEU H 164 -56.25 -22.66 16.91
CA LEU H 164 -55.57 -22.17 18.10
C LEU H 164 -54.98 -20.80 17.86
N ASN H 165 -54.35 -20.63 16.73
CA ASN H 165 -53.77 -19.30 16.63
C ASN H 165 -54.97 -18.38 16.49
N LYS H 166 -56.05 -18.83 15.85
CA LYS H 166 -57.16 -17.87 15.67
C LYS H 166 -57.60 -17.47 17.07
N ARG H 167 -57.36 -18.35 18.04
CA ARG H 167 -57.72 -18.04 19.44
C ARG H 167 -56.52 -17.49 20.20
N TYR H 168 -55.77 -16.52 19.68
CA TYR H 168 -54.51 -16.00 20.33
C TYR H 168 -54.76 -14.98 21.46
N THR H 169 -55.00 -13.68 21.18
CA THR H 169 -55.29 -12.57 22.17
C THR H 169 -54.11 -11.74 22.70
N ARG H 170 -52.84 -12.06 22.38
CA ARG H 170 -51.74 -11.28 22.99
C ARG H 170 -51.99 -11.13 24.50
N LEU H 171 -52.26 -12.24 25.21
CA LEU H 171 -52.54 -12.30 26.67
C LEU H 171 -51.53 -11.45 27.44
N ARG H 172 -51.99 -10.81 28.53
CA ARG H 172 -51.12 -9.90 29.31
C ARG H 172 -49.84 -10.62 29.73
N LEU H 173 -48.71 -9.89 29.75
CA LEU H 173 -47.42 -10.51 30.16
C LEU H 173 -46.59 -9.46 30.90
N ILE H 174 -46.97 -9.13 32.13
CA ILE H 174 -46.16 -8.18 32.93
C ILE H 174 -45.08 -9.01 33.62
N LYS H 175 -43.84 -8.93 33.12
CA LYS H 175 -42.77 -9.81 33.66
C LYS H 175 -42.19 -9.14 34.92
N GLU H 176 -42.32 -9.83 36.06
CA GLU H 176 -41.86 -9.28 37.37
C GLU H 176 -40.58 -8.47 37.20
N HIS H 177 -40.64 -7.17 37.49
CA HIS H 177 -39.40 -6.37 37.48
C HIS H 177 -38.56 -6.92 38.63
N ARG H 178 -37.23 -6.82 38.57
CA ARG H 178 -36.43 -7.49 39.63
C ARG H 178 -36.97 -7.05 40.99
N SER H 179 -37.25 -8.04 41.85
CA SER H 179 -37.83 -7.73 43.19
C SER H 179 -36.69 -7.24 44.10
N GLN H 180 -36.13 -6.07 43.79
CA GLN H 180 -35.02 -5.53 44.57
C GLN H 180 -33.87 -6.53 44.69
N SER H 198 -40.49 3.98 35.01
CA SER H 198 -40.24 2.54 34.96
C SER H 198 -40.27 2.02 33.54
N PRO H 199 -39.32 1.15 33.20
CA PRO H 199 -39.34 0.53 31.87
C PRO H 199 -40.57 -0.34 31.67
N VAL H 200 -41.06 -0.35 30.43
CA VAL H 200 -42.22 -1.17 30.10
C VAL H 200 -41.80 -2.57 29.67
N SER H 201 -41.12 -2.66 28.52
CA SER H 201 -40.58 -3.89 27.94
C SER H 201 -41.52 -5.08 28.11
N PRO H 202 -42.67 -5.10 27.41
CA PRO H 202 -43.59 -6.24 27.57
C PRO H 202 -42.98 -7.57 27.15
N ILE H 203 -42.04 -7.55 26.21
CA ILE H 203 -41.33 -8.72 25.68
C ILE H 203 -42.24 -9.93 25.55
N LYS H 204 -43.40 -9.75 24.91
CA LYS H 204 -44.38 -10.83 24.82
C LYS H 204 -43.83 -12.04 24.08
N MET H 205 -43.31 -11.86 22.86
CA MET H 205 -42.79 -12.98 22.10
C MET H 205 -41.33 -12.80 21.73
N GLU H 206 -40.99 -11.65 21.13
CA GLU H 206 -39.63 -11.42 20.70
C GLU H 206 -38.72 -11.15 21.90
N LEU H 207 -37.63 -11.91 21.99
CA LEU H 207 -36.59 -11.71 23.00
C LEU H 207 -37.16 -11.73 24.42
N LEU H 208 -38.21 -12.52 24.64
CA LEU H 208 -38.75 -12.66 25.99
C LEU H 208 -37.72 -13.30 26.92
N PHE H 209 -36.94 -14.26 26.41
CA PHE H 209 -35.89 -14.88 27.21
C PHE H 209 -34.69 -13.96 27.35
N ASP H 210 -34.46 -13.08 26.38
CA ASP H 210 -33.27 -12.25 26.34
C ASP H 210 -33.27 -11.25 27.49
N PRO H 211 -32.11 -11.06 28.13
CA PRO H 211 -32.02 -10.05 29.20
C PRO H 211 -31.96 -8.64 28.65
N ASP H 212 -31.74 -7.67 29.54
CA ASP H 212 -31.44 -6.31 29.11
C ASP H 212 -30.00 -6.24 28.65
N ASP H 213 -29.46 -5.02 28.48
CA ASP H 213 -28.08 -4.85 28.04
C ASP H 213 -27.15 -5.72 28.87
N GLU H 214 -26.58 -6.76 28.24
CA GLU H 214 -25.79 -7.76 28.94
C GLU H 214 -26.61 -8.38 30.07
N HIS H 215 -26.43 -7.86 31.29
CA HIS H 215 -27.20 -8.28 32.46
C HIS H 215 -26.92 -9.74 32.80
N SER H 216 -27.53 -10.66 32.05
CA SER H 216 -27.22 -12.08 32.20
C SER H 216 -27.42 -12.79 30.87
N GLU H 217 -26.36 -12.92 30.10
CA GLU H 217 -26.41 -13.59 28.80
C GLU H 217 -26.76 -15.06 28.94
N PRO H 218 -26.11 -15.83 29.85
CA PRO H 218 -26.40 -17.27 29.91
C PRO H 218 -27.63 -17.64 30.73
N VAL H 219 -28.51 -16.67 31.01
CA VAL H 219 -29.71 -16.98 31.76
C VAL H 219 -30.55 -17.97 30.98
N HIS H 220 -31.16 -18.92 31.69
CA HIS H 220 -31.87 -20.02 31.06
C HIS H 220 -33.25 -20.29 31.64
N THR H 221 -33.53 -19.81 32.85
CA THR H 221 -34.77 -20.14 33.55
C THR H 221 -35.74 -18.99 33.47
N VAL H 222 -36.93 -19.24 32.92
CA VAL H 222 -38.05 -18.31 32.98
C VAL H 222 -39.26 -19.08 33.49
N VAL H 223 -40.08 -18.39 34.29
CA VAL H 223 -41.23 -19.02 34.95
C VAL H 223 -42.43 -18.10 34.80
N PHE H 224 -43.60 -18.70 34.62
CA PHE H 224 -44.84 -17.96 34.44
C PHE H 224 -45.76 -18.18 35.63
N GLN H 225 -46.23 -17.09 36.22
CA GLN H 225 -47.11 -17.13 37.37
C GLN H 225 -48.49 -16.70 36.94
N GLY H 226 -49.48 -17.57 37.11
CA GLY H 226 -50.84 -17.25 36.75
C GLY H 226 -51.81 -18.09 37.55
N ALA H 227 -53.00 -17.52 37.77
CA ALA H 227 -54.02 -18.19 38.57
C ALA H 227 -54.48 -19.47 37.88
N ALA H 228 -55.06 -20.37 38.69
CA ALA H 228 -55.51 -21.65 38.15
C ALA H 228 -56.67 -21.45 37.20
N GLY H 229 -56.45 -21.79 35.93
CA GLY H 229 -57.41 -21.58 34.87
C GLY H 229 -57.12 -20.40 33.98
N ILE H 230 -56.00 -19.70 34.18
CA ILE H 230 -55.69 -18.53 33.36
C ILE H 230 -55.49 -18.93 31.90
N GLY H 231 -54.73 -19.98 31.67
CA GLY H 231 -54.42 -20.39 30.31
C GLY H 231 -52.95 -20.63 30.10
N LYS H 232 -52.19 -20.72 31.20
CA LYS H 232 -50.77 -21.00 31.09
C LYS H 232 -50.53 -22.33 30.38
N THR H 233 -51.42 -23.31 30.56
CA THR H 233 -51.35 -24.53 29.76
C THR H 233 -51.63 -24.21 28.29
N ILE H 234 -52.58 -23.32 28.03
CA ILE H 234 -52.89 -22.94 26.65
C ILE H 234 -51.73 -22.19 26.03
N LEU H 235 -51.08 -21.31 26.81
CA LEU H 235 -50.03 -20.45 26.26
C LEU H 235 -48.89 -21.28 25.69
N ALA H 236 -48.48 -22.32 26.41
CA ALA H 236 -47.39 -23.17 25.94
C ALA H 236 -47.74 -23.83 24.60
N ARG H 237 -48.97 -24.32 24.49
CA ARG H 237 -49.41 -24.89 23.22
C ARG H 237 -49.38 -23.86 22.11
N LYS H 238 -49.79 -22.64 22.44
CA LYS H 238 -49.75 -21.53 21.45
C LYS H 238 -48.29 -21.17 21.18
N MET H 239 -47.49 -20.98 22.23
CA MET H 239 -46.09 -20.60 22.05
C MET H 239 -45.34 -21.63 21.22
N MET H 240 -45.63 -22.92 21.43
CA MET H 240 -45.12 -23.94 20.53
C MET H 240 -45.64 -23.71 19.12
N LEU H 241 -46.96 -23.57 18.98
CA LEU H 241 -47.56 -23.44 17.65
C LEU H 241 -47.00 -22.26 16.90
N ASP H 242 -46.72 -21.16 17.59
CA ASP H 242 -46.11 -20.00 16.96
C ASP H 242 -44.76 -20.40 16.38
N TRP H 243 -43.81 -20.74 17.24
CA TRP H 243 -42.45 -21.01 16.80
C TRP H 243 -42.33 -22.33 16.05
N ALA H 244 -43.35 -23.21 16.09
CA ALA H 244 -43.27 -24.46 15.34
C ALA H 244 -43.38 -24.25 13.84
N SER H 245 -43.42 -23.00 13.39
CA SER H 245 -43.30 -22.66 11.98
C SER H 245 -42.27 -21.56 11.77
N GLY H 246 -41.36 -21.37 12.73
CA GLY H 246 -40.44 -20.25 12.68
C GLY H 246 -41.19 -18.98 13.02
N THR H 247 -42.07 -18.56 12.12
CA THR H 247 -43.04 -17.51 12.34
C THR H 247 -42.44 -16.23 12.91
N LEU H 248 -41.20 -15.92 12.52
CA LEU H 248 -40.48 -14.75 13.03
C LEU H 248 -40.36 -14.79 14.55
N TYR H 249 -40.44 -15.99 15.11
CA TYR H 249 -40.14 -16.20 16.53
C TYR H 249 -38.63 -16.35 16.68
N GLN H 250 -38.16 -16.86 17.80
CA GLN H 250 -36.73 -16.93 18.06
C GLN H 250 -36.07 -17.93 17.13
N ASP H 251 -36.00 -17.58 15.84
CA ASP H 251 -35.30 -18.42 14.87
C ASP H 251 -33.81 -18.52 15.18
N ARG H 252 -33.26 -17.58 15.94
CA ARG H 252 -31.90 -17.69 16.45
C ARG H 252 -31.79 -18.70 17.58
N PHE H 253 -32.88 -19.41 17.86
CA PHE H 253 -32.89 -20.50 18.81
C PHE H 253 -33.37 -21.75 18.07
N ASP H 254 -32.69 -22.87 18.31
CA ASP H 254 -32.84 -24.04 17.44
C ASP H 254 -34.01 -24.94 17.81
N TYR H 255 -34.08 -25.37 19.08
CA TYR H 255 -35.08 -26.39 19.46
C TYR H 255 -35.92 -26.03 20.68
N LEU H 256 -37.17 -26.49 20.71
CA LEU H 256 -38.09 -26.32 21.82
C LEU H 256 -38.64 -27.68 22.21
N PHE H 257 -38.82 -27.91 23.51
CA PHE H 257 -39.24 -29.22 24.02
C PHE H 257 -40.46 -29.04 24.92
N TYR H 258 -41.62 -29.49 24.44
CA TYR H 258 -42.84 -29.42 25.23
C TYR H 258 -42.96 -30.66 26.11
N ILE H 259 -43.22 -30.43 27.40
CA ILE H 259 -43.43 -31.55 28.31
C ILE H 259 -44.49 -31.16 29.33
N HIS H 260 -45.65 -31.80 29.26
CA HIS H 260 -46.68 -31.62 30.28
C HIS H 260 -46.63 -32.81 31.23
N CYS H 261 -46.69 -32.52 32.52
CA CYS H 261 -46.41 -33.53 33.54
C CYS H 261 -47.61 -34.42 33.84
N ARG H 262 -48.60 -34.49 32.95
CA ARG H 262 -49.66 -35.47 33.12
C ARG H 262 -49.11 -36.88 33.02
N GLU H 263 -48.30 -37.15 32.00
CA GLU H 263 -47.69 -38.47 31.84
C GLU H 263 -46.56 -38.68 32.83
N VAL H 264 -45.80 -37.63 33.13
CA VAL H 264 -44.67 -37.76 34.04
C VAL H 264 -45.17 -38.05 35.44
N SER H 265 -44.56 -39.05 36.09
CA SER H 265 -44.95 -39.43 37.43
C SER H 265 -43.70 -39.89 38.19
N LEU H 266 -43.89 -40.19 39.46
CA LEU H 266 -42.80 -40.66 40.29
C LEU H 266 -42.40 -42.08 39.90
N VAL H 267 -41.22 -42.48 40.38
CA VAL H 267 -40.68 -43.84 40.28
C VAL H 267 -40.65 -44.35 38.84
N THR H 268 -40.86 -43.45 37.88
CA THR H 268 -40.84 -43.86 36.48
C THR H 268 -39.51 -44.45 36.06
N GLN H 269 -38.41 -44.00 36.67
CA GLN H 269 -37.07 -44.51 36.38
C GLN H 269 -36.77 -44.43 34.88
N ARG H 270 -37.12 -43.31 34.26
CA ARG H 270 -36.95 -43.10 32.83
C ARG H 270 -35.94 -41.99 32.59
N SER H 271 -35.15 -42.16 31.55
CA SER H 271 -34.08 -41.22 31.24
C SER H 271 -34.63 -40.01 30.49
N LEU H 272 -33.77 -38.99 30.37
CA LEU H 272 -34.14 -37.80 29.61
C LEU H 272 -34.42 -38.16 28.16
N GLY H 273 -33.61 -39.06 27.59
CA GLY H 273 -33.90 -39.54 26.25
C GLY H 273 -35.26 -40.21 26.17
N ASP H 274 -35.60 -41.00 27.18
CA ASP H 274 -36.96 -41.53 27.26
C ASP H 274 -37.98 -40.41 27.40
N LEU H 275 -37.65 -39.41 28.21
CA LEU H 275 -38.48 -38.22 28.29
C LEU H 275 -38.51 -37.49 26.96
N ILE H 276 -37.35 -37.37 26.31
CA ILE H 276 -37.28 -36.69 25.02
C ILE H 276 -38.06 -37.46 23.96
N MET H 277 -37.85 -38.77 23.88
CA MET H 277 -38.56 -39.58 22.90
C MET H 277 -40.06 -39.64 23.18
N SER H 278 -40.49 -39.24 24.37
CA SER H 278 -41.92 -39.13 24.63
C SER H 278 -42.56 -38.06 23.75
N CYS H 279 -41.87 -36.94 23.54
CA CYS H 279 -42.41 -35.89 22.69
C CYS H 279 -42.54 -36.37 21.25
N CYS H 280 -41.46 -36.94 20.70
CA CYS H 280 -41.45 -37.47 19.34
C CYS H 280 -40.87 -38.87 19.36
N PRO H 281 -41.72 -39.90 19.35
CA PRO H 281 -41.21 -41.28 19.41
C PRO H 281 -40.51 -41.69 18.13
N ASP H 282 -39.24 -41.30 17.98
CA ASP H 282 -38.50 -41.65 16.78
C ASP H 282 -38.10 -43.12 16.83
N PRO H 283 -38.44 -43.90 15.80
CA PRO H 283 -37.96 -45.29 15.75
C PRO H 283 -36.45 -45.39 15.75
N ASN H 284 -35.75 -44.36 15.28
CA ASN H 284 -34.29 -44.28 15.36
C ASN H 284 -33.93 -42.98 16.05
N PRO H 285 -33.98 -42.96 17.38
CA PRO H 285 -33.74 -41.73 18.14
C PRO H 285 -32.38 -41.14 17.84
N PRO H 286 -32.33 -39.91 17.32
CA PRO H 286 -31.05 -39.28 16.98
C PRO H 286 -30.43 -38.56 18.17
N ILE H 287 -30.84 -38.95 19.38
CA ILE H 287 -30.52 -38.21 20.60
C ILE H 287 -29.04 -37.87 20.70
N HIS H 288 -28.17 -38.71 20.16
CA HIS H 288 -26.74 -38.43 20.16
C HIS H 288 -26.47 -37.11 19.46
N LYS H 289 -27.24 -36.83 18.41
CA LYS H 289 -27.24 -35.52 17.77
C LYS H 289 -28.15 -34.52 18.46
N ILE H 290 -29.07 -35.00 19.29
CA ILE H 290 -29.86 -34.04 20.11
C ILE H 290 -28.90 -33.62 21.23
N VAL H 291 -27.98 -34.51 21.59
CA VAL H 291 -26.96 -34.10 22.54
C VAL H 291 -25.96 -33.30 21.74
N ARG H 292 -26.27 -32.02 21.56
CA ARG H 292 -25.50 -31.08 20.77
C ARG H 292 -25.94 -29.68 21.17
N LYS H 293 -24.98 -28.77 21.24
CA LYS H 293 -25.20 -27.35 21.47
C LYS H 293 -26.16 -27.10 22.64
N PRO H 294 -25.71 -27.29 23.87
CA PRO H 294 -26.53 -26.88 25.02
C PRO H 294 -26.76 -25.38 25.00
N SER H 295 -27.90 -24.98 25.57
CA SER H 295 -28.42 -23.60 25.55
C SER H 295 -28.96 -23.24 24.19
N ARG H 296 -28.75 -24.11 23.20
CA ARG H 296 -29.42 -23.98 21.91
C ARG H 296 -30.73 -24.75 21.89
N ILE H 297 -31.05 -25.46 22.96
CA ILE H 297 -32.26 -26.26 23.08
C ILE H 297 -33.02 -25.78 24.32
N LEU H 298 -34.35 -25.74 24.21
CA LEU H 298 -35.19 -25.22 25.28
C LEU H 298 -36.24 -26.26 25.67
N PHE H 299 -36.36 -26.51 26.97
CA PHE H 299 -37.39 -27.38 27.52
C PHE H 299 -38.55 -26.52 27.99
N LEU H 300 -39.75 -26.80 27.47
CA LEU H 300 -40.95 -26.09 27.90
C LEU H 300 -41.68 -26.97 28.92
N MET H 301 -41.23 -26.92 30.17
CA MET H 301 -41.89 -27.70 31.26
C MET H 301 -43.26 -27.08 31.54
N ASP H 302 -44.28 -27.89 31.83
CA ASP H 302 -45.64 -27.32 31.99
C ASP H 302 -46.30 -27.76 33.30
N GLY H 303 -46.81 -26.80 34.08
CA GLY H 303 -47.55 -27.08 35.33
C GLY H 303 -46.79 -27.80 36.41
N PHE H 304 -46.28 -27.07 37.41
CA PHE H 304 -45.66 -27.74 38.59
C PHE H 304 -46.81 -28.36 39.38
N ASP H 305 -48.00 -27.75 39.29
CA ASP H 305 -49.20 -28.27 39.99
C ASP H 305 -49.51 -29.67 39.45
N GLU H 306 -49.28 -29.89 38.15
CA GLU H 306 -49.56 -31.21 37.53
C GLU H 306 -48.71 -32.27 38.23
N LEU H 307 -47.49 -31.94 38.64
CA LEU H 307 -46.68 -32.91 39.42
C LEU H 307 -47.52 -33.42 40.60
N GLN H 308 -47.83 -34.72 40.62
CA GLN H 308 -48.61 -35.33 41.68
C GLN H 308 -47.74 -36.29 42.47
N GLY H 309 -47.76 -36.14 43.79
CA GLY H 309 -46.98 -36.95 44.69
C GLY H 309 -46.05 -36.10 45.54
N ALA H 310 -45.36 -36.77 46.45
CA ALA H 310 -44.40 -36.09 47.31
C ALA H 310 -43.17 -35.68 46.50
N PHE H 311 -42.57 -34.56 46.90
CA PHE H 311 -41.38 -34.05 46.21
C PHE H 311 -40.58 -33.20 47.18
N ASP H 312 -39.40 -33.70 47.56
CA ASP H 312 -38.47 -32.92 48.38
C ASP H 312 -37.72 -31.96 47.47
N GLU H 313 -37.85 -30.66 47.73
CA GLU H 313 -37.13 -29.67 46.96
C GLU H 313 -35.62 -29.78 47.14
N HIS H 314 -35.17 -30.47 48.19
CA HIS H 314 -33.74 -30.70 48.39
C HIS H 314 -33.48 -32.17 48.71
N ILE H 315 -34.02 -33.06 47.89
CA ILE H 315 -33.85 -34.50 48.03
C ILE H 315 -32.35 -34.83 48.08
N GLY H 316 -32.00 -35.85 48.87
CA GLY H 316 -30.62 -36.20 49.10
C GLY H 316 -29.85 -36.60 47.86
N PRO H 317 -30.22 -37.73 47.24
CA PRO H 317 -29.48 -38.21 46.08
C PRO H 317 -29.47 -37.19 44.95
N LEU H 318 -28.33 -37.11 44.27
CA LEU H 318 -28.09 -36.10 43.24
C LEU H 318 -27.89 -36.78 41.90
N CYS H 319 -28.32 -36.11 40.83
CA CYS H 319 -28.29 -36.67 39.48
C CYS H 319 -27.53 -35.75 38.54
N THR H 320 -26.64 -36.34 37.74
CA THR H 320 -25.88 -35.59 36.76
C THR H 320 -25.81 -36.34 35.44
N ASP H 321 -26.17 -37.63 35.46
CA ASP H 321 -26.13 -38.44 34.25
C ASP H 321 -27.34 -38.14 33.38
N TRP H 322 -27.09 -37.86 32.09
CA TRP H 322 -28.18 -37.54 31.19
C TRP H 322 -28.93 -38.79 30.75
N GLN H 323 -28.22 -39.89 30.52
CA GLN H 323 -28.83 -41.07 29.92
C GLN H 323 -29.25 -42.11 30.94
N LYS H 324 -28.85 -41.95 32.20
CA LYS H 324 -29.19 -42.94 33.22
C LYS H 324 -30.69 -42.96 33.49
N ALA H 325 -31.24 -44.15 33.66
CA ALA H 325 -32.64 -44.31 34.03
C ALA H 325 -32.83 -43.89 35.48
N GLU H 326 -33.17 -42.62 35.70
CA GLU H 326 -33.28 -42.06 37.03
C GLU H 326 -34.74 -41.81 37.38
N ARG H 327 -35.00 -41.62 38.67
CA ARG H 327 -36.35 -41.39 39.16
C ARG H 327 -36.95 -40.14 38.52
N GLY H 328 -38.27 -40.16 38.34
CA GLY H 328 -38.93 -39.07 37.64
C GLY H 328 -38.73 -37.73 38.31
N ASP H 329 -38.94 -37.67 39.63
CA ASP H 329 -38.68 -36.43 40.34
C ASP H 329 -37.19 -36.10 40.38
N ILE H 330 -36.34 -37.13 40.50
CA ILE H 330 -34.91 -36.92 40.49
C ILE H 330 -34.46 -36.35 39.15
N LEU H 331 -34.99 -36.90 38.05
CA LEU H 331 -34.67 -36.37 36.74
C LEU H 331 -35.05 -34.90 36.64
N LEU H 332 -36.25 -34.56 37.09
CA LEU H 332 -36.66 -33.16 37.14
C LEU H 332 -35.76 -32.37 38.09
N SER H 333 -35.40 -32.98 39.22
CA SER H 333 -34.56 -32.30 40.20
C SER H 333 -33.27 -31.82 39.57
N SER H 334 -32.58 -32.71 38.86
CA SER H 334 -31.37 -32.29 38.14
C SER H 334 -31.72 -31.28 37.07
N LEU H 335 -32.79 -31.52 36.33
CA LEU H 335 -33.19 -30.60 35.26
C LEU H 335 -33.58 -29.23 35.83
N ILE H 336 -34.33 -29.22 36.93
CA ILE H 336 -34.69 -27.94 37.56
C ILE H 336 -33.45 -27.23 38.05
N ARG H 337 -32.55 -27.96 38.72
CA ARG H 337 -31.28 -27.37 39.13
C ARG H 337 -30.33 -27.15 37.96
N LYS H 338 -30.61 -27.75 36.80
CA LYS H 338 -29.80 -27.61 35.60
C LYS H 338 -28.38 -28.10 35.81
N LYS H 339 -28.14 -28.82 36.91
CA LYS H 339 -26.83 -29.44 37.10
C LYS H 339 -26.54 -30.43 35.98
N LEU H 340 -27.53 -31.23 35.61
CA LEU H 340 -27.50 -31.92 34.33
C LEU H 340 -27.89 -30.93 33.23
N LEU H 341 -27.21 -31.02 32.08
CA LEU H 341 -27.41 -30.08 30.99
C LEU H 341 -27.24 -28.66 31.51
N PRO H 342 -26.01 -28.25 31.82
CA PRO H 342 -25.82 -26.98 32.55
C PRO H 342 -26.29 -25.76 31.79
N GLU H 343 -26.47 -25.84 30.47
CA GLU H 343 -26.82 -24.69 29.66
C GLU H 343 -28.27 -24.73 29.19
N ALA H 344 -28.99 -25.82 29.45
CA ALA H 344 -30.33 -25.98 28.92
C ALA H 344 -31.27 -24.90 29.44
N SER H 345 -31.99 -24.26 28.53
CA SER H 345 -32.98 -23.27 28.92
C SER H 345 -34.25 -23.96 29.40
N LEU H 346 -35.02 -23.25 30.22
CA LEU H 346 -36.21 -23.83 30.82
C LEU H 346 -37.32 -22.80 30.93
N LEU H 347 -38.54 -23.29 30.68
CA LEU H 347 -39.73 -22.43 30.82
C LEU H 347 -40.68 -23.24 31.71
N ILE H 348 -41.15 -22.68 32.83
CA ILE H 348 -41.98 -23.48 33.78
C ILE H 348 -43.25 -22.72 34.11
N THR H 349 -44.39 -23.15 33.58
CA THR H 349 -45.66 -22.52 34.02
C THR H 349 -45.88 -23.03 35.44
N THR H 350 -46.15 -22.14 36.40
CA THR H 350 -46.25 -22.59 37.82
C THR H 350 -47.47 -21.97 38.47
N ARG H 351 -48.07 -22.67 39.44
CA ARG H 351 -49.20 -22.07 40.19
C ARG H 351 -48.60 -21.16 41.28
N PRO H 352 -49.01 -19.87 41.45
CA PRO H 352 -48.39 -19.01 42.48
C PRO H 352 -48.25 -19.66 43.84
N VAL H 353 -49.21 -20.49 44.24
CA VAL H 353 -49.15 -21.09 45.57
C VAL H 353 -48.01 -22.09 45.69
N ALA H 354 -47.59 -22.69 44.58
CA ALA H 354 -46.53 -23.68 44.57
C ALA H 354 -45.15 -23.07 44.30
N LEU H 355 -45.06 -21.74 44.25
CA LEU H 355 -43.79 -21.09 43.89
C LEU H 355 -42.70 -21.38 44.91
N GLU H 356 -43.04 -21.36 46.21
CA GLU H 356 -42.01 -21.41 47.25
C GLU H 356 -41.16 -22.67 47.16
N LYS H 357 -41.74 -23.76 46.63
CA LYS H 357 -40.98 -24.99 46.46
C LYS H 357 -39.87 -24.80 45.42
N LEU H 358 -40.24 -24.29 44.24
CA LEU H 358 -39.25 -24.10 43.19
C LEU H 358 -38.38 -22.89 43.44
N GLN H 359 -38.95 -21.82 44.01
CA GLN H 359 -38.17 -20.63 44.30
C GLN H 359 -37.05 -20.92 45.28
N HIS H 360 -37.32 -21.70 46.33
CA HIS H 360 -36.24 -22.17 47.18
C HIS H 360 -35.33 -23.14 46.44
N LEU H 361 -35.88 -23.86 45.47
CA LEU H 361 -35.08 -24.85 44.74
C LEU H 361 -34.12 -24.19 43.76
N LEU H 362 -34.56 -23.13 43.07
CA LEU H 362 -33.82 -22.61 41.95
C LEU H 362 -33.65 -21.10 42.07
N ASP H 363 -32.53 -20.59 41.54
CA ASP H 363 -32.16 -19.19 41.63
C ASP H 363 -32.44 -18.48 40.31
N HIS H 364 -32.35 -17.14 40.34
CA HIS H 364 -32.53 -16.20 39.23
C HIS H 364 -33.68 -16.58 38.31
N PRO H 365 -34.90 -16.72 38.84
CA PRO H 365 -36.02 -17.14 37.98
C PRO H 365 -36.70 -15.93 37.36
N ARG H 366 -36.88 -15.97 36.05
CA ARG H 366 -37.57 -14.89 35.35
C ARG H 366 -39.07 -15.02 35.59
N HIS H 367 -39.55 -14.49 36.71
CA HIS H 367 -40.98 -14.54 37.01
C HIS H 367 -41.77 -13.72 36.00
N VAL H 368 -42.86 -14.30 35.52
CA VAL H 368 -43.71 -13.60 34.55
C VAL H 368 -45.17 -13.70 34.98
N GLU H 369 -45.73 -12.59 35.44
CA GLU H 369 -47.14 -12.55 35.77
C GLU H 369 -47.98 -12.49 34.50
N ILE H 370 -48.94 -13.41 34.39
CA ILE H 370 -49.84 -13.48 33.24
C ILE H 370 -51.26 -13.23 33.73
N LEU H 371 -52.00 -12.40 33.01
CA LEU H 371 -53.34 -11.99 33.41
C LEU H 371 -54.35 -12.38 32.34
N GLY H 372 -55.61 -12.48 32.75
CA GLY H 372 -56.68 -12.83 31.85
C GLY H 372 -57.16 -11.63 31.03
N PHE H 373 -58.26 -11.86 30.32
CA PHE H 373 -58.79 -10.86 29.41
C PHE H 373 -59.40 -9.68 30.18
N SER H 374 -59.34 -8.50 29.57
CA SER H 374 -59.98 -7.33 30.15
C SER H 374 -61.46 -7.29 29.79
N GLU H 375 -62.08 -6.14 30.04
CA GLU H 375 -63.48 -5.95 29.68
C GLU H 375 -63.68 -6.12 28.17
N ALA H 376 -63.02 -5.27 27.37
CA ALA H 376 -63.16 -5.36 25.93
C ALA H 376 -62.63 -6.68 25.39
N LYS H 377 -61.50 -7.15 25.93
CA LYS H 377 -60.95 -8.42 25.47
C LYS H 377 -61.92 -9.56 25.69
N ARG H 378 -62.71 -9.52 26.79
CA ARG H 378 -63.70 -10.55 27.04
C ARG H 378 -64.73 -10.60 25.91
N LYS H 379 -65.19 -9.43 25.44
CA LYS H 379 -66.03 -9.38 24.27
C LYS H 379 -65.28 -9.91 23.05
N GLU H 380 -64.01 -9.52 22.92
CA GLU H 380 -63.21 -9.98 21.79
C GLU H 380 -63.01 -11.49 21.82
N TYR H 381 -63.06 -12.10 23.01
CA TYR H 381 -63.06 -13.55 23.07
C TYR H 381 -64.33 -14.12 22.45
N PHE H 382 -65.48 -13.51 22.76
CA PHE H 382 -66.73 -13.93 22.13
C PHE H 382 -66.70 -13.70 20.63
N PHE H 383 -65.92 -12.71 20.18
CA PHE H 383 -65.69 -12.57 18.75
C PHE H 383 -65.03 -13.82 18.18
N LYS H 384 -64.04 -14.37 18.90
CA LYS H 384 -63.46 -15.65 18.49
C LYS H 384 -64.46 -16.78 18.63
N TYR H 385 -65.25 -16.76 19.71
CA TYR H 385 -66.06 -17.93 20.06
C TYR H 385 -67.35 -17.98 19.25
N PHE H 386 -68.22 -17.00 19.44
CA PHE H 386 -69.56 -17.10 18.89
C PHE H 386 -69.58 -16.91 17.39
N SER H 387 -70.66 -17.40 16.77
CA SER H 387 -70.83 -17.36 15.33
C SER H 387 -71.90 -16.37 14.88
N ASP H 388 -72.63 -15.76 15.81
CA ASP H 388 -73.67 -14.80 15.44
C ASP H 388 -73.81 -13.75 16.54
N GLU H 389 -74.09 -12.52 16.11
CA GLU H 389 -74.24 -11.43 17.06
C GLU H 389 -75.42 -11.66 17.98
N ALA H 390 -76.57 -12.10 17.44
CA ALA H 390 -77.70 -12.44 18.30
C ALA H 390 -77.31 -13.47 19.34
N GLN H 391 -76.36 -14.33 19.01
CA GLN H 391 -75.76 -15.19 20.02
C GLN H 391 -74.72 -14.42 20.84
N ALA H 392 -73.80 -13.72 20.15
CA ALA H 392 -72.71 -13.06 20.85
C ALA H 392 -73.18 -11.79 21.55
N ARG H 393 -73.69 -10.83 20.78
CA ARG H 393 -73.96 -9.50 21.33
C ARG H 393 -75.02 -9.55 22.43
N ALA H 394 -76.07 -10.34 22.24
CA ALA H 394 -77.12 -10.41 23.25
C ALA H 394 -76.60 -11.02 24.55
N ALA H 395 -75.90 -12.16 24.44
CA ALA H 395 -75.39 -12.83 25.64
C ALA H 395 -74.35 -11.97 26.34
N PHE H 396 -73.46 -11.35 25.57
CA PHE H 396 -72.44 -10.49 26.17
C PHE H 396 -73.06 -9.31 26.88
N SER H 397 -74.13 -8.75 26.31
CA SER H 397 -74.82 -7.64 26.95
C SER H 397 -75.32 -8.01 28.34
N LEU H 398 -75.64 -9.29 28.55
CA LEU H 398 -76.05 -9.74 29.87
C LEU H 398 -74.92 -9.61 30.87
N ILE H 399 -73.67 -9.78 30.42
CA ILE H 399 -72.53 -9.73 31.32
C ILE H 399 -72.35 -8.32 31.89
N GLN H 400 -72.55 -7.30 31.05
CA GLN H 400 -72.36 -5.93 31.52
C GLN H 400 -73.34 -5.59 32.63
N GLU H 401 -74.60 -5.98 32.47
CA GLU H 401 -75.58 -5.75 33.53
C GLU H 401 -75.22 -6.55 34.78
N ASN H 402 -74.78 -7.78 34.61
CA ASN H 402 -74.34 -8.62 35.73
C ASN H 402 -72.86 -8.34 36.00
N GLU H 403 -72.61 -7.15 36.55
CA GLU H 403 -71.24 -6.72 36.78
C GLU H 403 -70.51 -7.63 37.75
N VAL H 404 -71.23 -8.24 38.69
CA VAL H 404 -70.61 -9.20 39.59
C VAL H 404 -70.07 -10.38 38.80
N LEU H 405 -70.83 -10.85 37.81
CA LEU H 405 -70.30 -11.83 36.88
C LEU H 405 -69.19 -11.22 36.02
N PHE H 406 -69.36 -9.94 35.62
CA PHE H 406 -68.39 -9.32 34.74
C PHE H 406 -67.02 -9.23 35.39
N THR H 407 -66.96 -8.70 36.62
CA THR H 407 -65.69 -8.71 37.33
C THR H 407 -65.21 -10.13 37.58
N MET H 408 -66.16 -11.07 37.65
CA MET H 408 -65.78 -12.47 37.74
C MET H 408 -65.35 -13.01 36.38
N CYS H 409 -65.67 -12.30 35.30
CA CYS H 409 -65.29 -12.76 33.97
C CYS H 409 -63.83 -12.43 33.69
N PHE H 410 -62.96 -12.80 34.62
CA PHE H 410 -61.52 -12.81 34.42
C PHE H 410 -61.11 -14.27 34.32
N ILE H 411 -59.82 -14.55 34.18
CA ILE H 411 -59.33 -15.93 34.16
C ILE H 411 -60.09 -16.69 33.06
N PRO H 412 -59.73 -16.51 31.79
CA PRO H 412 -60.62 -16.86 30.67
C PRO H 412 -61.32 -18.22 30.74
N LEU H 413 -60.85 -19.13 31.58
CA LEU H 413 -61.53 -20.42 31.71
C LEU H 413 -62.99 -20.23 32.11
N VAL H 414 -63.25 -19.28 33.01
CA VAL H 414 -64.63 -19.03 33.42
C VAL H 414 -65.44 -18.48 32.26
N CYS H 415 -64.81 -17.68 31.39
CA CYS H 415 -65.50 -17.20 30.21
C CYS H 415 -65.85 -18.34 29.26
N TRP H 416 -64.97 -19.33 29.17
CA TRP H 416 -65.29 -20.54 28.42
C TRP H 416 -66.53 -21.21 28.99
N ILE H 417 -66.63 -21.29 30.32
CA ILE H 417 -67.83 -21.85 30.94
C ILE H 417 -69.04 -20.98 30.62
N VAL H 418 -68.86 -19.66 30.65
CA VAL H 418 -69.98 -18.74 30.43
C VAL H 418 -70.54 -18.93 29.03
N CYS H 419 -69.69 -18.87 28.01
CA CYS H 419 -70.17 -18.93 26.64
C CYS H 419 -70.75 -20.29 26.30
N THR H 420 -70.05 -21.36 26.69
CA THR H 420 -70.53 -22.71 26.37
C THR H 420 -71.85 -23.01 27.06
N GLY H 421 -71.94 -22.70 28.34
CA GLY H 421 -73.18 -22.98 29.07
C GLY H 421 -74.35 -22.21 28.51
N LEU H 422 -74.15 -20.93 28.24
CA LEU H 422 -75.22 -20.12 27.64
C LEU H 422 -75.57 -20.62 26.25
N LYS H 423 -74.57 -21.04 25.47
CA LYS H 423 -74.82 -21.59 24.15
C LYS H 423 -75.79 -22.76 24.23
N GLN H 424 -75.54 -23.68 25.15
CA GLN H 424 -76.43 -24.82 25.31
C GLN H 424 -77.82 -24.39 25.76
N GLN H 425 -77.88 -23.37 26.62
CA GLN H 425 -79.19 -22.85 27.04
C GLN H 425 -79.96 -22.31 25.85
N MET H 426 -79.27 -21.67 24.90
CA MET H 426 -79.93 -21.20 23.70
C MET H 426 -80.44 -22.35 22.84
N GLU H 427 -79.80 -23.52 22.92
CA GLU H 427 -80.33 -24.68 22.23
C GLU H 427 -81.65 -25.14 22.81
N SER H 428 -82.00 -24.68 24.01
CA SER H 428 -83.25 -25.05 24.66
C SER H 428 -84.11 -23.87 25.06
N GLY H 429 -83.53 -22.73 25.37
CA GLY H 429 -84.32 -21.60 25.84
C GLY H 429 -83.57 -20.29 25.76
N LYS H 430 -84.04 -19.34 26.57
CA LYS H 430 -83.48 -18.00 26.64
C LYS H 430 -82.77 -17.81 27.97
N SER H 431 -81.70 -17.02 27.96
CA SER H 431 -80.89 -16.82 29.15
C SER H 431 -81.64 -15.98 30.18
N LEU H 432 -81.04 -15.87 31.36
CA LEU H 432 -81.62 -15.13 32.48
C LEU H 432 -80.48 -14.41 33.19
N ALA H 433 -80.74 -13.98 34.43
CA ALA H 433 -79.72 -13.32 35.24
C ALA H 433 -78.58 -14.27 35.54
N GLN H 434 -78.80 -15.57 35.31
CA GLN H 434 -77.78 -16.60 35.33
C GLN H 434 -77.33 -16.94 36.75
N THR H 435 -77.78 -16.16 37.73
CA THR H 435 -77.57 -16.43 39.16
C THR H 435 -76.10 -16.69 39.49
N SER H 436 -75.19 -16.32 38.59
CA SER H 436 -73.77 -16.62 38.74
C SER H 436 -73.04 -15.49 39.47
N LYS H 437 -73.46 -15.24 40.70
CA LYS H 437 -72.85 -14.22 41.54
C LYS H 437 -71.50 -14.66 42.12
N THR H 438 -71.20 -15.96 42.09
CA THR H 438 -69.95 -16.47 42.63
C THR H 438 -69.35 -17.46 41.64
N THR H 439 -68.09 -17.82 41.89
CA THR H 439 -67.42 -18.80 41.03
C THR H 439 -68.15 -20.14 41.06
N THR H 440 -68.55 -20.58 42.25
CA THR H 440 -69.30 -21.83 42.36
C THR H 440 -70.61 -21.75 41.61
N ALA H 441 -71.31 -20.61 41.72
CA ALA H 441 -72.56 -20.43 41.01
C ALA H 441 -72.37 -20.60 39.51
N VAL H 442 -71.20 -20.21 38.99
CA VAL H 442 -70.89 -20.47 37.60
C VAL H 442 -70.83 -21.97 37.33
N TYR H 443 -70.17 -22.71 38.22
CA TYR H 443 -70.02 -24.14 38.02
C TYR H 443 -71.36 -24.86 38.08
N VAL H 444 -72.18 -24.55 39.07
CA VAL H 444 -73.41 -25.30 39.28
C VAL H 444 -74.42 -25.01 38.18
N PHE H 445 -74.53 -23.75 37.75
CA PHE H 445 -75.42 -23.42 36.64
C PHE H 445 -75.00 -24.17 35.38
N PHE H 446 -73.70 -24.32 35.18
CA PHE H 446 -73.19 -25.15 34.08
C PHE H 446 -73.65 -26.59 34.22
N LEU H 447 -73.61 -27.12 35.44
CA LEU H 447 -74.04 -28.49 35.66
C LEU H 447 -75.54 -28.65 35.39
N SER H 448 -76.33 -27.66 35.79
CA SER H 448 -77.78 -27.77 35.62
C SER H 448 -78.15 -27.92 34.16
N SER H 449 -77.57 -27.11 33.28
CA SER H 449 -77.78 -27.29 31.85
C SER H 449 -77.17 -28.60 31.38
N LEU H 450 -76.03 -28.99 31.96
CA LEU H 450 -75.38 -30.23 31.57
C LEU H 450 -76.28 -31.43 31.84
N LEU H 451 -76.89 -31.47 33.02
CA LEU H 451 -77.70 -32.62 33.44
C LEU H 451 -79.17 -32.41 33.05
N GLN H 452 -79.38 -31.98 31.81
CA GLN H 452 -80.76 -31.74 31.39
C GLN H 452 -81.43 -32.98 30.81
N PRO H 453 -80.89 -33.61 29.74
CA PRO H 453 -81.70 -34.60 29.01
C PRO H 453 -82.04 -35.85 29.82
N ARG H 454 -81.01 -36.57 30.29
CA ARG H 454 -81.24 -37.84 30.95
C ARG H 454 -81.23 -37.76 32.47
N GLY H 455 -80.68 -36.70 33.06
CA GLY H 455 -80.57 -36.60 34.51
C GLY H 455 -81.90 -36.49 35.21
N GLY H 456 -82.87 -35.84 34.56
CA GLY H 456 -84.17 -35.64 35.18
C GLY H 456 -84.91 -36.92 35.45
N SER H 457 -84.90 -37.85 34.51
CA SER H 457 -85.49 -39.16 34.76
C SER H 457 -84.71 -39.87 35.86
N GLN H 458 -85.45 -40.43 36.82
CA GLN H 458 -84.82 -41.13 37.93
C GLN H 458 -84.12 -42.40 37.46
N GLU H 459 -84.72 -43.11 36.51
CA GLU H 459 -84.11 -44.34 36.00
C GLU H 459 -82.74 -44.07 35.40
N HIS H 460 -82.63 -43.03 34.58
CA HIS H 460 -81.35 -42.55 34.08
C HIS H 460 -80.80 -41.41 34.93
N GLY H 461 -81.19 -41.33 36.19
CA GLY H 461 -80.62 -40.30 37.06
C GLY H 461 -79.13 -40.50 37.23
N LEU H 462 -78.37 -39.45 36.91
CA LEU H 462 -76.92 -39.50 36.96
C LEU H 462 -76.36 -39.01 38.29
N CYS H 463 -77.23 -38.70 39.25
CA CYS H 463 -76.78 -38.20 40.55
C CYS H 463 -75.91 -39.24 41.27
N ALA H 464 -76.36 -40.49 41.29
CA ALA H 464 -75.52 -41.57 41.81
C ALA H 464 -74.26 -41.72 40.97
N HIS H 465 -74.40 -41.62 39.65
CA HIS H 465 -73.23 -41.60 38.78
C HIS H 465 -72.42 -40.33 38.97
N LEU H 466 -73.09 -39.21 39.25
CA LEU H 466 -72.36 -38.00 39.65
C LEU H 466 -71.54 -38.27 40.89
N TRP H 467 -72.09 -39.02 41.85
CA TRP H 467 -71.30 -39.45 42.99
C TRP H 467 -70.17 -40.39 42.57
N GLY H 468 -70.43 -41.23 41.56
CA GLY H 468 -69.40 -42.13 41.09
C GLY H 468 -68.19 -41.40 40.56
N LEU H 469 -68.41 -40.38 39.73
CA LEU H 469 -67.29 -39.58 39.26
C LEU H 469 -66.71 -38.73 40.37
N CYS H 470 -67.55 -38.27 41.31
CA CYS H 470 -67.03 -37.56 42.48
C CYS H 470 -66.12 -38.47 43.30
N SER H 471 -66.50 -39.73 43.46
CA SER H 471 -65.62 -40.68 44.13
C SER H 471 -64.31 -40.84 43.37
N LEU H 472 -64.37 -40.93 42.05
CA LEU H 472 -63.15 -40.92 41.25
C LEU H 472 -62.43 -39.59 41.41
N ALA H 473 -63.18 -38.49 41.42
CA ALA H 473 -62.57 -37.17 41.58
C ALA H 473 -61.84 -37.07 42.91
N ALA H 474 -62.46 -37.56 43.99
CA ALA H 474 -61.84 -37.51 45.31
C ALA H 474 -60.53 -38.29 45.32
N ASP H 475 -60.53 -39.48 44.71
CA ASP H 475 -59.31 -40.26 44.64
C ASP H 475 -58.29 -39.63 43.69
N GLY H 476 -58.74 -38.69 42.86
CA GLY H 476 -57.84 -38.06 41.91
C GLY H 476 -56.69 -37.32 42.57
N ILE H 477 -56.95 -36.74 43.75
CA ILE H 477 -55.90 -36.10 44.52
C ILE H 477 -55.57 -36.87 45.80
N TRP H 478 -56.52 -37.62 46.36
CA TRP H 478 -56.22 -38.41 47.55
C TRP H 478 -55.23 -39.51 47.24
N ASN H 479 -55.22 -39.99 45.99
CA ASN H 479 -54.25 -40.98 45.53
C ASN H 479 -53.49 -40.51 44.29
N GLN H 480 -53.66 -39.26 43.91
CA GLN H 480 -52.84 -38.56 42.93
C GLN H 480 -52.89 -39.18 41.54
N LYS H 481 -54.00 -39.78 41.14
CA LYS H 481 -54.10 -40.39 39.81
C LYS H 481 -55.12 -39.61 38.98
N ILE H 482 -54.64 -38.61 38.26
CA ILE H 482 -55.49 -37.90 37.30
C ILE H 482 -55.80 -38.80 36.12
N LEU H 483 -54.79 -39.47 35.59
CA LEU H 483 -54.95 -40.33 34.42
C LEU H 483 -55.48 -41.69 34.84
N PHE H 484 -56.75 -41.74 35.25
CA PHE H 484 -57.32 -42.96 35.81
C PHE H 484 -57.35 -44.10 34.80
N GLU H 485 -57.68 -43.79 33.54
CA GLU H 485 -57.76 -44.78 32.47
C GLU H 485 -58.89 -45.76 32.73
N GLU H 486 -59.16 -46.65 31.76
CA GLU H 486 -60.17 -47.69 31.91
C GLU H 486 -59.84 -48.60 33.08
N SER H 487 -58.57 -48.64 33.50
CA SER H 487 -58.17 -49.47 34.62
C SER H 487 -58.91 -49.12 35.89
N ASP H 488 -59.19 -47.83 36.12
CA ASP H 488 -59.83 -47.39 37.36
C ASP H 488 -61.22 -46.84 37.17
N LEU H 489 -61.59 -46.38 35.97
CA LEU H 489 -62.97 -45.94 35.74
C LEU H 489 -63.94 -47.09 35.93
N ARG H 490 -63.57 -48.29 35.45
CA ARG H 490 -64.39 -49.47 35.69
C ARG H 490 -64.58 -49.71 37.18
N ASN H 491 -63.57 -49.41 37.99
CA ASN H 491 -63.72 -49.50 39.44
C ASN H 491 -64.71 -48.47 39.94
N HIS H 492 -64.68 -47.26 39.37
CA HIS H 492 -65.51 -46.18 39.86
C HIS H 492 -66.89 -46.12 39.22
N GLY H 493 -67.07 -46.70 38.04
CA GLY H 493 -68.37 -46.58 37.39
C GLY H 493 -68.47 -47.44 36.15
N LEU H 494 -69.56 -47.22 35.42
CA LEU H 494 -69.87 -48.00 34.22
C LEU H 494 -68.91 -47.59 33.12
N GLN H 495 -67.89 -48.42 32.94
CA GLN H 495 -66.73 -48.13 32.09
C GLN H 495 -67.10 -47.83 30.65
N LYS H 496 -68.24 -48.34 30.18
CA LYS H 496 -68.57 -48.18 28.77
C LYS H 496 -69.82 -47.33 28.53
N ALA H 497 -70.95 -47.75 29.10
CA ALA H 497 -72.23 -47.16 28.71
C ALA H 497 -72.40 -45.75 29.25
N ASP H 498 -72.37 -45.58 30.58
CA ASP H 498 -72.73 -44.29 31.16
C ASP H 498 -71.66 -43.24 30.93
N VAL H 499 -70.38 -43.58 31.12
CA VAL H 499 -69.32 -42.58 31.05
C VAL H 499 -69.21 -42.00 29.65
N SER H 500 -69.65 -42.75 28.64
CA SER H 500 -69.61 -42.24 27.27
C SER H 500 -70.46 -40.99 27.13
N ALA H 501 -71.62 -40.95 27.77
CA ALA H 501 -72.40 -39.72 27.82
C ALA H 501 -71.64 -38.63 28.56
N PHE H 502 -71.08 -38.96 29.72
CA PHE H 502 -70.30 -37.98 30.48
C PHE H 502 -69.10 -37.52 29.69
N LEU H 503 -68.41 -38.44 29.02
CA LEU H 503 -67.28 -38.06 28.17
C LEU H 503 -67.73 -37.07 27.10
N ARG H 504 -68.82 -37.39 26.39
CA ARG H 504 -69.33 -36.50 25.37
C ARG H 504 -69.87 -35.21 25.97
N MET H 505 -70.34 -35.26 27.23
CA MET H 505 -70.68 -34.03 27.91
C MET H 505 -69.43 -33.27 28.35
N ASN H 506 -68.43 -33.99 28.86
CA ASN H 506 -67.17 -33.36 29.24
C ASN H 506 -66.30 -33.02 28.04
N LEU H 507 -66.52 -33.67 26.90
CA LEU H 507 -65.95 -33.31 25.61
C LEU H 507 -64.46 -33.61 25.49
N PHE H 508 -63.80 -33.95 26.59
CA PHE H 508 -62.39 -34.36 26.58
C PHE H 508 -62.09 -35.13 27.85
N GLN H 509 -61.94 -36.46 27.73
CA GLN H 509 -61.52 -37.24 28.89
C GLN H 509 -60.48 -38.30 28.54
N LYS H 510 -60.21 -38.57 27.26
CA LYS H 510 -59.24 -39.59 26.90
C LYS H 510 -58.21 -39.09 25.90
N GLU H 511 -58.66 -38.29 24.93
CA GLU H 511 -57.85 -38.03 23.75
C GLU H 511 -56.62 -37.18 24.03
N VAL H 512 -56.54 -36.54 25.20
CA VAL H 512 -55.39 -35.69 25.51
C VAL H 512 -54.11 -36.50 25.57
N ASP H 513 -54.16 -37.68 26.20
CA ASP H 513 -53.00 -38.57 26.28
C ASP H 513 -52.71 -39.27 24.96
N CYS H 514 -53.75 -39.58 24.18
CA CYS H 514 -53.67 -40.08 22.82
C CYS H 514 -53.23 -41.53 22.73
N GLU H 515 -52.76 -42.12 23.84
CA GLU H 515 -52.38 -43.53 23.75
C GLU H 515 -53.48 -44.47 24.24
N LYS H 516 -53.71 -44.49 25.56
CA LYS H 516 -54.82 -45.23 26.13
C LYS H 516 -55.46 -44.55 27.34
N PHE H 517 -54.81 -43.57 27.96
CA PHE H 517 -55.22 -43.13 29.29
C PHE H 517 -56.45 -42.24 29.21
N TYR H 518 -57.19 -42.22 30.32
CA TYR H 518 -58.39 -41.40 30.46
C TYR H 518 -58.18 -40.40 31.59
N SER H 519 -58.74 -39.21 31.41
CA SER H 519 -58.48 -38.11 32.32
C SER H 519 -59.74 -37.24 32.41
N PHE H 520 -59.60 -36.03 32.92
CA PHE H 520 -60.70 -35.09 33.06
C PHE H 520 -60.42 -33.86 32.21
N ILE H 521 -61.38 -32.94 32.20
CA ILE H 521 -61.23 -31.71 31.44
C ILE H 521 -60.12 -30.85 32.05
N HIS H 522 -60.29 -30.48 33.32
CA HIS H 522 -59.34 -29.61 34.00
C HIS H 522 -59.36 -29.94 35.49
N MET H 523 -58.28 -29.57 36.18
CA MET H 523 -58.15 -29.87 37.60
C MET H 523 -59.18 -29.14 38.46
N THR H 524 -59.73 -28.03 37.98
CA THR H 524 -60.79 -27.37 38.72
C THR H 524 -62.01 -28.25 38.85
N PHE H 525 -62.39 -28.96 37.78
CA PHE H 525 -63.52 -29.86 37.85
C PHE H 525 -63.30 -30.97 38.86
N GLN H 526 -62.10 -31.54 38.86
CA GLN H 526 -61.78 -32.59 39.82
C GLN H 526 -61.87 -32.08 41.25
N GLU H 527 -61.33 -30.89 41.51
CA GLU H 527 -61.45 -30.29 42.83
C GLU H 527 -62.86 -29.81 43.11
N PHE H 528 -63.63 -29.47 42.09
CA PHE H 528 -65.02 -29.09 42.32
C PHE H 528 -65.85 -30.29 42.76
N PHE H 529 -65.73 -31.41 42.04
CA PHE H 529 -66.45 -32.61 42.43
C PHE H 529 -65.93 -33.18 43.74
N ALA H 530 -64.63 -32.98 44.02
CA ALA H 530 -64.10 -33.41 45.31
C ALA H 530 -64.78 -32.69 46.46
N ALA H 531 -65.19 -31.43 46.24
CA ALA H 531 -65.93 -30.71 47.26
C ALA H 531 -67.37 -31.17 47.32
N MET H 532 -67.96 -31.56 46.18
CA MET H 532 -69.35 -31.98 46.17
C MET H 532 -69.56 -33.24 47.00
N TYR H 533 -68.66 -34.23 46.85
CA TYR H 533 -68.84 -35.51 47.53
C TYR H 533 -68.87 -35.33 49.03
N TYR H 534 -68.14 -34.34 49.55
CA TYR H 534 -68.12 -34.11 50.99
C TYR H 534 -69.51 -33.76 51.50
N LEU H 535 -70.24 -32.93 50.75
CA LEU H 535 -71.60 -32.59 51.13
C LEU H 535 -72.60 -33.68 50.85
N LEU H 536 -72.41 -34.46 49.79
CA LEU H 536 -73.37 -35.49 49.41
C LEU H 536 -73.32 -36.72 50.31
N GLU H 537 -72.58 -36.66 51.41
CA GLU H 537 -72.53 -37.74 52.40
C GLU H 537 -72.13 -39.07 51.75
N GLU H 538 -71.37 -38.91 50.66
CA GLU H 538 -70.98 -40.09 49.86
C GLU H 538 -72.25 -40.84 49.44
N GLU H 539 -73.08 -40.21 48.59
CA GLU H 539 -74.34 -40.84 48.12
C GLU H 539 -75.21 -41.13 49.34
N LYS H 540 -75.15 -40.26 50.34
CA LYS H 540 -75.94 -40.44 51.58
C LYS H 540 -75.35 -41.63 52.35
N GLU H 541 -76.02 -42.05 53.42
CA GLU H 541 -75.55 -43.27 54.13
C GLU H 541 -76.50 -44.41 53.75
N GLY H 542 -77.30 -44.23 52.70
CA GLY H 542 -78.29 -45.26 52.32
C GLY H 542 -78.21 -45.72 50.88
N ARG H 543 -77.00 -45.79 50.31
CA ARG H 543 -76.82 -46.18 48.89
C ARG H 543 -75.60 -47.10 48.71
N THR H 544 -74.37 -46.56 48.74
CA THR H 544 -73.14 -47.39 48.51
C THR H 544 -73.22 -48.02 47.10
N ASN H 545 -73.26 -49.35 47.00
CA ASN H 545 -73.32 -50.05 45.68
C ASN H 545 -72.07 -49.73 44.84
N VAL H 546 -70.88 -49.81 45.45
CA VAL H 546 -69.61 -49.47 44.75
C VAL H 546 -69.26 -50.48 43.64
N PRO H 547 -68.65 -50.05 42.51
CA PRO H 547 -68.18 -50.97 41.46
C PRO H 547 -66.88 -51.69 41.87
N GLY H 548 -66.92 -52.47 42.94
CA GLY H 548 -65.79 -53.23 43.45
C GLY H 548 -64.94 -52.50 44.47
N SER H 549 -65.28 -51.25 44.77
CA SER H 549 -64.49 -50.41 45.69
C SER H 549 -64.83 -50.63 47.15
N ARG H 550 -64.56 -51.81 47.70
CA ARG H 550 -64.72 -52.03 49.12
C ARG H 550 -63.70 -51.22 49.93
N LEU H 551 -62.61 -50.80 49.29
CA LEU H 551 -61.55 -50.05 49.95
C LEU H 551 -61.25 -48.81 49.13
N LYS H 552 -60.17 -48.13 49.49
CA LYS H 552 -59.68 -46.93 48.82
C LYS H 552 -60.67 -45.78 48.88
N LEU H 553 -61.57 -45.79 49.85
CA LEU H 553 -62.50 -44.68 50.03
C LEU H 553 -61.83 -43.60 50.88
N PRO H 554 -61.58 -42.41 50.33
CA PRO H 554 -61.05 -41.33 51.17
C PRO H 554 -62.05 -40.96 52.25
N SER H 555 -61.51 -40.53 53.39
CA SER H 555 -62.33 -40.27 54.56
C SER H 555 -63.37 -39.19 54.26
N ARG H 556 -64.62 -39.47 54.64
CA ARG H 556 -65.70 -38.50 54.48
C ARG H 556 -65.56 -37.32 55.43
N ASP H 557 -64.66 -37.42 56.41
CA ASP H 557 -64.39 -36.29 57.29
C ASP H 557 -63.67 -35.18 56.54
N VAL H 558 -63.95 -33.94 56.92
CA VAL H 558 -63.35 -32.78 56.30
C VAL H 558 -62.27 -32.15 57.16
N THR H 559 -62.15 -32.51 58.43
CA THR H 559 -61.08 -31.96 59.26
C THR H 559 -59.72 -32.35 58.71
N VAL H 560 -59.59 -33.59 58.24
CA VAL H 560 -58.33 -34.04 57.64
C VAL H 560 -58.00 -33.20 56.42
N LEU H 561 -59.02 -32.76 55.69
CA LEU H 561 -58.80 -31.92 54.51
C LEU H 561 -58.05 -30.65 54.88
N LEU H 562 -58.48 -29.99 55.96
CA LEU H 562 -57.78 -28.80 56.43
C LEU H 562 -56.46 -29.16 57.10
N GLU H 563 -56.32 -30.39 57.59
CA GLU H 563 -55.06 -30.84 58.16
C GLU H 563 -54.00 -31.14 57.10
N ASN H 564 -54.41 -31.69 55.96
CA ASN H 564 -53.51 -31.85 54.83
C ASN H 564 -53.48 -30.62 53.92
N TYR H 565 -54.22 -29.57 54.28
CA TYR H 565 -54.27 -28.37 53.46
C TYR H 565 -52.89 -27.73 53.35
N GLY H 566 -52.54 -27.31 52.14
CA GLY H 566 -51.26 -26.69 51.89
C GLY H 566 -50.14 -27.64 51.57
N LYS H 567 -50.37 -28.95 51.61
CA LYS H 567 -49.33 -29.90 51.27
C LYS H 567 -49.26 -30.12 49.77
N PHE H 568 -48.06 -30.10 49.21
CA PHE H 568 -47.90 -30.41 47.80
C PHE H 568 -48.32 -31.85 47.50
N GLU H 569 -48.30 -32.71 48.53
CA GLU H 569 -48.81 -34.07 48.36
C GLU H 569 -50.27 -34.07 47.94
N LYS H 570 -51.02 -33.04 48.33
CA LYS H 570 -52.44 -32.97 48.03
C LYS H 570 -52.78 -31.74 47.17
N GLY H 571 -51.78 -31.14 46.54
CA GLY H 571 -52.03 -30.03 45.64
C GLY H 571 -52.50 -28.76 46.29
N TYR H 572 -52.14 -28.54 47.56
CA TYR H 572 -52.43 -27.32 48.30
C TYR H 572 -53.92 -27.15 48.60
N LEU H 573 -54.75 -28.03 48.04
CA LEU H 573 -56.18 -28.13 48.37
C LEU H 573 -56.90 -26.78 48.37
N ILE H 574 -56.60 -25.91 47.41
CA ILE H 574 -57.24 -24.59 47.39
C ILE H 574 -58.72 -24.72 47.08
N PHE H 575 -59.05 -25.19 45.87
CA PHE H 575 -60.42 -25.18 45.41
C PHE H 575 -61.31 -26.09 46.24
N VAL H 576 -60.79 -27.23 46.67
CA VAL H 576 -61.57 -28.14 47.50
C VAL H 576 -62.13 -27.38 48.69
N VAL H 577 -61.26 -26.74 49.46
CA VAL H 577 -61.72 -25.91 50.57
C VAL H 577 -62.54 -24.73 50.05
N ARG H 578 -62.06 -24.08 49.00
CA ARG H 578 -62.71 -22.87 48.51
C ARG H 578 -64.12 -23.16 48.02
N PHE H 579 -64.32 -24.28 47.32
CA PHE H 579 -65.64 -24.60 46.80
C PHE H 579 -66.62 -25.00 47.90
N LEU H 580 -66.10 -25.46 49.05
CA LEU H 580 -66.99 -25.87 50.13
C LEU H 580 -67.87 -24.73 50.60
N PHE H 581 -67.31 -23.53 50.70
CA PHE H 581 -68.05 -22.35 51.15
C PHE H 581 -69.21 -22.06 50.22
N GLY H 582 -68.95 -22.03 48.92
CA GLY H 582 -70.01 -21.73 47.97
C GLY H 582 -71.10 -22.78 47.95
N LEU H 583 -70.72 -24.06 48.12
CA LEU H 583 -71.68 -25.14 48.04
C LEU H 583 -72.71 -25.12 49.17
N VAL H 584 -72.30 -24.72 50.39
CA VAL H 584 -73.16 -24.91 51.55
C VAL H 584 -74.22 -23.84 51.66
N ASN H 585 -74.34 -22.96 50.66
CA ASN H 585 -75.43 -22.00 50.64
C ASN H 585 -76.76 -22.71 50.73
N GLN H 586 -77.43 -22.55 51.87
CA GLN H 586 -78.63 -23.32 52.18
C GLN H 586 -79.76 -22.99 51.21
N GLU H 587 -80.11 -21.71 51.12
CA GLU H 587 -81.21 -21.28 50.27
C GLU H 587 -80.96 -21.58 48.80
N ARG H 588 -79.70 -21.42 48.36
CA ARG H 588 -79.39 -21.59 46.95
C ARG H 588 -79.55 -23.04 46.51
N THR H 589 -78.98 -23.97 47.27
CA THR H 589 -79.00 -25.38 46.85
C THR H 589 -80.29 -26.06 47.30
N SER H 590 -81.12 -25.40 48.09
CA SER H 590 -82.33 -26.03 48.61
C SER H 590 -83.28 -26.40 47.47
N TYR H 591 -83.59 -25.45 46.60
CA TYR H 591 -84.42 -25.72 45.43
C TYR H 591 -83.59 -25.92 44.17
N LEU H 592 -82.27 -26.02 44.29
CA LEU H 592 -81.42 -26.33 43.15
C LEU H 592 -81.17 -27.82 43.03
N GLU H 593 -80.85 -28.47 44.15
CA GLU H 593 -80.52 -29.89 44.16
C GLU H 593 -81.60 -30.74 44.80
N LYS H 594 -81.97 -30.46 46.05
CA LYS H 594 -82.84 -31.33 46.86
C LYS H 594 -82.22 -32.71 47.01
N LYS H 595 -80.98 -32.85 46.55
CA LYS H 595 -80.16 -34.02 46.80
C LYS H 595 -78.96 -33.63 47.66
N LEU H 596 -79.19 -32.77 48.64
CA LEU H 596 -78.17 -31.98 49.30
C LEU H 596 -77.70 -32.65 50.59
N SER H 597 -76.94 -31.91 51.39
CA SER H 597 -76.41 -32.39 52.66
C SER H 597 -77.46 -32.32 53.76
N CYS H 598 -77.01 -32.46 55.01
CA CYS H 598 -77.88 -32.46 56.17
C CYS H 598 -77.16 -31.68 57.27
N LYS H 599 -77.59 -31.89 58.51
CA LYS H 599 -76.92 -31.30 59.66
C LYS H 599 -75.41 -31.52 59.62
N ILE H 600 -74.95 -32.50 58.84
CA ILE H 600 -73.53 -32.73 58.61
C ILE H 600 -72.90 -31.46 58.07
N SER H 601 -73.56 -30.84 57.09
CA SER H 601 -73.06 -29.56 56.59
C SER H 601 -73.08 -28.50 57.67
N GLN H 602 -74.13 -28.50 58.50
CA GLN H 602 -74.21 -27.53 59.58
C GLN H 602 -73.08 -27.71 60.58
N GLN H 603 -72.78 -28.96 60.95
CA GLN H 603 -71.63 -29.21 61.81
C GLN H 603 -70.31 -29.03 61.06
N ILE H 604 -70.34 -29.18 59.73
CA ILE H 604 -69.17 -28.84 58.93
C ILE H 604 -68.86 -27.35 59.03
N ARG H 605 -69.91 -26.52 58.99
CA ARG H 605 -69.71 -25.08 59.10
C ARG H 605 -69.00 -24.73 60.40
N LEU H 606 -69.44 -25.32 61.52
CA LEU H 606 -68.74 -25.10 62.78
C LEU H 606 -67.31 -25.62 62.70
N GLU H 607 -67.11 -26.79 62.10
CA GLU H 607 -65.75 -27.27 61.88
C GLU H 607 -64.97 -26.32 60.99
N LEU H 608 -65.60 -25.85 59.91
CA LEU H 608 -64.94 -24.90 59.02
C LEU H 608 -64.77 -23.54 59.70
N LEU H 609 -65.71 -23.17 60.56
CA LEU H 609 -65.56 -21.95 61.35
C LEU H 609 -64.31 -22.05 62.24
N LYS H 610 -64.11 -23.22 62.85
CA LYS H 610 -62.95 -23.39 63.71
C LYS H 610 -61.65 -23.32 62.90
N TRP H 611 -61.66 -23.80 61.66
CA TRP H 611 -60.48 -23.71 60.81
C TRP H 611 -60.08 -22.27 60.58
N ILE H 612 -61.05 -21.42 60.22
CA ILE H 612 -60.76 -20.00 60.02
C ILE H 612 -60.33 -19.36 61.33
N GLU H 613 -60.98 -19.77 62.42
CA GLU H 613 -60.70 -19.16 63.72
C GLU H 613 -59.26 -19.38 64.15
N VAL H 614 -58.77 -20.62 64.01
CA VAL H 614 -57.44 -20.94 64.52
C VAL H 614 -56.35 -20.25 63.70
N LYS H 615 -56.58 -20.12 62.39
CA LYS H 615 -55.52 -19.62 61.51
C LYS H 615 -55.09 -18.20 61.90
N ALA H 616 -56.06 -17.30 62.07
CA ALA H 616 -55.72 -15.92 62.42
C ALA H 616 -55.09 -15.85 63.81
N LYS H 617 -55.62 -16.60 64.77
CA LYS H 617 -55.20 -16.48 66.15
C LYS H 617 -53.82 -17.10 66.39
N ALA H 618 -53.58 -18.26 65.80
CA ALA H 618 -52.43 -19.07 66.18
C ALA H 618 -51.14 -18.71 65.45
N LYS H 619 -51.11 -18.85 64.12
CA LYS H 619 -49.86 -18.71 63.38
C LYS H 619 -50.13 -17.89 62.12
N LYS H 620 -49.46 -16.75 61.99
CA LYS H 620 -49.53 -15.97 60.76
C LYS H 620 -48.48 -16.40 59.76
N LEU H 621 -47.37 -16.99 60.23
CA LEU H 621 -46.30 -17.44 59.35
C LEU H 621 -46.60 -18.87 58.89
N GLN H 622 -47.23 -18.98 57.73
CA GLN H 622 -47.43 -20.26 57.07
C GLN H 622 -47.18 -20.07 55.58
N ILE H 623 -47.28 -21.18 54.84
CA ILE H 623 -46.89 -21.20 53.43
C ILE H 623 -47.63 -20.12 52.66
N GLN H 624 -48.96 -20.25 52.53
CA GLN H 624 -49.79 -19.17 52.01
C GLN H 624 -51.28 -19.38 52.29
N PRO H 625 -51.71 -19.42 53.55
CA PRO H 625 -53.15 -19.30 53.81
C PRO H 625 -53.53 -17.82 53.90
N SER H 626 -53.50 -17.13 52.76
CA SER H 626 -53.54 -15.67 52.76
C SER H 626 -54.84 -15.14 53.35
N GLN H 627 -54.74 -13.93 53.92
CA GLN H 627 -55.91 -13.28 54.49
C GLN H 627 -56.97 -13.02 53.41
N LEU H 628 -56.53 -12.59 52.23
CA LEU H 628 -57.45 -12.44 51.11
C LEU H 628 -57.97 -13.80 50.65
N GLU H 629 -57.13 -14.83 50.74
CA GLU H 629 -57.56 -16.16 50.36
C GLU H 629 -58.73 -16.62 51.23
N LEU H 630 -58.65 -16.37 52.53
CA LEU H 630 -59.81 -16.59 53.38
C LEU H 630 -60.96 -15.69 52.97
N PHE H 631 -60.66 -14.44 52.63
CA PHE H 631 -61.70 -13.51 52.19
C PHE H 631 -62.40 -14.03 50.94
N TYR H 632 -61.67 -14.75 50.08
CA TYR H 632 -62.34 -15.44 48.99
C TYR H 632 -63.34 -16.45 49.53
N CYS H 633 -62.95 -17.20 50.56
CA CYS H 633 -63.82 -18.23 51.11
C CYS H 633 -65.11 -17.61 51.68
N LEU H 634 -64.96 -16.61 52.55
CA LEU H 634 -66.14 -15.96 53.12
C LEU H 634 -66.98 -15.29 52.04
N TYR H 635 -66.34 -14.84 50.96
CA TYR H 635 -67.10 -14.25 49.86
C TYR H 635 -68.04 -15.28 49.23
N GLU H 636 -67.56 -16.51 49.05
CA GLU H 636 -68.42 -17.56 48.51
C GLU H 636 -69.60 -17.84 49.45
N MET H 637 -69.33 -17.94 50.75
CA MET H 637 -70.39 -18.17 51.74
C MET H 637 -71.11 -16.85 52.01
N GLN H 638 -72.23 -16.67 51.32
CA GLN H 638 -73.02 -15.46 51.47
C GLN H 638 -73.74 -15.45 52.82
N GLU H 639 -74.55 -14.42 53.05
CA GLU H 639 -75.32 -14.23 54.27
C GLU H 639 -74.38 -13.81 55.41
N GLU H 640 -74.81 -12.86 56.24
CA GLU H 640 -73.91 -12.24 57.25
C GLU H 640 -73.27 -13.07 58.38
N ASP H 641 -74.01 -13.73 59.28
CA ASP H 641 -73.46 -14.24 60.57
C ASP H 641 -72.21 -15.15 60.56
N PHE H 642 -72.17 -16.21 59.75
CA PHE H 642 -70.98 -17.10 59.86
C PHE H 642 -69.76 -16.30 59.43
N VAL H 643 -69.95 -15.60 58.32
CA VAL H 643 -68.82 -14.83 57.76
C VAL H 643 -68.44 -13.78 58.79
N GLN H 644 -69.42 -13.21 59.50
CA GLN H 644 -69.15 -12.15 60.49
C GLN H 644 -68.30 -12.70 61.63
N ARG H 645 -68.70 -13.83 62.21
CA ARG H 645 -67.90 -14.48 63.28
C ARG H 645 -66.47 -14.70 62.77
N ALA H 646 -66.31 -15.15 61.53
CA ALA H 646 -64.96 -15.47 61.01
C ALA H 646 -64.15 -14.19 60.82
N MET H 647 -64.74 -13.14 60.27
CA MET H 647 -64.04 -11.87 59.96
C MET H 647 -63.62 -11.18 61.27
N ASP H 648 -64.41 -11.41 62.33
CA ASP H 648 -64.08 -10.81 63.65
C ASP H 648 -63.06 -11.66 64.39
N TYR H 649 -62.30 -12.47 63.65
CA TYR H 649 -61.21 -13.24 64.29
C TYR H 649 -59.86 -12.58 64.02
N PHE H 650 -59.85 -11.39 63.40
CA PHE H 650 -58.54 -10.77 63.03
C PHE H 650 -58.61 -9.24 62.90
N PRO H 651 -57.98 -8.39 63.75
CA PRO H 651 -57.88 -6.96 63.44
C PRO H 651 -56.70 -6.68 62.53
N LYS H 652 -55.82 -7.67 62.39
CA LYS H 652 -54.61 -7.54 61.57
C LYS H 652 -54.95 -7.95 60.14
N ILE H 653 -55.36 -6.97 59.35
CA ILE H 653 -55.67 -7.19 57.94
C ILE H 653 -54.53 -6.62 57.12
N GLU H 654 -53.71 -7.51 56.55
CA GLU H 654 -52.63 -7.13 55.65
C GLU H 654 -52.76 -7.96 54.39
N ILE H 655 -53.22 -7.32 53.31
CA ILE H 655 -53.55 -8.01 52.07
C ILE H 655 -52.94 -7.26 50.90
N ASN H 656 -52.84 -7.95 49.77
CA ASN H 656 -52.37 -7.39 48.51
C ASN H 656 -53.42 -7.61 47.43
N LEU H 657 -53.51 -6.68 46.50
CA LEU H 657 -54.54 -6.71 45.46
C LEU H 657 -53.88 -6.66 44.10
N SER H 658 -54.46 -7.39 43.14
CA SER H 658 -53.94 -7.45 41.78
C SER H 658 -54.97 -7.13 40.70
N THR H 659 -56.23 -7.49 40.91
CA THR H 659 -57.25 -7.28 39.88
C THR H 659 -58.57 -6.92 40.57
N ARG H 660 -59.48 -6.34 39.79
CA ARG H 660 -60.80 -5.94 40.25
C ARG H 660 -61.45 -7.00 41.11
N MET H 661 -61.35 -8.26 40.70
CA MET H 661 -61.90 -9.35 41.49
C MET H 661 -61.29 -9.37 42.88
N ASP H 662 -59.97 -9.22 42.97
CA ASP H 662 -59.32 -9.15 44.27
C ASP H 662 -59.79 -7.93 45.05
N HIS H 663 -59.93 -6.79 44.36
CA HIS H 663 -60.47 -5.61 45.00
C HIS H 663 -61.92 -5.81 45.40
N MET H 664 -62.70 -6.51 44.57
CA MET H 664 -64.11 -6.71 44.87
C MET H 664 -64.30 -7.62 46.08
N VAL H 665 -63.59 -8.75 46.11
CA VAL H 665 -63.76 -9.67 47.24
C VAL H 665 -63.29 -9.02 48.53
N SER H 666 -62.19 -8.29 48.48
CA SER H 666 -61.74 -7.55 49.66
C SER H 666 -62.76 -6.50 50.06
N SER H 667 -63.32 -5.79 49.08
CA SER H 667 -64.36 -4.81 49.39
C SER H 667 -65.58 -5.48 50.00
N PHE H 668 -66.02 -6.59 49.41
CA PHE H 668 -67.23 -7.23 49.89
C PHE H 668 -67.05 -7.83 51.28
N CYS H 669 -65.92 -8.51 51.50
CA CYS H 669 -65.72 -9.18 52.78
C CYS H 669 -65.70 -8.21 53.94
N ILE H 670 -65.04 -7.06 53.76
CA ILE H 670 -64.98 -6.05 54.82
C ILE H 670 -66.32 -5.37 55.06
N GLU H 671 -67.26 -5.48 54.13
CA GLU H 671 -68.59 -4.93 54.35
C GLU H 671 -69.18 -5.55 55.60
N ASN H 672 -68.82 -6.79 55.89
CA ASN H 672 -69.25 -7.47 57.09
C ASN H 672 -68.42 -7.01 58.28
N CYS H 673 -68.93 -7.27 59.48
CA CYS H 673 -68.26 -6.91 60.72
C CYS H 673 -68.06 -5.41 60.83
N HIS H 674 -67.32 -5.00 61.85
CA HIS H 674 -67.07 -3.58 62.13
C HIS H 674 -65.92 -3.48 63.14
N ARG H 675 -65.65 -2.27 63.63
CA ARG H 675 -64.71 -2.03 64.73
C ARG H 675 -63.29 -2.47 64.38
N VAL H 676 -63.08 -2.94 63.16
CA VAL H 676 -61.79 -3.47 62.71
C VAL H 676 -60.70 -2.42 62.92
N GLU H 677 -59.58 -2.84 63.50
CA GLU H 677 -58.57 -1.88 63.91
C GLU H 677 -57.71 -1.43 62.74
N SER H 678 -56.99 -2.36 62.11
CA SER H 678 -55.91 -1.97 61.20
C SER H 678 -56.14 -2.60 59.84
N LEU H 679 -56.04 -1.78 58.79
CA LEU H 679 -56.05 -2.25 57.41
C LEU H 679 -54.68 -1.99 56.78
N SER H 680 -54.18 -2.96 56.02
CA SER H 680 -52.89 -2.82 55.37
C SER H 680 -53.02 -3.19 53.90
N LEU H 681 -52.32 -2.46 53.06
CA LEU H 681 -52.36 -2.64 51.61
C LEU H 681 -50.99 -2.30 51.03
N GLY H 682 -50.90 -2.39 49.71
CA GLY H 682 -49.71 -1.92 49.02
C GLY H 682 -48.65 -2.98 48.81
N PHE H 683 -47.46 -2.50 48.43
CA PHE H 683 -46.33 -3.38 48.15
C PHE H 683 -45.92 -4.16 49.39
N LEU H 684 -45.54 -3.46 50.46
CA LEU H 684 -45.16 -4.06 51.74
C LEU H 684 -44.11 -5.16 51.59
N HIS H 685 -44.37 -6.31 52.24
CA HIS H 685 -43.45 -7.44 52.35
C HIS H 685 -42.25 -7.07 53.22
N ASN H 686 -42.15 -5.79 53.58
CA ASN H 686 -41.12 -5.24 54.46
C ASN H 686 -41.64 -3.87 54.88
N MET H 687 -41.77 -3.64 56.18
CA MET H 687 -42.35 -2.38 56.63
C MET H 687 -41.45 -1.68 57.64
N PRO H 688 -40.24 -1.26 57.25
CA PRO H 688 -39.35 -0.59 58.20
C PRO H 688 -39.52 0.92 58.18
N LYS H 689 -38.68 1.62 58.95
CA LYS H 689 -38.59 3.08 58.91
C LYS H 689 -39.89 3.75 59.35
N GLU H 690 -40.71 3.03 60.12
CA GLU H 690 -41.95 3.64 60.60
C GLU H 690 -42.27 3.28 62.05
N GLU H 691 -41.28 3.10 62.93
CA GLU H 691 -41.52 2.65 64.28
C GLU H 691 -42.04 3.79 65.14
N GLU H 692 -43.22 3.60 65.73
CA GLU H 692 -43.80 4.55 66.67
C GLU H 692 -42.96 4.59 67.95
N GLU H 693 -42.94 5.78 68.58
CA GLU H 693 -42.23 5.91 69.85
C GLU H 693 -43.13 6.20 71.04
N GLU H 694 -44.28 6.86 70.86
CA GLU H 694 -45.18 7.22 71.96
C GLU H 694 -44.36 7.95 73.02
N GLU H 695 -44.42 7.54 74.29
CA GLU H 695 -43.68 8.20 75.35
C GLU H 695 -43.04 7.15 76.26
N LYS H 696 -41.91 7.51 76.85
CA LYS H 696 -41.18 6.64 77.79
C LYS H 696 -40.75 5.34 77.12
N GLU H 697 -40.49 5.39 75.82
CA GLU H 697 -40.08 4.21 75.08
C GLU H 697 -38.57 3.99 75.20
N GLY H 698 -38.17 2.74 75.05
CA GLY H 698 -36.77 2.39 74.96
C GLY H 698 -36.34 2.21 73.52
N ARG H 699 -37.30 2.34 72.60
CA ARG H 699 -37.06 2.22 71.17
C ARG H 699 -37.64 3.45 70.47
N HIS H 700 -36.90 3.96 69.49
CA HIS H 700 -37.28 5.16 68.76
C HIS H 700 -37.33 4.87 67.27
N LEU H 701 -37.82 5.84 66.51
CA LEU H 701 -37.76 5.74 65.06
C LEU H 701 -36.33 5.96 64.58
N ASP H 702 -35.88 5.08 63.68
CA ASP H 702 -34.53 5.13 63.15
C ASP H 702 -34.61 5.01 61.64
N MET H 703 -33.57 5.50 60.96
CA MET H 703 -33.55 5.46 59.51
C MET H 703 -33.38 4.03 59.00
N VAL H 704 -34.02 3.75 57.87
CA VAL H 704 -33.81 2.49 57.17
C VAL H 704 -33.45 2.77 55.72
N GLN H 705 -34.36 3.48 55.01
CA GLN H 705 -34.17 3.90 53.63
C GLN H 705 -34.06 2.72 52.67
N CYS H 706 -34.13 1.51 53.19
CA CYS H 706 -33.85 0.27 52.45
C CYS H 706 -32.48 0.42 51.80
N VAL H 707 -32.20 -0.22 50.67
CA VAL H 707 -30.99 0.03 49.90
C VAL H 707 -31.33 0.28 48.44
N LEU H 708 -32.06 -0.65 47.84
CA LEU H 708 -32.34 -0.70 46.41
C LEU H 708 -33.27 0.38 45.84
N PRO H 709 -34.20 0.97 46.61
CA PRO H 709 -35.07 2.00 46.00
C PRO H 709 -34.30 3.12 45.33
N SER H 710 -33.21 3.60 45.95
CA SER H 710 -32.30 4.59 45.38
C SER H 710 -33.01 5.67 44.59
N SER H 711 -32.54 5.93 43.37
CA SER H 711 -33.18 6.86 42.46
C SER H 711 -34.26 6.20 41.60
N SER H 712 -34.39 4.87 41.68
CA SER H 712 -35.43 4.19 40.91
C SER H 712 -36.82 4.52 41.46
N HIS H 713 -36.93 4.72 42.77
CA HIS H 713 -38.21 5.08 43.35
C HIS H 713 -38.73 6.41 42.80
N ALA H 714 -37.84 7.41 42.72
CA ALA H 714 -38.23 8.69 42.16
C ALA H 714 -38.57 8.58 40.68
N ALA H 715 -37.83 7.75 39.95
CA ALA H 715 -38.08 7.58 38.52
C ALA H 715 -39.46 6.97 38.27
N CYS H 716 -39.86 6.00 39.09
CA CYS H 716 -41.16 5.36 38.92
C CYS H 716 -42.30 6.31 39.23
N SER H 717 -42.08 7.27 40.14
CA SER H 717 -43.15 8.16 40.57
C SER H 717 -43.59 9.13 39.49
N HIS H 718 -42.77 9.37 38.46
CA HIS H 718 -43.09 10.33 37.42
C HIS H 718 -43.69 9.68 36.18
N GLY H 719 -43.12 8.57 35.72
CA GLY H 719 -43.60 7.90 34.53
C GLY H 719 -44.29 6.57 34.80
N LEU H 720 -45.08 6.51 35.87
CA LEU H 720 -45.75 5.27 36.27
C LEU H 720 -46.76 4.81 35.23
N VAL H 721 -47.51 5.75 34.66
CA VAL H 721 -48.55 5.49 33.66
C VAL H 721 -49.63 4.60 34.28
N ASN H 722 -49.58 3.30 34.00
CA ASN H 722 -50.54 2.33 34.53
C ASN H 722 -51.98 2.73 34.22
N SER H 723 -52.30 2.69 32.92
CA SER H 723 -53.67 2.99 32.50
C SER H 723 -54.67 1.95 32.98
N HIS H 724 -54.21 0.74 33.36
CA HIS H 724 -55.10 -0.27 33.92
C HIS H 724 -55.53 0.05 35.34
N LEU H 725 -54.92 1.06 35.97
CA LEU H 725 -55.34 1.54 37.29
C LEU H 725 -55.95 2.92 37.11
N THR H 726 -57.20 3.08 37.57
CA THR H 726 -57.99 4.27 37.29
C THR H 726 -58.67 4.71 38.58
N SER H 727 -59.66 5.60 38.44
CA SER H 727 -60.51 5.95 39.57
C SER H 727 -61.20 4.72 40.13
N SER H 728 -61.54 3.77 39.25
CA SER H 728 -62.03 2.48 39.69
C SER H 728 -60.91 1.72 40.40
N PHE H 729 -61.26 0.53 40.90
CA PHE H 729 -60.41 -0.32 41.72
C PHE H 729 -60.22 0.31 43.10
N CYS H 730 -60.64 1.56 43.26
CA CYS H 730 -60.44 2.28 44.52
C CYS H 730 -61.74 2.82 45.07
N ARG H 731 -62.60 3.34 44.18
CA ARG H 731 -63.85 3.95 44.62
C ARG H 731 -64.70 2.99 45.44
N GLY H 732 -64.86 1.77 44.95
CA GLY H 732 -65.60 0.77 45.70
C GLY H 732 -64.92 0.36 46.99
N LEU H 733 -63.61 0.12 46.92
CA LEU H 733 -62.88 -0.36 48.10
C LEU H 733 -62.90 0.68 49.20
N PHE H 734 -62.71 1.95 48.85
CA PHE H 734 -62.72 3.00 49.87
C PHE H 734 -64.15 3.35 50.29
N SER H 735 -65.14 2.99 49.46
CA SER H 735 -66.52 3.17 49.88
C SER H 735 -66.83 2.33 51.11
N VAL H 736 -66.15 1.19 51.26
CA VAL H 736 -66.20 0.44 52.51
C VAL H 736 -65.57 1.26 53.63
N LEU H 737 -64.43 1.90 53.34
CA LEU H 737 -63.75 2.70 54.35
C LEU H 737 -64.58 3.90 54.76
N SER H 738 -65.30 4.52 53.82
CA SER H 738 -66.23 5.58 54.18
C SER H 738 -67.29 5.08 55.14
N THR H 739 -67.64 3.79 55.04
CA THR H 739 -68.55 3.13 55.97
C THR H 739 -67.78 2.34 57.02
N SER H 740 -66.68 2.92 57.53
CA SER H 740 -65.76 2.19 58.40
C SER H 740 -66.47 1.66 59.64
N GLN H 741 -67.36 2.47 60.23
CA GLN H 741 -68.10 2.05 61.40
C GLN H 741 -67.15 1.68 62.54
N SER H 742 -66.43 2.69 63.04
CA SER H 742 -65.55 2.58 64.21
C SER H 742 -64.22 1.90 63.89
N LEU H 743 -63.76 2.00 62.64
CA LEU H 743 -62.39 1.65 62.35
C LEU H 743 -61.45 2.73 62.89
N THR H 744 -60.24 2.32 63.26
CA THR H 744 -59.32 3.24 63.91
C THR H 744 -58.05 3.53 63.11
N GLU H 745 -57.38 2.50 62.60
CA GLU H 745 -56.05 2.66 62.01
C GLU H 745 -56.07 2.20 60.56
N LEU H 746 -55.44 2.97 59.69
CA LEU H 746 -55.29 2.61 58.29
C LEU H 746 -53.86 2.86 57.85
N ASP H 747 -53.25 1.85 57.23
CA ASP H 747 -51.90 1.94 56.70
C ASP H 747 -51.93 1.84 55.18
N LEU H 748 -51.18 2.73 54.54
CA LEU H 748 -51.05 2.72 53.09
C LEU H 748 -49.60 2.78 52.63
N SER H 749 -48.66 2.25 53.41
CA SER H 749 -47.24 2.43 53.14
C SER H 749 -46.84 1.76 51.83
N ASP H 750 -45.83 2.36 51.19
CA ASP H 750 -45.19 1.81 49.99
C ASP H 750 -46.16 1.71 48.82
N ASN H 751 -47.39 2.19 49.00
CA ASN H 751 -48.39 2.05 47.96
C ASN H 751 -48.08 2.96 46.77
N SER H 752 -48.45 2.50 45.58
CA SER H 752 -48.23 3.26 44.36
C SER H 752 -49.41 4.18 44.10
N LEU H 753 -50.17 4.49 45.13
CA LEU H 753 -51.37 5.30 45.00
C LEU H 753 -50.99 6.74 44.70
N GLY H 754 -51.42 7.25 43.54
CA GLY H 754 -51.10 8.63 43.13
C GLY H 754 -52.09 9.67 43.64
N ASP H 755 -51.99 10.91 43.15
CA ASP H 755 -52.87 12.02 43.63
C ASP H 755 -54.37 11.83 43.33
N PRO H 756 -54.85 11.38 42.15
CA PRO H 756 -56.30 11.19 41.94
C PRO H 756 -56.89 10.27 43.01
N GLY H 757 -56.30 9.07 43.19
CA GLY H 757 -56.71 8.12 44.22
C GLY H 757 -56.68 8.82 45.57
N MET H 758 -55.68 9.68 45.79
CA MET H 758 -55.58 10.44 47.05
C MET H 758 -56.80 11.35 47.22
N ARG H 759 -57.27 11.99 46.14
CA ARG H 759 -58.49 12.85 46.21
C ARG H 759 -59.68 11.96 46.61
N VAL H 760 -59.75 10.77 46.01
CA VAL H 760 -60.90 9.88 46.33
C VAL H 760 -60.80 9.54 47.83
N LEU H 761 -59.60 9.24 48.31
CA LEU H 761 -59.41 8.85 49.74
C LEU H 761 -59.81 10.02 50.63
N CYS H 762 -59.46 11.25 50.24
CA CYS H 762 -59.79 12.46 51.02
C CYS H 762 -61.31 12.66 51.09
N GLU H 763 -62.05 12.49 49.98
CA GLU H 763 -63.53 12.60 50.09
C GLU H 763 -64.04 11.49 51.03
N THR H 764 -63.41 10.32 50.91
CA THR H 764 -63.85 9.18 51.75
C THR H 764 -63.66 9.60 53.20
N LEU H 765 -62.52 10.20 53.57
CA LEU H 765 -62.20 10.63 54.96
C LEU H 765 -63.14 11.75 55.41
N GLN H 766 -63.56 12.56 54.46
CA GLN H 766 -64.38 13.72 54.81
C GLN H 766 -65.66 13.21 55.45
N HIS H 767 -66.06 11.98 55.11
CA HIS H 767 -67.39 11.51 55.59
C HIS H 767 -67.43 11.52 57.12
N PRO H 768 -68.52 12.02 57.73
CA PRO H 768 -68.65 12.03 59.16
C PRO H 768 -68.46 10.60 59.70
N GLY H 769 -68.87 9.58 58.94
CA GLY H 769 -68.76 8.28 59.55
C GLY H 769 -67.45 7.55 59.38
N CYS H 770 -66.37 8.26 59.04
CA CYS H 770 -65.10 7.59 58.82
C CYS H 770 -64.48 7.09 60.12
N ASN H 771 -64.49 7.92 61.17
CA ASN H 771 -64.10 7.49 62.51
C ASN H 771 -62.64 7.06 62.61
N ILE H 772 -61.86 7.25 61.55
CA ILE H 772 -60.48 6.78 61.55
C ILE H 772 -59.66 7.64 62.52
N ARG H 773 -58.80 6.98 63.29
CA ARG H 773 -57.98 7.66 64.29
C ARG H 773 -56.58 7.97 63.78
N ARG H 774 -55.92 7.00 63.14
CA ARG H 774 -54.57 7.17 62.63
C ARG H 774 -54.52 6.73 61.18
N LEU H 775 -53.69 7.41 60.39
CA LEU H 775 -53.59 7.16 58.95
C LEU H 775 -52.14 7.29 58.54
N TRP H 776 -51.58 6.24 57.93
CA TRP H 776 -50.19 6.21 57.51
C TRP H 776 -50.15 6.14 55.99
N LEU H 777 -49.42 7.07 55.38
CA LEU H 777 -49.22 7.08 53.93
C LEU H 777 -47.75 7.25 53.57
N GLY H 778 -46.85 6.83 54.43
CA GLY H 778 -45.43 7.03 54.20
C GLY H 778 -44.90 6.30 52.98
N ARG H 779 -43.75 6.75 52.48
CA ARG H 779 -42.98 6.13 51.42
C ARG H 779 -43.72 6.05 50.09
N CYS H 780 -44.89 6.69 49.97
CA CYS H 780 -45.63 6.68 48.72
C CYS H 780 -45.09 7.77 47.80
N GLY H 781 -45.72 7.95 46.64
CA GLY H 781 -45.31 8.90 45.65
C GLY H 781 -46.11 10.19 45.59
N LEU H 782 -46.80 10.55 46.66
CA LEU H 782 -47.67 11.72 46.64
C LEU H 782 -46.86 13.00 46.41
N SER H 783 -47.63 14.04 46.02
CA SER H 783 -47.09 15.42 45.78
C SER H 783 -48.07 16.52 46.24
N HIS H 784 -47.86 17.78 45.82
CA HIS H 784 -48.64 18.96 46.34
C HIS H 784 -50.17 19.00 46.11
N GLU H 785 -50.59 18.47 44.97
CA GLU H 785 -52.03 18.47 44.65
C GLU H 785 -52.70 17.69 45.76
N CYS H 786 -52.06 16.59 46.15
CA CYS H 786 -52.61 15.78 47.24
C CYS H 786 -52.58 16.60 48.51
N CYS H 787 -51.52 17.39 48.70
CA CYS H 787 -51.38 18.11 49.97
C CYS H 787 -52.54 19.09 50.07
N PHE H 788 -53.09 19.50 48.94
CA PHE H 788 -54.30 20.34 49.01
C PHE H 788 -55.38 19.41 49.51
N ASP H 789 -55.43 18.21 48.95
CA ASP H 789 -56.56 17.33 49.34
C ASP H 789 -56.37 16.85 50.79
N ILE H 790 -55.13 16.52 51.20
CA ILE H 790 -54.80 16.06 52.58
C ILE H 790 -55.08 17.18 53.57
N SER H 791 -54.81 18.43 53.21
CA SER H 791 -55.15 19.58 54.09
C SER H 791 -56.66 19.64 54.29
N LEU H 792 -57.42 19.46 53.21
CA LEU H 792 -58.90 19.40 53.38
C LEU H 792 -59.27 18.25 54.31
N VAL H 793 -58.60 17.10 54.15
CA VAL H 793 -58.89 15.90 55.00
C VAL H 793 -58.61 16.21 56.47
N LEU H 794 -57.51 16.90 56.75
CA LEU H 794 -57.12 17.24 58.14
C LEU H 794 -58.20 18.17 58.70
N SER H 795 -58.66 19.12 57.87
CA SER H 795 -59.73 20.04 58.32
C SER H 795 -61.01 19.27 58.64
N SER H 796 -61.36 18.24 57.85
CA SER H 796 -62.67 17.55 58.05
C SER H 796 -62.66 16.39 59.06
N ASN H 797 -61.52 15.72 59.30
CA ASN H 797 -61.50 14.51 60.16
C ASN H 797 -61.36 14.89 61.63
N GLN H 798 -60.45 15.80 61.99
CA GLN H 798 -60.42 16.22 63.44
C GLN H 798 -60.06 15.02 64.34
N LYS H 799 -60.89 13.96 64.45
CA LYS H 799 -60.58 12.69 65.10
C LYS H 799 -59.29 12.05 64.63
N LEU H 800 -58.68 12.52 63.54
CA LEU H 800 -57.37 12.02 63.16
C LEU H 800 -56.33 12.54 64.15
N VAL H 801 -55.54 11.62 64.71
CA VAL H 801 -54.61 12.00 65.76
C VAL H 801 -53.15 11.89 65.33
N GLU H 802 -52.87 11.22 64.22
CA GLU H 802 -51.48 10.97 63.82
C GLU H 802 -51.42 10.77 62.32
N LEU H 803 -50.43 11.39 61.68
CA LEU H 803 -50.25 11.31 60.24
C LEU H 803 -48.78 11.09 59.92
N ASP H 804 -48.51 10.19 58.98
CA ASP H 804 -47.15 9.90 58.55
C ASP H 804 -47.06 10.14 57.05
N LEU H 805 -46.35 11.19 56.66
CA LEU H 805 -46.10 11.50 55.26
C LEU H 805 -44.64 11.35 54.89
N SER H 806 -43.86 10.61 55.68
CA SER H 806 -42.43 10.49 55.47
C SER H 806 -42.12 9.84 54.13
N ASP H 807 -40.98 10.24 53.56
CA ASP H 807 -40.42 9.63 52.35
C ASP H 807 -41.31 9.89 51.14
N ASN H 808 -42.30 10.76 51.28
CA ASN H 808 -43.12 11.15 50.14
C ASN H 808 -42.59 12.45 49.56
N ALA H 809 -42.13 12.39 48.31
CA ALA H 809 -41.53 13.56 47.67
C ALA H 809 -42.61 14.58 47.31
N LEU H 810 -42.81 15.53 48.23
CA LEU H 810 -43.86 16.57 48.07
C LEU H 810 -43.34 18.01 47.85
N GLY H 811 -42.31 18.48 48.57
CA GLY H 811 -41.86 19.88 48.54
C GLY H 811 -42.54 20.83 49.51
N ASP H 812 -42.22 22.13 49.38
CA ASP H 812 -42.71 23.16 50.35
C ASP H 812 -44.17 23.67 50.15
N PHE H 813 -44.67 23.85 48.92
CA PHE H 813 -46.02 24.42 48.70
C PHE H 813 -46.95 23.50 49.47
N GLY H 814 -46.54 22.24 49.44
CA GLY H 814 -47.38 21.26 50.14
C GLY H 814 -47.42 21.61 51.59
N ILE H 815 -46.29 21.94 52.19
CA ILE H 815 -46.25 22.32 53.62
C ILE H 815 -47.14 23.54 53.86
N ARG H 816 -47.12 24.54 52.97
CA ARG H 816 -47.99 25.73 53.11
C ARG H 816 -49.47 25.32 53.20
N LEU H 817 -49.94 24.48 52.28
CA LEU H 817 -51.37 24.08 52.26
C LEU H 817 -51.66 23.21 53.49
N LEU H 818 -50.72 22.35 53.86
CA LEU H 818 -50.92 21.40 54.98
C LEU H 818 -51.05 22.22 56.26
N CYS H 819 -50.32 23.31 56.40
CA CYS H 819 -50.38 24.23 57.57
C CYS H 819 -51.73 24.92 57.76
N VAL H 820 -52.34 25.40 56.66
CA VAL H 820 -53.70 26.01 56.77
C VAL H 820 -54.63 24.90 57.24
N GLY H 821 -54.32 23.65 56.88
CA GLY H 821 -55.09 22.53 57.40
C GLY H 821 -54.80 22.35 58.86
N LEU H 822 -53.55 22.33 59.30
CA LEU H 822 -53.14 22.03 60.70
C LEU H 822 -53.81 23.03 61.60
N LYS H 823 -54.16 24.23 61.11
CA LYS H 823 -54.69 25.27 62.05
C LYS H 823 -56.21 25.43 62.00
N HIS H 824 -56.96 24.46 61.45
CA HIS H 824 -58.45 24.56 61.50
C HIS H 824 -59.06 23.28 62.08
N LEU H 825 -59.90 23.39 63.13
CA LEU H 825 -60.47 22.18 63.79
C LEU H 825 -59.40 21.10 63.78
N LEU H 826 -58.27 21.33 64.45
CA LEU H 826 -57.13 20.44 64.33
C LEU H 826 -56.13 20.54 65.49
N CYS H 827 -56.56 20.96 66.68
CA CYS H 827 -55.68 20.91 67.83
C CYS H 827 -55.31 19.47 68.18
N ASN H 828 -56.21 18.53 67.87
CA ASN H 828 -56.05 17.15 68.31
C ASN H 828 -54.84 16.46 67.70
N LEU H 829 -54.35 16.93 66.55
CA LEU H 829 -53.19 16.30 65.91
C LEU H 829 -51.97 16.53 66.77
N LYS H 830 -51.31 15.44 67.18
CA LYS H 830 -50.17 15.53 68.08
C LYS H 830 -48.86 15.19 67.40
N LYS H 831 -48.85 14.29 66.42
CA LYS H 831 -47.64 13.83 65.78
C LYS H 831 -47.75 13.99 64.27
N LEU H 832 -46.61 14.19 63.62
CA LEU H 832 -46.57 14.33 62.17
C LEU H 832 -45.20 13.89 61.68
N TRP H 833 -45.18 12.93 60.76
CA TRP H 833 -43.93 12.42 60.19
C TRP H 833 -43.78 12.97 58.78
N LEU H 834 -42.69 13.72 58.56
CA LEU H 834 -42.49 14.40 57.29
C LEU H 834 -41.06 14.30 56.78
N VAL H 835 -40.32 13.24 57.13
CA VAL H 835 -38.93 13.17 56.72
C VAL H 835 -38.83 12.77 55.26
N SER H 836 -37.71 13.16 54.64
CA SER H 836 -37.36 12.80 53.26
C SER H 836 -38.39 13.26 52.24
N CYS H 837 -39.14 14.31 52.53
CA CYS H 837 -40.14 14.82 51.61
C CYS H 837 -39.60 15.84 50.62
N CYS H 838 -38.29 15.82 50.36
CA CYS H 838 -37.60 16.79 49.51
C CYS H 838 -38.11 18.21 49.76
N LEU H 839 -37.95 18.64 51.01
CA LEU H 839 -38.45 19.93 51.47
C LEU H 839 -37.33 20.94 51.47
N THR H 840 -37.52 22.15 50.95
CA THR H 840 -36.42 23.15 51.07
C THR H 840 -36.57 23.95 52.36
N SER H 841 -35.69 24.92 52.60
CA SER H 841 -35.71 25.70 53.86
C SER H 841 -36.99 26.52 53.95
N ALA H 842 -37.41 27.08 52.83
CA ALA H 842 -38.65 27.89 52.79
C ALA H 842 -39.73 27.32 53.69
N CYS H 843 -39.96 26.01 53.65
CA CYS H 843 -41.09 25.52 54.43
C CYS H 843 -40.99 25.89 55.90
N CYS H 844 -39.80 26.25 56.38
CA CYS H 844 -39.63 26.53 57.81
C CYS H 844 -40.44 27.75 58.22
N GLN H 845 -40.49 28.77 57.35
CA GLN H 845 -41.37 29.90 57.60
C GLN H 845 -42.81 29.44 57.83
N ASP H 846 -43.23 28.41 57.11
CA ASP H 846 -44.57 27.86 57.24
C ASP H 846 -44.72 27.05 58.53
N LEU H 847 -43.75 26.18 58.83
CA LEU H 847 -43.87 25.33 60.02
C LEU H 847 -43.86 26.15 61.29
N ALA H 848 -43.26 27.35 61.26
CA ALA H 848 -43.20 28.19 62.45
C ALA H 848 -44.58 28.71 62.81
N SER H 849 -45.30 29.24 61.83
CA SER H 849 -46.57 29.90 62.12
C SER H 849 -47.58 28.93 62.71
N VAL H 850 -47.68 27.73 62.14
CA VAL H 850 -48.61 26.74 62.67
C VAL H 850 -48.22 26.36 64.10
N LEU H 851 -46.94 26.06 64.31
CA LEU H 851 -46.47 25.79 65.66
C LEU H 851 -46.60 27.01 66.56
N SER H 852 -46.53 28.21 65.97
CA SER H 852 -46.78 29.41 66.74
C SER H 852 -48.23 29.48 67.23
N THR H 853 -49.12 28.68 66.65
CA THR H 853 -50.52 28.65 67.02
C THR H 853 -51.04 27.29 67.40
N SER H 854 -50.26 26.22 67.18
CA SER H 854 -50.72 24.86 67.43
C SER H 854 -50.97 24.63 68.92
N HIS H 855 -52.09 24.00 69.22
CA HIS H 855 -52.45 23.72 70.61
C HIS H 855 -51.78 22.46 71.12
N SER H 856 -52.08 21.32 70.51
CA SER H 856 -51.64 20.02 71.02
C SER H 856 -50.82 19.24 70.00
N LEU H 857 -49.86 19.88 69.34
CA LEU H 857 -48.90 19.15 68.52
C LEU H 857 -47.76 18.65 69.40
N THR H 858 -47.73 17.34 69.66
CA THR H 858 -46.81 16.76 70.64
C THR H 858 -45.45 16.43 70.06
N ARG H 859 -45.40 15.81 68.89
CA ARG H 859 -44.14 15.34 68.31
C ARG H 859 -44.04 15.83 66.88
N LEU H 860 -42.81 16.12 66.43
CA LEU H 860 -42.58 16.56 65.07
C LEU H 860 -41.37 15.83 64.50
N TYR H 861 -41.52 15.30 63.30
CA TYR H 861 -40.43 14.60 62.60
C TYR H 861 -40.25 15.23 61.24
N VAL H 862 -39.20 16.06 61.10
CA VAL H 862 -38.97 16.77 59.85
C VAL H 862 -37.53 16.61 59.42
N GLY H 863 -36.83 15.62 59.97
CA GLY H 863 -35.43 15.42 59.64
C GLY H 863 -35.19 14.98 58.22
N GLU H 864 -33.92 14.93 57.83
CA GLU H 864 -33.49 14.39 56.54
C GLU H 864 -33.96 15.23 55.35
N ASN H 865 -34.67 16.33 55.61
CA ASN H 865 -35.04 17.22 54.53
C ASN H 865 -34.02 18.35 54.39
N ALA H 866 -34.13 19.07 53.28
CA ALA H 866 -33.18 20.15 52.98
C ALA H 866 -33.59 21.44 53.65
N LEU H 867 -33.47 21.51 54.98
CA LEU H 867 -33.74 22.75 55.69
C LEU H 867 -32.47 23.56 55.90
N GLY H 868 -31.41 22.93 56.37
CA GLY H 868 -30.16 23.63 56.60
C GLY H 868 -30.21 24.49 57.85
N ASP H 869 -29.06 25.06 58.22
CA ASP H 869 -29.02 25.98 59.35
C ASP H 869 -29.86 27.22 59.07
N SER H 870 -29.92 27.65 57.81
CA SER H 870 -30.77 28.78 57.46
C SER H 870 -32.23 28.47 57.73
N GLY H 871 -32.67 27.26 57.38
CA GLY H 871 -34.04 26.86 57.63
C GLY H 871 -34.39 26.80 59.11
N VAL H 872 -33.52 26.17 59.91
CA VAL H 872 -33.82 26.02 61.33
C VAL H 872 -33.78 27.36 62.04
N ALA H 873 -33.14 28.36 61.43
CA ALA H 873 -33.11 29.70 62.01
C ALA H 873 -34.53 30.22 62.24
N ILE H 874 -35.46 29.83 61.38
CA ILE H 874 -36.87 30.09 61.64
C ILE H 874 -37.41 29.07 62.65
N LEU H 875 -36.98 27.81 62.51
CA LEU H 875 -37.51 26.74 63.35
C LEU H 875 -37.22 26.97 64.83
N CYS H 876 -36.23 27.79 65.15
CA CYS H 876 -35.95 28.12 66.53
C CYS H 876 -36.77 29.30 67.03
N GLU H 877 -37.17 30.22 66.14
CA GLU H 877 -37.91 31.40 66.56
C GLU H 877 -39.25 31.01 67.15
N LYS H 878 -39.92 30.02 66.57
CA LYS H 878 -41.25 29.64 67.01
C LYS H 878 -41.24 29.02 68.41
N ALA H 879 -40.14 28.43 68.82
CA ALA H 879 -40.09 27.60 70.01
C ALA H 879 -39.94 28.40 71.30
N LYS H 880 -39.91 29.73 71.23
CA LYS H 880 -39.71 30.54 72.42
C LYS H 880 -40.96 30.70 73.27
N ASN H 881 -42.14 30.45 72.72
CA ASN H 881 -43.37 30.76 73.44
C ASN H 881 -43.80 29.61 74.35
N PRO H 882 -44.47 29.92 75.45
CA PRO H 882 -44.99 28.86 76.32
C PRO H 882 -46.05 28.00 75.67
N GLN H 883 -46.73 28.50 74.62
CA GLN H 883 -47.76 27.71 73.95
C GLN H 883 -47.20 26.50 73.22
N CYS H 884 -45.88 26.42 73.05
CA CYS H 884 -45.26 25.32 72.29
C CYS H 884 -45.37 24.03 73.09
N ASN H 885 -46.42 23.27 72.79
CA ASN H 885 -46.70 22.01 73.48
C ASN H 885 -46.00 20.84 72.78
N LEU H 886 -44.98 21.13 71.98
CA LEU H 886 -44.20 20.06 71.38
C LEU H 886 -43.32 19.41 72.43
N GLN H 887 -43.08 18.11 72.26
CA GLN H 887 -42.25 17.36 73.20
C GLN H 887 -41.03 16.73 72.53
N LYS H 888 -41.21 16.07 71.40
CA LYS H 888 -40.12 15.45 70.66
C LYS H 888 -39.76 16.33 69.46
N LEU H 889 -38.59 16.08 68.88
CA LEU H 889 -38.15 16.80 67.70
C LEU H 889 -37.23 15.89 66.89
N GLY H 890 -37.63 15.57 65.66
CA GLY H 890 -36.81 14.75 64.80
C GLY H 890 -36.07 15.57 63.76
N LEU H 891 -34.76 15.73 63.96
CA LEU H 891 -33.92 16.52 63.07
C LEU H 891 -32.71 15.74 62.56
N VAL H 892 -32.79 14.41 62.54
CA VAL H 892 -31.67 13.57 62.17
C VAL H 892 -31.34 13.76 60.69
N ASN H 893 -30.04 13.80 60.37
CA ASN H 893 -29.54 13.84 58.99
C ASN H 893 -30.09 15.03 58.21
N SER H 894 -30.33 16.14 58.88
CA SER H 894 -30.91 17.32 58.24
C SER H 894 -29.87 18.19 57.54
N GLY H 895 -28.59 17.92 57.73
CA GLY H 895 -27.55 18.74 57.15
C GLY H 895 -27.17 19.97 57.94
N LEU H 896 -27.68 20.10 59.17
CA LEU H 896 -27.38 21.27 59.99
C LEU H 896 -25.92 21.25 60.42
N THR H 897 -25.42 22.42 60.82
CA THR H 897 -24.04 22.56 61.26
C THR H 897 -24.01 23.27 62.61
N SER H 898 -22.79 23.56 63.07
CA SER H 898 -22.60 24.13 64.39
C SER H 898 -23.21 25.51 64.54
N VAL H 899 -23.34 26.26 63.44
CA VAL H 899 -23.81 27.64 63.52
C VAL H 899 -25.24 27.70 64.05
N CYS H 900 -26.02 26.64 63.84
CA CYS H 900 -27.41 26.62 64.29
C CYS H 900 -27.54 26.28 65.76
N CYS H 901 -26.49 25.78 66.40
CA CYS H 901 -26.58 25.39 67.81
C CYS H 901 -26.80 26.60 68.72
N SER H 902 -26.20 27.74 68.38
CA SER H 902 -26.37 28.94 69.19
C SER H 902 -27.83 29.31 69.34
N ALA H 903 -28.64 28.98 68.33
CA ALA H 903 -30.06 29.29 68.39
C ALA H 903 -30.82 28.29 69.25
N LEU H 904 -30.75 27.01 68.88
CA LEU H 904 -31.52 25.99 69.58
C LEU H 904 -31.10 25.87 71.04
N SER H 905 -29.88 26.30 71.37
CA SER H 905 -29.46 26.34 72.77
C SER H 905 -30.40 27.21 73.59
N SER H 906 -30.66 28.42 73.11
CA SER H 906 -31.65 29.28 73.77
C SER H 906 -33.05 28.68 73.71
N VAL H 907 -33.33 27.89 72.68
CA VAL H 907 -34.66 27.29 72.53
C VAL H 907 -34.95 26.35 73.69
N LEU H 908 -33.98 25.49 74.03
CA LEU H 908 -34.23 24.48 75.06
C LEU H 908 -34.53 25.11 76.41
N SER H 909 -33.79 26.16 76.78
CA SER H 909 -34.05 26.82 78.05
C SER H 909 -35.40 27.53 78.05
N THR H 910 -35.77 28.16 76.94
CA THR H 910 -36.99 28.94 76.86
C THR H 910 -38.24 28.10 76.57
N ASN H 911 -38.08 26.81 76.32
CA ASN H 911 -39.21 25.92 76.07
C ASN H 911 -39.47 25.05 77.29
N GLN H 912 -40.73 25.01 77.72
CA GLN H 912 -41.14 24.25 78.89
C GLN H 912 -41.75 22.90 78.54
N ASN H 913 -41.74 22.52 77.28
CA ASN H 913 -42.39 21.27 76.91
C ASN H 913 -41.50 20.32 76.12
N LEU H 914 -40.60 20.85 75.29
CA LEU H 914 -39.70 19.98 74.54
C LEU H 914 -38.87 19.13 75.49
N THR H 915 -38.78 17.83 75.19
CA THR H 915 -38.11 16.90 76.07
C THR H 915 -37.18 15.97 75.32
N HIS H 916 -37.39 15.85 74.00
CA HIS H 916 -36.60 14.97 73.15
C HIS H 916 -36.05 15.75 71.96
N LEU H 917 -34.84 15.39 71.55
CA LEU H 917 -34.25 15.92 70.32
C LEU H 917 -33.39 14.84 69.70
N TYR H 918 -33.57 14.60 68.40
CA TYR H 918 -32.84 13.56 67.69
C TYR H 918 -32.02 14.21 66.58
N LEU H 919 -30.71 13.93 66.58
CA LEU H 919 -29.79 14.60 65.69
C LEU H 919 -28.76 13.67 65.04
N ARG H 920 -29.01 12.37 64.98
CA ARG H 920 -27.99 11.45 64.50
C ARG H 920 -27.63 11.73 63.04
N GLY H 921 -26.35 11.56 62.72
CA GLY H 921 -25.85 11.75 61.37
C GLY H 921 -25.62 13.19 60.96
N ASN H 922 -25.98 14.16 61.80
CA ASN H 922 -25.83 15.57 61.45
C ASN H 922 -24.54 16.11 62.08
N THR H 923 -23.69 16.70 61.25
CA THR H 923 -22.40 17.18 61.74
C THR H 923 -22.56 18.47 62.52
N LEU H 924 -22.10 18.47 63.77
CA LEU H 924 -22.08 19.69 64.56
C LEU H 924 -20.65 20.04 64.96
N GLY H 925 -19.91 19.07 65.47
CA GLY H 925 -18.58 19.33 65.98
C GLY H 925 -18.64 19.87 67.39
N ASP H 926 -17.52 19.78 68.11
CA ASP H 926 -17.51 20.11 69.54
C ASP H 926 -17.88 21.57 69.78
N LYS H 927 -17.63 22.45 68.82
CA LYS H 927 -18.03 23.84 68.99
C LYS H 927 -19.53 23.96 69.18
N GLY H 928 -20.32 23.28 68.34
CA GLY H 928 -21.75 23.29 68.54
C GLY H 928 -22.17 22.58 69.82
N ILE H 929 -21.58 21.41 70.08
CA ILE H 929 -21.94 20.65 71.26
C ILE H 929 -21.59 21.42 72.53
N LYS H 930 -20.55 22.26 72.46
CA LYS H 930 -20.20 23.12 73.59
C LYS H 930 -21.41 23.96 74.01
N LEU H 931 -22.09 24.54 73.03
CA LEU H 931 -23.28 25.33 73.34
C LEU H 931 -24.42 24.47 73.82
N LEU H 932 -24.45 23.19 73.43
CA LEU H 932 -25.53 22.30 73.86
C LEU H 932 -25.54 22.14 75.37
N CYS H 933 -24.36 21.99 75.97
CA CYS H 933 -24.27 21.92 77.42
C CYS H 933 -24.83 23.19 78.05
N GLU H 934 -24.44 24.34 77.50
CA GLU H 934 -25.03 25.60 77.93
C GLU H 934 -26.53 25.62 77.63
N GLY H 935 -26.93 24.99 76.52
CA GLY H 935 -28.33 24.90 76.16
C GLY H 935 -29.17 24.09 77.13
N LEU H 936 -28.55 23.22 77.92
CA LEU H 936 -29.21 22.55 79.03
C LEU H 936 -28.69 23.01 80.38
N LEU H 937 -27.82 24.02 80.41
CA LEU H 937 -27.29 24.50 81.68
C LEU H 937 -28.38 25.10 82.56
N HIS H 938 -29.39 25.71 81.95
CA HIS H 938 -30.44 26.36 82.73
C HIS H 938 -31.26 25.33 83.49
N PRO H 939 -31.57 25.56 84.76
CA PRO H 939 -32.36 24.56 85.51
C PRO H 939 -33.73 24.30 84.92
N ASP H 940 -34.33 25.29 84.27
CA ASP H 940 -35.69 25.13 83.74
C ASP H 940 -35.74 24.29 82.47
N CYS H 941 -34.67 23.59 82.13
CA CYS H 941 -34.68 22.72 80.96
C CYS H 941 -35.37 21.41 81.29
N LYS H 942 -36.20 20.93 80.36
CA LYS H 942 -36.93 19.68 80.53
C LYS H 942 -36.51 18.60 79.53
N LEU H 943 -35.26 18.60 79.09
CA LEU H 943 -34.80 17.60 78.12
C LEU H 943 -34.68 16.25 78.80
N GLN H 944 -35.23 15.21 78.16
CA GLN H 944 -35.09 13.85 78.68
C GLN H 944 -34.33 12.94 77.74
N VAL H 945 -34.40 13.18 76.44
CA VAL H 945 -33.75 12.32 75.46
C VAL H 945 -33.01 13.18 74.44
N LEU H 946 -31.79 12.77 74.11
CA LEU H 946 -31.00 13.46 73.10
C LEU H 946 -30.22 12.42 72.30
N GLU H 947 -30.21 12.60 70.98
CA GLU H 947 -29.47 11.75 70.07
C GLU H 947 -28.33 12.54 69.45
N LEU H 948 -27.11 12.02 69.61
CA LEU H 948 -25.93 12.68 69.05
C LEU H 948 -25.00 11.70 68.36
N ASP H 949 -25.49 10.51 67.99
CA ASP H 949 -24.66 9.56 67.27
C ASP H 949 -24.30 10.10 65.90
N ASN H 950 -23.08 9.78 65.45
CA ASN H 950 -22.60 10.17 64.12
C ASN H 950 -22.62 11.69 63.93
N CYS H 951 -22.40 12.44 65.01
CA CYS H 951 -22.49 13.89 64.98
C CYS H 951 -21.15 14.57 64.66
N ASN H 952 -20.12 13.78 64.33
CA ASN H 952 -18.76 14.30 64.17
C ASN H 952 -18.31 14.99 65.46
N LEU H 953 -18.23 14.21 66.53
CA LEU H 953 -17.88 14.72 67.85
C LEU H 953 -16.55 14.11 68.30
N THR H 954 -15.80 14.88 69.06
CA THR H 954 -14.48 14.48 69.52
C THR H 954 -14.47 14.38 71.04
N SER H 955 -13.37 13.84 71.55
CA SER H 955 -13.18 13.63 72.98
C SER H 955 -13.20 14.94 73.77
N HIS H 956 -12.87 16.04 73.09
CA HIS H 956 -12.72 17.33 73.77
C HIS H 956 -14.00 17.74 74.48
N CYS H 957 -15.14 17.63 73.79
CA CYS H 957 -16.39 18.08 74.37
C CYS H 957 -16.96 17.08 75.37
N CYS H 958 -16.41 15.87 75.42
CA CYS H 958 -16.97 14.86 76.31
C CYS H 958 -16.90 15.29 77.77
N TRP H 959 -15.80 15.94 78.17
CA TRP H 959 -15.71 16.45 79.53
C TRP H 959 -16.80 17.47 79.79
N ASP H 960 -17.07 18.33 78.81
CA ASP H 960 -18.06 19.38 78.98
C ASP H 960 -19.45 18.79 79.15
N LEU H 961 -19.85 17.89 78.26
CA LEU H 961 -21.17 17.28 78.37
C LEU H 961 -21.29 16.44 79.63
N SER H 962 -20.21 15.76 80.02
CA SER H 962 -20.24 14.97 81.24
C SER H 962 -20.53 15.84 82.46
N THR H 963 -19.94 17.03 82.50
CA THR H 963 -20.19 17.94 83.62
C THR H 963 -21.67 18.27 83.73
N LEU H 964 -22.32 18.51 82.60
CA LEU H 964 -23.76 18.74 82.60
C LEU H 964 -24.51 17.50 83.07
N LEU H 965 -24.09 16.32 82.60
CA LEU H 965 -24.80 15.09 82.94
C LEU H 965 -24.90 14.90 84.45
N THR H 966 -23.80 15.10 85.15
CA THR H 966 -23.86 15.05 86.62
C THR H 966 -24.73 16.17 87.18
N SER H 967 -24.65 17.36 86.59
CA SER H 967 -25.36 18.52 87.09
C SER H 967 -26.79 18.63 86.54
N SER H 968 -27.20 17.72 85.67
CA SER H 968 -28.55 17.75 85.11
C SER H 968 -29.32 16.54 85.59
N GLN H 969 -30.55 16.78 86.06
CA GLN H 969 -31.41 15.71 86.54
C GLN H 969 -32.52 15.38 85.56
N SER H 970 -32.83 16.30 84.64
CA SER H 970 -33.95 16.10 83.73
C SER H 970 -33.65 15.04 82.68
N LEU H 971 -32.39 14.91 82.26
CA LEU H 971 -32.04 14.00 81.19
C LEU H 971 -32.15 12.55 81.65
N ARG H 972 -32.53 11.66 80.74
CA ARG H 972 -32.70 10.24 81.04
C ARG H 972 -31.77 9.37 80.21
N LYS H 973 -31.66 9.63 78.91
CA LYS H 973 -30.92 8.78 78.00
C LYS H 973 -30.17 9.64 76.99
N LEU H 974 -29.01 9.17 76.56
CA LEU H 974 -28.19 9.87 75.60
C LEU H 974 -27.48 8.86 74.70
N SER H 975 -27.27 9.25 73.44
CA SER H 975 -26.57 8.43 72.48
C SER H 975 -25.48 9.26 71.81
N LEU H 976 -24.29 8.66 71.69
CA LEU H 976 -23.14 9.42 71.22
C LEU H 976 -22.22 8.64 70.28
N GLY H 977 -22.67 7.54 69.68
CA GLY H 977 -21.79 6.69 68.90
C GLY H 977 -21.25 7.32 67.63
N ASN H 978 -20.35 6.61 66.95
CA ASN H 978 -19.75 7.06 65.70
C ASN H 978 -19.11 8.44 65.83
N ASN H 979 -18.38 8.64 66.95
CA ASN H 979 -17.72 9.90 67.20
C ASN H 979 -16.38 9.64 67.88
N ASP H 980 -15.53 10.65 67.86
CA ASP H 980 -14.18 10.54 68.43
C ASP H 980 -14.20 10.59 69.95
N LEU H 981 -14.85 9.62 70.59
CA LEU H 981 -14.91 9.60 72.05
C LEU H 981 -13.55 9.39 72.66
N GLY H 982 -12.75 8.49 72.09
CA GLY H 982 -11.41 8.23 72.59
C GLY H 982 -11.38 7.49 73.91
N ASP H 983 -10.23 6.90 74.23
CA ASP H 983 -10.08 6.18 75.48
C ASP H 983 -10.22 7.10 76.68
N LEU H 984 -9.62 8.29 76.61
CA LEU H 984 -9.72 9.24 77.70
C LEU H 984 -11.15 9.72 77.91
N GLY H 985 -11.87 9.98 76.81
CA GLY H 985 -13.24 10.43 76.89
C GLY H 985 -14.18 9.41 77.50
N VAL H 986 -14.11 8.18 77.02
CA VAL H 986 -14.96 7.12 77.57
C VAL H 986 -14.59 6.84 79.01
N MET H 987 -13.36 7.16 79.41
CA MET H 987 -12.93 6.97 80.78
C MET H 987 -13.74 7.81 81.75
N MET H 988 -14.07 9.04 81.36
CA MET H 988 -14.77 9.95 82.26
C MET H 988 -16.12 9.40 82.67
N PHE H 989 -16.71 8.52 81.87
CA PHE H 989 -17.94 7.86 82.27
C PHE H 989 -17.76 7.06 83.54
N CYS H 990 -16.55 6.58 83.81
CA CYS H 990 -16.28 5.99 85.12
C CYS H 990 -16.33 7.06 86.21
N GLU H 991 -15.72 8.21 85.96
CA GLU H 991 -15.82 9.31 86.92
C GLU H 991 -17.26 9.74 87.09
N VAL H 992 -18.06 9.66 86.02
CA VAL H 992 -19.49 9.90 86.14
C VAL H 992 -20.08 8.95 87.17
N LEU H 993 -19.72 7.67 87.10
CA LEU H 993 -20.17 6.72 88.10
C LEU H 993 -19.60 7.06 89.47
N LYS H 994 -18.33 7.46 89.52
CA LYS H 994 -17.72 7.82 90.80
C LYS H 994 -18.38 9.07 91.40
N GLN H 995 -19.03 9.89 90.56
CA GLN H 995 -19.87 10.98 91.05
C GLN H 995 -21.28 10.46 91.21
N GLN H 996 -21.68 10.25 92.47
CA GLN H 996 -22.94 9.59 92.79
C GLN H 996 -24.16 10.34 92.24
N SER H 997 -23.95 11.55 91.74
CA SER H 997 -25.03 12.30 91.10
C SER H 997 -25.43 11.71 89.75
N CYS H 998 -24.84 10.58 89.36
CA CYS H 998 -25.13 9.98 88.06
C CYS H 998 -26.42 9.18 88.06
N LEU H 999 -27.53 9.83 88.41
CA LEU H 999 -28.82 9.15 88.37
C LEU H 999 -29.41 9.23 86.96
N LEU H 1000 -28.63 8.83 85.97
CA LEU H 1000 -29.12 8.73 84.61
C LEU H 1000 -29.83 7.40 84.41
N GLN H 1001 -30.65 7.33 83.35
CA GLN H 1001 -31.45 6.15 83.10
C GLN H 1001 -30.90 5.26 82.00
N ASN H 1002 -30.19 5.82 81.02
CA ASN H 1002 -29.62 5.01 79.95
C ASN H 1002 -28.51 5.79 79.27
N LEU H 1003 -27.62 5.06 78.60
CA LEU H 1003 -26.57 5.65 77.78
C LEU H 1003 -26.18 4.68 76.69
N GLY H 1004 -26.12 5.16 75.45
CA GLY H 1004 -25.82 4.29 74.33
C GLY H 1004 -24.66 4.74 73.47
N LEU H 1005 -23.61 3.94 73.43
CA LEU H 1005 -22.44 4.18 72.60
C LEU H 1005 -22.18 2.95 71.76
N SER H 1006 -21.69 3.15 70.53
CA SER H 1006 -21.56 2.03 69.60
C SER H 1006 -20.67 2.41 68.43
N GLU H 1007 -20.34 1.41 67.62
CA GLU H 1007 -19.78 1.50 66.28
C GLU H 1007 -18.35 2.00 66.22
N MET H 1008 -17.60 1.95 67.32
CA MET H 1008 -16.19 2.34 67.33
C MET H 1008 -15.36 1.20 67.89
N TYR H 1009 -14.29 0.84 67.19
CA TYR H 1009 -13.41 -0.23 67.66
C TYR H 1009 -12.39 0.30 68.65
N PHE H 1010 -12.22 -0.43 69.75
CA PHE H 1010 -11.21 -0.13 70.74
C PHE H 1010 -10.61 -1.43 71.24
N ASN H 1011 -9.58 -1.31 72.06
CA ASN H 1011 -8.95 -2.48 72.65
C ASN H 1011 -9.60 -2.81 73.99
N TYR H 1012 -8.90 -3.64 74.78
CA TYR H 1012 -9.49 -4.26 75.98
C TYR H 1012 -9.89 -3.23 77.03
N GLU H 1013 -9.08 -2.19 77.22
CA GLU H 1013 -9.27 -1.30 78.37
C GLU H 1013 -10.64 -0.60 78.32
N THR H 1014 -11.11 -0.22 77.13
CA THR H 1014 -12.42 0.40 77.03
C THR H 1014 -13.50 -0.53 77.57
N LYS H 1015 -13.47 -1.78 77.16
CA LYS H 1015 -14.41 -2.76 77.70
C LYS H 1015 -14.06 -3.10 79.14
N SER H 1016 -12.78 -2.98 79.51
CA SER H 1016 -12.33 -3.48 80.80
C SER H 1016 -13.10 -2.84 81.95
N ALA H 1017 -13.18 -1.51 81.97
CA ALA H 1017 -13.91 -0.83 83.04
C ALA H 1017 -15.41 -0.96 82.85
N LEU H 1018 -15.85 -1.25 81.63
CA LEU H 1018 -17.26 -1.22 81.29
C LEU H 1018 -18.06 -2.21 82.13
N GLU H 1019 -17.73 -3.50 82.02
CA GLU H 1019 -18.51 -4.53 82.69
C GLU H 1019 -18.48 -4.36 84.20
N THR H 1020 -17.32 -4.02 84.76
CA THR H 1020 -17.20 -3.85 86.20
C THR H 1020 -18.13 -2.77 86.72
N LEU H 1021 -18.18 -1.64 86.05
CA LEU H 1021 -19.05 -0.56 86.48
C LEU H 1021 -20.50 -0.82 86.10
N GLN H 1022 -20.76 -1.50 84.99
CA GLN H 1022 -22.10 -1.98 84.72
C GLN H 1022 -22.54 -2.96 85.80
N GLU H 1023 -21.64 -3.84 86.24
CA GLU H 1023 -21.93 -4.71 87.37
C GLU H 1023 -22.18 -3.90 88.63
N GLU H 1024 -21.38 -2.86 88.85
CA GLU H 1024 -21.56 -2.02 90.04
C GLU H 1024 -22.87 -1.26 89.97
N LYS H 1025 -23.26 -0.81 88.78
CA LYS H 1025 -24.37 0.12 88.64
C LYS H 1025 -25.61 -0.57 88.07
N PRO H 1026 -26.62 -0.86 88.88
CA PRO H 1026 -27.91 -1.29 88.32
C PRO H 1026 -28.84 -0.14 88.00
N GLU H 1027 -28.58 1.06 88.55
CA GLU H 1027 -29.48 2.19 88.33
C GLU H 1027 -29.45 2.65 86.88
N LEU H 1028 -28.26 2.69 86.28
CA LEU H 1028 -28.07 3.25 84.95
C LEU H 1028 -27.94 2.12 83.94
N THR H 1029 -28.77 2.17 82.89
CA THR H 1029 -28.74 1.17 81.84
C THR H 1029 -27.73 1.57 80.76
N VAL H 1030 -26.44 1.40 81.05
CA VAL H 1030 -25.42 1.64 80.06
C VAL H 1030 -25.36 0.46 79.10
N VAL H 1031 -25.35 0.75 77.81
CA VAL H 1031 -25.32 -0.29 76.78
C VAL H 1031 -24.20 0.02 75.80
N PHE H 1032 -23.43 -1.01 75.46
CA PHE H 1032 -22.35 -0.92 74.47
C PHE H 1032 -22.69 -1.94 73.38
N GLU H 1033 -23.17 -1.45 72.24
CA GLU H 1033 -23.66 -2.33 71.18
C GLU H 1033 -22.58 -3.26 70.63
N PRO H 1034 -21.36 -2.80 70.31
CA PRO H 1034 -20.37 -3.73 69.77
C PRO H 1034 -19.68 -4.58 70.82
N SER H 1035 -20.08 -4.41 72.08
CA SER H 1035 -19.48 -5.18 73.17
C SER H 1035 -19.90 -6.64 73.10
N TRP H 1036 -19.10 -7.50 73.73
CA TRP H 1036 -19.40 -8.92 73.78
C TRP H 1036 -20.34 -9.24 74.94
N LYS I 133 33.16 15.97 21.34
CA LYS I 133 34.01 14.99 20.62
C LYS I 133 35.23 15.75 20.06
N LYS I 134 35.02 16.93 19.48
CA LYS I 134 36.13 17.68 18.86
C LYS I 134 37.15 18.07 19.93
N ASP I 135 36.67 18.55 21.09
CA ASP I 135 37.63 18.98 22.14
C ASP I 135 38.43 17.76 22.64
N TYR I 136 37.77 16.62 22.81
CA TYR I 136 38.49 15.39 23.25
C TYR I 136 39.52 14.95 22.20
N ARG I 137 39.22 15.09 20.90
CA ARG I 137 40.12 14.55 19.85
C ARG I 137 41.39 15.36 19.57
N LYS I 138 41.34 16.38 18.69
CA LYS I 138 42.55 17.10 18.20
C LYS I 138 43.61 17.19 19.32
N LYS I 139 43.22 17.68 20.50
CA LYS I 139 44.21 17.88 21.59
C LYS I 139 45.00 16.59 21.83
N TYR I 140 44.29 15.55 22.29
CA TYR I 140 44.97 14.28 22.63
C TYR I 140 45.91 13.90 21.48
N ARG I 141 45.40 13.90 20.26
CA ARG I 141 46.22 13.46 19.10
C ARG I 141 47.54 14.24 19.05
N LYS I 142 47.46 15.55 18.84
CA LYS I 142 48.74 16.30 18.64
C LYS I 142 49.67 16.13 19.84
N TYR I 143 49.09 16.02 21.04
CA TYR I 143 49.93 15.92 22.26
C TYR I 143 50.71 14.61 22.22
N VAL I 144 50.00 13.49 22.07
CA VAL I 144 50.67 12.16 22.03
C VAL I 144 51.68 12.18 20.88
N ARG I 145 51.48 13.06 19.89
CA ARG I 145 52.36 13.05 18.68
C ARG I 145 53.68 13.79 18.94
N SER I 146 53.68 14.88 19.71
CA SER I 146 54.94 15.67 19.82
C SER I 146 55.78 15.37 21.05
N ARG I 147 56.19 14.11 21.24
CA ARG I 147 57.14 13.82 22.35
C ARG I 147 58.20 12.81 21.87
N PHE I 148 58.47 12.75 20.55
CA PHE I 148 59.36 11.68 20.04
C PHE I 148 60.26 12.08 18.86
N GLN I 149 60.82 13.30 18.76
CA GLN I 149 61.50 13.84 17.58
C GLN I 149 62.39 15.06 17.90
N CYS I 150 62.90 15.73 16.86
CA CYS I 150 63.32 17.15 16.86
C CYS I 150 64.36 17.57 17.90
N ILE I 151 65.24 16.66 18.30
CA ILE I 151 66.47 16.93 19.05
C ILE I 151 67.36 17.90 18.25
N GLU I 152 68.11 18.78 18.91
CA GLU I 152 69.13 19.64 18.28
C GLU I 152 70.33 19.93 19.19
N GLU I 160 69.71 10.96 17.35
CA GLU I 160 69.31 10.31 16.10
C GLU I 160 67.79 10.18 16.01
N SER I 161 67.13 10.34 17.14
CA SER I 161 65.67 10.20 17.22
C SER I 161 64.97 11.47 16.72
N VAL I 162 65.14 11.72 15.42
CA VAL I 162 64.43 12.80 14.76
C VAL I 162 63.54 12.32 13.62
N SER I 163 63.79 11.15 13.05
CA SER I 163 62.88 10.51 12.11
C SER I 163 62.63 9.09 12.56
N LEU I 164 61.34 8.71 12.60
CA LEU I 164 60.96 7.39 13.10
C LEU I 164 60.15 6.65 12.06
N ASN I 165 59.22 7.33 11.44
CA ASN I 165 58.46 6.51 10.50
C ASN I 165 59.46 6.20 9.39
N LYS I 166 60.38 7.12 9.09
CA LYS I 166 61.28 6.79 7.95
C LYS I 166 62.01 5.52 8.34
N ARG I 167 62.15 5.29 9.65
CA ARG I 167 62.83 4.07 10.13
C ARG I 167 61.81 2.98 10.46
N TYR I 168 60.82 2.69 9.60
CA TYR I 168 59.74 1.70 9.92
C TYR I 168 60.14 0.22 9.72
N THR I 169 60.13 -0.36 8.49
CA THR I 169 60.52 -1.76 8.14
C THR I 169 59.42 -2.84 8.11
N ARG I 170 58.17 -2.56 8.51
CA ARG I 170 57.17 -3.67 8.55
C ARG I 170 57.80 -4.88 9.25
N LEU I 171 58.39 -4.70 10.44
CA LEU I 171 59.05 -5.75 11.25
C LEU I 171 58.19 -7.01 11.31
N ARG I 172 58.82 -8.19 11.33
CA ARG I 172 58.09 -9.48 11.31
C ARG I 172 57.07 -9.52 12.45
N LEU I 173 55.90 -10.12 12.20
CA LEU I 173 54.86 -10.23 13.25
C LEU I 173 54.12 -11.56 13.09
N ILE I 174 54.78 -12.67 13.46
CA ILE I 174 54.08 -13.99 13.40
C ILE I 174 53.33 -14.13 14.72
N LYS I 175 52.02 -13.95 14.70
CA LYS I 175 51.26 -13.97 15.97
C LYS I 175 50.95 -15.42 16.34
N GLU I 176 51.46 -15.86 17.50
CA GLU I 176 51.30 -17.27 17.95
C GLU I 176 49.93 -17.81 17.58
N HIS I 177 49.88 -18.84 16.72
CA HIS I 177 48.59 -19.48 16.42
C HIS I 177 48.17 -20.15 17.74
N ARG I 178 46.87 -20.33 17.98
CA ARG I 178 46.47 -20.83 19.32
C ARG I 178 47.29 -22.08 19.64
N SER I 179 47.92 -22.10 20.82
CA SER I 179 48.77 -23.25 21.21
C SER I 179 47.87 -24.39 21.65
N GLN I 180 47.11 -24.97 20.72
CA GLN I 180 46.19 -26.05 21.06
C GLN I 180 45.24 -25.66 22.19
N SER I 198 47.65 -23.91 6.73
CA SER I 198 47.58 -23.01 7.88
C SER I 198 47.29 -21.58 7.45
N PRO I 199 46.42 -20.89 8.19
CA PRO I 199 46.16 -19.48 7.88
C PRO I 199 47.40 -18.63 8.10
N VAL I 200 47.54 -17.60 7.27
CA VAL I 200 48.67 -16.69 7.40
C VAL I 200 48.33 -15.53 8.34
N SER I 201 47.39 -14.68 7.92
CA SER I 201 46.87 -13.54 8.68
C SER I 201 47.97 -12.81 9.44
N PRO I 202 48.88 -12.11 8.75
CA PRO I 202 49.95 -11.39 9.48
C PRO I 202 49.43 -10.33 10.43
N ILE I 203 48.28 -9.72 10.11
CA ILE I 203 47.61 -8.67 10.89
C ILE I 203 48.61 -7.70 11.51
N LYS I 204 49.52 -7.17 10.69
CA LYS I 204 50.57 -6.31 11.21
C LYS I 204 50.00 -5.05 11.87
N MET I 205 49.17 -4.30 11.15
CA MET I 205 48.62 -3.07 11.72
C MET I 205 47.09 -3.09 11.75
N GLU I 206 46.47 -3.40 10.61
CA GLU I 206 45.02 -3.38 10.54
C GLU I 206 44.43 -4.58 11.27
N LEU I 207 43.52 -4.32 12.20
CA LEU I 207 42.77 -5.36 12.90
C LEU I 207 43.68 -6.37 13.58
N LEU I 208 44.85 -5.91 14.05
CA LEU I 208 45.74 -6.80 14.80
C LEU I 208 45.08 -7.24 16.10
N PHE I 209 44.34 -6.35 16.76
CA PHE I 209 43.62 -6.72 17.97
C PHE I 209 42.39 -7.56 17.67
N ASP I 210 41.80 -7.39 16.48
CA ASP I 210 40.55 -8.03 16.13
C ASP I 210 40.72 -9.54 16.03
N PRO I 211 39.76 -10.31 16.56
CA PRO I 211 39.82 -11.77 16.43
C PRO I 211 39.44 -12.25 15.04
N ASP I 212 39.34 -13.56 14.86
CA ASP I 212 38.77 -14.11 13.64
C ASP I 212 37.25 -13.98 13.70
N ASP I 213 36.54 -14.69 12.81
CA ASP I 213 35.09 -14.63 12.79
C ASP I 213 34.53 -14.85 14.19
N GLU I 214 33.95 -13.80 14.77
CA GLU I 214 33.51 -13.80 16.16
C GLU I 214 34.67 -14.18 17.07
N HIS I 215 34.76 -15.47 17.42
CA HIS I 215 35.85 -16.01 18.23
C HIS I 215 35.87 -15.39 19.62
N SER I 216 36.37 -14.16 19.74
CA SER I 216 36.30 -13.43 20.99
C SER I 216 36.23 -11.94 20.72
N GLU I 217 35.02 -11.40 20.65
CA GLU I 217 34.82 -9.98 20.40
C GLU I 217 35.38 -9.12 21.54
N PRO I 218 35.10 -9.43 22.81
CA PRO I 218 35.58 -8.54 23.89
C PRO I 218 37.01 -8.78 24.32
N VAL I 219 37.80 -9.49 23.50
CA VAL I 219 39.20 -9.72 23.85
C VAL I 219 39.91 -8.38 23.95
N HIS I 220 40.80 -8.26 24.94
CA HIS I 220 41.46 -6.99 25.24
C HIS I 220 42.97 -7.10 25.39
N THR I 221 43.50 -8.29 25.66
CA THR I 221 44.90 -8.46 26.00
C THR I 221 45.67 -9.00 24.80
N VAL I 222 46.69 -8.27 24.36
CA VAL I 222 47.66 -8.74 23.38
C VAL I 222 49.05 -8.52 23.95
N VAL I 223 49.96 -9.44 23.67
CA VAL I 223 51.30 -9.41 24.23
C VAL I 223 52.30 -9.72 23.13
N PHE I 224 53.44 -9.05 23.16
CA PHE I 224 54.49 -9.21 22.16
C PHE I 224 55.70 -9.87 22.77
N GLN I 225 56.16 -10.95 22.16
CA GLN I 225 57.32 -11.69 22.62
C GLN I 225 58.48 -11.46 21.66
N GLY I 226 59.58 -10.91 22.18
CA GLY I 226 60.74 -10.66 21.37
C GLY I 226 61.99 -10.63 22.22
N ALA I 227 63.11 -10.99 21.59
CA ALA I 227 64.37 -11.06 22.31
C ALA I 227 64.80 -9.68 22.78
N ALA I 228 65.68 -9.66 23.76
CA ALA I 228 66.14 -8.39 24.33
C ALA I 228 66.97 -7.63 23.31
N GLY I 229 66.47 -6.47 22.90
CA GLY I 229 67.08 -5.66 21.87
C GLY I 229 66.41 -5.75 20.52
N ILE I 230 65.31 -6.49 20.39
CA ILE I 230 64.64 -6.62 19.10
C ILE I 230 64.12 -5.28 18.61
N GLY I 231 63.46 -4.52 19.50
CA GLY I 231 62.86 -3.28 19.10
C GLY I 231 61.43 -3.14 19.56
N LYS I 232 61.01 -4.04 20.46
CA LYS I 232 59.65 -3.95 21.00
C LYS I 232 59.41 -2.62 21.67
N THR I 233 60.43 -2.03 22.30
CA THR I 233 60.31 -0.67 22.78
C THR I 233 60.14 0.30 21.62
N ILE I 234 60.87 0.07 20.52
CA ILE I 234 60.75 0.95 19.36
C ILE I 234 59.38 0.80 18.71
N LEU I 235 58.86 -0.43 18.66
CA LEU I 235 57.60 -0.67 17.97
C LEU I 235 56.46 0.13 18.58
N ALA I 236 56.40 0.18 19.91
CA ALA I 236 55.33 0.93 20.57
C ALA I 236 55.40 2.40 20.22
N ARG I 237 56.61 2.97 20.20
CA ARG I 237 56.78 4.35 19.79
C ARG I 237 56.30 4.56 18.36
N LYS I 238 56.64 3.60 17.50
CA LYS I 238 56.19 3.66 16.08
C LYS I 238 54.68 3.45 16.04
N MET I 239 54.16 2.42 16.71
CA MET I 239 52.74 2.14 16.69
C MET I 239 51.93 3.33 17.20
N MET I 240 52.43 4.00 18.24
CA MET I 240 51.83 5.28 18.63
C MET I 240 51.92 6.28 17.50
N LEU I 241 53.13 6.48 16.97
CA LEU I 241 53.34 7.50 15.95
C LEU I 241 52.45 7.27 14.73
N ASP I 242 52.24 6.01 14.36
CA ASP I 242 51.32 5.70 13.26
C ASP I 242 49.93 6.22 13.60
N TRP I 243 49.30 5.64 14.61
CA TRP I 243 47.93 5.97 14.93
C TRP I 243 47.78 7.37 15.54
N ALA I 244 48.87 8.00 15.98
CA ALA I 244 48.77 9.37 16.52
C ALA I 244 48.44 10.39 15.46
N SER I 245 48.20 9.97 14.22
CA SER I 245 47.67 10.83 13.18
C SER I 245 46.49 10.17 12.48
N GLY I 246 45.84 9.20 13.13
CA GLY I 246 44.81 8.42 12.48
C GLY I 246 45.45 7.46 11.51
N THR I 247 46.00 8.00 10.43
CA THR I 247 46.86 7.30 9.48
C THR I 247 46.26 5.99 8.99
N LEU I 248 44.93 5.93 8.85
CA LEU I 248 44.23 4.71 8.43
C LEU I 248 44.52 3.56 9.38
N TYR I 249 44.90 3.88 10.61
CA TYR I 249 45.01 2.89 11.68
C TYR I 249 43.63 2.67 12.27
N GLN I 250 43.55 2.06 13.45
CA GLN I 250 42.26 1.71 14.02
C GLN I 250 41.51 2.97 14.43
N ASP I 251 41.05 3.74 13.44
CA ASP I 251 40.24 4.91 13.70
C ASP I 251 38.91 4.55 14.35
N ARG I 252 38.47 3.31 14.20
CA ARG I 252 37.32 2.81 14.95
C ARG I 252 37.64 2.55 16.42
N PHE I 253 38.85 2.92 16.84
CA PHE I 253 39.25 2.87 18.24
C PHE I 253 39.67 4.28 18.64
N ASP I 254 39.23 4.71 19.82
CA ASP I 254 39.29 6.12 20.17
C ASP I 254 40.63 6.56 20.77
N TYR I 255 41.08 5.85 21.81
CA TYR I 255 42.28 6.33 22.56
C TYR I 255 43.36 5.27 22.77
N LEU I 256 44.62 5.70 22.81
CA LEU I 256 45.76 4.84 23.08
C LEU I 256 46.57 5.48 24.21
N PHE I 257 47.12 4.64 25.09
CA PHE I 257 47.82 5.12 26.27
C PHE I 257 49.21 4.47 26.34
N TYR I 258 50.24 5.27 26.10
CA TYR I 258 51.61 4.78 26.18
C TYR I 258 52.11 4.89 27.61
N ILE I 259 52.67 3.80 28.12
CA ILE I 259 53.27 3.80 29.46
C ILE I 259 54.51 2.91 29.47
N HIS I 260 55.67 3.53 29.61
CA HIS I 260 56.90 2.76 29.79
C HIS I 260 57.26 2.76 31.27
N CYS I 261 57.62 1.59 31.79
CA CYS I 261 57.76 1.40 33.22
C CYS I 261 59.10 1.88 33.77
N ARG I 262 59.82 2.73 33.05
CA ARG I 262 61.01 3.35 33.61
C ARG I 262 60.63 4.25 34.80
N GLU I 263 59.62 5.09 34.62
CA GLU I 263 59.18 5.96 35.70
C GLU I 263 58.37 5.19 36.74
N VAL I 264 57.59 4.20 36.30
CA VAL I 264 56.77 3.42 37.23
C VAL I 264 57.66 2.59 38.15
N SER I 265 57.38 2.63 39.44
CA SER I 265 58.15 1.88 40.41
C SER I 265 57.22 1.44 41.54
N LEU I 266 57.78 0.66 42.46
CA LEU I 266 57.01 0.18 43.59
C LEU I 266 56.71 1.31 44.56
N VAL I 267 55.76 1.05 45.47
CA VAL I 267 55.40 1.90 46.59
C VAL I 267 55.06 3.32 46.17
N THR I 268 54.89 3.53 44.86
CA THR I 268 54.54 4.86 44.36
C THR I 268 53.23 5.38 44.92
N GLN I 269 52.29 4.48 45.23
CA GLN I 269 50.99 4.86 45.81
C GLN I 269 50.31 5.92 44.96
N ARG I 270 50.33 5.74 43.64
CA ARG I 270 49.77 6.70 42.70
C ARG I 270 48.59 6.06 41.97
N SER I 271 47.57 6.87 41.71
CA SER I 271 46.36 6.38 41.08
C SER I 271 46.53 6.26 39.57
N LEU I 272 45.55 5.61 38.94
CA LEU I 272 45.54 5.51 37.49
C LEU I 272 45.47 6.88 36.86
N GLY I 273 44.66 7.78 37.42
CA GLY I 273 44.64 9.15 36.95
C GLY I 273 46.00 9.81 37.05
N ASP I 274 46.71 9.57 38.16
CA ASP I 274 48.10 10.02 38.26
C ASP I 274 48.96 9.34 37.21
N LEU I 275 48.73 8.04 36.98
CA LEU I 275 49.39 7.34 35.90
C LEU I 275 48.98 7.91 34.55
N ILE I 276 47.68 8.20 34.40
CA ILE I 276 47.18 8.75 33.14
C ILE I 276 47.75 10.15 32.91
N MET I 277 47.69 11.00 33.94
CA MET I 277 48.22 12.36 33.80
C MET I 277 49.72 12.37 33.61
N SER I 278 50.41 11.26 33.88
CA SER I 278 51.83 11.18 33.56
C SER I 278 52.07 11.28 32.06
N CYS I 279 51.21 10.64 31.26
CA CYS I 279 51.36 10.71 29.81
C CYS I 279 51.16 12.15 29.32
N CYS I 280 50.06 12.78 29.73
CA CYS I 280 49.76 14.15 29.34
C CYS I 280 49.39 14.94 30.60
N PRO I 281 50.33 15.71 31.15
CA PRO I 281 50.04 16.45 32.38
C PRO I 281 49.08 17.61 32.14
N ASP I 282 47.79 17.31 32.09
CA ASP I 282 46.81 18.36 31.87
C ASP I 282 46.62 19.19 33.13
N PRO I 283 46.78 20.51 33.05
CA PRO I 283 46.47 21.37 34.22
C PRO I 283 45.05 21.22 34.70
N ASN I 284 44.12 20.84 33.81
CA ASN I 284 42.74 20.55 34.19
C ASN I 284 42.42 19.16 33.68
N PRO I 285 42.81 18.12 34.43
CA PRO I 285 42.62 16.74 33.97
C PRO I 285 41.16 16.43 33.71
N PRO I 286 40.83 16.06 32.47
CA PRO I 286 39.43 15.75 32.13
C PRO I 286 39.07 14.31 32.43
N ILE I 287 39.82 13.68 33.33
CA ILE I 287 39.75 12.23 33.54
C ILE I 287 38.32 11.75 33.73
N HIS I 288 37.45 12.58 34.29
CA HIS I 288 36.05 12.22 34.46
C HIS I 288 35.43 11.90 33.10
N LYS I 289 35.86 12.64 32.08
CA LYS I 289 35.51 12.31 30.70
C LYS I 289 36.44 11.28 30.09
N ILE I 290 37.60 11.06 30.69
CA ILE I 290 38.44 9.93 30.21
C ILE I 290 37.78 8.68 30.79
N VAL I 291 37.10 8.83 31.94
CA VAL I 291 36.33 7.71 32.45
C VAL I 291 35.06 7.70 31.62
N ARG I 292 35.14 7.09 30.45
CA ARG I 292 34.08 7.00 29.46
C ARG I 292 34.43 5.88 28.51
N LYS I 293 33.40 5.13 28.11
CA LYS I 293 33.49 4.10 27.08
C LYS I 293 34.69 3.17 27.32
N PRO I 294 34.61 2.27 28.30
CA PRO I 294 35.64 1.24 28.43
C PRO I 294 35.66 0.36 27.19
N SER I 295 36.85 -0.19 26.91
CA SER I 295 37.16 -0.97 25.71
C SER I 295 37.27 -0.08 24.49
N ARG I 296 36.93 1.20 24.65
CA ARG I 296 37.20 2.20 23.63
C ARG I 296 38.55 2.87 23.86
N ILE I 297 39.23 2.53 24.95
CA ILE I 297 40.53 3.09 25.31
C ILE I 297 41.52 1.94 25.45
N LEU I 298 42.75 2.16 25.00
CA LEU I 298 43.77 1.12 25.01
C LEU I 298 45.01 1.61 25.75
N PHE I 299 45.50 0.79 26.66
CA PHE I 299 46.74 1.04 27.38
C PHE I 299 47.87 0.29 26.69
N LEU I 300 48.91 1.01 26.28
CA LEU I 300 50.09 0.40 25.67
C LEU I 300 51.16 0.26 26.74
N MET I 301 51.06 -0.81 27.55
CA MET I 301 52.08 -1.06 28.60
C MET I 301 53.39 -1.49 27.92
N ASP I 302 54.54 -1.08 28.46
CA ASP I 302 55.81 -1.38 27.75
C ASP I 302 56.84 -2.03 28.66
N GLY I 303 57.41 -3.17 28.25
CA GLY I 303 58.48 -3.85 28.99
C GLY I 303 58.14 -4.34 30.38
N PHE I 304 57.82 -5.63 30.53
CA PHE I 304 57.64 -6.20 31.88
C PHE I 304 59.02 -6.27 32.52
N ASP I 305 60.05 -6.43 31.68
CA ASP I 305 61.46 -6.49 32.16
C ASP I 305 61.79 -5.16 32.86
N GLU I 306 61.25 -4.05 32.34
CA GLU I 306 61.52 -2.72 32.92
C GLU I 306 61.03 -2.70 34.37
N LEU I 307 59.93 -3.38 34.66
CA LEU I 307 59.49 -3.48 36.09
C LEU I 307 60.67 -3.96 36.94
N GLN I 308 61.15 -3.13 37.87
CA GLN I 308 62.25 -3.46 38.75
C GLN I 308 61.75 -3.59 40.17
N GLY I 309 62.10 -4.69 40.82
CA GLY I 309 61.70 -4.99 42.18
C GLY I 309 60.93 -6.29 42.25
N ALA I 310 60.59 -6.66 43.48
CA ALA I 310 59.80 -7.87 43.71
C ALA I 310 58.38 -7.66 43.25
N PHE I 311 57.76 -8.75 42.79
CA PHE I 311 56.38 -8.68 42.31
C PHE I 311 55.76 -10.07 42.43
N ASP I 312 54.80 -10.21 43.34
CA ASP I 312 54.03 -11.44 43.46
C ASP I 312 52.94 -11.44 42.40
N GLU I 313 52.97 -12.43 41.51
CA GLU I 313 51.95 -12.55 40.48
C GLU I 313 50.57 -12.82 41.08
N HIS I 314 50.50 -13.25 42.33
CA HIS I 314 49.22 -13.44 43.00
C HIS I 314 49.25 -12.81 44.39
N ILE I 315 49.66 -11.55 44.46
CA ILE I 315 49.71 -10.79 45.69
C ILE I 315 48.34 -10.82 46.38
N GLY I 316 48.35 -10.83 47.71
CA GLY I 316 47.14 -10.97 48.49
C GLY I 316 46.13 -9.86 48.28
N PRO I 317 46.46 -8.64 48.69
CA PRO I 317 45.51 -7.53 48.58
C PRO I 317 45.07 -7.31 47.15
N LEU I 318 43.79 -6.98 46.99
CA LEU I 318 43.15 -6.85 45.69
C LEU I 318 42.69 -5.41 45.48
N CYS I 319 42.73 -4.95 44.23
CA CYS I 319 42.42 -3.57 43.89
C CYS I 319 41.32 -3.52 42.84
N THR I 320 40.34 -2.65 43.07
CA THR I 320 39.26 -2.46 42.11
C THR I 320 38.94 -0.98 41.95
N ASP I 321 39.46 -0.14 42.85
CA ASP I 321 39.19 1.29 42.79
C ASP I 321 40.08 1.93 41.73
N TRP I 322 39.47 2.71 40.84
CA TRP I 322 40.23 3.35 39.78
C TRP I 322 41.00 4.57 40.29
N GLN I 323 40.40 5.34 41.19
CA GLN I 323 40.97 6.62 41.59
C GLN I 323 41.78 6.54 42.88
N LYS I 324 41.71 5.41 43.59
CA LYS I 324 42.43 5.29 44.86
C LYS I 324 43.94 5.29 44.62
N ALA I 325 44.66 5.97 45.50
CA ALA I 325 46.11 5.97 45.46
C ALA I 325 46.64 4.62 45.93
N GLU I 326 46.85 3.70 44.99
CA GLU I 326 47.25 2.33 45.30
C GLU I 326 48.70 2.09 44.92
N ARG I 327 49.26 1.01 45.46
CA ARG I 327 50.65 0.67 45.21
C ARG I 327 50.89 0.47 43.71
N GLY I 328 52.11 0.79 43.27
CA GLY I 328 52.42 0.73 41.85
C GLY I 328 52.22 -0.65 41.26
N ASP I 329 52.76 -1.67 41.92
CA ASP I 329 52.55 -3.04 41.44
C ASP I 329 51.09 -3.46 41.61
N ILE I 330 50.45 -3.02 42.70
CA ILE I 330 49.04 -3.34 42.92
C ILE I 330 48.19 -2.71 41.82
N LEU I 331 48.47 -1.46 41.46
CA LEU I 331 47.74 -0.81 40.38
C LEU I 331 47.89 -1.61 39.08
N LEU I 332 49.13 -2.01 38.77
CA LEU I 332 49.34 -2.87 37.61
C LEU I 332 48.64 -4.21 37.79
N SER I 333 48.67 -4.75 39.01
CA SER I 333 48.05 -6.03 39.28
C SER I 333 46.58 -6.02 38.89
N SER I 334 45.84 -5.00 39.34
CA SER I 334 44.45 -4.87 38.92
C SER I 334 44.36 -4.62 37.43
N LEU I 335 45.23 -3.77 36.89
CA LEU I 335 45.20 -3.47 35.46
C LEU I 335 45.54 -4.71 34.64
N ILE I 336 46.55 -5.47 35.06
CA ILE I 336 46.90 -6.69 34.35
C ILE I 336 45.75 -7.68 34.42
N ARG I 337 45.16 -7.87 35.59
CA ARG I 337 43.98 -8.70 35.72
C ARG I 337 42.74 -8.07 35.13
N LYS I 338 42.78 -6.77 34.84
CA LYS I 338 41.67 -6.02 34.25
C LYS I 338 40.43 -6.07 35.14
N LYS I 339 40.59 -6.50 36.39
CA LYS I 339 39.46 -6.43 37.32
C LYS I 339 39.01 -4.99 37.51
N LEU I 340 39.97 -4.07 37.65
CA LEU I 340 39.69 -2.67 37.44
C LEU I 340 39.64 -2.38 35.94
N LEU I 341 38.70 -1.53 35.53
CA LEU I 341 38.48 -1.24 34.12
C LEU I 341 38.27 -2.56 33.37
N PRO I 342 37.13 -3.21 33.56
CA PRO I 342 36.97 -4.59 33.06
C PRO I 342 37.06 -4.70 31.55
N GLU I 343 36.89 -3.61 30.81
CA GLU I 343 36.87 -3.67 29.36
C GLU I 343 38.13 -3.09 28.73
N ALA I 344 39.02 -2.51 29.53
CA ALA I 344 40.19 -1.83 28.98
C ALA I 344 41.07 -2.78 28.21
N SER I 345 41.45 -2.39 26.99
CA SER I 345 42.37 -3.18 26.20
C SER I 345 43.80 -2.96 26.67
N LEU I 346 44.66 -3.94 26.39
CA LEU I 346 46.04 -3.89 26.88
C LEU I 346 46.99 -4.45 25.84
N LEU I 347 48.15 -3.81 25.76
CA LEU I 347 49.22 -4.30 24.86
C LEU I 347 50.47 -4.35 25.75
N ILE I 348 51.14 -5.50 25.85
CA ILE I 348 52.29 -5.63 26.79
C ILE I 348 53.50 -6.20 26.07
N THR I 349 54.50 -5.36 25.78
CA THR I 349 55.74 -5.94 25.22
C THR I 349 56.41 -6.68 26.37
N THR I 350 56.79 -7.94 26.18
CA THR I 350 57.32 -8.74 27.31
C THR I 350 58.59 -9.48 26.89
N ARG I 351 59.50 -9.70 27.84
CA ARG I 351 60.70 -10.51 27.51
C ARG I 351 60.30 -12.00 27.58
N PRO I 352 60.58 -12.88 26.59
CA PRO I 352 60.14 -14.29 26.69
C PRO I 352 60.45 -14.96 28.02
N VAL I 353 61.58 -14.62 28.64
CA VAL I 353 61.97 -15.28 29.89
C VAL I 353 61.03 -14.90 31.02
N ALA I 354 60.42 -13.72 30.95
CA ALA I 354 59.52 -13.24 31.99
C ALA I 354 58.06 -13.58 31.73
N LEU I 355 57.78 -14.38 30.70
CA LEU I 355 56.40 -14.68 30.33
C LEU I 355 55.65 -15.43 31.44
N GLU I 356 56.32 -16.40 32.08
CA GLU I 356 55.62 -17.30 33.00
C GLU I 356 54.95 -16.55 34.13
N LYS I 357 55.50 -15.40 34.52
CA LYS I 357 54.89 -14.60 35.57
C LYS I 357 53.54 -14.04 35.12
N LEU I 358 53.50 -13.42 33.94
CA LEU I 358 52.26 -12.84 33.45
C LEU I 358 51.34 -13.91 32.89
N GLN I 359 51.90 -14.95 32.25
CA GLN I 359 51.07 -16.01 31.70
C GLN I 359 50.29 -16.73 32.79
N HIS I 360 50.93 -17.02 33.92
CA HIS I 360 50.19 -17.52 35.08
C HIS I 360 49.25 -16.46 35.63
N LEU I 361 49.61 -15.19 35.48
CA LEU I 361 48.78 -14.11 36.03
C LEU I 361 47.52 -13.90 35.20
N LEU I 362 47.63 -13.97 33.88
CA LEU I 362 46.54 -13.52 33.01
C LEU I 362 46.21 -14.59 31.97
N ASP I 363 44.94 -14.64 31.57
CA ASP I 363 44.44 -15.63 30.63
C ASP I 363 44.26 -15.01 29.24
N HIS I 364 44.00 -15.89 28.26
CA HIS I 364 43.76 -15.59 26.85
C HIS I 364 44.68 -14.51 26.30
N PRO I 365 45.99 -14.66 26.39
CA PRO I 365 46.89 -13.60 25.92
C PRO I 365 47.22 -13.79 24.45
N ARG I 366 47.05 -12.72 23.67
CA ARG I 366 47.39 -12.77 22.25
C ARG I 366 48.90 -12.68 22.09
N HIS I 367 49.59 -13.81 22.20
CA HIS I 367 51.03 -13.84 22.04
C HIS I 367 51.41 -13.45 20.61
N VAL I 368 52.40 -12.58 20.49
CA VAL I 368 52.87 -12.16 19.17
C VAL I 368 54.39 -12.24 19.12
N GLU I 369 54.91 -13.21 18.36
CA GLU I 369 56.34 -13.31 18.15
C GLU I 369 56.79 -12.26 17.15
N ILE I 370 57.80 -11.49 17.53
CA ILE I 370 58.36 -10.44 16.69
C ILE I 370 59.83 -10.78 16.41
N LEU I 371 60.23 -10.65 15.15
CA LEU I 371 61.57 -11.04 14.71
C LEU I 371 62.30 -9.85 14.13
N GLY I 372 63.62 -9.94 14.11
CA GLY I 372 64.45 -8.88 13.56
C GLY I 372 64.53 -8.94 12.05
N PHE I 373 65.43 -8.11 11.52
CA PHE I 373 65.56 -7.96 10.08
C PHE I 373 66.20 -9.20 9.45
N SER I 374 65.84 -9.48 8.21
CA SER I 374 66.44 -10.58 7.48
C SER I 374 67.76 -10.13 6.84
N GLU I 375 68.27 -10.96 5.93
CA GLU I 375 69.48 -10.62 5.21
C GLU I 375 69.31 -9.33 4.41
N ALA I 376 68.35 -9.33 3.47
CA ALA I 376 68.11 -8.14 2.66
C ALA I 376 67.62 -6.97 3.50
N LYS I 377 66.76 -7.24 4.49
CA LYS I 377 66.26 -6.16 5.34
C LYS I 377 67.41 -5.49 6.09
N ARG I 378 68.44 -6.27 6.49
CA ARG I 378 69.59 -5.68 7.16
C ARG I 378 70.27 -4.65 6.28
N LYS I 379 70.43 -4.96 4.99
CA LYS I 379 70.93 -3.98 4.04
C LYS I 379 69.96 -2.81 3.95
N GLU I 380 68.66 -3.11 3.90
CA GLU I 380 67.65 -2.06 3.81
C GLU I 380 67.67 -1.17 5.05
N TYR I 381 68.11 -1.70 6.20
CA TYR I 381 68.32 -0.84 7.36
C TYR I 381 69.44 0.15 7.09
N PHE I 382 70.54 -0.32 6.49
CA PHE I 382 71.60 0.60 6.13
C PHE I 382 71.16 1.60 5.08
N PHE I 383 70.17 1.24 4.27
CA PHE I 383 69.55 2.22 3.40
C PHE I 383 68.93 3.35 4.21
N LYS I 384 68.25 3.01 5.31
CA LYS I 384 67.75 4.04 6.21
C LYS I 384 68.89 4.78 6.90
N TYR I 385 69.93 4.04 7.30
CA TYR I 385 70.95 4.60 8.19
C TYR I 385 71.96 5.43 7.41
N PHE I 386 72.73 4.78 6.54
CA PHE I 386 73.88 5.43 5.94
C PHE I 386 73.47 6.49 4.92
N SER I 387 74.40 7.40 4.66
CA SER I 387 74.18 8.51 3.73
C SER I 387 74.96 8.38 2.44
N ASP I 388 75.82 7.37 2.31
CA ASP I 388 76.58 7.20 1.07
C ASP I 388 76.88 5.72 0.87
N GLU I 389 76.87 5.31 -0.40
CA GLU I 389 77.13 3.92 -0.73
C GLU I 389 78.54 3.50 -0.33
N ALA I 390 79.54 4.34 -0.61
CA ALA I 390 80.89 4.03 -0.16
C ALA I 390 80.93 3.83 1.34
N GLN I 391 80.03 4.49 2.07
CA GLN I 391 79.84 4.18 3.48
C GLN I 391 78.97 2.94 3.64
N ALA I 392 77.82 2.91 2.95
CA ALA I 392 76.88 1.82 3.13
C ALA I 392 77.35 0.55 2.44
N ARG I 393 77.51 0.60 1.11
CA ARG I 393 77.74 -0.61 0.33
C ARG I 393 79.05 -1.29 0.73
N ALA I 394 80.11 -0.52 0.95
CA ALA I 394 81.39 -1.11 1.31
C ALA I 394 81.31 -1.79 2.67
N ALA I 395 80.77 -1.10 3.68
CA ALA I 395 80.68 -1.68 5.02
C ALA I 395 79.76 -2.88 5.04
N PHE I 396 78.63 -2.79 4.35
CA PHE I 396 77.70 -3.92 4.30
C PHE I 396 78.34 -5.13 3.64
N SER I 397 79.14 -4.90 2.60
CA SER I 397 79.82 -5.99 1.92
C SER I 397 80.71 -6.76 2.89
N LEU I 398 81.23 -6.08 3.91
CA LEU I 398 82.03 -6.77 4.91
C LEU I 398 81.20 -7.78 5.69
N ILE I 399 79.91 -7.48 5.89
CA ILE I 399 79.07 -8.36 6.68
C ILE I 399 78.85 -9.69 5.97
N GLN I 400 78.69 -9.66 4.65
CA GLN I 400 78.46 -10.91 3.90
C GLN I 400 79.64 -11.85 4.04
N GLU I 401 80.86 -11.31 3.90
CA GLU I 401 82.05 -12.14 4.09
C GLU I 401 82.14 -12.66 5.51
N ASN I 402 81.82 -11.81 6.49
CA ASN I 402 81.81 -12.21 7.90
C ASN I 402 80.44 -12.79 8.23
N GLU I 403 80.18 -13.98 7.70
CA GLU I 403 78.87 -14.61 7.86
C GLU I 403 78.56 -14.88 9.32
N VAL I 404 79.58 -15.13 10.15
CA VAL I 404 79.35 -15.30 11.57
C VAL I 404 78.77 -14.03 12.17
N LEU I 405 79.30 -12.88 11.75
CA LEU I 405 78.66 -11.62 12.11
C LEU I 405 77.31 -11.48 11.43
N PHE I 406 77.20 -11.94 10.18
CA PHE I 406 75.95 -11.77 9.43
C PHE I 406 74.81 -12.51 10.10
N THR I 407 75.00 -13.80 10.43
CA THR I 407 73.98 -14.51 11.18
C THR I 407 73.78 -13.88 12.54
N MET I 408 74.81 -13.23 13.07
CA MET I 408 74.67 -12.46 14.30
C MET I 408 73.96 -11.14 14.04
N CYS I 409 73.89 -10.70 12.78
CA CYS I 409 73.23 -9.44 12.46
C CYS I 409 71.72 -9.62 12.43
N PHE I 410 71.19 -10.22 13.49
CA PHE I 410 69.75 -10.25 13.76
C PHE I 410 69.53 -9.31 14.93
N ILE I 411 68.29 -9.20 15.42
CA ILE I 411 67.99 -8.38 16.59
C ILE I 411 68.53 -6.96 16.36
N PRO I 412 67.82 -6.14 15.56
CA PRO I 412 68.42 -4.94 14.96
C PRO I 412 69.27 -4.06 15.85
N LEU I 413 69.17 -4.20 17.17
CA LEU I 413 70.03 -3.41 18.06
C LEU I 413 71.50 -3.65 17.76
N VAL I 414 71.87 -4.90 17.47
CA VAL I 414 73.27 -5.20 17.15
C VAL I 414 73.65 -4.53 15.84
N CYS I 415 72.72 -4.44 14.89
CA CYS I 415 73.00 -3.75 13.65
C CYS I 415 73.25 -2.27 13.89
N TRP I 416 72.50 -1.68 14.83
CA TRP I 416 72.77 -0.31 15.25
C TRP I 416 74.19 -0.17 15.76
N ILE I 417 74.64 -1.13 16.58
CA ILE I 417 76.02 -1.12 17.04
C ILE I 417 76.98 -1.25 15.87
N VAL I 418 76.65 -2.12 14.92
CA VAL I 418 77.55 -2.38 13.79
C VAL I 418 77.74 -1.11 12.96
N CYS I 419 76.64 -0.47 12.56
CA CYS I 419 76.74 0.68 11.67
C CYS I 419 77.39 1.86 12.38
N THR I 420 76.96 2.15 13.61
CA THR I 420 77.49 3.30 14.34
C THR I 420 78.98 3.13 14.62
N GLY I 421 79.38 1.95 15.11
CA GLY I 421 80.78 1.73 15.42
C GLY I 421 81.66 1.83 14.19
N LEU I 422 81.23 1.22 13.09
CA LEU I 422 81.99 1.31 11.84
C LEU I 422 82.03 2.74 11.33
N LYS I 423 80.91 3.46 11.46
CA LYS I 423 80.88 4.86 11.05
C LYS I 423 81.97 5.66 11.74
N GLN I 424 82.10 5.49 13.06
CA GLN I 424 83.14 6.20 13.80
C GLN I 424 84.52 5.76 13.34
N GLN I 425 84.69 4.47 13.05
CA GLN I 425 85.97 3.99 12.55
C GLN I 425 86.33 4.67 11.24
N MET I 426 85.34 4.91 10.38
CA MET I 426 85.59 5.64 9.14
C MET I 426 86.00 7.08 9.40
N GLU I 427 85.55 7.67 10.51
CA GLU I 427 86.02 9.00 10.87
C GLU I 427 87.51 9.00 11.21
N SER I 428 88.10 7.83 11.45
CA SER I 428 89.51 7.73 11.79
C SER I 428 90.29 6.80 10.88
N GLY I 429 89.67 5.76 10.34
CA GLY I 429 90.40 4.81 9.53
C GLY I 429 89.50 3.96 8.67
N LYS I 430 90.03 2.80 8.30
CA LYS I 430 89.34 1.83 7.44
C LYS I 430 88.99 0.59 8.25
N SER I 431 87.86 -0.03 7.92
CA SER I 431 87.39 -1.17 8.67
C SER I 431 88.26 -2.39 8.41
N LEU I 432 87.99 -3.45 9.18
CA LEU I 432 88.74 -4.69 9.11
C LEU I 432 87.75 -5.84 9.26
N ALA I 433 88.27 -7.03 9.57
CA ALA I 433 87.43 -8.21 9.81
C ALA I 433 86.53 -8.00 11.03
N GLN I 434 86.86 -6.98 11.83
CA GLN I 434 86.03 -6.47 12.91
C GLN I 434 86.01 -7.41 14.10
N THR I 435 86.60 -8.60 13.96
CA THR I 435 86.81 -9.56 15.04
C THR I 435 85.53 -9.84 15.82
N SER I 436 84.37 -9.50 15.25
CA SER I 436 83.10 -9.62 15.95
C SER I 436 82.44 -10.97 15.71
N LYS I 437 83.14 -12.03 16.11
CA LYS I 437 82.64 -13.39 15.97
C LYS I 437 81.57 -13.72 17.00
N THR I 438 81.44 -12.94 18.07
CA THR I 438 80.45 -13.20 19.11
C THR I 438 79.75 -11.90 19.45
N THR I 439 78.66 -12.03 20.22
CA THR I 439 77.92 -10.85 20.64
C THR I 439 78.79 -9.94 21.51
N THR I 440 79.56 -10.53 22.43
CA THR I 440 80.45 -9.74 23.26
C THR I 440 81.50 -9.04 22.40
N ALA I 441 82.04 -9.75 21.41
CA ALA I 441 83.04 -9.15 20.53
C ALA I 441 82.48 -7.91 19.85
N VAL I 442 81.18 -7.91 19.56
CA VAL I 442 80.54 -6.70 19.03
C VAL I 442 80.60 -5.57 20.04
N TYR I 443 80.31 -5.89 21.30
CA TYR I 443 80.29 -4.85 22.33
C TYR I 443 81.68 -4.27 22.57
N VAL I 444 82.69 -5.13 22.68
CA VAL I 444 84.01 -4.65 23.06
C VAL I 444 84.65 -3.86 21.92
N PHE I 445 84.48 -4.31 20.68
CA PHE I 445 84.99 -3.54 19.55
C PHE I 445 84.36 -2.15 19.51
N PHE I 446 83.08 -2.07 19.86
CA PHE I 446 82.41 -0.78 19.98
C PHE I 446 83.08 0.08 21.05
N LEU I 447 83.42 -0.54 22.19
CA LEU I 447 84.07 0.20 23.25
C LEU I 447 85.44 0.70 22.82
N SER I 448 86.19 -0.11 22.07
CA SER I 448 87.55 0.27 21.68
C SER I 448 87.54 1.54 20.85
N SER I 449 86.63 1.63 19.87
CA SER I 449 86.47 2.87 19.13
C SER I 449 85.94 3.98 20.02
N LEU I 450 85.06 3.63 20.97
CA LEU I 450 84.49 4.62 21.87
C LEU I 450 85.58 5.28 22.71
N LEU I 451 86.48 4.46 23.26
CA LEU I 451 87.51 4.96 24.18
C LEU I 451 88.79 5.32 23.40
N GLN I 452 88.60 6.04 22.30
CA GLN I 452 89.78 6.39 21.51
C GLN I 452 90.42 7.71 21.94
N PRO I 453 89.71 8.84 21.95
CA PRO I 453 90.41 10.13 22.08
C PRO I 453 91.12 10.33 23.42
N ARG I 454 90.35 10.29 24.52
CA ARG I 454 90.91 10.61 25.83
C ARG I 454 91.29 9.37 26.65
N GLY I 455 90.78 8.19 26.31
CA GLY I 455 91.05 6.99 27.11
C GLY I 455 92.49 6.56 27.08
N GLY I 456 93.16 6.78 25.94
CA GLY I 456 94.54 6.35 25.79
C GLY I 456 95.49 7.03 26.76
N SER I 457 95.34 8.34 26.92
CA SER I 457 96.14 9.04 27.92
C SER I 457 95.79 8.53 29.31
N GLN I 458 96.83 8.24 30.10
CA GLN I 458 96.60 7.74 31.45
C GLN I 458 95.97 8.79 32.35
N GLU I 459 96.38 10.06 32.18
CA GLU I 459 95.83 11.14 33.01
C GLU I 459 94.32 11.24 32.81
N HIS I 460 93.87 11.22 31.55
CA HIS I 460 92.45 11.13 31.24
C HIS I 460 92.00 9.70 30.99
N GLY I 461 92.70 8.72 31.56
CA GLY I 461 92.25 7.35 31.42
C GLY I 461 90.90 7.14 32.06
N LEU I 462 89.95 6.65 31.27
CA LEU I 462 88.59 6.44 31.73
C LEU I 462 88.35 5.04 32.28
N CYS I 463 89.39 4.22 32.36
CA CYS I 463 89.24 2.84 32.85
C CYS I 463 88.74 2.83 34.28
N ALA I 464 89.33 3.66 35.15
CA ALA I 464 88.80 3.81 36.50
C ALA I 464 87.39 4.40 36.46
N HIS I 465 87.16 5.37 35.58
CA HIS I 465 85.81 5.89 35.38
C HIS I 465 84.92 4.83 34.74
N LEU I 466 85.48 4.00 33.85
CA LEU I 466 84.75 2.85 33.35
C LEU I 466 84.32 1.95 34.49
N TRP I 467 85.21 1.75 35.47
CA TRP I 467 84.80 1.03 36.67
C TRP I 467 83.75 1.81 37.44
N GLY I 468 83.84 3.13 37.44
CA GLY I 468 82.84 3.94 38.14
C GLY I 468 81.44 3.73 37.59
N LEU I 469 81.31 3.76 36.26
CA LEU I 469 80.01 3.48 35.66
C LEU I 469 79.63 2.01 35.81
N CYS I 470 80.62 1.11 35.78
CA CYS I 470 80.35 -0.30 36.05
C CYS I 470 79.81 -0.49 37.47
N SER I 471 80.39 0.23 38.43
CA SER I 471 79.84 0.19 39.79
C SER I 471 78.41 0.70 39.83
N LEU I 472 78.13 1.79 39.10
CA LEU I 472 76.75 2.24 38.96
C LEU I 472 75.92 1.20 38.21
N ALA I 473 76.51 0.59 37.17
CA ALA I 473 75.79 -0.44 36.42
C ALA I 473 75.45 -1.62 37.30
N ALA I 474 76.39 -2.05 38.14
CA ALA I 474 76.13 -3.19 39.02
C ALA I 474 74.99 -2.88 39.99
N ASP I 475 74.98 -1.67 40.55
CA ASP I 475 73.89 -1.28 41.43
C ASP I 475 72.59 -1.08 40.66
N GLY I 476 72.67 -0.96 39.33
CA GLY I 476 71.48 -0.73 38.54
C GLY I 476 70.47 -1.87 38.65
N ILE I 477 70.94 -3.10 38.82
CA ILE I 477 70.07 -4.23 39.06
C ILE I 477 70.18 -4.77 40.48
N TRP I 478 71.34 -4.61 41.13
CA TRP I 478 71.47 -5.08 42.49
C TRP I 478 70.59 -4.27 43.44
N ASN I 479 70.30 -3.02 43.08
CA ASN I 479 69.39 -2.17 43.84
C ASN I 479 68.28 -1.61 42.96
N GLN I 480 68.17 -2.07 41.72
CA GLN I 480 67.04 -1.86 40.83
C GLN I 480 66.79 -0.40 40.50
N LYS I 481 67.83 0.43 40.44
CA LYS I 481 67.65 1.85 40.10
C LYS I 481 68.31 2.13 38.76
N ILE I 482 67.52 2.00 37.69
CA ILE I 482 68.00 2.41 36.37
C ILE I 482 68.10 3.93 36.29
N LEU I 483 67.07 4.62 36.78
CA LEU I 483 67.03 6.07 36.72
C LEU I 483 67.82 6.67 37.87
N PHE I 484 69.16 6.55 37.80
CA PHE I 484 70.00 6.94 38.93
C PHE I 484 69.91 8.44 39.21
N GLU I 485 69.85 9.25 38.15
CA GLU I 485 69.77 10.71 38.27
C GLU I 485 71.05 11.28 38.88
N GLU I 486 71.16 12.61 38.92
CA GLU I 486 72.29 13.28 39.55
C GLU I 486 72.42 12.89 41.02
N SER I 487 71.32 12.43 41.62
CA SER I 487 71.34 12.04 43.02
C SER I 487 72.34 10.93 43.30
N ASP I 488 72.49 9.99 42.36
CA ASP I 488 73.37 8.84 42.56
C ASP I 488 74.59 8.83 41.66
N LEU I 489 74.57 9.51 40.52
CA LEU I 489 75.76 9.59 39.68
C LEU I 489 76.89 10.30 40.42
N ARG I 490 76.57 11.36 41.16
CA ARG I 490 77.56 12.02 42.00
C ARG I 490 78.17 11.05 42.99
N ASN I 491 77.38 10.11 43.50
CA ASN I 491 77.91 9.07 44.37
C ASN I 491 78.86 8.16 43.60
N HIS I 492 78.53 7.85 42.34
CA HIS I 492 79.32 6.90 41.58
C HIS I 492 80.46 7.53 40.80
N GLY I 493 80.38 8.83 40.51
CA GLY I 493 81.44 9.42 39.71
C GLY I 493 81.32 10.93 39.61
N LEU I 494 82.14 11.49 38.74
CA LEU I 494 82.23 12.94 38.55
C LEU I 494 80.96 13.41 37.86
N GLN I 495 80.03 13.94 38.67
CA GLN I 495 78.67 14.25 38.26
C GLN I 495 78.61 15.24 37.09
N LYS I 496 79.64 16.06 36.91
CA LYS I 496 79.55 17.09 35.88
C LYS I 496 80.57 16.91 34.76
N ALA I 497 81.86 16.87 35.11
CA ALA I 497 82.91 16.97 34.10
C ALA I 497 83.03 15.70 33.27
N ASP I 498 83.33 14.57 33.92
CA ASP I 498 83.66 13.36 33.18
C ASP I 498 82.45 12.74 32.51
N VAL I 499 81.32 12.63 33.23
CA VAL I 499 80.16 11.93 32.68
C VAL I 499 79.60 12.64 31.46
N SER I 500 79.85 13.95 31.34
CA SER I 500 79.39 14.67 30.16
C SER I 500 80.00 14.11 28.88
N ALA I 501 81.27 13.74 28.92
CA ALA I 501 81.87 13.04 27.79
C ALA I 501 81.20 11.69 27.58
N PHE I 502 81.03 10.92 28.67
CA PHE I 502 80.36 9.63 28.55
C PHE I 502 78.93 9.80 28.05
N LEU I 503 78.21 10.80 28.57
CA LEU I 503 76.87 11.07 28.08
C LEU I 503 76.88 11.33 26.57
N ARG I 504 77.77 12.22 26.13
CA ARG I 504 77.87 12.52 24.71
C ARG I 504 78.38 11.32 23.93
N MET I 505 79.17 10.45 24.56
CA MET I 505 79.52 9.19 23.93
C MET I 505 78.35 8.23 23.93
N ASN I 506 77.61 8.15 25.04
CA ASN I 506 76.43 7.30 25.11
C ASN I 506 75.23 7.89 24.38
N LEU I 507 75.22 9.21 24.16
CA LEU I 507 74.29 9.90 23.28
C LEU I 507 72.88 10.00 23.84
N PHE I 508 72.58 9.27 24.91
CA PHE I 508 71.29 9.35 25.59
C PHE I 508 71.44 8.81 27.01
N GLN I 509 71.42 9.72 28.00
CA GLN I 509 71.44 9.26 29.38
C GLN I 509 70.49 10.06 30.28
N LYS I 510 69.93 11.17 29.81
CA LYS I 510 69.03 11.95 30.65
C LYS I 510 67.72 12.29 29.95
N GLU I 511 67.79 12.59 28.66
CA GLU I 511 66.66 13.24 27.99
C GLU I 511 65.46 12.32 27.83
N VAL I 512 65.61 11.01 28.03
CA VAL I 512 64.49 10.11 27.86
C VAL I 512 63.38 10.39 28.87
N ASP I 513 63.74 10.65 30.12
CA ASP I 513 62.77 10.99 31.16
C ASP I 513 62.24 12.41 31.01
N CYS I 514 63.07 13.33 30.51
CA CYS I 514 62.70 14.69 30.14
C CYS I 514 62.44 15.61 31.33
N GLU I 515 62.36 15.07 32.55
CA GLU I 515 62.15 15.95 33.68
C GLU I 515 63.45 16.31 34.40
N LYS I 516 64.02 15.34 35.11
CA LYS I 516 65.34 15.50 35.73
C LYS I 516 66.18 14.23 35.73
N PHE I 517 65.60 13.06 35.51
CA PHE I 517 66.28 11.81 35.83
C PHE I 517 67.33 11.46 34.77
N TYR I 518 68.33 10.71 35.20
CA TYR I 518 69.40 10.24 34.33
C TYR I 518 69.38 8.72 34.27
N SER I 519 69.71 8.19 33.10
CA SER I 519 69.56 6.76 32.85
C SER I 519 70.68 6.32 31.90
N PHE I 520 70.50 5.15 31.30
CA PHE I 520 71.48 4.59 30.37
C PHE I 520 70.83 4.45 29.00
N ILE I 521 71.63 4.00 28.03
CA ILE I 521 71.12 3.80 26.68
C ILE I 521 70.11 2.65 26.67
N HIS I 522 70.56 1.46 27.07
CA HIS I 522 69.72 0.28 27.05
C HIS I 522 70.18 -0.67 28.15
N MET I 523 69.29 -1.57 28.56
CA MET I 523 69.59 -2.49 29.65
C MET I 523 70.69 -3.48 29.32
N THR I 524 70.94 -3.72 28.03
CA THR I 524 72.08 -4.58 27.67
C THR I 524 73.39 -3.97 28.10
N PHE I 525 73.55 -2.65 27.93
CA PHE I 525 74.78 -1.99 28.36
C PHE I 525 74.97 -2.12 29.86
N GLN I 526 73.90 -1.92 30.62
CA GLN I 526 73.99 -2.04 32.08
C GLN I 526 74.39 -3.44 32.48
N GLU I 527 73.78 -4.45 31.86
CA GLU I 527 74.18 -5.83 32.13
C GLU I 527 75.53 -6.18 31.56
N PHE I 528 75.96 -5.49 30.48
CA PHE I 528 77.29 -5.72 29.96
C PHE I 528 78.35 -5.20 30.92
N PHE I 529 78.20 -3.97 31.40
CA PHE I 529 79.14 -3.43 32.36
C PHE I 529 79.06 -4.16 33.70
N ALA I 530 77.88 -4.66 34.05
CA ALA I 530 77.76 -5.46 35.27
C ALA I 530 78.63 -6.70 35.19
N ALA I 531 78.79 -7.26 33.99
CA ALA I 531 79.68 -8.40 33.84
C ALA I 531 81.14 -7.98 33.84
N MET I 532 81.44 -6.78 33.33
CA MET I 532 82.83 -6.32 33.27
C MET I 532 83.41 -6.15 34.67
N TYR I 533 82.63 -5.54 35.58
CA TYR I 533 83.15 -5.24 36.91
C TYR I 533 83.56 -6.51 37.64
N TYR I 534 82.87 -7.61 37.37
CA TYR I 534 83.20 -8.87 38.03
C TYR I 534 84.62 -9.31 37.69
N LEU I 535 85.02 -9.14 36.43
CA LEU I 535 86.37 -9.49 36.02
C LEU I 535 87.40 -8.44 36.44
N LEU I 536 87.02 -7.18 36.48
CA LEU I 536 87.97 -6.11 36.79
C LEU I 536 88.33 -6.04 38.26
N GLU I 537 87.90 -7.03 39.06
CA GLU I 537 88.26 -7.12 40.47
C GLU I 537 87.88 -5.86 41.23
N GLU I 538 86.85 -5.21 40.69
CA GLU I 538 86.40 -3.89 41.23
C GLU I 538 87.60 -2.94 41.23
N GLU I 539 88.09 -2.58 40.03
CA GLU I 539 89.25 -1.66 39.91
C GLU I 539 90.44 -2.30 40.62
N LYS I 540 90.54 -3.63 40.54
CA LYS I 540 91.65 -4.36 41.18
C LYS I 540 91.44 -4.29 42.70
N GLU I 541 92.41 -4.76 43.48
CA GLU I 541 92.32 -4.62 44.94
C GLU I 541 93.27 -3.48 45.36
N GLY I 542 93.73 -2.68 44.39
CA GLY I 542 94.71 -1.62 44.70
C GLY I 542 94.31 -0.24 44.25
N ARG I 543 93.01 0.09 44.29
CA ARG I 543 92.51 1.41 43.81
C ARG I 543 91.42 1.96 44.74
N THR I 544 90.18 1.44 44.67
CA THR I 544 89.06 1.98 45.50
C THR I 544 88.83 3.46 45.15
N ASN I 545 89.02 4.38 46.10
CA ASN I 545 88.81 5.84 45.86
C ASN I 545 87.36 6.13 45.46
N VAL I 546 86.39 5.56 46.19
CA VAL I 546 84.95 5.71 45.86
C VAL I 546 84.45 7.15 46.08
N PRO I 547 83.51 7.67 45.27
CA PRO I 547 82.90 9.00 45.50
C PRO I 547 81.86 8.96 46.62
N GLY I 548 82.29 8.64 47.84
CA GLY I 548 81.45 8.57 49.02
C GLY I 548 80.82 7.21 49.27
N SER I 549 81.05 6.25 48.40
CA SER I 549 80.43 4.92 48.49
C SER I 549 81.18 3.97 49.41
N ARG I 550 81.21 4.25 50.71
CA ARG I 550 81.77 3.30 51.67
C ARG I 550 80.91 2.06 51.78
N LEU I 551 79.64 2.13 51.37
CA LEU I 551 78.71 1.03 51.45
C LEU I 551 78.05 0.84 50.10
N LYS I 552 77.01 0.00 50.08
CA LYS I 552 76.21 -0.29 48.89
C LYS I 552 77.04 -0.93 47.77
N LEU I 553 78.15 -1.55 48.12
CA LEU I 553 78.93 -2.27 47.11
C LEU I 553 78.38 -3.68 46.95
N PRO I 554 77.84 -4.03 45.78
CA PRO I 554 77.42 -5.42 45.57
C PRO I 554 78.62 -6.36 45.65
N SER I 555 78.35 -7.57 46.13
CA SER I 555 79.42 -8.52 46.37
C SER I 555 80.19 -8.85 45.10
N ARG I 556 81.51 -8.79 45.21
CA ARG I 556 82.38 -9.13 44.09
C ARG I 556 82.35 -10.62 43.76
N ASP I 557 81.76 -11.44 44.64
CA ASP I 557 81.59 -12.85 44.36
C ASP I 557 80.55 -13.06 43.26
N VAL I 558 80.78 -14.09 42.45
CA VAL I 558 79.89 -14.42 41.34
C VAL I 558 78.98 -15.61 41.64
N THR I 559 79.26 -16.37 42.70
CA THR I 559 78.39 -17.50 43.03
C THR I 559 76.99 -17.01 43.38
N VAL I 560 76.90 -15.89 44.09
CA VAL I 560 75.60 -15.31 44.43
C VAL I 560 74.85 -14.93 43.15
N LEU I 561 75.58 -14.51 42.12
CA LEU I 561 74.95 -14.15 40.85
C LEU I 561 74.17 -15.33 40.29
N LEU I 562 74.78 -16.52 40.29
CA LEU I 562 74.08 -17.72 39.84
C LEU I 562 73.04 -18.18 40.85
N GLU I 563 73.19 -17.80 42.12
CA GLU I 563 72.20 -18.13 43.13
C GLU I 563 70.95 -17.26 43.04
N ASN I 564 71.11 -15.99 42.67
CA ASN I 564 69.96 -15.14 42.39
C ASN I 564 69.54 -15.20 40.93
N TYR I 565 70.20 -16.04 40.13
CA TYR I 565 69.88 -16.16 38.71
C TYR I 565 68.46 -16.66 38.52
N GLY I 566 67.75 -16.02 37.58
CA GLY I 566 66.37 -16.38 37.30
C GLY I 566 65.34 -15.69 38.14
N LYS I 567 65.74 -14.87 39.12
CA LYS I 567 64.78 -14.15 39.94
C LYS I 567 64.35 -12.87 39.24
N PHE I 568 63.04 -12.61 39.22
CA PHE I 568 62.56 -11.34 38.69
C PHE I 568 63.07 -10.17 39.51
N GLU I 569 63.43 -10.41 40.78
CA GLU I 569 64.05 -9.37 41.59
C GLU I 569 65.33 -8.86 40.97
N LYS I 570 66.02 -9.71 40.20
CA LYS I 570 67.29 -9.33 39.59
C LYS I 570 67.23 -9.39 38.06
N GLY I 571 66.02 -9.42 37.49
CA GLY I 571 65.88 -9.37 36.05
C GLY I 571 66.35 -10.61 35.32
N TYR I 572 66.30 -11.77 35.99
CA TYR I 572 66.62 -13.07 35.39
C TYR I 572 68.10 -13.21 35.05
N LEU I 573 68.86 -12.13 35.17
CA LEU I 573 70.32 -12.14 35.07
C LEU I 573 70.84 -12.88 33.84
N ILE I 574 70.19 -12.72 32.69
CA ILE I 574 70.62 -13.44 31.49
C ILE I 574 71.97 -12.93 31.02
N PHE I 575 72.02 -11.67 30.60
CA PHE I 575 73.21 -11.14 29.96
C PHE I 575 74.40 -11.09 30.90
N VAL I 576 74.16 -10.78 32.17
CA VAL I 576 75.24 -10.76 33.14
C VAL I 576 76.01 -12.08 33.10
N VAL I 577 75.29 -13.19 33.28
CA VAL I 577 75.91 -14.49 33.16
C VAL I 577 76.41 -14.72 31.74
N ARG I 578 75.58 -14.38 30.75
CA ARG I 578 75.92 -14.67 29.36
C ARG I 578 77.18 -13.93 28.93
N PHE I 579 77.33 -12.67 29.34
CA PHE I 579 78.49 -11.90 28.93
C PHE I 579 79.77 -12.36 29.62
N LEU I 580 79.64 -13.04 30.77
CA LEU I 580 80.82 -13.50 31.49
C LEU I 580 81.65 -14.46 30.64
N PHE I 581 80.98 -15.36 29.92
CA PHE I 581 81.65 -16.34 29.09
C PHE I 581 82.48 -15.66 28.01
N GLY I 582 81.89 -14.70 27.31
CA GLY I 582 82.60 -14.02 26.24
C GLY I 582 83.78 -13.21 26.76
N LEU I 583 83.63 -12.60 27.94
CA LEU I 583 84.67 -11.74 28.47
C LEU I 583 85.94 -12.49 28.84
N VAL I 584 85.82 -13.72 29.35
CA VAL I 584 86.97 -14.40 29.93
C VAL I 584 87.89 -15.01 28.88
N ASN I 585 87.61 -14.77 27.60
CA ASN I 585 88.53 -15.22 26.56
C ASN I 585 89.92 -14.67 26.81
N GLN I 586 90.85 -15.55 27.16
CA GLN I 586 92.17 -15.17 27.62
C GLN I 586 92.95 -14.47 26.51
N GLU I 587 93.09 -15.16 25.38
CA GLU I 587 93.86 -14.63 24.26
C GLU I 587 93.26 -13.33 23.72
N ARG I 588 91.94 -13.26 23.67
CA ARG I 588 91.28 -12.11 23.06
C ARG I 588 91.50 -10.84 23.87
N THR I 589 91.28 -10.92 25.19
CA THR I 589 91.38 -9.73 26.02
C THR I 589 92.80 -9.47 26.47
N SER I 590 93.73 -10.40 26.20
CA SER I 590 95.11 -10.23 26.65
C SER I 590 95.76 -9.00 26.04
N TYR I 591 95.71 -8.89 24.71
CA TYR I 591 96.22 -7.71 24.03
C TYR I 591 95.12 -6.72 23.67
N LEU I 592 93.90 -6.93 24.17
CA LEU I 592 92.83 -5.96 23.97
C LEU I 592 92.75 -4.97 25.13
N GLU I 593 92.83 -5.47 26.35
CA GLU I 593 92.69 -4.63 27.54
C GLU I 593 94.01 -4.45 28.28
N LYS I 594 94.66 -5.55 28.69
CA LYS I 594 95.81 -5.52 29.59
C LYS I 594 95.44 -4.84 30.92
N LYS I 595 94.14 -4.56 31.08
CA LYS I 595 93.58 -4.14 32.36
C LYS I 595 92.62 -5.21 32.87
N LEU I 596 93.00 -6.47 32.71
CA LEU I 596 92.08 -7.59 32.75
C LEU I 596 92.06 -8.24 34.14
N SER I 597 91.44 -9.41 34.24
CA SER I 597 91.35 -10.16 35.49
C SER I 597 92.62 -10.92 35.79
N CYS I 598 92.55 -11.84 36.74
CA CYS I 598 93.68 -12.63 37.17
C CYS I 598 93.20 -14.06 37.41
N LYS I 599 93.96 -14.83 38.17
CA LYS I 599 93.54 -16.17 38.57
C LYS I 599 92.12 -16.20 39.11
N ILE I 600 91.61 -15.04 39.54
CA ILE I 600 90.22 -14.91 39.96
C ILE I 600 89.30 -15.36 38.83
N SER I 601 89.59 -14.91 37.61
CA SER I 601 88.82 -15.38 36.46
C SER I 601 88.99 -16.88 36.27
N GLN I 602 90.21 -17.39 36.47
CA GLN I 602 90.45 -18.81 36.32
C GLN I 602 89.65 -19.61 37.35
N GLN I 603 89.63 -19.16 38.60
CA GLN I 603 88.79 -19.82 39.59
C GLN I 603 87.31 -19.51 39.38
N ILE I 604 87.00 -18.40 38.71
CA ILE I 604 85.63 -18.15 38.30
C ILE I 604 85.17 -19.19 37.28
N ARG I 605 86.05 -19.54 36.35
CA ARG I 605 85.71 -20.56 35.35
C ARG I 605 85.33 -21.87 36.03
N LEU I 606 86.11 -22.30 37.01
CA LEU I 606 85.76 -23.49 37.76
C LEU I 606 84.44 -23.31 38.49
N GLU I 607 84.24 -22.14 39.09
CA GLU I 607 82.94 -21.83 39.70
C GLU I 607 81.84 -21.84 38.65
N LEU I 608 82.09 -21.22 37.50
CA LEU I 608 81.10 -21.22 36.43
C LEU I 608 80.94 -22.61 35.82
N LEU I 609 82.02 -23.38 35.78
CA LEU I 609 81.93 -24.78 35.35
C LEU I 609 81.00 -25.55 36.27
N LYS I 610 81.11 -25.33 37.57
CA LYS I 610 80.24 -26.03 38.51
C LYS I 610 78.78 -25.62 38.33
N TRP I 611 78.53 -24.36 37.98
CA TRP I 611 77.16 -23.92 37.74
C TRP I 611 76.53 -24.69 36.59
N ILE I 612 77.25 -24.82 35.48
CA ILE I 612 76.74 -25.59 34.35
C ILE I 612 76.60 -27.05 34.73
N GLU I 613 77.56 -27.56 35.50
CA GLU I 613 77.56 -28.97 35.86
C GLU I 613 76.33 -29.35 36.66
N VAL I 614 75.98 -28.54 37.66
CA VAL I 614 74.88 -28.90 38.56
C VAL I 614 73.54 -28.83 37.84
N LYS I 615 73.39 -27.88 36.91
CA LYS I 615 72.08 -27.66 36.30
C LYS I 615 71.59 -28.90 35.54
N ALA I 616 72.44 -29.46 34.69
CA ALA I 616 72.04 -30.63 33.93
C ALA I 616 71.80 -31.83 34.83
N LYS I 617 72.65 -32.02 35.83
CA LYS I 617 72.60 -33.24 36.65
C LYS I 617 71.42 -33.21 37.63
N ALA I 618 71.19 -32.06 38.25
CA ALA I 618 70.29 -31.99 39.40
C ALA I 618 68.82 -31.82 39.04
N LYS I 619 68.46 -30.72 38.39
CA LYS I 619 67.04 -30.40 38.17
C LYS I 619 66.86 -29.90 36.75
N LYS I 620 66.04 -30.61 35.97
CA LYS I 620 65.69 -30.13 34.64
C LYS I 620 64.47 -29.22 34.67
N LEU I 621 63.61 -29.36 35.69
CA LEU I 621 62.42 -28.54 35.81
C LEU I 621 62.76 -27.27 36.56
N GLN I 622 63.07 -26.21 35.81
CA GLN I 622 63.25 -24.88 36.36
C GLN I 622 62.59 -23.88 35.43
N ILE I 623 62.64 -22.60 35.82
CA ILE I 623 61.89 -21.56 35.12
C ILE I 623 62.26 -21.54 33.64
N GLN I 624 63.51 -21.19 33.32
CA GLN I 624 64.03 -21.36 31.97
C GLN I 624 65.55 -21.25 31.90
N PRO I 625 66.31 -22.13 32.54
CA PRO I 625 67.74 -22.23 32.21
C PRO I 625 67.93 -23.16 31.03
N SER I 626 67.52 -22.72 29.85
CA SER I 626 67.36 -23.63 28.71
C SER I 626 68.69 -24.25 28.30
N GLN I 627 68.59 -25.45 27.72
CA GLN I 627 69.78 -26.14 27.24
C GLN I 627 70.46 -25.35 26.14
N LEU I 628 69.68 -24.75 25.23
CA LEU I 628 70.25 -23.87 24.23
C LEU I 628 70.79 -22.59 24.87
N GLU I 629 70.14 -22.13 25.95
CA GLU I 629 70.63 -20.95 26.63
C GLU I 629 72.03 -21.18 27.17
N LEU I 630 72.27 -22.36 27.76
CA LEU I 630 73.64 -22.73 28.11
C LEU I 630 74.51 -22.81 26.88
N PHE I 631 73.97 -23.39 25.80
CA PHE I 631 74.73 -23.49 24.56
C PHE I 631 75.13 -22.11 24.05
N TYR I 632 74.31 -21.09 24.28
CA TYR I 632 74.73 -19.73 24.02
C TYR I 632 75.97 -19.38 24.84
N CYS I 633 75.96 -19.76 26.12
CA CYS I 633 77.08 -19.43 27.00
C CYS I 633 78.37 -20.09 26.52
N LEU I 634 78.34 -21.41 26.29
CA LEU I 634 79.53 -22.09 25.81
C LEU I 634 79.96 -21.58 24.44
N TYR I 635 79.01 -21.11 23.63
CA TYR I 635 79.37 -20.52 22.35
C TYR I 635 80.22 -19.27 22.53
N GLU I 636 79.88 -18.43 23.50
CA GLU I 636 80.70 -17.25 23.77
C GLU I 636 82.11 -17.65 24.20
N MET I 637 82.21 -18.62 25.10
CA MET I 637 83.51 -19.11 25.58
C MET I 637 84.10 -20.05 24.53
N GLN I 638 84.96 -19.47 23.69
CA GLN I 638 85.61 -20.25 22.64
C GLN I 638 86.65 -21.20 23.23
N GLU I 639 87.36 -21.91 22.35
CA GLU I 639 88.39 -22.88 22.71
C GLU I 639 87.74 -24.13 23.30
N GLU I 640 88.24 -25.31 22.94
CA GLU I 640 87.56 -26.59 23.28
C GLU I 640 87.37 -27.03 24.75
N ASP I 641 88.40 -27.22 25.56
CA ASP I 641 88.27 -27.96 26.87
C ASP I 641 87.20 -27.54 27.89
N PHE I 642 87.09 -26.27 28.24
CA PHE I 642 86.10 -25.94 29.31
C PHE I 642 84.71 -26.27 28.77
N VAL I 643 84.51 -25.83 27.53
CA VAL I 643 83.17 -26.03 26.91
C VAL I 643 82.95 -27.53 26.81
N GLN I 644 83.99 -28.30 26.50
CA GLN I 644 83.87 -29.77 26.34
C GLN I 644 83.42 -30.40 27.65
N ARG I 645 84.11 -30.09 28.76
CA ARG I 645 83.71 -30.62 30.09
C ARG I 645 82.24 -30.28 30.34
N ALA I 646 81.82 -29.06 30.00
CA ALA I 646 80.44 -28.62 30.31
C ALA I 646 79.44 -29.39 29.44
N MET I 647 79.73 -29.55 28.14
CA MET I 647 78.81 -30.19 27.18
C MET I 647 78.67 -31.69 27.51
N ASP I 648 79.73 -32.26 28.09
CA ASP I 648 79.70 -33.69 28.49
C ASP I 648 79.02 -33.85 29.84
N TYR I 649 78.21 -32.88 30.23
CA TYR I 649 77.44 -33.05 31.49
C TYR I 649 75.99 -33.42 31.18
N PHE I 650 75.66 -33.69 29.91
CA PHE I 650 74.24 -33.96 29.56
C PHE I 650 74.07 -34.80 28.29
N PRO I 651 73.58 -36.07 28.29
CA PRO I 651 73.22 -36.73 27.03
C PRO I 651 71.81 -36.36 26.60
N LYS I 652 71.06 -35.75 27.51
CA LYS I 652 69.67 -35.36 27.26
C LYS I 652 69.66 -33.95 26.66
N ILE I 653 69.72 -33.90 25.33
CA ILE I 653 69.68 -32.63 24.61
C ILE I 653 68.29 -32.51 23.99
N GLU I 654 67.48 -31.62 24.56
CA GLU I 654 66.15 -31.30 24.04
C GLU I 654 66.05 -29.79 23.91
N ILE I 655 66.13 -29.31 22.67
CA ILE I 655 66.20 -27.88 22.41
C ILE I 655 65.21 -27.52 21.31
N ASN I 656 64.90 -26.23 21.21
CA ASN I 656 64.05 -25.68 20.17
C ASN I 656 64.79 -24.57 19.45
N LEU I 657 64.51 -24.42 18.16
CA LEU I 657 65.22 -23.47 17.31
C LEU I 657 64.22 -22.53 16.65
N SER I 658 64.62 -21.26 16.51
CA SER I 658 63.77 -20.25 15.91
C SER I 658 64.43 -19.49 14.77
N THR I 659 65.74 -19.25 14.82
CA THR I 659 66.42 -18.47 13.80
C THR I 659 67.80 -19.05 13.57
N ARG I 660 68.39 -18.68 12.43
CA ARG I 660 69.72 -19.13 12.03
C ARG I 660 70.71 -19.04 13.19
N MET I 661 70.66 -17.95 13.94
CA MET I 661 71.54 -17.81 15.09
C MET I 661 71.33 -18.95 16.08
N ASP I 662 70.07 -19.27 16.37
CA ASP I 662 69.79 -20.41 17.23
C ASP I 662 70.28 -21.71 16.62
N HIS I 663 70.09 -21.87 15.30
CA HIS I 663 70.63 -23.04 14.62
C HIS I 663 72.15 -23.03 14.63
N MET I 664 72.75 -21.85 14.47
CA MET I 664 74.21 -21.77 14.43
C MET I 664 74.82 -22.12 15.78
N VAL I 665 74.31 -21.53 16.86
CA VAL I 665 74.89 -21.80 18.18
C VAL I 665 74.70 -23.26 18.55
N SER I 666 73.53 -23.82 18.25
CA SER I 666 73.31 -25.24 18.48
C SER I 666 74.27 -26.08 17.64
N SER I 667 74.45 -25.69 16.38
CA SER I 667 75.40 -26.41 15.52
C SER I 667 76.82 -26.30 16.06
N PHE I 668 77.23 -25.10 16.47
CA PHE I 668 78.59 -24.91 16.92
C PHE I 668 78.86 -25.63 18.23
N CYS I 669 77.93 -25.54 19.18
CA CYS I 669 78.17 -26.11 20.49
C CYS I 669 78.33 -27.63 20.42
N ILE I 670 77.51 -28.29 19.60
CA ILE I 670 77.60 -29.74 19.47
C ILE I 670 78.85 -30.18 18.72
N GLU I 671 79.52 -29.26 18.02
CA GLU I 671 80.78 -29.61 17.37
C GLU I 671 81.76 -30.12 18.42
N ASN I 672 81.64 -29.60 19.63
CA ASN I 672 82.47 -30.05 20.73
C ASN I 672 81.92 -31.36 21.30
N CYS I 673 82.76 -32.05 22.06
CA CYS I 673 82.41 -33.33 22.67
C CYS I 673 82.04 -34.37 21.63
N HIS I 674 81.56 -35.52 22.10
CA HIS I 674 81.21 -36.64 21.24
C HIS I 674 80.37 -37.63 22.05
N ARG I 675 80.08 -38.80 21.48
CA ARG I 675 79.45 -39.91 22.18
C ARG I 675 78.06 -39.57 22.69
N VAL I 676 77.59 -38.34 22.40
CA VAL I 676 76.30 -37.84 22.88
C VAL I 676 75.19 -38.80 22.49
N GLU I 677 74.33 -39.13 23.45
CA GLU I 677 73.34 -40.18 23.22
C GLU I 677 72.15 -39.67 22.41
N SER I 678 71.41 -38.71 22.95
CA SER I 678 70.10 -38.38 22.42
C SER I 678 70.04 -36.90 22.04
N LEU I 679 69.55 -36.62 20.84
CA LEU I 679 69.25 -35.27 20.40
C LEU I 679 67.75 -35.12 20.18
N SER I 680 67.20 -33.99 20.62
CA SER I 680 65.77 -33.75 20.48
C SER I 680 65.56 -32.37 19.90
N LEU I 681 64.56 -32.26 19.02
CA LEU I 681 64.26 -31.02 18.32
C LEU I 681 62.75 -30.97 18.08
N GLY I 682 62.31 -29.91 17.40
CA GLY I 682 60.93 -29.82 16.96
C GLY I 682 60.00 -29.14 17.93
N PHE I 683 58.70 -29.31 17.66
CA PHE I 683 57.66 -28.69 18.48
C PHE I 683 57.71 -29.20 19.92
N LEU I 684 57.53 -30.51 20.09
CA LEU I 684 57.58 -31.18 21.39
C LEU I 684 56.68 -30.52 22.43
N HIS I 685 57.25 -30.26 23.62
CA HIS I 685 56.55 -29.76 24.80
C HIS I 685 55.58 -30.82 25.34
N ASN I 686 55.43 -31.90 24.58
CA ASN I 686 54.61 -33.06 24.94
C ASN I 686 55.03 -34.17 23.99
N MET I 687 55.47 -35.29 24.54
CA MET I 687 55.98 -36.35 23.68
C MET I 687 55.30 -37.69 23.96
N PRO I 688 53.98 -37.81 23.72
CA PRO I 688 53.29 -39.07 23.99
C PRO I 688 53.26 -39.98 22.78
N LYS I 689 52.57 -41.11 22.90
CA LYS I 689 52.29 -42.00 21.79
C LYS I 689 53.55 -42.59 21.19
N GLU I 690 54.64 -42.63 21.97
CA GLU I 690 55.88 -43.22 21.44
C GLU I 690 56.61 -44.07 22.48
N GLU I 691 55.92 -44.77 23.38
CA GLU I 691 56.56 -45.50 24.46
C GLU I 691 57.14 -46.81 23.94
N GLU I 692 58.45 -46.99 24.10
CA GLU I 692 59.13 -48.23 23.77
C GLU I 692 58.66 -49.35 24.70
N GLU I 693 58.65 -50.57 24.16
CA GLU I 693 58.30 -51.73 24.97
C GLU I 693 59.43 -52.72 25.20
N GLU I 694 60.40 -52.83 24.29
CA GLU I 694 61.52 -53.79 24.41
C GLU I 694 60.91 -55.17 24.68
N GLU I 695 61.35 -55.89 25.71
CA GLU I 695 60.84 -57.21 26.01
C GLU I 695 60.62 -57.34 27.52
N LYS I 696 59.65 -58.17 27.89
CA LYS I 696 59.31 -58.44 29.29
C LYS I 696 58.89 -57.17 30.02
N GLU I 697 58.28 -56.23 29.29
CA GLU I 697 57.85 -54.99 29.89
C GLU I 697 56.47 -55.13 30.52
N GLY I 698 56.20 -54.28 31.51
CA GLY I 698 54.88 -54.18 32.10
C GLY I 698 54.11 -53.01 31.52
N ARG I 699 54.78 -52.26 30.63
CA ARG I 699 54.18 -51.12 29.95
C ARG I 699 54.39 -51.26 28.46
N HIS I 700 53.36 -50.94 27.68
CA HIS I 700 53.37 -51.08 26.24
C HIS I 700 53.06 -49.73 25.59
N LEU I 701 53.20 -49.69 24.26
CA LEU I 701 52.78 -48.51 23.51
C LEU I 701 51.26 -48.47 23.45
N ASP I 702 50.71 -47.29 23.73
CA ASP I 702 49.27 -47.08 23.73
C ASP I 702 48.95 -45.83 22.93
N MET I 703 47.72 -45.75 22.44
CA MET I 703 47.32 -44.61 21.63
C MET I 703 47.21 -43.35 22.49
N VAL I 704 47.55 -42.21 21.87
CA VAL I 704 47.34 -40.91 22.50
C VAL I 704 46.57 -40.02 21.52
N GLN I 705 47.15 -39.79 20.34
CA GLN I 705 46.56 -39.03 19.26
C GLN I 705 46.35 -37.56 19.64
N CYS I 706 46.72 -37.19 20.87
CA CYS I 706 46.40 -35.90 21.47
C CYS I 706 44.91 -35.66 21.33
N VAL I 707 44.43 -34.42 21.25
CA VAL I 707 43.03 -34.16 20.92
C VAL I 707 42.93 -33.14 19.79
N LEU I 708 43.60 -32.00 19.97
CA LEU I 708 43.49 -30.82 19.11
C LEU I 708 44.09 -30.93 17.70
N PRO I 709 45.11 -31.78 17.44
CA PRO I 709 45.64 -31.84 16.07
C PRO I 709 44.58 -32.13 15.02
N SER I 710 43.64 -33.05 15.30
CA SER I 710 42.50 -33.34 14.45
C SER I 710 42.82 -33.32 12.97
N SER I 711 42.01 -32.60 12.18
CA SER I 711 42.27 -32.39 10.77
C SER I 711 43.16 -31.18 10.49
N SER I 712 43.47 -30.39 11.53
CA SER I 712 44.35 -29.24 11.34
C SER I 712 45.77 -29.68 11.03
N HIS I 713 46.21 -30.81 11.60
CA HIS I 713 47.54 -31.32 11.33
C HIS I 713 47.71 -31.65 9.85
N ALA I 714 46.72 -32.33 9.26
CA ALA I 714 46.78 -32.65 7.84
C ALA I 714 46.72 -31.39 6.98
N ALA I 715 45.93 -30.40 7.40
CA ALA I 715 45.82 -29.17 6.63
C ALA I 715 47.15 -28.42 6.59
N CYS I 716 47.87 -28.39 7.71
CA CYS I 716 49.15 -27.69 7.75
C CYS I 716 50.20 -28.38 6.90
N SER I 717 50.10 -29.70 6.74
CA SER I 717 51.13 -30.46 6.03
C SER I 717 51.14 -30.17 4.54
N HIS I 718 50.05 -29.63 3.98
CA HIS I 718 49.95 -29.39 2.56
C HIS I 718 50.28 -27.94 2.16
N GLY I 719 49.77 -26.98 2.92
CA GLY I 719 49.99 -25.57 2.61
C GLY I 719 50.89 -24.86 3.60
N LEU I 720 51.93 -25.54 4.07
CA LEU I 720 52.83 -25.00 5.08
C LEU I 720 53.59 -23.78 4.57
N VAL I 721 54.04 -23.83 3.30
CA VAL I 721 54.79 -22.77 2.66
C VAL I 721 56.10 -22.55 3.41
N ASN I 722 56.16 -21.52 4.26
CA ASN I 722 57.33 -21.22 5.07
C ASN I 722 58.58 -21.03 4.20
N SER I 723 58.55 -19.97 3.39
CA SER I 723 59.71 -19.64 2.55
C SER I 723 60.93 -19.24 3.38
N HIS I 724 60.74 -18.84 4.63
CA HIS I 724 61.86 -18.53 5.51
C HIS I 724 62.61 -19.77 5.97
N LEU I 725 62.08 -20.95 5.72
CA LEU I 725 62.75 -22.21 6.00
C LEU I 725 63.12 -22.86 4.68
N THR I 726 64.40 -23.15 4.48
CA THR I 726 64.93 -23.58 3.20
C THR I 726 65.87 -24.75 3.43
N SER I 727 66.66 -25.08 2.40
CA SER I 727 67.73 -26.05 2.56
C SER I 727 68.70 -25.63 3.65
N SER I 728 68.91 -24.32 3.77
CA SER I 728 69.66 -23.79 4.90
C SER I 728 68.89 -24.00 6.20
N PHE I 729 69.50 -23.60 7.31
CA PHE I 729 69.01 -23.82 8.66
C PHE I 729 69.12 -25.30 9.03
N CYS I 730 69.41 -26.14 8.04
CA CYS I 730 69.45 -27.58 8.27
C CYS I 730 70.77 -28.18 7.83
N ARG I 731 71.29 -27.70 6.69
CA ARG I 731 72.52 -28.27 6.13
C ARG I 731 73.67 -28.19 7.12
N GLY I 732 73.86 -27.03 7.75
CA GLY I 732 74.89 -26.89 8.75
C GLY I 732 74.63 -27.71 10.00
N LEU I 733 73.40 -27.68 10.50
CA LEU I 733 73.07 -28.38 11.73
C LEU I 733 73.26 -29.88 11.57
N PHE I 734 72.81 -30.43 10.43
CA PHE I 734 72.97 -31.86 10.22
C PHE I 734 74.38 -32.21 9.81
N SER I 735 75.16 -31.23 9.34
CA SER I 735 76.57 -31.48 9.09
C SER I 735 77.30 -31.87 10.36
N VAL I 736 76.84 -31.36 11.51
CA VAL I 736 77.31 -31.85 12.79
C VAL I 736 76.90 -33.31 12.97
N LEU I 737 75.65 -33.63 12.63
CA LEU I 737 75.17 -35.00 12.77
C LEU I 737 75.92 -35.96 11.85
N SER I 738 76.27 -35.52 10.64
CA SER I 738 77.12 -36.34 9.79
C SER I 738 78.45 -36.63 10.46
N THR I 739 78.92 -35.70 11.30
CA THR I 739 80.13 -35.88 12.11
C THR I 739 79.77 -36.31 13.52
N SER I 740 78.78 -37.20 13.66
CA SER I 740 78.23 -37.53 14.97
C SER I 740 79.30 -38.07 15.91
N GLN I 741 80.20 -38.91 15.40
CA GLN I 741 81.29 -39.46 16.21
C GLN I 741 80.73 -40.23 17.39
N SER I 742 80.04 -41.34 17.11
CA SER I 742 79.52 -42.29 18.10
C SER I 742 78.25 -41.79 18.79
N LEU I 743 77.47 -40.95 18.11
CA LEU I 743 76.12 -40.68 18.58
C LEU I 743 75.23 -41.89 18.30
N THR I 744 74.23 -42.09 19.15
CA THR I 744 73.40 -43.27 19.07
C THR I 744 71.94 -43.00 18.72
N GLU I 745 71.29 -42.05 19.38
CA GLU I 745 69.85 -41.87 19.28
C GLU I 745 69.54 -40.46 18.80
N LEU I 746 68.60 -40.35 17.86
CA LEU I 746 68.14 -39.07 17.37
C LEU I 746 66.62 -39.07 17.29
N ASP I 747 66.01 -38.04 17.88
CA ASP I 747 64.57 -37.87 17.86
C ASP I 747 64.20 -36.64 17.05
N LEU I 748 63.20 -36.79 16.18
CA LEU I 748 62.69 -35.68 15.39
C LEU I 748 61.18 -35.56 15.46
N SER I 749 60.56 -35.96 16.57
CA SER I 749 59.11 -36.04 16.64
C SER I 749 58.46 -34.67 16.51
N ASP I 750 57.26 -34.67 15.95
CA ASP I 750 56.40 -33.49 15.85
C ASP I 750 57.02 -32.40 14.98
N ASN I 751 58.18 -32.68 14.39
CA ASN I 751 58.88 -31.66 13.63
C ASN I 751 58.15 -31.36 12.33
N SER I 752 58.24 -30.10 11.89
CA SER I 752 57.61 -29.67 10.65
C SER I 752 58.55 -29.88 9.48
N LEU I 753 59.51 -30.77 9.64
CA LEU I 753 60.52 -31.02 8.62
C LEU I 753 59.89 -31.74 7.45
N GLY I 754 59.93 -31.11 6.27
CA GLY I 754 59.33 -31.69 5.05
C GLY I 754 60.29 -32.60 4.28
N ASP I 755 59.91 -33.00 3.06
CA ASP I 755 60.72 -33.96 2.25
C ASP I 755 62.10 -33.43 1.82
N PRO I 756 62.30 -32.16 1.37
CA PRO I 756 63.66 -31.70 1.01
C PRO I 756 64.63 -31.86 2.19
N GLY I 757 64.26 -31.34 3.35
CA GLY I 757 65.06 -31.49 4.58
C GLY I 757 65.29 -32.96 4.84
N MET I 758 64.29 -33.79 4.57
CA MET I 758 64.43 -35.27 4.74
C MET I 758 65.52 -35.80 3.81
N ARG I 759 65.60 -35.31 2.56
CA ARG I 759 66.68 -35.73 1.63
C ARG I 759 68.03 -35.33 2.22
N VAL I 760 68.10 -34.12 2.77
CA VAL I 760 69.39 -33.66 3.35
C VAL I 760 69.74 -34.62 4.49
N LEU I 761 68.76 -34.97 5.32
CA LEU I 761 69.01 -35.84 6.51
C LEU I 761 69.47 -37.21 6.01
N CYS I 762 68.88 -37.72 4.94
CA CYS I 762 69.25 -39.04 4.37
C CYS I 762 70.69 -39.02 3.84
N GLU I 763 71.12 -37.96 3.15
CA GLU I 763 72.55 -37.92 2.73
C GLU I 763 73.43 -37.89 3.98
N THR I 764 72.95 -37.14 4.98
CA THR I 764 73.73 -37.02 6.23
C THR I 764 73.89 -38.42 6.81
N LEU I 765 72.82 -39.23 6.85
CA LEU I 765 72.82 -40.62 7.42
C LEU I 765 73.69 -41.54 6.58
N GLN I 766 73.74 -41.26 5.29
CA GLN I 766 74.47 -42.14 4.37
C GLN I 766 75.93 -42.15 4.80
N HIS I 767 76.38 -41.08 5.43
CA HIS I 767 77.84 -40.98 5.73
C HIS I 767 78.28 -42.15 6.60
N PRO I 768 79.42 -42.79 6.28
CA PRO I 768 79.91 -43.89 7.08
C PRO I 768 80.06 -43.45 8.53
N GLY I 769 80.40 -42.17 8.77
CA GLY I 769 80.62 -41.83 10.16
C GLY I 769 79.42 -41.41 10.96
N CYS I 770 78.21 -41.74 10.51
CA CYS I 770 77.01 -41.31 11.24
C CYS I 770 76.83 -42.09 12.53
N ASN I 771 77.01 -43.41 12.51
CA ASN I 771 77.05 -44.23 13.71
C ASN I 771 75.74 -44.23 14.49
N ILE I 772 74.69 -43.62 13.93
CA ILE I 772 73.43 -43.53 14.66
C ILE I 772 72.80 -44.90 14.77
N ARG I 773 72.25 -45.20 15.96
CA ARG I 773 71.65 -46.49 16.24
C ARG I 773 70.14 -46.47 16.07
N ARG I 774 69.47 -45.47 16.62
CA ARG I 774 68.01 -45.35 16.55
C ARG I 774 67.64 -43.97 16.07
N LEU I 775 66.55 -43.89 15.31
CA LEU I 775 66.10 -42.64 14.70
C LEU I 775 64.59 -42.59 14.74
N TRP I 776 64.04 -41.55 15.35
CA TRP I 776 62.60 -41.38 15.49
C TRP I 776 62.15 -40.17 14.67
N LEU I 777 61.18 -40.37 13.78
CA LEU I 777 60.61 -39.29 13.00
C LEU I 777 59.09 -39.30 13.04
N GLY I 778 58.50 -39.83 14.11
CA GLY I 778 57.06 -39.95 14.19
C GLY I 778 56.32 -38.63 14.19
N ARG I 779 55.04 -38.68 13.86
CA ARG I 779 54.09 -37.57 13.93
C ARG I 779 54.47 -36.40 13.02
N CYS I 780 55.46 -36.56 12.15
CA CYS I 780 55.85 -35.48 11.24
C CYS I 780 54.94 -35.52 10.00
N GLY I 781 55.23 -34.67 9.03
CA GLY I 781 54.44 -34.54 7.82
C GLY I 781 55.02 -35.20 6.59
N LEU I 782 55.92 -36.16 6.75
CA LEU I 782 56.59 -36.77 5.61
C LEU I 782 55.59 -37.50 4.71
N SER I 783 56.09 -37.74 3.46
CA SER I 783 55.33 -38.48 2.41
C SER I 783 56.26 -39.40 1.57
N HIS I 784 55.78 -39.89 0.41
CA HIS I 784 56.51 -40.92 -0.39
C HIS I 784 57.90 -40.58 -0.96
N GLU I 785 58.07 -39.31 -1.34
CA GLU I 785 59.37 -38.88 -1.91
C GLU I 785 60.40 -39.16 -0.83
N CYS I 786 60.02 -38.86 0.39
CA CYS I 786 60.95 -39.12 1.52
C CYS I 786 61.14 -40.61 1.63
N CYS I 787 60.09 -41.39 1.40
CA CYS I 787 60.20 -42.84 1.63
C CYS I 787 61.21 -43.38 0.63
N PHE I 788 61.38 -42.69 -0.49
CA PHE I 788 62.44 -43.11 -1.42
C PHE I 788 63.73 -42.77 -0.71
N ASP I 789 63.78 -41.60 -0.11
CA ASP I 789 65.09 -41.19 0.50
C ASP I 789 65.35 -42.04 1.75
N ILE I 790 64.32 -42.31 2.57
CA ILE I 790 64.42 -43.13 3.82
C ILE I 790 64.81 -44.55 3.46
N SER I 791 64.29 -45.09 2.35
CA SER I 791 64.70 -46.45 1.89
C SER I 791 66.19 -46.44 1.56
N LEU I 792 66.66 -45.39 0.87
CA LEU I 792 68.12 -45.31 0.61
C LEU I 792 68.87 -45.25 1.95
N VAL I 793 68.34 -44.50 2.92
CA VAL I 793 69.01 -44.37 4.25
C VAL I 793 69.08 -45.72 4.94
N LEU I 794 68.01 -46.52 4.87
CA LEU I 794 67.97 -47.84 5.52
C LEU I 794 69.02 -48.72 4.83
N SER I 795 69.12 -48.62 3.51
CA SER I 795 70.14 -49.40 2.76
C SER I 795 71.55 -48.99 3.21
N SER I 796 71.81 -47.70 3.45
CA SER I 796 73.20 -47.25 3.75
C SER I 796 73.60 -47.31 5.24
N ASN I 797 72.67 -47.22 6.20
CA ASN I 797 73.03 -47.13 7.64
C ASN I 797 73.24 -48.51 8.23
N GLN I 798 72.35 -49.49 7.97
CA GLN I 798 72.65 -50.86 8.49
C GLN I 798 72.70 -50.86 10.03
N LYS I 799 73.66 -50.18 10.71
CA LYS I 799 73.70 -49.92 12.13
C LYS I 799 72.42 -49.33 12.71
N LEU I 800 71.50 -48.88 11.87
CA LEU I 800 70.20 -48.43 12.37
C LEU I 800 69.40 -49.65 12.82
N VAL I 801 68.91 -49.61 14.07
CA VAL I 801 68.25 -50.78 14.63
C VAL I 801 66.76 -50.56 14.86
N GLU I 802 66.28 -49.33 14.80
CA GLU I 802 64.89 -49.05 15.14
C GLU I 802 64.46 -47.77 14.43
N LEU I 803 63.26 -47.80 13.85
CA LEU I 803 62.72 -46.66 13.12
C LEU I 803 61.26 -46.47 13.49
N ASP I 804 60.86 -45.22 13.72
CA ASP I 804 59.49 -44.87 14.05
C ASP I 804 58.97 -43.88 13.02
N LEU I 805 58.06 -44.33 12.17
CA LEU I 805 57.41 -43.47 11.20
C LEU I 805 55.93 -43.29 11.48
N SER I 806 55.49 -43.54 12.71
CA SER I 806 54.08 -43.48 13.06
C SER I 806 53.52 -42.09 12.86
N ASP I 807 52.23 -42.04 12.53
CA ASP I 807 51.45 -40.80 12.44
C ASP I 807 51.94 -39.92 11.31
N ASN I 808 52.82 -40.44 10.46
CA ASN I 808 53.26 -39.70 9.28
C ASN I 808 52.42 -40.12 8.07
N ALA I 809 51.66 -39.19 7.53
CA ALA I 809 50.77 -39.50 6.41
C ALA I 809 51.58 -39.72 5.13
N LEU I 810 51.87 -41.00 4.88
CA LEU I 810 52.71 -41.38 3.70
C LEU I 810 51.97 -42.18 2.61
N GLY I 811 51.11 -43.17 2.93
CA GLY I 811 50.50 -44.08 1.95
C GLY I 811 51.28 -45.34 1.61
N ASP I 812 50.76 -46.08 0.62
CA ASP I 812 51.38 -47.40 0.25
C ASP I 812 52.64 -47.37 -0.64
N PHE I 813 52.77 -46.48 -1.63
CA PHE I 813 53.92 -46.48 -2.55
C PHE I 813 55.14 -46.40 -1.63
N GLY I 814 54.91 -45.63 -0.58
CA GLY I 814 56.01 -45.45 0.36
C GLY I 814 56.40 -46.79 0.93
N ILE I 815 55.42 -47.59 1.30
CA ILE I 815 55.72 -48.95 1.85
C ILE I 815 56.48 -49.77 0.82
N ARG I 816 56.09 -49.71 -0.45
CA ARG I 816 56.81 -50.46 -1.53
C ARG I 816 58.30 -50.08 -1.54
N LEU I 817 58.61 -48.78 -1.56
CA LEU I 817 60.02 -48.33 -1.64
C LEU I 817 60.74 -48.69 -0.34
N LEU I 818 60.05 -48.56 0.79
CA LEU I 818 60.66 -48.82 2.12
C LEU I 818 61.02 -50.29 2.20
N CYS I 819 60.22 -51.18 1.63
CA CYS I 819 60.47 -52.64 1.58
C CYS I 819 61.72 -53.04 0.80
N VAL I 820 61.94 -52.42 -0.37
CA VAL I 820 63.19 -52.71 -1.13
C VAL I 820 64.36 -52.25 -0.25
N GLY I 821 64.12 -51.24 0.59
CA GLY I 821 65.14 -50.84 1.54
C GLY I 821 65.28 -51.90 2.61
N LEU I 822 64.20 -52.38 3.21
CA LEU I 822 64.22 -53.32 4.37
C LEU I 822 64.97 -54.56 3.93
N LYS I 823 65.01 -54.89 2.64
CA LYS I 823 65.64 -56.19 2.23
C LYS I 823 67.06 -56.04 1.68
N HIS I 824 67.75 -54.92 1.91
CA HIS I 824 69.18 -54.83 1.47
C HIS I 824 70.08 -54.40 2.64
N LEU I 825 71.14 -55.17 2.93
CA LEU I 825 72.03 -54.85 4.09
C LEU I 825 71.14 -54.30 5.21
N LEU I 826 70.20 -55.12 5.71
CA LEU I 826 69.19 -54.62 6.63
C LEU I 826 68.53 -55.69 7.49
N CYS I 827 69.21 -56.82 7.74
CA CYS I 827 68.68 -57.79 8.68
C CYS I 827 68.62 -57.21 10.09
N ASN I 828 69.51 -56.27 10.40
CA ASN I 828 69.65 -55.76 11.76
C ASN I 828 68.42 -55.02 12.26
N LEU I 829 67.58 -54.50 11.36
CA LEU I 829 66.39 -53.76 11.77
C LEU I 829 65.42 -54.73 12.43
N LYS I 830 65.04 -54.44 13.67
CA LYS I 830 64.18 -55.34 14.42
C LYS I 830 62.78 -54.77 14.64
N LYS I 831 62.64 -53.45 14.77
CA LYS I 831 61.36 -52.83 15.08
C LYS I 831 61.05 -51.76 14.05
N LEU I 832 59.76 -51.53 13.83
CA LEU I 832 59.31 -50.50 12.88
C LEU I 832 57.93 -50.04 13.30
N TRP I 833 57.79 -48.73 13.52
CA TRP I 833 56.53 -48.13 13.91
C TRP I 833 55.93 -47.41 12.71
N LEU I 834 54.74 -47.85 12.29
CA LEU I 834 54.12 -47.32 11.08
C LEU I 834 52.63 -47.05 11.25
N VAL I 835 52.16 -46.75 12.45
CA VAL I 835 50.73 -46.57 12.65
C VAL I 835 50.29 -45.20 12.13
N SER I 836 49.01 -45.11 11.78
CA SER I 836 48.36 -43.89 11.34
C SER I 836 49.01 -43.24 10.12
N CYS I 837 49.67 -44.03 9.28
CA CYS I 837 50.32 -43.50 8.09
C CYS I 837 49.40 -43.44 6.88
N CYS I 838 48.09 -43.41 7.09
CA CYS I 838 47.08 -43.44 6.03
C CYS I 838 47.45 -44.45 4.95
N LEU I 839 47.57 -45.71 5.38
CA LEU I 839 48.00 -46.80 4.52
C LEU I 839 46.81 -47.60 4.05
N THR I 840 46.69 -47.91 2.75
CA THR I 840 45.54 -48.77 2.35
C THR I 840 45.93 -50.25 2.43
N SER I 841 45.02 -51.14 2.07
CA SER I 841 45.27 -52.61 2.17
C SER I 841 46.41 -53.02 1.28
N ALA I 842 46.45 -52.45 0.08
CA ALA I 842 47.51 -52.76 -0.91
C ALA I 842 48.87 -52.96 -0.23
N CYS I 843 49.24 -52.08 0.70
CA CYS I 843 50.59 -52.23 1.22
C CYS I 843 50.84 -53.61 1.82
N CYS I 844 49.78 -54.36 2.15
CA CYS I 844 49.96 -55.66 2.79
C CYS I 844 50.68 -56.63 1.88
N GLN I 845 50.38 -56.59 0.58
CA GLN I 845 51.14 -57.38 -0.38
C GLN I 845 52.62 -57.08 -0.27
N ASP I 846 52.97 -55.82 -0.01
CA ASP I 846 54.36 -55.41 0.14
C ASP I 846 54.95 -55.88 1.46
N LEU I 847 54.22 -55.69 2.57
CA LEU I 847 54.76 -56.07 3.87
C LEU I 847 54.97 -57.56 3.98
N ALA I 848 54.23 -58.35 3.21
CA ALA I 848 54.39 -59.80 3.26
C ALA I 848 55.74 -60.23 2.71
N SER I 849 56.10 -59.71 1.53
CA SER I 849 57.30 -60.18 0.85
C SER I 849 58.55 -59.90 1.67
N VAL I 850 58.65 -58.70 2.25
CA VAL I 850 59.81 -58.37 3.08
C VAL I 850 59.86 -59.28 4.29
N LEU I 851 58.73 -59.43 4.98
CA LEU I 851 58.68 -60.35 6.11
C LEU I 851 58.88 -61.79 5.65
N SER I 852 58.50 -62.09 4.40
CA SER I 852 58.80 -63.41 3.85
C SER I 852 60.29 -63.64 3.69
N THR I 853 61.09 -62.58 3.75
CA THR I 853 62.53 -62.67 3.61
C THR I 853 63.31 -62.04 4.75
N SER I 854 62.65 -61.31 5.64
CA SER I 854 63.33 -60.60 6.72
C SER I 854 63.98 -61.57 7.69
N HIS I 855 65.22 -61.25 8.06
CA HIS I 855 65.97 -62.11 8.98
C HIS I 855 65.63 -61.80 10.43
N SER I 856 65.90 -60.57 10.88
CA SER I 856 65.78 -60.22 12.28
C SER I 856 64.83 -59.05 12.53
N LEU I 857 63.66 -59.07 11.89
CA LEU I 857 62.61 -58.11 12.24
C LEU I 857 61.82 -58.62 13.43
N THR I 858 62.03 -58.01 14.60
CA THR I 858 61.48 -58.52 15.86
C THR I 858 60.07 -58.04 16.14
N ARG I 859 59.79 -56.76 15.95
CA ARG I 859 58.50 -56.19 16.31
C ARG I 859 57.96 -55.40 15.14
N LEU I 860 56.63 -55.39 14.97
CA LEU I 860 55.99 -54.65 13.90
C LEU I 860 54.78 -53.92 14.46
N TYR I 861 54.67 -52.63 14.14
CA TYR I 861 53.55 -51.80 14.55
C TYR I 861 52.92 -51.18 13.32
N VAL I 862 51.77 -51.71 12.89
CA VAL I 862 51.13 -51.23 11.67
C VAL I 862 49.66 -50.98 11.93
N GLY I 863 49.27 -50.88 13.20
CA GLY I 863 47.88 -50.68 13.54
C GLY I 863 47.32 -49.33 13.12
N GLU I 864 46.01 -49.17 13.25
CA GLU I 864 45.32 -47.90 13.04
C GLU I 864 45.35 -47.45 11.58
N ASN I 865 45.95 -48.24 10.70
CA ASN I 865 45.91 -47.92 9.28
C ASN I 865 44.75 -48.64 8.60
N ALA I 866 44.46 -48.22 7.37
CA ALA I 866 43.34 -48.78 6.63
C ALA I 866 43.74 -50.06 5.91
N LEU I 867 43.97 -51.14 6.66
CA LEU I 867 44.26 -52.42 6.04
C LEU I 867 43.00 -53.26 5.87
N GLY I 868 42.18 -53.36 6.91
CA GLY I 868 40.97 -54.15 6.83
C GLY I 868 41.23 -55.64 6.87
N ASP I 869 40.16 -56.42 6.96
CA ASP I 869 40.31 -57.87 6.91
C ASP I 869 40.87 -58.33 5.58
N SER I 870 40.54 -57.62 4.50
CA SER I 870 41.11 -57.94 3.20
C SER I 870 42.62 -57.76 3.21
N GLY I 871 43.11 -56.68 3.83
CA GLY I 871 44.53 -56.45 3.92
C GLY I 871 45.26 -57.50 4.73
N VAL I 872 44.73 -57.84 5.91
CA VAL I 872 45.41 -58.80 6.77
C VAL I 872 45.39 -60.19 6.15
N ALA I 873 44.48 -60.43 5.20
CA ALA I 873 44.43 -61.72 4.51
C ALA I 873 45.78 -62.03 3.88
N ILE I 874 46.49 -61.00 3.42
CA ILE I 874 47.88 -61.19 3.01
C ILE I 874 48.79 -61.25 4.22
N LEU I 875 48.51 -60.42 5.24
CA LEU I 875 49.39 -60.33 6.40
C LEU I 875 49.46 -61.65 7.16
N CYS I 876 48.50 -62.53 6.99
CA CYS I 876 48.54 -63.85 7.59
C CYS I 876 49.31 -64.86 6.76
N GLU I 877 49.34 -64.68 5.43
CA GLU I 877 50.01 -65.66 4.57
C GLU I 877 51.50 -65.71 4.86
N LYS I 878 52.11 -64.54 5.10
CA LYS I 878 53.55 -64.49 5.30
C LYS I 878 54.00 -65.17 6.59
N ALA I 879 53.11 -65.26 7.58
CA ALA I 879 53.50 -65.67 8.92
C ALA I 879 53.60 -67.18 9.09
N LYS I 880 53.38 -67.96 8.04
CA LYS I 880 53.39 -69.41 8.15
C LYS I 880 54.80 -70.00 8.18
N ASN I 881 55.82 -69.26 7.75
CA ASN I 881 57.13 -69.85 7.60
C ASN I 881 57.93 -69.78 8.91
N PRO I 882 58.83 -70.74 9.13
CA PRO I 882 59.69 -70.68 10.31
C PRO I 882 60.65 -69.50 10.31
N GLN I 883 60.95 -68.92 9.14
CA GLN I 883 61.86 -67.78 9.09
C GLN I 883 61.28 -66.53 9.74
N CYS I 884 59.99 -66.52 10.06
CA CYS I 884 59.35 -65.33 10.63
C CYS I 884 59.82 -65.13 12.06
N ASN I 885 60.84 -64.28 12.18
CA ASN I 885 61.44 -63.99 13.49
C ASN I 885 60.76 -62.82 14.17
N LEU I 886 59.53 -62.51 13.75
CA LEU I 886 58.75 -61.48 14.43
C LEU I 886 58.28 -62.00 15.78
N GLN I 887 58.18 -61.09 16.75
CA GLN I 887 57.74 -61.45 18.09
C GLN I 887 56.46 -60.71 18.50
N LYS I 888 56.42 -59.40 18.31
CA LYS I 888 55.26 -58.58 18.64
C LYS I 888 54.49 -58.26 17.37
N LEU I 889 53.25 -57.80 17.55
CA LEU I 889 52.42 -57.39 16.42
C LEU I 889 51.44 -56.33 16.89
N GLY I 890 51.54 -55.13 16.32
CA GLY I 890 50.64 -54.05 16.67
C GLY I 890 49.55 -53.86 15.64
N LEU I 891 48.33 -54.29 15.97
CA LEU I 891 47.19 -54.20 15.07
C LEU I 891 46.01 -53.47 15.69
N VAL I 892 46.25 -52.63 16.69
CA VAL I 892 45.18 -51.96 17.42
C VAL I 892 44.45 -50.98 16.50
N ASN I 893 43.12 -50.93 16.62
CA ASN I 893 42.28 -49.95 15.93
C ASN I 893 42.43 -50.02 14.42
N SER I 894 42.70 -51.21 13.88
CA SER I 894 42.93 -51.36 12.45
C SER I 894 41.65 -51.51 11.65
N GLY I 895 40.50 -51.65 12.31
CA GLY I 895 39.24 -51.85 11.62
C GLY I 895 38.94 -53.27 11.23
N LEU I 896 39.73 -54.24 11.70
CA LEU I 896 39.51 -55.64 11.35
C LEU I 896 38.24 -56.15 12.00
N THR I 897 37.72 -57.25 11.47
CA THR I 897 36.50 -57.86 11.98
C THR I 897 36.73 -59.34 12.22
N SER I 898 35.65 -60.03 12.59
CA SER I 898 35.74 -61.44 12.98
C SER I 898 36.19 -62.33 11.82
N VAL I 899 35.92 -61.93 10.58
CA VAL I 899 36.22 -62.79 9.44
C VAL I 899 37.71 -63.06 9.32
N CYS I 900 38.55 -62.13 9.81
CA CYS I 900 39.99 -62.29 9.72
C CYS I 900 40.55 -63.20 10.80
N CYS I 901 39.78 -63.51 11.84
CA CYS I 901 40.29 -64.34 12.92
C CYS I 901 40.58 -65.76 12.46
N SER I 902 39.77 -66.30 11.54
CA SER I 902 40.00 -67.65 11.04
C SER I 902 41.38 -67.81 10.46
N ALA I 903 41.93 -66.72 9.91
CA ALA I 903 43.27 -66.77 9.33
C ALA I 903 44.34 -66.70 10.40
N LEU I 904 44.35 -65.63 11.19
CA LEU I 904 45.40 -65.45 12.19
C LEU I 904 45.40 -66.54 13.23
N SER I 905 44.27 -67.22 13.40
CA SER I 905 44.23 -68.38 14.30
C SER I 905 45.24 -69.44 13.86
N SER I 906 45.21 -69.79 12.58
CA SER I 906 46.21 -70.70 12.04
C SER I 906 47.61 -70.10 12.10
N VAL I 907 47.71 -68.77 12.03
CA VAL I 907 49.02 -68.12 12.06
C VAL I 907 49.73 -68.39 13.38
N LEU I 908 49.00 -68.24 14.49
CA LEU I 908 49.64 -68.37 15.80
C LEU I 908 50.21 -69.77 16.02
N SER I 909 49.46 -70.80 15.63
CA SER I 909 49.95 -72.17 15.77
C SER I 909 51.15 -72.42 14.88
N THR I 910 51.14 -71.91 13.65
CA THR I 910 52.19 -72.19 12.68
C THR I 910 53.40 -71.27 12.83
N ASN I 911 53.35 -70.30 13.73
CA ASN I 911 54.48 -69.40 13.95
C ASN I 911 55.17 -69.76 15.27
N GLN I 912 56.49 -69.90 15.22
CA GLN I 912 57.29 -70.29 16.36
C GLN I 912 57.95 -69.10 17.05
N ASN I 913 57.66 -67.88 16.62
CA ASN I 913 58.35 -66.73 17.19
C ASN I 913 57.40 -65.65 17.70
N LEU I 914 56.25 -65.46 17.05
CA LEU I 914 55.31 -64.45 17.52
C LEU I 914 54.88 -64.76 18.95
N THR I 915 54.88 -63.74 19.79
CA THR I 915 54.59 -63.92 21.20
C THR I 915 53.62 -62.87 21.72
N HIS I 916 53.50 -61.76 21.01
CA HIS I 916 52.63 -60.66 21.40
C HIS I 916 51.68 -60.31 20.25
N LEU I 917 50.46 -59.91 20.60
CA LEU I 917 49.51 -59.37 19.64
C LEU I 917 48.65 -58.33 20.35
N TYR I 918 48.52 -57.16 19.74
CA TYR I 918 47.77 -56.06 20.30
C TYR I 918 46.60 -55.72 19.39
N LEU I 919 45.39 -55.71 19.96
CA LEU I 919 44.18 -55.55 19.15
C LEU I 919 43.14 -54.62 19.78
N ARG I 920 43.54 -53.73 20.68
CA ARG I 920 42.57 -52.90 21.38
C ARG I 920 41.79 -52.01 20.41
N GLY I 921 40.50 -51.82 20.70
CA GLY I 921 39.65 -50.97 19.90
C GLY I 921 39.14 -51.58 18.62
N ASN I 922 39.58 -52.78 18.26
CA ASN I 922 39.15 -53.41 17.01
C ASN I 922 38.02 -54.39 17.29
N THR I 923 36.91 -54.24 16.60
CA THR I 923 35.75 -55.08 16.84
C THR I 923 35.94 -56.47 16.26
N LEU I 924 35.83 -57.49 17.10
CA LEU I 924 35.86 -58.87 16.62
C LEU I 924 34.56 -59.58 16.97
N GLY I 925 34.11 -59.46 18.21
CA GLY I 925 32.95 -60.19 18.65
C GLY I 925 33.30 -61.61 19.05
N ASP I 926 32.43 -62.25 19.83
CA ASP I 926 32.77 -63.55 20.39
C ASP I 926 33.00 -64.60 19.32
N LYS I 927 32.39 -64.45 18.14
CA LYS I 927 32.63 -65.39 17.06
C LYS I 927 34.10 -65.42 16.68
N GLY I 928 34.72 -64.26 16.52
CA GLY I 928 36.14 -64.22 16.24
C GLY I 928 36.97 -64.71 17.42
N ILE I 929 36.62 -64.26 18.63
CA ILE I 929 37.38 -64.65 19.81
C ILE I 929 37.28 -66.14 20.04
N LYS I 930 36.16 -66.75 19.63
CA LYS I 930 36.03 -68.21 19.72
C LYS I 930 37.17 -68.90 18.99
N LEU I 931 37.50 -68.42 17.79
CA LEU I 931 38.61 -69.00 17.04
C LEU I 931 39.95 -68.68 17.69
N LEU I 932 40.03 -67.57 18.45
CA LEU I 932 41.29 -67.21 19.08
C LEU I 932 41.72 -68.28 20.09
N CYS I 933 40.77 -68.79 20.86
CA CYS I 933 41.09 -69.89 21.78
C CYS I 933 41.62 -71.09 21.02
N GLU I 934 40.95 -71.43 19.92
CA GLU I 934 41.47 -72.47 19.04
C GLU I 934 42.82 -72.06 18.46
N GLY I 935 42.99 -70.76 18.19
CA GLY I 935 44.24 -70.23 17.68
C GLY I 935 45.41 -70.37 18.64
N LEU I 936 45.12 -70.52 19.94
CA LEU I 936 46.14 -70.87 20.92
C LEU I 936 45.95 -72.27 21.49
N LEU I 937 44.99 -73.03 20.96
CA LEU I 937 44.76 -74.38 21.46
C LEU I 937 45.96 -75.30 21.21
N HIS I 938 46.69 -75.07 20.13
CA HIS I 938 47.80 -75.95 19.80
C HIS I 938 48.93 -75.77 20.82
N PRO I 939 49.53 -76.86 21.30
CA PRO I 939 50.61 -76.72 22.29
C PRO I 939 51.81 -75.93 21.78
N ASP I 940 52.08 -75.96 20.49
CA ASP I 940 53.25 -75.28 19.95
C ASP I 940 53.07 -73.77 19.84
N CYS I 941 52.04 -73.21 20.47
CA CYS I 941 51.87 -71.76 20.46
C CYS I 941 52.78 -71.10 21.48
N LYS I 942 53.39 -69.98 21.09
CA LYS I 942 54.29 -69.24 21.96
C LYS I 942 53.77 -67.85 22.32
N LEU I 943 52.45 -67.67 22.39
CA LEU I 943 51.89 -66.37 22.72
C LEU I 943 52.11 -66.05 24.19
N GLN I 944 52.62 -64.85 24.47
CA GLN I 944 52.79 -64.43 25.86
C GLN I 944 51.94 -63.22 26.22
N VAL I 945 51.63 -62.35 25.27
CA VAL I 945 50.85 -61.15 25.54
C VAL I 945 49.77 -61.01 24.48
N LEU I 946 48.57 -60.65 24.92
CA LEU I 946 47.46 -60.40 24.02
C LEU I 946 46.63 -59.24 24.55
N GLU I 947 46.26 -58.33 23.66
CA GLU I 947 45.40 -57.20 23.99
C GLU I 947 44.05 -57.36 23.31
N LEU I 948 43.00 -57.31 24.13
CA LEU I 948 41.64 -57.45 23.60
C LEU I 948 40.69 -56.42 24.22
N ASP I 949 41.21 -55.34 24.78
CA ASP I 949 40.36 -54.30 25.33
C ASP I 949 39.57 -53.63 24.21
N ASN I 950 38.34 -53.22 24.52
CA ASN I 950 37.47 -52.52 23.57
C ASN I 950 37.25 -53.31 22.28
N CYS I 951 37.22 -54.64 22.39
CA CYS I 951 37.11 -55.52 21.23
C CYS I 951 35.67 -55.86 20.87
N ASN I 952 34.69 -55.25 21.57
CA ASN I 952 33.28 -55.63 21.43
C ASN I 952 33.10 -57.11 21.76
N LEU I 953 33.41 -57.46 23.01
CA LEU I 953 33.37 -58.83 23.48
C LEU I 953 32.30 -58.97 24.55
N THR I 954 31.67 -60.15 24.60
CA THR I 954 30.59 -60.42 25.53
C THR I 954 30.99 -61.53 26.49
N SER I 955 30.14 -61.73 27.50
CA SER I 955 30.38 -62.74 28.53
C SER I 955 30.44 -64.14 27.97
N HIS I 956 29.80 -64.35 26.81
CA HIS I 956 29.66 -65.70 26.27
C HIS I 956 31.03 -66.34 26.02
N CYS I 957 31.94 -65.60 25.40
CA CYS I 957 33.23 -66.16 25.06
C CYS I 957 34.18 -66.22 26.25
N CYS I 958 33.82 -65.59 27.37
CA CYS I 958 34.72 -65.56 28.51
C CYS I 958 34.99 -66.97 29.04
N TRP I 959 33.96 -67.82 29.08
CA TRP I 959 34.16 -69.20 29.49
C TRP I 959 35.14 -69.91 28.56
N ASP I 960 35.03 -69.65 27.26
CA ASP I 960 35.88 -70.31 26.29
C ASP I 960 37.34 -69.89 26.47
N LEU I 961 37.59 -68.59 26.55
CA LEU I 961 38.97 -68.12 26.73
C LEU I 961 39.53 -68.55 28.07
N SER I 962 38.69 -68.57 29.11
CA SER I 962 39.14 -69.01 30.42
C SER I 962 39.64 -70.45 30.37
N THR I 963 38.91 -71.31 29.65
CA THR I 963 39.33 -72.70 29.51
C THR I 963 40.73 -72.80 28.94
N LEU I 964 41.03 -71.99 27.93
CA LEU I 964 42.37 -71.94 27.37
C LEU I 964 43.37 -71.45 28.40
N LEU I 965 43.00 -70.41 29.15
CA LEU I 965 43.94 -69.81 30.09
C LEU I 965 44.46 -70.83 31.09
N THR I 966 43.56 -71.66 31.64
CA THR I 966 44.00 -72.74 32.51
C THR I 966 44.85 -73.75 31.74
N SER I 967 44.46 -74.06 30.51
CA SER I 967 45.13 -75.08 29.72
C SER I 967 46.33 -74.54 28.93
N SER I 968 46.61 -73.24 29.03
CA SER I 968 47.74 -72.65 28.32
C SER I 968 48.77 -72.17 29.32
N GLN I 969 50.03 -72.53 29.09
CA GLN I 969 51.12 -72.11 29.96
C GLN I 969 51.96 -71.00 29.34
N SER I 970 51.89 -70.83 28.02
CA SER I 970 52.74 -69.86 27.36
C SER I 970 52.32 -68.42 27.64
N LEU I 971 51.02 -68.19 27.84
CA LEU I 971 50.52 -66.83 28.01
C LEU I 971 50.94 -66.28 29.37
N ARG I 972 51.18 -64.97 29.42
CA ARG I 972 51.59 -64.30 30.64
C ARG I 972 50.60 -63.23 31.08
N LYS I 973 50.13 -62.40 30.15
CA LYS I 973 49.28 -61.26 30.47
C LYS I 973 48.19 -61.13 29.43
N LEU I 974 47.02 -60.64 29.86
CA LEU I 974 45.89 -60.45 28.97
C LEU I 974 45.11 -59.22 29.42
N SER I 975 44.53 -58.53 28.44
CA SER I 975 43.71 -57.35 28.71
C SER I 975 42.38 -57.50 27.97
N LEU I 976 41.29 -57.20 28.68
CA LEU I 976 39.96 -57.45 28.13
C LEU I 976 38.94 -56.36 28.43
N GLY I 977 39.36 -55.16 28.80
CA GLY I 977 38.41 -54.14 29.24
C GLY I 977 37.48 -53.61 28.16
N ASN I 978 36.53 -52.77 28.56
CA ASN I 978 35.57 -52.16 27.64
C ASN I 978 34.81 -53.22 26.84
N ASN I 979 34.39 -54.28 27.50
CA ASN I 979 33.66 -55.35 26.86
C ASN I 979 32.60 -55.88 27.81
N ASP I 980 31.65 -56.61 27.24
CA ASP I 980 30.52 -57.15 28.02
C ASP I 980 30.93 -58.36 28.85
N LEU I 981 31.85 -58.16 29.80
CA LEU I 981 32.30 -59.26 30.64
C LEU I 981 31.19 -59.78 31.52
N GLY I 982 30.39 -58.89 32.10
CA GLY I 982 29.28 -59.28 32.94
C GLY I 982 29.69 -59.84 34.28
N ASP I 983 28.75 -59.87 35.23
CA ASP I 983 29.04 -60.40 36.55
C ASP I 983 29.37 -61.89 36.49
N LEU I 984 28.63 -62.64 35.69
CA LEU I 984 28.88 -64.07 35.57
C LEU I 984 30.25 -64.35 34.94
N GLY I 985 30.61 -63.57 33.91
CA GLY I 985 31.89 -63.75 33.25
C GLY I 985 33.08 -63.44 34.14
N VAL I 986 33.04 -62.31 34.84
CA VAL I 986 34.13 -61.97 35.74
C VAL I 986 34.20 -62.95 36.89
N MET I 987 33.08 -63.62 37.19
CA MET I 987 33.06 -64.61 38.26
C MET I 987 34.00 -65.78 37.95
N MET I 988 34.04 -66.20 36.69
CA MET I 988 34.83 -67.38 36.34
C MET I 988 36.31 -67.18 36.63
N PHE I 989 36.76 -65.93 36.69
CA PHE I 989 38.13 -65.66 37.10
C PHE I 989 38.41 -66.17 38.50
N CYS I 990 37.38 -66.24 39.35
CA CYS I 990 37.53 -66.91 40.63
C CYS I 990 37.74 -68.41 40.43
N GLU I 991 36.93 -69.02 39.56
CA GLU I 991 37.15 -70.44 39.24
C GLU I 991 38.52 -70.64 38.63
N VAL I 992 39.01 -69.66 37.86
CA VAL I 992 40.38 -69.71 37.37
C VAL I 992 41.34 -69.84 38.53
N LEU I 993 41.13 -69.03 39.57
CA LEU I 993 41.95 -69.15 40.77
C LEU I 993 41.73 -70.50 41.45
N LYS I 994 40.48 -70.96 41.51
CA LYS I 994 40.19 -72.25 42.13
C LYS I 994 40.81 -73.40 41.34
N GLN I 995 41.12 -73.18 40.06
CA GLN I 995 41.89 -74.13 39.28
C GLN I 995 43.36 -73.75 39.39
N GLN I 996 44.10 -74.53 40.18
CA GLN I 996 45.48 -74.21 40.53
C GLN I 996 46.39 -74.09 39.33
N SER I 997 45.91 -74.48 38.15
CA SER I 997 46.68 -74.32 36.93
C SER I 997 46.77 -72.86 36.49
N CYS I 998 46.25 -71.92 37.29
CA CYS I 998 46.26 -70.52 36.92
C CYS I 998 47.60 -69.86 37.20
N LEU I 999 48.67 -70.38 36.61
CA LEU I 999 49.98 -69.76 36.76
C LEU I 999 50.16 -68.65 35.73
N LEU I 1000 49.20 -67.73 35.67
CA LEU I 1000 49.32 -66.56 34.82
C LEU I 1000 50.12 -65.48 35.55
N GLN I 1001 50.63 -64.53 34.77
CA GLN I 1001 51.48 -63.48 35.32
C GLN I 1001 50.78 -62.15 35.51
N ASN I 1002 49.77 -61.84 34.71
CA ASN I 1002 49.04 -60.59 34.86
C ASN I 1002 47.70 -60.70 34.16
N LEU I 1003 46.76 -59.83 34.57
CA LEU I 1003 45.47 -59.71 33.93
C LEU I 1003 44.93 -58.31 34.15
N GLY I 1004 44.48 -57.67 33.07
CA GLY I 1004 44.03 -56.30 33.16
C GLY I 1004 42.63 -56.06 32.62
N LEU I 1005 41.71 -55.67 33.50
CA LEU I 1005 40.35 -55.35 33.14
C LEU I 1005 40.03 -53.95 33.67
N SER I 1006 39.20 -53.20 32.95
CA SER I 1006 38.98 -51.80 33.30
C SER I 1006 37.78 -51.25 32.55
N GLU I 1007 37.37 -50.04 32.95
CA GLU I 1007 36.46 -49.14 32.25
C GLU I 1007 35.02 -49.60 32.20
N MET I 1008 34.60 -50.50 33.08
CA MET I 1008 33.21 -50.93 33.16
C MET I 1008 32.72 -50.77 34.59
N TYR I 1009 31.55 -50.15 34.74
CA TYR I 1009 30.98 -49.94 36.06
C TYR I 1009 30.18 -51.17 36.51
N PHE I 1010 30.42 -51.59 37.75
CA PHE I 1010 29.67 -52.67 38.37
C PHE I 1010 29.41 -52.32 39.81
N ASN I 1011 28.61 -53.16 40.48
CA ASN I 1011 28.33 -52.97 41.88
C ASN I 1011 29.34 -53.71 42.75
N TYR I 1012 29.00 -53.89 44.02
CA TYR I 1012 29.95 -54.35 45.03
C TYR I 1012 30.47 -55.75 44.74
N GLU I 1013 29.62 -56.66 44.27
CA GLU I 1013 30.00 -58.07 44.19
C GLU I 1013 31.19 -58.30 43.28
N THR I 1014 31.28 -57.55 42.17
CA THR I 1014 32.43 -57.69 41.27
C THR I 1014 33.73 -57.39 42.02
N LYS I 1015 33.75 -56.28 42.75
CA LYS I 1015 34.92 -55.98 43.57
C LYS I 1015 35.02 -56.92 44.76
N SER I 1016 33.88 -57.44 45.23
CA SER I 1016 33.85 -58.19 46.48
C SER I 1016 34.81 -59.38 46.44
N ALA I 1017 34.71 -60.20 45.41
CA ALA I 1017 35.60 -61.35 45.32
C ALA I 1017 37.01 -60.93 44.91
N LEU I 1018 37.13 -59.75 44.30
CA LEU I 1018 38.40 -59.34 43.72
C LEU I 1018 39.51 -59.26 44.75
N GLU I 1019 39.32 -58.42 45.77
CA GLU I 1019 40.40 -58.19 46.74
C GLU I 1019 40.74 -59.47 47.50
N THR I 1020 39.73 -60.26 47.87
CA THR I 1020 39.98 -61.48 48.62
C THR I 1020 40.86 -62.43 47.83
N LEU I 1021 40.58 -62.63 46.55
CA LEU I 1021 41.40 -63.51 45.74
C LEU I 1021 42.72 -62.87 45.33
N GLN I 1022 42.75 -61.56 45.15
CA GLN I 1022 44.03 -60.87 45.01
C GLN I 1022 44.86 -61.05 46.27
N GLU I 1023 44.22 -60.95 47.43
CA GLU I 1023 44.92 -61.24 48.69
C GLU I 1023 45.39 -62.68 48.73
N GLU I 1024 44.55 -63.60 48.27
CA GLU I 1024 44.92 -65.01 48.27
C GLU I 1024 46.07 -65.27 47.29
N LYS I 1025 46.06 -64.58 46.15
CA LYS I 1025 46.96 -64.91 45.05
C LYS I 1025 48.08 -63.88 44.93
N PRO I 1026 49.31 -64.19 45.36
CA PRO I 1026 50.44 -63.33 45.03
C PRO I 1026 51.10 -63.67 43.71
N GLU I 1027 50.84 -64.87 43.17
CA GLU I 1027 51.49 -65.31 41.94
C GLU I 1027 51.01 -64.48 40.74
N LEU I 1028 49.72 -64.19 40.67
CA LEU I 1028 49.12 -63.54 39.52
C LEU I 1028 48.87 -62.08 39.84
N THR I 1029 49.39 -61.20 38.98
CA THR I 1029 49.20 -59.76 39.15
C THR I 1029 47.91 -59.31 38.48
N VAL I 1030 46.77 -59.60 39.13
CA VAL I 1030 45.49 -59.11 38.63
C VAL I 1030 45.34 -57.64 39.00
N VAL I 1031 44.95 -56.83 38.03
CA VAL I 1031 44.78 -55.40 38.25
C VAL I 1031 43.41 -54.98 37.74
N PHE I 1032 42.72 -54.17 38.53
CA PHE I 1032 41.41 -53.60 38.19
C PHE I 1032 41.58 -52.09 38.25
N GLU I 1033 41.67 -51.45 37.08
CA GLU I 1033 41.97 -50.02 37.01
C GLU I 1033 40.92 -49.15 37.70
N PRO I 1034 39.60 -49.35 37.48
CA PRO I 1034 38.63 -48.48 38.15
C PRO I 1034 38.37 -48.86 39.59
N SER I 1035 39.06 -49.88 40.09
CA SER I 1035 38.87 -50.32 41.47
C SER I 1035 39.45 -49.30 42.45
N TRP I 1036 38.96 -49.35 43.68
CA TRP I 1036 39.44 -48.46 44.73
C TRP I 1036 40.68 -49.04 45.39
N LYS J 133 -9.43 -41.01 -1.26
CA LYS J 133 -9.40 -41.01 0.22
C LYS J 133 -10.66 -41.71 0.74
N LYS J 134 -11.82 -41.39 0.14
CA LYS J 134 -13.10 -41.97 0.63
C LYS J 134 -13.07 -43.49 0.45
N ASP J 135 -12.60 -43.97 -0.70
CA ASP J 135 -12.60 -45.44 -0.95
C ASP J 135 -11.66 -46.12 0.06
N TYR J 136 -10.49 -45.52 0.32
CA TYR J 136 -9.55 -46.10 1.30
C TYR J 136 -10.17 -46.13 2.71
N ARG J 137 -10.93 -45.10 3.09
CA ARG J 137 -11.42 -44.99 4.49
C ARG J 137 -12.60 -45.91 4.85
N LYS J 138 -13.85 -45.51 4.60
CA LYS J 138 -15.06 -46.23 5.09
C LYS J 138 -14.81 -47.75 5.12
N LYS J 139 -14.35 -48.31 3.99
CA LYS J 139 -14.18 -49.78 3.90
C LYS J 139 -13.31 -50.28 5.07
N TYR J 140 -12.05 -49.85 5.09
CA TYR J 140 -11.12 -50.34 6.14
C TYR J 140 -11.80 -50.22 7.50
N ARG J 141 -12.36 -49.06 7.80
CA ARG J 141 -12.98 -48.86 9.14
C ARG J 141 -14.01 -49.95 9.44
N LYS J 142 -15.09 -50.00 8.66
CA LYS J 142 -16.16 -50.97 9.03
C LYS J 142 -15.60 -52.40 9.09
N TYR J 143 -14.64 -52.72 8.21
CA TYR J 143 -14.12 -54.10 8.18
C TYR J 143 -13.40 -54.41 9.50
N VAL J 144 -12.44 -53.57 9.87
CA VAL J 144 -11.69 -53.80 11.14
C VAL J 144 -12.70 -53.82 12.29
N ARG J 145 -13.86 -53.20 12.10
CA ARG J 145 -14.84 -53.09 13.21
C ARG J 145 -15.66 -54.37 13.39
N SER J 146 -16.03 -55.07 12.31
CA SER J 146 -16.95 -56.22 12.49
C SER J 146 -16.26 -57.59 12.58
N ARG J 147 -15.33 -57.78 13.52
CA ARG J 147 -14.77 -59.15 13.72
C ARG J 147 -14.63 -59.43 15.21
N PHE J 148 -15.44 -58.78 16.07
CA PHE J 148 -15.23 -58.92 17.53
C PHE J 148 -16.50 -58.92 18.39
N GLN J 149 -17.65 -59.49 17.99
CA GLN J 149 -18.97 -59.35 18.62
C GLN J 149 -19.96 -60.46 18.21
N CYS J 150 -21.23 -60.29 18.60
CA CYS J 150 -22.42 -60.87 17.94
C CYS J 150 -22.45 -62.40 17.76
N ILE J 151 -21.81 -63.13 18.66
CA ILE J 151 -21.97 -64.57 18.84
C ILE J 151 -23.44 -64.92 19.15
N GLU J 152 -23.93 -66.07 18.69
CA GLU J 152 -25.27 -66.58 19.07
C GLU J 152 -25.32 -68.12 19.13
N GLU J 160 -19.54 -64.77 25.40
CA GLU J 160 -19.66 -63.56 26.21
C GLU J 160 -19.14 -62.34 25.44
N SER J 161 -18.37 -62.60 24.38
CA SER J 161 -17.77 -61.54 23.59
C SER J 161 -18.79 -60.93 22.62
N VAL J 162 -19.80 -60.28 23.20
CA VAL J 162 -20.77 -59.53 22.41
C VAL J 162 -20.80 -58.06 22.76
N SER J 163 -20.33 -57.65 23.94
CA SER J 163 -20.13 -56.25 24.28
C SER J 163 -18.72 -56.08 24.81
N LEU J 164 -18.01 -55.08 24.28
CA LEU J 164 -16.62 -54.87 24.65
C LEU J 164 -16.43 -53.44 25.17
N ASN J 165 -17.01 -52.49 24.49
CA ASN J 165 -16.70 -51.18 25.04
C ASN J 165 -17.44 -51.15 26.37
N LYS J 166 -18.58 -51.82 26.47
CA LYS J 166 -19.30 -51.69 27.77
C LYS J 166 -18.36 -52.25 28.82
N ARG J 167 -17.46 -53.15 28.41
CA ARG J 167 -16.48 -53.71 29.36
C ARG J 167 -15.16 -52.98 29.28
N TYR J 168 -15.13 -51.63 29.32
CA TYR J 168 -13.87 -50.84 29.16
C TYR J 168 -13.00 -50.73 30.44
N THR J 169 -13.29 -49.83 31.40
CA THR J 169 -12.58 -49.63 32.71
C THR J 169 -11.45 -48.59 32.76
N ARG J 170 -11.03 -47.96 31.66
CA ARG J 170 -9.87 -47.03 31.76
C ARG J 170 -8.74 -47.72 32.56
N LEU J 171 -8.37 -48.95 32.19
CA LEU J 171 -7.30 -49.76 32.85
C LEU J 171 -6.06 -48.92 33.12
N ARG J 172 -5.38 -49.19 34.23
CA ARG J 172 -4.21 -48.38 34.64
C ARG J 172 -3.18 -48.33 33.50
N LEU J 173 -2.50 -47.19 33.32
CA LEU J 173 -1.48 -47.07 32.26
C LEU J 173 -0.35 -46.16 32.76
N ILE J 174 0.48 -46.67 33.66
CA ILE J 174 1.65 -45.88 34.14
C ILE J 174 2.77 -46.13 33.12
N LYS J 175 3.04 -45.16 32.24
CA LYS J 175 4.05 -45.42 31.18
C LYS J 175 5.44 -45.14 31.75
N GLU J 176 6.29 -46.18 31.75
CA GLU J 176 7.65 -46.08 32.33
C GLU J 176 8.26 -44.72 32.06
N HIS J 177 8.53 -43.94 33.12
CA HIS J 177 9.26 -42.66 32.92
C HIS J 177 10.65 -43.06 32.45
N ARG J 178 11.33 -42.22 31.68
CA ARG J 178 12.62 -42.69 31.10
C ARG J 178 13.49 -43.26 32.22
N SER J 179 14.00 -44.48 32.02
CA SER J 179 14.82 -45.15 33.07
C SER J 179 16.21 -44.54 33.05
N GLN J 180 16.32 -43.26 33.42
CA GLN J 180 17.62 -42.58 33.41
C GLN J 180 18.29 -42.69 32.05
N SER J 198 7.14 -34.94 40.00
CA SER J 198 7.18 -35.80 38.82
C SER J 198 5.94 -35.58 37.95
N PRO J 199 6.13 -35.52 36.64
CA PRO J 199 4.99 -35.40 35.73
C PRO J 199 4.09 -36.62 35.80
N VAL J 200 2.79 -36.39 35.64
CA VAL J 200 1.84 -37.49 35.65
C VAL J 200 1.64 -38.06 34.25
N SER J 201 1.05 -37.25 33.36
CA SER J 201 0.80 -37.56 31.96
C SER J 201 0.36 -39.02 31.75
N PRO J 202 -0.85 -39.39 32.19
CA PRO J 202 -1.28 -40.78 31.99
C PRO J 202 -1.37 -41.20 30.54
N ILE J 203 -1.63 -40.25 29.62
CA ILE J 203 -1.75 -40.45 28.18
C ILE J 203 -2.42 -41.77 27.84
N LYS J 204 -3.58 -42.03 28.44
CA LYS J 204 -4.25 -43.31 28.24
C LYS J 204 -4.63 -43.54 26.78
N MET J 205 -5.34 -42.62 26.17
CA MET J 205 -5.76 -42.79 24.78
C MET J 205 -5.24 -41.66 23.88
N GLU J 206 -5.49 -40.42 24.27
CA GLU J 206 -5.09 -39.29 23.44
C GLU J 206 -3.58 -39.09 23.51
N LEU J 207 -2.93 -39.05 22.34
CA LEU J 207 -1.51 -38.75 22.22
C LEU J 207 -0.65 -39.68 23.06
N LEU J 208 -1.08 -40.94 23.22
CA LEU J 208 -0.26 -41.90 23.94
C LEU J 208 1.04 -42.16 23.20
N PHE J 209 1.00 -42.20 21.87
CA PHE J 209 2.20 -42.36 21.08
C PHE J 209 3.05 -41.09 21.04
N ASP J 210 2.40 -39.93 21.17
CA ASP J 210 3.07 -38.66 21.02
C ASP J 210 4.08 -38.42 22.14
N PRO J 211 5.26 -37.90 21.80
CA PRO J 211 6.26 -37.60 22.84
C PRO J 211 5.92 -36.33 23.60
N ASP J 212 6.83 -35.89 24.46
CA ASP J 212 6.70 -34.59 25.10
C ASP J 212 7.12 -33.52 24.09
N ASP J 213 7.34 -32.28 24.57
CA ASP J 213 7.74 -31.20 23.69
C ASP J 213 8.91 -31.63 22.81
N GLU J 214 8.64 -31.77 21.51
CA GLU J 214 9.60 -32.33 20.56
C GLU J 214 10.06 -33.71 21.03
N HIS J 215 11.20 -33.76 21.73
CA HIS J 215 11.72 -34.98 22.31
C HIS J 215 12.08 -35.99 21.24
N SER J 216 11.08 -36.67 20.70
CA SER J 216 11.29 -37.56 19.57
C SER J 216 10.05 -37.62 18.70
N GLU J 217 9.99 -36.78 17.68
CA GLU J 217 8.84 -36.74 16.78
C GLU J 217 8.68 -38.04 16.00
N PRO J 218 9.76 -38.60 15.39
CA PRO J 218 9.58 -39.80 14.57
C PRO J 218 9.57 -41.11 15.35
N VAL J 219 9.36 -41.04 16.68
CA VAL J 219 9.30 -42.26 17.47
C VAL J 219 8.14 -43.11 17.00
N HIS J 220 8.35 -44.43 16.95
CA HIS J 220 7.37 -45.35 16.38
C HIS J 220 7.07 -46.55 17.25
N THR J 221 7.94 -46.89 18.19
CA THR J 221 7.83 -48.13 18.96
C THR J 221 7.28 -47.82 20.35
N VAL J 222 6.16 -48.45 20.69
CA VAL J 222 5.64 -48.45 22.06
C VAL J 222 5.36 -49.89 22.44
N VAL J 223 5.60 -50.22 23.70
CA VAL J 223 5.49 -51.59 24.20
C VAL J 223 4.75 -51.56 25.53
N PHE J 224 3.91 -52.56 25.75
CA PHE J 224 3.11 -52.66 26.97
C PHE J 224 3.59 -53.85 27.80
N GLN J 225 3.88 -53.59 29.08
CA GLN J 225 4.35 -54.62 30.00
C GLN J 225 3.24 -54.91 31.00
N GLY J 226 2.80 -56.16 31.04
CA GLY J 226 1.76 -56.56 31.96
C GLY J 226 1.85 -58.03 32.26
N ALA J 227 1.40 -58.41 33.46
CA ALA J 227 1.47 -59.79 33.89
C ALA J 227 0.58 -60.66 33.03
N ALA J 228 0.88 -61.97 33.04
CA ALA J 228 0.12 -62.90 32.22
C ALA J 228 -1.32 -63.02 32.73
N GLY J 229 -2.26 -62.60 31.89
CA GLY J 229 -3.66 -62.55 32.24
C GLY J 229 -4.18 -61.17 32.58
N ILE J 230 -3.35 -60.13 32.46
CA ILE J 230 -3.80 -58.78 32.80
C ILE J 230 -4.93 -58.34 31.87
N GLY J 231 -4.76 -58.55 30.57
CA GLY J 231 -5.74 -58.09 29.61
C GLY J 231 -5.11 -57.34 28.47
N LYS J 232 -3.78 -57.43 28.34
CA LYS J 232 -3.11 -56.79 27.23
C LYS J 232 -3.63 -57.29 25.88
N THR J 233 -4.02 -58.56 25.80
CA THR J 233 -4.72 -59.03 24.62
C THR J 233 -6.07 -58.35 24.48
N ILE J 234 -6.77 -58.15 25.59
CA ILE J 234 -8.07 -57.48 25.56
C ILE J 234 -7.91 -56.02 25.15
N LEU J 235 -6.86 -55.37 25.66
CA LEU J 235 -6.69 -53.94 25.42
C LEU J 235 -6.57 -53.63 23.93
N ALA J 236 -5.81 -54.44 23.21
CA ALA J 236 -5.64 -54.22 21.78
C ALA J 236 -6.97 -54.32 21.05
N ARG J 237 -7.78 -55.31 21.41
CA ARG J 237 -9.10 -55.45 20.82
C ARG J 237 -9.95 -54.22 21.12
N LYS J 238 -9.84 -53.72 22.36
CA LYS J 238 -10.59 -52.50 22.77
C LYS J 238 -9.99 -51.31 22.03
N MET J 239 -8.65 -51.16 22.05
CA MET J 239 -8.01 -50.03 21.39
C MET J 239 -8.34 -49.97 19.91
N MET J 240 -8.39 -51.14 19.26
CA MET J 240 -8.92 -51.19 17.90
C MET J 240 -10.36 -50.72 17.87
N LEU J 241 -11.20 -51.32 18.72
CA LEU J 241 -12.63 -51.01 18.69
C LEU J 241 -12.90 -49.53 18.93
N ASP J 242 -12.11 -48.90 19.78
CA ASP J 242 -12.23 -47.46 20.00
C ASP J 242 -11.99 -46.74 18.68
N TRP J 243 -10.75 -46.81 18.18
CA TRP J 243 -10.39 -46.04 17.00
C TRP J 243 -11.02 -46.58 15.72
N ALA J 244 -11.58 -47.79 15.73
CA ALA J 244 -12.25 -48.32 14.53
C ALA J 244 -13.54 -47.60 14.21
N SER J 245 -13.86 -46.55 14.96
CA SER J 245 -14.96 -45.64 14.61
C SER J 245 -14.50 -44.20 14.68
N GLY J 246 -13.20 -43.95 14.59
CA GLY J 246 -12.67 -42.62 14.81
C GLY J 246 -12.73 -42.30 16.29
N THR J 247 -13.94 -42.12 16.80
CA THR J 247 -14.25 -42.01 18.22
C THR J 247 -13.37 -41.01 18.95
N LEU J 248 -13.00 -39.92 18.28
CA LEU J 248 -12.12 -38.89 18.86
C LEU J 248 -10.78 -39.50 19.29
N TYR J 249 -10.42 -40.63 18.70
CA TYR J 249 -9.09 -41.21 18.87
C TYR J 249 -8.14 -40.51 17.90
N GLN J 250 -6.97 -41.10 17.67
CA GLN J 250 -5.97 -40.43 16.84
C GLN J 250 -6.43 -40.37 15.39
N ASP J 251 -7.44 -39.54 15.13
CA ASP J 251 -7.90 -39.32 13.76
C ASP J 251 -6.83 -38.69 12.90
N ARG J 252 -5.86 -38.02 13.51
CA ARG J 252 -4.69 -37.55 12.78
C ARG J 252 -3.74 -38.68 12.40
N PHE J 253 -4.13 -39.92 12.67
CA PHE J 253 -3.41 -41.10 12.24
C PHE J 253 -4.35 -41.93 11.39
N ASP J 254 -3.83 -42.44 10.27
CA ASP J 254 -4.71 -42.99 9.23
C ASP J 254 -5.09 -44.44 9.44
N TYR J 255 -4.10 -45.32 9.64
CA TYR J 255 -4.39 -46.77 9.66
C TYR J 255 -3.82 -47.51 10.87
N LEU J 256 -4.51 -48.56 11.32
CA LEU J 256 -4.08 -49.42 12.40
C LEU J 256 -4.13 -50.86 11.91
N PHE J 257 -3.16 -51.67 12.34
CA PHE J 257 -3.05 -53.05 11.86
C PHE J 257 -2.95 -54.00 13.04
N TYR J 258 -4.02 -54.77 13.26
CA TYR J 258 -4.04 -55.76 14.34
C TYR J 258 -3.43 -57.06 13.86
N ILE J 259 -2.50 -57.60 14.63
CA ILE J 259 -1.91 -58.89 14.32
C ILE J 259 -1.63 -59.65 15.61
N HIS J 260 -2.36 -60.73 15.83
CA HIS J 260 -2.08 -61.62 16.95
C HIS J 260 -1.32 -62.83 16.43
N CYS J 261 -0.25 -63.21 17.12
CA CYS J 261 0.68 -64.19 16.62
C CYS J 261 0.22 -65.63 16.83
N ARG J 262 -1.06 -65.87 17.07
CA ARG J 262 -1.56 -67.24 17.09
C ARG J 262 -1.41 -67.88 15.71
N GLU J 263 -1.83 -67.17 14.66
CA GLU J 263 -1.70 -67.69 13.31
C GLU J 263 -0.26 -67.62 12.82
N VAL J 264 0.47 -66.57 13.21
CA VAL J 264 1.84 -66.40 12.76
C VAL J 264 2.73 -67.49 13.37
N SER J 265 3.54 -68.12 12.52
CA SER J 265 4.43 -69.17 12.97
C SER J 265 5.71 -69.11 12.16
N LEU J 266 6.66 -69.96 12.53
CA LEU J 266 7.93 -70.02 11.83
C LEU J 266 7.75 -70.64 10.44
N VAL J 267 8.78 -70.46 9.61
CA VAL J 267 8.92 -71.07 8.28
C VAL J 267 7.72 -70.81 7.39
N THR J 268 6.85 -69.89 7.80
CA THR J 268 5.67 -69.57 6.99
C THR J 268 6.03 -69.06 5.62
N GLN J 269 7.16 -68.36 5.48
CA GLN J 269 7.64 -67.84 4.19
C GLN J 269 6.57 -66.99 3.53
N ARG J 270 5.91 -66.14 4.32
CA ARG J 270 4.83 -65.29 3.85
C ARG J 270 5.24 -63.82 3.92
N SER J 271 4.80 -63.05 2.94
CA SER J 271 5.18 -61.66 2.85
C SER J 271 4.33 -60.80 3.76
N LEU J 272 4.75 -59.54 3.92
CA LEU J 272 3.97 -58.59 4.70
C LEU J 272 2.60 -58.39 4.09
N GLY J 273 2.52 -58.31 2.76
CA GLY J 273 1.22 -58.27 2.11
C GLY J 273 0.37 -59.47 2.44
N ASP J 274 0.98 -60.66 2.46
CA ASP J 274 0.27 -61.84 2.94
C ASP J 274 -0.12 -61.68 4.40
N LEU J 275 0.79 -61.13 5.21
CA LEU J 275 0.46 -60.79 6.59
C LEU J 275 -0.63 -59.72 6.64
N ILE J 276 -0.52 -58.72 5.76
CA ILE J 276 -1.51 -57.65 5.74
C ILE J 276 -2.87 -58.18 5.29
N MET J 277 -2.89 -58.96 4.22
CA MET J 277 -4.14 -59.53 3.73
C MET J 277 -4.74 -60.53 4.70
N SER J 278 -3.96 -61.00 5.67
CA SER J 278 -4.54 -61.84 6.72
C SER J 278 -5.56 -61.08 7.54
N CYS J 279 -5.30 -59.81 7.83
CA CYS J 279 -6.25 -59.01 8.60
C CYS J 279 -7.55 -58.81 7.82
N CYS J 280 -7.43 -58.37 6.56
CA CYS J 280 -8.59 -58.17 5.69
C CYS J 280 -8.32 -58.84 4.36
N PRO J 281 -8.85 -60.04 4.14
CA PRO J 281 -8.59 -60.75 2.88
C PRO J 281 -9.29 -60.11 1.69
N ASP J 282 -8.70 -59.05 1.15
CA ASP J 282 -9.30 -58.37 0.02
C ASP J 282 -9.12 -59.20 -1.25
N PRO J 283 -10.20 -59.52 -1.96
CA PRO J 283 -10.06 -60.20 -3.26
C PRO J 283 -9.21 -59.41 -4.25
N ASN J 284 -9.17 -58.10 -4.11
CA ASN J 284 -8.30 -57.25 -4.92
C ASN J 284 -7.46 -56.41 -3.97
N PRO J 285 -6.37 -56.99 -3.45
CA PRO J 285 -5.55 -56.30 -2.45
C PRO J 285 -5.01 -54.97 -2.98
N PRO J 286 -5.35 -53.87 -2.33
CA PRO J 286 -4.90 -52.55 -2.78
C PRO J 286 -3.52 -52.19 -2.22
N ILE J 287 -2.77 -53.21 -1.81
CA ILE J 287 -1.54 -53.02 -1.05
C ILE J 287 -0.62 -51.98 -1.67
N HIS J 288 -0.63 -51.85 -3.00
CA HIS J 288 0.18 -50.84 -3.66
C HIS J 288 -0.19 -49.45 -3.15
N LYS J 289 -1.47 -49.25 -2.86
CA LYS J 289 -1.93 -48.06 -2.17
C LYS J 289 -1.81 -48.17 -0.67
N ILE J 290 -1.66 -49.38 -0.14
CA ILE J 290 -1.36 -49.48 1.31
C ILE J 290 0.11 -49.12 1.43
N VAL J 291 0.89 -49.38 0.37
CA VAL J 291 2.26 -48.91 0.39
C VAL J 291 2.19 -47.43 0.05
N ARG J 292 1.93 -46.63 1.08
CA ARG J 292 1.75 -45.19 0.99
C ARG J 292 1.91 -44.63 2.38
N LYS J 293 2.56 -43.47 2.47
CA LYS J 293 2.69 -42.69 3.69
C LYS J 293 3.16 -43.56 4.87
N PRO J 294 4.42 -43.94 4.91
CA PRO J 294 4.93 -44.61 6.10
C PRO J 294 4.87 -43.67 7.31
N SER J 295 4.73 -44.27 8.48
CA SER J 295 4.52 -43.59 9.76
C SER J 295 3.09 -43.06 9.86
N ARG J 296 2.33 -43.15 8.77
CA ARG J 296 0.90 -42.89 8.79
C ARG J 296 0.12 -44.16 9.04
N ILE J 297 0.80 -45.31 9.13
CA ILE J 297 0.19 -46.62 9.35
C ILE J 297 0.82 -47.22 10.58
N LEU J 298 0.00 -47.89 11.40
CA LEU J 298 0.46 -48.47 12.66
C LEU J 298 0.14 -49.95 12.70
N PHE J 299 1.14 -50.75 13.07
CA PHE J 299 0.98 -52.18 13.28
C PHE J 299 0.79 -52.44 14.77
N LEU J 300 -0.32 -53.09 15.11
CA LEU J 300 -0.60 -53.46 16.50
C LEU J 300 -0.20 -54.92 16.69
N MET J 301 1.10 -55.15 16.91
CA MET J 301 1.58 -56.54 17.15
C MET J 301 1.11 -57.00 18.53
N ASP J 302 0.75 -58.27 18.68
CA ASP J 302 0.15 -58.71 19.97
C ASP J 302 0.85 -59.95 20.54
N GLY J 303 1.27 -59.89 21.80
CA GLY J 303 1.88 -61.03 22.50
C GLY J 303 3.17 -61.57 21.93
N PHE J 304 4.32 -61.18 22.49
CA PHE J 304 5.61 -61.80 22.07
C PHE J 304 5.59 -63.23 22.61
N ASP J 305 4.90 -63.43 23.75
CA ASP J 305 4.78 -64.78 24.37
C ASP J 305 4.09 -65.71 23.37
N GLU J 306 3.13 -65.19 22.60
CA GLU J 306 2.39 -66.02 21.61
C GLU J 306 3.38 -66.59 20.60
N LEU J 307 4.42 -65.83 20.24
CA LEU J 307 5.46 -66.38 19.35
C LEU J 307 5.95 -67.71 19.92
N GLN J 308 5.73 -68.82 19.21
CA GLN J 308 6.14 -70.16 19.63
C GLN J 308 7.24 -70.66 18.71
N GLY J 309 8.32 -71.13 19.30
CA GLY J 309 9.47 -71.64 18.58
C GLY J 309 10.73 -70.87 18.92
N ALA J 310 11.84 -71.33 18.35
CA ALA J 310 13.12 -70.66 18.55
C ALA J 310 13.15 -69.33 17.80
N PHE J 311 13.88 -68.37 18.37
CA PHE J 311 13.98 -67.05 17.75
C PHE J 311 15.27 -66.40 18.21
N ASP J 312 16.22 -66.24 17.28
CA ASP J 312 17.45 -65.51 17.56
C ASP J 312 17.16 -64.02 17.45
N GLU J 313 17.37 -63.30 18.55
CA GLU J 313 17.18 -61.85 18.53
C GLU J 313 18.16 -61.16 17.59
N HIS J 314 19.24 -61.82 17.20
CA HIS J 314 20.18 -61.26 16.24
C HIS J 314 20.52 -62.29 15.17
N ILE J 315 19.49 -62.87 14.56
CA ILE J 315 19.63 -63.86 13.50
C ILE J 315 20.49 -63.26 12.37
N GLY J 316 21.28 -64.11 11.73
CA GLY J 316 22.21 -63.68 10.72
C GLY J 316 21.59 -63.00 9.51
N PRO J 317 20.81 -63.76 8.73
CA PRO J 317 20.22 -63.18 7.51
C PRO J 317 19.35 -61.98 7.83
N LEU J 318 19.41 -60.98 6.93
CA LEU J 318 18.75 -59.70 7.13
C LEU J 318 17.70 -59.49 6.04
N CYS J 319 16.61 -58.82 6.40
CA CYS J 319 15.48 -58.64 5.50
C CYS J 319 15.17 -57.15 5.35
N THR J 320 14.97 -56.73 4.09
CA THR J 320 14.60 -55.35 3.80
C THR J 320 13.51 -55.28 2.75
N ASP J 321 13.25 -56.41 2.08
CA ASP J 321 12.23 -56.44 1.04
C ASP J 321 10.85 -56.54 1.68
N TRP J 322 9.93 -55.67 1.26
CA TRP J 322 8.60 -55.69 1.82
C TRP J 322 7.75 -56.81 1.24
N GLN J 323 7.90 -57.09 -0.06
CA GLN J 323 6.99 -58.01 -0.73
C GLN J 323 7.57 -59.42 -0.84
N LYS J 324 8.84 -59.61 -0.51
CA LYS J 324 9.45 -60.93 -0.63
C LYS J 324 8.84 -61.91 0.35
N ALA J 325 8.62 -63.14 -0.09
CA ALA J 325 8.14 -64.19 0.79
C ALA J 325 9.26 -64.62 1.73
N GLU J 326 9.32 -64.01 2.91
CA GLU J 326 10.40 -64.24 3.86
C GLU J 326 9.89 -65.04 5.05
N ARG J 327 10.84 -65.59 5.81
CA ARG J 327 10.51 -66.40 6.97
C ARG J 327 9.71 -65.60 7.98
N GLY J 328 8.83 -66.28 8.71
CA GLY J 328 7.93 -65.59 9.63
C GLY J 328 8.68 -64.81 10.69
N ASP J 329 9.67 -65.44 11.34
CA ASP J 329 10.47 -64.73 12.32
C ASP J 329 11.34 -63.67 11.65
N ILE J 330 11.85 -63.95 10.45
CA ILE J 330 12.65 -62.99 9.72
C ILE J 330 11.82 -61.77 9.36
N LEU J 331 10.59 -61.99 8.90
CA LEU J 331 9.69 -60.88 8.60
C LEU J 331 9.48 -60.01 9.84
N LEU J 332 9.20 -60.64 10.98
CA LEU J 332 9.10 -59.91 12.23
C LEU J 332 10.42 -59.25 12.58
N SER J 333 11.53 -59.96 12.35
CA SER J 333 12.84 -59.41 12.66
C SER J 333 13.06 -58.06 11.98
N SER J 334 12.80 -58.00 10.68
CA SER J 334 12.90 -56.71 9.98
C SER J 334 11.86 -55.74 10.51
N LEU J 335 10.64 -56.22 10.74
CA LEU J 335 9.58 -55.34 11.25
C LEU J 335 9.91 -54.84 12.65
N ILE J 336 10.42 -55.71 13.52
CA ILE J 336 10.80 -55.28 14.86
C ILE J 336 11.93 -54.28 14.78
N ARG J 337 12.94 -54.56 13.97
CA ARG J 337 14.02 -53.60 13.75
C ARG J 337 13.58 -52.41 12.90
N LYS J 338 12.43 -52.51 12.25
CA LYS J 338 11.89 -51.44 11.41
C LYS J 338 12.83 -51.08 10.27
N LYS J 339 13.84 -51.91 10.01
CA LYS J 339 14.68 -51.69 8.85
C LYS J 339 13.86 -51.74 7.57
N LEU J 340 12.95 -52.72 7.48
CA LEU J 340 11.88 -52.65 6.51
C LEU J 340 10.80 -51.71 7.04
N LEU J 341 10.22 -50.90 6.15
CA LEU J 341 9.24 -49.89 6.54
C LEU J 341 9.85 -49.01 7.63
N PRO J 342 10.81 -48.15 7.28
CA PRO J 342 11.58 -47.45 8.31
C PRO J 342 10.76 -46.53 9.19
N GLU J 343 9.57 -46.14 8.77
CA GLU J 343 8.75 -45.18 9.51
C GLU J 343 7.55 -45.83 10.19
N ALA J 344 7.32 -47.12 9.95
CA ALA J 344 6.12 -47.77 10.47
C ALA J 344 6.10 -47.76 11.99
N SER J 345 4.98 -47.33 12.55
CA SER J 345 4.80 -47.37 13.99
C SER J 345 4.46 -48.77 14.46
N LEU J 346 4.76 -49.05 15.73
CA LEU J 346 4.58 -50.40 16.27
C LEU J 346 4.10 -50.34 17.71
N LEU J 347 3.20 -51.27 18.01
CA LEU J 347 2.70 -51.41 19.39
C LEU J 347 2.87 -52.89 19.72
N ILE J 348 3.56 -53.24 20.80
CA ILE J 348 3.87 -54.68 21.09
C ILE J 348 3.48 -55.00 22.53
N THR J 349 2.38 -55.72 22.72
CA THR J 349 2.08 -56.19 24.10
C THR J 349 3.11 -57.28 24.39
N THR J 350 3.80 -57.19 25.52
CA THR J 350 4.90 -58.17 25.77
C THR J 350 4.81 -58.71 27.20
N ARG J 351 5.25 -59.94 27.42
CA ARG J 351 5.28 -60.48 28.80
C ARG J 351 6.55 -59.95 29.48
N PRO J 352 6.54 -59.35 30.70
CA PRO J 352 7.78 -58.83 31.30
C PRO J 352 8.96 -59.78 31.24
N VAL J 353 8.72 -61.09 31.38
CA VAL J 353 9.83 -62.03 31.41
C VAL J 353 10.50 -62.14 30.05
N ALA J 354 9.79 -61.85 28.98
CA ALA J 354 10.32 -61.94 27.63
C ALA J 354 10.88 -60.62 27.12
N LEU J 355 10.96 -59.60 27.98
CA LEU J 355 11.40 -58.29 27.53
C LEU J 355 12.83 -58.29 27.04
N GLU J 356 13.73 -59.02 27.72
CA GLU J 356 15.16 -58.91 27.44
C GLU J 356 15.48 -59.28 25.99
N LYS J 357 14.67 -60.16 25.39
CA LYS J 357 14.88 -60.52 24.00
C LYS J 357 14.64 -59.33 23.08
N LEU J 358 13.49 -58.67 23.24
CA LEU J 358 13.16 -57.53 22.38
C LEU J 358 13.93 -56.28 22.81
N GLN J 359 14.14 -56.10 24.11
CA GLN J 359 14.87 -54.94 24.58
C GLN J 359 16.29 -54.91 24.04
N HIS J 360 16.97 -56.06 24.05
CA HIS J 360 18.25 -56.15 23.35
C HIS J 360 18.09 -56.00 21.84
N LEU J 361 16.93 -56.41 21.32
CA LEU J 361 16.72 -56.35 19.87
C LEU J 361 16.48 -54.92 19.41
N LEU J 362 15.71 -54.14 20.17
CA LEU J 362 15.21 -52.86 19.68
C LEU J 362 15.50 -51.75 20.68
N ASP J 363 15.69 -50.54 20.17
CA ASP J 363 16.04 -49.37 20.96
C ASP J 363 14.82 -48.47 21.16
N HIS J 364 14.97 -47.49 22.06
CA HIS J 364 14.01 -46.46 22.43
C HIS J 364 12.58 -47.00 22.54
N PRO J 365 12.34 -48.01 23.37
CA PRO J 365 10.99 -48.58 23.45
C PRO J 365 10.15 -47.85 24.49
N ARG J 366 8.96 -47.42 24.09
CA ARG J 366 8.06 -46.76 25.03
C ARG J 366 7.41 -47.80 25.94
N HIS J 367 8.11 -48.19 27.01
CA HIS J 367 7.58 -49.15 27.96
C HIS J 367 6.33 -48.59 28.64
N VAL J 368 5.30 -49.41 28.74
CA VAL J 368 4.06 -49.00 29.39
C VAL J 368 3.61 -50.08 30.36
N GLU J 369 3.73 -49.81 31.66
CA GLU J 369 3.24 -50.72 32.68
C GLU J 369 1.72 -50.62 32.77
N ILE J 370 1.05 -51.75 32.67
CA ILE J 370 -0.41 -51.83 32.75
C ILE J 370 -0.78 -52.69 33.96
N LEU J 371 -1.74 -52.22 34.74
CA LEU J 371 -2.12 -52.84 36.00
C LEU J 371 -3.59 -53.24 35.95
N GLY J 372 -3.95 -54.21 36.79
CA GLY J 372 -5.32 -54.67 36.88
C GLY J 372 -6.20 -53.76 37.72
N PHE J 373 -7.40 -54.25 37.97
CA PHE J 373 -8.41 -53.45 38.68
C PHE J 373 -8.04 -53.30 40.15
N SER J 374 -8.46 -52.18 40.73
CA SER J 374 -8.27 -51.94 42.15
C SER J 374 -9.38 -52.61 42.95
N GLU J 375 -9.46 -52.25 44.23
CA GLU J 375 -10.51 -52.76 45.09
C GLU J 375 -11.89 -52.36 44.55
N ALA J 376 -12.14 -51.05 44.46
CA ALA J 376 -13.43 -50.59 43.97
C ALA J 376 -13.65 -50.97 42.51
N LYS J 377 -12.61 -50.90 41.69
CA LYS J 377 -12.74 -51.29 40.29
C LYS J 377 -13.17 -52.74 40.15
N ARG J 378 -12.67 -53.63 41.07
CA ARG J 378 -13.08 -55.02 41.03
C ARG J 378 -14.58 -55.17 41.21
N LYS J 379 -15.16 -54.40 42.14
CA LYS J 379 -16.62 -54.35 42.27
C LYS J 379 -17.23 -53.78 41.00
N GLU J 380 -16.62 -52.74 40.45
CA GLU J 380 -17.14 -52.13 39.24
C GLU J 380 -17.08 -53.10 38.06
N TYR J 381 -16.15 -54.05 38.09
CA TYR J 381 -16.17 -55.12 37.10
C TYR J 381 -17.42 -55.97 37.24
N PHE J 382 -17.77 -56.32 38.48
CA PHE J 382 -19.00 -57.07 38.71
C PHE J 382 -20.23 -56.25 38.32
N PHE J 383 -20.11 -54.92 38.38
CA PHE J 383 -21.17 -54.09 37.82
C PHE J 383 -21.34 -54.36 36.34
N LYS J 384 -20.24 -54.48 35.61
CA LYS J 384 -20.32 -54.88 34.21
C LYS J 384 -20.81 -56.32 34.07
N TYR J 385 -20.35 -57.20 34.94
CA TYR J 385 -20.58 -58.63 34.74
C TYR J 385 -21.97 -59.07 35.19
N PHE J 386 -22.23 -58.95 36.49
CA PHE J 386 -23.43 -59.55 37.05
C PHE J 386 -24.69 -58.79 36.64
N SER J 387 -25.82 -59.49 36.73
CA SER J 387 -27.11 -58.95 36.35
C SER J 387 -28.02 -58.67 37.54
N ASP J 388 -27.62 -59.04 38.75
CA ASP J 388 -28.46 -58.79 39.92
C ASP J 388 -27.57 -58.59 41.15
N GLU J 389 -28.02 -57.70 42.03
CA GLU J 389 -27.24 -57.43 43.24
C GLU J 389 -27.14 -58.65 44.14
N ALA J 390 -28.24 -59.38 44.32
CA ALA J 390 -28.18 -60.62 45.09
C ALA J 390 -27.16 -61.56 44.50
N GLN J 391 -26.94 -61.49 43.19
CA GLN J 391 -25.81 -62.19 42.57
C GLN J 391 -24.53 -61.40 42.78
N ALA J 392 -24.55 -60.10 42.47
CA ALA J 392 -23.33 -59.30 42.52
C ALA J 392 -22.95 -58.98 43.95
N ARG J 393 -23.81 -58.26 44.67
CA ARG J 393 -23.44 -57.71 45.96
C ARG J 393 -23.11 -58.80 46.97
N ALA J 394 -23.89 -59.88 46.99
CA ALA J 394 -23.64 -60.96 47.95
C ALA J 394 -22.30 -61.64 47.66
N ALA J 395 -22.06 -62.00 46.40
CA ALA J 395 -20.82 -62.68 46.05
C ALA J 395 -19.61 -61.78 46.26
N PHE J 396 -19.72 -60.51 45.88
CA PHE J 396 -18.62 -59.58 46.08
C PHE J 396 -18.32 -59.40 47.56
N SER J 397 -19.35 -59.37 48.39
CA SER J 397 -19.15 -59.24 49.84
C SER J 397 -18.28 -60.38 50.38
N LEU J 398 -18.35 -61.55 49.74
CA LEU J 398 -17.51 -62.66 50.16
C LEU J 398 -16.03 -62.35 49.92
N ILE J 399 -15.73 -61.57 48.87
CA ILE J 399 -14.35 -61.27 48.55
C ILE J 399 -13.70 -60.41 49.63
N GLN J 400 -14.45 -59.45 50.17
CA GLN J 400 -13.89 -58.56 51.19
C GLN J 400 -13.48 -59.36 52.42
N GLU J 401 -14.34 -60.28 52.87
CA GLU J 401 -14.00 -61.12 54.00
C GLU J 401 -12.80 -62.00 53.68
N ASN J 402 -12.75 -62.55 52.46
CA ASN J 402 -11.63 -63.37 52.02
C ASN J 402 -10.57 -62.45 51.41
N GLU J 403 -9.91 -61.69 52.30
CA GLU J 403 -8.93 -60.70 51.85
C GLU J 403 -7.78 -61.35 51.10
N VAL J 404 -7.42 -62.59 51.46
CA VAL J 404 -6.38 -63.29 50.72
C VAL J 404 -6.80 -63.48 49.28
N LEU J 405 -8.07 -63.83 49.06
CA LEU J 405 -8.60 -63.83 47.70
C LEU J 405 -8.68 -62.41 47.16
N PHE J 406 -9.03 -61.44 48.01
CA PHE J 406 -9.21 -60.07 47.54
C PHE J 406 -7.90 -59.50 47.01
N THR J 407 -6.82 -59.61 47.77
CA THR J 407 -5.52 -59.19 47.26
C THR J 407 -5.12 -60.03 46.06
N MET J 408 -5.62 -61.27 45.99
CA MET J 408 -5.43 -62.08 44.80
C MET J 408 -6.35 -61.64 43.67
N CYS J 409 -7.39 -60.87 43.98
CA CYS J 409 -8.31 -60.41 42.94
C CYS J 409 -7.72 -59.23 42.18
N PHE J 410 -6.48 -59.40 41.73
CA PHE J 410 -5.85 -58.50 40.77
C PHE J 410 -5.79 -59.25 39.46
N ILE J 411 -5.19 -58.66 38.42
CA ILE J 411 -5.03 -59.35 37.14
C ILE J 411 -6.38 -59.86 36.66
N PRO J 412 -7.24 -58.98 36.11
CA PRO J 412 -8.68 -59.27 36.01
C PRO J 412 -9.09 -60.65 35.50
N LEU J 413 -8.17 -61.39 34.87
CA LEU J 413 -8.50 -62.74 34.43
C LEU J 413 -8.97 -63.60 35.60
N VAL J 414 -8.31 -63.46 36.76
CA VAL J 414 -8.72 -64.23 37.92
C VAL J 414 -10.12 -63.83 38.38
N CYS J 415 -10.44 -62.53 38.24
CA CYS J 415 -11.78 -62.07 38.58
C CYS J 415 -12.82 -62.69 37.66
N TRP J 416 -12.46 -62.85 36.38
CA TRP J 416 -13.32 -63.57 35.44
C TRP J 416 -13.57 -65.00 35.94
N ILE J 417 -12.53 -65.66 36.42
CA ILE J 417 -12.70 -67.00 36.99
C ILE J 417 -13.59 -66.94 38.22
N VAL J 418 -13.39 -65.91 39.05
CA VAL J 418 -14.16 -65.82 40.30
C VAL J 418 -15.64 -65.68 40.01
N CYS J 419 -16.01 -64.71 39.16
CA CYS J 419 -17.42 -64.45 38.92
C CYS J 419 -18.09 -65.60 38.19
N THR J 420 -17.44 -66.12 37.15
CA THR J 420 -18.04 -67.21 36.38
C THR J 420 -18.22 -68.46 37.22
N GLY J 421 -17.18 -68.85 37.96
CA GLY J 421 -17.27 -70.04 38.77
C GLY J 421 -18.35 -69.94 39.83
N LEU J 422 -18.40 -68.80 40.52
CA LEU J 422 -19.44 -68.59 41.52
C LEU J 422 -20.82 -68.56 40.88
N LYS J 423 -20.93 -67.95 39.70
CA LYS J 423 -22.21 -67.92 38.99
C LYS J 423 -22.74 -69.33 38.78
N GLN J 424 -21.87 -70.23 38.31
CA GLN J 424 -22.28 -71.61 38.10
C GLN J 424 -22.66 -72.27 39.42
N GLN J 425 -21.93 -71.96 40.49
CA GLN J 425 -22.27 -72.51 41.80
C GLN J 425 -23.67 -72.07 42.23
N MET J 426 -24.04 -70.83 41.91
CA MET J 426 -25.39 -70.36 42.21
C MET J 426 -26.43 -71.11 41.40
N GLU J 427 -26.08 -71.60 40.22
CA GLU J 427 -27.00 -72.43 39.46
C GLU J 427 -27.28 -73.76 40.16
N SER J 428 -26.46 -74.12 41.14
CA SER J 428 -26.62 -75.37 41.87
C SER J 428 -26.70 -75.20 43.36
N GLY J 429 -26.05 -74.19 43.94
CA GLY J 429 -26.05 -74.05 45.36
C GLY J 429 -25.63 -72.65 45.82
N LYS J 430 -25.16 -72.59 47.06
CA LYS J 430 -24.73 -71.35 47.69
C LYS J 430 -23.21 -71.37 47.88
N SER J 431 -22.60 -70.20 47.77
CA SER J 431 -21.15 -70.11 47.85
C SER J 431 -20.66 -70.37 49.27
N LEU J 432 -19.34 -70.45 49.41
CA LEU J 432 -18.69 -70.74 50.68
C LEU J 432 -17.43 -69.87 50.76
N ALA J 433 -16.53 -70.24 51.67
CA ALA J 433 -15.25 -69.54 51.81
C ALA J 433 -14.42 -69.69 50.54
N GLN J 434 -14.80 -70.64 49.70
CA GLN J 434 -14.28 -70.80 48.34
C GLN J 434 -12.86 -71.38 48.34
N THR J 435 -12.26 -71.49 49.52
CA THR J 435 -10.97 -72.16 49.71
C THR J 435 -9.90 -71.65 48.75
N SER J 436 -10.13 -70.49 48.14
CA SER J 436 -9.23 -69.97 47.12
C SER J 436 -8.16 -69.06 47.72
N LYS J 437 -7.35 -69.65 48.61
CA LYS J 437 -6.26 -68.92 49.26
C LYS J 437 -5.07 -68.72 48.33
N THR J 438 -4.98 -69.44 47.22
CA THR J 438 -3.87 -69.33 46.29
C THR J 438 -4.41 -69.28 44.87
N THR J 439 -3.53 -68.92 43.94
CA THR J 439 -3.92 -68.87 42.53
C THR J 439 -4.37 -70.24 42.04
N THR J 440 -3.63 -71.28 42.40
CA THR J 440 -4.02 -72.64 42.02
C THR J 440 -5.36 -73.01 42.61
N ALA J 441 -5.59 -72.64 43.87
CA ALA J 441 -6.87 -72.93 44.51
C ALA J 441 -8.02 -72.31 43.73
N VAL J 442 -7.78 -71.17 43.10
CA VAL J 442 -8.79 -70.57 42.22
C VAL J 442 -9.05 -71.49 41.03
N TYR J 443 -7.99 -72.01 40.44
CA TYR J 443 -8.14 -72.85 39.26
C TYR J 443 -8.88 -74.15 39.59
N VAL J 444 -8.49 -74.81 40.67
CA VAL J 444 -9.03 -76.13 40.96
C VAL J 444 -10.49 -76.03 41.39
N PHE J 445 -10.84 -75.01 42.19
CA PHE J 445 -12.24 -74.83 42.57
C PHE J 445 -13.09 -74.59 41.32
N PHE J 446 -12.55 -73.87 40.34
CA PHE J 446 -13.23 -73.71 39.07
C PHE J 446 -13.44 -75.05 38.38
N LEU J 447 -12.43 -75.91 38.42
CA LEU J 447 -12.55 -77.22 37.80
C LEU J 447 -13.61 -78.06 38.49
N SER J 448 -13.68 -77.99 39.83
CA SER J 448 -14.62 -78.81 40.57
C SER J 448 -16.06 -78.52 40.16
N SER J 449 -16.41 -77.24 40.07
CA SER J 449 -17.73 -76.88 39.54
C SER J 449 -17.86 -77.26 38.08
N LEU J 450 -16.77 -77.14 37.31
CA LEU J 450 -16.80 -77.48 35.90
C LEU J 450 -17.14 -78.96 35.71
N LEU J 451 -16.49 -79.83 36.48
CA LEU J 451 -16.65 -81.27 36.31
C LEU J 451 -17.77 -81.79 37.22
N GLN J 452 -18.89 -81.08 37.20
CA GLN J 452 -19.99 -81.52 38.06
C GLN J 452 -20.91 -82.54 37.37
N PRO J 453 -21.53 -82.22 36.23
CA PRO J 453 -22.64 -83.08 35.75
C PRO J 453 -22.22 -84.49 35.37
N ARG J 454 -21.30 -84.62 34.41
CA ARG J 454 -20.94 -85.93 33.89
C ARG J 454 -19.67 -86.50 34.49
N GLY J 455 -18.82 -85.68 35.11
CA GLY J 455 -17.55 -86.16 35.64
C GLY J 455 -17.69 -87.14 36.78
N GLY J 456 -18.73 -86.96 37.59
CA GLY J 456 -18.92 -87.81 38.75
C GLY J 456 -19.18 -89.26 38.41
N SER J 457 -20.01 -89.51 37.39
CA SER J 457 -20.19 -90.87 36.92
C SER J 457 -18.88 -91.40 36.35
N GLN J 458 -18.53 -92.63 36.74
CA GLN J 458 -17.29 -93.22 36.27
C GLN J 458 -17.35 -93.53 34.77
N GLU J 459 -18.51 -93.97 34.30
CA GLU J 459 -18.67 -94.28 32.87
C GLU J 459 -18.39 -93.05 32.01
N HIS J 460 -18.97 -91.91 32.39
CA HIS J 460 -18.65 -90.64 31.77
C HIS J 460 -17.58 -89.87 32.54
N GLY J 461 -16.73 -90.57 33.29
CA GLY J 461 -15.65 -89.90 33.98
C GLY J 461 -14.69 -89.25 32.99
N LEU J 462 -14.49 -87.94 33.15
CA LEU J 462 -13.64 -87.18 32.25
C LEU J 462 -12.20 -87.09 32.73
N CYS J 463 -11.86 -87.76 33.84
CA CYS J 463 -10.51 -87.70 34.38
C CYS J 463 -9.49 -88.25 33.37
N ALA J 464 -9.79 -89.39 32.77
CA ALA J 464 -8.94 -89.89 31.69
C ALA J 464 -8.96 -88.92 30.52
N HIS J 465 -10.13 -88.38 30.19
CA HIS J 465 -10.21 -87.34 29.17
C HIS J 465 -9.52 -86.06 29.64
N LEU J 466 -9.60 -85.76 30.94
CA LEU J 466 -8.81 -84.67 31.50
C LEU J 466 -7.33 -84.91 31.25
N TRP J 467 -6.88 -86.16 31.41
CA TRP J 467 -5.51 -86.50 31.04
C TRP J 467 -5.30 -86.34 29.54
N GLY J 468 -6.32 -86.66 28.75
CA GLY J 468 -6.20 -86.52 27.30
C GLY J 468 -5.92 -85.08 26.88
N LEU J 469 -6.69 -84.14 27.44
CA LEU J 469 -6.43 -82.73 27.16
C LEU J 469 -5.12 -82.27 27.80
N CYS J 470 -4.78 -82.82 28.97
CA CYS J 470 -3.49 -82.52 29.58
C CYS J 470 -2.34 -82.99 28.68
N SER J 471 -2.49 -84.16 28.08
CA SER J 471 -1.50 -84.62 27.11
C SER J 471 -1.41 -83.68 25.93
N LEU J 472 -2.56 -83.21 25.42
CA LEU J 472 -2.54 -82.18 24.40
C LEU J 472 -1.94 -80.89 24.96
N ALA J 473 -2.28 -80.55 26.20
CA ALA J 473 -1.74 -79.34 26.80
C ALA J 473 -0.23 -79.41 26.92
N ALA J 474 0.30 -80.56 27.34
CA ALA J 474 1.74 -80.73 27.47
C ALA J 474 2.43 -80.55 26.13
N ASP J 475 1.86 -81.13 25.06
CA ASP J 475 2.44 -80.96 23.74
C ASP J 475 2.25 -79.53 23.23
N GLY J 476 1.35 -78.77 23.86
CA GLY J 476 1.09 -77.41 23.41
C GLY J 476 2.32 -76.53 23.48
N ILE J 477 3.18 -76.75 24.46
CA ILE J 477 4.44 -76.03 24.55
C ILE J 477 5.64 -76.93 24.27
N TRP J 478 5.54 -78.23 24.52
CA TRP J 478 6.66 -79.11 24.23
C TRP J 478 6.88 -79.22 22.72
N ASN J 479 5.83 -79.01 21.93
CA ASN J 479 5.94 -78.98 20.48
C ASN J 479 5.35 -77.68 19.89
N GLN J 480 5.00 -76.72 20.75
CA GLN J 480 4.67 -75.35 20.38
C GLN J 480 3.47 -75.23 19.47
N LYS J 481 2.49 -76.12 19.58
CA LYS J 481 1.29 -76.05 18.73
C LYS J 481 0.08 -75.73 19.61
N ILE J 482 -0.20 -74.44 19.77
CA ILE J 482 -1.43 -74.02 20.43
C ILE J 482 -2.64 -74.33 19.57
N LEU J 483 -2.55 -74.01 18.28
CA LEU J 483 -3.66 -74.23 17.35
C LEU J 483 -3.67 -75.67 16.86
N PHE J 484 -4.04 -76.60 17.75
CA PHE J 484 -3.94 -78.01 17.44
C PHE J 484 -4.87 -78.41 16.29
N GLU J 485 -6.07 -77.85 16.26
CA GLU J 485 -7.07 -78.14 15.22
C GLU J 485 -7.53 -79.59 15.31
N GLU J 486 -8.52 -79.95 14.50
CA GLU J 486 -9.02 -81.32 14.43
C GLU J 486 -7.90 -82.28 14.02
N SER J 487 -6.86 -81.75 13.37
CA SER J 487 -5.75 -82.59 12.93
C SER J 487 -5.07 -83.30 14.10
N ASP J 488 -4.98 -82.64 15.26
CA ASP J 488 -4.28 -83.21 16.40
C ASP J 488 -5.18 -83.54 17.58
N LEU J 489 -6.36 -82.92 17.70
CA LEU J 489 -7.28 -83.29 18.76
C LEU J 489 -7.73 -84.75 18.60
N ARG J 490 -7.98 -85.17 17.37
CA ARG J 490 -8.29 -86.57 17.12
C ARG J 490 -7.18 -87.48 17.61
N ASN J 491 -5.92 -87.04 17.48
CA ASN J 491 -4.81 -87.79 18.04
C ASN J 491 -4.88 -87.85 19.56
N HIS J 492 -5.29 -86.73 20.17
CA HIS J 492 -5.27 -86.65 21.63
C HIS J 492 -6.57 -87.11 22.28
N GLY J 493 -7.69 -87.13 21.55
CA GLY J 493 -8.92 -87.53 22.19
C GLY J 493 -10.05 -87.65 21.21
N LEU J 494 -11.26 -87.81 21.76
CA LEU J 494 -12.48 -88.03 20.98
C LEU J 494 -12.83 -86.73 20.27
N GLN J 495 -12.46 -86.66 19.00
CA GLN J 495 -12.51 -85.45 18.19
C GLN J 495 -13.90 -84.83 18.11
N LYS J 496 -14.95 -85.63 18.27
CA LYS J 496 -16.30 -85.12 18.08
C LYS J 496 -17.14 -85.13 19.35
N ALA J 497 -17.31 -86.30 19.95
CA ALA J 497 -18.30 -86.45 21.01
C ALA J 497 -17.88 -85.77 22.30
N ASP J 498 -16.76 -86.20 22.88
CA ASP J 498 -16.40 -85.74 24.21
C ASP J 498 -15.95 -84.29 24.23
N VAL J 499 -15.10 -83.89 23.28
CA VAL J 499 -14.52 -82.55 23.32
C VAL J 499 -15.60 -81.48 23.14
N SER J 500 -16.72 -81.84 22.52
CA SER J 500 -17.81 -80.87 22.36
C SER J 500 -18.32 -80.41 23.71
N ALA J 501 -18.43 -81.32 24.69
CA ALA J 501 -18.77 -80.91 26.04
C ALA J 501 -17.67 -80.03 26.62
N PHE J 502 -16.40 -80.44 26.46
CA PHE J 502 -15.30 -79.62 26.95
C PHE J 502 -15.26 -78.26 26.26
N LEU J 503 -15.48 -78.25 24.95
CA LEU J 503 -15.56 -76.99 24.22
C LEU J 503 -16.64 -76.09 24.80
N ARG J 504 -17.84 -76.63 24.98
CA ARG J 504 -18.93 -75.86 25.55
C ARG J 504 -18.66 -75.51 27.01
N MET J 505 -17.88 -76.34 27.71
CA MET J 505 -17.43 -75.95 29.04
C MET J 505 -16.34 -74.90 28.97
N ASN J 506 -15.40 -75.04 28.03
CA ASN J 506 -14.36 -74.05 27.85
C ASN J 506 -14.85 -72.81 27.13
N LEU J 507 -15.96 -72.91 26.38
CA LEU J 507 -16.71 -71.78 25.83
C LEU J 507 -15.99 -71.10 24.66
N PHE J 508 -14.73 -71.43 24.43
CA PHE J 508 -13.98 -70.92 23.27
C PHE J 508 -12.80 -71.83 22.99
N GLN J 509 -12.88 -72.62 21.92
CA GLN J 509 -11.73 -73.42 21.53
C GLN J 509 -11.50 -73.45 20.03
N LYS J 510 -12.43 -72.94 19.21
CA LYS J 510 -12.24 -72.96 17.77
C LYS J 510 -12.48 -71.60 17.13
N GLU J 511 -13.48 -70.87 17.62
CA GLU J 511 -14.01 -69.74 16.87
C GLU J 511 -13.04 -68.56 16.84
N VAL J 512 -12.00 -68.56 17.66
CA VAL J 512 -11.08 -67.43 17.68
C VAL J 512 -10.34 -67.30 16.34
N ASP J 513 -9.92 -68.42 15.76
CA ASP J 513 -9.26 -68.44 14.46
C ASP J 513 -10.23 -68.22 13.32
N CYS J 514 -11.47 -68.68 13.46
CA CYS J 514 -12.60 -68.43 12.56
C CYS J 514 -12.48 -69.17 11.22
N GLU J 515 -11.35 -69.78 10.92
CA GLU J 515 -11.28 -70.52 9.66
C GLU J 515 -11.52 -72.01 9.85
N LYS J 516 -10.57 -72.72 10.45
CA LYS J 516 -10.73 -74.12 10.82
C LYS J 516 -10.05 -74.51 12.12
N PHE J 517 -9.12 -73.70 12.64
CA PHE J 517 -8.22 -74.18 13.68
C PHE J 517 -8.91 -74.22 15.04
N TYR J 518 -8.40 -75.10 15.91
CA TYR J 518 -8.90 -75.26 17.26
C TYR J 518 -7.80 -74.91 18.24
N SER J 519 -8.20 -74.31 19.37
CA SER J 519 -7.24 -73.76 20.32
C SER J 519 -7.82 -73.91 21.72
N PHE J 520 -7.24 -73.18 22.67
CA PHE J 520 -7.68 -73.21 24.06
C PHE J 520 -8.18 -71.82 24.45
N ILE J 521 -8.67 -71.72 25.68
CA ILE J 521 -9.15 -70.43 26.19
C ILE J 521 -7.99 -69.45 26.33
N HIS J 522 -7.00 -69.82 27.15
CA HIS J 522 -5.87 -68.96 27.43
C HIS J 522 -4.66 -69.83 27.76
N MET J 523 -3.47 -69.25 27.61
CA MET J 523 -2.23 -69.99 27.83
C MET J 523 -2.05 -70.41 29.27
N THR J 524 -2.71 -69.74 30.22
CA THR J 524 -2.63 -70.18 31.61
C THR J 524 -3.24 -71.56 31.78
N PHE J 525 -4.37 -71.82 31.12
CA PHE J 525 -5.00 -73.14 31.21
C PHE J 525 -4.08 -74.22 30.65
N GLN J 526 -3.45 -73.94 29.51
CA GLN J 526 -2.53 -74.91 28.92
C GLN J 526 -1.37 -75.20 29.85
N GLU J 527 -0.79 -74.16 30.46
CA GLU J 527 0.27 -74.37 31.43
C GLU J 527 -0.24 -74.95 32.74
N PHE J 528 -1.51 -74.71 33.07
CA PHE J 528 -2.07 -75.33 34.26
C PHE J 528 -2.22 -76.82 34.09
N PHE J 529 -2.81 -77.25 32.97
CA PHE J 529 -2.95 -78.67 32.70
C PHE J 529 -1.59 -79.33 32.45
N ALA J 530 -0.64 -78.58 31.90
CA ALA J 530 0.70 -79.11 31.74
C ALA J 530 1.32 -79.48 33.09
N ALA J 531 0.98 -78.73 34.13
CA ALA J 531 1.46 -79.07 35.47
C ALA J 531 0.69 -80.24 36.05
N MET J 532 -0.60 -80.36 35.72
CA MET J 532 -1.40 -81.45 36.26
C MET J 532 -0.89 -82.80 35.80
N TYR J 533 -0.58 -82.93 34.50
CA TYR J 533 -0.19 -84.23 33.95
C TYR J 533 1.07 -84.76 34.65
N TYR J 534 1.95 -83.85 35.08
CA TYR J 534 3.17 -84.29 35.75
C TYR J 534 2.84 -85.04 37.03
N LEU J 535 1.85 -84.57 37.79
CA LEU J 535 1.44 -85.25 39.01
C LEU J 535 0.60 -86.48 38.74
N LEU J 536 -0.21 -86.46 37.68
CA LEU J 536 -1.11 -87.57 37.40
C LEU J 536 -0.41 -88.80 36.84
N GLU J 537 0.93 -88.80 36.83
CA GLU J 537 1.71 -89.96 36.38
C GLU J 537 1.33 -90.39 34.98
N GLU J 538 0.86 -89.40 34.22
CA GLU J 538 0.33 -89.66 32.86
C GLU J 538 -0.76 -90.74 32.95
N GLU J 539 -1.87 -90.41 33.61
CA GLU J 539 -3.00 -91.38 33.76
C GLU J 539 -2.48 -92.59 34.52
N LYS J 540 -1.58 -92.36 35.47
CA LYS J 540 -0.99 -93.46 36.27
C LYS J 540 -0.09 -94.29 35.35
N GLU J 541 0.41 -95.42 35.84
CA GLU J 541 1.20 -96.31 34.96
C GLU J 541 0.29 -97.50 34.59
N GLY J 542 -1.01 -97.38 34.82
CA GLY J 542 -1.93 -98.51 34.58
C GLY J 542 -3.11 -98.18 33.67
N ARG J 543 -2.91 -97.30 32.68
CA ARG J 543 -4.02 -96.87 31.78
C ARG J 543 -3.54 -96.76 30.33
N THR J 544 -2.80 -95.69 29.96
CA THR J 544 -2.37 -95.48 28.56
C THR J 544 -3.61 -95.37 27.64
N ASN J 545 -3.79 -96.30 26.69
CA ASN J 545 -4.95 -96.27 25.76
C ASN J 545 -4.94 -94.99 24.92
N VAL J 546 -3.79 -94.62 24.36
CA VAL J 546 -3.64 -93.36 23.57
C VAL J 546 -4.42 -93.40 22.24
N PRO J 547 -5.01 -92.27 21.77
CA PRO J 547 -5.67 -92.22 20.44
C PRO J 547 -4.65 -92.16 19.30
N GLY J 548 -3.82 -93.19 19.16
CA GLY J 548 -2.81 -93.31 18.12
C GLY J 548 -1.46 -92.74 18.49
N SER J 549 -1.32 -92.17 19.69
CA SER J 549 -0.09 -91.52 20.12
C SER J 549 0.93 -92.48 20.71
N ARG J 550 1.47 -93.39 19.90
CA ARG J 550 2.56 -94.24 20.36
C ARG J 550 3.83 -93.43 20.61
N LEU J 551 3.94 -92.24 20.01
CA LEU J 551 5.10 -91.39 20.13
C LEU J 551 4.65 -90.00 20.53
N LYS J 552 5.59 -89.05 20.47
CA LYS J 552 5.36 -87.65 20.78
C LYS J 552 4.92 -87.42 22.22
N LEU J 553 5.23 -88.35 23.11
CA LEU J 553 4.93 -88.16 24.52
C LEU J 553 6.06 -87.38 25.18
N PRO J 554 5.80 -86.16 25.67
CA PRO J 554 6.85 -85.45 26.41
C PRO J 554 7.22 -86.21 27.67
N SER J 555 8.48 -86.09 28.05
CA SER J 555 9.01 -86.86 29.17
C SER J 555 8.25 -86.57 30.45
N ARG J 556 7.86 -87.63 31.15
CA ARG J 556 7.18 -87.49 32.44
C ARG J 556 8.11 -86.98 33.52
N ASP J 557 9.42 -86.95 33.27
CA ASP J 557 10.36 -86.38 34.20
C ASP J 557 10.19 -84.87 34.28
N VAL J 558 10.42 -84.32 35.47
CA VAL J 558 10.30 -82.88 35.70
C VAL J 558 11.64 -82.18 35.79
N THR J 559 12.74 -82.91 35.92
CA THR J 559 14.06 -82.26 35.96
C THR J 559 14.33 -81.53 34.66
N VAL J 560 13.95 -82.13 33.52
CA VAL J 560 14.11 -81.49 32.23
C VAL J 560 13.32 -80.19 32.18
N LEU J 561 12.17 -80.15 32.85
CA LEU J 561 11.36 -78.93 32.88
C LEU J 561 12.15 -77.77 33.46
N LEU J 562 12.85 -78.00 34.57
CA LEU J 562 13.69 -76.97 35.15
C LEU J 562 14.95 -76.75 34.34
N GLU J 563 15.37 -77.74 33.55
CA GLU J 563 16.54 -77.58 32.68
C GLU J 563 16.21 -76.76 31.44
N ASN J 564 15.01 -76.89 30.89
CA ASN J 564 14.56 -76.02 29.82
C ASN J 564 13.89 -74.75 30.34
N TYR J 565 13.83 -74.57 31.66
CA TYR J 565 13.19 -73.41 32.25
C TYR J 565 13.89 -72.13 31.82
N GLY J 566 13.09 -71.12 31.46
CA GLY J 566 13.63 -69.86 31.03
C GLY J 566 13.93 -69.75 29.56
N LYS J 567 13.77 -70.82 28.79
CA LYS J 567 14.02 -70.77 27.36
C LYS J 567 12.78 -70.25 26.63
N PHE J 568 13.00 -69.31 25.70
CA PHE J 568 11.88 -68.85 24.88
C PHE J 568 11.34 -69.97 24.01
N GLU J 569 12.14 -71.01 23.76
CA GLU J 569 11.65 -72.18 23.05
C GLU J 569 10.50 -72.84 23.79
N LYS J 570 10.47 -72.71 25.12
CA LYS J 570 9.43 -73.33 25.93
C LYS J 570 8.60 -72.30 26.68
N GLY J 571 8.66 -71.03 26.28
CA GLY J 571 7.82 -70.01 26.88
C GLY J 571 8.17 -69.65 28.31
N TYR J 572 9.45 -69.83 28.70
CA TYR J 572 9.96 -69.45 30.00
C TYR J 572 9.40 -70.30 31.13
N LEU J 573 8.42 -71.16 30.82
CA LEU J 573 7.91 -72.18 31.74
C LEU J 573 7.57 -71.64 33.13
N ILE J 574 6.99 -70.44 33.21
CA ILE J 574 6.69 -69.86 34.53
C ILE J 574 5.60 -70.68 35.23
N PHE J 575 4.41 -70.67 34.66
CA PHE J 575 3.25 -71.25 35.34
C PHE J 575 3.40 -72.74 35.54
N VAL J 576 3.99 -73.44 34.57
CA VAL J 576 4.21 -74.88 34.71
C VAL J 576 4.92 -75.16 36.02
N VAL J 577 6.08 -74.54 36.22
CA VAL J 577 6.79 -74.69 37.49
C VAL J 577 5.97 -74.10 38.63
N ARG J 578 5.39 -72.92 38.41
CA ARG J 578 4.68 -72.22 39.48
C ARG J 578 3.48 -73.03 39.97
N PHE J 579 2.74 -73.64 39.04
CA PHE J 579 1.55 -74.39 39.44
C PHE J 579 1.91 -75.69 40.14
N LEU J 580 3.12 -76.20 39.92
CA LEU J 580 3.51 -77.46 40.55
C LEU J 580 3.48 -77.35 42.07
N PHE J 581 3.93 -76.21 42.61
CA PHE J 581 3.96 -76.01 44.05
C PHE J 581 2.56 -76.07 44.64
N GLY J 582 1.62 -75.35 44.03
CA GLY J 582 0.26 -75.34 44.54
C GLY J 582 -0.42 -76.70 44.46
N LEU J 583 -0.12 -77.45 43.39
CA LEU J 583 -0.78 -78.74 43.18
C LEU J 583 -0.40 -79.78 44.23
N VAL J 584 0.84 -79.77 44.70
CA VAL J 584 1.34 -80.87 45.51
C VAL J 584 0.89 -80.77 46.96
N ASN J 585 0.05 -79.80 47.29
CA ASN J 585 -0.52 -79.73 48.62
C ASN J 585 -1.22 -81.03 48.97
N GLN J 586 -0.65 -81.78 49.91
CA GLN J 586 -1.08 -83.13 50.21
C GLN J 586 -2.50 -83.14 50.77
N GLU J 587 -2.70 -82.39 51.86
CA GLU J 587 -3.99 -82.35 52.53
C GLU J 587 -5.09 -81.81 51.62
N ARG J 588 -4.75 -80.80 50.81
CA ARG J 588 -5.76 -80.13 50.00
C ARG J 588 -6.29 -81.06 48.91
N THR J 589 -5.39 -81.72 48.18
CA THR J 589 -5.83 -82.55 47.06
C THR J 589 -6.20 -83.95 47.51
N SER J 590 -5.96 -84.29 48.78
CA SER J 590 -6.25 -85.65 49.26
C SER J 590 -7.73 -85.96 49.17
N TYR J 591 -8.58 -85.10 49.72
CA TYR J 591 -10.02 -85.27 49.60
C TYR J 591 -10.63 -84.41 48.50
N LEU J 592 -9.79 -83.78 47.67
CA LEU J 592 -10.30 -83.03 46.52
C LEU J 592 -10.33 -83.91 45.27
N GLU J 593 -9.26 -84.65 45.02
CA GLU J 593 -9.14 -85.47 43.83
C GLU J 593 -9.25 -86.95 44.11
N LYS J 594 -8.41 -87.49 44.99
CA LYS J 594 -8.26 -88.93 45.20
C LYS J 594 -7.86 -89.63 43.89
N LYS J 595 -7.57 -88.83 42.87
CA LYS J 595 -6.96 -89.29 41.64
C LYS J 595 -5.56 -88.70 41.50
N LEU J 596 -4.83 -88.64 42.61
CA LEU J 596 -3.68 -87.78 42.77
C LEU J 596 -2.37 -88.53 42.48
N SER J 597 -1.25 -87.91 42.82
CA SER J 597 0.07 -88.49 42.61
C SER J 597 0.41 -89.49 43.71
N CYS J 598 1.69 -89.87 43.79
CA CYS J 598 2.18 -90.85 44.74
C CYS J 598 3.52 -90.35 45.25
N LYS J 599 4.31 -91.28 45.81
CA LYS J 599 5.68 -90.95 46.23
C LYS J 599 6.46 -90.24 45.14
N ILE J 600 6.02 -90.34 43.89
CA ILE J 600 6.59 -89.60 42.78
C ILE J 600 6.55 -88.12 43.08
N SER J 601 5.42 -87.64 43.58
CA SER J 601 5.33 -86.24 44.00
C SER J 601 6.29 -85.96 45.15
N GLN J 602 6.39 -86.90 46.09
CA GLN J 602 7.30 -86.72 47.21
C GLN J 602 8.75 -86.63 46.75
N GLN J 603 9.15 -87.50 45.83
CA GLN J 603 10.49 -87.38 45.26
C GLN J 603 10.60 -86.20 44.31
N ILE J 604 9.48 -85.74 43.74
CA ILE J 604 9.48 -84.50 42.97
C ILE J 604 9.81 -83.33 43.88
N ARG J 605 9.24 -83.31 45.08
CA ARG J 605 9.51 -82.24 46.02
C ARG J 605 11.01 -82.12 46.31
N LEU J 606 11.66 -83.27 46.55
CA LEU J 606 13.11 -83.25 46.74
C LEU J 606 13.81 -82.76 45.48
N GLU J 607 13.35 -83.23 44.31
CA GLU J 607 13.89 -82.70 43.06
C GLU J 607 13.63 -81.22 42.93
N LEU J 608 12.41 -80.78 43.26
CA LEU J 608 12.09 -79.36 43.21
C LEU J 608 12.82 -78.59 44.30
N LEU J 609 13.03 -79.22 45.46
CA LEU J 609 13.85 -78.61 46.50
C LEU J 609 15.25 -78.35 46.00
N LYS J 610 15.82 -79.31 45.27
CA LYS J 610 17.16 -79.14 44.74
C LYS J 610 17.22 -78.02 43.72
N TRP J 611 16.14 -77.84 42.94
CA TRP J 611 16.11 -76.75 41.97
C TRP J 611 16.21 -75.39 42.66
N ILE J 612 15.42 -75.20 43.72
CA ILE J 612 15.50 -73.95 44.47
C ILE J 612 16.85 -73.81 45.14
N GLU J 613 17.38 -74.93 45.64
CA GLU J 613 18.64 -74.89 46.37
C GLU J 613 19.78 -74.40 45.48
N VAL J 614 19.89 -74.94 44.27
CA VAL J 614 21.02 -74.63 43.41
C VAL J 614 20.97 -73.18 42.94
N LYS J 615 19.77 -72.65 42.70
CA LYS J 615 19.65 -71.33 42.09
C LYS J 615 20.28 -70.25 42.96
N ALA J 616 19.94 -70.24 44.26
CA ALA J 616 20.48 -69.22 45.14
C ALA J 616 21.99 -69.38 45.32
N LYS J 617 22.45 -70.63 45.45
CA LYS J 617 23.85 -70.88 45.79
C LYS J 617 24.77 -70.65 44.59
N ALA J 618 24.35 -71.08 43.41
CA ALA J 618 25.27 -71.15 42.27
C ALA J 618 25.38 -69.86 41.48
N LYS J 619 24.29 -69.38 40.88
CA LYS J 619 24.37 -68.25 39.95
C LYS J 619 23.22 -67.31 40.24
N LYS J 620 23.55 -66.07 40.59
CA LYS J 620 22.52 -65.04 40.73
C LYS J 620 22.24 -64.32 39.42
N LEU J 621 23.21 -64.30 38.51
CA LEU J 621 23.06 -63.64 37.22
C LEU J 621 22.44 -64.63 36.23
N GLN J 622 21.11 -64.58 36.11
CA GLN J 622 20.39 -65.31 35.10
C GLN J 622 19.30 -64.41 34.53
N ILE J 623 18.57 -64.94 33.55
CA ILE J 623 17.61 -64.14 32.79
C ILE J 623 16.62 -63.47 33.73
N GLN J 624 15.78 -64.27 34.39
CA GLN J 624 14.94 -63.75 35.48
C GLN J 624 14.33 -64.86 36.34
N PRO J 625 15.13 -65.68 37.03
CA PRO J 625 14.57 -66.50 38.09
C PRO J 625 14.51 -65.73 39.39
N SER J 626 13.61 -64.74 39.46
CA SER J 626 13.66 -63.73 40.50
C SER J 626 13.47 -64.33 41.89
N GLN J 627 14.06 -63.67 42.88
CA GLN J 627 13.92 -64.11 44.26
C GLN J 627 12.46 -64.07 44.70
N LEU J 628 11.73 -63.02 44.31
CA LEU J 628 10.30 -62.97 44.58
C LEU J 628 9.56 -64.02 43.76
N GLU J 629 10.05 -64.32 42.56
CA GLU J 629 9.42 -65.34 41.74
C GLU J 629 9.47 -66.69 42.44
N LEU J 630 10.61 -67.03 43.04
CA LEU J 630 10.67 -68.19 43.90
C LEU J 630 9.73 -68.03 45.09
N PHE J 631 9.69 -66.83 45.68
CA PHE J 631 8.80 -66.59 46.80
C PHE J 631 7.35 -66.82 46.42
N TYR J 632 7.00 -66.56 45.15
CA TYR J 632 5.68 -66.96 44.67
C TYR J 632 5.52 -68.47 44.76
N CYS J 633 6.55 -69.22 44.37
CA CYS J 633 6.48 -70.67 44.38
C CYS J 633 6.27 -71.20 45.80
N LEU J 634 7.14 -70.78 46.73
CA LEU J 634 6.99 -71.23 48.11
C LEU J 634 5.67 -70.79 48.71
N TYR J 635 5.13 -69.64 48.26
CA TYR J 635 3.83 -69.21 48.73
C TYR J 635 2.74 -70.19 48.35
N GLU J 636 2.79 -70.72 47.13
CA GLU J 636 1.82 -71.72 46.71
C GLU J 636 1.93 -72.97 47.58
N MET J 637 3.15 -73.45 47.82
CA MET J 637 3.38 -74.62 48.65
C MET J 637 3.28 -74.22 50.12
N GLN J 638 2.09 -74.43 50.68
CA GLN J 638 1.84 -74.09 52.07
C GLN J 638 2.56 -75.07 52.99
N GLU J 639 2.35 -74.90 54.30
CA GLU J 639 2.97 -75.71 55.35
C GLU J 639 4.45 -75.37 55.48
N GLU J 640 4.95 -75.28 56.71
CA GLU J 640 6.33 -74.76 56.97
C GLU J 640 7.57 -75.46 56.40
N ASP J 641 7.88 -76.72 56.72
CA ASP J 641 9.23 -77.31 56.48
C ASP J 641 9.87 -77.26 55.07
N PHE J 642 9.16 -77.63 54.01
CA PHE J 642 9.85 -77.64 52.70
C PHE J 642 10.22 -76.20 52.35
N VAL J 643 9.22 -75.34 52.57
CA VAL J 643 9.42 -73.92 52.22
C VAL J 643 10.55 -73.40 53.10
N GLN J 644 10.62 -73.84 54.36
CA GLN J 644 11.66 -73.36 55.30
C GLN J 644 13.04 -73.74 54.80
N ARG J 645 13.24 -75.02 54.46
CA ARG J 645 14.54 -75.46 53.90
C ARG J 645 14.90 -74.59 52.69
N ALA J 646 13.93 -74.30 51.82
CA ALA J 646 14.22 -73.55 50.59
C ALA J 646 14.59 -72.10 50.93
N MET J 647 13.85 -71.46 51.83
CA MET J 647 14.05 -70.04 52.19
C MET J 647 15.40 -69.86 52.89
N ASP J 648 15.85 -70.92 53.59
CA ASP J 648 17.14 -70.87 54.30
C ASP J 648 18.29 -71.20 53.33
N TYR J 649 18.04 -71.02 52.05
CA TYR J 649 19.14 -71.23 51.07
C TYR J 649 19.70 -69.88 50.61
N PHE J 650 19.26 -68.76 51.21
CA PHE J 650 19.71 -67.44 50.72
C PHE J 650 19.64 -66.34 51.80
N PRO J 651 20.73 -65.74 52.32
CA PRO J 651 20.60 -64.54 53.15
C PRO J 651 20.52 -63.28 52.31
N LYS J 652 20.83 -63.42 51.01
CA LYS J 652 20.83 -62.30 50.07
C LYS J 652 19.43 -62.18 49.48
N ILE J 653 18.60 -61.38 50.13
CA ILE J 653 17.24 -61.13 49.66
C ILE J 653 17.22 -59.72 49.07
N GLU J 654 17.14 -59.65 47.75
CA GLU J 654 17.03 -58.39 47.01
C GLU J 654 15.85 -58.51 46.05
N ILE J 655 14.73 -57.87 46.40
CA ILE J 655 13.48 -58.03 45.67
C ILE J 655 12.89 -56.66 45.39
N ASN J 656 11.97 -56.61 44.44
CA ASN J 656 11.21 -55.42 44.11
C ASN J 656 9.72 -55.72 44.20
N LEU J 657 8.94 -54.71 44.57
CA LEU J 657 7.51 -54.88 44.79
C LEU J 657 6.74 -53.89 43.95
N SER J 658 5.59 -54.34 43.44
CA SER J 658 4.75 -53.51 42.58
C SER J 658 3.30 -53.41 43.05
N THR J 659 2.74 -54.47 43.64
CA THR J 659 1.35 -54.47 44.05
C THR J 659 1.21 -55.24 45.35
N ARG J 660 0.08 -55.03 46.02
CA ARG J 660 -0.24 -55.68 47.29
C ARG J 660 0.07 -57.17 47.24
N MET J 661 -0.30 -57.82 46.14
CA MET J 661 0.00 -59.24 45.99
C MET J 661 1.50 -59.50 46.11
N ASP J 662 2.31 -58.69 45.43
CA ASP J 662 3.75 -58.81 45.56
C ASP J 662 4.20 -58.54 46.99
N HIS J 663 3.61 -57.53 47.63
CA HIS J 663 3.91 -57.27 49.03
C HIS J 663 3.43 -58.41 49.92
N MET J 664 2.27 -58.99 49.60
CA MET J 664 1.72 -60.07 50.42
C MET J 664 2.59 -61.32 50.34
N VAL J 665 2.94 -61.74 49.12
CA VAL J 665 3.74 -62.96 48.97
C VAL J 665 5.11 -62.78 49.62
N SER J 666 5.71 -61.60 49.44
CA SER J 666 6.98 -61.33 50.11
C SER J 666 6.81 -61.34 51.62
N SER J 667 5.72 -60.74 52.11
CA SER J 667 5.46 -60.77 53.55
C SER J 667 5.25 -62.20 54.05
N PHE J 668 4.46 -62.98 53.32
CA PHE J 668 4.15 -64.33 53.77
C PHE J 668 5.38 -65.23 53.74
N CYS J 669 6.15 -65.16 52.66
CA CYS J 669 7.29 -66.07 52.52
C CYS J 669 8.32 -65.85 53.62
N ILE J 670 8.59 -64.59 53.96
CA ILE J 670 9.57 -64.29 55.01
C ILE J 670 9.06 -64.67 56.39
N GLU J 671 7.76 -64.89 56.56
CA GLU J 671 7.23 -65.35 57.84
C GLU J 671 7.91 -66.66 58.21
N ASN J 672 8.29 -67.44 57.21
CA ASN J 672 9.02 -68.67 57.45
C ASN J 672 10.49 -68.38 57.68
N CYS J 673 11.19 -69.36 58.24
CA CYS J 673 12.60 -69.25 58.54
C CYS J 673 12.89 -68.11 59.50
N HIS J 674 14.17 -67.84 59.73
CA HIS J 674 14.62 -66.82 60.67
C HIS J 674 16.09 -66.52 60.40
N ARG J 675 16.72 -65.72 61.26
CA ARG J 675 18.16 -65.48 61.26
C ARG J 675 18.64 -64.84 59.96
N VAL J 676 17.70 -64.53 59.05
CA VAL J 676 18.02 -63.98 57.73
C VAL J 676 18.85 -62.71 57.89
N GLU J 677 19.94 -62.61 57.11
CA GLU J 677 20.89 -61.54 57.32
C GLU J 677 20.41 -60.23 56.69
N SER J 678 20.24 -60.21 55.37
CA SER J 678 20.09 -58.94 54.66
C SER J 678 18.80 -58.95 53.87
N LEU J 679 18.03 -57.87 54.00
CA LEU J 679 16.86 -57.63 53.18
C LEU J 679 17.10 -56.40 52.31
N SER J 680 16.68 -56.48 51.05
CA SER J 680 16.87 -55.37 50.12
C SER J 680 15.56 -55.10 49.40
N LEU J 681 15.28 -53.81 49.18
CA LEU J 681 14.04 -53.37 48.55
C LEU J 681 14.33 -52.10 47.76
N GLY J 682 13.28 -51.54 47.16
CA GLY J 682 13.38 -50.25 46.52
C GLY J 682 13.74 -50.31 45.05
N PHE J 683 14.12 -49.13 44.53
CA PHE J 683 14.46 -49.00 43.12
C PHE J 683 15.67 -49.85 42.76
N LEU J 684 16.82 -49.58 43.40
CA LEU J 684 18.06 -50.33 43.20
C LEU J 684 18.46 -50.45 41.74
N HIS J 685 18.80 -51.68 41.33
CA HIS J 685 19.33 -52.01 40.01
C HIS J 685 20.73 -51.43 39.85
N ASN J 686 21.15 -50.62 40.83
CA ASN J 686 22.49 -50.02 40.90
C ASN J 686 22.62 -49.52 42.34
N MET J 687 23.64 -49.99 43.05
CA MET J 687 23.76 -49.61 44.45
C MET J 687 25.14 -49.03 44.76
N PRO J 688 25.50 -47.88 44.17
CA PRO J 688 26.82 -47.30 44.45
C PRO J 688 26.80 -46.32 45.62
N LYS J 689 27.93 -45.68 45.88
CA LYS J 689 28.03 -44.58 46.83
C LYS J 689 27.71 -45.03 48.25
N GLU J 690 27.86 -46.33 48.52
CA GLU J 690 27.61 -46.81 49.88
C GLU J 690 28.61 -47.85 50.35
N GLU J 691 29.88 -47.78 49.94
CA GLU J 691 30.85 -48.82 50.26
C GLU J 691 31.34 -48.66 51.69
N GLU J 692 31.16 -49.71 52.49
CA GLU J 692 31.67 -49.77 53.84
C GLU J 692 33.20 -49.80 53.83
N GLU J 693 33.80 -49.22 54.87
CA GLU J 693 35.26 -49.25 55.00
C GLU J 693 35.77 -50.06 56.19
N GLU J 694 35.01 -50.18 57.28
CA GLU J 694 35.45 -50.90 58.48
C GLU J 694 36.82 -50.37 58.89
N GLU J 695 37.82 -51.22 59.08
CA GLU J 695 39.16 -50.79 59.48
C GLU J 695 40.21 -51.55 58.68
N LYS J 696 41.35 -50.90 58.46
CA LYS J 696 42.48 -51.50 57.74
C LYS J 696 42.09 -51.89 56.32
N GLU J 697 41.16 -51.14 55.73
CA GLU J 697 40.71 -51.44 54.38
C GLU J 697 41.63 -50.79 53.35
N GLY J 698 41.66 -51.38 52.16
CA GLY J 698 42.35 -50.79 51.03
C GLY J 698 41.37 -50.07 50.11
N ARG J 699 40.09 -50.14 50.46
CA ARG J 699 39.02 -49.48 49.72
C ARG J 699 38.19 -48.65 50.68
N HIS J 700 37.80 -47.46 50.25
CA HIS J 700 37.05 -46.51 51.06
C HIS J 700 35.77 -46.12 50.35
N LEU J 701 34.92 -45.39 51.06
CA LEU J 701 33.74 -44.81 50.43
C LEU J 701 34.15 -43.65 49.53
N ASP J 702 33.61 -43.64 48.31
CA ASP J 702 33.90 -42.61 47.34
C ASP J 702 32.59 -42.10 46.75
N MET J 703 32.63 -40.88 46.21
CA MET J 703 31.44 -40.28 45.65
C MET J 703 31.03 -40.99 44.36
N VAL J 704 29.72 -41.07 44.14
CA VAL J 704 29.19 -41.54 42.87
C VAL J 704 28.18 -40.53 42.33
N GLN J 705 27.15 -40.25 43.12
CA GLN J 705 26.12 -39.26 42.81
C GLN J 705 25.31 -39.62 41.57
N CYS J 706 25.65 -40.74 40.94
CA CYS J 706 25.13 -41.15 39.62
C CYS J 706 25.36 -39.99 38.66
N VAL J 707 24.53 -39.81 37.63
CA VAL J 707 24.58 -38.61 36.80
C VAL J 707 23.19 -38.02 36.65
N LEU J 708 22.23 -38.83 36.23
CA LEU J 708 20.88 -38.43 35.84
C LEU J 708 19.95 -37.95 36.96
N PRO J 709 20.11 -38.38 38.23
CA PRO J 709 19.18 -37.89 39.26
C PRO J 709 19.11 -36.38 39.34
N SER J 710 20.25 -35.69 39.24
CA SER J 710 20.34 -34.24 39.17
C SER J 710 19.34 -33.53 40.10
N SER J 711 18.60 -32.57 39.54
CA SER J 711 17.53 -31.89 40.27
C SER J 711 16.19 -32.61 40.14
N SER J 712 16.11 -33.65 39.31
CA SER J 712 14.86 -34.41 39.19
C SER J 712 14.57 -35.18 40.46
N HIS J 713 15.61 -35.67 41.16
CA HIS J 713 15.40 -36.39 42.40
C HIS J 713 14.73 -35.51 43.45
N ALA J 714 15.19 -34.26 43.58
CA ALA J 714 14.58 -33.34 44.53
C ALA J 714 13.16 -32.99 44.12
N ALA J 715 12.92 -32.85 42.81
CA ALA J 715 11.58 -32.51 42.34
C ALA J 715 10.58 -33.61 42.65
N CYS J 716 11.00 -34.87 42.51
CA CYS J 716 10.09 -35.98 42.79
C CYS J 716 9.77 -36.09 44.28
N SER J 717 10.70 -35.67 45.15
CA SER J 717 10.52 -35.84 46.58
C SER J 717 9.42 -34.95 47.15
N HIS J 718 9.03 -33.89 46.44
CA HIS J 718 8.05 -32.93 46.94
C HIS J 718 6.65 -33.22 46.40
N GLY J 719 6.52 -33.49 45.10
CA GLY J 719 5.23 -33.73 44.50
C GLY J 719 5.00 -35.17 44.07
N LEU J 720 5.45 -36.12 44.88
CA LEU J 720 5.36 -37.54 44.57
C LEU J 720 3.91 -38.01 44.49
N VAL J 721 3.07 -37.52 45.41
CA VAL J 721 1.65 -37.88 45.49
C VAL J 721 1.52 -39.37 45.75
N ASN J 722 1.24 -40.14 44.70
CA ASN J 722 1.11 -41.60 44.80
C ASN J 722 0.07 -42.02 45.84
N SER J 723 -1.18 -41.67 45.55
CA SER J 723 -2.28 -42.06 46.43
C SER J 723 -2.48 -43.58 46.48
N HIS J 724 -1.98 -44.32 45.49
CA HIS J 724 -2.05 -45.78 45.52
C HIS J 724 -1.09 -46.39 46.53
N LEU J 725 -0.19 -45.61 47.10
CA LEU J 725 0.70 -46.05 48.16
C LEU J 725 0.30 -45.35 49.44
N THR J 726 -0.01 -46.14 50.48
CA THR J 726 -0.61 -45.63 51.71
C THR J 726 0.11 -46.25 52.90
N SER J 727 -0.51 -46.13 54.07
CA SER J 727 -0.02 -46.84 55.25
C SER J 727 -0.01 -48.33 54.99
N SER J 728 -0.97 -48.83 54.23
CA SER J 728 -0.95 -50.20 53.77
C SER J 728 0.22 -50.40 52.81
N PHE J 729 0.38 -51.66 52.36
CA PHE J 729 1.50 -52.11 51.54
C PHE J 729 2.78 -52.15 52.37
N CYS J 730 2.74 -51.57 53.56
CA CYS J 730 3.94 -51.47 54.39
C CYS J 730 3.70 -52.07 55.78
N ARG J 731 2.51 -51.82 56.35
CA ARG J 731 2.22 -52.27 57.71
C ARG J 731 2.38 -53.78 57.83
N GLY J 732 1.83 -54.53 56.89
CA GLY J 732 1.99 -55.98 56.91
C GLY J 732 3.42 -56.42 56.67
N LEU J 733 4.07 -55.82 55.67
CA LEU J 733 5.42 -56.24 55.32
C LEU J 733 6.39 -55.99 56.47
N PHE J 734 6.27 -54.83 57.12
CA PHE J 734 7.16 -54.54 58.23
C PHE J 734 6.73 -55.26 59.49
N SER J 735 5.49 -55.74 59.55
CA SER J 735 5.08 -56.57 60.68
C SER J 735 5.90 -57.85 60.71
N VAL J 736 6.33 -58.34 59.55
CA VAL J 736 7.31 -59.41 59.51
C VAL J 736 8.63 -58.95 60.10
N LEU J 737 9.05 -57.74 59.75
CA LEU J 737 10.31 -57.21 60.27
C LEU J 737 10.26 -57.00 61.78
N SER J 738 9.11 -56.57 62.30
CA SER J 738 8.94 -56.50 63.75
C SER J 738 9.14 -57.88 64.39
N THR J 739 8.79 -58.93 63.66
CA THR J 739 9.02 -60.31 64.07
C THR J 739 10.29 -60.88 63.44
N SER J 740 11.34 -60.06 63.36
CA SER J 740 12.53 -60.41 62.59
C SER J 740 13.14 -61.72 63.10
N GLN J 741 13.18 -61.91 64.42
CA GLN J 741 13.73 -63.12 65.01
C GLN J 741 15.18 -63.32 64.59
N SER J 742 16.06 -62.41 65.03
CA SER J 742 17.51 -62.48 64.84
C SER J 742 17.94 -62.07 63.43
N LEU J 743 17.16 -61.21 62.77
CA LEU J 743 17.65 -60.55 61.58
C LEU J 743 18.68 -59.49 61.97
N THR J 744 19.64 -59.24 61.07
CA THR J 744 20.74 -58.34 61.39
C THR J 744 20.79 -57.08 60.53
N GLU J 745 20.68 -57.21 59.22
CA GLU J 745 20.92 -56.11 58.31
C GLU J 745 19.68 -55.83 57.46
N LEU J 746 19.35 -54.55 57.31
CA LEU J 746 18.25 -54.13 56.46
C LEU J 746 18.69 -52.95 55.61
N ASP J 747 18.46 -53.06 54.30
CA ASP J 747 18.77 -52.01 53.35
C ASP J 747 17.49 -51.45 52.75
N LEU J 748 17.41 -50.13 52.69
CA LEU J 748 16.28 -49.45 52.08
C LEU J 748 16.70 -48.39 51.08
N SER J 749 17.85 -48.56 50.40
CA SER J 749 18.41 -47.52 49.57
C SER J 749 17.51 -47.20 48.38
N ASP J 750 17.56 -45.94 47.95
CA ASP J 750 16.89 -45.47 46.74
C ASP J 750 15.37 -45.59 46.84
N ASN J 751 14.87 -46.02 47.99
CA ASN J 751 13.44 -46.24 48.13
C ASN J 751 12.68 -44.93 48.15
N SER J 752 11.46 -44.95 47.63
CA SER J 752 10.60 -43.78 47.59
C SER J 752 9.78 -43.68 48.87
N LEU J 753 10.25 -44.35 49.92
CA LEU J 753 9.51 -44.40 51.18
C LEU J 753 9.55 -43.03 51.84
N GLY J 754 8.37 -42.44 52.05
CA GLY J 754 8.28 -41.10 52.68
C GLY J 754 8.21 -41.14 54.20
N ASP J 755 7.91 -40.00 54.84
CA ASP J 755 7.89 -39.91 56.33
C ASP J 755 6.81 -40.77 57.01
N PRO J 756 5.53 -40.87 56.56
CA PRO J 756 4.55 -41.74 57.23
C PRO J 756 5.06 -43.18 57.32
N GLY J 757 5.48 -43.76 56.19
CA GLY J 757 6.06 -45.11 56.15
C GLY J 757 7.23 -45.17 57.09
N MET J 758 8.00 -44.09 57.18
CA MET J 758 9.16 -44.02 58.11
C MET J 758 8.67 -44.14 59.55
N ARG J 759 7.55 -43.50 59.91
CA ARG J 759 6.97 -43.62 61.27
C ARG J 759 6.60 -45.09 61.52
N VAL J 760 6.00 -45.71 60.51
CA VAL J 760 5.59 -47.13 60.70
C VAL J 760 6.86 -47.95 60.95
N LEU J 761 7.92 -47.68 60.17
CA LEU J 761 9.18 -48.45 60.29
C LEU J 761 9.77 -48.22 61.68
N CYS J 762 9.71 -47.00 62.19
CA CYS J 762 10.24 -46.66 63.54
C CYS J 762 9.47 -47.40 64.63
N GLU J 763 8.13 -47.48 64.55
CA GLU J 763 7.41 -48.29 65.58
C GLU J 763 7.85 -49.75 65.45
N THR J 764 8.03 -50.17 64.19
CA THR J 764 8.42 -51.57 63.96
C THR J 764 9.76 -51.80 64.66
N LEU J 765 10.72 -50.88 64.54
CA LEU J 765 12.09 -50.98 65.13
C LEU J 765 12.00 -50.91 66.66
N GLN J 766 11.02 -50.18 67.14
CA GLN J 766 10.92 -49.97 68.60
C GLN J 766 10.71 -51.32 69.24
N HIS J 767 10.15 -52.28 68.50
CA HIS J 767 9.79 -53.58 69.15
C HIS J 767 11.03 -54.23 69.73
N PRO J 768 10.96 -54.75 70.97
CA PRO J 768 12.09 -55.43 71.56
C PRO J 768 12.57 -56.55 70.64
N GLY J 769 11.66 -57.19 69.91
CA GLY J 769 12.15 -58.32 69.14
C GLY J 769 12.69 -58.01 67.77
N CYS J 770 13.05 -56.75 67.48
CA CYS J 770 13.54 -56.40 66.16
C CYS J 770 14.93 -56.95 65.89
N ASN J 771 15.84 -56.81 66.85
CA ASN J 771 17.15 -57.46 66.82
C ASN J 771 18.02 -56.99 65.65
N ILE J 772 17.58 -55.96 64.92
CA ILE J 772 18.33 -55.50 63.76
C ILE J 772 19.61 -54.85 64.21
N ARG J 773 20.70 -55.15 63.50
CA ARG J 773 22.02 -54.62 63.83
C ARG J 773 22.38 -53.39 63.01
N ARG J 774 22.17 -53.43 61.70
CA ARG J 774 22.50 -52.32 60.81
C ARG J 774 21.30 -52.00 59.95
N LEU J 775 21.14 -50.72 59.63
CA LEU J 775 19.99 -50.23 58.87
C LEU J 775 20.44 -49.13 57.93
N TRP J 776 20.20 -49.32 56.63
CA TRP J 776 20.60 -48.36 55.61
C TRP J 776 19.37 -47.75 54.99
N LEU J 777 19.31 -46.40 54.99
CA LEU J 777 18.22 -45.68 54.33
C LEU J 777 18.73 -44.58 53.44
N GLY J 778 19.93 -44.72 52.89
CA GLY J 778 20.53 -43.68 52.09
C GLY J 778 19.78 -43.38 50.81
N ARG J 779 20.02 -42.20 50.25
CA ARG J 779 19.53 -41.75 48.95
C ARG J 779 18.01 -41.67 48.88
N CYS J 780 17.30 -41.83 49.99
CA CYS J 780 15.85 -41.72 49.99
C CYS J 780 15.43 -40.26 50.09
N GLY J 781 14.14 -40.02 50.19
CA GLY J 781 13.59 -38.68 50.25
C GLY J 781 13.16 -38.20 51.63
N LEU J 782 13.69 -38.79 52.69
CA LEU J 782 13.25 -38.45 54.04
C LEU J 782 13.58 -36.99 54.35
N SER J 783 12.88 -36.52 55.43
CA SER J 783 13.05 -35.14 55.98
C SER J 783 12.95 -35.11 57.53
N HIS J 784 12.79 -33.93 58.14
CA HIS J 784 12.85 -33.76 59.63
C HIS J 784 11.82 -34.51 60.50
N GLU J 785 10.60 -34.63 59.98
CA GLU J 785 9.54 -35.31 60.75
C GLU J 785 10.04 -36.71 60.99
N CYS J 786 10.67 -37.29 59.97
CA CYS J 786 11.23 -38.63 60.13
C CYS J 786 12.35 -38.57 61.15
N CYS J 787 13.12 -37.50 61.13
CA CYS J 787 14.30 -37.44 62.01
C CYS J 787 13.80 -37.46 63.44
N PHE J 788 12.58 -37.00 63.65
CA PHE J 788 12.01 -37.12 65.01
C PHE J 788 11.78 -38.60 65.21
N ASP J 789 11.23 -39.25 64.18
CA ASP J 789 10.87 -40.68 64.39
C ASP J 789 12.17 -41.52 64.46
N ILE J 790 13.16 -41.22 63.62
CA ILE J 790 14.48 -41.94 63.58
C ILE J 790 15.21 -41.73 64.92
N SER J 791 15.13 -40.53 65.50
CA SER J 791 15.74 -40.28 66.83
C SER J 791 15.07 -41.19 67.87
N LEU J 792 13.74 -41.30 67.81
CA LEU J 792 13.05 -42.23 68.75
C LEU J 792 13.56 -43.65 68.49
N VAL J 793 13.75 -44.02 67.22
CA VAL J 793 14.22 -45.39 66.86
C VAL J 793 15.61 -45.64 67.43
N LEU J 794 16.50 -44.64 67.35
CA LEU J 794 17.88 -44.77 67.85
C LEU J 794 17.79 -44.96 69.37
N SER J 795 16.91 -44.19 70.01
CA SER J 795 16.74 -44.35 71.48
C SER J 795 16.26 -45.75 71.84
N SER J 796 15.35 -46.35 71.03
CA SER J 796 14.76 -47.66 71.42
C SER J 796 15.55 -48.90 70.96
N ASN J 797 16.34 -48.83 69.88
CA ASN J 797 17.00 -50.03 69.31
C ASN J 797 18.32 -50.31 70.04
N GLN J 798 19.17 -49.30 70.26
CA GLN J 798 20.41 -49.59 71.05
C GLN J 798 21.29 -50.62 70.31
N LYS J 799 20.88 -51.88 70.11
CA LYS J 799 21.52 -52.88 69.27
C LYS J 799 21.81 -52.40 67.86
N LEU J 800 21.27 -51.26 67.42
CA LEU J 800 21.65 -50.70 66.13
C LEU J 800 23.07 -50.17 66.21
N VAL J 801 23.92 -50.60 65.29
CA VAL J 801 25.34 -50.25 65.37
C VAL J 801 25.78 -49.32 64.24
N GLU J 802 24.97 -49.17 63.20
CA GLU J 802 25.40 -48.39 62.03
C GLU J 802 24.17 -47.86 61.31
N LEU J 803 24.22 -46.60 60.92
CA LEU J 803 23.12 -45.94 60.24
C LEU J 803 23.65 -45.12 59.07
N ASP J 804 22.98 -45.22 57.92
CA ASP J 804 23.35 -44.47 56.73
C ASP J 804 22.16 -43.61 56.31
N LEU J 805 22.29 -42.29 56.48
CA LEU J 805 21.28 -41.35 56.03
C LEU J 805 21.77 -40.47 54.90
N SER J 806 22.83 -40.88 54.20
CA SER J 806 23.43 -40.07 53.15
C SER J 806 22.45 -39.77 52.03
N ASP J 807 22.63 -38.62 51.41
CA ASP J 807 21.90 -38.22 50.21
C ASP J 807 20.42 -38.03 50.48
N ASN J 808 20.03 -38.03 51.76
CA ASN J 808 18.65 -37.75 52.13
C ASN J 808 18.52 -36.28 52.51
N ALA J 809 17.74 -35.53 51.73
CA ALA J 809 17.59 -34.10 51.97
C ALA J 809 16.75 -33.84 53.21
N LEU J 810 17.47 -33.66 54.34
CA LEU J 810 16.79 -33.46 55.65
C LEU J 810 16.98 -32.06 56.27
N GLY J 811 18.17 -31.44 56.24
CA GLY J 811 18.47 -30.18 56.94
C GLY J 811 18.95 -30.30 58.37
N ASP J 812 19.08 -29.15 59.05
CA ASP J 812 19.67 -29.11 60.42
C ASP J 812 18.73 -29.49 61.59
N PHE J 813 17.45 -29.13 61.59
CA PHE J 813 16.53 -29.40 62.73
C PHE J 813 16.62 -30.91 62.93
N GLY J 814 16.75 -31.56 61.79
CA GLY J 814 16.82 -33.01 61.85
C GLY J 814 18.03 -33.42 62.65
N ILE J 815 19.16 -32.78 62.41
CA ILE J 815 20.39 -33.09 63.17
C ILE J 815 20.17 -32.84 64.66
N ARG J 816 19.49 -31.75 65.03
CA ARG J 816 19.18 -31.45 66.45
C ARG J 816 18.43 -32.63 67.10
N LEU J 817 17.36 -33.10 66.46
CA LEU J 817 16.53 -34.18 67.04
C LEU J 817 17.34 -35.48 67.05
N LEU J 818 18.13 -35.71 66.00
CA LEU J 818 18.90 -36.97 65.86
C LEU J 818 19.93 -37.01 66.98
N CYS J 819 20.52 -35.88 67.36
CA CYS J 819 21.50 -35.75 68.46
C CYS J 819 20.95 -36.10 69.84
N VAL J 820 19.72 -35.66 70.15
CA VAL J 820 19.09 -36.04 71.45
C VAL J 820 18.91 -37.55 71.41
N GLY J 821 18.72 -38.10 70.20
CA GLY J 821 18.67 -39.56 70.08
C GLY J 821 20.04 -40.14 70.30
N LEU J 822 21.09 -39.63 69.67
CA LEU J 822 22.46 -40.20 69.72
C LEU J 822 22.90 -40.25 71.17
N LYS J 823 22.36 -39.39 72.04
CA LYS J 823 22.90 -39.36 73.44
C LYS J 823 22.03 -40.10 74.46
N HIS J 824 21.10 -40.96 74.04
CA HIS J 824 20.33 -41.77 75.03
C HIS J 824 20.41 -43.26 74.71
N LEU J 825 20.83 -44.10 75.67
CA LEU J 825 21.00 -45.56 75.42
C LEU J 825 21.51 -45.72 74.00
N LEU J 826 22.71 -45.19 73.71
CA LEU J 826 23.20 -45.11 72.34
C LEU J 826 24.71 -44.98 72.21
N CYS J 827 25.48 -45.42 73.21
CA CYS J 827 26.94 -45.45 73.05
C CYS J 827 27.35 -46.39 71.94
N ASN J 828 26.55 -47.44 71.71
CA ASN J 828 26.92 -48.52 70.80
C ASN J 828 27.06 -48.05 69.35
N LEU J 829 26.40 -46.96 68.97
CA LEU J 829 26.46 -46.48 67.60
C LEU J 829 27.88 -45.98 67.32
N LYS J 830 28.51 -46.56 66.30
CA LYS J 830 29.90 -46.21 65.99
C LYS J 830 30.05 -45.42 64.70
N LYS J 831 29.18 -45.65 63.72
CA LYS J 831 29.30 -45.01 62.41
C LYS J 831 27.99 -44.33 62.05
N LEU J 832 28.09 -43.27 61.26
CA LEU J 832 26.92 -42.52 60.81
C LEU J 832 27.24 -41.84 59.50
N TRP J 833 26.44 -42.13 58.47
CA TRP J 833 26.62 -41.55 57.14
C TRP J 833 25.57 -40.47 56.93
N LEU J 834 26.03 -39.24 56.72
CA LEU J 834 25.11 -38.11 56.61
C LEU J 834 25.48 -37.15 55.49
N VAL J 835 26.11 -37.62 54.42
CA VAL J 835 26.55 -36.72 53.37
C VAL J 835 25.36 -36.32 52.49
N SER J 836 25.49 -35.15 51.86
CA SER J 836 24.52 -34.62 50.90
C SER J 836 23.12 -34.45 51.49
N CYS J 837 23.00 -34.25 52.79
CA CYS J 837 21.70 -34.09 53.43
C CYS J 837 21.24 -32.64 53.45
N CYS J 838 21.74 -31.80 52.55
CA CYS J 838 21.47 -30.36 52.51
C CYS J 838 21.47 -29.75 53.90
N LEU J 839 22.62 -29.88 54.57
CA LEU J 839 22.79 -29.45 55.94
C LEU J 839 23.48 -28.10 55.99
N THR J 840 22.99 -27.13 56.76
CA THR J 840 23.76 -25.85 56.84
C THR J 840 24.79 -25.92 57.97
N SER J 841 25.52 -24.83 58.19
CA SER J 841 26.60 -24.81 59.22
C SER J 841 26.02 -25.01 60.60
N ALA J 842 24.88 -24.38 60.84
CA ALA J 842 24.20 -24.48 62.16
C ALA J 842 24.31 -25.88 62.74
N CYS J 843 24.09 -26.93 61.94
CA CYS J 843 24.09 -28.24 62.57
C CYS J 843 25.39 -28.54 63.31
N CYS J 844 26.46 -27.83 63.00
CA CYS J 844 27.75 -28.12 63.61
C CYS J 844 27.73 -27.89 65.12
N GLN J 845 27.02 -26.84 65.56
CA GLN J 845 26.80 -26.65 66.99
C GLN J 845 26.19 -27.88 67.61
N ASP J 846 25.29 -28.55 66.88
CA ASP J 846 24.63 -29.76 67.36
C ASP J 846 25.58 -30.95 67.35
N LEU J 847 26.32 -31.15 66.26
CA LEU J 847 27.20 -32.31 66.16
C LEU J 847 28.30 -32.26 67.19
N ALA J 848 28.66 -31.06 67.64
CA ALA J 848 29.73 -30.93 68.63
C ALA J 848 29.30 -31.51 69.98
N SER J 849 28.11 -31.12 70.44
CA SER J 849 27.68 -31.51 71.79
C SER J 849 27.56 -33.01 71.93
N VAL J 850 26.98 -33.68 70.94
CA VAL J 850 26.86 -35.14 71.00
C VAL J 850 28.24 -35.78 71.00
N LEU J 851 29.10 -35.34 70.09
CA LEU J 851 30.46 -35.85 70.09
C LEU J 851 31.20 -35.44 71.37
N SER J 852 30.82 -34.30 71.95
CA SER J 852 31.39 -33.92 73.23
C SER J 852 31.00 -34.89 74.34
N THR J 853 29.97 -35.72 74.10
CA THR J 853 29.52 -36.69 75.08
C THR J 853 29.47 -38.12 74.56
N SER J 854 29.66 -38.33 73.27
CA SER J 854 29.55 -39.67 72.67
C SER J 854 30.63 -40.59 73.20
N HIS J 855 30.23 -41.81 73.55
CA HIS J 855 31.17 -42.79 74.07
C HIS J 855 31.91 -43.52 72.96
N SER J 856 31.17 -44.23 72.11
CA SER J 856 31.77 -45.11 71.12
C SER J 856 31.34 -44.78 69.70
N LEU J 857 31.35 -43.51 69.33
CA LEU J 857 31.16 -43.12 67.93
C LEU J 857 32.49 -43.20 67.20
N THR J 858 32.66 -44.23 66.35
CA THR J 858 33.95 -44.52 65.74
C THR J 858 34.21 -43.74 64.45
N ARG J 859 33.23 -43.65 63.56
CA ARG J 859 33.42 -43.03 62.26
C ARG J 859 32.30 -42.02 62.02
N LEU J 860 32.62 -40.93 61.33
CA LEU J 860 31.64 -39.91 61.00
C LEU J 860 31.81 -39.49 59.54
N TYR J 861 30.70 -39.45 58.81
CA TYR J 861 30.68 -39.04 57.42
C TYR J 861 29.68 -37.91 57.27
N VAL J 862 30.18 -36.68 57.15
CA VAL J 862 29.32 -35.51 57.07
C VAL J 862 29.75 -34.62 55.91
N GLY J 863 30.53 -35.16 54.99
CA GLY J 863 31.03 -34.37 53.88
C GLY J 863 29.95 -33.94 52.91
N GLU J 864 30.32 -33.09 51.95
CA GLU J 864 29.46 -32.68 50.85
C GLU J 864 28.26 -31.85 51.29
N ASN J 865 28.14 -31.59 52.59
CA ASN J 865 27.08 -30.71 53.07
C ASN J 865 27.59 -29.28 53.19
N ALA J 866 26.65 -28.36 53.36
CA ALA J 866 26.98 -26.94 53.43
C ALA J 866 27.38 -26.54 54.84
N LEU J 867 28.55 -26.98 55.29
CA LEU J 867 29.05 -26.56 56.59
C LEU J 867 29.98 -25.35 56.47
N GLY J 868 30.92 -25.39 55.53
CA GLY J 868 31.84 -24.29 55.36
C GLY J 868 32.89 -24.22 56.44
N ASP J 869 33.86 -23.34 56.27
CA ASP J 869 34.87 -23.14 57.31
C ASP J 869 34.24 -22.62 58.60
N SER J 870 33.19 -21.82 58.49
CA SER J 870 32.48 -21.36 59.67
C SER J 870 31.88 -22.52 60.44
N GLY J 871 31.29 -23.47 59.73
CA GLY J 871 30.72 -24.65 60.37
C GLY J 871 31.75 -25.51 61.06
N VAL J 872 32.86 -25.80 60.39
CA VAL J 872 33.87 -26.67 60.97
C VAL J 872 34.56 -25.99 62.16
N ALA J 873 34.46 -24.67 62.25
CA ALA J 873 35.02 -23.95 63.39
C ALA J 873 34.46 -24.50 64.70
N ILE J 874 33.20 -24.93 64.68
CA ILE J 874 32.67 -25.67 65.82
C ILE J 874 33.15 -27.11 65.79
N LEU J 875 33.20 -27.70 64.59
CA LEU J 875 33.55 -29.11 64.47
C LEU J 875 34.95 -29.41 64.98
N CYS J 876 35.81 -28.40 65.07
CA CYS J 876 37.13 -28.58 65.64
C CYS J 876 37.16 -28.42 67.15
N GLU J 877 36.24 -27.64 67.71
CA GLU J 877 36.24 -27.40 69.15
C GLU J 877 35.98 -28.68 69.92
N LYS J 878 35.07 -29.52 69.41
CA LYS J 878 34.68 -30.74 70.13
C LYS J 878 35.81 -31.75 70.18
N ALA J 879 36.74 -31.71 69.23
CA ALA J 879 37.71 -32.77 69.05
C ALA J 879 38.90 -32.67 70.00
N LYS J 880 38.94 -31.68 70.88
CA LYS J 880 40.08 -31.50 71.76
C LYS J 880 40.10 -32.46 72.95
N ASN J 881 38.97 -33.08 73.29
CA ASN J 881 38.91 -33.85 74.52
C ASN J 881 39.37 -35.29 74.30
N PRO J 882 39.94 -35.92 75.33
CA PRO J 882 40.32 -37.33 75.21
C PRO J 882 39.14 -38.28 75.01
N GLN J 883 37.93 -37.86 75.39
CA GLN J 883 36.76 -38.72 75.23
C GLN J 883 36.40 -38.95 73.77
N CYS J 884 36.98 -38.19 72.84
CA CYS J 884 36.63 -38.29 71.43
C CYS J 884 37.17 -39.60 70.87
N ASN J 885 36.29 -40.61 70.86
CA ASN J 885 36.65 -41.94 70.38
C ASN J 885 36.40 -42.09 68.89
N LEU J 886 36.30 -40.96 68.18
CA LEU J 886 36.18 -41.01 66.73
C LEU J 886 37.51 -41.42 66.12
N GLN J 887 37.44 -42.13 64.99
CA GLN J 887 38.63 -42.59 64.29
C GLN J 887 38.72 -42.05 62.87
N LYS J 888 37.64 -42.14 62.10
CA LYS J 888 37.59 -41.65 60.74
C LYS J 888 36.85 -40.33 60.70
N LEU J 889 36.99 -39.60 59.60
CA LEU J 889 36.29 -38.33 59.41
C LEU J 889 36.09 -38.12 57.92
N GLY J 890 34.83 -38.05 57.49
CA GLY J 890 34.52 -37.80 56.10
C GLY J 890 34.11 -36.36 55.85
N LEU J 891 35.00 -35.58 55.24
CA LEU J 891 34.76 -34.18 54.97
C LEU J 891 34.97 -33.83 53.50
N VAL J 892 34.84 -34.81 52.60
CA VAL J 892 35.11 -34.60 51.19
C VAL J 892 34.07 -33.65 50.59
N ASN J 893 34.53 -32.76 49.71
CA ASN J 893 33.66 -31.87 48.94
C ASN J 893 32.76 -31.01 49.82
N SER J 894 33.25 -30.64 51.01
CA SER J 894 32.45 -29.87 51.95
C SER J 894 32.50 -28.37 51.69
N GLY J 895 33.35 -27.91 50.77
CA GLY J 895 33.49 -26.50 50.50
C GLY J 895 34.41 -25.75 51.43
N LEU J 896 35.16 -26.45 52.28
CA LEU J 896 36.07 -25.80 53.21
C LEU J 896 37.23 -25.17 52.47
N THR J 897 37.91 -24.24 53.14
CA THR J 897 39.04 -23.54 52.56
C THR J 897 40.21 -23.59 53.52
N SER J 898 41.28 -22.88 53.15
CA SER J 898 42.53 -22.93 53.90
C SER J 898 42.37 -22.36 55.31
N VAL J 899 41.43 -21.45 55.51
CA VAL J 899 41.32 -20.77 56.80
C VAL J 899 40.96 -21.76 57.90
N CYS J 900 40.30 -22.87 57.56
CA CYS J 900 39.91 -23.86 58.56
C CYS J 900 41.05 -24.79 58.94
N CYS J 901 42.13 -24.82 58.17
CA CYS J 901 43.23 -25.74 58.46
C CYS J 901 43.92 -25.40 59.78
N SER J 902 44.04 -24.11 60.09
CA SER J 902 44.69 -23.70 61.33
C SER J 902 44.02 -24.32 62.54
N ALA J 903 42.72 -24.59 62.44
CA ALA J 903 41.99 -25.20 63.54
C ALA J 903 42.24 -26.70 63.60
N LEU J 904 41.90 -27.41 62.52
CA LEU J 904 42.01 -28.86 62.54
C LEU J 904 43.45 -29.33 62.71
N SER J 905 44.42 -28.47 62.40
CA SER J 905 45.81 -28.79 62.67
C SER J 905 46.03 -29.05 64.15
N SER J 906 45.54 -28.15 65.01
CA SER J 906 45.59 -28.38 66.44
C SER J 906 44.74 -29.57 66.85
N VAL J 907 43.68 -29.86 66.09
CA VAL J 907 42.80 -30.98 66.43
C VAL J 907 43.55 -32.30 66.37
N LEU J 908 44.32 -32.50 65.29
CA LEU J 908 44.99 -33.78 65.11
C LEU J 908 45.98 -34.08 66.22
N SER J 909 46.75 -33.07 66.63
CA SER J 909 47.70 -33.28 67.72
C SER J 909 46.98 -33.56 69.04
N THR J 910 45.89 -32.85 69.31
CA THR J 910 45.19 -32.96 70.59
C THR J 910 44.22 -34.14 70.64
N ASN J 911 44.03 -34.87 69.54
CA ASN J 911 43.15 -36.02 69.52
C ASN J 911 43.97 -37.30 69.50
N GLN J 912 43.63 -38.22 70.39
CA GLN J 912 44.34 -39.49 70.55
C GLN J 912 43.65 -40.64 69.83
N ASN J 913 42.58 -40.38 69.10
CA ASN J 913 41.84 -41.48 68.47
C ASN J 913 41.63 -41.30 66.98
N LEU J 914 41.47 -40.07 66.50
CA LEU J 914 41.30 -39.85 65.08
C LEU J 914 42.50 -40.39 64.31
N THR J 915 42.23 -41.12 63.24
CA THR J 915 43.29 -41.77 62.48
C THR J 915 43.12 -41.58 60.99
N HIS J 916 41.91 -41.24 60.55
CA HIS J 916 41.59 -41.05 59.15
C HIS J 916 40.95 -39.68 58.94
N LEU J 917 41.25 -39.07 57.80
CA LEU J 917 40.59 -37.85 57.36
C LEU J 917 40.49 -37.85 55.84
N TYR J 918 39.30 -37.58 55.32
CA TYR J 918 39.05 -37.60 53.89
C TYR J 918 38.62 -36.21 53.44
N LEU J 919 39.33 -35.67 52.45
CA LEU J 919 39.12 -34.29 52.04
C LEU J 919 39.12 -34.09 50.53
N ARG J 920 38.86 -35.13 49.73
CA ARG J 920 38.97 -35.00 48.28
C ARG J 920 37.97 -33.98 47.74
N GLY J 921 38.41 -33.24 46.72
CA GLY J 921 37.56 -32.25 46.07
C GLY J 921 37.43 -30.93 46.79
N ASN J 922 37.97 -30.81 48.00
CA ASN J 922 37.84 -29.57 48.77
C ASN J 922 39.10 -28.72 48.60
N THR J 923 38.93 -27.48 48.19
CA THR J 923 40.07 -26.61 47.92
C THR J 923 40.70 -26.12 49.22
N LEU J 924 41.98 -26.38 49.38
CA LEU J 924 42.72 -25.84 50.51
C LEU J 924 43.86 -24.95 50.04
N GLY J 925 44.64 -25.44 49.08
CA GLY J 925 45.81 -24.71 48.65
C GLY J 925 46.99 -24.96 49.57
N ASP J 926 48.20 -24.68 49.08
CA ASP J 926 49.40 -25.05 49.82
C ASP J 926 49.48 -24.34 51.17
N LYS J 927 48.86 -23.16 51.29
CA LYS J 927 48.85 -22.47 52.58
C LYS J 927 48.19 -23.32 53.65
N GLY J 928 47.03 -23.90 53.35
CA GLY J 928 46.40 -24.80 54.30
C GLY J 928 47.19 -26.07 54.52
N ILE J 929 47.68 -26.66 53.42
CA ILE J 929 48.42 -27.91 53.53
C ILE J 929 49.71 -27.69 54.32
N LYS J 930 50.27 -26.49 54.25
CA LYS J 930 51.44 -26.17 55.05
C LYS J 930 51.17 -26.43 56.53
N LEU J 931 50.01 -26.00 57.01
CA LEU J 931 49.65 -26.23 58.40
C LEU J 931 49.38 -27.71 58.66
N LEU J 932 48.96 -28.45 57.63
CA LEU J 932 48.68 -29.87 57.83
C LEU J 932 49.92 -30.63 58.26
N CYS J 933 51.07 -30.32 57.64
CA CYS J 933 52.33 -30.94 58.07
C CYS J 933 52.60 -30.62 59.53
N GLU J 934 52.42 -29.36 59.92
CA GLU J 934 52.52 -28.98 61.32
C GLU J 934 51.44 -29.69 62.13
N GLY J 935 50.27 -29.90 61.53
CA GLY J 935 49.18 -30.61 62.19
C GLY J 935 49.48 -32.06 62.48
N LEU J 936 50.45 -32.65 61.78
CA LEU J 936 50.96 -33.97 62.11
C LEU J 936 52.39 -33.92 62.60
N LEU J 937 52.96 -32.73 62.79
CA LEU J 937 54.33 -32.62 63.27
C LEU J 937 54.49 -33.18 64.68
N HIS J 938 53.45 -33.08 65.51
CA HIS J 938 53.56 -33.53 66.88
C HIS J 938 53.68 -35.05 66.93
N PRO J 939 54.57 -35.60 67.74
CA PRO J 939 54.72 -37.07 67.79
C PRO J 939 53.46 -37.79 68.23
N ASP J 940 52.63 -37.15 69.06
CA ASP J 940 51.44 -37.81 69.58
C ASP J 940 50.30 -37.90 68.56
N CYS J 941 50.58 -37.64 67.28
CA CYS J 941 49.55 -37.77 66.27
C CYS J 941 49.38 -39.24 65.88
N LYS J 942 48.12 -39.65 65.71
CA LYS J 942 47.79 -41.02 65.33
C LYS J 942 47.13 -41.12 63.96
N LEU J 943 47.47 -40.22 63.04
CA LEU J 943 46.86 -40.26 61.71
C LEU J 943 47.42 -41.43 60.91
N GLN J 944 46.53 -42.21 60.29
CA GLN J 944 46.97 -43.31 59.44
C GLN J 944 46.57 -43.13 57.98
N VAL J 945 45.45 -42.45 57.72
CA VAL J 945 44.94 -42.27 56.37
C VAL J 945 44.56 -40.82 56.16
N LEU J 946 44.94 -40.27 55.01
CA LEU J 946 44.56 -38.92 54.64
C LEU J 946 44.27 -38.86 53.15
N GLU J 947 43.19 -38.18 52.80
CA GLU J 947 42.81 -37.98 51.41
C GLU J 947 42.96 -36.50 51.04
N LEU J 948 43.73 -36.24 49.99
CA LEU J 948 43.95 -34.88 49.55
C LEU J 948 43.85 -34.76 48.03
N ASP J 949 43.20 -35.70 47.37
CA ASP J 949 43.02 -35.61 45.92
C ASP J 949 42.10 -34.44 45.59
N ASN J 950 42.38 -33.80 44.46
CA ASN J 950 41.57 -32.68 43.96
C ASN J 950 41.48 -31.54 44.99
N CYS J 951 42.53 -31.33 45.76
CA CYS J 951 42.55 -30.34 46.83
C CYS J 951 43.04 -28.98 46.38
N ASN J 952 43.31 -28.80 45.07
CA ASN J 952 43.94 -27.60 44.55
C ASN J 952 45.30 -27.39 45.23
N LEU J 953 46.20 -28.36 45.02
CA LEU J 953 47.51 -28.37 45.63
C LEU J 953 48.58 -28.23 44.56
N THR J 954 49.69 -27.57 44.92
CA THR J 954 50.77 -27.30 43.99
C THR J 954 52.04 -28.00 44.47
N SER J 955 53.05 -27.98 43.60
CA SER J 955 54.33 -28.63 43.86
C SER J 955 55.02 -28.03 45.08
N HIS J 956 54.71 -26.79 45.41
CA HIS J 956 55.43 -26.08 46.47
C HIS J 956 55.33 -26.82 47.79
N CYS J 957 54.12 -27.25 48.17
CA CYS J 957 53.94 -27.89 49.46
C CYS J 957 54.40 -29.34 49.46
N CYS J 958 54.68 -29.90 48.29
CA CYS J 958 55.06 -31.31 48.24
C CYS J 958 56.34 -31.58 49.04
N TRP J 959 57.31 -30.68 48.95
CA TRP J 959 58.52 -30.82 49.75
C TRP J 959 58.19 -30.83 51.23
N ASP J 960 57.27 -29.97 51.65
CA ASP J 960 56.92 -29.87 53.06
C ASP J 960 56.26 -31.14 53.55
N LEU J 961 55.25 -31.62 52.83
CA LEU J 961 54.59 -32.85 53.25
C LEU J 961 55.52 -34.05 53.18
N SER J 962 56.41 -34.08 52.19
CA SER J 962 57.36 -35.17 52.09
C SER J 962 58.25 -35.23 53.32
N THR J 963 58.69 -34.07 53.81
CA THR J 963 59.53 -34.03 55.01
C THR J 963 58.82 -34.70 56.19
N LEU J 964 57.52 -34.42 56.34
CA LEU J 964 56.74 -35.08 57.38
C LEU J 964 56.66 -36.58 57.13
N LEU J 965 56.44 -36.98 55.89
CA LEU J 965 56.26 -38.39 55.57
C LEU J 965 57.44 -39.22 56.04
N THR J 966 58.66 -38.75 55.77
CA THR J 966 59.84 -39.43 56.30
C THR J 966 59.88 -39.38 57.81
N SER J 967 59.51 -38.25 58.40
CA SER J 967 59.58 -38.04 59.84
C SER J 967 58.35 -38.53 60.57
N SER J 968 57.34 -39.05 59.87
CA SER J 968 56.14 -39.55 60.52
C SER J 968 56.04 -41.05 60.31
N GLN J 969 55.77 -41.78 61.40
CA GLN J 969 55.63 -43.22 61.33
C GLN J 969 54.18 -43.67 61.43
N SER J 970 53.30 -42.80 61.94
CA SER J 970 51.91 -43.21 62.14
C SER J 970 51.15 -43.34 60.84
N LEU J 971 51.49 -42.54 59.83
CA LEU J 971 50.74 -42.53 58.59
C LEU J 971 51.00 -43.82 57.80
N ARG J 972 49.97 -44.27 57.08
CA ARG J 972 50.07 -45.49 56.28
C ARG J 972 49.84 -45.24 54.79
N LYS J 973 48.83 -44.45 54.45
CA LYS J 973 48.43 -44.24 53.07
C LYS J 973 48.06 -42.78 52.85
N LEU J 974 48.32 -42.28 51.65
CA LEU J 974 48.01 -40.91 51.30
C LEU J 974 47.60 -40.84 49.83
N SER J 975 46.69 -39.91 49.53
CA SER J 975 46.23 -39.69 48.17
C SER J 975 46.33 -38.21 47.85
N LEU J 976 46.86 -37.89 46.66
CA LEU J 976 47.15 -36.51 46.32
C LEU J 976 46.82 -36.15 44.87
N GLY J 977 46.01 -36.92 44.16
CA GLY J 977 45.81 -36.69 42.74
C GLY J 977 45.08 -35.41 42.39
N ASN J 978 44.98 -35.11 41.10
CA ASN J 978 44.29 -33.92 40.59
C ASN J 978 44.84 -32.65 41.23
N ASN J 979 46.16 -32.57 41.33
CA ASN J 979 46.81 -31.40 41.91
C ASN J 979 48.10 -31.12 41.15
N ASP J 980 48.61 -29.90 41.33
CA ASP J 980 49.83 -29.46 40.64
C ASP J 980 51.08 -30.07 41.23
N LEU J 981 51.20 -31.40 41.18
CA LEU J 981 52.37 -32.06 41.73
C LEU J 981 53.64 -31.70 40.96
N GLY J 982 53.55 -31.64 39.64
CA GLY J 982 54.69 -31.27 38.82
C GLY J 982 55.77 -32.34 38.76
N ASP J 983 56.64 -32.23 37.76
CA ASP J 983 57.73 -33.19 37.61
C ASP J 983 58.70 -33.12 38.79
N LEU J 984 59.02 -31.91 39.23
CA LEU J 984 59.94 -31.76 40.35
C LEU J 984 59.33 -32.31 41.64
N GLY J 985 58.05 -32.07 41.86
CA GLY J 985 57.38 -32.57 43.05
C GLY J 985 57.30 -34.08 43.12
N VAL J 986 56.89 -34.71 42.03
CA VAL J 986 56.82 -36.17 42.01
C VAL J 986 58.21 -36.77 42.10
N MET J 987 59.23 -36.00 41.72
CA MET J 987 60.61 -36.48 41.82
C MET J 987 60.99 -36.76 43.27
N MET J 988 60.56 -35.90 44.19
CA MET J 988 60.98 -36.04 45.58
C MET J 988 60.54 -37.37 46.17
N PHE J 989 59.49 -37.98 45.61
CA PHE J 989 59.11 -39.32 46.04
C PHE J 989 60.23 -40.32 45.83
N CYS J 990 61.10 -40.09 44.85
CA CYS J 990 62.30 -40.90 44.74
C CYS J 990 63.24 -40.64 45.91
N GLU J 991 63.44 -39.37 46.27
CA GLU J 991 64.23 -39.06 47.44
C GLU J 991 63.60 -39.64 48.70
N VAL J 992 62.27 -39.70 48.74
CA VAL J 992 61.58 -40.40 49.81
C VAL J 992 62.07 -41.84 49.90
N LEU J 993 62.13 -42.50 48.73
CA LEU J 993 62.68 -43.85 48.69
C LEU J 993 64.15 -43.87 49.09
N LYS J 994 64.91 -42.89 48.62
CA LYS J 994 66.33 -42.82 48.96
C LYS J 994 66.53 -42.56 50.45
N GLN J 995 65.52 -42.02 51.13
CA GLN J 995 65.52 -41.91 52.59
C GLN J 995 64.84 -43.15 53.15
N GLN J 996 65.65 -44.06 53.69
CA GLN J 996 65.20 -45.38 54.11
C GLN J 996 64.10 -45.31 55.19
N SER J 997 63.86 -44.13 55.74
CA SER J 997 62.77 -43.94 56.68
C SER J 997 61.40 -44.00 56.02
N CYS J 998 61.33 -44.31 54.73
CA CYS J 998 60.07 -44.35 54.00
C CYS J 998 59.32 -45.66 54.23
N LEU J 999 59.03 -45.97 55.50
CA LEU J 999 58.24 -47.16 55.79
C LEU J 999 56.75 -46.85 55.70
N LEU J 1000 56.33 -46.27 54.57
CA LEU J 1000 54.92 -46.04 54.33
C LEU J 1000 54.29 -47.30 53.75
N GLN J 1001 52.97 -47.37 53.81
CA GLN J 1001 52.25 -48.55 53.37
C GLN J 1001 51.58 -48.41 52.01
N ASN J 1002 51.20 -47.19 51.63
CA ASN J 1002 50.59 -46.99 50.32
C ASN J 1002 50.68 -45.52 49.95
N LEU J 1003 50.57 -45.25 48.65
CA LEU J 1003 50.50 -43.89 48.13
C LEU J 1003 49.76 -43.91 46.80
N GLY J 1004 48.80 -43.00 46.66
CA GLY J 1004 47.97 -42.98 45.47
C GLY J 1004 47.91 -41.64 44.77
N LEU J 1005 48.43 -41.58 43.54
CA LEU J 1005 48.40 -40.40 42.71
C LEU J 1005 47.77 -40.76 41.37
N SER J 1006 47.04 -39.84 40.77
CA SER J 1006 46.28 -40.16 39.57
C SER J 1006 45.81 -38.88 38.87
N GLU J 1007 45.27 -39.06 37.66
CA GLU J 1007 44.47 -38.12 36.90
C GLU J 1007 45.24 -36.92 36.37
N MET J 1008 46.56 -37.00 36.26
CA MET J 1008 47.37 -35.93 35.69
C MET J 1008 48.24 -36.50 34.59
N TYR J 1009 48.23 -35.85 33.42
CA TYR J 1009 49.04 -36.31 32.30
C TYR J 1009 50.46 -35.77 32.41
N PHE J 1010 51.43 -36.66 32.19
CA PHE J 1010 52.83 -36.28 32.14
C PHE J 1010 53.51 -37.08 31.04
N ASN J 1011 54.77 -36.75 30.78
CA ASN J 1011 55.55 -37.47 29.79
C ASN J 1011 56.29 -38.65 30.44
N TYR J 1012 57.29 -39.16 29.72
CA TYR J 1012 57.92 -40.43 30.07
C TYR J 1012 58.63 -40.38 31.42
N GLU J 1013 59.29 -39.26 31.73
CA GLU J 1013 60.18 -39.23 32.89
C GLU J 1013 59.43 -39.50 34.19
N THR J 1014 58.20 -38.99 34.32
CA THR J 1014 57.42 -39.25 35.53
C THR J 1014 57.22 -40.75 35.72
N LYS J 1015 56.83 -41.45 34.67
CA LYS J 1015 56.71 -42.90 34.75
C LYS J 1015 58.09 -43.55 34.82
N SER J 1016 59.10 -42.90 34.25
CA SER J 1016 60.41 -43.53 34.09
C SER J 1016 60.96 -44.00 35.43
N ALA J 1017 61.01 -43.12 36.42
CA ALA J 1017 61.54 -43.50 37.73
C ALA J 1017 60.53 -44.37 38.49
N LEU J 1018 59.25 -44.30 38.10
CA LEU J 1018 58.20 -44.95 38.87
C LEU J 1018 58.41 -46.45 38.96
N GLU J 1019 58.44 -47.12 37.81
CA GLU J 1019 58.50 -48.59 37.81
C GLU J 1019 59.79 -49.09 38.45
N THR J 1020 60.91 -48.42 38.18
CA THR J 1020 62.19 -48.84 38.74
C THR J 1020 62.16 -48.83 40.25
N LEU J 1021 61.63 -47.77 40.85
CA LEU J 1021 61.56 -47.69 42.30
C LEU J 1021 60.44 -48.53 42.87
N GLN J 1022 59.34 -48.68 42.14
CA GLN J 1022 58.34 -49.68 42.52
C GLN J 1022 58.96 -51.07 42.50
N GLU J 1023 59.76 -51.36 41.48
CA GLU J 1023 60.49 -52.62 41.44
C GLU J 1023 61.44 -52.73 42.62
N GLU J 1024 62.13 -51.62 42.96
CA GLU J 1024 63.06 -51.65 44.07
C GLU J 1024 62.32 -51.82 45.40
N LYS J 1025 61.14 -51.22 45.52
CA LYS J 1025 60.45 -51.13 46.81
C LYS J 1025 59.26 -52.08 46.86
N PRO J 1026 59.36 -53.20 47.58
CA PRO J 1026 58.16 -54.01 47.85
C PRO J 1026 57.44 -53.59 49.12
N GLU J 1027 58.10 -52.83 50.00
CA GLU J 1027 57.49 -52.44 51.26
C GLU J 1027 56.32 -51.49 51.05
N LEU J 1028 56.47 -50.52 50.13
CA LEU J 1028 55.51 -49.46 49.94
C LEU J 1028 54.68 -49.76 48.70
N THR J 1029 53.35 -49.76 48.87
CA THR J 1029 52.44 -50.00 47.75
C THR J 1029 52.13 -48.70 47.04
N VAL J 1030 53.07 -48.21 46.24
CA VAL J 1030 52.82 -47.03 45.42
C VAL J 1030 51.99 -47.43 44.21
N VAL J 1031 50.93 -46.68 43.94
CA VAL J 1031 50.05 -46.96 42.81
C VAL J 1031 49.87 -45.69 41.99
N PHE J 1032 49.96 -45.84 40.67
CA PHE J 1032 49.73 -44.75 39.72
C PHE J 1032 48.59 -45.20 38.82
N GLU J 1033 47.40 -44.64 39.04
CA GLU J 1033 46.20 -45.09 38.35
C GLU J 1033 46.29 -44.91 36.83
N PRO J 1034 46.72 -43.76 36.29
CA PRO J 1034 46.77 -43.61 34.83
C PRO J 1034 47.98 -44.28 34.19
N SER J 1035 48.82 -44.92 35.02
CA SER J 1035 50.01 -45.57 34.50
C SER J 1035 49.64 -46.81 33.70
N TRP J 1036 50.57 -47.24 32.83
CA TRP J 1036 50.37 -48.43 32.03
C TRP J 1036 50.80 -49.68 32.79
#